data_8S3B
#
_entry.id   8S3B
#
_cell.length_a   99.809
_cell.length_b   109.861
_cell.length_c   156.366
_cell.angle_alpha   78.998
_cell.angle_beta   78.482
_cell.angle_gamma   72.219
#
_symmetry.space_group_name_H-M   'P 1'
#
loop_
_entity.id
_entity.type
_entity.pdbx_description
1 polymer 'Glutamate dehydrogenase'
2 non-polymer '3-(1~{H}-1,2,3,4-tetrazol-5-yl)benzoic acid'
3 non-polymer 1,2-ETHANEDIOL
4 non-polymer DI(HYDROXYETHYL)ETHER
5 non-polymer NICOTINAMIDE-ADENINE-DINUCLEOTIDE
6 non-polymer 2-AMINO-2-HYDROXYMETHYL-PROPANE-1,3-DIOL
7 non-polymer 'CALCIUM ION'
8 non-polymer 'TRIETHYLENE GLYCOL'
9 non-polymer 'TETRAETHYLENE GLYCOL'
10 non-polymer 'SODIUM ION'
11 water water
#
_entity_poly.entity_id   1
_entity_poly.type   'polypeptide(L)'
_entity_poly.pdbx_seq_one_letter_code
;SNAMNALVATNRNFQRASRILGLDSKLEKSLLIPYREIKVECTIPKDDGSLVSYVGFRIQHDNARGPMKGGIRYHPEVDP
DEVNALAQLMTWKTAVVDIPYGGAKGGIGCNPKDLSISELERLTRVFTQKIHDLIGIHRDVPAPDMGTNSQTMAWILDEY
SKFHGHSPAVVTGKPIDLGGSLGREAATGLGVVFATEALFAEYGKSISDMTFAIQGFGNVGTWAAKAIFERGGKVVAVSD
INGAISNPNGIDIAALLKHKAGNGSLKDFSGGDAMNPNDLLVHDCDVLIPCALGGVLNKENANDVKAKFIIEAANHPTDP
DADEILSKKGVIILPDVYANAGGVTVSYFEWVQNIQGFMWDEEKVNQELKRYMTKAFNDIKANCKTHNCDLRMGAFTLGL
NRVARATLLRGWEA
;
_entity_poly.pdbx_strand_id   A,B,C,D,E,F,G,H,I,J,K,L
#
loop_
_chem_comp.id
_chem_comp.type
_chem_comp.name
_chem_comp.formula
A1H40 non-polymer '3-(1~{H}-1,2,3,4-tetrazol-5-yl)benzoic acid' 'C8 H6 N4 O2'
CA non-polymer 'CALCIUM ION' 'Ca 2'
EDO non-polymer 1,2-ETHANEDIOL 'C2 H6 O2'
NA non-polymer 'SODIUM ION' 'Na 1'
NAD non-polymer NICOTINAMIDE-ADENINE-DINUCLEOTIDE 'C21 H27 N7 O14 P2'
PEG non-polymer DI(HYDROXYETHYL)ETHER 'C4 H10 O3'
PG4 non-polymer 'TETRAETHYLENE GLYCOL' 'C8 H18 O5'
PGE non-polymer 'TRIETHYLENE GLYCOL' 'C6 H14 O4'
TRS non-polymer 2-AMINO-2-HYDROXYMETHYL-PROPANE-1,3-DIOL 'C4 H12 N O3 1'
#
# COMPACT_ATOMS: atom_id res chain seq x y z
N ASN A 5 10.28 5.87 30.23
CA ASN A 5 9.85 5.99 31.62
C ASN A 5 9.49 4.61 32.18
N ALA A 6 8.23 4.48 32.61
CA ALA A 6 7.59 3.17 32.67
C ALA A 6 7.34 2.59 31.28
N LEU A 7 7.48 3.41 30.23
CA LEU A 7 7.22 2.96 28.87
C LEU A 7 8.36 2.12 28.33
N VAL A 8 9.60 2.58 28.50
CA VAL A 8 10.73 1.80 28.00
C VAL A 8 10.81 0.47 28.73
N ALA A 9 10.64 0.50 30.06
CA ALA A 9 10.75 -0.72 30.86
C ALA A 9 9.67 -1.72 30.48
N THR A 10 8.43 -1.26 30.34
CA THR A 10 7.34 -2.16 29.98
C THR A 10 7.52 -2.72 28.57
N ASN A 11 7.95 -1.90 27.62
CA ASN A 11 8.13 -2.42 26.27
C ASN A 11 9.21 -3.48 26.23
N ARG A 12 10.30 -3.26 26.97
CA ARG A 12 11.41 -4.20 26.96
C ARG A 12 10.99 -5.53 27.56
N ASN A 13 10.32 -5.48 28.71
CA ASN A 13 9.94 -6.71 29.40
C ASN A 13 8.88 -7.46 28.61
N PHE A 14 7.98 -6.74 27.96
CA PHE A 14 7.01 -7.39 27.10
C PHE A 14 7.72 -8.10 25.95
N GLN A 15 8.66 -7.41 25.30
CA GLN A 15 9.33 -8.02 24.15
C GLN A 15 10.16 -9.25 24.56
N ARG A 16 10.87 -9.17 25.70
CA ARG A 16 11.65 -10.32 26.15
C ARG A 16 10.74 -11.50 26.48
N ALA A 17 9.68 -11.25 27.24
CA ALA A 17 8.77 -12.32 27.63
C ALA A 17 8.08 -12.91 26.41
N SER A 18 7.77 -12.07 25.42
CA SER A 18 7.18 -12.54 24.18
C SER A 18 8.12 -13.49 23.46
N ARG A 19 9.41 -13.17 23.40
CA ARG A 19 10.35 -14.08 22.75
C ARG A 19 10.41 -15.42 23.46
N ILE A 20 10.36 -15.40 24.80
CA ILE A 20 10.48 -16.65 25.55
C ILE A 20 9.28 -17.55 25.30
N LEU A 21 8.08 -16.99 25.32
CA LEU A 21 6.85 -17.75 25.10
C LEU A 21 6.69 -18.18 23.67
N GLY A 22 7.49 -17.62 22.75
CA GLY A 22 7.29 -17.87 21.34
C GLY A 22 5.96 -17.35 20.85
N LEU A 23 5.52 -16.22 21.39
CA LEU A 23 4.20 -15.68 21.10
C LEU A 23 4.07 -15.41 19.62
N ASP A 24 2.95 -15.86 19.06
CA ASP A 24 2.62 -15.57 17.68
C ASP A 24 2.53 -14.07 17.46
N SER A 25 3.17 -13.57 16.40
CA SER A 25 3.30 -12.12 16.23
C SER A 25 1.97 -11.45 15.95
N LYS A 26 1.01 -12.17 15.33
CA LYS A 26 -0.30 -11.56 15.11
C LYS A 26 -1.13 -11.55 16.38
N LEU A 27 -1.02 -12.58 17.21
CA LEU A 27 -1.58 -12.48 18.55
C LEU A 27 -0.92 -11.36 19.32
N GLU A 28 0.40 -11.25 19.20
CA GLU A 28 1.10 -10.20 19.94
C GLU A 28 0.58 -8.82 19.56
N LYS A 29 0.40 -8.57 18.25
CA LYS A 29 -0.11 -7.28 17.82
C LYS A 29 -1.47 -6.97 18.45
N SER A 30 -2.39 -7.93 18.47
CA SER A 30 -3.69 -7.72 19.08
C SER A 30 -3.58 -7.40 20.55
N LEU A 31 -2.75 -8.16 21.29
CA LEU A 31 -2.58 -7.89 22.72
C LEU A 31 -1.99 -6.50 22.96
N LEU A 32 -1.22 -5.96 22.01
CA LEU A 32 -0.68 -4.63 22.17
C LEU A 32 -1.70 -3.53 21.87
N ILE A 33 -2.66 -3.78 20.97
CA ILE A 33 -3.68 -2.78 20.65
C ILE A 33 -4.71 -2.71 21.78
N PRO A 34 -4.94 -1.54 22.37
CA PRO A 34 -5.94 -1.44 23.44
C PRO A 34 -7.35 -1.68 22.91
N TYR A 35 -8.15 -2.34 23.75
CA TYR A 35 -9.56 -2.54 23.45
C TYR A 35 -10.25 -1.25 23.00
N ARG A 36 -10.09 -0.18 23.76
CA ARG A 36 -10.77 1.06 23.45
C ARG A 36 -10.01 2.25 24.03
N GLU A 37 -9.91 3.33 23.26
CA GLU A 37 -9.34 4.58 23.76
C GLU A 37 -10.42 5.66 23.68
N ILE A 38 -10.64 6.36 24.79
CA ILE A 38 -11.67 7.38 24.89
C ILE A 38 -11.04 8.70 25.31
N LYS A 39 -11.42 9.79 24.61
CA LYS A 39 -11.14 11.15 25.03
C LYS A 39 -12.44 11.95 25.03
N VAL A 40 -12.72 12.66 26.14
CA VAL A 40 -13.95 13.44 26.29
C VAL A 40 -13.68 14.87 26.74
N GLU A 41 -14.53 15.78 26.28
CA GLU A 41 -14.49 17.15 26.79
C GLU A 41 -15.08 17.21 28.19
N CYS A 42 -14.34 17.84 29.10
CA CYS A 42 -14.75 18.10 30.49
C CYS A 42 -14.69 19.58 30.75
N THR A 43 -15.83 20.25 30.64
CA THR A 43 -15.91 21.67 30.88
C THR A 43 -16.69 21.92 32.17
N ILE A 44 -16.17 22.83 32.98
CA ILE A 44 -16.88 23.16 34.22
C ILE A 44 -16.91 24.68 34.37
N PRO A 45 -17.92 25.20 35.08
CA PRO A 45 -17.84 26.59 35.56
C PRO A 45 -16.98 26.63 36.82
N LYS A 46 -16.10 27.61 36.87
CA LYS A 46 -15.26 27.84 38.04
C LYS A 46 -16.06 28.52 39.15
N ASP A 47 -15.46 28.57 40.36
CA ASP A 47 -16.16 29.16 41.48
C ASP A 47 -16.55 30.62 41.18
N ASP A 48 -15.74 31.32 40.37
CA ASP A 48 -16.00 32.72 40.03
C ASP A 48 -16.92 32.91 38.82
N GLY A 49 -17.48 31.85 38.25
CA GLY A 49 -18.41 31.98 37.15
C GLY A 49 -17.82 31.87 35.77
N SER A 50 -16.51 31.88 35.63
CA SER A 50 -15.88 31.69 34.33
C SER A 50 -15.80 30.20 33.98
N LEU A 51 -15.60 29.92 32.70
CA LEU A 51 -15.52 28.56 32.16
C LEU A 51 -14.08 28.09 32.02
N VAL A 52 -13.85 26.80 32.21
CA VAL A 52 -12.58 26.18 31.83
C VAL A 52 -12.88 24.81 31.24
N SER A 53 -12.13 24.43 30.21
CA SER A 53 -12.35 23.19 29.49
C SER A 53 -11.09 22.34 29.56
N TYR A 54 -11.26 21.11 29.97
CA TYR A 54 -10.23 20.09 29.99
C TYR A 54 -10.65 18.91 29.12
N VAL A 55 -9.69 18.03 28.85
CA VAL A 55 -9.90 16.80 28.13
C VAL A 55 -9.64 15.64 29.09
N GLY A 56 -10.67 14.81 29.30
CA GLY A 56 -10.54 13.59 30.06
C GLY A 56 -10.31 12.40 29.14
N PHE A 57 -9.73 11.34 29.69
CA PHE A 57 -9.44 10.19 28.85
C PHE A 57 -9.49 8.92 29.67
N ARG A 58 -9.69 7.82 28.95
CA ARG A 58 -9.67 6.47 29.54
C ARG A 58 -9.14 5.56 28.44
N ILE A 59 -7.99 4.94 28.68
CA ILE A 59 -7.44 3.91 27.81
C ILE A 59 -7.86 2.59 28.42
N GLN A 60 -8.69 1.81 27.72
CA GLN A 60 -9.12 0.49 28.21
C GLN A 60 -8.31 -0.54 27.44
N HIS A 61 -7.29 -1.10 28.08
CA HIS A 61 -6.32 -1.88 27.30
C HIS A 61 -6.84 -3.27 26.96
N ASP A 62 -7.25 -4.05 27.95
CA ASP A 62 -7.57 -5.46 27.72
C ASP A 62 -8.64 -5.91 28.70
N ASN A 63 -9.57 -6.75 28.23
CA ASN A 63 -10.58 -7.32 29.11
C ASN A 63 -10.76 -8.82 28.89
N ALA A 64 -9.71 -9.51 28.41
CA ALA A 64 -9.86 -10.94 28.20
C ALA A 64 -10.07 -11.68 29.51
N ARG A 65 -9.48 -11.21 30.61
CA ARG A 65 -9.57 -11.91 31.87
C ARG A 65 -10.60 -11.32 32.83
N GLY A 66 -11.25 -10.24 32.47
CA GLY A 66 -12.25 -9.70 33.37
C GLY A 66 -12.43 -8.22 33.17
N PRO A 67 -13.16 -7.56 34.07
CA PRO A 67 -13.32 -6.12 33.95
C PRO A 67 -11.98 -5.39 33.99
N MET A 68 -11.95 -4.25 33.32
CA MET A 68 -10.73 -3.48 33.38
C MET A 68 -10.64 -2.74 34.72
N LYS A 69 -9.41 -2.44 35.10
CA LYS A 69 -9.08 -1.89 36.39
C LYS A 69 -7.97 -0.88 36.17
N GLY A 70 -8.07 0.27 36.81
CA GLY A 70 -6.95 1.21 36.71
C GLY A 70 -7.23 2.60 37.23
N GLY A 71 -6.16 3.31 37.59
CA GLY A 71 -6.33 4.58 38.25
C GLY A 71 -6.75 5.71 37.31
N ILE A 72 -7.09 6.83 37.93
CA ILE A 72 -7.42 8.07 37.24
C ILE A 72 -6.43 9.13 37.74
N ARG A 73 -5.70 9.73 36.80
CA ARG A 73 -4.69 10.73 37.14
C ARG A 73 -5.22 12.12 36.84
N TYR A 74 -5.16 13.00 37.84
CA TYR A 74 -5.34 14.44 37.60
C TYR A 74 -3.96 15.05 37.53
N HIS A 75 -3.50 15.31 36.32
CA HIS A 75 -2.12 15.69 36.17
C HIS A 75 -1.96 16.32 34.80
N PRO A 76 -1.11 17.34 34.66
CA PRO A 76 -1.00 18.02 33.35
C PRO A 76 -0.26 17.23 32.27
N GLU A 77 0.43 16.13 32.61
CA GLU A 77 1.24 15.37 31.67
C GLU A 77 0.44 14.18 31.15
N VAL A 78 0.01 14.25 29.89
CA VAL A 78 -0.90 13.24 29.38
C VAL A 78 -0.38 12.57 28.12
N ASP A 79 0.94 12.35 28.04
CA ASP A 79 1.53 11.70 26.87
C ASP A 79 0.81 10.39 26.53
N PRO A 80 0.27 10.26 25.31
CA PRO A 80 -0.56 9.08 25.00
C PRO A 80 0.19 7.76 25.07
N ASP A 81 1.45 7.70 24.62
CA ASP A 81 2.19 6.44 24.66
C ASP A 81 2.47 6.00 26.09
N GLU A 82 2.84 6.94 26.97
CA GLU A 82 3.06 6.61 28.38
C GLU A 82 1.78 6.09 29.03
N VAL A 83 0.65 6.75 28.79
CA VAL A 83 -0.62 6.29 29.36
C VAL A 83 -0.98 4.91 28.81
N ASN A 84 -0.76 4.69 27.51
CA ASN A 84 -0.98 3.34 27.01
C ASN A 84 -0.11 2.31 27.71
N ALA A 85 1.17 2.62 27.92
CA ALA A 85 2.04 1.65 28.57
C ALA A 85 1.58 1.34 29.99
N LEU A 86 1.12 2.37 30.72
CA LEU A 86 0.65 2.12 32.09
C LEU A 86 -0.58 1.22 32.09
N ALA A 87 -1.51 1.45 31.15
CA ALA A 87 -2.68 0.61 31.01
C ALA A 87 -2.29 -0.80 30.61
N GLN A 88 -1.34 -0.93 29.67
N GLN A 88 -1.34 -0.95 29.69
CA GLN A 88 -0.82 -2.25 29.30
CA GLN A 88 -0.85 -2.28 29.33
C GLN A 88 -0.18 -2.95 30.50
C GLN A 88 -0.18 -2.97 30.51
N LEU A 89 0.57 -2.20 31.31
CA LEU A 89 1.25 -2.79 32.46
C LEU A 89 0.25 -3.36 33.45
N MET A 90 -0.88 -2.66 33.65
CA MET A 90 -1.96 -3.17 34.48
C MET A 90 -2.44 -4.53 34.01
N THR A 91 -2.60 -4.72 32.70
CA THR A 91 -3.09 -6.00 32.22
C THR A 91 -2.16 -7.14 32.62
N TRP A 92 -0.84 -6.94 32.52
CA TRP A 92 0.11 -7.99 32.90
C TRP A 92 0.18 -8.17 34.40
N LYS A 93 0.12 -7.06 35.15
CA LYS A 93 0.23 -7.14 36.60
C LYS A 93 -0.94 -7.92 37.22
N THR A 94 -2.17 -7.58 36.81
CA THR A 94 -3.33 -8.30 37.31
C THR A 94 -3.25 -9.77 36.95
N ALA A 95 -2.73 -10.07 35.76
CA ALA A 95 -2.53 -11.46 35.35
C ALA A 95 -1.45 -12.15 36.18
N VAL A 96 -0.41 -11.42 36.59
CA VAL A 96 0.66 -12.06 37.35
C VAL A 96 0.13 -12.60 38.69
N VAL A 97 -0.68 -11.82 39.40
CA VAL A 97 -1.18 -12.26 40.71
C VAL A 97 -2.53 -12.94 40.60
N ASP A 98 -2.99 -13.20 39.37
CA ASP A 98 -4.19 -14.00 39.13
C ASP A 98 -5.45 -13.34 39.70
N ILE A 99 -5.58 -12.01 39.53
CA ILE A 99 -6.85 -11.40 39.88
C ILE A 99 -7.62 -11.22 38.56
N PRO A 100 -8.93 -11.38 38.57
CA PRO A 100 -9.72 -11.44 37.33
C PRO A 100 -10.05 -10.06 36.79
N TYR A 101 -9.02 -9.35 36.35
CA TYR A 101 -9.17 -8.03 35.74
C TYR A 101 -8.27 -7.94 34.53
N GLY A 102 -8.61 -7.00 33.64
CA GLY A 102 -7.69 -6.45 32.68
C GLY A 102 -7.20 -5.10 33.12
N GLY A 103 -6.47 -4.43 32.23
CA GLY A 103 -5.78 -3.18 32.55
C GLY A 103 -6.42 -1.95 31.91
N ALA A 104 -6.39 -0.85 32.65
CA ALA A 104 -6.87 0.42 32.11
C ALA A 104 -6.12 1.57 32.79
N LYS A 105 -6.22 2.76 32.21
CA LYS A 105 -5.63 3.95 32.81
C LYS A 105 -6.34 5.17 32.24
N GLY A 106 -6.71 6.11 33.10
CA GLY A 106 -7.44 7.29 32.67
C GLY A 106 -7.00 8.54 33.41
N GLY A 107 -7.67 9.63 33.10
CA GLY A 107 -7.38 10.84 33.82
C GLY A 107 -7.91 12.07 33.11
N ILE A 108 -7.52 13.21 33.64
CA ILE A 108 -7.87 14.51 33.10
C ILE A 108 -6.62 15.34 33.09
N GLY A 109 -6.30 15.92 31.94
CA GLY A 109 -5.14 16.78 31.81
C GLY A 109 -5.40 18.11 32.48
N CYS A 110 -4.99 18.24 33.74
CA CYS A 110 -5.24 19.44 34.52
C CYS A 110 -4.23 19.47 35.65
N ASN A 111 -4.08 20.64 36.28
CA ASN A 111 -3.29 20.76 37.50
C ASN A 111 -4.22 20.91 38.68
N PRO A 112 -4.39 19.86 39.51
CA PRO A 112 -5.39 19.95 40.59
C PRO A 112 -5.14 21.06 41.58
N LYS A 113 -3.89 21.48 41.78
CA LYS A 113 -3.65 22.53 42.76
C LYS A 113 -4.08 23.91 42.26
N ASP A 114 -4.48 24.04 41.00
CA ASP A 114 -5.09 25.26 40.50
C ASP A 114 -6.61 25.29 40.70
N LEU A 115 -7.18 24.23 41.24
CA LEU A 115 -8.62 24.11 41.34
C LEU A 115 -9.00 24.02 42.80
N SER A 116 -10.06 24.73 43.17
CA SER A 116 -10.58 24.61 44.52
C SER A 116 -11.28 23.25 44.67
N ILE A 117 -11.61 22.92 45.92
CA ILE A 117 -12.23 21.62 46.24
C ILE A 117 -13.59 21.49 45.57
N SER A 118 -14.34 22.59 45.45
CA SER A 118 -15.62 22.49 44.75
C SER A 118 -15.44 22.42 43.23
N GLU A 119 -14.43 23.10 42.69
CA GLU A 119 -14.15 22.93 41.27
C GLU A 119 -13.72 21.51 40.97
N LEU A 120 -12.93 20.90 41.86
CA LEU A 120 -12.51 19.51 41.66
C LEU A 120 -13.69 18.56 41.70
N GLU A 121 -14.67 18.83 42.58
CA GLU A 121 -15.87 18.00 42.61
C GLU A 121 -16.67 18.13 41.32
N ARG A 122 -16.90 19.36 40.85
CA ARG A 122 -17.65 19.54 39.62
C ARG A 122 -16.95 18.85 38.45
N LEU A 123 -15.61 18.97 38.39
CA LEU A 123 -14.84 18.31 37.33
C LEU A 123 -14.95 16.79 37.42
N THR A 124 -14.89 16.24 38.63
CA THR A 124 -15.00 14.80 38.77
C THR A 124 -16.37 14.31 38.32
N ARG A 125 -17.43 15.05 38.66
CA ARG A 125 -18.77 14.65 38.28
C ARG A 125 -18.99 14.78 36.78
N VAL A 126 -18.45 15.82 36.15
CA VAL A 126 -18.64 15.97 34.71
C VAL A 126 -17.93 14.83 33.96
N PHE A 127 -16.71 14.53 34.37
CA PHE A 127 -15.96 13.41 33.80
C PHE A 127 -16.76 12.11 33.93
N THR A 128 -17.35 11.87 35.09
CA THR A 128 -18.18 10.68 35.31
C THR A 128 -19.39 10.67 34.39
N GLN A 129 -20.06 11.82 34.26
CA GLN A 129 -21.18 11.91 33.32
C GLN A 129 -20.74 11.59 31.91
N LYS A 130 -19.54 12.01 31.53
CA LYS A 130 -19.09 11.76 30.16
C LYS A 130 -18.61 10.33 29.93
N ILE A 131 -18.35 9.55 30.98
CA ILE A 131 -17.81 8.19 30.76
C ILE A 131 -18.64 7.12 31.46
N HIS A 132 -19.78 7.51 32.06
CA HIS A 132 -20.53 6.54 32.85
C HIS A 132 -20.93 5.32 32.03
N ASP A 133 -21.22 5.51 30.75
CA ASP A 133 -21.64 4.41 29.88
C ASP A 133 -20.49 3.49 29.48
N LEU A 134 -19.25 3.86 29.76
CA LEU A 134 -18.07 3.10 29.40
C LEU A 134 -17.45 2.39 30.59
N ILE A 135 -17.90 2.70 31.80
CA ILE A 135 -17.37 2.01 32.98
C ILE A 135 -18.52 1.21 33.59
N GLY A 136 -18.25 0.55 34.71
CA GLY A 136 -19.25 -0.27 35.37
C GLY A 136 -18.58 -1.36 36.17
N ILE A 137 -19.34 -1.91 37.13
CA ILE A 137 -18.82 -2.85 38.10
C ILE A 137 -18.26 -4.09 37.42
N HIS A 138 -18.75 -4.42 36.21
CA HIS A 138 -18.24 -5.59 35.49
C HIS A 138 -17.62 -5.20 34.15
N ARG A 139 -17.31 -3.92 33.95
CA ARG A 139 -16.79 -3.42 32.69
C ARG A 139 -15.44 -2.73 32.87
N ASP A 140 -15.34 -1.76 33.78
CA ASP A 140 -14.10 -1.00 34.02
C ASP A 140 -14.25 -0.30 35.36
N VAL A 141 -13.33 -0.55 36.29
CA VAL A 141 -13.44 -0.15 37.68
C VAL A 141 -12.30 0.80 38.02
N PRO A 142 -12.54 2.11 38.05
CA PRO A 142 -11.45 3.06 38.34
C PRO A 142 -11.04 3.05 39.81
N ALA A 143 -9.95 3.76 40.07
CA ALA A 143 -9.29 3.81 41.38
C ALA A 143 -8.50 5.10 41.45
N PRO A 144 -8.04 5.50 42.63
CA PRO A 144 -7.19 6.70 42.74
C PRO A 144 -5.82 6.50 42.09
N ASP A 145 -5.18 7.63 41.85
CA ASP A 145 -3.86 7.69 41.24
C ASP A 145 -3.28 9.08 41.54
N MET A 146 -2.23 9.45 40.81
CA MET A 146 -1.67 10.80 40.90
C MET A 146 -2.76 11.86 40.82
N GLY A 147 -2.86 12.68 41.84
CA GLY A 147 -3.76 13.80 41.83
C GLY A 147 -5.18 13.51 42.23
N THR A 148 -5.53 12.26 42.53
CA THR A 148 -6.87 11.94 43.01
C THR A 148 -6.75 11.13 44.31
N ASN A 149 -7.85 11.00 45.03
CA ASN A 149 -7.80 10.31 46.32
C ASN A 149 -9.17 9.70 46.60
N SER A 150 -9.38 9.26 47.84
CA SER A 150 -10.63 8.57 48.14
C SER A 150 -11.82 9.51 48.07
N GLN A 151 -11.61 10.81 48.29
CA GLN A 151 -12.71 11.75 48.12
C GLN A 151 -13.13 11.84 46.66
N THR A 152 -12.15 11.82 45.74
CA THR A 152 -12.48 11.79 44.32
C THR A 152 -13.35 10.60 43.99
N MET A 153 -13.00 9.43 44.56
CA MET A 153 -13.76 8.21 44.28
C MET A 153 -15.17 8.30 44.83
N ALA A 154 -15.33 8.92 46.00
CA ALA A 154 -16.69 9.13 46.52
C ALA A 154 -17.53 9.93 45.53
N TRP A 155 -16.95 10.92 44.89
CA TRP A 155 -17.69 11.72 43.93
C TRP A 155 -18.07 10.91 42.69
N ILE A 156 -17.15 10.08 42.22
CA ILE A 156 -17.46 9.23 41.07
C ILE A 156 -18.60 8.29 41.42
N LEU A 157 -18.50 7.65 42.59
CA LEU A 157 -19.55 6.77 43.06
C LEU A 157 -20.89 7.48 43.11
N ASP A 158 -20.92 8.68 43.68
CA ASP A 158 -22.20 9.39 43.84
C ASP A 158 -22.80 9.79 42.49
N GLU A 159 -21.96 10.26 41.56
CA GLU A 159 -22.50 10.67 40.27
C GLU A 159 -22.86 9.46 39.41
N TYR A 160 -21.99 8.44 39.41
CA TYR A 160 -22.24 7.24 38.61
C TYR A 160 -23.56 6.59 39.03
N SER A 161 -23.84 6.60 40.33
CA SER A 161 -25.01 5.94 40.84
C SER A 161 -26.31 6.61 40.42
N LYS A 162 -26.28 7.90 40.06
CA LYS A 162 -27.50 8.54 39.53
C LYS A 162 -27.93 7.92 38.23
N PHE A 163 -26.97 7.43 37.43
CA PHE A 163 -27.26 6.85 36.12
C PHE A 163 -27.52 5.36 36.18
N HIS A 164 -27.06 4.68 37.21
CA HIS A 164 -27.12 3.22 37.18
C HIS A 164 -27.53 2.64 38.52
N GLY A 165 -28.00 3.45 39.45
CA GLY A 165 -28.25 3.00 40.80
C GLY A 165 -26.97 2.86 41.60
N HIS A 166 -27.14 2.79 42.91
CA HIS A 166 -26.08 2.63 43.89
C HIS A 166 -25.15 1.49 43.47
N SER A 167 -23.89 1.82 43.17
CA SER A 167 -22.92 0.85 42.61
C SER A 167 -21.58 1.01 43.30
N PRO A 168 -21.49 0.67 44.60
CA PRO A 168 -20.21 0.85 45.32
C PRO A 168 -19.03 0.14 44.66
N ALA A 169 -19.28 -0.93 43.92
CA ALA A 169 -18.17 -1.63 43.30
C ALA A 169 -17.69 -0.97 42.02
N VAL A 170 -18.29 0.15 41.59
CA VAL A 170 -17.87 0.77 40.33
C VAL A 170 -16.48 1.39 40.47
N VAL A 171 -16.00 1.59 41.69
CA VAL A 171 -14.74 2.26 41.93
C VAL A 171 -14.15 1.68 43.22
N THR A 172 -12.82 1.57 43.27
CA THR A 172 -12.16 1.17 44.51
C THR A 172 -11.39 2.36 45.09
N GLY A 173 -10.77 2.15 46.26
CA GLY A 173 -10.18 3.25 46.99
C GLY A 173 -11.17 4.19 47.66
N LYS A 174 -12.39 3.73 47.92
CA LYS A 174 -13.43 4.56 48.52
C LYS A 174 -13.13 4.86 49.98
N PRO A 175 -13.73 5.93 50.53
CA PRO A 175 -13.67 6.13 51.99
C PRO A 175 -14.27 4.93 52.68
N ILE A 176 -13.76 4.62 53.88
CA ILE A 176 -14.30 3.50 54.64
C ILE A 176 -15.81 3.65 54.79
N ASP A 177 -16.28 4.86 55.06
CA ASP A 177 -17.72 5.10 55.25
C ASP A 177 -18.58 4.81 54.01
N LEU A 178 -18.00 4.63 52.83
CA LEU A 178 -18.81 4.35 51.63
C LEU A 178 -18.44 3.03 50.99
N GLY A 179 -17.94 2.07 51.76
CA GLY A 179 -17.65 0.77 51.21
C GLY A 179 -16.19 0.53 50.92
N GLY A 180 -15.29 1.39 51.38
CA GLY A 180 -13.89 1.10 51.26
C GLY A 180 -13.45 -0.05 52.15
N SER A 181 -12.36 -0.69 51.75
CA SER A 181 -11.87 -1.86 52.45
C SER A 181 -10.83 -1.46 53.50
N LEU A 182 -10.83 -2.22 54.59
CA LEU A 182 -9.76 -2.23 55.58
C LEU A 182 -8.49 -2.79 54.94
N GLY A 183 -7.35 -2.46 55.55
CA GLY A 183 -6.09 -3.01 55.14
C GLY A 183 -5.47 -2.37 53.93
N ARG A 184 -6.04 -1.25 53.46
CA ARG A 184 -5.53 -0.65 52.23
C ARG A 184 -4.19 0.05 52.44
N GLU A 185 -4.03 0.78 53.54
CA GLU A 185 -2.81 1.57 53.73
C GLU A 185 -1.59 0.68 53.84
N ALA A 186 -1.70 -0.46 54.53
CA ALA A 186 -0.57 -1.35 54.69
C ALA A 186 -0.37 -2.32 53.52
N ALA A 187 -1.29 -2.32 52.56
CA ALA A 187 -1.41 -3.42 51.60
C ALA A 187 -0.10 -3.69 50.86
N THR A 188 0.52 -2.64 50.31
CA THR A 188 1.71 -2.81 49.47
C THR A 188 2.94 -3.22 50.28
N GLY A 189 3.21 -2.52 51.37
CA GLY A 189 4.35 -2.87 52.19
C GLY A 189 4.21 -4.26 52.76
N LEU A 190 3.02 -4.60 53.23
CA LEU A 190 2.79 -5.95 53.73
C LEU A 190 2.92 -6.98 52.59
N GLY A 191 2.37 -6.68 51.40
CA GLY A 191 2.50 -7.61 50.29
C GLY A 191 3.95 -7.86 49.90
N VAL A 192 4.78 -6.83 49.95
CA VAL A 192 6.22 -6.99 49.76
C VAL A 192 6.78 -7.99 50.76
N VAL A 193 6.33 -7.92 52.00
CA VAL A 193 6.92 -8.83 52.99
C VAL A 193 6.39 -10.25 52.79
N PHE A 194 5.13 -10.41 52.39
CA PHE A 194 4.64 -11.75 52.06
C PHE A 194 5.41 -12.33 50.90
N ALA A 195 5.64 -11.51 49.87
CA ALA A 195 6.41 -11.96 48.72
C ALA A 195 7.82 -12.33 49.11
N THR A 196 8.45 -11.52 49.96
CA THR A 196 9.81 -11.82 50.36
C THR A 196 9.88 -13.09 51.20
N GLU A 197 8.90 -13.30 52.08
CA GLU A 197 8.84 -14.56 52.82
C GLU A 197 8.77 -15.77 51.89
N ALA A 198 7.91 -15.73 50.87
CA ALA A 198 7.77 -16.89 49.99
C ALA A 198 9.08 -17.18 49.27
N LEU A 199 9.76 -16.14 48.81
CA LEU A 199 11.06 -16.32 48.16
C LEU A 199 12.04 -17.00 49.13
N PHE A 200 12.12 -16.49 50.37
CA PHE A 200 13.08 -17.03 51.32
C PHE A 200 12.74 -18.45 51.72
N ALA A 201 11.46 -18.82 51.67
CA ALA A 201 11.10 -20.20 51.95
C ALA A 201 11.74 -21.16 50.96
N GLU A 202 11.97 -20.69 49.72
CA GLU A 202 12.67 -21.53 48.75
C GLU A 202 14.07 -21.90 49.21
N TYR A 203 14.68 -21.09 50.07
CA TYR A 203 15.98 -21.39 50.65
C TYR A 203 15.87 -21.90 52.08
N GLY A 204 14.66 -22.24 52.55
CA GLY A 204 14.48 -22.64 53.93
C GLY A 204 14.83 -21.61 54.97
N LYS A 205 14.86 -20.33 54.59
CA LYS A 205 15.21 -19.24 55.49
C LYS A 205 14.00 -18.40 55.82
N SER A 206 14.18 -17.54 56.82
CA SER A 206 13.13 -16.64 57.29
C SER A 206 13.63 -15.20 57.18
N ILE A 207 12.67 -14.27 57.28
CA ILE A 207 13.02 -12.86 57.31
C ILE A 207 13.92 -12.59 58.49
N SER A 208 13.71 -13.31 59.60
CA SER A 208 14.54 -13.07 60.79
C SER A 208 16.00 -13.43 60.58
N ASP A 209 16.36 -14.13 59.50
CA ASP A 209 17.75 -14.45 59.23
C ASP A 209 18.51 -13.33 58.53
N MET A 210 17.81 -12.29 58.06
CA MET A 210 18.38 -11.35 57.10
C MET A 210 18.53 -9.96 57.69
N THR A 211 19.45 -9.21 57.10
CA THR A 211 19.53 -7.77 57.28
C THR A 211 18.94 -7.06 56.05
N PHE A 212 18.39 -5.86 56.25
CA PHE A 212 17.65 -5.12 55.22
C PHE A 212 18.10 -3.66 55.14
N ALA A 213 18.26 -3.17 53.92
CA ALA A 213 18.43 -1.74 53.64
C ALA A 213 17.27 -1.33 52.76
N ILE A 214 16.59 -0.27 53.15
CA ILE A 214 15.34 0.15 52.52
C ILE A 214 15.54 1.57 52.01
N GLN A 215 15.30 1.78 50.72
CA GLN A 215 15.38 3.09 50.10
C GLN A 215 13.98 3.65 49.95
N GLY A 216 13.68 4.74 50.65
CA GLY A 216 12.34 5.28 50.62
C GLY A 216 11.63 4.93 51.91
N PHE A 217 10.87 5.88 52.44
CA PHE A 217 10.23 5.69 53.73
C PHE A 217 8.88 6.37 53.71
N GLY A 218 8.12 6.14 52.65
CA GLY A 218 6.75 6.60 52.47
C GLY A 218 5.75 5.50 52.74
N ASN A 219 4.66 5.48 51.97
CA ASN A 219 3.60 4.51 52.27
C ASN A 219 4.09 3.07 52.15
N VAL A 220 4.92 2.78 51.14
CA VAL A 220 5.44 1.42 50.98
C VAL A 220 6.56 1.15 51.97
N GLY A 221 7.55 2.04 52.06
CA GLY A 221 8.72 1.78 52.91
C GLY A 221 8.39 1.68 54.39
N THR A 222 7.50 2.55 54.88
CA THR A 222 7.16 2.52 56.29
C THR A 222 6.50 1.19 56.66
N TRP A 223 5.53 0.75 55.85
CA TRP A 223 4.82 -0.49 56.14
C TRP A 223 5.70 -1.71 55.89
N ALA A 224 6.52 -1.71 54.84
CA ALA A 224 7.43 -2.83 54.65
C ALA A 224 8.38 -2.98 55.83
N ALA A 225 9.04 -1.87 56.23
CA ALA A 225 9.94 -1.93 57.39
C ALA A 225 9.20 -2.40 58.63
N LYS A 226 7.99 -1.89 58.87
CA LYS A 226 7.26 -2.31 60.06
C LYS A 226 7.03 -3.82 60.02
N ALA A 227 6.57 -4.32 58.88
CA ALA A 227 6.28 -5.75 58.77
C ALA A 227 7.55 -6.59 58.88
N ILE A 228 8.67 -6.10 58.34
CA ILE A 228 9.94 -6.81 58.50
C ILE A 228 10.37 -6.81 59.95
N PHE A 229 10.27 -5.65 60.59
CA PHE A 229 10.70 -5.51 61.97
C PHE A 229 9.90 -6.41 62.88
N GLU A 230 8.58 -6.47 62.68
CA GLU A 230 7.76 -7.31 63.53
C GLU A 230 7.99 -8.79 63.29
N ARG A 231 8.66 -9.16 62.20
CA ARG A 231 9.02 -10.55 61.92
C ARG A 231 10.47 -10.86 62.27
N GLY A 232 11.13 -9.99 63.01
CA GLY A 232 12.48 -10.26 63.44
C GLY A 232 13.56 -9.94 62.44
N GLY A 233 13.23 -9.38 61.29
CA GLY A 233 14.28 -8.94 60.39
C GLY A 233 15.03 -7.76 60.98
N LYS A 234 16.24 -7.59 60.50
CA LYS A 234 17.08 -6.48 60.97
C LYS A 234 17.14 -5.45 59.85
N VAL A 235 16.41 -4.35 60.03
CA VAL A 235 16.47 -3.23 59.09
C VAL A 235 17.66 -2.38 59.53
N VAL A 236 18.76 -2.47 58.77
CA VAL A 236 20.00 -1.83 59.21
C VAL A 236 20.21 -0.46 58.59
N ALA A 237 19.43 -0.09 57.58
CA ALA A 237 19.60 1.20 56.92
C ALA A 237 18.31 1.62 56.24
N VAL A 238 17.95 2.90 56.41
CA VAL A 238 16.75 3.50 55.82
C VAL A 238 17.10 4.88 55.27
N SER A 239 16.62 5.19 54.07
CA SER A 239 16.80 6.51 53.51
C SER A 239 15.49 7.08 53.00
N ASP A 240 15.46 8.40 52.81
CA ASP A 240 14.39 9.06 52.08
C ASP A 240 15.02 10.23 51.34
N ILE A 241 14.20 11.18 50.89
CA ILE A 241 14.75 12.22 50.03
C ILE A 241 15.64 13.21 50.77
N ASN A 242 15.57 13.29 52.09
CA ASN A 242 16.31 14.30 52.85
C ASN A 242 17.48 13.75 53.63
N GLY A 243 17.62 12.44 53.71
CA GLY A 243 18.68 11.88 54.52
C GLY A 243 18.50 10.37 54.64
N ALA A 244 19.31 9.82 55.52
CA ALA A 244 19.37 8.38 55.74
C ALA A 244 19.92 8.13 57.13
N ILE A 245 19.61 6.95 57.65
CA ILE A 245 20.00 6.55 59.00
C ILE A 245 20.46 5.11 58.93
N SER A 246 21.47 4.77 59.74
CA SER A 246 22.11 3.48 59.70
C SER A 246 22.26 2.93 61.11
N ASN A 247 22.13 1.61 61.24
CA ASN A 247 22.40 0.92 62.49
C ASN A 247 22.69 -0.55 62.22
N PRO A 248 23.94 -1.00 62.33
CA PRO A 248 24.26 -2.40 61.99
C PRO A 248 23.58 -3.41 62.91
N ASN A 249 23.11 -3.03 64.09
CA ASN A 249 22.40 -3.94 64.97
C ASN A 249 20.92 -4.01 64.70
N GLY A 250 20.42 -3.34 63.65
CA GLY A 250 18.99 -3.22 63.40
C GLY A 250 18.41 -1.96 63.98
N ILE A 251 17.73 -1.15 63.16
CA ILE A 251 17.03 0.04 63.63
C ILE A 251 15.74 -0.39 64.32
N ASP A 252 15.45 0.21 65.47
CA ASP A 252 14.14 0.04 66.09
C ASP A 252 13.10 0.77 65.25
N ILE A 253 12.43 0.03 64.35
CA ILE A 253 11.53 0.66 63.39
C ILE A 253 10.33 1.26 64.11
N ALA A 254 9.86 0.64 65.18
CA ALA A 254 8.76 1.22 65.94
C ALA A 254 9.12 2.64 66.40
N ALA A 255 10.33 2.80 66.96
CA ALA A 255 10.77 4.13 67.37
C ALA A 255 11.00 5.04 66.15
N LEU A 256 11.50 4.48 65.05
CA LEU A 256 11.68 5.30 63.87
C LEU A 256 10.34 5.82 63.36
N LEU A 257 9.30 4.98 63.42
CA LEU A 257 7.97 5.42 62.98
C LEU A 257 7.41 6.51 63.89
N LYS A 258 7.55 6.37 65.22
CA LYS A 258 7.11 7.46 66.10
C LYS A 258 7.86 8.74 65.78
N HIS A 259 9.15 8.62 65.51
CA HIS A 259 9.95 9.78 65.16
C HIS A 259 9.43 10.45 63.89
N LYS A 260 9.12 9.66 62.86
CA LYS A 260 8.61 10.24 61.64
C LYS A 260 7.26 10.90 61.90
N ALA A 261 6.40 10.25 62.69
CA ALA A 261 5.09 10.81 62.98
C ALA A 261 5.20 12.10 63.78
N GLY A 262 6.24 12.25 64.59
CA GLY A 262 6.45 13.45 65.38
C GLY A 262 7.20 14.52 64.61
N ASN A 263 7.07 14.48 63.28
CA ASN A 263 7.70 15.44 62.39
C ASN A 263 9.21 15.30 62.37
N GLY A 264 9.72 14.11 62.63
CA GLY A 264 11.15 13.92 62.62
C GLY A 264 11.75 13.51 61.30
N SER A 265 13.02 13.83 61.15
CA SER A 265 13.79 13.52 59.96
C SER A 265 14.75 12.38 60.26
N LEU A 266 14.95 11.54 59.24
CA LEU A 266 15.75 10.31 59.40
C LEU A 266 17.12 10.59 59.99
N LYS A 267 17.80 11.63 59.51
CA LYS A 267 19.17 11.79 59.99
C LYS A 267 19.22 12.31 61.44
N ASP A 268 18.12 12.81 61.96
CA ASP A 268 18.05 13.22 63.36
C ASP A 268 17.59 12.11 64.28
N PHE A 269 17.36 10.90 63.78
CA PHE A 269 16.99 9.82 64.68
C PHE A 269 18.20 9.45 65.52
N SER A 270 18.02 9.32 66.83
CA SER A 270 19.18 9.07 67.67
C SER A 270 19.52 7.60 67.76
N GLY A 271 18.61 6.71 67.38
CA GLY A 271 18.88 5.28 67.48
C GLY A 271 19.58 4.75 66.26
N GLY A 272 20.39 5.61 65.68
CA GLY A 272 21.18 5.22 64.52
C GLY A 272 22.16 6.32 64.19
N ASP A 273 22.97 6.03 63.19
CA ASP A 273 23.98 6.96 62.75
C ASP A 273 23.58 7.53 61.40
N ALA A 274 23.71 8.84 61.27
CA ALA A 274 23.40 9.48 60.00
C ALA A 274 24.30 8.94 58.91
N MET A 275 23.76 8.89 57.71
CA MET A 275 24.37 8.26 56.56
C MET A 275 24.13 9.13 55.34
N ASN A 276 25.00 9.01 54.37
CA ASN A 276 24.74 9.65 53.10
C ASN A 276 23.70 8.83 52.34
N PRO A 277 22.59 9.43 51.90
CA PRO A 277 21.57 8.63 51.20
C PRO A 277 22.11 7.92 49.97
N ASN A 278 23.11 8.50 49.31
CA ASN A 278 23.70 7.85 48.15
C ASN A 278 24.51 6.61 48.52
N ASP A 279 24.70 6.32 49.81
CA ASP A 279 25.37 5.11 50.23
C ASP A 279 24.40 3.97 50.48
N LEU A 280 23.09 4.22 50.32
CA LEU A 280 22.08 3.23 50.68
C LEU A 280 22.16 1.98 49.81
N LEU A 281 22.22 2.15 48.50
CA LEU A 281 22.11 1.01 47.60
C LEU A 281 23.37 0.13 47.64
N VAL A 282 24.52 0.70 48.01
CA VAL A 282 25.77 -0.04 48.11
C VAL A 282 26.08 -0.44 49.56
N HIS A 283 25.13 -0.24 50.46
CA HIS A 283 25.30 -0.61 51.85
C HIS A 283 25.44 -2.11 52.00
N ASP A 284 26.10 -2.52 53.08
CA ASP A 284 26.36 -3.93 53.35
C ASP A 284 25.13 -4.56 54.02
N CYS A 285 24.43 -5.42 53.30
CA CYS A 285 23.23 -6.07 53.83
C CYS A 285 22.95 -7.33 53.03
N ASP A 286 21.99 -8.12 53.50
CA ASP A 286 21.55 -9.28 52.73
C ASP A 286 20.51 -8.89 51.68
N VAL A 287 19.58 -8.00 52.03
CA VAL A 287 18.42 -7.69 51.21
C VAL A 287 18.36 -6.20 50.99
N LEU A 288 18.24 -5.80 49.73
CA LEU A 288 18.04 -4.40 49.36
C LEU A 288 16.62 -4.23 48.86
N ILE A 289 15.91 -3.22 49.39
CA ILE A 289 14.53 -2.96 49.01
C ILE A 289 14.37 -1.52 48.53
N PRO A 290 14.50 -1.26 47.23
CA PRO A 290 14.14 0.08 46.72
C PRO A 290 12.65 0.31 46.82
N CYS A 291 12.26 1.33 47.59
CA CYS A 291 10.86 1.71 47.81
C CYS A 291 10.61 3.16 47.51
N ALA A 292 11.43 3.79 46.68
CA ALA A 292 11.33 5.23 46.45
C ALA A 292 11.06 5.55 44.99
N LEU A 293 11.98 5.26 44.10
CA LEU A 293 12.03 5.81 42.76
C LEU A 293 12.45 4.72 41.78
N GLY A 294 12.23 4.98 40.50
CA GLY A 294 12.74 4.09 39.48
C GLY A 294 14.13 4.50 39.02
N GLY A 295 14.80 3.59 38.34
CA GLY A 295 16.09 3.93 37.75
C GLY A 295 17.19 4.23 38.73
N VAL A 296 17.11 3.70 39.94
CA VAL A 296 18.17 3.95 40.91
C VAL A 296 19.36 3.00 40.77
N LEU A 297 19.16 1.84 40.17
CA LEU A 297 20.23 0.87 39.95
C LEU A 297 20.60 0.85 38.47
N ASN A 298 21.84 1.26 38.18
CA ASN A 298 22.34 1.38 36.81
C ASN A 298 23.72 0.75 36.70
N LYS A 299 24.37 0.91 35.55
CA LYS A 299 25.65 0.26 35.33
C LYS A 299 26.75 0.81 36.25
N GLU A 300 26.62 2.06 36.70
CA GLU A 300 27.63 2.62 37.59
C GLU A 300 27.66 1.88 38.91
N ASN A 301 26.56 1.90 39.64
CA ASN A 301 26.56 1.40 41.00
C ASN A 301 26.20 -0.07 41.10
N ALA A 302 25.85 -0.73 39.99
CA ALA A 302 25.39 -2.11 40.08
C ALA A 302 26.48 -3.03 40.61
N ASN A 303 27.71 -2.85 40.14
CA ASN A 303 28.77 -3.72 40.61
C ASN A 303 29.12 -3.48 42.08
N ASP A 304 28.70 -2.36 42.65
CA ASP A 304 28.94 -2.05 44.06
C ASP A 304 27.83 -2.53 44.97
N VAL A 305 26.76 -3.10 44.42
CA VAL A 305 25.70 -3.65 45.27
C VAL A 305 26.26 -4.84 46.03
N LYS A 306 26.05 -4.86 47.34
CA LYS A 306 26.60 -5.90 48.20
C LYS A 306 25.53 -6.79 48.80
N ALA A 307 24.29 -6.73 48.31
CA ALA A 307 23.23 -7.61 48.77
C ALA A 307 23.09 -8.82 47.86
N LYS A 308 22.47 -9.88 48.40
CA LYS A 308 22.17 -11.07 47.62
C LYS A 308 20.76 -11.09 47.05
N PHE A 309 19.83 -10.39 47.68
CA PHE A 309 18.46 -10.28 47.21
C PHE A 309 18.13 -8.81 47.00
N ILE A 310 17.37 -8.53 45.95
CA ILE A 310 16.82 -7.21 45.70
C ILE A 310 15.34 -7.39 45.56
N ILE A 311 14.58 -6.75 46.46
CA ILE A 311 13.13 -6.79 46.43
C ILE A 311 12.67 -5.48 45.83
N GLU A 312 12.15 -5.53 44.60
CA GLU A 312 11.74 -4.31 43.89
C GLU A 312 10.36 -3.87 44.34
N ALA A 313 10.30 -2.95 45.30
CA ALA A 313 9.02 -2.40 45.70
C ALA A 313 8.64 -1.17 44.86
N ALA A 314 9.56 -0.25 44.60
CA ALA A 314 9.26 0.82 43.67
C ALA A 314 9.14 0.25 42.25
N ASN A 315 8.61 1.06 41.34
CA ASN A 315 8.48 0.62 39.95
C ASN A 315 9.74 0.97 39.17
N HIS A 316 10.26 -0.03 38.46
CA HIS A 316 11.41 0.05 37.54
C HIS A 316 12.67 0.58 38.22
N PRO A 317 13.08 0.04 39.37
CA PRO A 317 14.30 0.56 40.02
C PRO A 317 15.60 0.07 39.38
N THR A 318 15.57 -1.02 38.63
CA THR A 318 16.74 -1.62 38.03
C THR A 318 16.66 -1.46 36.51
N ASP A 319 17.60 -0.73 35.93
CA ASP A 319 17.64 -0.63 34.48
C ASP A 319 18.30 -1.90 33.91
N PRO A 320 18.21 -2.13 32.60
CA PRO A 320 18.69 -3.41 32.06
C PRO A 320 20.16 -3.66 32.27
N ASP A 321 20.99 -2.62 32.36
CA ASP A 321 22.41 -2.82 32.62
C ASP A 321 22.61 -3.51 33.96
N ALA A 322 21.99 -2.97 35.01
CA ALA A 322 22.13 -3.55 36.33
C ALA A 322 21.53 -4.95 36.40
N ASP A 323 20.37 -5.15 35.78
CA ASP A 323 19.77 -6.49 35.77
C ASP A 323 20.75 -7.50 35.22
N GLU A 324 21.46 -7.15 34.15
CA GLU A 324 22.50 -8.02 33.62
C GLU A 324 23.62 -8.23 34.63
N ILE A 325 24.26 -7.14 35.07
CA ILE A 325 25.39 -7.24 36.00
C ILE A 325 25.00 -8.04 37.23
N LEU A 326 23.86 -7.70 37.85
CA LEU A 326 23.46 -8.35 39.10
C LEU A 326 23.23 -9.83 38.92
N SER A 327 22.67 -10.26 37.78
CA SER A 327 22.40 -11.68 37.58
C SER A 327 23.68 -12.49 37.65
N LYS A 328 24.64 -12.19 36.78
CA LYS A 328 25.85 -13.00 36.79
C LYS A 328 26.72 -12.77 38.00
N LYS A 329 26.30 -11.96 38.98
CA LYS A 329 26.91 -11.95 40.29
C LYS A 329 26.15 -12.80 41.29
N GLY A 330 25.11 -13.51 40.86
CA GLY A 330 24.34 -14.29 41.81
C GLY A 330 23.30 -13.52 42.59
N VAL A 331 22.99 -12.29 42.20
CA VAL A 331 21.95 -11.52 42.88
C VAL A 331 20.58 -11.94 42.38
N ILE A 332 19.66 -12.23 43.31
CA ILE A 332 18.30 -12.67 43.00
C ILE A 332 17.37 -11.48 43.18
N ILE A 333 16.64 -11.14 42.14
CA ILE A 333 15.84 -9.93 42.10
C ILE A 333 14.37 -10.31 42.00
N LEU A 334 13.59 -9.95 43.00
CA LEU A 334 12.16 -10.14 42.95
C LEU A 334 11.53 -8.97 42.21
N PRO A 335 10.86 -9.18 41.08
CA PRO A 335 10.51 -8.06 40.20
C PRO A 335 9.35 -7.23 40.71
N ASP A 336 9.38 -5.93 40.38
CA ASP A 336 8.36 -4.99 40.87
C ASP A 336 6.95 -5.41 40.47
N VAL A 337 6.77 -5.90 39.23
CA VAL A 337 5.43 -6.22 38.73
C VAL A 337 4.73 -7.17 39.68
N TYR A 338 5.48 -8.02 40.37
CA TYR A 338 4.91 -8.93 41.37
C TYR A 338 5.07 -8.39 42.79
N ALA A 339 6.26 -7.93 43.17
CA ALA A 339 6.53 -7.66 44.58
C ALA A 339 5.62 -6.58 45.17
N ASN A 340 5.27 -5.55 44.39
CA ASN A 340 4.44 -4.49 44.94
C ASN A 340 2.96 -4.65 44.63
N ALA A 341 2.53 -5.85 44.23
CA ALA A 341 1.15 -6.03 43.78
C ALA A 341 0.15 -6.16 44.93
N GLY A 342 0.59 -6.03 46.17
CA GLY A 342 -0.34 -6.10 47.29
C GLY A 342 -1.41 -5.03 47.24
N GLY A 343 -1.06 -3.83 46.76
CA GLY A 343 -2.05 -2.77 46.65
C GLY A 343 -3.14 -3.07 45.63
N VAL A 344 -2.76 -3.48 44.42
CA VAL A 344 -3.80 -3.80 43.46
C VAL A 344 -4.61 -5.00 43.95
N THR A 345 -3.99 -5.91 44.71
CA THR A 345 -4.71 -7.08 45.19
C THR A 345 -5.78 -6.70 46.21
N VAL A 346 -5.45 -5.82 47.15
CA VAL A 346 -6.46 -5.44 48.12
C VAL A 346 -7.52 -4.60 47.43
N SER A 347 -7.16 -3.89 46.37
CA SER A 347 -8.13 -3.16 45.58
C SER A 347 -9.17 -4.12 44.97
N TYR A 348 -8.70 -5.27 44.50
CA TYR A 348 -9.59 -6.34 44.06
C TYR A 348 -10.49 -6.80 45.20
N PHE A 349 -9.94 -6.99 46.40
CA PHE A 349 -10.73 -7.46 47.53
C PHE A 349 -11.83 -6.47 47.90
N GLU A 350 -11.54 -5.18 47.81
CA GLU A 350 -12.58 -4.17 48.05
C GLU A 350 -13.73 -4.36 47.06
N TRP A 351 -13.40 -4.54 45.79
CA TRP A 351 -14.43 -4.82 44.80
C TRP A 351 -15.20 -6.10 45.18
N VAL A 352 -14.49 -7.17 45.55
CA VAL A 352 -15.15 -8.41 45.93
C VAL A 352 -16.13 -8.16 47.07
N GLN A 353 -15.68 -7.45 48.10
CA GLN A 353 -16.51 -7.18 49.28
C GLN A 353 -17.77 -6.41 48.92
N ASN A 354 -17.64 -5.43 48.02
CA ASN A 354 -18.78 -4.65 47.54
C ASN A 354 -19.73 -5.55 46.75
N ILE A 355 -19.17 -6.40 45.90
CA ILE A 355 -19.98 -7.31 45.11
C ILE A 355 -20.72 -8.27 46.03
N GLN A 356 -20.10 -8.63 47.15
CA GLN A 356 -20.70 -9.58 48.08
C GLN A 356 -21.64 -8.93 49.09
N GLY A 357 -21.77 -7.61 49.06
CA GLY A 357 -22.64 -6.87 49.96
C GLY A 357 -22.25 -6.89 51.42
N PHE A 358 -20.99 -7.16 51.75
CA PHE A 358 -20.63 -7.54 53.12
C PHE A 358 -19.13 -7.37 53.32
N MET A 359 -18.73 -6.45 54.20
CA MET A 359 -17.31 -6.15 54.33
C MET A 359 -16.61 -7.20 55.19
N TRP A 360 -15.32 -7.38 54.94
CA TRP A 360 -14.45 -8.29 55.70
C TRP A 360 -13.79 -7.55 56.85
N ASP A 361 -13.40 -8.30 57.89
CA ASP A 361 -12.52 -7.64 58.84
C ASP A 361 -11.08 -7.66 58.33
N GLU A 362 -10.21 -6.90 59.00
CA GLU A 362 -8.85 -6.74 58.49
C GLU A 362 -8.04 -8.03 58.56
N GLU A 363 -8.28 -8.87 59.56
CA GLU A 363 -7.64 -10.18 59.58
C GLU A 363 -7.94 -10.96 58.29
N LYS A 364 -9.20 -10.91 57.82
CA LYS A 364 -9.56 -11.65 56.61
C LYS A 364 -8.89 -11.05 55.38
N VAL A 365 -8.86 -9.71 55.27
CA VAL A 365 -8.17 -9.08 54.16
C VAL A 365 -6.71 -9.54 54.09
N ASN A 366 -6.01 -9.54 55.23
CA ASN A 366 -4.60 -9.88 55.23
C ASN A 366 -4.36 -11.38 55.02
N GLN A 367 -5.26 -12.24 55.54
CA GLN A 367 -5.17 -13.66 55.22
C GLN A 367 -5.30 -13.90 53.71
N GLU A 368 -6.26 -13.23 53.05
CA GLU A 368 -6.39 -13.43 51.61
C GLU A 368 -5.23 -12.81 50.85
N LEU A 369 -4.74 -11.64 51.31
CA LEU A 369 -3.59 -11.04 50.66
C LEU A 369 -2.40 -11.98 50.69
N LYS A 370 -2.17 -12.60 51.85
CA LYS A 370 -1.07 -13.56 51.97
C LYS A 370 -1.27 -14.76 51.06
N ARG A 371 -2.50 -15.30 51.02
CA ARG A 371 -2.79 -16.42 50.14
C ARG A 371 -2.51 -16.04 48.69
N TYR A 372 -2.93 -14.83 48.30
CA TYR A 372 -2.74 -14.41 46.91
C TYR A 372 -1.27 -14.16 46.59
N MET A 373 -0.52 -13.50 47.49
CA MET A 373 0.89 -13.27 47.18
C MET A 373 1.67 -14.59 47.16
N THR A 374 1.34 -15.51 48.07
CA THR A 374 2.03 -16.80 48.09
C THR A 374 1.74 -17.63 46.85
N LYS A 375 0.44 -17.82 46.53
CA LYS A 375 0.13 -18.59 45.33
C LYS A 375 0.74 -17.97 44.08
N ALA A 376 0.87 -16.63 44.06
CA ALA A 376 1.51 -15.98 42.93
C ALA A 376 2.99 -16.32 42.84
N PHE A 377 3.70 -16.35 43.96
CA PHE A 377 5.11 -16.69 43.90
C PHE A 377 5.32 -18.13 43.41
N ASN A 378 4.50 -19.07 43.91
CA ASN A 378 4.63 -20.44 43.45
C ASN A 378 4.44 -20.53 41.93
N ASP A 379 3.43 -19.83 41.41
CA ASP A 379 3.20 -19.87 39.96
C ASP A 379 4.36 -19.26 39.18
N ILE A 380 4.92 -18.16 39.68
CA ILE A 380 6.09 -17.57 39.05
C ILE A 380 7.24 -18.56 39.03
N LYS A 381 7.51 -19.17 40.19
CA LYS A 381 8.60 -20.13 40.34
C LYS A 381 8.43 -21.31 39.41
N ALA A 382 7.19 -21.82 39.29
CA ALA A 382 6.95 -22.92 38.37
C ALA A 382 7.28 -22.50 36.94
N ASN A 383 6.90 -21.29 36.55
CA ASN A 383 7.26 -20.78 35.22
C ASN A 383 8.76 -20.72 35.03
N CYS A 384 9.49 -20.25 36.04
CA CYS A 384 10.94 -20.21 35.93
C CYS A 384 11.49 -21.58 35.58
N LYS A 385 11.00 -22.62 36.24
CA LYS A 385 11.41 -23.99 35.93
C LYS A 385 11.21 -24.30 34.45
N THR A 386 10.01 -24.09 33.94
CA THR A 386 9.72 -24.49 32.57
C THR A 386 10.51 -23.66 31.55
N HIS A 387 10.74 -22.38 31.83
CA HIS A 387 11.37 -21.50 30.86
C HIS A 387 12.84 -21.22 31.13
N ASN A 388 13.39 -21.73 32.23
CA ASN A 388 14.80 -21.52 32.60
C ASN A 388 15.17 -20.04 32.58
N CYS A 389 14.37 -19.24 33.28
CA CYS A 389 14.52 -17.80 33.26
C CYS A 389 14.46 -17.26 34.68
N ASP A 390 14.90 -16.01 34.85
CA ASP A 390 14.90 -15.38 36.16
C ASP A 390 13.48 -15.03 36.60
N LEU A 391 13.38 -14.51 37.83
CA LEU A 391 12.06 -14.23 38.41
C LEU A 391 11.32 -13.16 37.62
N ARG A 392 12.04 -12.16 37.11
CA ARG A 392 11.39 -11.12 36.33
C ARG A 392 10.71 -11.70 35.09
N MET A 393 11.39 -12.61 34.38
CA MET A 393 10.79 -13.21 33.20
C MET A 393 9.82 -14.31 33.55
N GLY A 394 10.03 -15.03 34.66
CA GLY A 394 8.99 -15.94 35.13
C GLY A 394 7.67 -15.22 35.34
N ALA A 395 7.73 -14.02 35.93
CA ALA A 395 6.51 -13.25 36.19
C ALA A 395 5.89 -12.71 34.91
N PHE A 396 6.71 -12.11 34.04
CA PHE A 396 6.14 -11.52 32.84
C PHE A 396 5.58 -12.60 31.91
N THR A 397 6.28 -13.72 31.76
CA THR A 397 5.73 -14.77 30.92
C THR A 397 4.47 -15.37 31.54
N LEU A 398 4.40 -15.44 32.87
CA LEU A 398 3.18 -15.97 33.49
C LEU A 398 1.99 -15.08 33.18
N GLY A 399 2.12 -13.77 33.38
CA GLY A 399 1.01 -12.88 33.14
C GLY A 399 0.65 -12.79 31.67
N LEU A 400 1.66 -12.62 30.82
CA LEU A 400 1.45 -12.56 29.39
C LEU A 400 0.82 -13.84 28.86
N ASN A 401 1.26 -15.01 29.35
CA ASN A 401 0.67 -16.26 28.84
C ASN A 401 -0.77 -16.38 29.29
N ARG A 402 -1.08 -15.94 30.51
CA ARG A 402 -2.46 -16.01 30.98
C ARG A 402 -3.39 -15.11 30.15
N VAL A 403 -2.94 -13.90 29.80
CA VAL A 403 -3.75 -13.03 28.95
C VAL A 403 -3.92 -13.66 27.57
N ALA A 404 -2.84 -14.21 27.00
CA ALA A 404 -2.90 -14.82 25.68
C ALA A 404 -3.85 -16.01 25.65
N ARG A 405 -3.81 -16.89 26.66
CA ARG A 405 -4.69 -18.04 26.57
C ARG A 405 -6.15 -17.67 26.86
N ALA A 406 -6.39 -16.67 27.72
CA ALA A 406 -7.75 -16.15 27.84
C ALA A 406 -8.26 -15.62 26.51
N THR A 407 -7.39 -14.93 25.77
CA THR A 407 -7.76 -14.41 24.45
C THR A 407 -8.03 -15.56 23.47
N LEU A 408 -7.16 -16.58 23.45
CA LEU A 408 -7.34 -17.69 22.51
C LEU A 408 -8.59 -18.49 22.83
N LEU A 409 -8.88 -18.71 24.13
CA LEU A 409 -10.08 -19.42 24.52
C LEU A 409 -11.35 -18.67 24.08
N ARG A 410 -11.33 -17.33 24.17
CA ARG A 410 -12.52 -16.57 23.79
C ARG A 410 -12.73 -16.56 22.28
N GLY A 411 -11.64 -16.52 21.50
CA GLY A 411 -11.75 -16.67 20.07
C GLY A 411 -11.96 -15.38 19.29
N TRP A 412 -11.94 -15.52 17.96
CA TRP A 412 -11.85 -14.43 17.01
C TRP A 412 -13.00 -14.35 16.01
N GLU A 413 -13.87 -15.35 15.93
CA GLU A 413 -14.92 -15.25 14.92
C GLU A 413 -15.88 -14.12 15.30
N ALA A 414 -16.51 -13.55 14.30
CA ALA A 414 -17.27 -12.33 14.57
C ALA A 414 -18.55 -12.63 15.35
N ASN B 5 -4.60 -17.01 -16.44
CA ASN B 5 -4.67 -16.87 -14.98
C ASN B 5 -3.29 -16.53 -14.39
N ALA B 6 -2.24 -16.61 -15.22
CA ALA B 6 -0.91 -16.19 -14.79
C ALA B 6 -0.84 -14.70 -14.48
N LEU B 7 -1.74 -13.90 -15.03
CA LEU B 7 -1.79 -12.46 -14.80
C LEU B 7 -2.53 -12.12 -13.50
N VAL B 8 -3.68 -12.76 -13.27
CA VAL B 8 -4.45 -12.47 -12.07
C VAL B 8 -3.68 -12.94 -10.83
N ALA B 9 -3.03 -14.10 -10.92
CA ALA B 9 -2.29 -14.63 -9.77
C ALA B 9 -1.11 -13.73 -9.41
N THR B 10 -0.35 -13.27 -10.41
CA THR B 10 0.81 -12.45 -10.14
C THR B 10 0.41 -11.13 -9.50
N ASN B 11 -0.65 -10.50 -10.00
CA ASN B 11 -1.03 -9.21 -9.45
C ASN B 11 -1.46 -9.34 -7.99
N ARG B 12 -2.31 -10.31 -7.68
CA ARG B 12 -2.75 -10.53 -6.30
C ARG B 12 -1.58 -10.73 -5.36
N ASN B 13 -0.63 -11.59 -5.75
CA ASN B 13 0.50 -11.90 -4.88
C ASN B 13 1.42 -10.71 -4.72
N PHE B 14 1.60 -9.93 -5.80
CA PHE B 14 2.38 -8.71 -5.67
C PHE B 14 1.73 -7.77 -4.67
N GLN B 15 0.41 -7.58 -4.78
CA GLN B 15 -0.27 -6.65 -3.88
C GLN B 15 -0.19 -7.14 -2.44
N ARG B 16 -0.40 -8.43 -2.22
CA ARG B 16 -0.35 -8.97 -0.87
C ARG B 16 1.04 -8.77 -0.27
N ALA B 17 2.09 -9.12 -1.03
CA ALA B 17 3.46 -8.99 -0.51
C ALA B 17 3.82 -7.53 -0.27
N SER B 18 3.37 -6.63 -1.15
CA SER B 18 3.63 -5.21 -0.95
C SER B 18 3.00 -4.68 0.33
N ARG B 19 1.81 -5.18 0.69
CA ARG B 19 1.18 -4.71 1.91
C ARG B 19 1.92 -5.23 3.13
N ILE B 20 2.34 -6.49 3.11
CA ILE B 20 3.12 -7.04 4.20
C ILE B 20 4.41 -6.23 4.40
N LEU B 21 5.07 -5.87 3.31
CA LEU B 21 6.29 -5.08 3.43
C LEU B 21 6.02 -3.62 3.76
N GLY B 22 4.79 -3.14 3.63
CA GLY B 22 4.55 -1.71 3.78
C GLY B 22 5.27 -0.90 2.73
N LEU B 23 5.31 -1.41 1.52
CA LEU B 23 6.04 -0.76 0.44
C LEU B 23 5.45 0.62 0.17
N ASP B 24 6.31 1.61 0.05
CA ASP B 24 5.87 2.95 -0.29
C ASP B 24 5.12 2.97 -1.61
N SER B 25 4.03 3.72 -1.66
CA SER B 25 3.18 3.66 -2.84
C SER B 25 3.89 4.16 -4.10
N LYS B 26 4.82 5.11 -3.96
CA LYS B 26 5.55 5.61 -5.11
C LYS B 26 6.66 4.67 -5.57
N LEU B 27 7.32 4.01 -4.63
CA LEU B 27 8.22 2.92 -4.99
C LEU B 27 7.46 1.80 -5.69
N GLU B 28 6.26 1.47 -5.20
CA GLU B 28 5.46 0.38 -5.78
C GLU B 28 5.11 0.68 -7.25
N LYS B 29 4.67 1.90 -7.53
CA LYS B 29 4.33 2.28 -8.89
C LYS B 29 5.52 2.10 -9.85
N SER B 30 6.71 2.56 -9.45
CA SER B 30 7.91 2.38 -10.28
C SER B 30 8.20 0.90 -10.50
N LEU B 31 8.11 0.08 -9.44
CA LEU B 31 8.35 -1.35 -9.59
C LEU B 31 7.34 -2.00 -10.53
N LEU B 32 6.14 -1.46 -10.65
CA LEU B 32 5.18 -2.01 -11.60
C LEU B 32 5.42 -1.53 -13.03
N ILE B 33 6.03 -0.37 -13.24
CA ILE B 33 6.31 0.08 -14.61
C ILE B 33 7.53 -0.67 -15.15
N PRO B 34 7.43 -1.36 -16.28
CA PRO B 34 8.61 -2.06 -16.81
C PRO B 34 9.66 -1.08 -17.31
N TYR B 35 10.93 -1.44 -17.10
CA TYR B 35 12.05 -0.65 -17.61
C TYR B 35 11.85 -0.27 -19.07
N ARG B 36 11.56 -1.25 -19.92
CA ARG B 36 11.46 -1.00 -21.35
C ARG B 36 10.55 -2.04 -22.02
N GLU B 37 9.69 -1.59 -22.93
CA GLU B 37 8.88 -2.45 -23.78
C GLU B 37 9.25 -2.19 -25.23
N ILE B 38 9.54 -3.26 -25.97
CA ILE B 38 9.99 -3.18 -27.36
C ILE B 38 9.07 -4.02 -28.21
N LYS B 39 8.65 -3.45 -29.35
CA LYS B 39 7.99 -4.16 -30.44
C LYS B 39 8.72 -3.82 -31.73
N VAL B 40 9.05 -4.85 -32.52
CA VAL B 40 9.80 -4.68 -33.76
C VAL B 40 9.13 -5.46 -34.90
N GLU B 41 9.23 -4.92 -36.10
CA GLU B 41 8.79 -5.67 -37.27
C GLU B 41 9.80 -6.77 -37.61
N CYS B 42 9.29 -7.99 -37.86
CA CYS B 42 10.08 -9.15 -38.31
C CYS B 42 9.46 -9.68 -39.59
N THR B 43 10.05 -9.31 -40.72
CA THR B 43 9.60 -9.74 -42.03
C THR B 43 10.63 -10.69 -42.63
N ILE B 44 10.16 -11.79 -43.21
CA ILE B 44 11.06 -12.74 -43.85
C ILE B 44 10.49 -13.14 -45.19
N PRO B 45 11.37 -13.56 -46.10
CA PRO B 45 10.90 -14.28 -47.29
C PRO B 45 10.65 -15.73 -46.91
N LYS B 46 9.52 -16.27 -47.34
CA LYS B 46 9.25 -17.68 -47.14
C LYS B 46 10.06 -18.52 -48.12
N ASP B 47 10.01 -19.84 -47.91
CA ASP B 47 10.74 -20.74 -48.79
C ASP B 47 10.25 -20.62 -50.23
N ASP B 48 8.97 -20.31 -50.43
CA ASP B 48 8.39 -20.20 -51.76
C ASP B 48 8.55 -18.82 -52.35
N GLY B 49 9.26 -17.91 -51.69
CA GLY B 49 9.54 -16.61 -52.25
C GLY B 49 8.60 -15.50 -51.86
N SER B 50 7.48 -15.79 -51.21
CA SER B 50 6.56 -14.77 -50.75
C SER B 50 7.01 -14.18 -49.41
N LEU B 51 6.51 -12.99 -49.11
CA LEU B 51 6.83 -12.28 -47.89
C LEU B 51 5.82 -12.62 -46.80
N VAL B 52 6.28 -12.66 -45.55
CA VAL B 52 5.36 -12.67 -44.41
C VAL B 52 5.95 -11.78 -43.32
N SER B 53 5.08 -11.03 -42.63
CA SER B 53 5.50 -10.05 -41.64
C SER B 53 4.89 -10.38 -40.28
N TYR B 54 5.73 -10.47 -39.26
CA TYR B 54 5.28 -10.65 -37.89
C TYR B 54 5.79 -9.48 -37.05
N VAL B 55 5.26 -9.38 -35.84
CA VAL B 55 5.75 -8.44 -34.84
C VAL B 55 6.44 -9.22 -33.73
N GLY B 56 7.72 -8.95 -33.52
CA GLY B 56 8.44 -9.47 -32.38
C GLY B 56 8.43 -8.48 -31.24
N PHE B 57 8.68 -8.95 -30.02
CA PHE B 57 8.59 -8.05 -28.89
C PHE B 57 9.48 -8.53 -27.76
N ARG B 58 9.86 -7.59 -26.90
CA ARG B 58 10.62 -7.89 -25.68
C ARG B 58 10.19 -6.91 -24.60
N ILE B 59 9.55 -7.40 -23.55
CA ILE B 59 9.25 -6.61 -22.36
C ILE B 59 10.36 -6.86 -21.36
N GLN B 60 11.13 -5.83 -21.06
CA GLN B 60 12.22 -5.91 -20.12
C GLN B 60 11.72 -5.25 -18.83
N HIS B 61 11.38 -6.06 -17.84
CA HIS B 61 10.65 -5.50 -16.71
C HIS B 61 11.58 -4.78 -15.73
N ASP B 62 12.63 -5.44 -15.27
CA ASP B 62 13.43 -4.85 -14.19
C ASP B 62 14.87 -5.32 -14.30
N ASN B 63 15.81 -4.41 -14.01
CA ASN B 63 17.22 -4.79 -14.02
C ASN B 63 17.95 -4.25 -12.80
N ALA B 64 17.25 -4.04 -11.70
CA ALA B 64 17.88 -3.52 -10.50
C ALA B 64 18.91 -4.48 -9.93
N ARG B 65 18.68 -5.80 -10.08
CA ARG B 65 19.54 -6.79 -9.47
C ARG B 65 20.52 -7.46 -10.44
N GLY B 66 20.45 -7.13 -11.73
CA GLY B 66 21.34 -7.69 -12.70
C GLY B 66 20.73 -7.67 -14.08
N PRO B 67 21.38 -8.31 -15.04
CA PRO B 67 20.81 -8.40 -16.39
C PRO B 67 19.42 -9.02 -16.34
N MET B 68 18.61 -8.66 -17.34
CA MET B 68 17.28 -9.25 -17.42
C MET B 68 17.37 -10.66 -18.00
N LYS B 69 16.36 -11.46 -17.70
CA LYS B 69 16.36 -12.89 -18.01
C LYS B 69 14.92 -13.25 -18.38
N GLY B 70 14.76 -14.04 -19.44
CA GLY B 70 13.42 -14.50 -19.77
C GLY B 70 13.24 -15.16 -21.12
N GLY B 71 12.19 -15.96 -21.26
CA GLY B 71 12.03 -16.78 -22.44
C GLY B 71 11.54 -16.00 -23.64
N ILE B 72 11.58 -16.68 -24.78
CA ILE B 72 11.06 -16.18 -26.05
C ILE B 72 9.98 -17.14 -26.54
N ARG B 73 8.76 -16.65 -26.69
CA ARG B 73 7.64 -17.48 -27.09
C ARG B 73 7.32 -17.21 -28.56
N TYR B 74 7.33 -18.28 -29.36
CA TYR B 74 6.77 -18.26 -30.72
C TYR B 74 5.38 -18.84 -30.57
N HIS B 75 4.39 -17.96 -30.55
CA HIS B 75 3.02 -18.36 -30.25
C HIS B 75 2.14 -17.22 -30.72
N PRO B 76 0.96 -17.49 -31.26
CA PRO B 76 0.12 -16.40 -31.80
C PRO B 76 -0.56 -15.56 -30.73
N GLU B 77 -0.72 -16.03 -29.50
CA GLU B 77 -1.44 -15.29 -28.46
C GLU B 77 -0.44 -14.40 -27.71
N VAL B 78 -0.60 -13.09 -27.84
CA VAL B 78 0.42 -12.17 -27.36
C VAL B 78 -0.19 -11.01 -26.57
N ASP B 79 -1.21 -11.28 -25.75
CA ASP B 79 -1.83 -10.24 -24.95
C ASP B 79 -0.78 -9.43 -24.16
N PRO B 80 -0.75 -8.11 -24.32
CA PRO B 80 0.31 -7.32 -23.67
C PRO B 80 0.30 -7.43 -22.15
N ASP B 81 -0.88 -7.52 -21.53
CA ASP B 81 -0.93 -7.59 -20.08
C ASP B 81 -0.38 -8.91 -19.57
N GLU B 82 -0.70 -10.02 -20.24
CA GLU B 82 -0.16 -11.31 -19.85
C GLU B 82 1.35 -11.31 -19.95
N VAL B 83 1.88 -10.87 -21.10
CA VAL B 83 3.33 -10.83 -21.29
C VAL B 83 4.00 -9.93 -20.26
N ASN B 84 3.39 -8.78 -19.94
CA ASN B 84 3.95 -7.93 -18.89
C ASN B 84 3.96 -8.65 -17.55
N ALA B 85 2.88 -9.37 -17.23
CA ALA B 85 2.86 -10.11 -15.96
C ALA B 85 3.92 -11.19 -15.93
N LEU B 86 4.16 -11.87 -17.07
CA LEU B 86 5.17 -12.92 -17.09
C LEU B 86 6.56 -12.34 -16.88
N ALA B 87 6.85 -11.20 -17.52
CA ALA B 87 8.14 -10.55 -17.29
C ALA B 87 8.27 -10.13 -15.84
N GLN B 88 7.20 -9.55 -15.27
CA GLN B 88 7.22 -9.13 -13.86
C GLN B 88 7.38 -10.31 -12.92
N LEU B 89 6.70 -11.44 -13.19
CA LEU B 89 6.88 -12.63 -12.36
C LEU B 89 8.32 -13.12 -12.38
N MET B 90 8.98 -13.07 -13.54
CA MET B 90 10.39 -13.41 -13.63
C MET B 90 11.23 -12.58 -12.65
N THR B 91 10.96 -11.29 -12.54
CA THR B 91 11.73 -10.44 -11.65
C THR B 91 11.64 -10.92 -10.21
N TRP B 92 10.41 -11.29 -9.77
CA TRP B 92 10.24 -11.79 -8.42
C TRP B 92 10.86 -13.16 -8.25
N LYS B 93 10.72 -14.02 -9.28
CA LYS B 93 11.23 -15.39 -9.20
C LYS B 93 12.76 -15.44 -9.09
N THR B 94 13.47 -14.68 -9.96
CA THR B 94 14.93 -14.66 -9.86
C THR B 94 15.40 -14.14 -8.49
N ALA B 95 14.65 -13.17 -7.93
CA ALA B 95 14.96 -12.63 -6.61
C ALA B 95 14.74 -13.66 -5.52
N VAL B 96 13.72 -14.49 -5.65
CA VAL B 96 13.37 -15.45 -4.60
C VAL B 96 14.53 -16.42 -4.39
N VAL B 97 15.15 -16.90 -5.47
CA VAL B 97 16.26 -17.84 -5.32
C VAL B 97 17.62 -17.13 -5.33
N ASP B 98 17.59 -15.81 -5.31
CA ASP B 98 18.80 -15.01 -5.15
C ASP B 98 19.78 -15.17 -6.31
N ILE B 99 19.27 -15.23 -7.53
CA ILE B 99 20.17 -15.20 -8.66
C ILE B 99 20.18 -13.78 -9.22
N PRO B 100 21.32 -13.29 -9.71
CA PRO B 100 21.51 -11.86 -10.07
C PRO B 100 20.97 -11.53 -11.45
N TYR B 101 19.64 -11.59 -11.55
CA TYR B 101 18.92 -11.26 -12.76
C TYR B 101 17.68 -10.43 -12.42
N GLY B 102 17.21 -9.69 -13.43
CA GLY B 102 15.85 -9.22 -13.46
C GLY B 102 15.02 -10.05 -14.41
N GLY B 103 13.78 -9.61 -14.60
CA GLY B 103 12.81 -10.37 -15.36
C GLY B 103 12.52 -9.72 -16.70
N ALA B 104 12.35 -10.54 -17.71
CA ALA B 104 11.95 -10.08 -19.02
C ALA B 104 11.18 -11.23 -19.69
N LYS B 105 10.49 -10.90 -20.78
CA LYS B 105 9.74 -11.87 -21.55
C LYS B 105 9.54 -11.32 -22.96
N GLY B 106 9.74 -12.15 -23.96
CA GLY B 106 9.59 -11.73 -25.34
C GLY B 106 9.00 -12.83 -26.21
N GLY B 107 8.92 -12.55 -27.49
CA GLY B 107 8.48 -13.56 -28.42
C GLY B 107 8.10 -12.98 -29.78
N ILE B 108 7.52 -13.83 -30.60
CA ILE B 108 7.02 -13.43 -31.90
C ILE B 108 5.63 -14.01 -32.05
N GLY B 109 4.67 -13.17 -32.40
CA GLY B 109 3.32 -13.61 -32.66
C GLY B 109 3.21 -14.32 -33.99
N CYS B 110 3.37 -15.63 -33.93
CA CYS B 110 3.37 -16.50 -35.11
C CYS B 110 3.02 -17.89 -34.62
N ASN B 111 2.61 -18.73 -35.55
CA ASN B 111 2.39 -20.15 -35.27
C ASN B 111 3.54 -20.93 -35.88
N PRO B 112 4.47 -21.45 -35.08
CA PRO B 112 5.65 -22.11 -35.65
C PRO B 112 5.28 -23.30 -36.52
N LYS B 113 4.17 -23.98 -36.24
CA LYS B 113 3.80 -25.12 -37.06
C LYS B 113 3.49 -24.72 -38.50
N ASP B 114 3.21 -23.45 -38.76
CA ASP B 114 2.98 -22.99 -40.13
C ASP B 114 4.27 -22.67 -40.88
N LEU B 115 5.43 -22.79 -40.24
CA LEU B 115 6.70 -22.36 -40.80
C LEU B 115 7.65 -23.54 -40.95
N SER B 116 8.38 -23.58 -42.07
CA SER B 116 9.41 -24.60 -42.24
C SER B 116 10.60 -24.29 -41.33
N ILE B 117 11.49 -25.28 -41.21
CA ILE B 117 12.65 -25.12 -40.34
C ILE B 117 13.57 -24.00 -40.85
N SER B 118 13.67 -23.82 -42.17
CA SER B 118 14.52 -22.73 -42.67
C SER B 118 13.83 -21.39 -42.53
N GLU B 119 12.50 -21.35 -42.64
CA GLU B 119 11.76 -20.11 -42.36
C GLU B 119 11.87 -19.74 -40.89
N LEU B 120 11.81 -20.72 -39.99
CA LEU B 120 11.97 -20.44 -38.57
C LEU B 120 13.37 -19.90 -38.27
N GLU B 121 14.39 -20.40 -38.99
CA GLU B 121 15.73 -19.89 -38.79
C GLU B 121 15.85 -18.44 -39.25
N ARG B 122 15.36 -18.13 -40.45
CA ARG B 122 15.45 -16.76 -40.94
C ARG B 122 14.70 -15.81 -40.02
N LEU B 123 13.53 -16.23 -39.54
CA LEU B 123 12.75 -15.42 -38.62
C LEU B 123 13.52 -15.16 -37.33
N THR B 124 14.16 -16.20 -36.78
CA THR B 124 14.95 -16.04 -35.57
C THR B 124 16.13 -15.12 -35.83
N ARG B 125 16.76 -15.27 -36.98
CA ARG B 125 17.90 -14.41 -37.25
C ARG B 125 17.45 -12.96 -37.44
N VAL B 126 16.31 -12.73 -38.10
CA VAL B 126 15.80 -11.37 -38.30
C VAL B 126 15.40 -10.75 -36.96
N PHE B 127 14.71 -11.52 -36.11
CA PHE B 127 14.38 -11.01 -34.77
C PHE B 127 15.63 -10.58 -34.02
N THR B 128 16.68 -11.41 -34.07
CA THR B 128 17.93 -11.08 -33.42
C THR B 128 18.52 -9.79 -34.00
N GLN B 129 18.45 -9.62 -35.32
CA GLN B 129 18.95 -8.38 -35.90
C GLN B 129 18.21 -7.18 -35.36
N LYS B 130 16.91 -7.33 -35.09
CA LYS B 130 16.11 -6.20 -34.65
C LYS B 130 16.26 -5.89 -33.18
N ILE B 131 16.81 -6.81 -32.39
CA ILE B 131 16.88 -6.56 -30.96
C ILE B 131 18.31 -6.73 -30.42
N HIS B 132 19.28 -6.92 -31.31
CA HIS B 132 20.62 -7.23 -30.81
C HIS B 132 21.16 -6.13 -29.91
N ASP B 133 20.79 -4.88 -30.19
CA ASP B 133 21.26 -3.77 -29.39
C ASP B 133 20.55 -3.66 -28.04
N LEU B 134 19.48 -4.43 -27.80
CA LEU B 134 18.68 -4.37 -26.58
C LEU B 134 18.93 -5.53 -25.63
N ILE B 135 19.62 -6.56 -26.08
CA ILE B 135 19.95 -7.70 -25.24
C ILE B 135 21.46 -7.71 -25.08
N GLY B 136 22.00 -8.70 -24.38
CA GLY B 136 23.44 -8.82 -24.20
C GLY B 136 23.78 -9.56 -22.92
N ILE B 137 25.01 -10.08 -22.87
CA ILE B 137 25.41 -10.96 -21.78
C ILE B 137 25.23 -10.30 -20.43
N HIS B 138 25.33 -8.96 -20.36
CA HIS B 138 25.12 -8.27 -19.10
C HIS B 138 23.93 -7.33 -19.14
N ARG B 139 23.03 -7.52 -20.11
CA ARG B 139 21.89 -6.65 -20.32
C ARG B 139 20.58 -7.43 -20.28
N ASP B 140 20.43 -8.46 -21.12
CA ASP B 140 19.20 -9.26 -21.19
C ASP B 140 19.52 -10.57 -21.90
N VAL B 141 19.25 -11.69 -21.25
CA VAL B 141 19.68 -13.01 -21.70
C VAL B 141 18.44 -13.86 -21.97
N PRO B 142 18.04 -14.01 -23.23
CA PRO B 142 16.84 -14.80 -23.54
C PRO B 142 17.05 -16.29 -23.29
N ALA B 143 15.95 -17.02 -23.43
CA ALA B 143 15.92 -18.44 -23.12
C ALA B 143 14.79 -19.08 -23.91
N PRO B 144 14.77 -20.40 -24.05
CA PRO B 144 13.65 -21.06 -24.75
C PRO B 144 12.34 -20.89 -24.00
N ASP B 145 11.24 -21.05 -24.73
CA ASP B 145 9.92 -20.96 -24.15
C ASP B 145 8.94 -21.69 -25.10
N MET B 146 7.63 -21.41 -24.97
CA MET B 146 6.65 -21.99 -25.90
C MET B 146 7.07 -21.73 -27.35
N GLY B 147 7.24 -22.81 -28.11
CA GLY B 147 7.51 -22.73 -29.52
C GLY B 147 8.96 -22.50 -29.90
N THR B 148 9.87 -22.39 -28.94
CA THR B 148 11.29 -22.28 -29.22
C THR B 148 12.00 -23.36 -28.42
N ASN B 149 13.25 -23.65 -28.79
CA ASN B 149 14.00 -24.74 -28.17
C ASN B 149 15.49 -24.45 -28.30
N SER B 150 16.32 -25.46 -28.01
CA SER B 150 17.76 -25.22 -28.00
C SER B 150 18.29 -24.92 -29.40
N GLN B 151 17.64 -25.44 -30.44
CA GLN B 151 18.03 -25.04 -31.80
C GLN B 151 17.75 -23.56 -32.05
N THR B 152 16.63 -23.05 -31.55
CA THR B 152 16.36 -21.62 -31.67
C THR B 152 17.47 -20.78 -31.03
N MET B 153 17.93 -21.20 -29.84
CA MET B 153 18.96 -20.45 -29.14
C MET B 153 20.28 -20.45 -29.92
N ALA B 154 20.60 -21.56 -30.58
CA ALA B 154 21.79 -21.60 -31.43
C ALA B 154 21.73 -20.55 -32.53
N TRP B 155 20.57 -20.35 -33.16
CA TRP B 155 20.46 -19.34 -34.20
C TRP B 155 20.62 -17.94 -33.61
N ILE B 156 20.04 -17.69 -32.44
CA ILE B 156 20.18 -16.37 -31.82
C ILE B 156 21.65 -16.10 -31.55
N LEU B 157 22.32 -17.08 -30.92
CA LEU B 157 23.74 -16.96 -30.62
C LEU B 157 24.56 -16.64 -31.87
N ASP B 158 24.32 -17.40 -32.94
CA ASP B 158 25.12 -17.24 -34.15
C ASP B 158 24.89 -15.87 -34.77
N GLU B 159 23.64 -15.41 -34.80
CA GLU B 159 23.37 -14.10 -35.40
C GLU B 159 23.85 -12.98 -34.48
N TYR B 160 23.58 -13.10 -33.17
CA TYR B 160 24.03 -12.08 -32.22
C TYR B 160 25.54 -11.92 -32.30
N SER B 161 26.25 -13.02 -32.49
CA SER B 161 27.71 -12.97 -32.49
C SER B 161 28.28 -12.23 -33.68
N LYS B 162 27.54 -12.11 -34.78
CA LYS B 162 28.01 -11.27 -35.88
C LYS B 162 28.13 -9.80 -35.46
N PHE B 163 27.23 -9.33 -34.57
CA PHE B 163 27.22 -7.93 -34.19
C PHE B 163 28.13 -7.60 -33.02
N HIS B 164 28.42 -8.57 -32.15
CA HIS B 164 29.15 -8.26 -30.92
C HIS B 164 30.23 -9.27 -30.63
N GLY B 165 30.59 -10.13 -31.59
CA GLY B 165 31.54 -11.19 -31.36
C GLY B 165 30.95 -12.39 -30.65
N HIS B 166 31.69 -13.49 -30.72
CA HIS B 166 31.29 -14.76 -30.09
C HIS B 166 30.80 -14.53 -28.66
N SER B 167 29.53 -14.73 -28.37
CA SER B 167 28.95 -14.38 -27.07
C SER B 167 28.07 -15.49 -26.52
N PRO B 168 28.66 -16.62 -26.12
CA PRO B 168 27.85 -17.77 -25.67
C PRO B 168 26.92 -17.45 -24.50
N ALA B 169 27.23 -16.45 -23.68
CA ALA B 169 26.38 -16.14 -22.53
C ALA B 169 25.18 -15.27 -22.88
N VAL B 170 25.01 -14.83 -24.13
CA VAL B 170 23.87 -13.97 -24.44
C VAL B 170 22.55 -14.74 -24.39
N VAL B 171 22.59 -16.06 -24.35
CA VAL B 171 21.39 -16.88 -24.39
C VAL B 171 21.66 -18.14 -23.57
N THR B 172 20.64 -18.65 -22.86
CA THR B 172 20.76 -19.93 -22.17
C THR B 172 19.88 -20.96 -22.87
N GLY B 173 19.90 -22.19 -22.37
CA GLY B 173 19.22 -23.26 -23.05
C GLY B 173 19.88 -23.66 -24.35
N LYS B 174 21.17 -23.41 -24.51
CA LYS B 174 21.87 -23.73 -25.75
C LYS B 174 22.06 -25.25 -25.90
N PRO B 175 22.26 -25.72 -27.12
CA PRO B 175 22.74 -27.11 -27.30
C PRO B 175 24.05 -27.32 -26.57
N ILE B 176 24.25 -28.53 -26.04
CA ILE B 176 25.49 -28.81 -25.31
C ILE B 176 26.71 -28.48 -26.17
N ASP B 177 26.65 -28.80 -27.46
CA ASP B 177 27.78 -28.58 -28.36
C ASP B 177 28.16 -27.10 -28.49
N LEU B 178 27.29 -26.18 -28.07
CA LEU B 178 27.52 -24.75 -28.22
C LEU B 178 27.54 -24.05 -26.86
N GLY B 179 27.95 -24.75 -25.82
CA GLY B 179 28.10 -24.12 -24.53
C GLY B 179 26.94 -24.32 -23.59
N GLY B 180 26.01 -25.21 -23.92
CA GLY B 180 24.95 -25.53 -22.98
C GLY B 180 25.47 -26.28 -21.77
N SER B 181 24.72 -26.21 -20.70
CA SER B 181 25.08 -26.77 -19.41
C SER B 181 24.57 -28.21 -19.29
N LEU B 182 25.34 -29.03 -18.58
CA LEU B 182 24.81 -30.29 -18.10
C LEU B 182 23.71 -30.02 -17.06
N GLY B 183 22.86 -31.02 -16.86
CA GLY B 183 21.86 -31.00 -15.82
C GLY B 183 20.59 -30.23 -16.10
N ARG B 184 20.37 -29.75 -17.33
CA ARG B 184 19.19 -28.94 -17.56
C ARG B 184 17.91 -29.78 -17.54
N GLU B 185 17.95 -30.97 -18.13
CA GLU B 185 16.77 -31.82 -18.21
C GLU B 185 16.18 -32.08 -16.83
N ALA B 186 16.99 -32.59 -15.91
CA ALA B 186 16.53 -32.95 -14.57
C ALA B 186 16.30 -31.75 -13.65
N ALA B 187 16.71 -30.54 -14.04
CA ALA B 187 16.88 -29.44 -13.10
C ALA B 187 15.59 -29.09 -12.35
N THR B 188 14.49 -28.93 -13.06
CA THR B 188 13.27 -28.51 -12.37
C THR B 188 12.76 -29.61 -11.44
N GLY B 189 12.65 -30.84 -11.94
CA GLY B 189 12.14 -31.92 -11.11
C GLY B 189 13.04 -32.17 -9.93
N LEU B 190 14.34 -32.15 -10.17
CA LEU B 190 15.29 -32.34 -9.08
C LEU B 190 15.22 -31.17 -8.09
N GLY B 191 15.06 -29.94 -8.60
CA GLY B 191 14.92 -28.82 -7.69
C GLY B 191 13.70 -28.95 -6.81
N VAL B 192 12.60 -29.46 -7.37
CA VAL B 192 11.40 -29.72 -6.57
C VAL B 192 11.73 -30.63 -5.40
N VAL B 193 12.56 -31.64 -5.63
CA VAL B 193 12.86 -32.57 -4.55
C VAL B 193 13.79 -31.93 -3.53
N PHE B 194 14.77 -31.13 -3.99
CA PHE B 194 15.63 -30.40 -3.06
C PHE B 194 14.79 -29.47 -2.19
N ALA B 195 13.88 -28.73 -2.82
CA ALA B 195 13.00 -27.85 -2.07
C ALA B 195 12.20 -28.64 -1.05
N THR B 196 11.67 -29.80 -1.45
CA THR B 196 10.88 -30.62 -0.54
C THR B 196 11.72 -31.18 0.60
N GLU B 197 12.95 -31.64 0.31
CA GLU B 197 13.84 -32.08 1.38
C GLU B 197 14.01 -30.99 2.44
N ALA B 198 14.26 -29.75 2.01
CA ALA B 198 14.44 -28.66 2.96
C ALA B 198 13.17 -28.41 3.76
N LEU B 199 12.00 -28.46 3.11
CA LEU B 199 10.75 -28.31 3.86
C LEU B 199 10.58 -29.40 4.92
N PHE B 200 10.81 -30.65 4.55
CA PHE B 200 10.53 -31.71 5.51
C PHE B 200 11.50 -31.69 6.69
N ALA B 201 12.72 -31.18 6.48
CA ALA B 201 13.70 -31.07 7.56
C ALA B 201 13.22 -30.15 8.68
N GLU B 202 12.39 -29.17 8.37
CA GLU B 202 11.80 -28.33 9.41
C GLU B 202 10.98 -29.14 10.40
N TYR B 203 10.44 -30.28 9.98
CA TYR B 203 9.70 -31.19 10.84
C TYR B 203 10.55 -32.36 11.31
N GLY B 204 11.87 -32.30 11.10
CA GLY B 204 12.71 -33.44 11.39
C GLY B 204 12.39 -34.70 10.58
N LYS B 205 11.76 -34.54 9.41
CA LYS B 205 11.33 -35.67 8.60
C LYS B 205 12.12 -35.75 7.31
N SER B 206 12.02 -36.89 6.66
CA SER B 206 12.72 -37.13 5.41
C SER B 206 11.75 -37.47 4.30
N ILE B 207 12.23 -37.42 3.06
CA ILE B 207 11.37 -37.87 1.97
C ILE B 207 10.97 -39.33 2.19
N SER B 208 11.88 -40.15 2.77
CA SER B 208 11.53 -41.56 2.95
C SER B 208 10.41 -41.76 3.98
N ASP B 209 10.02 -40.73 4.73
CA ASP B 209 8.89 -40.89 5.64
C ASP B 209 7.51 -40.72 4.98
N MET B 210 7.44 -40.26 3.72
CA MET B 210 6.22 -39.74 3.12
C MET B 210 5.73 -40.58 1.94
N THR B 211 4.43 -40.47 1.68
CA THR B 211 3.85 -40.94 0.44
C THR B 211 3.49 -39.74 -0.44
N PHE B 212 3.54 -39.94 -1.76
CA PHE B 212 3.45 -38.87 -2.73
C PHE B 212 2.47 -39.25 -3.83
N ALA B 213 1.63 -38.30 -4.22
CA ALA B 213 0.80 -38.41 -5.41
C ALA B 213 1.23 -37.30 -6.36
N ILE B 214 1.48 -37.68 -7.59
CA ILE B 214 2.07 -36.78 -8.57
C ILE B 214 1.09 -36.65 -9.72
N GLN B 215 0.68 -35.43 -10.00
CA GLN B 215 -0.18 -35.12 -11.13
C GLN B 215 0.70 -34.61 -12.25
N GLY B 216 0.76 -35.35 -13.34
CA GLY B 216 1.63 -34.98 -14.43
C GLY B 216 2.87 -35.84 -14.46
N PHE B 217 3.26 -36.28 -15.65
CA PHE B 217 4.38 -37.19 -15.76
C PHE B 217 5.16 -36.85 -17.02
N GLY B 218 5.47 -35.58 -17.20
CA GLY B 218 6.32 -35.05 -18.25
C GLY B 218 7.72 -34.73 -17.75
N ASN B 219 8.30 -33.64 -18.26
CA ASN B 219 9.67 -33.35 -17.86
C ASN B 219 9.78 -33.09 -16.36
N VAL B 220 8.82 -32.40 -15.76
CA VAL B 220 8.92 -32.15 -14.32
C VAL B 220 8.57 -33.42 -13.53
N GLY B 221 7.42 -34.04 -13.85
CA GLY B 221 6.93 -35.15 -13.06
C GLY B 221 7.84 -36.36 -13.09
N THR B 222 8.39 -36.70 -14.27
CA THR B 222 9.23 -37.88 -14.38
C THR B 222 10.48 -37.74 -13.52
N TRP B 223 11.14 -36.58 -13.58
CA TRP B 223 12.37 -36.39 -12.80
C TRP B 223 12.09 -36.25 -11.31
N ALA B 224 11.04 -35.50 -10.95
CA ALA B 224 10.70 -35.43 -9.53
C ALA B 224 10.41 -36.83 -8.99
N ALA B 225 9.57 -37.60 -9.70
CA ALA B 225 9.27 -38.96 -9.27
C ALA B 225 10.54 -39.79 -9.11
N LYS B 226 11.45 -39.69 -10.09
CA LYS B 226 12.69 -40.45 -10.00
C LYS B 226 13.49 -40.05 -8.77
N ALA B 227 13.59 -38.74 -8.54
CA ALA B 227 14.39 -38.25 -7.43
C ALA B 227 13.74 -38.60 -6.08
N ILE B 228 12.40 -38.62 -6.01
CA ILE B 228 11.73 -39.06 -4.80
C ILE B 228 11.97 -40.53 -4.59
N PHE B 229 11.80 -41.32 -5.66
CA PHE B 229 11.94 -42.77 -5.56
C PHE B 229 13.33 -43.15 -5.11
N GLU B 230 14.36 -42.48 -5.63
CA GLU B 230 15.73 -42.83 -5.27
C GLU B 230 16.08 -42.40 -3.86
N ARG B 231 15.31 -41.51 -3.24
CA ARG B 231 15.53 -41.12 -1.86
C ARG B 231 14.60 -41.86 -0.91
N GLY B 232 13.95 -42.92 -1.38
CA GLY B 232 13.12 -43.75 -0.52
C GLY B 232 11.70 -43.29 -0.32
N GLY B 233 11.25 -42.23 -0.97
CA GLY B 233 9.85 -41.88 -0.87
C GLY B 233 8.96 -42.91 -1.55
N LYS B 234 7.69 -42.95 -1.16
CA LYS B 234 6.70 -43.84 -1.77
C LYS B 234 5.80 -43.02 -2.68
N VAL B 235 5.90 -43.26 -3.98
CA VAL B 235 5.03 -42.62 -4.97
C VAL B 235 3.84 -43.54 -5.16
N VAL B 236 2.69 -43.16 -4.59
CA VAL B 236 1.54 -44.04 -4.55
C VAL B 236 0.56 -43.78 -5.69
N ALA B 237 0.71 -42.68 -6.42
CA ALA B 237 -0.22 -42.38 -7.49
C ALA B 237 0.45 -41.43 -8.47
N VAL B 238 0.26 -41.70 -9.76
CA VAL B 238 0.79 -40.87 -10.83
C VAL B 238 -0.28 -40.76 -11.90
N SER B 239 -0.55 -39.55 -12.38
CA SER B 239 -1.48 -39.37 -13.49
C SER B 239 -0.82 -38.53 -14.57
N ASP B 240 -1.38 -38.62 -15.78
CA ASP B 240 -1.06 -37.66 -16.82
C ASP B 240 -2.37 -37.45 -17.59
N ILE B 241 -2.30 -36.91 -18.81
CA ILE B 241 -3.55 -36.49 -19.42
C ILE B 241 -4.42 -37.67 -19.86
N ASN B 242 -3.88 -38.89 -19.95
CA ASN B 242 -4.66 -40.01 -20.48
C ASN B 242 -5.08 -41.02 -19.43
N GLY B 243 -4.55 -40.98 -18.21
CA GLY B 243 -4.88 -42.00 -17.24
C GLY B 243 -4.02 -41.85 -16.00
N ALA B 244 -4.14 -42.83 -15.13
CA ALA B 244 -3.50 -42.74 -13.82
C ALA B 244 -3.31 -44.15 -13.29
N ILE B 245 -2.38 -44.26 -12.35
CA ILE B 245 -1.99 -45.54 -11.79
C ILE B 245 -1.79 -45.35 -10.29
N SER B 246 -2.14 -46.37 -9.52
CA SER B 246 -2.13 -46.26 -8.08
C SER B 246 -1.45 -47.47 -7.44
N ASN B 247 -0.68 -47.22 -6.39
CA ASN B 247 -0.16 -48.34 -5.61
C ASN B 247 0.20 -47.83 -4.23
N PRO B 248 -0.61 -48.09 -3.22
CA PRO B 248 -0.31 -47.56 -1.88
C PRO B 248 0.99 -48.11 -1.26
N ASN B 249 1.58 -49.19 -1.81
CA ASN B 249 2.89 -49.69 -1.39
C ASN B 249 4.06 -48.88 -1.94
N GLY B 250 3.82 -48.00 -2.91
CA GLY B 250 4.89 -47.35 -3.64
C GLY B 250 4.94 -47.90 -5.05
N ILE B 251 4.84 -47.05 -6.05
CA ILE B 251 5.03 -47.51 -7.43
C ILE B 251 6.53 -47.64 -7.68
N ASP B 252 6.95 -48.73 -8.33
CA ASP B 252 8.33 -48.88 -8.79
C ASP B 252 8.60 -47.88 -9.92
N ILE B 253 9.16 -46.73 -9.58
CA ILE B 253 9.28 -45.64 -10.54
C ILE B 253 10.26 -45.98 -11.65
N ALA B 254 11.33 -46.70 -11.32
CA ALA B 254 12.26 -47.12 -12.36
C ALA B 254 11.52 -47.90 -13.44
N ALA B 255 10.64 -48.83 -13.04
CA ALA B 255 9.84 -49.58 -14.01
C ALA B 255 8.82 -48.69 -14.71
N LEU B 256 8.21 -47.74 -13.98
CA LEU B 256 7.24 -46.85 -14.62
C LEU B 256 7.93 -45.99 -15.67
N LEU B 257 9.14 -45.51 -15.39
CA LEU B 257 9.89 -44.73 -16.37
C LEU B 257 10.24 -45.58 -17.60
N LYS B 258 10.62 -46.85 -17.39
CA LYS B 258 10.83 -47.72 -18.54
C LYS B 258 9.55 -47.88 -19.33
N HIS B 259 8.45 -48.12 -18.64
CA HIS B 259 7.16 -48.24 -19.30
C HIS B 259 6.87 -47.01 -20.13
N LYS B 260 7.09 -45.81 -19.56
CA LYS B 260 6.84 -44.57 -20.31
C LYS B 260 7.75 -44.45 -21.51
N ALA B 261 9.04 -44.77 -21.34
CA ALA B 261 10.00 -44.67 -22.44
C ALA B 261 9.67 -45.64 -23.57
N GLY B 262 9.00 -46.76 -23.27
CA GLY B 262 8.58 -47.74 -24.27
C GLY B 262 7.21 -47.46 -24.85
N ASN B 263 6.80 -46.19 -24.84
CA ASN B 263 5.52 -45.75 -25.39
C ASN B 263 4.34 -46.30 -24.60
N GLY B 264 4.50 -46.54 -23.31
CA GLY B 264 3.39 -47.02 -22.52
C GLY B 264 2.57 -45.93 -21.85
N SER B 265 1.34 -46.27 -21.56
CA SER B 265 0.38 -45.40 -20.90
C SER B 265 0.25 -45.80 -19.44
N LEU B 266 0.06 -44.78 -18.59
CA LEU B 266 0.03 -45.01 -17.15
C LEU B 266 -1.00 -46.06 -16.76
N LYS B 267 -2.15 -46.08 -17.45
CA LYS B 267 -3.23 -46.96 -17.02
C LYS B 267 -2.94 -48.41 -17.36
N ASP B 268 -2.02 -48.66 -18.29
CA ASP B 268 -1.62 -50.01 -18.66
C ASP B 268 -0.40 -50.52 -17.90
N PHE B 269 0.15 -49.74 -16.97
CA PHE B 269 1.25 -50.25 -16.17
C PHE B 269 0.73 -51.36 -15.26
N SER B 270 1.45 -52.48 -15.18
CA SER B 270 0.96 -53.61 -14.39
C SER B 270 1.32 -53.51 -12.90
N GLY B 271 2.24 -52.62 -12.51
CA GLY B 271 2.64 -52.53 -11.11
C GLY B 271 1.77 -51.64 -10.25
N GLY B 272 0.50 -51.54 -10.61
CA GLY B 272 -0.47 -50.76 -9.84
C GLY B 272 -1.86 -51.01 -10.38
N ASP B 273 -2.83 -50.31 -9.80
CA ASP B 273 -4.21 -50.40 -10.24
C ASP B 273 -4.55 -49.16 -11.04
N ALA B 274 -5.16 -49.34 -12.21
CA ALA B 274 -5.59 -48.21 -13.02
C ALA B 274 -6.61 -47.39 -12.23
N MET B 275 -6.56 -46.09 -12.44
CA MET B 275 -7.26 -45.11 -11.63
C MET B 275 -7.88 -44.06 -12.54
N ASN B 276 -8.94 -43.44 -12.06
CA ASN B 276 -9.47 -42.30 -12.77
C ASN B 276 -8.54 -41.12 -12.51
N PRO B 277 -7.98 -40.47 -13.55
CA PRO B 277 -7.07 -39.34 -13.29
C PRO B 277 -7.72 -38.25 -12.47
N ASN B 278 -9.05 -38.14 -12.55
CA ASN B 278 -9.79 -37.15 -11.79
C ASN B 278 -9.80 -37.42 -10.30
N ASP B 279 -9.33 -38.59 -9.88
CA ASP B 279 -9.23 -38.87 -8.45
C ASP B 279 -7.84 -38.61 -7.91
N LEU B 280 -6.88 -38.23 -8.76
CA LEU B 280 -5.53 -38.16 -8.23
C LEU B 280 -5.39 -37.07 -7.19
N LEU B 281 -6.09 -35.96 -7.34
CA LEU B 281 -5.85 -34.87 -6.42
C LEU B 281 -6.44 -35.17 -5.07
N VAL B 282 -7.44 -36.04 -5.01
CA VAL B 282 -8.03 -36.46 -3.75
C VAL B 282 -7.52 -37.82 -3.28
N HIS B 283 -6.47 -38.34 -3.90
CA HIS B 283 -5.91 -39.61 -3.45
C HIS B 283 -5.38 -39.49 -2.01
N ASP B 284 -5.27 -40.62 -1.32
CA ASP B 284 -4.77 -40.63 0.05
C ASP B 284 -3.24 -40.72 0.05
N CYS B 285 -2.59 -39.63 0.42
CA CYS B 285 -1.14 -39.49 0.42
C CYS B 285 -0.79 -38.42 1.46
N ASP B 286 0.50 -38.32 1.79
CA ASP B 286 0.95 -37.20 2.63
C ASP B 286 1.20 -35.97 1.79
N VAL B 287 1.77 -36.14 0.60
CA VAL B 287 2.25 -35.05 -0.23
C VAL B 287 1.62 -35.15 -1.61
N LEU B 288 1.09 -34.05 -2.08
CA LEU B 288 0.51 -33.90 -3.40
C LEU B 288 1.42 -32.98 -4.24
N ILE B 289 1.77 -33.42 -5.43
CA ILE B 289 2.64 -32.59 -6.26
C ILE B 289 1.97 -32.36 -7.62
N PRO B 290 1.25 -31.26 -7.80
CA PRO B 290 0.78 -30.91 -9.16
C PRO B 290 1.95 -30.54 -10.05
N CYS B 291 2.13 -31.29 -11.14
CA CYS B 291 3.22 -31.10 -12.10
C CYS B 291 2.69 -31.03 -13.52
N ALA B 292 1.43 -30.68 -13.70
CA ALA B 292 0.82 -30.78 -15.03
C ALA B 292 0.46 -29.38 -15.52
N LEU B 293 -0.54 -28.74 -14.94
CA LEU B 293 -1.06 -27.49 -15.47
C LEU B 293 -1.63 -26.70 -14.30
N GLY B 294 -2.02 -25.45 -14.57
CA GLY B 294 -2.57 -24.61 -13.52
C GLY B 294 -4.07 -24.74 -13.34
N GLY B 295 -4.54 -24.22 -12.21
CA GLY B 295 -5.97 -24.21 -11.89
C GLY B 295 -6.60 -25.55 -11.61
N VAL B 296 -5.82 -26.55 -11.17
CA VAL B 296 -6.40 -27.85 -10.91
C VAL B 296 -7.03 -27.96 -9.52
N LEU B 297 -6.61 -27.13 -8.58
CA LEU B 297 -7.18 -27.11 -7.23
C LEU B 297 -8.06 -25.87 -7.11
N ASN B 298 -9.37 -26.08 -6.93
CA ASN B 298 -10.31 -24.97 -6.81
C ASN B 298 -11.28 -25.27 -5.67
N LYS B 299 -12.33 -24.45 -5.53
CA LYS B 299 -13.23 -24.64 -4.39
C LYS B 299 -14.01 -25.95 -4.46
N GLU B 300 -14.17 -26.55 -5.66
CA GLU B 300 -14.96 -27.77 -5.80
C GLU B 300 -14.22 -29.03 -5.36
N ASN B 301 -12.90 -29.06 -5.36
CA ASN B 301 -12.21 -30.25 -4.91
C ASN B 301 -11.26 -30.02 -3.74
N ALA B 302 -11.10 -28.77 -3.29
CA ALA B 302 -10.18 -28.46 -2.19
C ALA B 302 -10.59 -29.13 -0.88
N ASN B 303 -11.89 -29.22 -0.59
CA ASN B 303 -12.29 -29.89 0.66
C ASN B 303 -11.88 -31.35 0.69
N ASP B 304 -11.77 -31.98 -0.47
CA ASP B 304 -11.55 -33.42 -0.53
C ASP B 304 -10.07 -33.80 -0.65
N VAL B 305 -9.19 -32.81 -0.79
CA VAL B 305 -7.76 -33.05 -0.76
C VAL B 305 -7.36 -33.65 0.58
N LYS B 306 -6.55 -34.70 0.55
CA LYS B 306 -6.15 -35.41 1.75
C LYS B 306 -4.72 -35.15 2.19
N ALA B 307 -3.84 -34.74 1.29
CA ALA B 307 -2.45 -34.45 1.61
C ALA B 307 -2.36 -33.44 2.74
N LYS B 308 -1.24 -33.51 3.47
CA LYS B 308 -0.87 -32.44 4.40
C LYS B 308 0.08 -31.41 3.79
N PHE B 309 0.78 -31.80 2.73
CA PHE B 309 1.69 -30.93 2.00
C PHE B 309 1.30 -30.88 0.54
N ILE B 310 1.39 -29.70 -0.06
CA ILE B 310 1.25 -29.57 -1.50
C ILE B 310 2.49 -28.89 -2.03
N ILE B 311 3.21 -29.57 -2.92
CA ILE B 311 4.41 -29.02 -3.55
C ILE B 311 4.01 -28.55 -4.94
N GLU B 312 3.89 -27.22 -5.13
CA GLU B 312 3.42 -26.65 -6.40
C GLU B 312 4.56 -26.67 -7.41
N ALA B 313 4.61 -27.70 -8.24
CA ALA B 313 5.62 -27.69 -9.29
C ALA B 313 5.09 -27.04 -10.56
N ALA B 314 3.84 -27.32 -10.94
CA ALA B 314 3.23 -26.61 -12.05
C ALA B 314 3.04 -25.14 -11.69
N ASN B 315 2.73 -24.32 -12.70
CA ASN B 315 2.50 -22.91 -12.44
C ASN B 315 1.02 -22.71 -12.09
N HIS B 316 0.77 -22.06 -10.96
CA HIS B 316 -0.55 -21.65 -10.50
C HIS B 316 -1.54 -22.80 -10.43
N PRO B 317 -1.21 -23.94 -9.80
CA PRO B 317 -2.21 -25.02 -9.73
C PRO B 317 -3.29 -24.79 -8.69
N THR B 318 -3.10 -23.90 -7.73
CA THR B 318 -4.06 -23.64 -6.65
C THR B 318 -4.65 -22.26 -6.84
N ASP B 319 -5.95 -22.16 -7.06
CA ASP B 319 -6.53 -20.83 -7.16
C ASP B 319 -6.77 -20.27 -5.75
N PRO B 320 -7.07 -18.96 -5.63
CA PRO B 320 -7.16 -18.36 -4.29
C PRO B 320 -8.23 -18.97 -3.41
N ASP B 321 -9.33 -19.44 -3.99
CA ASP B 321 -10.33 -20.16 -3.21
C ASP B 321 -9.74 -21.42 -2.61
N ALA B 322 -9.07 -22.21 -3.45
CA ALA B 322 -8.47 -23.44 -2.94
C ALA B 322 -7.40 -23.14 -1.90
N ASP B 323 -6.57 -22.11 -2.15
CA ASP B 323 -5.54 -21.72 -1.20
C ASP B 323 -6.14 -21.45 0.19
N GLU B 324 -7.18 -20.62 0.25
CA GLU B 324 -7.78 -20.32 1.55
C GLU B 324 -8.36 -21.57 2.19
N ILE B 325 -9.02 -22.40 1.40
CA ILE B 325 -9.64 -23.60 1.96
C ILE B 325 -8.59 -24.54 2.53
N LEU B 326 -7.53 -24.80 1.74
CA LEU B 326 -6.48 -25.71 2.19
C LEU B 326 -5.76 -25.16 3.41
N SER B 327 -5.57 -23.82 3.46
CA SER B 327 -4.89 -23.21 4.61
C SER B 327 -5.66 -23.45 5.89
N LYS B 328 -6.99 -23.30 5.83
CA LYS B 328 -7.79 -23.49 7.04
C LYS B 328 -7.81 -24.94 7.47
N LYS B 329 -7.53 -25.89 6.58
CA LYS B 329 -7.40 -27.29 6.98
C LYS B 329 -6.01 -27.65 7.47
N GLY B 330 -5.09 -26.68 7.59
CA GLY B 330 -3.74 -26.99 8.03
C GLY B 330 -2.81 -27.52 6.97
N VAL B 331 -3.16 -27.42 5.69
CA VAL B 331 -2.29 -27.88 4.61
C VAL B 331 -1.19 -26.85 4.37
N ILE B 332 0.04 -27.34 4.20
CA ILE B 332 1.20 -26.49 3.96
C ILE B 332 1.50 -26.54 2.46
N ILE B 333 1.60 -25.38 1.83
CA ILE B 333 1.76 -25.30 0.38
C ILE B 333 3.08 -24.63 0.07
N LEU B 334 3.99 -25.35 -0.56
CA LEU B 334 5.24 -24.79 -1.03
C LEU B 334 4.99 -24.13 -2.37
N PRO B 335 5.18 -22.82 -2.49
CA PRO B 335 4.65 -22.11 -3.66
C PRO B 335 5.49 -22.34 -4.89
N ASP B 336 4.80 -22.32 -6.02
CA ASP B 336 5.39 -22.58 -7.33
C ASP B 336 6.55 -21.64 -7.63
N VAL B 337 6.41 -20.35 -7.27
CA VAL B 337 7.45 -19.38 -7.60
C VAL B 337 8.80 -19.84 -7.07
N TYR B 338 8.82 -20.57 -5.95
CA TYR B 338 10.05 -21.13 -5.42
C TYR B 338 10.24 -22.59 -5.86
N ALA B 339 9.21 -23.43 -5.72
CA ALA B 339 9.39 -24.89 -5.80
C ALA B 339 9.92 -25.32 -7.16
N ASN B 340 9.51 -24.67 -8.25
CA ASN B 340 9.95 -25.11 -9.58
C ASN B 340 11.12 -24.30 -10.14
N ALA B 341 11.83 -23.56 -9.30
CA ALA B 341 12.85 -22.62 -9.78
C ALA B 341 14.18 -23.28 -10.13
N GLY B 342 14.26 -24.62 -10.02
CA GLY B 342 15.46 -25.31 -10.39
C GLY B 342 15.81 -25.09 -11.83
N GLY B 343 14.79 -24.93 -12.69
CA GLY B 343 15.05 -24.64 -14.08
C GLY B 343 15.74 -23.30 -14.29
N VAL B 344 15.18 -22.22 -13.72
CA VAL B 344 15.82 -20.93 -13.95
C VAL B 344 17.20 -20.88 -13.28
N THR B 345 17.36 -21.60 -12.17
CA THR B 345 18.63 -21.58 -11.45
C THR B 345 19.75 -22.22 -12.26
N VAL B 346 19.51 -23.37 -12.90
CA VAL B 346 20.57 -23.99 -13.71
C VAL B 346 20.83 -23.15 -14.95
N SER B 347 19.81 -22.46 -15.45
CA SER B 347 20.00 -21.54 -16.55
C SER B 347 20.98 -20.43 -16.17
N TYR B 348 20.88 -19.94 -14.93
CA TYR B 348 21.90 -19.07 -14.38
C TYR B 348 23.27 -19.74 -14.38
N PHE B 349 23.34 -21.01 -13.97
CA PHE B 349 24.61 -21.70 -13.95
C PHE B 349 25.20 -21.84 -15.36
N GLU B 350 24.35 -22.08 -16.36
CA GLU B 350 24.83 -22.11 -17.74
C GLU B 350 25.47 -20.77 -18.12
N TRP B 351 24.79 -19.67 -17.79
CA TRP B 351 25.34 -18.34 -18.00
C TRP B 351 26.68 -18.17 -17.27
N VAL B 352 26.73 -18.57 -15.99
CA VAL B 352 27.98 -18.45 -15.24
C VAL B 352 29.10 -19.20 -15.94
N GLN B 353 28.83 -20.44 -16.35
CA GLN B 353 29.82 -21.28 -17.01
C GLN B 353 30.33 -20.65 -18.29
N ASN B 354 29.44 -20.04 -19.08
CA ASN B 354 29.87 -19.39 -20.31
C ASN B 354 30.77 -18.20 -19.98
N ILE B 355 30.36 -17.40 -19.00
CA ILE B 355 31.14 -16.22 -18.63
C ILE B 355 32.48 -16.62 -18.02
N GLN B 356 32.57 -17.79 -17.39
CA GLN B 356 33.84 -18.25 -16.86
C GLN B 356 34.67 -18.99 -17.88
N GLY B 357 34.13 -19.20 -19.08
CA GLY B 357 34.86 -19.89 -20.14
C GLY B 357 35.17 -21.33 -19.86
N PHE B 358 34.40 -22.00 -19.00
CA PHE B 358 34.85 -23.29 -18.47
C PHE B 358 33.62 -24.00 -17.92
N MET B 359 33.30 -25.15 -18.53
CA MET B 359 32.06 -25.85 -18.18
C MET B 359 32.25 -26.68 -16.91
N TRP B 360 31.18 -26.88 -16.18
CA TRP B 360 31.14 -27.70 -14.99
C TRP B 360 30.70 -29.13 -15.35
N ASP B 361 31.12 -30.10 -14.55
CA ASP B 361 30.47 -31.39 -14.72
C ASP B 361 29.13 -31.41 -13.98
N GLU B 362 28.36 -32.47 -14.24
CA GLU B 362 27.00 -32.53 -13.74
C GLU B 362 26.94 -32.63 -12.22
N GLU B 363 27.91 -33.30 -11.61
CA GLU B 363 27.98 -33.34 -10.15
C GLU B 363 28.05 -31.93 -9.57
N LYS B 364 28.84 -31.05 -10.21
CA LYS B 364 29.00 -29.69 -9.73
C LYS B 364 27.72 -28.88 -9.92
N VAL B 365 27.08 -29.02 -11.08
CA VAL B 365 25.79 -28.37 -11.31
C VAL B 365 24.78 -28.75 -10.24
N ASN B 366 24.66 -30.06 -9.94
CA ASN B 366 23.66 -30.48 -8.98
C ASN B 366 24.02 -30.07 -7.56
N GLN B 367 25.30 -30.04 -7.24
CA GLN B 367 25.73 -29.52 -5.94
C GLN B 367 25.34 -28.05 -5.76
N GLU B 368 25.53 -27.23 -6.80
CA GLU B 368 25.17 -25.81 -6.70
C GLU B 368 23.66 -25.64 -6.70
N LEU B 369 22.94 -26.46 -7.47
CA LEU B 369 21.49 -26.39 -7.45
C LEU B 369 20.96 -26.67 -6.07
N LYS B 370 21.50 -27.68 -5.41
CA LYS B 370 21.07 -28.00 -4.05
C LYS B 370 21.38 -26.85 -3.10
N ARG B 371 22.57 -26.26 -3.23
CA ARG B 371 22.91 -25.14 -2.37
C ARG B 371 21.94 -23.98 -2.57
N TYR B 372 21.62 -23.68 -3.82
CA TYR B 372 20.74 -22.56 -4.12
C TYR B 372 19.31 -22.84 -3.66
N MET B 373 18.79 -24.06 -3.94
CA MET B 373 17.43 -24.34 -3.50
C MET B 373 17.36 -24.37 -1.98
N THR B 374 18.39 -24.91 -1.32
CA THR B 374 18.37 -24.97 0.14
C THR B 374 18.46 -23.58 0.77
N LYS B 375 19.39 -22.74 0.29
CA LYS B 375 19.49 -21.40 0.85
C LYS B 375 18.19 -20.63 0.67
N ALA B 376 17.56 -20.75 -0.50
CA ALA B 376 16.33 -20.01 -0.73
C ALA B 376 15.24 -20.44 0.24
N PHE B 377 15.14 -21.75 0.52
CA PHE B 377 14.09 -22.16 1.45
C PHE B 377 14.35 -21.58 2.83
N ASN B 378 15.60 -21.58 3.27
CA ASN B 378 15.90 -20.97 4.55
C ASN B 378 15.53 -19.48 4.56
N ASP B 379 15.87 -18.76 3.49
CA ASP B 379 15.52 -17.34 3.43
C ASP B 379 14.01 -17.16 3.43
N ILE B 380 13.27 -18.02 2.71
CA ILE B 380 11.81 -17.96 2.73
C ILE B 380 11.29 -18.21 4.14
N LYS B 381 11.80 -19.27 4.79
CA LYS B 381 11.33 -19.62 6.12
C LYS B 381 11.58 -18.49 7.11
N ALA B 382 12.77 -17.85 7.01
CA ALA B 382 13.05 -16.70 7.89
C ALA B 382 12.06 -15.58 7.66
N ASN B 383 11.74 -15.27 6.40
CA ASN B 383 10.73 -14.26 6.10
C ASN B 383 9.38 -14.62 6.69
N CYS B 384 8.96 -15.87 6.56
CA CYS B 384 7.72 -16.30 7.20
C CYS B 384 7.79 -16.08 8.70
N LYS B 385 8.96 -16.26 9.31
CA LYS B 385 9.08 -16.01 10.73
C LYS B 385 8.89 -14.55 11.04
N THR B 386 9.64 -13.66 10.37
CA THR B 386 9.54 -12.24 10.73
C THR B 386 8.16 -11.68 10.42
N HIS B 387 7.50 -12.13 9.34
CA HIS B 387 6.22 -11.55 8.97
C HIS B 387 5.02 -12.39 9.39
N ASN B 388 5.24 -13.59 9.93
CA ASN B 388 4.16 -14.47 10.33
C ASN B 388 3.15 -14.68 9.20
N CYS B 389 3.66 -15.18 8.08
CA CYS B 389 2.87 -15.38 6.86
C CYS B 389 3.11 -16.79 6.36
N ASP B 390 2.29 -17.23 5.39
CA ASP B 390 2.46 -18.56 4.83
C ASP B 390 3.69 -18.58 3.92
N LEU B 391 4.01 -19.78 3.41
CA LEU B 391 5.21 -19.94 2.60
C LEU B 391 5.13 -19.15 1.29
N ARG B 392 3.93 -19.09 0.66
CA ARG B 392 3.78 -18.30 -0.55
C ARG B 392 4.11 -16.83 -0.29
N MET B 393 3.64 -16.28 0.82
CA MET B 393 3.98 -14.89 1.10
C MET B 393 5.42 -14.75 1.59
N GLY B 394 5.97 -15.78 2.24
CA GLY B 394 7.39 -15.75 2.55
C GLY B 394 8.23 -15.58 1.29
N ALA B 395 7.87 -16.30 0.22
CA ALA B 395 8.62 -16.21 -1.03
C ALA B 395 8.41 -14.84 -1.69
N PHE B 396 7.17 -14.39 -1.81
CA PHE B 396 6.95 -13.13 -2.53
C PHE B 396 7.52 -11.94 -1.78
N THR B 397 7.39 -11.91 -0.44
CA THR B 397 8.01 -10.82 0.28
C THR B 397 9.53 -10.85 0.15
N LEU B 398 10.11 -12.05 0.10
CA LEU B 398 11.55 -12.16 -0.07
C LEU B 398 11.98 -11.59 -1.41
N GLY B 399 11.35 -12.02 -2.50
CA GLY B 399 11.74 -11.54 -3.82
C GLY B 399 11.45 -10.07 -4.00
N LEU B 400 10.26 -9.64 -3.58
CA LEU B 400 9.90 -8.23 -3.69
C LEU B 400 10.83 -7.33 -2.89
N ASN B 401 11.17 -7.76 -1.67
CA ASN B 401 12.02 -6.90 -0.84
C ASN B 401 13.43 -6.77 -1.43
N ARG B 402 13.96 -7.84 -2.03
CA ARG B 402 15.28 -7.77 -2.62
C ARG B 402 15.32 -6.80 -3.80
N VAL B 403 14.29 -6.82 -4.65
CA VAL B 403 14.21 -5.88 -5.74
C VAL B 403 14.01 -4.46 -5.22
N ALA B 404 13.16 -4.30 -4.20
CA ALA B 404 12.94 -2.97 -3.64
C ALA B 404 14.25 -2.39 -3.10
N ARG B 405 15.02 -3.19 -2.36
CA ARG B 405 16.18 -2.56 -1.75
C ARG B 405 17.33 -2.38 -2.75
N ALA B 406 17.46 -3.26 -3.74
CA ALA B 406 18.37 -2.95 -4.84
C ALA B 406 17.99 -1.63 -5.49
N THR B 407 16.68 -1.41 -5.70
CA THR B 407 16.21 -0.19 -6.32
C THR B 407 16.49 1.02 -5.47
N LEU B 408 16.24 0.92 -4.16
CA LEU B 408 16.50 2.08 -3.29
C LEU B 408 18.00 2.37 -3.20
N LEU B 409 18.83 1.32 -3.17
CA LEU B 409 20.27 1.54 -3.11
C LEU B 409 20.77 2.28 -4.35
N ARG B 410 20.23 1.91 -5.52
CA ARG B 410 20.66 2.55 -6.75
C ARG B 410 20.24 4.00 -6.81
N GLY B 411 19.10 4.35 -6.25
CA GLY B 411 18.73 5.75 -6.16
C GLY B 411 17.96 6.28 -7.34
N TRP B 412 17.57 7.55 -7.20
CA TRP B 412 16.62 8.19 -8.10
C TRP B 412 17.11 9.46 -8.78
N GLU B 413 18.24 10.04 -8.37
CA GLU B 413 18.72 11.26 -9.01
C GLU B 413 19.23 10.94 -10.40
N ALA B 414 19.15 11.92 -11.30
CA ALA B 414 19.49 11.66 -12.69
C ALA B 414 21.00 11.55 -12.89
N ASN C 5 -57.05 -24.54 1.70
CA ASN C 5 -56.22 -24.69 2.89
C ASN C 5 -54.81 -24.10 2.70
N ALA C 6 -54.34 -23.42 3.74
CA ALA C 6 -53.19 -22.52 3.58
C ALA C 6 -51.86 -23.27 3.47
N LEU C 7 -51.78 -24.49 4.01
CA LEU C 7 -50.49 -25.19 3.98
C LEU C 7 -50.16 -25.65 2.56
N VAL C 8 -51.08 -26.36 1.91
CA VAL C 8 -50.71 -26.93 0.61
C VAL C 8 -50.67 -25.84 -0.47
N ALA C 9 -51.53 -24.81 -0.36
CA ALA C 9 -51.51 -23.73 -1.35
C ALA C 9 -50.23 -22.90 -1.23
N THR C 10 -49.87 -22.51 0.00
CA THR C 10 -48.66 -21.70 0.17
C THR C 10 -47.41 -22.49 -0.23
N ASN C 11 -47.34 -23.77 0.14
CA ASN C 11 -46.16 -24.55 -0.25
C ASN C 11 -46.06 -24.69 -1.76
N ARG C 12 -47.18 -24.98 -2.42
CA ARG C 12 -47.17 -25.12 -3.88
C ARG C 12 -46.75 -23.84 -4.56
N ASN C 13 -47.24 -22.69 -4.08
CA ASN C 13 -46.91 -21.41 -4.70
C ASN C 13 -45.46 -21.02 -4.45
N PHE C 14 -44.95 -21.31 -3.24
CA PHE C 14 -43.55 -21.03 -2.96
C PHE C 14 -42.64 -21.83 -3.88
N GLN C 15 -42.91 -23.13 -4.00
CA GLN C 15 -42.01 -23.97 -4.78
C GLN C 15 -42.01 -23.54 -6.24
N ARG C 16 -43.19 -23.21 -6.75
CA ARG C 16 -43.32 -22.74 -8.13
C ARG C 16 -42.58 -21.42 -8.33
N ALA C 17 -42.77 -20.46 -7.43
CA ALA C 17 -42.09 -19.18 -7.58
C ALA C 17 -40.58 -19.33 -7.43
N SER C 18 -40.15 -20.21 -6.53
CA SER C 18 -38.72 -20.47 -6.36
C SER C 18 -38.09 -21.03 -7.63
N ARG C 19 -38.79 -21.94 -8.32
CA ARG C 19 -38.22 -22.50 -9.54
C ARG C 19 -38.12 -21.46 -10.64
N ILE C 20 -39.04 -20.49 -10.66
CA ILE C 20 -38.98 -19.40 -11.63
C ILE C 20 -37.80 -18.47 -11.33
N LEU C 21 -37.56 -18.16 -10.05
CA LEU C 21 -36.48 -17.27 -9.70
C LEU C 21 -35.11 -17.92 -9.81
N GLY C 22 -35.03 -19.25 -9.93
CA GLY C 22 -33.73 -19.89 -9.82
C GLY C 22 -33.13 -19.68 -8.45
N LEU C 23 -33.95 -19.73 -7.40
CA LEU C 23 -33.47 -19.47 -6.06
C LEU C 23 -32.44 -20.51 -5.69
N ASP C 24 -31.31 -20.04 -5.17
CA ASP C 24 -30.30 -20.95 -4.65
C ASP C 24 -30.90 -21.84 -3.56
N SER C 25 -30.58 -23.13 -3.61
CA SER C 25 -31.24 -24.08 -2.72
C SER C 25 -30.86 -23.87 -1.26
N LYS C 26 -29.65 -23.37 -0.98
CA LYS C 26 -29.27 -23.14 0.41
C LYS C 26 -29.91 -21.88 0.97
N LEU C 27 -30.11 -20.87 0.12
CA LEU C 27 -30.91 -19.71 0.50
C LEU C 27 -32.36 -20.12 0.76
N GLU C 28 -32.90 -20.97 -0.10
CA GLU C 28 -34.28 -21.42 0.06
C GLU C 28 -34.49 -22.14 1.39
N LYS C 29 -33.55 -23.00 1.78
CA LYS C 29 -33.65 -23.64 3.09
C LYS C 29 -33.74 -22.61 4.21
N SER C 30 -32.90 -21.58 4.17
CA SER C 30 -32.92 -20.55 5.21
C SER C 30 -34.25 -19.80 5.22
N LEU C 31 -34.77 -19.44 4.02
CA LEU C 31 -36.04 -18.73 3.95
C LEU C 31 -37.21 -19.59 4.46
N LEU C 32 -37.09 -20.92 4.39
CA LEU C 32 -38.20 -21.72 4.88
C LEU C 32 -38.15 -21.89 6.40
N ILE C 33 -36.95 -21.84 7.01
CA ILE C 33 -36.84 -21.98 8.47
C ILE C 33 -37.29 -20.68 9.14
N PRO C 34 -38.24 -20.72 10.08
CA PRO C 34 -38.66 -19.48 10.74
C PRO C 34 -37.56 -18.94 11.65
N TYR C 35 -37.48 -17.60 11.72
CA TYR C 35 -36.55 -16.93 12.64
C TYR C 35 -36.65 -17.48 14.06
N ARG C 36 -37.87 -17.55 14.59
CA ARG C 36 -38.03 -18.02 15.96
C ARG C 36 -39.43 -18.58 16.18
N GLU C 37 -39.52 -19.69 16.90
CA GLU C 37 -40.79 -20.27 17.33
C GLU C 37 -40.84 -20.30 18.85
N ILE C 38 -41.92 -19.77 19.43
CA ILE C 38 -42.08 -19.62 20.87
C ILE C 38 -43.35 -20.33 21.32
N LYS C 39 -43.29 -21.10 22.41
CA LYS C 39 -44.44 -21.61 23.13
C LYS C 39 -44.28 -21.30 24.62
N VAL C 40 -45.33 -20.76 25.23
CA VAL C 40 -45.29 -20.34 26.63
C VAL C 40 -46.53 -20.83 27.38
N GLU C 41 -46.36 -21.15 28.65
CA GLU C 41 -47.50 -21.49 29.51
C GLU C 41 -48.28 -20.23 29.85
N CYS C 42 -49.61 -20.31 29.71
CA CYS C 42 -50.56 -19.25 30.05
C CYS C 42 -51.56 -19.90 30.99
N THR C 43 -51.39 -19.64 32.27
CA THR C 43 -52.26 -20.13 33.32
C THR C 43 -52.94 -18.93 33.97
N ILE C 44 -54.24 -19.05 34.21
CA ILE C 44 -54.99 -17.97 34.88
C ILE C 44 -55.90 -18.59 35.91
N PRO C 45 -56.25 -17.82 36.92
CA PRO C 45 -57.41 -18.19 37.75
C PRO C 45 -58.70 -17.87 37.04
N LYS C 46 -59.64 -18.81 37.07
CA LYS C 46 -60.97 -18.53 36.55
C LYS C 46 -61.73 -17.63 37.52
N ASP C 47 -62.88 -17.12 37.08
CA ASP C 47 -63.69 -16.25 37.93
C ASP C 47 -64.08 -16.96 39.22
N ASP C 48 -64.26 -18.28 39.18
CA ASP C 48 -64.68 -19.06 40.34
C ASP C 48 -63.52 -19.53 41.21
N GLY C 49 -62.27 -19.12 40.91
CA GLY C 49 -61.15 -19.46 41.76
C GLY C 49 -60.35 -20.68 41.35
N SER C 50 -60.83 -21.48 40.40
CA SER C 50 -60.05 -22.62 39.95
C SER C 50 -59.05 -22.20 38.87
N LEU C 51 -58.06 -23.05 38.64
CA LEU C 51 -56.99 -22.81 37.69
C LEU C 51 -57.32 -23.39 36.31
N VAL C 52 -56.84 -22.72 35.27
CA VAL C 52 -56.84 -23.31 33.95
C VAL C 52 -55.51 -22.95 33.26
N SER C 53 -54.97 -23.90 32.51
CA SER C 53 -53.66 -23.77 31.87
C SER C 53 -53.81 -23.97 30.38
N TYR C 54 -53.30 -23.04 29.59
CA TYR C 54 -53.24 -23.12 28.14
C TYR C 54 -51.80 -22.98 27.68
N VAL C 55 -51.56 -23.20 26.40
CA VAL C 55 -50.27 -22.93 25.79
C VAL C 55 -50.42 -21.81 24.79
N GLY C 56 -49.67 -20.71 24.98
CA GLY C 56 -49.60 -19.66 23.98
C GLY C 56 -48.40 -19.84 23.05
N PHE C 57 -48.46 -19.26 21.87
CA PHE C 57 -47.37 -19.46 20.91
C PHE C 57 -47.26 -18.26 20.00
N ARG C 58 -46.07 -18.11 19.42
CA ARG C 58 -45.78 -17.08 18.44
C ARG C 58 -44.72 -17.65 17.51
N ILE C 59 -45.08 -17.79 16.24
CA ILE C 59 -44.15 -18.17 15.20
C ILE C 59 -43.67 -16.87 14.54
N GLN C 60 -42.38 -16.57 14.66
CA GLN C 60 -41.82 -15.40 14.02
C GLN C 60 -41.04 -15.88 12.80
N HIS C 61 -41.64 -15.72 11.62
CA HIS C 61 -41.07 -16.40 10.46
C HIS C 61 -39.85 -15.65 9.91
N ASP C 62 -39.99 -14.36 9.59
CA ASP C 62 -38.91 -13.65 8.91
C ASP C 62 -38.94 -12.17 9.26
N ASN C 63 -37.75 -11.57 9.39
CA ASN C 63 -37.67 -10.15 9.66
C ASN C 63 -36.62 -9.48 8.78
N ALA C 64 -36.31 -10.05 7.62
CA ALA C 64 -35.32 -9.42 6.75
C ALA C 64 -35.81 -8.06 6.23
N ARG C 65 -37.11 -7.88 6.05
CA ARG C 65 -37.61 -6.63 5.50
C ARG C 65 -38.17 -5.68 6.57
N GLY C 66 -38.21 -6.09 7.84
CA GLY C 66 -38.69 -5.22 8.89
C GLY C 66 -39.25 -6.01 10.07
N PRO C 67 -39.89 -5.32 11.00
CA PRO C 67 -40.49 -6.03 12.14
C PRO C 67 -41.48 -7.07 11.65
N MET C 68 -41.68 -8.08 12.47
CA MET C 68 -42.69 -9.07 12.12
C MET C 68 -44.09 -8.57 12.42
N LYS C 69 -45.03 -9.14 11.72
CA LYS C 69 -46.42 -8.73 11.69
C LYS C 69 -47.24 -10.00 11.60
N GLY C 70 -48.32 -10.07 12.37
CA GLY C 70 -49.23 -11.20 12.24
C GLY C 70 -50.27 -11.29 13.32
N GLY C 71 -51.36 -12.02 13.04
CA GLY C 71 -52.48 -12.09 13.95
C GLY C 71 -52.24 -13.02 15.13
N ILE C 72 -53.14 -12.90 16.10
CA ILE C 72 -53.18 -13.75 17.28
C ILE C 72 -54.53 -14.47 17.28
N ARG C 73 -54.51 -15.80 17.22
CA ARG C 73 -55.74 -16.60 17.14
C ARG C 73 -56.02 -17.21 18.51
N TYR C 74 -57.22 -16.96 19.03
CA TYR C 74 -57.73 -17.73 20.15
C TYR C 74 -58.65 -18.79 19.57
N HIS C 75 -58.15 -20.02 19.47
CA HIS C 75 -58.86 -21.09 18.78
C HIS C 75 -58.25 -22.42 19.23
N PRO C 76 -59.04 -23.49 19.36
CA PRO C 76 -58.50 -24.74 19.94
C PRO C 76 -57.52 -25.49 19.04
N GLU C 77 -57.53 -25.26 17.74
CA GLU C 77 -56.76 -26.06 16.80
C GLU C 77 -55.51 -25.29 16.43
N VAL C 78 -54.36 -25.89 16.66
CA VAL C 78 -53.12 -25.15 16.64
C VAL C 78 -52.05 -25.96 15.93
N ASP C 79 -52.44 -26.64 14.84
CA ASP C 79 -51.47 -27.47 14.13
C ASP C 79 -50.19 -26.70 13.81
N PRO C 80 -49.02 -27.19 14.23
CA PRO C 80 -47.79 -26.42 14.02
C PRO C 80 -47.47 -26.15 12.56
N ASP C 81 -47.70 -27.12 11.67
CA ASP C 81 -47.38 -26.92 10.25
C ASP C 81 -48.29 -25.88 9.61
N GLU C 82 -49.59 -25.88 9.97
CA GLU C 82 -50.49 -24.85 9.46
C GLU C 82 -50.13 -23.46 9.97
N VAL C 83 -49.74 -23.34 11.24
CA VAL C 83 -49.41 -22.04 11.80
C VAL C 83 -48.12 -21.51 11.16
N ASN C 84 -47.13 -22.39 10.95
CA ASN C 84 -45.92 -21.99 10.25
C ASN C 84 -46.25 -21.52 8.84
N ALA C 85 -47.11 -22.24 8.13
CA ALA C 85 -47.43 -21.83 6.77
C ALA C 85 -48.10 -20.45 6.75
N LEU C 86 -48.95 -20.17 7.74
CA LEU C 86 -49.60 -18.87 7.79
C LEU C 86 -48.60 -17.74 8.06
N ALA C 87 -47.66 -17.95 9.00
CA ALA C 87 -46.66 -16.94 9.27
C ALA C 87 -45.81 -16.68 8.04
N GLN C 88 -45.44 -17.76 7.33
CA GLN C 88 -44.65 -17.63 6.13
C GLN C 88 -45.43 -16.93 5.01
N LEU C 89 -46.74 -17.18 4.92
CA LEU C 89 -47.53 -16.48 3.91
C LEU C 89 -47.56 -14.98 4.18
N MET C 90 -47.63 -14.60 5.46
CA MET C 90 -47.51 -13.19 5.83
C MET C 90 -46.23 -12.56 5.27
N THR C 91 -45.09 -13.26 5.39
CA THR C 91 -43.81 -12.74 4.90
C THR C 91 -43.88 -12.42 3.41
N TRP C 92 -44.50 -13.32 2.62
CA TRP C 92 -44.60 -13.07 1.18
C TRP C 92 -45.58 -11.96 0.88
N LYS C 93 -46.70 -11.93 1.62
CA LYS C 93 -47.76 -10.97 1.36
C LYS C 93 -47.27 -9.54 1.60
N THR C 94 -46.61 -9.30 2.73
CA THR C 94 -46.07 -7.98 3.01
C THR C 94 -45.04 -7.56 1.95
N ALA C 95 -44.23 -8.51 1.48
CA ALA C 95 -43.28 -8.19 0.41
C ALA C 95 -43.97 -7.85 -0.91
N VAL C 96 -45.13 -8.47 -1.20
CA VAL C 96 -45.82 -8.21 -2.45
C VAL C 96 -46.32 -6.77 -2.54
N VAL C 97 -46.89 -6.24 -1.44
CA VAL C 97 -47.36 -4.85 -1.46
C VAL C 97 -46.30 -3.91 -0.89
N ASP C 98 -45.12 -4.45 -0.62
CA ASP C 98 -43.96 -3.62 -0.29
C ASP C 98 -44.16 -2.84 1.01
N ILE C 99 -44.71 -3.49 2.03
CA ILE C 99 -44.79 -2.85 3.34
C ILE C 99 -43.61 -3.37 4.17
N PRO C 100 -43.01 -2.55 5.04
CA PRO C 100 -41.74 -2.92 5.70
C PRO C 100 -41.95 -3.82 6.91
N TYR C 101 -42.44 -5.02 6.63
CA TYR C 101 -42.68 -6.03 7.65
C TYR C 101 -42.26 -7.39 7.14
N GLY C 102 -41.98 -8.27 8.10
CA GLY C 102 -41.96 -9.70 7.87
C GLY C 102 -43.21 -10.36 8.44
N GLY C 103 -43.24 -11.68 8.38
CA GLY C 103 -44.43 -12.43 8.72
C GLY C 103 -44.31 -13.15 10.05
N ALA C 104 -45.40 -13.15 10.81
CA ALA C 104 -45.49 -13.89 12.06
C ALA C 104 -46.94 -14.32 12.26
N LYS C 105 -47.13 -15.23 13.19
CA LYS C 105 -48.46 -15.73 13.53
C LYS C 105 -48.41 -16.35 14.91
N GLY C 106 -49.38 -16.01 15.77
CA GLY C 106 -49.39 -16.53 17.12
C GLY C 106 -50.79 -16.83 17.60
N GLY C 107 -50.89 -17.22 18.86
CA GLY C 107 -52.19 -17.47 19.43
C GLY C 107 -52.14 -18.27 20.71
N ILE C 108 -53.32 -18.68 21.15
CA ILE C 108 -53.50 -19.47 22.35
C ILE C 108 -54.47 -20.60 22.03
N GLY C 109 -54.08 -21.82 22.37
CA GLY C 109 -54.94 -22.97 22.19
C GLY C 109 -56.02 -23.01 23.25
N CYS C 110 -57.18 -22.42 22.94
CA CYS C 110 -58.29 -22.30 23.87
C CYS C 110 -59.57 -22.07 23.05
N ASN C 111 -60.68 -22.26 23.71
CA ASN C 111 -61.96 -21.92 23.13
C ASN C 111 -62.51 -20.68 23.83
N PRO C 112 -62.49 -19.51 23.20
CA PRO C 112 -62.94 -18.30 23.88
C PRO C 112 -64.37 -18.36 24.36
N LYS C 113 -65.23 -19.19 23.74
CA LYS C 113 -66.61 -19.32 24.24
C LYS C 113 -66.65 -19.91 25.64
N ASP C 114 -65.64 -20.72 26.02
CA ASP C 114 -65.64 -21.28 27.36
C ASP C 114 -65.21 -20.28 28.44
N LEU C 115 -64.81 -19.07 28.07
CA LEU C 115 -64.22 -18.13 29.01
C LEU C 115 -65.06 -16.87 29.11
N SER C 116 -65.23 -16.38 30.33
CA SER C 116 -65.90 -15.10 30.53
C SER C 116 -65.01 -13.94 30.05
N ILE C 117 -65.61 -12.75 29.97
CA ILE C 117 -64.84 -11.61 29.48
C ILE C 117 -63.70 -11.26 30.44
N SER C 118 -63.91 -11.42 31.75
CA SER C 118 -62.81 -11.10 32.64
C SER C 118 -61.72 -12.17 32.58
N GLU C 119 -62.10 -13.44 32.37
CA GLU C 119 -61.12 -14.50 32.15
C GLU C 119 -60.35 -14.28 30.86
N LEU C 120 -61.04 -13.81 29.82
CA LEU C 120 -60.34 -13.50 28.59
C LEU C 120 -59.34 -12.36 28.78
N GLU C 121 -59.69 -11.37 29.61
CA GLU C 121 -58.74 -10.29 29.84
C GLU C 121 -57.50 -10.80 30.56
N ARG C 122 -57.69 -11.57 31.64
CA ARG C 122 -56.55 -12.08 32.40
C ARG C 122 -55.68 -12.95 31.53
N LEU C 123 -56.29 -13.79 30.69
CA LEU C 123 -55.52 -14.62 29.78
C LEU C 123 -54.74 -13.77 28.79
N THR C 124 -55.35 -12.72 28.27
CA THR C 124 -54.63 -11.87 27.34
C THR C 124 -53.45 -11.20 28.02
N ARG C 125 -53.65 -10.74 29.25
CA ARG C 125 -52.56 -10.06 29.95
C ARG C 125 -51.46 -11.03 30.32
N VAL C 126 -51.82 -12.25 30.74
CA VAL C 126 -50.79 -13.23 31.08
C VAL C 126 -49.96 -13.58 29.85
N PHE C 127 -50.64 -13.80 28.73
CA PHE C 127 -49.96 -14.07 27.48
C PHE C 127 -48.99 -12.94 27.15
N THR C 128 -49.43 -11.70 27.32
CA THR C 128 -48.57 -10.57 27.04
C THR C 128 -47.35 -10.54 27.96
N GLN C 129 -47.55 -10.81 29.26
CA GLN C 129 -46.41 -10.90 30.17
C GLN C 129 -45.41 -11.96 29.72
N LYS C 130 -45.90 -13.07 29.17
CA LYS C 130 -45.01 -14.15 28.82
C LYS C 130 -44.26 -13.89 27.53
N ILE C 131 -44.68 -12.92 26.73
CA ILE C 131 -44.02 -12.70 25.44
C ILE C 131 -43.58 -11.25 25.25
N HIS C 132 -43.72 -10.40 26.26
CA HIS C 132 -43.47 -8.98 26.04
C HIS C 132 -42.06 -8.74 25.53
N ASP C 133 -41.10 -9.57 25.94
CA ASP C 133 -39.73 -9.43 25.49
C ASP C 133 -39.49 -9.91 24.06
N LEU C 134 -40.47 -10.55 23.42
CA LEU C 134 -40.32 -11.05 22.06
C LEU C 134 -41.06 -10.22 21.02
N ILE C 135 -41.95 -9.31 21.45
CA ILE C 135 -42.66 -8.47 20.50
C ILE C 135 -42.21 -7.04 20.75
N GLY C 136 -42.74 -6.09 20.02
CA GLY C 136 -42.31 -4.72 20.20
C GLY C 136 -42.54 -3.93 18.94
N ILE C 137 -42.54 -2.60 19.08
CA ILE C 137 -42.93 -1.75 17.97
C ILE C 137 -42.02 -1.94 16.77
N HIS C 138 -40.76 -2.32 16.99
CA HIS C 138 -39.84 -2.50 15.87
C HIS C 138 -39.34 -3.93 15.77
N ARG C 139 -40.04 -4.85 16.42
CA ARG C 139 -39.65 -6.25 16.52
C ARG C 139 -40.73 -7.20 16.01
N ASP C 140 -41.97 -7.10 16.52
CA ASP C 140 -43.08 -7.97 16.14
C ASP C 140 -44.36 -7.32 16.64
N VAL C 141 -45.30 -7.06 15.73
CA VAL C 141 -46.47 -6.24 15.98
C VAL C 141 -47.71 -7.09 15.75
N PRO C 142 -48.32 -7.59 16.81
CA PRO C 142 -49.50 -8.45 16.65
C PRO C 142 -50.74 -7.66 16.18
N ALA C 143 -51.79 -8.42 15.88
CA ALA C 143 -53.03 -7.90 15.33
C ALA C 143 -54.15 -8.89 15.64
N PRO C 144 -55.41 -8.50 15.54
CA PRO C 144 -56.50 -9.47 15.73
C PRO C 144 -56.51 -10.54 14.65
N ASP C 145 -57.20 -11.63 14.98
CA ASP C 145 -57.36 -12.80 14.12
C ASP C 145 -58.56 -13.56 14.66
N MET C 146 -58.69 -14.85 14.29
CA MET C 146 -59.82 -15.65 14.75
C MET C 146 -59.89 -15.65 16.27
N GLY C 147 -61.05 -15.32 16.82
CA GLY C 147 -61.26 -15.35 18.25
C GLY C 147 -60.72 -14.17 19.01
N THR C 148 -60.10 -13.19 18.35
CA THR C 148 -59.66 -11.98 19.04
C THR C 148 -60.16 -10.76 18.26
N ASN C 149 -60.14 -9.60 18.93
CA ASN C 149 -60.72 -8.40 18.34
C ASN C 149 -59.99 -7.19 18.89
N SER C 150 -60.55 -5.99 18.67
CA SER C 150 -59.86 -4.77 19.06
C SER C 150 -59.81 -4.63 20.58
N GLN C 151 -60.77 -5.20 21.30
CA GLN C 151 -60.69 -5.19 22.76
C GLN C 151 -59.52 -6.03 23.26
N THR C 152 -59.25 -7.18 22.62
CA THR C 152 -58.05 -7.95 22.95
C THR C 152 -56.80 -7.10 22.75
N MET C 153 -56.75 -6.32 21.67
CA MET C 153 -55.57 -5.51 21.38
C MET C 153 -55.35 -4.43 22.42
N ALA C 154 -56.43 -3.79 22.90
CA ALA C 154 -56.31 -2.81 23.98
C ALA C 154 -55.68 -3.42 25.22
N TRP C 155 -56.05 -4.65 25.55
CA TRP C 155 -55.47 -5.32 26.71
C TRP C 155 -53.99 -5.61 26.49
N ILE C 156 -53.62 -6.06 25.29
CA ILE C 156 -52.20 -6.28 25.01
C ILE C 156 -51.45 -4.96 25.13
N LEU C 157 -51.97 -3.92 24.49
CA LEU C 157 -51.37 -2.58 24.60
C LEU C 157 -51.25 -2.18 26.05
N ASP C 158 -52.32 -2.37 26.82
CA ASP C 158 -52.28 -1.94 28.20
C ASP C 158 -51.23 -2.71 29.02
N GLU C 159 -51.14 -4.01 28.80
CA GLU C 159 -50.18 -4.80 29.57
C GLU C 159 -48.76 -4.59 29.07
N TYR C 160 -48.57 -4.54 27.77
CA TYR C 160 -47.23 -4.33 27.24
C TYR C 160 -46.64 -3.02 27.76
N SER C 161 -47.48 -1.97 27.88
CA SER C 161 -47.00 -0.65 28.24
C SER C 161 -46.51 -0.57 29.68
N LYS C 162 -46.92 -1.50 30.54
CA LYS C 162 -46.32 -1.56 31.87
C LYS C 162 -44.85 -1.94 31.80
N PHE C 163 -44.46 -2.78 30.82
CA PHE C 163 -43.10 -3.26 30.68
C PHE C 163 -42.20 -2.33 29.86
N HIS C 164 -42.76 -1.53 28.96
CA HIS C 164 -41.89 -0.77 28.07
C HIS C 164 -42.39 0.65 27.87
N GLY C 165 -43.34 1.10 28.68
CA GLY C 165 -43.96 2.39 28.52
C GLY C 165 -45.02 2.39 27.42
N HIS C 166 -45.84 3.42 27.46
CA HIS C 166 -46.88 3.60 26.46
C HIS C 166 -46.36 3.35 25.04
N SER C 167 -46.88 2.31 24.41
CA SER C 167 -46.40 1.86 23.10
C SER C 167 -47.56 1.60 22.15
N PRO C 168 -48.25 2.66 21.70
CA PRO C 168 -49.39 2.46 20.79
C PRO C 168 -49.10 1.63 19.54
N ALA C 169 -47.88 1.64 19.00
CA ALA C 169 -47.58 0.91 17.79
C ALA C 169 -47.27 -0.57 18.01
N VAL C 170 -47.30 -1.06 19.26
CA VAL C 170 -46.94 -2.47 19.48
C VAL C 170 -48.00 -3.42 18.93
N VAL C 171 -49.19 -2.93 18.62
CA VAL C 171 -50.28 -3.77 18.18
C VAL C 171 -51.13 -2.93 17.23
N THR C 172 -51.69 -3.56 16.21
CA THR C 172 -52.63 -2.87 15.32
C THR C 172 -54.04 -3.46 15.54
N GLY C 173 -55.02 -2.89 14.85
CA GLY C 173 -56.39 -3.23 15.13
C GLY C 173 -56.90 -2.70 16.46
N LYS C 174 -56.29 -1.65 17.01
CA LYS C 174 -56.71 -1.09 18.29
C LYS C 174 -58.04 -0.34 18.11
N PRO C 175 -58.79 -0.14 19.18
CA PRO C 175 -59.96 0.77 19.10
C PRO C 175 -59.52 2.16 18.69
N ILE C 176 -60.42 2.87 18.00
CA ILE C 176 -60.16 4.25 17.63
C ILE C 176 -59.74 5.07 18.86
N ASP C 177 -60.39 4.83 20.00
CA ASP C 177 -60.10 5.57 21.23
C ASP C 177 -58.68 5.36 21.76
N LEU C 178 -57.97 4.33 21.32
CA LEU C 178 -56.63 4.05 21.81
C LEU C 178 -55.61 4.01 20.67
N GLY C 179 -55.85 4.76 19.62
CA GLY C 179 -54.88 4.89 18.54
C GLY C 179 -55.12 4.06 17.30
N GLY C 180 -56.28 3.42 17.16
CA GLY C 180 -56.59 2.75 15.93
C GLY C 180 -56.81 3.72 14.76
N SER C 181 -56.70 3.18 13.56
CA SER C 181 -56.80 3.98 12.34
C SER C 181 -58.23 4.00 11.82
N LEU C 182 -58.59 5.13 11.24
CA LEU C 182 -59.78 5.19 10.41
C LEU C 182 -59.58 4.35 9.16
N GLY C 183 -60.69 3.96 8.54
CA GLY C 183 -60.62 3.27 7.26
C GLY C 183 -60.28 1.80 7.34
N ARG C 184 -60.22 1.24 8.56
CA ARG C 184 -59.80 -0.15 8.73
C ARG C 184 -60.88 -1.14 8.29
N GLU C 185 -62.15 -0.83 8.57
CA GLU C 185 -63.23 -1.75 8.17
C GLU C 185 -63.28 -1.93 6.66
N ALA C 186 -63.27 -0.83 5.92
CA ALA C 186 -63.39 -0.91 4.47
C ALA C 186 -62.10 -1.35 3.78
N ALA C 187 -61.01 -1.51 4.53
CA ALA C 187 -59.69 -1.58 3.93
C ALA C 187 -59.59 -2.71 2.92
N THR C 188 -60.03 -3.91 3.28
CA THR C 188 -59.84 -5.03 2.37
C THR C 188 -60.74 -4.91 1.16
N GLY C 189 -62.03 -4.65 1.38
CA GLY C 189 -62.94 -4.54 0.27
C GLY C 189 -62.59 -3.38 -0.65
N LEU C 190 -62.27 -2.23 -0.06
CA LEU C 190 -61.83 -1.11 -0.89
C LEU C 190 -60.53 -1.44 -1.60
N GLY C 191 -59.63 -2.15 -0.92
CA GLY C 191 -58.39 -2.55 -1.56
C GLY C 191 -58.62 -3.44 -2.77
N VAL C 192 -59.61 -4.35 -2.66
CA VAL C 192 -59.97 -5.22 -3.79
C VAL C 192 -60.37 -4.37 -4.99
N VAL C 193 -61.10 -3.29 -4.75
CA VAL C 193 -61.53 -2.49 -5.88
C VAL C 193 -60.38 -1.68 -6.46
N PHE C 194 -59.45 -1.20 -5.61
CA PHE C 194 -58.27 -0.52 -6.16
C PHE C 194 -57.44 -1.46 -7.01
N ALA C 195 -57.24 -2.70 -6.53
CA ALA C 195 -56.48 -3.67 -7.31
C ALA C 195 -57.14 -3.91 -8.66
N THR C 196 -58.47 -4.00 -8.66
CA THR C 196 -59.22 -4.24 -9.88
C THR C 196 -59.14 -3.07 -10.85
N GLU C 197 -59.21 -1.83 -10.35
CA GLU C 197 -59.01 -0.68 -11.21
C GLU C 197 -57.67 -0.75 -11.92
N ALA C 198 -56.60 -1.08 -11.18
CA ALA C 198 -55.27 -1.14 -11.80
C ALA C 198 -55.24 -2.20 -12.89
N LEU C 199 -55.83 -3.35 -12.61
CA LEU C 199 -55.89 -4.41 -13.62
C LEU C 199 -56.67 -3.94 -14.85
N PHE C 200 -57.86 -3.36 -14.64
CA PHE C 200 -58.68 -3.00 -15.80
C PHE C 200 -58.08 -1.84 -16.59
N ALA C 201 -57.32 -0.96 -15.95
CA ALA C 201 -56.66 0.11 -16.68
C ALA C 201 -55.67 -0.43 -17.71
N GLU C 202 -55.11 -1.62 -17.48
CA GLU C 202 -54.23 -2.24 -18.49
C GLU C 202 -54.98 -2.47 -19.80
N TYR C 203 -56.30 -2.64 -19.73
CA TYR C 203 -57.16 -2.84 -20.89
C TYR C 203 -57.85 -1.57 -21.33
N GLY C 204 -57.47 -0.43 -20.78
CA GLY C 204 -58.17 0.81 -21.02
C GLY C 204 -59.60 0.84 -20.55
N LYS C 205 -59.99 -0.05 -19.63
CA LYS C 205 -61.36 -0.14 -19.17
C LYS C 205 -61.48 0.38 -17.76
N SER C 206 -62.72 0.62 -17.35
CA SER C 206 -63.05 1.12 -16.03
C SER C 206 -64.00 0.15 -15.36
N ILE C 207 -64.16 0.33 -14.05
CA ILE C 207 -65.11 -0.50 -13.32
C ILE C 207 -66.52 -0.31 -13.85
N SER C 208 -66.87 0.91 -14.28
CA SER C 208 -68.22 1.14 -14.79
C SER C 208 -68.52 0.40 -16.09
N ASP C 209 -67.51 -0.16 -16.76
CA ASP C 209 -67.74 -0.94 -17.98
C ASP C 209 -68.14 -2.39 -17.69
N MET C 210 -68.04 -2.84 -16.44
CA MET C 210 -68.10 -4.26 -16.12
C MET C 210 -69.32 -4.61 -15.27
N THR C 211 -69.73 -5.88 -15.37
CA THR C 211 -70.66 -6.49 -14.44
C THR C 211 -69.90 -7.44 -13.51
N PHE C 212 -70.38 -7.55 -12.26
CA PHE C 212 -69.67 -8.21 -11.17
C PHE C 212 -70.59 -9.18 -10.44
N ALA C 213 -70.08 -10.37 -10.15
CA ALA C 213 -70.76 -11.31 -9.28
C ALA C 213 -69.90 -11.56 -8.04
N ILE C 214 -70.50 -11.46 -6.86
CA ILE C 214 -69.76 -11.49 -5.61
C ILE C 214 -70.27 -12.64 -4.76
N GLN C 215 -69.36 -13.54 -4.36
CA GLN C 215 -69.70 -14.65 -3.48
C GLN C 215 -69.30 -14.27 -2.07
N GLY C 216 -70.28 -14.12 -1.19
CA GLY C 216 -69.97 -13.67 0.16
C GLY C 216 -70.30 -12.20 0.37
N PHE C 217 -70.86 -11.87 1.51
CA PHE C 217 -71.34 -10.53 1.77
C PHE C 217 -71.09 -10.18 3.23
N GLY C 218 -69.86 -10.43 3.69
CA GLY C 218 -69.36 -10.07 5.01
C GLY C 218 -68.52 -8.81 4.95
N ASN C 219 -67.48 -8.76 5.79
CA ASN C 219 -66.67 -7.54 5.85
C ASN C 219 -66.00 -7.25 4.50
N VAL C 220 -65.52 -8.28 3.79
CA VAL C 220 -64.92 -8.03 2.47
C VAL C 220 -65.99 -7.76 1.41
N GLY C 221 -66.99 -8.65 1.31
CA GLY C 221 -67.96 -8.54 0.23
C GLY C 221 -68.78 -7.26 0.29
N THR C 222 -69.20 -6.84 1.49
CA THR C 222 -70.03 -5.63 1.56
C THR C 222 -69.26 -4.40 1.08
N TRP C 223 -68.00 -4.25 1.52
CA TRP C 223 -67.26 -3.06 1.14
C TRP C 223 -66.83 -3.07 -0.32
N ALA C 224 -66.46 -4.24 -0.86
CA ALA C 224 -66.15 -4.33 -2.28
C ALA C 224 -67.39 -3.99 -3.11
N ALA C 225 -68.53 -4.60 -2.77
CA ALA C 225 -69.77 -4.28 -3.48
C ALA C 225 -70.04 -2.78 -3.43
N LYS C 226 -69.91 -2.18 -2.24
CA LYS C 226 -70.14 -0.75 -2.09
C LYS C 226 -69.17 0.05 -2.95
N ALA C 227 -67.88 -0.28 -2.89
CA ALA C 227 -66.91 0.47 -3.67
C ALA C 227 -67.10 0.27 -5.17
N ILE C 228 -67.51 -0.91 -5.61
CA ILE C 228 -67.85 -1.11 -7.02
C ILE C 228 -69.06 -0.26 -7.39
N PHE C 229 -70.09 -0.28 -6.54
CA PHE C 229 -71.33 0.44 -6.83
C PHE C 229 -71.10 1.95 -6.96
N GLU C 230 -70.29 2.52 -6.08
CA GLU C 230 -70.01 3.94 -6.14
C GLU C 230 -69.16 4.33 -7.32
N ARG C 231 -68.54 3.36 -8.00
CA ARG C 231 -67.75 3.64 -9.19
C ARG C 231 -68.51 3.32 -10.47
N GLY C 232 -69.81 3.07 -10.37
CA GLY C 232 -70.57 2.79 -11.57
C GLY C 232 -70.52 1.34 -12.01
N GLY C 233 -69.89 0.45 -11.26
CA GLY C 233 -69.97 -0.95 -11.59
C GLY C 233 -71.36 -1.50 -11.35
N LYS C 234 -71.73 -2.49 -12.16
CA LYS C 234 -73.00 -3.18 -11.97
C LYS C 234 -72.75 -4.46 -11.19
N VAL C 235 -73.22 -4.50 -9.94
CA VAL C 235 -73.20 -5.73 -9.16
C VAL C 235 -74.47 -6.51 -9.52
N VAL C 236 -74.31 -7.57 -10.33
CA VAL C 236 -75.47 -8.28 -10.85
C VAL C 236 -75.84 -9.50 -10.02
N ALA C 237 -74.98 -9.96 -9.12
CA ALA C 237 -75.34 -11.11 -8.32
C ALA C 237 -74.50 -11.11 -7.03
N VAL C 238 -75.15 -11.42 -5.91
CA VAL C 238 -74.51 -11.52 -4.61
C VAL C 238 -75.06 -12.75 -3.89
N SER C 239 -74.18 -13.57 -3.29
CA SER C 239 -74.61 -14.70 -2.49
C SER C 239 -73.94 -14.64 -1.12
N ASP C 240 -74.49 -15.39 -0.18
CA ASP C 240 -73.79 -15.67 1.07
C ASP C 240 -74.20 -17.09 1.51
N ILE C 241 -73.98 -17.41 2.78
CA ILE C 241 -74.18 -18.78 3.22
C ILE C 241 -75.63 -19.22 3.16
N ASN C 242 -76.59 -18.30 3.13
CA ASN C 242 -78.00 -18.68 3.20
C ASN C 242 -78.79 -18.45 1.94
N GLY C 243 -78.24 -17.79 0.93
CA GLY C 243 -79.05 -17.48 -0.23
C GLY C 243 -78.28 -16.55 -1.15
N ALA C 244 -79.00 -16.05 -2.15
CA ALA C 244 -78.39 -15.22 -3.18
C ALA C 244 -79.48 -14.37 -3.82
N ILE C 245 -79.06 -13.28 -4.44
CA ILE C 245 -79.97 -12.35 -5.07
C ILE C 245 -79.34 -11.95 -6.39
N SER C 246 -80.16 -11.72 -7.40
CA SER C 246 -79.68 -11.47 -8.74
C SER C 246 -80.40 -10.27 -9.36
N ASN C 247 -79.64 -9.44 -10.12
CA ASN C 247 -80.28 -8.39 -10.90
C ASN C 247 -79.37 -7.96 -12.03
N PRO C 248 -79.65 -8.34 -13.27
CA PRO C 248 -78.75 -8.00 -14.39
C PRO C 248 -78.64 -6.51 -14.69
N ASN C 249 -79.50 -5.67 -14.10
CA ASN C 249 -79.40 -4.22 -14.23
C ASN C 249 -78.37 -3.64 -13.29
N GLY C 250 -77.94 -4.41 -12.31
CA GLY C 250 -77.14 -3.92 -11.23
C GLY C 250 -78.02 -3.76 -10.00
N ILE C 251 -77.62 -4.42 -8.92
CA ILE C 251 -78.33 -4.30 -7.67
C ILE C 251 -78.01 -2.94 -7.06
N ASP C 252 -79.02 -2.27 -6.52
CA ASP C 252 -78.80 -1.07 -5.70
C ASP C 252 -78.10 -1.50 -4.41
N ILE C 253 -76.77 -1.37 -4.39
CA ILE C 253 -76.00 -1.87 -3.26
C ILE C 253 -76.27 -1.05 -2.01
N ALA C 254 -76.53 0.24 -2.15
CA ALA C 254 -76.88 1.04 -0.99
C ALA C 254 -78.12 0.45 -0.31
N ALA C 255 -79.15 0.14 -1.09
CA ALA C 255 -80.33 -0.50 -0.50
C ALA C 255 -80.01 -1.90 0.02
N LEU C 256 -79.16 -2.65 -0.71
CA LEU C 256 -78.83 -3.99 -0.25
C LEU C 256 -78.09 -3.93 1.09
N LEU C 257 -77.19 -2.96 1.25
CA LEU C 257 -76.51 -2.82 2.54
C LEU C 257 -77.49 -2.47 3.64
N LYS C 258 -78.43 -1.56 3.36
CA LYS C 258 -79.36 -1.15 4.41
C LYS C 258 -80.26 -2.32 4.82
N HIS C 259 -80.65 -3.14 3.86
CA HIS C 259 -81.37 -4.38 4.13
C HIS C 259 -80.55 -5.30 5.04
N LYS C 260 -79.26 -5.47 4.74
CA LYS C 260 -78.43 -6.36 5.57
C LYS C 260 -78.33 -5.86 6.99
N ALA C 261 -78.15 -4.54 7.14
CA ALA C 261 -78.02 -3.94 8.46
C ALA C 261 -79.28 -4.06 9.28
N GLY C 262 -80.44 -4.16 8.60
CA GLY C 262 -81.72 -4.34 9.25
C GLY C 262 -82.07 -5.80 9.47
N ASN C 263 -81.03 -6.64 9.52
CA ASN C 263 -81.15 -8.06 9.80
C ASN C 263 -81.83 -8.82 8.65
N GLY C 264 -81.69 -8.31 7.42
CA GLY C 264 -82.28 -8.98 6.27
C GLY C 264 -81.39 -10.03 5.59
N SER C 265 -82.07 -10.93 4.90
CA SER C 265 -81.48 -12.03 4.16
C SER C 265 -81.47 -11.69 2.67
N LEU C 266 -80.44 -12.16 1.98
CA LEU C 266 -80.28 -11.83 0.56
C LEU C 266 -81.49 -12.28 -0.26
N LYS C 267 -82.03 -13.46 0.04
CA LYS C 267 -83.15 -13.92 -0.78
C LYS C 267 -84.41 -13.11 -0.52
N ASP C 268 -84.49 -12.37 0.58
CA ASP C 268 -85.67 -11.57 0.82
C ASP C 268 -85.56 -10.13 0.33
N PHE C 269 -84.43 -9.73 -0.25
CA PHE C 269 -84.34 -8.40 -0.81
C PHE C 269 -85.29 -8.29 -2.02
N SER C 270 -86.03 -7.19 -2.12
CA SER C 270 -87.02 -7.05 -3.20
C SER C 270 -86.47 -6.45 -4.49
N GLY C 271 -85.29 -5.85 -4.48
CA GLY C 271 -84.76 -5.25 -5.68
C GLY C 271 -83.98 -6.23 -6.51
N GLY C 272 -84.41 -7.49 -6.46
CA GLY C 272 -83.78 -8.51 -7.27
C GLY C 272 -84.58 -9.78 -7.20
N ASP C 273 -84.09 -10.79 -7.91
CA ASP C 273 -84.72 -12.10 -7.90
C ASP C 273 -83.91 -13.03 -7.02
N ALA C 274 -84.58 -13.73 -6.12
CA ALA C 274 -83.86 -14.70 -5.33
C ALA C 274 -83.26 -15.77 -6.25
N MET C 275 -82.12 -16.30 -5.84
CA MET C 275 -81.30 -17.17 -6.65
C MET C 275 -80.78 -18.30 -5.78
N ASN C 276 -80.48 -19.43 -6.41
CA ASN C 276 -79.77 -20.48 -5.70
C ASN C 276 -78.31 -20.07 -5.50
N PRO C 277 -77.79 -20.06 -4.27
CA PRO C 277 -76.40 -19.64 -4.05
C PRO C 277 -75.40 -20.51 -4.80
N ASN C 278 -75.78 -21.76 -5.08
CA ASN C 278 -74.91 -22.68 -5.80
C ASN C 278 -74.74 -22.30 -7.24
N ASP C 279 -75.51 -21.34 -7.74
CA ASP C 279 -75.38 -20.87 -9.10
C ASP C 279 -74.55 -19.61 -9.24
N LEU C 280 -74.01 -19.08 -8.13
CA LEU C 280 -73.31 -17.80 -8.19
C LEU C 280 -72.05 -17.88 -9.03
N LEU C 281 -71.28 -18.97 -8.91
CA LEU C 281 -69.97 -19.00 -9.55
C LEU C 281 -70.09 -19.17 -11.05
N VAL C 282 -71.20 -19.71 -11.52
CA VAL C 282 -71.44 -19.88 -12.96
C VAL C 282 -72.34 -18.78 -13.51
N HIS C 283 -72.63 -17.74 -12.72
CA HIS C 283 -73.49 -16.66 -13.18
C HIS C 283 -72.84 -15.93 -14.36
N ASP C 284 -73.68 -15.30 -15.17
CA ASP C 284 -73.19 -14.55 -16.32
C ASP C 284 -72.72 -13.18 -15.87
N CYS C 285 -71.43 -12.92 -16.04
CA CYS C 285 -70.84 -11.65 -15.65
C CYS C 285 -69.46 -11.54 -16.28
N ASP C 286 -68.91 -10.34 -16.23
CA ASP C 286 -67.53 -10.12 -16.70
C ASP C 286 -66.53 -10.50 -15.62
N VAL C 287 -66.86 -10.17 -14.37
CA VAL C 287 -65.95 -10.28 -13.25
C VAL C 287 -66.64 -11.08 -12.15
N LEU C 288 -65.95 -12.11 -11.69
CA LEU C 288 -66.39 -12.93 -10.58
C LEU C 288 -65.47 -12.62 -9.40
N ILE C 289 -66.05 -12.37 -8.23
CA ILE C 289 -65.25 -12.03 -7.05
C ILE C 289 -65.59 -12.97 -5.89
N PRO C 290 -64.85 -14.06 -5.73
CA PRO C 290 -65.04 -14.92 -4.55
C PRO C 290 -64.57 -14.18 -3.30
N CYS C 291 -65.49 -14.01 -2.34
CA CYS C 291 -65.22 -13.34 -1.07
C CYS C 291 -65.67 -14.16 0.12
N ALA C 292 -65.79 -15.48 -0.02
CA ALA C 292 -66.37 -16.28 1.06
C ALA C 292 -65.37 -17.29 1.57
N LEU C 293 -65.00 -18.30 0.77
CA LEU C 293 -64.24 -19.47 1.20
C LEU C 293 -63.21 -19.82 0.15
N GLY C 294 -62.27 -20.67 0.55
CA GLY C 294 -61.32 -21.24 -0.38
C GLY C 294 -61.86 -22.52 -0.98
N GLY C 295 -61.22 -22.95 -2.06
CA GLY C 295 -61.60 -24.19 -2.71
C GLY C 295 -62.98 -24.20 -3.36
N VAL C 296 -63.53 -23.04 -3.72
CA VAL C 296 -64.83 -23.04 -4.37
C VAL C 296 -64.73 -23.27 -5.88
N LEU C 297 -63.59 -23.00 -6.49
CA LEU C 297 -63.41 -23.22 -7.92
C LEU C 297 -62.52 -24.44 -8.09
N ASN C 298 -63.07 -25.49 -8.67
CA ASN C 298 -62.32 -26.72 -8.94
C ASN C 298 -62.66 -27.18 -10.35
N LYS C 299 -62.20 -28.38 -10.70
CA LYS C 299 -62.36 -28.87 -12.06
C LYS C 299 -63.82 -29.11 -12.42
N GLU C 300 -64.66 -29.38 -11.42
CA GLU C 300 -66.08 -29.60 -11.67
C GLU C 300 -66.73 -28.37 -12.28
N ASN C 301 -66.55 -27.19 -11.67
CA ASN C 301 -67.24 -26.00 -12.13
C ASN C 301 -66.36 -25.07 -12.95
N ALA C 302 -65.07 -25.37 -13.11
CA ALA C 302 -64.18 -24.41 -13.75
C ALA C 302 -64.56 -24.18 -15.21
N ASN C 303 -64.92 -25.24 -15.94
CA ASN C 303 -65.29 -25.05 -17.34
C ASN C 303 -66.57 -24.25 -17.49
N ASP C 304 -67.35 -24.12 -16.42
CA ASP C 304 -68.65 -23.47 -16.48
C ASP C 304 -68.62 -22.02 -16.02
N VAL C 305 -67.48 -21.54 -15.55
CA VAL C 305 -67.35 -20.13 -15.21
C VAL C 305 -67.47 -19.30 -16.47
N LYS C 306 -68.29 -18.26 -16.43
CA LYS C 306 -68.51 -17.37 -17.57
C LYS C 306 -67.80 -16.02 -17.45
N ALA C 307 -67.18 -15.74 -16.31
CA ALA C 307 -66.48 -14.48 -16.14
C ALA C 307 -65.20 -14.46 -16.98
N LYS C 308 -64.77 -13.26 -17.31
CA LYS C 308 -63.48 -13.09 -17.97
C LYS C 308 -62.37 -12.78 -16.97
N PHE C 309 -62.75 -12.25 -15.80
CA PHE C 309 -61.84 -11.92 -14.72
C PHE C 309 -62.33 -12.56 -13.44
N ILE C 310 -61.39 -13.07 -12.65
CA ILE C 310 -61.67 -13.56 -11.31
C ILE C 310 -60.77 -12.78 -10.37
N ILE C 311 -61.38 -12.05 -9.46
CA ILE C 311 -60.66 -11.30 -8.44
C ILE C 311 -60.75 -12.10 -7.14
N GLU C 312 -59.63 -12.70 -6.74
CA GLU C 312 -59.57 -13.57 -5.57
C GLU C 312 -59.51 -12.73 -4.31
N ALA C 313 -60.67 -12.43 -3.71
CA ALA C 313 -60.61 -11.71 -2.44
C ALA C 313 -60.52 -12.65 -1.26
N ALA C 314 -61.27 -13.76 -1.30
CA ALA C 314 -61.09 -14.79 -0.28
C ALA C 314 -59.73 -15.47 -0.44
N ASN C 315 -59.32 -16.22 0.57
CA ASN C 315 -58.04 -16.92 0.50
C ASN C 315 -58.21 -18.28 -0.19
N HIS C 316 -57.35 -18.52 -1.19
CA HIS C 316 -57.20 -19.77 -1.93
C HIS C 316 -58.51 -20.27 -2.53
N PRO C 317 -59.28 -19.44 -3.24
CA PRO C 317 -60.55 -19.95 -3.78
C PRO C 317 -60.40 -20.87 -4.99
N THR C 318 -59.26 -20.84 -5.67
CA THR C 318 -59.06 -21.61 -6.89
C THR C 318 -58.02 -22.70 -6.64
N ASP C 319 -58.40 -23.96 -6.77
CA ASP C 319 -57.38 -25.00 -6.68
C ASP C 319 -56.61 -25.06 -7.99
N PRO C 320 -55.45 -25.74 -8.02
CA PRO C 320 -54.64 -25.72 -9.23
C PRO C 320 -55.34 -26.30 -10.46
N ASP C 321 -56.28 -27.21 -10.26
CA ASP C 321 -57.00 -27.76 -11.40
C ASP C 321 -57.84 -26.69 -12.10
N ALA C 322 -58.64 -25.93 -11.33
CA ALA C 322 -59.44 -24.86 -11.92
C ALA C 322 -58.56 -23.77 -12.52
N ASP C 323 -57.49 -23.38 -11.81
CA ASP C 323 -56.57 -22.36 -12.31
C ASP C 323 -56.03 -22.74 -13.69
N GLU C 324 -55.65 -24.01 -13.86
CA GLU C 324 -55.24 -24.52 -15.15
C GLU C 324 -56.35 -24.37 -16.18
N ILE C 325 -57.55 -24.85 -15.84
CA ILE C 325 -58.67 -24.78 -16.76
C ILE C 325 -59.01 -23.34 -17.11
N LEU C 326 -59.09 -22.47 -16.11
CA LEU C 326 -59.49 -21.10 -16.40
C LEU C 326 -58.46 -20.36 -17.25
N SER C 327 -57.16 -20.57 -17.00
CA SER C 327 -56.16 -19.86 -17.80
C SER C 327 -56.23 -20.27 -19.26
N LYS C 328 -56.53 -21.55 -19.52
CA LYS C 328 -56.62 -22.01 -20.90
C LYS C 328 -57.87 -21.50 -21.60
N LYS C 329 -58.88 -21.09 -20.86
CA LYS C 329 -60.02 -20.40 -21.44
C LYS C 329 -59.80 -18.91 -21.62
N GLY C 330 -58.60 -18.41 -21.32
CA GLY C 330 -58.36 -16.98 -21.41
C GLY C 330 -58.80 -16.18 -20.21
N VAL C 331 -59.12 -16.82 -19.09
CA VAL C 331 -59.55 -16.10 -17.89
C VAL C 331 -58.33 -15.54 -17.16
N ILE C 332 -58.45 -14.28 -16.72
CA ILE C 332 -57.41 -13.61 -15.96
C ILE C 332 -57.80 -13.60 -14.49
N ILE C 333 -56.91 -14.11 -13.63
CA ILE C 333 -57.18 -14.30 -12.21
C ILE C 333 -56.22 -13.41 -11.41
N LEU C 334 -56.77 -12.44 -10.70
CA LEU C 334 -55.95 -11.59 -9.85
C LEU C 334 -55.76 -12.30 -8.52
N PRO C 335 -54.53 -12.63 -8.12
CA PRO C 335 -54.34 -13.61 -7.05
C PRO C 335 -54.63 -13.07 -5.65
N ASP C 336 -55.08 -13.99 -4.78
CA ASP C 336 -55.47 -13.61 -3.43
C ASP C 336 -54.34 -12.92 -2.67
N VAL C 337 -53.10 -13.42 -2.81
CA VAL C 337 -51.99 -12.89 -2.03
C VAL C 337 -51.85 -11.40 -2.22
N TYR C 338 -52.26 -10.89 -3.39
CA TYR C 338 -52.26 -9.45 -3.67
C TYR C 338 -53.61 -8.81 -3.48
N ALA C 339 -54.67 -9.41 -4.04
CA ALA C 339 -55.94 -8.72 -4.18
C ALA C 339 -56.53 -8.34 -2.82
N ASN C 340 -56.35 -9.17 -1.80
CA ASN C 340 -56.98 -8.87 -0.53
C ASN C 340 -56.02 -8.20 0.44
N ALA C 341 -54.91 -7.63 -0.05
CA ALA C 341 -53.87 -7.09 0.81
C ALA C 341 -54.18 -5.72 1.38
N GLY C 342 -55.34 -5.14 1.08
CA GLY C 342 -55.68 -3.85 1.66
C GLY C 342 -55.80 -3.89 3.17
N GLY C 343 -56.23 -5.02 3.71
CA GLY C 343 -56.32 -5.12 5.15
C GLY C 343 -54.98 -5.00 5.83
N VAL C 344 -53.99 -5.79 5.39
CA VAL C 344 -52.69 -5.70 6.02
C VAL C 344 -52.06 -4.33 5.74
N THR C 345 -52.36 -3.74 4.58
CA THR C 345 -51.76 -2.46 4.26
C THR C 345 -52.23 -1.36 5.20
N VAL C 346 -53.52 -1.30 5.49
CA VAL C 346 -54.01 -0.27 6.41
C VAL C 346 -53.52 -0.54 7.84
N SER C 347 -53.29 -1.80 8.16
CA SER C 347 -52.70 -2.14 9.44
C SER C 347 -51.30 -1.52 9.56
N TYR C 348 -50.52 -1.56 8.46
CA TYR C 348 -49.26 -0.82 8.39
C TYR C 348 -49.48 0.69 8.61
N PHE C 349 -50.50 1.27 7.98
CA PHE C 349 -50.77 2.69 8.17
C PHE C 349 -51.12 3.00 9.63
N GLU C 350 -51.82 2.09 10.32
CA GLU C 350 -52.07 2.31 11.74
C GLU C 350 -50.75 2.41 12.52
N TRP C 351 -49.87 1.46 12.29
CA TRP C 351 -48.56 1.48 12.92
C TRP C 351 -47.82 2.76 12.59
N VAL C 352 -47.83 3.16 11.32
CA VAL C 352 -47.18 4.41 10.89
C VAL C 352 -47.74 5.60 11.65
N GLN C 353 -49.08 5.71 11.71
CA GLN C 353 -49.68 6.85 12.41
C GLN C 353 -49.29 6.87 13.87
N ASN C 354 -49.23 5.70 14.51
CA ASN C 354 -48.83 5.65 15.91
C ASN C 354 -47.38 6.07 16.07
N ILE C 355 -46.47 5.55 15.25
CA ILE C 355 -45.09 5.94 15.47
C ILE C 355 -44.91 7.42 15.15
N GLN C 356 -45.75 7.99 14.28
CA GLN C 356 -45.69 9.43 13.98
C GLN C 356 -46.43 10.29 15.01
N GLY C 357 -47.14 9.69 15.97
CA GLY C 357 -47.80 10.41 17.02
C GLY C 357 -48.92 11.30 16.56
N PHE C 358 -49.52 11.03 15.40
CA PHE C 358 -50.44 11.98 14.77
C PHE C 358 -51.29 11.21 13.78
N MET C 359 -52.60 11.13 14.00
CA MET C 359 -53.46 10.31 13.16
C MET C 359 -53.82 11.04 11.86
N TRP C 360 -54.06 10.26 10.82
CA TRP C 360 -54.48 10.72 9.50
C TRP C 360 -56.01 10.77 9.43
N ASP C 361 -56.53 11.60 8.54
CA ASP C 361 -57.96 11.43 8.33
C ASP C 361 -58.21 10.30 7.31
N GLU C 362 -59.47 9.91 7.19
CA GLU C 362 -59.80 8.76 6.34
C GLU C 362 -59.50 9.03 4.87
N GLU C 363 -59.64 10.27 4.43
CA GLU C 363 -59.23 10.66 3.09
C GLU C 363 -57.76 10.30 2.81
N LYS C 364 -56.87 10.57 3.78
CA LYS C 364 -55.45 10.29 3.58
C LYS C 364 -55.19 8.78 3.62
N VAL C 365 -55.84 8.07 4.54
CA VAL C 365 -55.71 6.60 4.59
C VAL C 365 -56.05 5.98 3.24
N ASN C 366 -57.19 6.38 2.67
CA ASN C 366 -57.62 5.78 1.41
C ASN C 366 -56.75 6.22 0.25
N GLN C 367 -56.27 7.46 0.27
CA GLN C 367 -55.31 7.91 -0.72
C GLN C 367 -54.03 7.09 -0.69
N GLU C 368 -53.49 6.84 0.52
CA GLU C 368 -52.28 6.02 0.60
C GLU C 368 -52.59 4.55 0.29
N LEU C 369 -53.76 4.05 0.69
CA LEU C 369 -54.12 2.69 0.33
C LEU C 369 -54.16 2.53 -1.19
N LYS C 370 -54.74 3.50 -1.90
CA LYS C 370 -54.77 3.44 -3.36
C LYS C 370 -53.37 3.50 -3.96
N ARG C 371 -52.51 4.39 -3.46
CA ARG C 371 -51.15 4.45 -3.97
C ARG C 371 -50.43 3.11 -3.76
N TYR C 372 -50.60 2.49 -2.58
CA TYR C 372 -49.89 1.24 -2.33
C TYR C 372 -50.44 0.11 -3.22
N MET C 373 -51.76 -0.02 -3.35
CA MET C 373 -52.29 -1.09 -4.18
C MET C 373 -51.95 -0.87 -5.65
N THR C 374 -51.91 0.39 -6.09
CA THR C 374 -51.61 0.66 -7.50
C THR C 374 -50.16 0.32 -7.83
N LYS C 375 -49.23 0.74 -6.98
CA LYS C 375 -47.82 0.45 -7.22
C LYS C 375 -47.54 -1.05 -7.12
N ALA C 376 -48.25 -1.76 -6.23
CA ALA C 376 -48.04 -3.20 -6.15
C ALA C 376 -48.47 -3.89 -7.44
N PHE C 377 -49.59 -3.46 -8.03
CA PHE C 377 -50.00 -4.07 -9.29
C PHE C 377 -49.00 -3.79 -10.40
N ASN C 378 -48.52 -2.56 -10.49
CA ASN C 378 -47.52 -2.25 -11.51
C ASN C 378 -46.29 -3.15 -11.36
N ASP C 379 -45.78 -3.32 -10.12
CA ASP C 379 -44.65 -4.21 -9.87
C ASP C 379 -44.98 -5.65 -10.24
N ILE C 380 -46.19 -6.13 -9.92
CA ILE C 380 -46.57 -7.48 -10.30
C ILE C 380 -46.54 -7.64 -11.82
N LYS C 381 -47.16 -6.70 -12.53
CA LYS C 381 -47.21 -6.79 -14.00
C LYS C 381 -45.82 -6.74 -14.61
N ALA C 382 -44.94 -5.89 -14.07
CA ALA C 382 -43.56 -5.87 -14.56
C ALA C 382 -42.89 -7.23 -14.38
N ASN C 383 -43.08 -7.86 -13.20
CA ASN C 383 -42.58 -9.21 -12.98
C ASN C 383 -43.14 -10.20 -13.99
N CYS C 384 -44.44 -10.12 -14.26
CA CYS C 384 -45.01 -11.00 -15.28
C CYS C 384 -44.31 -10.83 -16.61
N LYS C 385 -43.98 -9.60 -16.97
CA LYS C 385 -43.29 -9.39 -18.23
C LYS C 385 -41.89 -10.01 -18.18
N THR C 386 -41.20 -9.85 -17.05
CA THR C 386 -39.83 -10.35 -16.92
C THR C 386 -39.77 -11.87 -16.99
N HIS C 387 -40.72 -12.56 -16.35
CA HIS C 387 -40.70 -14.02 -16.25
C HIS C 387 -41.69 -14.71 -17.17
N ASN C 388 -42.48 -13.94 -17.93
CA ASN C 388 -43.49 -14.49 -18.82
C ASN C 388 -44.42 -15.45 -18.09
N CYS C 389 -45.03 -14.96 -17.01
CA CYS C 389 -45.87 -15.79 -16.17
C CYS C 389 -47.17 -15.07 -15.85
N ASP C 390 -48.12 -15.83 -15.30
CA ASP C 390 -49.41 -15.27 -14.96
C ASP C 390 -49.28 -14.35 -13.74
N LEU C 391 -50.40 -13.72 -13.38
CA LEU C 391 -50.37 -12.75 -12.29
C LEU C 391 -50.03 -13.40 -10.96
N ARG C 392 -50.50 -14.62 -10.73
CA ARG C 392 -50.22 -15.29 -9.48
C ARG C 392 -48.71 -15.47 -9.28
N MET C 393 -48.00 -15.92 -10.31
CA MET C 393 -46.57 -16.08 -10.20
C MET C 393 -45.84 -14.76 -10.30
N GLY C 394 -46.41 -13.77 -10.99
CA GLY C 394 -45.87 -12.42 -10.89
C GLY C 394 -45.83 -11.91 -9.46
N ALA C 395 -46.90 -12.17 -8.70
CA ALA C 395 -46.99 -11.73 -7.32
C ALA C 395 -46.05 -12.54 -6.41
N PHE C 396 -46.07 -13.86 -6.52
CA PHE C 396 -45.23 -14.64 -5.64
C PHE C 396 -43.75 -14.44 -5.92
N THR C 397 -43.33 -14.39 -7.20
CA THR C 397 -41.91 -14.17 -7.47
C THR C 397 -41.49 -12.78 -6.99
N LEU C 398 -42.39 -11.80 -7.04
CA LEU C 398 -42.08 -10.46 -6.55
C LEU C 398 -41.81 -10.48 -5.06
N GLY C 399 -42.72 -11.09 -4.31
CA GLY C 399 -42.56 -11.11 -2.86
C GLY C 399 -41.38 -11.96 -2.43
N LEU C 400 -41.25 -13.15 -3.02
CA LEU C 400 -40.14 -14.02 -2.69
C LEU C 400 -38.80 -13.38 -3.02
N ASN C 401 -38.71 -12.70 -4.16
CA ASN C 401 -37.42 -12.12 -4.52
C ASN C 401 -37.05 -10.94 -3.60
N ARG C 402 -38.04 -10.15 -3.19
CA ARG C 402 -37.73 -9.01 -2.33
C ARG C 402 -37.19 -9.49 -1.01
N VAL C 403 -37.79 -10.55 -0.45
CA VAL C 403 -37.27 -11.15 0.76
C VAL C 403 -35.88 -11.71 0.53
N ALA C 404 -35.68 -12.40 -0.60
CA ALA C 404 -34.35 -12.93 -0.91
C ALA C 404 -33.33 -11.80 -1.03
N ARG C 405 -33.71 -10.68 -1.66
CA ARG C 405 -32.76 -9.58 -1.80
C ARG C 405 -32.40 -9.00 -0.45
N ALA C 406 -33.39 -8.83 0.41
CA ALA C 406 -33.13 -8.22 1.70
C ALA C 406 -32.25 -9.11 2.57
N THR C 407 -32.46 -10.43 2.58
CA THR C 407 -31.58 -11.27 3.38
C THR C 407 -30.19 -11.34 2.77
N LEU C 408 -30.07 -11.36 1.43
CA LEU C 408 -28.73 -11.38 0.83
C LEU C 408 -27.97 -10.08 1.12
N LEU C 409 -28.65 -8.93 1.07
CA LEU C 409 -28.00 -7.67 1.42
C LEU C 409 -27.55 -7.68 2.86
N ARG C 410 -28.34 -8.26 3.75
CA ARG C 410 -27.97 -8.27 5.16
C ARG C 410 -26.80 -9.19 5.43
N GLY C 411 -26.65 -10.26 4.68
CA GLY C 411 -25.44 -11.06 4.79
C GLY C 411 -25.53 -12.15 5.83
N TRP C 412 -24.49 -12.98 5.88
CA TRP C 412 -24.49 -14.21 6.64
C TRP C 412 -23.36 -14.34 7.67
N GLU C 413 -22.38 -13.44 7.67
CA GLU C 413 -21.27 -13.61 8.60
C GLU C 413 -21.76 -13.32 10.02
N ALA C 414 -21.09 -13.92 11.01
CA ALA C 414 -21.62 -13.85 12.36
C ALA C 414 -21.45 -12.45 12.94
N ALA D 3 -8.79 15.42 3.28
CA ALA D 3 -7.41 15.63 2.85
C ALA D 3 -6.75 16.77 3.63
N MET D 4 -5.56 17.19 3.17
CA MET D 4 -4.83 18.26 3.86
C MET D 4 -5.44 19.63 3.58
N ASN D 5 -5.95 19.85 2.35
CA ASN D 5 -6.57 21.13 2.04
C ASN D 5 -7.79 21.37 2.91
N ALA D 6 -8.52 20.30 3.28
CA ALA D 6 -9.70 20.47 4.12
C ALA D 6 -9.32 20.96 5.52
N LEU D 7 -8.19 20.49 6.06
CA LEU D 7 -7.69 21.00 7.34
C LEU D 7 -7.39 22.50 7.25
N VAL D 8 -6.55 22.90 6.31
CA VAL D 8 -6.15 24.30 6.25
C VAL D 8 -7.36 25.19 5.97
N ALA D 9 -8.25 24.77 5.05
CA ALA D 9 -9.41 25.58 4.68
C ALA D 9 -10.40 25.66 5.83
N THR D 10 -10.65 24.55 6.51
CA THR D 10 -11.60 24.58 7.63
C THR D 10 -11.06 25.43 8.77
N ASN D 11 -9.77 25.34 9.07
CA ASN D 11 -9.22 26.18 10.13
C ASN D 11 -9.33 27.65 9.77
N ARG D 12 -8.89 28.03 8.58
CA ARG D 12 -8.93 29.43 8.18
C ARG D 12 -10.37 29.97 8.19
N ASN D 13 -11.31 29.17 7.68
CA ASN D 13 -12.70 29.63 7.66
C ASN D 13 -13.25 29.76 9.06
N PHE D 14 -12.93 28.81 9.94
CA PHE D 14 -13.40 28.91 11.31
C PHE D 14 -12.86 30.16 11.99
N GLN D 15 -11.56 30.42 11.85
CA GLN D 15 -10.97 31.58 12.52
C GLN D 15 -11.54 32.89 11.98
N ARG D 16 -11.75 32.96 10.67
CA ARG D 16 -12.32 34.16 10.07
C ARG D 16 -13.75 34.41 10.57
N ALA D 17 -14.59 33.37 10.56
CA ALA D 17 -15.97 33.54 11.02
C ALA D 17 -16.04 33.82 12.51
N SER D 18 -15.15 33.22 13.29
CA SER D 18 -15.10 33.45 14.72
C SER D 18 -14.83 34.90 15.04
N ARG D 19 -13.93 35.53 14.28
CA ARG D 19 -13.64 36.94 14.50
C ARG D 19 -14.84 37.82 14.13
N ILE D 20 -15.49 37.55 12.99
CA ILE D 20 -16.64 38.35 12.57
C ILE D 20 -17.72 38.29 13.64
N LEU D 21 -17.99 37.10 14.18
CA LEU D 21 -18.97 36.93 15.23
C LEU D 21 -18.50 37.44 16.59
N GLY D 22 -17.21 37.71 16.76
CA GLY D 22 -16.75 38.07 18.10
C GLY D 22 -16.94 36.94 19.11
N LEU D 23 -16.69 35.70 18.71
CA LEU D 23 -16.93 34.55 19.57
C LEU D 23 -16.11 34.63 20.86
N ASP D 24 -16.76 34.42 21.99
CA ASP D 24 -16.06 34.32 23.28
C ASP D 24 -15.03 33.20 23.22
N SER D 25 -13.81 33.45 23.71
CA SER D 25 -12.73 32.50 23.44
C SER D 25 -12.88 31.19 24.23
N LYS D 26 -13.52 31.22 25.40
CA LYS D 26 -13.72 29.94 26.09
C LYS D 26 -14.84 29.14 25.45
N LEU D 27 -15.87 29.80 24.93
CA LEU D 27 -16.84 29.12 24.07
C LEU D 27 -16.16 28.55 22.84
N GLU D 28 -15.30 29.35 22.20
CA GLU D 28 -14.60 28.84 21.02
C GLU D 28 -13.73 27.64 21.38
N LYS D 29 -13.00 27.72 22.51
CA LYS D 29 -12.19 26.59 22.93
C LYS D 29 -13.05 25.33 23.09
N SER D 30 -14.21 25.45 23.74
CA SER D 30 -15.11 24.30 23.88
C SER D 30 -15.61 23.79 22.51
N LEU D 31 -16.01 24.70 21.60
CA LEU D 31 -16.51 24.25 20.29
C LEU D 31 -15.44 23.51 19.49
N LEU D 32 -14.17 23.80 19.71
CA LEU D 32 -13.13 23.08 19.00
C LEU D 32 -12.80 21.71 19.62
N ILE D 33 -13.04 21.51 20.91
CA ILE D 33 -12.78 20.23 21.55
C ILE D 33 -13.92 19.30 21.20
N PRO D 34 -13.68 18.14 20.57
CA PRO D 34 -14.80 17.24 20.25
C PRO D 34 -15.44 16.66 21.51
N TYR D 35 -16.76 16.49 21.43
CA TYR D 35 -17.50 15.78 22.45
C TYR D 35 -16.79 14.48 22.83
N ARG D 36 -16.44 13.68 21.83
CA ARG D 36 -15.87 12.39 22.20
C ARG D 36 -15.05 11.88 21.03
N GLU D 37 -13.89 11.31 21.34
CA GLU D 37 -13.02 10.62 20.38
C GLU D 37 -12.89 9.16 20.81
N ILE D 38 -13.14 8.22 19.91
CA ILE D 38 -13.09 6.79 20.18
C ILE D 38 -12.15 6.10 19.22
N LYS D 39 -11.30 5.22 19.74
CA LYS D 39 -10.51 4.28 18.96
C LYS D 39 -10.73 2.88 19.53
N VAL D 40 -11.02 1.91 18.65
CA VAL D 40 -11.34 0.55 19.03
C VAL D 40 -10.54 -0.44 18.20
N GLU D 41 -10.16 -1.56 18.81
CA GLU D 41 -9.55 -2.64 18.05
C GLU D 41 -10.62 -3.34 17.21
N CYS D 42 -10.31 -3.58 15.93
CA CYS D 42 -11.14 -4.38 15.02
C CYS D 42 -10.27 -5.51 14.46
N THR D 43 -10.37 -6.68 15.06
CA THR D 43 -9.62 -7.85 14.61
C THR D 43 -10.57 -8.87 14.01
N ILE D 44 -10.19 -9.44 12.87
CA ILE D 44 -11.02 -10.42 12.20
C ILE D 44 -10.14 -11.55 11.70
N PRO D 45 -10.74 -12.72 11.47
CA PRO D 45 -10.04 -13.74 10.69
C PRO D 45 -10.16 -13.43 9.21
N LYS D 46 -9.06 -13.58 8.49
CA LYS D 46 -9.10 -13.45 7.04
C LYS D 46 -9.72 -14.71 6.44
N ASP D 47 -10.02 -14.67 5.14
CA ASP D 47 -10.55 -15.85 4.48
C ASP D 47 -9.64 -17.06 4.63
N ASP D 48 -8.32 -16.87 4.76
CA ASP D 48 -7.42 -18.00 4.95
C ASP D 48 -7.30 -18.41 6.40
N GLY D 49 -8.01 -17.78 7.32
CA GLY D 49 -7.99 -18.18 8.70
C GLY D 49 -7.00 -17.47 9.59
N SER D 50 -6.06 -16.71 9.04
CA SER D 50 -5.13 -15.96 9.87
C SER D 50 -5.77 -14.65 10.34
N LEU D 51 -5.18 -14.07 11.39
CA LEU D 51 -5.70 -12.87 12.01
C LEU D 51 -5.19 -11.60 11.29
N VAL D 52 -6.03 -10.57 11.28
CA VAL D 52 -5.59 -9.23 10.93
C VAL D 52 -6.25 -8.26 11.91
N SER D 53 -5.49 -7.25 12.34
CA SER D 53 -5.93 -6.30 13.36
C SER D 53 -5.91 -4.88 12.82
N TYR D 54 -7.03 -4.19 12.94
CA TYR D 54 -7.12 -2.79 12.56
C TYR D 54 -7.62 -2.00 13.75
N VAL D 55 -7.47 -0.69 13.66
CA VAL D 55 -8.02 0.26 14.62
C VAL D 55 -9.15 1.02 13.92
N GLY D 56 -10.34 0.90 14.47
CA GLY D 56 -11.43 1.72 14.04
C GLY D 56 -11.56 2.96 14.91
N PHE D 57 -12.27 3.96 14.41
CA PHE D 57 -12.33 5.17 15.19
C PHE D 57 -13.63 5.92 14.90
N ARG D 58 -14.00 6.78 15.82
CA ARG D 58 -15.15 7.64 15.62
C ARG D 58 -14.87 8.93 16.38
N ILE D 59 -14.76 10.03 15.65
CA ILE D 59 -14.65 11.36 16.25
C ILE D 59 -16.08 11.91 16.31
N GLN D 60 -16.59 12.14 17.51
CA GLN D 60 -17.92 12.75 17.68
C GLN D 60 -17.69 14.20 18.07
N HIS D 61 -17.79 15.10 17.09
CA HIS D 61 -17.33 16.46 17.34
C HIS D 61 -18.33 17.24 18.20
N ASP D 62 -19.58 17.31 17.75
CA ASP D 62 -20.54 18.19 18.41
C ASP D 62 -21.95 17.65 18.27
N ASN D 63 -22.74 17.79 19.32
CA ASN D 63 -24.14 17.35 19.27
C ASN D 63 -25.06 18.38 19.88
N ALA D 64 -24.66 19.66 19.88
CA ALA D 64 -25.55 20.64 20.49
C ALA D 64 -26.87 20.75 19.71
N ARG D 65 -26.86 20.52 18.40
CA ARG D 65 -28.05 20.73 17.58
C ARG D 65 -28.81 19.44 17.23
N GLY D 66 -28.34 18.28 17.64
CA GLY D 66 -29.06 17.05 17.39
C GLY D 66 -28.08 15.90 17.32
N PRO D 67 -28.54 14.70 16.91
CA PRO D 67 -27.61 13.57 16.80
C PRO D 67 -26.43 13.89 15.90
N MET D 68 -25.32 13.23 16.14
CA MET D 68 -24.18 13.44 15.27
C MET D 68 -24.37 12.68 13.96
N LYS D 69 -23.73 13.19 12.92
CA LYS D 69 -23.92 12.68 11.58
C LYS D 69 -22.56 12.74 10.91
N GLY D 70 -22.20 11.69 10.17
CA GLY D 70 -20.94 11.73 9.44
C GLY D 70 -20.54 10.38 8.88
N GLY D 71 -19.69 10.42 7.87
CA GLY D 71 -19.33 9.21 7.15
C GLY D 71 -18.35 8.30 7.88
N ILE D 72 -18.22 7.10 7.32
CA ILE D 72 -17.25 6.14 7.77
C ILE D 72 -16.32 5.83 6.60
N ARG D 73 -15.03 6.12 6.81
CA ARG D 73 -14.02 5.96 5.78
C ARG D 73 -13.23 4.69 6.00
N TYR D 74 -13.18 3.83 5.00
CA TYR D 74 -12.22 2.71 4.98
C TYR D 74 -11.06 3.19 4.13
N HIS D 75 -9.99 3.61 4.78
CA HIS D 75 -8.93 4.32 4.08
C HIS D 75 -7.70 4.25 4.96
N PRO D 76 -6.51 4.12 4.39
CA PRO D 76 -5.33 3.94 5.24
C PRO D 76 -4.87 5.19 5.97
N GLU D 77 -5.19 6.39 5.51
CA GLU D 77 -4.62 7.58 6.13
C GLU D 77 -5.63 8.17 7.11
N VAL D 78 -5.23 8.20 8.37
CA VAL D 78 -6.14 8.42 9.49
C VAL D 78 -5.52 9.48 10.39
N ASP D 79 -4.86 10.47 9.79
CA ASP D 79 -4.25 11.53 10.56
C ASP D 79 -5.26 12.18 11.51
N PRO D 80 -4.99 12.21 12.82
CA PRO D 80 -6.00 12.70 13.77
C PRO D 80 -6.46 14.13 13.52
N ASP D 81 -5.55 15.03 13.16
CA ASP D 81 -5.92 16.42 12.91
C ASP D 81 -6.85 16.56 11.71
N GLU D 82 -6.58 15.81 10.63
CA GLU D 82 -7.47 15.85 9.47
C GLU D 82 -8.82 15.22 9.79
N VAL D 83 -8.83 14.05 10.41
CA VAL D 83 -10.11 13.42 10.73
C VAL D 83 -10.92 14.34 11.63
N ASN D 84 -10.25 14.94 12.60
CA ASN D 84 -10.89 15.90 13.49
C ASN D 84 -11.46 17.10 12.72
N ALA D 85 -10.71 17.62 11.75
CA ALA D 85 -11.21 18.74 10.97
C ALA D 85 -12.45 18.34 10.16
N LEU D 86 -12.47 17.11 9.64
CA LEU D 86 -13.62 16.67 8.84
C LEU D 86 -14.86 16.57 9.70
N ALA D 87 -14.74 16.05 10.92
CA ALA D 87 -15.89 15.95 11.81
C ALA D 87 -16.43 17.34 12.14
N GLN D 88 -15.52 18.27 12.42
CA GLN D 88 -15.88 19.65 12.72
C GLN D 88 -16.53 20.33 11.51
N LEU D 89 -16.02 20.07 10.30
CA LEU D 89 -16.64 20.64 9.11
C LEU D 89 -18.09 20.20 8.97
N MET D 90 -18.39 18.93 9.26
CA MET D 90 -19.78 18.45 9.26
C MET D 90 -20.65 19.21 10.25
N THR D 91 -20.14 19.51 11.45
CA THR D 91 -20.91 20.28 12.42
C THR D 91 -21.31 21.64 11.84
N TRP D 92 -20.39 22.32 11.15
CA TRP D 92 -20.72 23.61 10.56
C TRP D 92 -21.66 23.44 9.37
N LYS D 93 -21.43 22.39 8.57
CA LYS D 93 -22.21 22.22 7.35
C LYS D 93 -23.69 21.98 7.66
N THR D 94 -23.98 21.06 8.59
CA THR D 94 -25.38 20.79 8.96
C THR D 94 -26.05 22.02 9.54
N ALA D 95 -25.30 22.83 10.29
CA ALA D 95 -25.86 24.07 10.80
C ALA D 95 -26.15 25.06 9.68
N VAL D 96 -25.34 25.07 8.62
CA VAL D 96 -25.56 26.05 7.55
C VAL D 96 -26.90 25.82 6.87
N VAL D 97 -27.25 24.57 6.60
CA VAL D 97 -28.51 24.27 5.91
C VAL D 97 -29.62 23.95 6.90
N ASP D 98 -29.36 24.16 8.18
CA ASP D 98 -30.39 24.07 9.20
C ASP D 98 -30.97 22.66 9.34
N ILE D 99 -30.12 21.63 9.26
CA ILE D 99 -30.60 20.29 9.56
C ILE D 99 -30.20 19.95 10.99
N PRO D 100 -31.04 19.23 11.74
CA PRO D 100 -30.83 19.08 13.20
C PRO D 100 -29.86 17.96 13.55
N TYR D 101 -28.61 18.17 13.14
CA TYR D 101 -27.51 17.26 13.41
C TYR D 101 -26.30 18.04 13.88
N GLY D 102 -25.45 17.33 14.62
CA GLY D 102 -24.07 17.71 14.78
C GLY D 102 -23.21 16.85 13.87
N GLY D 103 -21.90 17.05 13.99
CA GLY D 103 -20.93 16.46 13.10
C GLY D 103 -20.11 15.37 13.78
N ALA D 104 -19.76 14.36 13.00
CA ALA D 104 -18.92 13.25 13.43
C ALA D 104 -18.20 12.76 12.19
N LYS D 105 -17.19 11.92 12.39
CA LYS D 105 -16.45 11.32 11.28
C LYS D 105 -15.75 10.10 11.85
N GLY D 106 -15.86 8.97 11.17
CA GLY D 106 -15.24 7.76 11.70
C GLY D 106 -14.59 6.95 10.61
N GLY D 107 -14.10 5.77 10.93
CA GLY D 107 -13.55 4.93 9.90
C GLY D 107 -12.71 3.82 10.49
N ILE D 108 -12.01 3.13 9.60
CA ILE D 108 -11.08 2.06 9.95
C ILE D 108 -9.84 2.29 9.10
N GLY D 109 -8.68 2.29 9.74
CA GLY D 109 -7.45 2.45 8.98
C GLY D 109 -7.11 1.18 8.23
N CYS D 110 -7.54 1.07 6.99
CA CYS D 110 -7.33 -0.15 6.22
C CYS D 110 -7.43 0.20 4.75
N ASN D 111 -6.96 -0.71 3.90
CA ASN D 111 -7.20 -0.52 2.47
C ASN D 111 -8.22 -1.54 1.97
N PRO D 112 -9.46 -1.12 1.69
CA PRO D 112 -10.51 -2.10 1.35
C PRO D 112 -10.18 -2.95 0.16
N LYS D 113 -9.36 -2.46 -0.77
CA LYS D 113 -9.02 -3.30 -1.92
C LYS D 113 -8.17 -4.48 -1.52
N ASP D 114 -7.59 -4.48 -0.32
CA ASP D 114 -6.84 -5.63 0.17
C ASP D 114 -7.75 -6.69 0.79
N LEU D 115 -9.05 -6.44 0.89
CA LEU D 115 -9.97 -7.28 1.64
C LEU D 115 -11.06 -7.78 0.70
N SER D 116 -11.38 -9.07 0.85
CA SER D 116 -12.46 -9.70 0.12
C SER D 116 -13.82 -9.23 0.65
N ILE D 117 -14.87 -9.55 -0.10
CA ILE D 117 -16.20 -9.11 0.27
C ILE D 117 -16.59 -9.71 1.62
N SER D 118 -16.17 -10.96 1.89
CA SER D 118 -16.50 -11.57 3.16
C SER D 118 -15.64 -11.03 4.30
N GLU D 119 -14.38 -10.69 4.04
CA GLU D 119 -13.56 -10.01 5.06
C GLU D 119 -14.10 -8.62 5.37
N LEU D 120 -14.55 -7.90 4.34
CA LEU D 120 -15.14 -6.60 4.58
C LEU D 120 -16.40 -6.71 5.43
N GLU D 121 -17.23 -7.74 5.21
CA GLU D 121 -18.41 -7.90 6.03
C GLU D 121 -18.03 -8.18 7.48
N ARG D 122 -17.08 -9.10 7.72
CA ARG D 122 -16.66 -9.40 9.09
C ARG D 122 -16.08 -8.17 9.76
N LEU D 123 -15.25 -7.43 9.01
CA LEU D 123 -14.69 -6.21 9.57
C LEU D 123 -15.77 -5.20 9.94
N THR D 124 -16.76 -5.01 9.06
CA THR D 124 -17.83 -4.06 9.34
C THR D 124 -18.64 -4.46 10.57
N ARG D 125 -18.93 -5.77 10.71
CA ARG D 125 -19.73 -6.22 11.85
C ARG D 125 -18.97 -6.07 13.14
N VAL D 126 -17.68 -6.40 13.13
CA VAL D 126 -16.86 -6.24 14.33
C VAL D 126 -16.77 -4.78 14.72
N PHE D 127 -16.57 -3.89 13.74
CA PHE D 127 -16.55 -2.47 14.02
C PHE D 127 -17.85 -2.03 14.68
N THR D 128 -18.98 -2.49 14.13
CA THR D 128 -20.29 -2.17 14.69
C THR D 128 -20.44 -2.71 16.11
N GLN D 129 -20.04 -3.95 16.33
CA GLN D 129 -20.06 -4.50 17.69
C GLN D 129 -19.24 -3.62 18.62
N LYS D 130 -18.14 -3.05 18.12
CA LYS D 130 -17.29 -2.29 19.01
C LYS D 130 -17.81 -0.90 19.28
N ILE D 131 -18.76 -0.39 18.48
CA ILE D 131 -19.19 1.00 18.69
C ILE D 131 -20.71 1.11 18.85
N HIS D 132 -21.40 -0.03 18.91
CA HIS D 132 -22.86 0.03 18.88
C HIS D 132 -23.41 0.87 20.03
N ASP D 133 -22.75 0.87 21.18
CA ASP D 133 -23.21 1.65 22.31
C ASP D 133 -22.91 3.14 22.16
N LEU D 134 -22.13 3.54 21.17
CA LEU D 134 -21.75 4.94 20.99
C LEU D 134 -22.52 5.62 19.87
N ILE D 135 -23.22 4.86 19.04
CA ILE D 135 -24.00 5.39 17.93
C ILE D 135 -25.45 5.10 18.29
N GLY D 136 -26.38 5.47 17.42
CA GLY D 136 -27.80 5.29 17.65
C GLY D 136 -28.60 6.31 16.88
N ILE D 137 -29.90 6.00 16.71
CA ILE D 137 -30.75 6.79 15.81
C ILE D 137 -30.85 8.25 16.28
N HIS D 138 -30.71 8.49 17.58
CA HIS D 138 -30.77 9.84 18.11
C HIS D 138 -29.47 10.22 18.79
N ARG D 139 -28.40 9.49 18.49
CA ARG D 139 -27.11 9.72 19.10
C ARG D 139 -26.05 10.02 18.05
N ASP D 140 -25.86 9.12 17.07
CA ASP D 140 -24.83 9.28 16.06
C ASP D 140 -25.20 8.34 14.92
N VAL D 141 -25.33 8.89 13.72
CA VAL D 141 -25.90 8.21 12.56
C VAL D 141 -24.85 8.18 11.46
N PRO D 142 -24.13 7.09 11.30
CA PRO D 142 -23.10 7.04 10.25
C PRO D 142 -23.67 6.98 8.83
N ALA D 143 -22.76 7.03 7.86
CA ALA D 143 -23.12 7.10 6.45
C ALA D 143 -21.92 6.64 5.63
N PRO D 144 -22.12 6.34 4.34
CA PRO D 144 -20.98 5.98 3.50
C PRO D 144 -20.00 7.15 3.35
N ASP D 145 -18.79 6.80 2.96
CA ASP D 145 -17.73 7.76 2.73
C ASP D 145 -16.69 7.02 1.88
N MET D 146 -15.47 7.57 1.78
CA MET D 146 -14.42 6.92 1.02
C MET D 146 -14.22 5.48 1.47
N GLY D 147 -14.26 4.56 0.52
CA GLY D 147 -14.07 3.17 0.85
C GLY D 147 -15.27 2.42 1.39
N THR D 148 -16.43 3.06 1.54
CA THR D 148 -17.64 2.34 1.97
C THR D 148 -18.80 2.69 1.04
N ASN D 149 -19.87 1.90 1.10
CA ASN D 149 -21.02 2.09 0.21
C ASN D 149 -22.29 1.60 0.91
N SER D 150 -23.37 1.49 0.13
CA SER D 150 -24.66 1.13 0.71
C SER D 150 -24.66 -0.30 1.22
N GLN D 151 -23.84 -1.17 0.61
CA GLN D 151 -23.68 -2.51 1.16
C GLN D 151 -23.02 -2.46 2.55
N THR D 152 -22.02 -1.59 2.75
CA THR D 152 -21.42 -1.46 4.07
C THR D 152 -22.48 -1.09 5.09
N MET D 153 -23.37 -0.16 4.72
CA MET D 153 -24.42 0.33 5.63
C MET D 153 -25.43 -0.77 5.96
N ALA D 154 -25.74 -1.63 4.99
CA ALA D 154 -26.62 -2.76 5.24
C ALA D 154 -26.04 -3.66 6.33
N TRP D 155 -24.71 -3.88 6.32
CA TRP D 155 -24.08 -4.71 7.33
C TRP D 155 -24.11 -4.04 8.70
N ILE D 156 -23.86 -2.73 8.74
CA ILE D 156 -23.96 -2.02 10.01
C ILE D 156 -25.38 -2.15 10.56
N LEU D 157 -26.38 -1.89 9.70
CA LEU D 157 -27.77 -2.00 10.12
C LEU D 157 -28.08 -3.40 10.64
N ASP D 158 -27.64 -4.43 9.91
CA ASP D 158 -27.92 -5.79 10.34
C ASP D 158 -27.23 -6.08 11.67
N GLU D 159 -25.98 -5.66 11.81
CA GLU D 159 -25.30 -5.97 13.06
C GLU D 159 -25.83 -5.12 14.22
N TYR D 160 -26.04 -3.83 13.99
CA TYR D 160 -26.55 -2.97 15.07
C TYR D 160 -27.87 -3.47 15.60
N SER D 161 -28.74 -3.98 14.70
CA SER D 161 -30.09 -4.37 15.09
C SER D 161 -30.12 -5.58 16.00
N LYS D 162 -29.08 -6.41 16.01
CA LYS D 162 -29.02 -7.48 16.99
C LYS D 162 -28.95 -6.95 18.42
N PHE D 163 -28.34 -5.76 18.61
CA PHE D 163 -28.14 -5.17 19.92
C PHE D 163 -29.28 -4.28 20.36
N HIS D 164 -30.05 -3.74 19.42
CA HIS D 164 -31.05 -2.74 19.77
C HIS D 164 -32.37 -2.92 19.03
N GLY D 165 -32.58 -4.03 18.35
CA GLY D 165 -33.75 -4.18 17.51
C GLY D 165 -33.59 -3.47 16.18
N HIS D 166 -34.44 -3.85 15.24
CA HIS D 166 -34.45 -3.27 13.90
C HIS D 166 -34.37 -1.74 13.98
N SER D 167 -33.30 -1.15 13.45
CA SER D 167 -33.07 0.29 13.60
C SER D 167 -32.65 0.96 12.30
N PRO D 168 -33.57 1.03 11.33
CA PRO D 168 -33.22 1.58 10.00
C PRO D 168 -32.66 3.00 10.02
N ALA D 169 -33.02 3.81 11.01
CA ALA D 169 -32.51 5.17 11.04
C ALA D 169 -31.10 5.26 11.63
N VAL D 170 -30.49 4.15 12.05
CA VAL D 170 -29.17 4.25 12.66
C VAL D 170 -28.10 4.59 11.63
N VAL D 171 -28.41 4.49 10.35
CA VAL D 171 -27.43 4.69 9.31
C VAL D 171 -28.18 5.20 8.08
N THR D 172 -27.56 6.11 7.31
CA THR D 172 -28.15 6.54 6.04
C THR D 172 -27.30 5.99 4.88
N GLY D 173 -27.74 6.27 3.66
CA GLY D 173 -27.11 5.66 2.51
C GLY D 173 -27.38 4.18 2.34
N LYS D 174 -28.47 3.66 2.92
CA LYS D 174 -28.81 2.24 2.86
C LYS D 174 -29.29 1.87 1.46
N PRO D 175 -29.25 0.59 1.10
CA PRO D 175 -29.95 0.15 -0.11
C PRO D 175 -31.44 0.49 -0.03
N ILE D 176 -32.02 0.79 -1.20
CA ILE D 176 -33.46 1.04 -1.27
C ILE D 176 -34.21 -0.12 -0.64
N ASP D 177 -33.72 -1.33 -0.87
CA ASP D 177 -34.38 -2.50 -0.32
C ASP D 177 -34.41 -2.51 1.19
N LEU D 178 -33.56 -1.73 1.86
CA LEU D 178 -33.51 -1.74 3.32
C LEU D 178 -33.79 -0.37 3.91
N GLY D 179 -34.58 0.44 3.23
CA GLY D 179 -34.98 1.71 3.77
C GLY D 179 -34.23 2.90 3.24
N GLY D 180 -33.43 2.74 2.20
CA GLY D 180 -32.80 3.88 1.60
C GLY D 180 -33.81 4.79 0.91
N SER D 181 -33.43 6.04 0.75
CA SER D 181 -34.30 7.06 0.21
C SER D 181 -34.16 7.15 -1.30
N LEU D 182 -35.28 7.47 -1.95
CA LEU D 182 -35.22 7.90 -3.33
C LEU D 182 -34.48 9.23 -3.43
N GLY D 183 -34.01 9.53 -4.64
CA GLY D 183 -33.42 10.83 -4.89
C GLY D 183 -32.00 11.00 -4.42
N ARG D 184 -31.31 9.95 -3.99
CA ARG D 184 -29.95 10.12 -3.46
C ARG D 184 -28.95 10.43 -4.57
N GLU D 185 -29.11 9.84 -5.76
CA GLU D 185 -28.08 9.96 -6.78
C GLU D 185 -27.92 11.39 -7.24
N ALA D 186 -29.05 12.05 -7.57
CA ALA D 186 -29.07 13.42 -8.06
C ALA D 186 -28.93 14.49 -6.98
N ALA D 187 -28.93 14.10 -5.70
CA ALA D 187 -29.14 15.07 -4.62
C ALA D 187 -28.13 16.22 -4.64
N THR D 188 -26.84 15.90 -4.75
CA THR D 188 -25.82 16.95 -4.66
C THR D 188 -25.86 17.87 -5.88
N GLY D 189 -25.86 17.28 -7.07
CA GLY D 189 -25.92 18.10 -8.27
C GLY D 189 -27.21 18.87 -8.37
N LEU D 190 -28.33 18.24 -8.03
CA LEU D 190 -29.60 18.97 -8.08
C LEU D 190 -29.61 20.08 -7.03
N GLY D 191 -29.06 19.80 -5.84
CA GLY D 191 -28.95 20.84 -4.84
C GLY D 191 -28.09 22.01 -5.30
N VAL D 192 -27.02 21.71 -6.05
CA VAL D 192 -26.17 22.75 -6.62
C VAL D 192 -26.98 23.68 -7.50
N VAL D 193 -27.87 23.13 -8.31
CA VAL D 193 -28.65 23.96 -9.22
C VAL D 193 -29.70 24.74 -8.46
N PHE D 194 -30.31 24.14 -7.43
CA PHE D 194 -31.26 24.88 -6.59
C PHE D 194 -30.59 26.07 -5.90
N ALA D 195 -29.39 25.86 -5.37
CA ALA D 195 -28.66 26.96 -4.77
C ALA D 195 -28.34 28.04 -5.80
N THR D 196 -27.99 27.62 -7.01
CA THR D 196 -27.69 28.58 -8.05
C THR D 196 -28.93 29.35 -8.47
N GLU D 197 -30.09 28.68 -8.53
CA GLU D 197 -31.34 29.39 -8.80
C GLU D 197 -31.57 30.50 -7.78
N ALA D 198 -31.40 30.19 -6.49
CA ALA D 198 -31.62 31.19 -5.46
C ALA D 198 -30.64 32.35 -5.57
N LEU D 199 -29.38 32.05 -5.86
CA LEU D 199 -28.40 33.11 -6.05
C LEU D 199 -28.80 34.03 -7.20
N PHE D 200 -29.13 33.45 -8.35
CA PHE D 200 -29.42 34.29 -9.52
C PHE D 200 -30.70 35.08 -9.34
N ALA D 201 -31.64 34.56 -8.53
CA ALA D 201 -32.86 35.29 -8.24
C ALA D 201 -32.58 36.64 -7.57
N GLU D 202 -31.47 36.76 -6.83
CA GLU D 202 -31.14 38.06 -6.25
C GLU D 202 -30.93 39.12 -7.32
N TYR D 203 -30.51 38.71 -8.52
CA TYR D 203 -30.26 39.60 -9.63
C TYR D 203 -31.42 39.64 -10.62
N GLY D 204 -32.56 39.05 -10.25
CA GLY D 204 -33.65 38.95 -11.19
C GLY D 204 -33.33 38.11 -12.40
N LYS D 205 -32.33 37.25 -12.33
CA LYS D 205 -31.93 36.41 -13.44
C LYS D 205 -32.27 34.96 -13.13
N SER D 206 -32.31 34.14 -14.17
CA SER D 206 -32.60 32.72 -14.07
C SER D 206 -31.49 31.92 -14.73
N ILE D 207 -31.50 30.60 -14.52
CA ILE D 207 -30.49 29.76 -15.15
C ILE D 207 -30.55 29.83 -16.68
N SER D 208 -31.74 30.02 -17.25
CA SER D 208 -31.80 30.10 -18.70
C SER D 208 -31.07 31.32 -19.27
N ASP D 209 -30.69 32.28 -18.45
CA ASP D 209 -29.98 33.48 -18.92
C ASP D 209 -28.47 33.30 -19.06
N MET D 210 -27.90 32.21 -18.56
CA MET D 210 -26.45 32.10 -18.37
C MET D 210 -25.84 31.02 -19.26
N THR D 211 -24.53 31.15 -19.49
CA THR D 211 -23.71 30.07 -20.02
C THR D 211 -22.89 29.49 -18.88
N PHE D 212 -22.57 28.20 -18.99
CA PHE D 212 -21.96 27.43 -17.92
C PHE D 212 -20.76 26.63 -18.43
N ALA D 213 -19.68 26.64 -17.65
CA ALA D 213 -18.56 25.73 -17.87
C ALA D 213 -18.42 24.87 -16.62
N ILE D 214 -18.35 23.57 -16.82
CA ILE D 214 -18.40 22.61 -15.73
C ILE D 214 -17.13 21.77 -15.76
N GLN D 215 -16.38 21.76 -14.66
CA GLN D 215 -15.16 20.97 -14.52
C GLN D 215 -15.49 19.71 -13.75
N GLY D 216 -15.39 18.56 -14.41
CA GLY D 216 -15.73 17.31 -13.75
C GLY D 216 -17.09 16.80 -14.17
N PHE D 217 -17.19 15.50 -14.40
CA PHE D 217 -18.40 14.93 -14.98
C PHE D 217 -18.69 13.58 -14.36
N GLY D 218 -18.64 13.53 -13.04
CA GLY D 218 -18.98 12.38 -12.24
C GLY D 218 -20.36 12.52 -11.66
N ASN D 219 -20.54 12.04 -10.42
CA ASN D 219 -21.87 12.07 -9.81
C ASN D 219 -22.39 13.48 -9.66
N VAL D 220 -21.53 14.43 -9.28
CA VAL D 220 -21.98 15.82 -9.15
C VAL D 220 -22.13 16.47 -10.51
N GLY D 221 -21.10 16.34 -11.36
CA GLY D 221 -21.08 17.05 -12.63
C GLY D 221 -22.19 16.63 -13.58
N THR D 222 -22.46 15.33 -13.69
CA THR D 222 -23.47 14.86 -14.63
C THR D 222 -24.86 15.35 -14.23
N TRP D 223 -25.20 15.22 -12.95
CA TRP D 223 -26.55 15.63 -12.54
C TRP D 223 -26.72 17.14 -12.59
N ALA D 224 -25.70 17.88 -12.18
CA ALA D 224 -25.75 19.33 -12.27
C ALA D 224 -25.94 19.78 -13.71
N ALA D 225 -25.11 19.26 -14.63
CA ALA D 225 -25.27 19.60 -16.05
C ALA D 225 -26.66 19.24 -16.55
N LYS D 226 -27.15 18.04 -16.21
CA LYS D 226 -28.49 17.61 -16.61
C LYS D 226 -29.56 18.57 -16.08
N ALA D 227 -29.46 18.91 -14.80
CA ALA D 227 -30.46 19.79 -14.20
C ALA D 227 -30.39 21.19 -14.78
N ILE D 228 -29.19 21.68 -15.10
CA ILE D 228 -29.06 22.98 -15.75
C ILE D 228 -29.66 22.94 -17.14
N PHE D 229 -29.37 21.87 -17.87
CA PHE D 229 -29.83 21.74 -19.25
C PHE D 229 -31.35 21.74 -19.33
N GLU D 230 -32.00 21.03 -18.41
CA GLU D 230 -33.45 20.98 -18.40
C GLU D 230 -34.08 22.31 -18.01
N ARG D 231 -33.32 23.24 -17.44
CA ARG D 231 -33.79 24.57 -17.08
C ARG D 231 -33.38 25.63 -18.10
N GLY D 232 -32.87 25.23 -19.27
CA GLY D 232 -32.53 26.16 -20.31
C GLY D 232 -31.17 26.80 -20.23
N GLY D 233 -30.34 26.43 -19.25
CA GLY D 233 -28.98 26.92 -19.24
C GLY D 233 -28.16 26.31 -20.37
N LYS D 234 -27.22 27.10 -20.89
CA LYS D 234 -26.39 26.71 -22.01
C LYS D 234 -25.05 26.23 -21.47
N VAL D 235 -24.82 24.92 -21.51
CA VAL D 235 -23.57 24.35 -21.01
C VAL D 235 -22.56 24.39 -22.15
N VAL D 236 -21.64 25.35 -22.09
CA VAL D 236 -20.74 25.60 -23.21
C VAL D 236 -19.42 24.87 -23.08
N ALA D 237 -19.13 24.28 -21.92
CA ALA D 237 -17.87 23.56 -21.77
C ALA D 237 -17.98 22.56 -20.62
N VAL D 238 -17.48 21.34 -20.86
CA VAL D 238 -17.42 20.29 -19.85
C VAL D 238 -16.05 19.61 -19.96
N SER D 239 -15.39 19.40 -18.83
CA SER D 239 -14.15 18.63 -18.81
C SER D 239 -14.25 17.52 -17.78
N ASP D 240 -13.37 16.52 -17.93
CA ASP D 240 -13.14 15.53 -16.89
C ASP D 240 -11.65 15.18 -16.95
N ILE D 241 -11.27 14.07 -16.32
CA ILE D 241 -9.86 13.77 -16.18
C ILE D 241 -9.22 13.39 -17.51
N ASN D 242 -10.02 13.04 -18.52
CA ASN D 242 -9.48 12.50 -19.77
C ASN D 242 -9.62 13.44 -20.96
N GLY D 243 -10.39 14.51 -20.85
CA GLY D 243 -10.60 15.38 -21.99
C GLY D 243 -11.67 16.41 -21.71
N ALA D 244 -12.03 17.13 -22.77
CA ALA D 244 -12.98 18.22 -22.63
C ALA D 244 -13.66 18.47 -23.97
N ILE D 245 -14.83 19.07 -23.89
CA ILE D 245 -15.66 19.36 -25.05
C ILE D 245 -16.28 20.73 -24.82
N SER D 246 -16.43 21.50 -25.91
CA SER D 246 -16.97 22.85 -25.83
C SER D 246 -17.97 23.04 -26.96
N ASN D 247 -18.96 23.87 -26.70
CA ASN D 247 -19.90 24.26 -27.75
C ASN D 247 -20.51 25.60 -27.38
N PRO D 248 -20.12 26.69 -28.04
CA PRO D 248 -20.64 28.00 -27.64
C PRO D 248 -22.16 28.12 -27.80
N ASN D 249 -22.79 27.22 -28.57
CA ASN D 249 -24.24 27.17 -28.66
C ASN D 249 -24.90 26.38 -27.54
N GLY D 250 -24.12 25.77 -26.66
CA GLY D 250 -24.69 24.88 -25.67
C GLY D 250 -24.62 23.44 -26.13
N ILE D 251 -24.05 22.58 -25.28
CA ILE D 251 -24.01 21.14 -25.52
C ILE D 251 -25.37 20.52 -25.24
N ASP D 252 -25.82 19.65 -26.14
CA ASP D 252 -26.98 18.82 -25.85
C ASP D 252 -26.57 17.85 -24.75
N ILE D 253 -26.88 18.20 -23.50
CA ILE D 253 -26.39 17.39 -22.38
C ILE D 253 -27.09 16.04 -22.34
N ALA D 254 -28.37 15.98 -22.72
CA ALA D 254 -29.03 14.70 -22.79
C ALA D 254 -28.28 13.75 -23.71
N ALA D 255 -27.90 14.24 -24.89
CA ALA D 255 -27.11 13.42 -25.83
C ALA D 255 -25.71 13.16 -25.29
N LEU D 256 -25.11 14.14 -24.62
CA LEU D 256 -23.80 13.92 -24.03
C LEU D 256 -23.86 12.81 -22.99
N LEU D 257 -24.92 12.79 -22.19
CA LEU D 257 -25.07 11.76 -21.18
C LEU D 257 -25.27 10.38 -21.80
N LYS D 258 -25.99 10.29 -22.94
CA LYS D 258 -26.09 9.02 -23.64
C LYS D 258 -24.71 8.58 -24.15
N HIS D 259 -23.93 9.53 -24.65
CA HIS D 259 -22.58 9.22 -25.14
C HIS D 259 -21.71 8.67 -24.02
N LYS D 260 -21.78 9.30 -22.84
CA LYS D 260 -21.02 8.81 -21.69
C LYS D 260 -21.49 7.43 -21.28
N ALA D 261 -22.81 7.22 -21.29
CA ALA D 261 -23.37 5.94 -20.86
C ALA D 261 -22.90 4.79 -21.75
N GLY D 262 -22.61 5.07 -23.02
CA GLY D 262 -22.09 4.06 -23.92
C GLY D 262 -20.57 3.96 -23.89
N ASN D 263 -19.96 4.36 -22.77
CA ASN D 263 -18.51 4.32 -22.56
C ASN D 263 -17.78 5.26 -23.51
N GLY D 264 -18.39 6.36 -23.87
CA GLY D 264 -17.74 7.33 -24.72
C GLY D 264 -16.93 8.34 -23.93
N SER D 265 -15.99 8.98 -24.61
CA SER D 265 -15.12 10.00 -24.05
C SER D 265 -15.61 11.38 -24.46
N LEU D 266 -15.43 12.35 -23.58
CA LEU D 266 -15.89 13.69 -23.88
C LEU D 266 -15.28 14.19 -25.19
N LYS D 267 -13.97 13.97 -25.38
CA LYS D 267 -13.31 14.48 -26.57
C LYS D 267 -13.95 13.93 -27.84
N ASP D 268 -14.39 12.67 -27.80
CA ASP D 268 -14.94 12.00 -28.96
C ASP D 268 -16.40 12.36 -29.23
N PHE D 269 -17.01 13.22 -28.42
CA PHE D 269 -18.39 13.59 -28.63
C PHE D 269 -18.55 14.40 -29.91
N SER D 270 -19.61 14.09 -30.67
CA SER D 270 -19.80 14.72 -31.96
C SER D 270 -20.55 16.06 -31.89
N GLY D 271 -21.28 16.33 -30.80
CA GLY D 271 -22.03 17.57 -30.69
C GLY D 271 -21.26 18.72 -30.06
N GLY D 272 -19.94 18.72 -30.24
CA GLY D 272 -19.07 19.77 -29.73
C GLY D 272 -17.68 19.63 -30.32
N ASP D 273 -16.81 20.56 -29.91
CA ASP D 273 -15.41 20.62 -30.32
C ASP D 273 -14.53 20.23 -29.15
N ALA D 274 -13.53 19.38 -29.41
CA ALA D 274 -12.60 18.99 -28.35
C ALA D 274 -11.85 20.21 -27.84
N MET D 275 -11.50 20.17 -26.56
CA MET D 275 -10.91 21.29 -25.84
C MET D 275 -9.74 20.79 -25.02
N ASN D 276 -8.77 21.68 -24.75
CA ASN D 276 -7.76 21.32 -23.76
C ASN D 276 -8.37 21.44 -22.38
N PRO D 277 -8.36 20.39 -21.55
CA PRO D 277 -8.93 20.53 -20.21
C PRO D 277 -8.27 21.62 -19.37
N ASN D 278 -7.00 21.94 -19.63
CA ASN D 278 -6.34 22.98 -18.85
C ASN D 278 -6.88 24.38 -19.10
N ASP D 279 -7.73 24.55 -20.10
CA ASP D 279 -8.37 25.83 -20.38
C ASP D 279 -9.80 25.92 -19.87
N LEU D 280 -10.30 24.88 -19.20
CA LEU D 280 -11.69 24.91 -18.75
C LEU D 280 -11.94 26.07 -17.80
N LEU D 281 -11.03 26.29 -16.84
CA LEU D 281 -11.29 27.28 -15.80
C LEU D 281 -11.19 28.71 -16.35
N VAL D 282 -10.42 28.92 -17.42
CA VAL D 282 -10.32 30.24 -18.02
C VAL D 282 -11.26 30.41 -19.21
N HIS D 283 -12.19 29.48 -19.39
CA HIS D 283 -13.13 29.55 -20.50
C HIS D 283 -14.05 30.77 -20.36
N ASP D 284 -14.57 31.21 -21.49
CA ASP D 284 -15.40 32.41 -21.57
C ASP D 284 -16.85 32.01 -21.33
N CYS D 285 -17.35 32.31 -20.14
CA CYS D 285 -18.70 31.89 -19.74
C CYS D 285 -19.18 32.83 -18.64
N ASP D 286 -20.47 32.71 -18.31
CA ASP D 286 -20.98 33.49 -17.18
C ASP D 286 -20.67 32.78 -15.87
N VAL D 287 -20.84 31.46 -15.85
CA VAL D 287 -20.84 30.67 -14.64
C VAL D 287 -19.81 29.56 -14.78
N LEU D 288 -18.94 29.43 -13.78
CA LEU D 288 -17.96 28.36 -13.67
C LEU D 288 -18.34 27.44 -12.52
N ILE D 289 -18.37 26.13 -12.77
CA ILE D 289 -18.73 25.20 -11.72
C ILE D 289 -17.68 24.11 -11.56
N PRO D 290 -16.71 24.28 -10.65
CA PRO D 290 -15.77 23.20 -10.34
C PRO D 290 -16.50 22.08 -9.61
N CYS D 291 -16.50 20.88 -10.21
CA CYS D 291 -17.16 19.69 -9.65
C CYS D 291 -16.19 18.52 -9.59
N ALA D 292 -14.89 18.78 -9.59
CA ALA D 292 -13.92 17.71 -9.71
C ALA D 292 -13.05 17.62 -8.47
N LEU D 293 -12.21 18.63 -8.23
CA LEU D 293 -11.07 18.51 -7.34
C LEU D 293 -10.94 19.82 -6.57
N GLY D 294 -10.13 19.78 -5.50
CA GLY D 294 -9.80 20.98 -4.76
C GLY D 294 -8.53 21.64 -5.28
N GLY D 295 -8.33 22.89 -4.88
CA GLY D 295 -7.11 23.58 -5.23
C GLY D 295 -6.94 23.88 -6.70
N VAL D 296 -8.04 24.02 -7.45
CA VAL D 296 -7.90 24.29 -8.87
C VAL D 296 -7.74 25.78 -9.17
N LEU D 297 -8.19 26.65 -8.28
CA LEU D 297 -8.08 28.09 -8.46
C LEU D 297 -7.06 28.65 -7.47
N ASN D 298 -5.95 29.15 -8.02
CA ASN D 298 -4.84 29.70 -7.25
C ASN D 298 -4.37 30.99 -7.93
N LYS D 299 -3.23 31.52 -7.47
CA LYS D 299 -2.74 32.80 -7.97
C LYS D 299 -2.36 32.74 -9.45
N GLU D 300 -1.94 31.56 -9.94
CA GLU D 300 -1.56 31.43 -11.34
C GLU D 300 -2.69 31.86 -12.28
N ASN D 301 -3.94 31.46 -11.96
CA ASN D 301 -5.00 31.54 -12.96
C ASN D 301 -6.18 32.41 -12.56
N ALA D 302 -6.25 32.89 -11.31
CA ALA D 302 -7.43 33.63 -10.87
C ALA D 302 -7.68 34.88 -11.73
N ASN D 303 -6.62 35.62 -12.09
CA ASN D 303 -6.82 36.82 -12.89
C ASN D 303 -7.37 36.52 -14.28
N ASP D 304 -7.28 35.28 -14.74
CA ASP D 304 -7.73 34.95 -16.08
C ASP D 304 -9.13 34.37 -16.13
N VAL D 305 -9.73 34.07 -14.97
CA VAL D 305 -11.10 33.56 -14.94
C VAL D 305 -12.02 34.61 -15.52
N LYS D 306 -12.83 34.21 -16.50
CA LYS D 306 -13.75 35.10 -17.18
C LYS D 306 -15.17 35.01 -16.63
N ALA D 307 -15.47 34.04 -15.79
CA ALA D 307 -16.83 33.90 -15.28
C ALA D 307 -17.14 35.00 -14.26
N LYS D 308 -18.41 35.37 -14.19
CA LYS D 308 -18.88 36.33 -13.21
C LYS D 308 -19.41 35.66 -11.95
N PHE D 309 -19.83 34.39 -12.06
CA PHE D 309 -20.21 33.56 -10.92
C PHE D 309 -19.41 32.28 -10.95
N ILE D 310 -18.96 31.84 -9.78
CA ILE D 310 -18.39 30.49 -9.67
C ILE D 310 -19.08 29.75 -8.54
N ILE D 311 -19.66 28.59 -8.85
CA ILE D 311 -20.39 27.74 -7.92
C ILE D 311 -19.49 26.59 -7.48
N GLU D 312 -19.05 26.63 -6.23
CA GLU D 312 -18.13 25.63 -5.70
C GLU D 312 -18.87 24.34 -5.36
N ALA D 313 -18.91 23.41 -6.31
CA ALA D 313 -19.50 22.10 -6.06
C ALA D 313 -18.49 21.13 -5.47
N ALA D 314 -17.25 21.13 -5.95
CA ALA D 314 -16.20 20.38 -5.29
C ALA D 314 -15.84 21.05 -3.96
N ASN D 315 -15.08 20.34 -3.13
CA ASN D 315 -14.70 20.92 -1.85
C ASN D 315 -13.39 21.68 -2.00
N HIS D 316 -13.38 22.91 -1.54
CA HIS D 316 -12.20 23.77 -1.48
C HIS D 316 -11.55 23.94 -2.85
N PRO D 317 -12.28 24.32 -3.90
CA PRO D 317 -11.63 24.51 -5.19
C PRO D 317 -10.87 25.82 -5.30
N THR D 318 -11.17 26.79 -4.44
CA THR D 318 -10.55 28.11 -4.45
C THR D 318 -9.68 28.27 -3.20
N ASP D 319 -8.38 28.47 -3.40
CA ASP D 319 -7.49 28.76 -2.27
C ASP D 319 -7.58 30.24 -1.90
N PRO D 320 -7.03 30.63 -0.75
CA PRO D 320 -7.26 32.01 -0.28
C PRO D 320 -6.72 33.07 -1.21
N ASP D 321 -5.65 32.79 -1.96
CA ASP D 321 -5.15 33.78 -2.91
C ASP D 321 -6.17 34.07 -3.99
N ALA D 322 -6.71 33.03 -4.61
CA ALA D 322 -7.69 33.24 -5.66
C ALA D 322 -8.94 33.93 -5.12
N ASP D 323 -9.35 33.57 -3.90
CA ASP D 323 -10.53 34.18 -3.29
C ASP D 323 -10.43 35.72 -3.29
N GLU D 324 -9.31 36.25 -2.78
CA GLU D 324 -9.13 37.71 -2.75
C GLU D 324 -9.09 38.31 -4.15
N ILE D 325 -8.41 37.63 -5.07
CA ILE D 325 -8.27 38.14 -6.44
C ILE D 325 -9.63 38.17 -7.13
N LEU D 326 -10.40 37.08 -7.01
CA LEU D 326 -11.72 37.02 -7.64
C LEU D 326 -12.68 38.04 -7.02
N SER D 327 -12.55 38.27 -5.71
CA SER D 327 -13.44 39.21 -5.02
C SER D 327 -13.31 40.62 -5.60
N LYS D 328 -12.09 41.16 -5.59
CA LYS D 328 -11.84 42.51 -6.10
C LYS D 328 -12.23 42.66 -7.57
N LYS D 329 -12.27 41.56 -8.33
CA LYS D 329 -12.74 41.62 -9.72
C LYS D 329 -14.25 41.61 -9.86
N GLY D 330 -15.01 41.58 -8.76
CA GLY D 330 -16.44 41.48 -8.88
C GLY D 330 -16.99 40.09 -9.09
N VAL D 331 -16.18 39.05 -8.92
CA VAL D 331 -16.67 37.67 -9.07
C VAL D 331 -17.37 37.24 -7.79
N ILE D 332 -18.53 36.63 -7.93
CA ILE D 332 -19.33 36.16 -6.81
C ILE D 332 -19.13 34.67 -6.68
N ILE D 333 -18.75 34.20 -5.49
CA ILE D 333 -18.42 32.80 -5.26
C ILE D 333 -19.44 32.21 -4.29
N LEU D 334 -20.21 31.23 -4.76
CA LEU D 334 -21.13 30.51 -3.91
C LEU D 334 -20.34 29.40 -3.20
N PRO D 335 -20.22 29.43 -1.88
CA PRO D 335 -19.22 28.60 -1.21
C PRO D 335 -19.64 27.12 -1.08
N ASP D 336 -18.62 26.27 -1.12
CA ASP D 336 -18.82 24.82 -1.15
C ASP D 336 -19.64 24.32 0.04
N VAL D 337 -19.39 24.87 1.24
CA VAL D 337 -20.07 24.40 2.45
C VAL D 337 -21.56 24.42 2.28
N TYR D 338 -22.08 25.34 1.48
CA TYR D 338 -23.49 25.42 1.19
C TYR D 338 -23.84 24.76 -0.13
N ALA D 339 -23.08 25.06 -1.19
CA ALA D 339 -23.49 24.72 -2.56
C ALA D 339 -23.64 23.22 -2.75
N ASN D 340 -22.76 22.43 -2.14
CA ASN D 340 -22.85 20.99 -2.33
C ASN D 340 -23.61 20.29 -1.21
N ALA D 341 -24.36 21.04 -0.40
CA ALA D 341 -24.97 20.42 0.77
C ALA D 341 -26.20 19.57 0.44
N GLY D 342 -26.57 19.42 -0.84
CA GLY D 342 -27.74 18.61 -1.17
C GLY D 342 -27.63 17.17 -0.75
N GLY D 343 -26.41 16.62 -0.83
CA GLY D 343 -26.21 15.23 -0.45
C GLY D 343 -26.50 14.98 1.01
N VAL D 344 -25.90 15.79 1.90
CA VAL D 344 -26.14 15.62 3.34
C VAL D 344 -27.58 15.93 3.69
N THR D 345 -28.24 16.82 2.93
CA THR D 345 -29.64 17.16 3.21
C THR D 345 -30.57 15.98 2.88
N VAL D 346 -30.37 15.33 1.74
CA VAL D 346 -31.21 14.19 1.44
C VAL D 346 -30.88 13.05 2.39
N SER D 347 -29.65 13.02 2.88
CA SER D 347 -29.27 12.04 3.88
C SER D 347 -30.09 12.22 5.16
N TYR D 348 -30.29 13.47 5.58
CA TYR D 348 -31.20 13.78 6.68
C TYR D 348 -32.60 13.30 6.37
N PHE D 349 -33.07 13.53 5.13
CA PHE D 349 -34.40 13.10 4.73
C PHE D 349 -34.57 11.58 4.81
N GLU D 350 -33.52 10.82 4.48
CA GLU D 350 -33.59 9.36 4.67
C GLU D 350 -33.85 9.03 6.14
N TRP D 351 -33.07 9.64 7.04
CA TRP D 351 -33.28 9.44 8.47
C TRP D 351 -34.70 9.81 8.87
N VAL D 352 -35.20 10.95 8.39
CA VAL D 352 -36.58 11.36 8.68
C VAL D 352 -37.58 10.31 8.21
N GLN D 353 -37.44 9.83 6.97
CA GLN D 353 -38.36 8.82 6.47
C GLN D 353 -38.33 7.55 7.32
N ASN D 354 -37.14 7.10 7.74
CA ASN D 354 -37.04 5.93 8.61
C ASN D 354 -37.64 6.22 9.98
N ILE D 355 -37.36 7.40 10.52
CA ILE D 355 -37.91 7.75 11.83
C ILE D 355 -39.44 7.79 11.76
N GLN D 356 -39.99 8.17 10.63
CA GLN D 356 -41.42 8.23 10.43
C GLN D 356 -42.03 6.92 9.96
N GLY D 357 -41.20 5.89 9.72
CA GLY D 357 -41.66 4.59 9.30
C GLY D 357 -42.35 4.58 7.96
N PHE D 358 -42.08 5.57 7.10
CA PHE D 358 -42.93 5.74 5.93
C PHE D 358 -42.17 6.54 4.88
N MET D 359 -41.86 5.91 3.76
CA MET D 359 -40.98 6.53 2.78
C MET D 359 -41.72 7.55 1.93
N TRP D 360 -40.97 8.53 1.43
CA TRP D 360 -41.47 9.55 0.53
C TRP D 360 -41.27 9.14 -0.92
N ASP D 361 -42.10 9.69 -1.82
CA ASP D 361 -41.76 9.53 -3.23
C ASP D 361 -40.75 10.60 -3.67
N GLU D 362 -40.17 10.41 -4.85
CA GLU D 362 -39.04 11.24 -5.23
C GLU D 362 -39.47 12.69 -5.41
N GLU D 363 -40.70 12.93 -5.85
CA GLU D 363 -41.15 14.31 -6.01
C GLU D 363 -41.15 15.03 -4.67
N LYS D 364 -41.51 14.32 -3.61
CA LYS D 364 -41.52 14.89 -2.26
C LYS D 364 -40.09 15.13 -1.75
N VAL D 365 -39.18 14.20 -1.97
CA VAL D 365 -37.80 14.41 -1.55
C VAL D 365 -37.25 15.67 -2.19
N ASN D 366 -37.49 15.83 -3.50
CA ASN D 366 -36.90 16.95 -4.22
C ASN D 366 -37.58 18.25 -3.86
N GLN D 367 -38.89 18.19 -3.61
CA GLN D 367 -39.60 19.39 -3.17
C GLN D 367 -39.00 19.89 -1.87
N GLU D 368 -38.70 18.98 -0.94
CA GLU D 368 -38.08 19.36 0.33
C GLU D 368 -36.62 19.76 0.15
N LEU D 369 -35.89 19.09 -0.74
CA LEU D 369 -34.52 19.51 -0.99
C LEU D 369 -34.47 20.97 -1.43
N LYS D 370 -35.35 21.33 -2.34
CA LYS D 370 -35.42 22.71 -2.81
C LYS D 370 -35.79 23.68 -1.69
N ARG D 371 -36.78 23.31 -0.86
CA ARG D 371 -37.16 24.18 0.24
C ARG D 371 -35.97 24.41 1.18
N TYR D 372 -35.18 23.36 1.46
CA TYR D 372 -34.06 23.48 2.37
C TYR D 372 -32.92 24.30 1.78
N MET D 373 -32.59 24.10 0.50
CA MET D 373 -31.51 24.90 -0.09
C MET D 373 -31.94 26.35 -0.26
N THR D 374 -33.21 26.58 -0.62
CA THR D 374 -33.67 27.95 -0.80
C THR D 374 -33.73 28.72 0.52
N LYS D 375 -34.26 28.08 1.57
CA LYS D 375 -34.27 28.69 2.90
C LYS D 375 -32.85 28.99 3.38
N ALA D 376 -31.92 28.07 3.13
CA ALA D 376 -30.53 28.24 3.54
C ALA D 376 -29.88 29.42 2.83
N PHE D 377 -30.15 29.59 1.54
CA PHE D 377 -29.55 30.72 0.85
C PHE D 377 -30.06 32.04 1.41
N ASN D 378 -31.37 32.12 1.68
CA ASN D 378 -31.91 33.36 2.22
C ASN D 378 -31.24 33.72 3.55
N ASP D 379 -31.01 32.71 4.40
CA ASP D 379 -30.33 32.94 5.67
C ASP D 379 -28.89 33.37 5.46
N ILE D 380 -28.18 32.73 4.51
CA ILE D 380 -26.83 33.16 4.22
C ILE D 380 -26.83 34.61 3.76
N LYS D 381 -27.72 34.93 2.82
CA LYS D 381 -27.77 36.29 2.31
C LYS D 381 -28.13 37.28 3.43
N ALA D 382 -29.09 36.91 4.28
CA ALA D 382 -29.43 37.79 5.41
C ALA D 382 -28.22 38.03 6.28
N ASN D 383 -27.44 36.98 6.55
CA ASN D 383 -26.20 37.12 7.30
C ASN D 383 -25.22 38.05 6.62
N CYS D 384 -25.08 37.93 5.30
CA CYS D 384 -24.18 38.84 4.61
C CYS D 384 -24.61 40.29 4.80
N LYS D 385 -25.92 40.54 4.93
CA LYS D 385 -26.36 41.91 5.12
C LYS D 385 -25.90 42.43 6.47
N THR D 386 -26.12 41.65 7.54
CA THR D 386 -25.78 42.14 8.87
C THR D 386 -24.27 42.21 9.09
N HIS D 387 -23.47 41.33 8.51
CA HIS D 387 -22.03 41.37 8.76
C HIS D 387 -21.23 42.03 7.64
N ASN D 388 -21.87 42.38 6.53
CA ASN D 388 -21.22 43.03 5.39
C ASN D 388 -20.01 42.22 4.92
N CYS D 389 -20.23 40.94 4.63
CA CYS D 389 -19.16 40.01 4.27
C CYS D 389 -19.58 39.22 3.04
N ASP D 390 -18.62 38.49 2.45
CA ASP D 390 -18.93 37.71 1.25
C ASP D 390 -19.78 36.49 1.59
N LEU D 391 -20.19 35.77 0.55
CA LEU D 391 -21.09 34.64 0.75
C LEU D 391 -20.43 33.55 1.56
N ARG D 392 -19.13 33.31 1.34
CA ARG D 392 -18.43 32.29 2.11
C ARG D 392 -18.52 32.58 3.60
N MET D 393 -18.29 33.84 3.99
CA MET D 393 -18.38 34.13 5.42
C MET D 393 -19.82 34.23 5.88
N GLY D 394 -20.76 34.60 5.01
CA GLY D 394 -22.16 34.50 5.37
C GLY D 394 -22.55 33.11 5.81
N ALA D 395 -22.09 32.09 5.07
CA ALA D 395 -22.43 30.70 5.40
C ALA D 395 -21.74 30.26 6.69
N PHE D 396 -20.44 30.51 6.82
CA PHE D 396 -19.75 30.05 8.00
C PHE D 396 -20.23 30.76 9.25
N THR D 397 -20.49 32.07 9.20
CA THR D 397 -20.99 32.73 10.40
C THR D 397 -22.38 32.25 10.77
N LEU D 398 -23.19 31.90 9.77
CA LEU D 398 -24.53 31.40 10.04
C LEU D 398 -24.46 30.08 10.80
N GLY D 399 -23.66 29.13 10.29
CA GLY D 399 -23.56 27.84 10.93
C GLY D 399 -22.86 27.91 12.27
N LEU D 400 -21.76 28.64 12.33
CA LEU D 400 -21.05 28.79 13.59
C LEU D 400 -21.96 29.40 14.65
N ASN D 401 -22.72 30.42 14.28
CA ASN D 401 -23.58 31.07 15.27
C ASN D 401 -24.69 30.14 15.73
N ARG D 402 -25.24 29.31 14.83
CA ARG D 402 -26.30 28.38 15.25
C ARG D 402 -25.79 27.35 16.24
N VAL D 403 -24.60 26.80 16.01
CA VAL D 403 -24.02 25.87 16.97
C VAL D 403 -23.70 26.58 18.28
N ALA D 404 -23.16 27.79 18.20
CA ALA D 404 -22.86 28.54 19.42
C ALA D 404 -24.13 28.77 20.25
N ARG D 405 -25.23 29.19 19.60
CA ARG D 405 -26.45 29.49 20.35
C ARG D 405 -27.07 28.23 20.93
N ALA D 406 -27.02 27.12 20.18
CA ALA D 406 -27.50 25.86 20.74
C ALA D 406 -26.70 25.49 21.97
N THR D 407 -25.38 25.71 21.92
CA THR D 407 -24.52 25.41 23.06
C THR D 407 -24.82 26.31 24.24
N LEU D 408 -24.99 27.60 24.00
CA LEU D 408 -25.23 28.52 25.10
C LEU D 408 -26.59 28.23 25.73
N LEU D 409 -27.60 27.92 24.92
CA LEU D 409 -28.93 27.61 25.47
C LEU D 409 -28.88 26.36 26.34
N ARG D 410 -28.08 25.37 25.95
CA ARG D 410 -28.01 24.15 26.74
C ARG D 410 -27.32 24.38 28.08
N GLY D 411 -26.36 25.28 28.15
CA GLY D 411 -25.78 25.63 29.43
C GLY D 411 -24.58 24.79 29.81
N TRP D 412 -23.99 25.17 30.95
CA TRP D 412 -22.71 24.61 31.38
C TRP D 412 -22.72 23.93 32.72
N GLU D 413 -23.76 24.07 33.53
CA GLU D 413 -23.79 23.43 34.84
C GLU D 413 -24.01 21.93 34.68
N ALA D 414 -23.51 21.15 35.62
CA ALA D 414 -23.60 19.69 35.48
C ALA D 414 -25.00 19.15 35.81
N ALA E 6 -34.89 -43.07 29.68
CA ALA E 6 -34.78 -41.63 29.96
C ALA E 6 -36.17 -40.95 30.05
N LEU E 7 -36.83 -40.87 28.89
CA LEU E 7 -38.23 -40.44 28.79
C LEU E 7 -39.12 -41.30 29.69
N VAL E 8 -39.08 -42.62 29.51
CA VAL E 8 -40.08 -43.46 30.15
C VAL E 8 -39.84 -43.54 31.66
N ALA E 9 -38.57 -43.54 32.09
CA ALA E 9 -38.28 -43.58 33.53
C ALA E 9 -38.75 -42.30 34.22
N THR E 10 -38.47 -41.14 33.63
CA THR E 10 -38.88 -39.86 34.22
C THR E 10 -40.39 -39.76 34.32
N ASN E 11 -41.11 -40.19 33.28
CA ASN E 11 -42.57 -40.14 33.31
C ASN E 11 -43.13 -41.01 34.42
N ARG E 12 -42.63 -42.24 34.52
CA ARG E 12 -43.16 -43.14 35.54
C ARG E 12 -42.82 -42.65 36.93
N ASN E 13 -41.59 -42.17 37.13
CA ASN E 13 -41.20 -41.73 38.47
C ASN E 13 -42.02 -40.53 38.91
N PHE E 14 -42.30 -39.61 37.98
CA PHE E 14 -43.15 -38.47 38.29
C PHE E 14 -44.54 -38.96 38.66
N GLN E 15 -45.11 -39.84 37.84
CA GLN E 15 -46.46 -40.31 38.11
C GLN E 15 -46.52 -41.08 39.43
N ARG E 16 -45.52 -41.89 39.73
CA ARG E 16 -45.48 -42.55 41.03
C ARG E 16 -45.35 -41.53 42.16
N ALA E 17 -44.42 -40.59 42.03
CA ALA E 17 -44.26 -39.60 43.10
C ALA E 17 -45.45 -38.68 43.22
N SER E 18 -46.06 -38.33 42.08
CA SER E 18 -47.23 -37.45 42.10
C SER E 18 -48.40 -38.09 42.84
N ARG E 19 -48.63 -39.38 42.66
CA ARG E 19 -49.73 -39.99 43.39
C ARG E 19 -49.38 -40.17 44.87
N ILE E 20 -48.11 -40.40 45.21
CA ILE E 20 -47.76 -40.49 46.63
C ILE E 20 -48.03 -39.15 47.32
N LEU E 21 -47.66 -38.04 46.68
CA LEU E 21 -47.89 -36.72 47.26
C LEU E 21 -49.35 -36.27 47.21
N GLY E 22 -50.20 -36.95 46.45
CA GLY E 22 -51.53 -36.43 46.26
C GLY E 22 -51.55 -35.10 45.52
N LEU E 23 -50.71 -34.97 44.49
CA LEU E 23 -50.58 -33.71 43.77
C LEU E 23 -51.90 -33.27 43.17
N ASP E 24 -52.25 -32.00 43.40
CA ASP E 24 -53.44 -31.43 42.78
C ASP E 24 -53.31 -31.54 41.25
N SER E 25 -54.41 -31.94 40.60
CA SER E 25 -54.31 -32.27 39.18
C SER E 25 -54.06 -31.05 38.30
N LYS E 26 -54.58 -29.89 38.68
CA LYS E 26 -54.32 -28.69 37.91
C LYS E 26 -52.94 -28.10 38.18
N LEU E 27 -52.45 -28.22 39.42
CA LEU E 27 -51.05 -27.92 39.69
C LEU E 27 -50.14 -28.85 38.89
N GLU E 28 -50.47 -30.14 38.86
CA GLU E 28 -49.68 -31.11 38.10
C GLU E 28 -49.65 -30.74 36.62
N LYS E 29 -50.82 -30.39 36.05
CA LYS E 29 -50.87 -29.99 34.66
C LYS E 29 -49.91 -28.82 34.41
N SER E 30 -49.97 -27.81 35.27
CA SER E 30 -49.08 -26.67 35.12
C SER E 30 -47.62 -27.10 35.22
N LEU E 31 -47.26 -27.93 36.22
CA LEU E 31 -45.86 -28.35 36.37
C LEU E 31 -45.36 -29.15 35.17
N LEU E 32 -46.25 -29.79 34.43
CA LEU E 32 -45.83 -30.53 33.25
C LEU E 32 -45.63 -29.63 32.04
N ILE E 33 -46.33 -28.50 31.99
CA ILE E 33 -46.19 -27.54 30.88
C ILE E 33 -44.89 -26.76 31.11
N PRO E 34 -43.97 -26.76 30.16
CA PRO E 34 -42.74 -25.99 30.36
C PRO E 34 -42.99 -24.49 30.35
N TYR E 35 -42.22 -23.78 31.17
CA TYR E 35 -42.26 -22.32 31.13
C TYR E 35 -42.19 -21.80 29.70
N ARG E 36 -41.21 -22.25 28.92
CA ARG E 36 -41.03 -21.72 27.58
C ARG E 36 -40.28 -22.71 26.70
N GLU E 37 -40.71 -22.82 25.45
CA GLU E 37 -40.01 -23.62 24.44
C GLU E 37 -39.54 -22.69 23.33
N ILE E 38 -38.27 -22.79 22.95
CA ILE E 38 -37.67 -21.90 21.96
C ILE E 38 -37.06 -22.74 20.85
N LYS E 39 -37.32 -22.34 19.61
CA LYS E 39 -36.60 -22.85 18.43
C LYS E 39 -36.14 -21.66 17.58
N VAL E 40 -34.87 -21.68 17.17
CA VAL E 40 -34.29 -20.57 16.40
C VAL E 40 -33.48 -21.09 15.22
N GLU E 41 -33.44 -20.30 14.14
CA GLU E 41 -32.56 -20.63 13.03
C GLU E 41 -31.12 -20.30 13.39
N CYS E 42 -30.21 -21.25 13.12
CA CYS E 42 -28.76 -21.06 13.28
C CYS E 42 -28.12 -21.34 11.93
N THR E 43 -27.85 -20.29 11.16
CA THR E 43 -27.22 -20.43 9.85
C THR E 43 -25.82 -19.81 9.91
N ILE E 44 -24.84 -20.53 9.35
CA ILE E 44 -23.48 -20.05 9.32
C ILE E 44 -22.88 -20.33 7.95
N PRO E 45 -21.88 -19.55 7.56
CA PRO E 45 -21.02 -19.94 6.44
C PRO E 45 -20.05 -21.03 6.88
N LYS E 46 -19.88 -22.03 6.03
CA LYS E 46 -18.83 -22.99 6.33
C LYS E 46 -17.47 -22.40 5.97
N ASP E 47 -16.41 -23.12 6.35
CA ASP E 47 -15.06 -22.66 6.06
C ASP E 47 -14.87 -22.38 4.57
N ASP E 48 -15.61 -23.06 3.70
CA ASP E 48 -15.50 -22.80 2.26
C ASP E 48 -16.50 -21.75 1.76
N GLY E 49 -17.26 -21.12 2.64
CA GLY E 49 -18.17 -20.06 2.26
C GLY E 49 -19.60 -20.50 2.01
N SER E 50 -19.87 -21.78 1.83
CA SER E 50 -21.25 -22.15 1.57
C SER E 50 -22.05 -22.19 2.86
N LEU E 51 -23.37 -22.03 2.73
CA LEU E 51 -24.21 -21.96 3.92
C LEU E 51 -24.64 -23.34 4.40
N VAL E 52 -24.81 -23.44 5.70
CA VAL E 52 -25.47 -24.58 6.32
C VAL E 52 -26.41 -24.03 7.38
N SER E 53 -27.58 -24.62 7.49
CA SER E 53 -28.66 -24.13 8.33
C SER E 53 -29.09 -25.22 9.31
N TYR E 54 -29.10 -24.90 10.58
CA TYR E 54 -29.56 -25.79 11.62
C TYR E 54 -30.66 -25.09 12.42
N VAL E 55 -31.35 -25.87 13.25
CA VAL E 55 -32.31 -25.34 14.22
C VAL E 55 -31.76 -25.58 15.62
N GLY E 56 -31.59 -24.52 16.37
CA GLY E 56 -31.24 -24.60 17.77
C GLY E 56 -32.49 -24.54 18.61
N PHE E 57 -32.38 -25.01 19.85
CA PHE E 57 -33.57 -25.05 20.69
C PHE E 57 -33.18 -24.92 22.15
N ARG E 58 -34.16 -24.49 22.94
CA ARG E 58 -34.01 -24.40 24.39
C ARG E 58 -35.38 -24.60 25.00
N ILE E 59 -35.56 -25.70 25.74
CA ILE E 59 -36.76 -25.91 26.54
C ILE E 59 -36.45 -25.44 27.96
N GLN E 60 -37.19 -24.42 28.40
CA GLN E 60 -37.05 -23.89 29.74
C GLN E 60 -38.23 -24.42 30.55
N HIS E 61 -37.99 -25.46 31.34
CA HIS E 61 -39.11 -26.17 31.94
C HIS E 61 -39.72 -25.43 33.12
N ASP E 62 -38.92 -25.01 34.09
CA ASP E 62 -39.45 -24.45 35.33
C ASP E 62 -38.48 -23.47 35.98
N ASN E 63 -39.00 -22.40 36.55
CA ASN E 63 -38.13 -21.47 37.25
C ASN E 63 -38.67 -21.08 38.61
N ALA E 64 -39.53 -21.91 39.20
CA ALA E 64 -40.13 -21.56 40.49
C ALA E 64 -39.08 -21.42 41.58
N ARG E 65 -37.98 -22.18 41.51
CA ARG E 65 -36.97 -22.17 42.57
C ARG E 65 -35.73 -21.37 42.22
N GLY E 66 -35.64 -20.81 41.02
CA GLY E 66 -34.50 -20.01 40.62
C GLY E 66 -34.27 -20.02 39.12
N PRO E 67 -33.14 -19.49 38.68
CA PRO E 67 -32.81 -19.50 37.24
C PRO E 67 -32.83 -20.92 36.70
N MET E 68 -33.05 -21.04 35.40
CA MET E 68 -33.00 -22.37 34.81
C MET E 68 -31.56 -22.82 34.58
N LYS E 69 -31.38 -24.14 34.55
CA LYS E 69 -30.07 -24.76 34.51
C LYS E 69 -30.15 -25.97 33.60
N GLY E 70 -29.17 -26.13 32.72
CA GLY E 70 -29.16 -27.32 31.89
C GLY E 70 -28.24 -27.29 30.69
N GLY E 71 -27.91 -28.48 30.20
CA GLY E 71 -26.92 -28.60 29.17
C GLY E 71 -27.40 -28.15 27.80
N ILE E 72 -26.42 -28.07 26.91
CA ILE E 72 -26.59 -27.77 25.49
C ILE E 72 -26.01 -28.96 24.75
N ARG E 73 -26.83 -29.66 23.97
CA ARG E 73 -26.39 -30.83 23.23
C ARG E 73 -26.22 -30.48 21.77
N TYR E 74 -25.04 -30.74 21.22
CA TYR E 74 -24.83 -30.72 19.78
C TYR E 74 -24.92 -32.17 19.36
N HIS E 75 -26.05 -32.54 18.79
CA HIS E 75 -26.30 -33.93 18.51
C HIS E 75 -27.42 -33.95 17.49
N PRO E 76 -27.41 -34.88 16.54
CA PRO E 76 -28.44 -34.87 15.50
C PRO E 76 -29.83 -35.34 15.95
N GLU E 77 -30.00 -35.99 17.10
CA GLU E 77 -31.31 -36.51 17.47
C GLU E 77 -31.94 -35.60 18.52
N VAL E 78 -33.07 -35.00 18.16
CA VAL E 78 -33.63 -33.90 18.93
C VAL E 78 -35.13 -34.14 19.15
N ASP E 79 -35.52 -35.39 19.39
CA ASP E 79 -36.92 -35.70 19.60
C ASP E 79 -37.50 -34.82 20.70
N PRO E 80 -38.54 -34.05 20.42
CA PRO E 80 -39.01 -33.04 21.40
C PRO E 80 -39.42 -33.64 22.73
N ASP E 81 -40.07 -34.81 22.72
CA ASP E 81 -40.55 -35.40 23.96
C ASP E 81 -39.39 -35.78 24.88
N GLU E 82 -38.28 -36.27 24.30
CA GLU E 82 -37.12 -36.60 25.12
C GLU E 82 -36.42 -35.35 25.64
N VAL E 83 -36.32 -34.31 24.82
CA VAL E 83 -35.69 -33.08 25.30
C VAL E 83 -36.53 -32.49 26.43
N ASN E 84 -37.84 -32.49 26.26
CA ASN E 84 -38.74 -32.05 27.33
C ASN E 84 -38.55 -32.88 28.60
N ALA E 85 -38.42 -34.19 28.46
CA ALA E 85 -38.26 -35.02 29.65
C ALA E 85 -36.93 -34.71 30.36
N LEU E 86 -35.89 -34.45 29.58
CA LEU E 86 -34.58 -34.11 30.15
C LEU E 86 -34.64 -32.79 30.91
N ALA E 87 -35.35 -31.79 30.37
CA ALA E 87 -35.52 -30.51 31.06
C ALA E 87 -36.32 -30.70 32.35
N GLN E 88 -37.42 -31.47 32.31
CA GLN E 88 -38.15 -31.76 33.53
C GLN E 88 -37.26 -32.46 34.55
N LEU E 89 -36.41 -33.37 34.08
CA LEU E 89 -35.63 -34.15 35.02
C LEU E 89 -34.63 -33.26 35.73
N MET E 90 -34.07 -32.30 35.00
CA MET E 90 -33.26 -31.26 35.63
C MET E 90 -34.05 -30.52 36.72
N THR E 91 -35.31 -30.19 36.45
CA THR E 91 -36.10 -29.51 37.48
C THR E 91 -36.21 -30.36 38.74
N TRP E 92 -36.45 -31.68 38.60
CA TRP E 92 -36.58 -32.50 39.81
C TRP E 92 -35.23 -32.71 40.49
N LYS E 93 -34.18 -32.93 39.70
CA LYS E 93 -32.86 -33.23 40.25
C LYS E 93 -32.31 -32.06 41.08
N THR E 94 -32.37 -30.83 40.52
CA THR E 94 -31.91 -29.68 41.28
C THR E 94 -32.70 -29.52 42.58
N ALA E 95 -34.00 -29.79 42.54
CA ALA E 95 -34.82 -29.71 43.75
C ALA E 95 -34.43 -30.77 44.75
N VAL E 96 -33.99 -31.93 44.29
CA VAL E 96 -33.64 -33.01 45.23
C VAL E 96 -32.46 -32.60 46.12
N VAL E 97 -31.45 -31.96 45.52
CA VAL E 97 -30.28 -31.60 46.31
C VAL E 97 -30.41 -30.18 46.83
N ASP E 98 -31.56 -29.55 46.63
CA ASP E 98 -31.85 -28.23 47.18
C ASP E 98 -30.90 -27.16 46.63
N ILE E 99 -30.63 -27.17 45.34
CA ILE E 99 -29.88 -26.06 44.75
C ILE E 99 -30.91 -25.15 44.08
N PRO E 100 -30.69 -23.82 44.10
CA PRO E 100 -31.73 -22.85 43.70
C PRO E 100 -31.80 -22.66 42.19
N TYR E 101 -32.23 -23.71 41.51
CA TYR E 101 -32.40 -23.67 40.07
C TYR E 101 -33.67 -24.40 39.67
N GLY E 102 -34.18 -24.07 38.49
CA GLY E 102 -35.08 -24.92 37.75
C GLY E 102 -34.33 -25.65 36.64
N GLY E 103 -35.10 -26.35 35.80
CA GLY E 103 -34.55 -27.23 34.78
C GLY E 103 -34.72 -26.70 33.37
N ALA E 104 -33.71 -26.95 32.54
CA ALA E 104 -33.78 -26.60 31.12
C ALA E 104 -32.91 -27.58 30.35
N LYS E 105 -33.07 -27.57 29.03
CA LYS E 105 -32.27 -28.41 28.15
C LYS E 105 -32.33 -27.80 26.76
N GLY E 106 -31.18 -27.69 26.09
CA GLY E 106 -31.16 -27.12 24.77
C GLY E 106 -30.14 -27.81 23.88
N GLY E 107 -30.00 -27.28 22.68
CA GLY E 107 -29.02 -27.82 21.77
C GLY E 107 -29.23 -27.34 20.36
N ILE E 108 -28.47 -27.96 19.45
CA ILE E 108 -28.55 -27.69 18.04
C ILE E 108 -28.55 -29.04 17.34
N GLY E 109 -29.52 -29.25 16.46
CA GLY E 109 -29.58 -30.49 15.74
C GLY E 109 -28.48 -30.51 14.70
N CYS E 110 -27.33 -31.05 15.08
CA CYS E 110 -26.19 -31.08 14.18
C CYS E 110 -25.28 -32.21 14.65
N ASN E 111 -24.35 -32.58 13.79
CA ASN E 111 -23.29 -33.51 14.14
C ASN E 111 -21.97 -32.76 14.24
N PRO E 112 -21.45 -32.51 15.44
CA PRO E 112 -20.22 -31.70 15.56
C PRO E 112 -19.03 -32.32 14.87
N LYS E 113 -19.00 -33.64 14.68
CA LYS E 113 -17.86 -34.24 13.99
C LYS E 113 -17.82 -33.88 12.51
N ASP E 114 -18.92 -33.38 11.93
CA ASP E 114 -18.91 -32.89 10.55
C ASP E 114 -18.42 -31.45 10.44
N LEU E 115 -18.11 -30.78 11.56
CA LEU E 115 -17.83 -29.34 11.55
C LEU E 115 -16.44 -29.06 12.06
N SER E 116 -15.74 -28.16 11.39
CA SER E 116 -14.42 -27.75 11.86
C SER E 116 -14.56 -26.89 13.11
N ILE E 117 -13.41 -26.69 13.78
CA ILE E 117 -13.39 -25.95 15.03
C ILE E 117 -13.84 -24.50 14.86
N SER E 118 -13.54 -23.88 13.72
CA SER E 118 -14.01 -22.52 13.52
C SER E 118 -15.49 -22.50 13.14
N GLU E 119 -15.97 -23.54 12.44
CA GLU E 119 -17.40 -23.65 12.19
C GLU E 119 -18.18 -23.84 13.48
N LEU E 120 -17.63 -24.65 14.38
CA LEU E 120 -18.29 -24.85 15.68
C LEU E 120 -18.36 -23.53 16.44
N GLU E 121 -17.31 -22.70 16.31
CA GLU E 121 -17.32 -21.39 16.97
C GLU E 121 -18.39 -20.47 16.36
N ARG E 122 -18.45 -20.40 15.03
CA ARG E 122 -19.47 -19.56 14.41
C ARG E 122 -20.87 -20.06 14.77
N LEU E 123 -21.07 -21.37 14.76
CA LEU E 123 -22.38 -21.91 15.08
C LEU E 123 -22.77 -21.54 16.51
N THR E 124 -21.84 -21.69 17.46
CA THR E 124 -22.10 -21.37 18.85
C THR E 124 -22.40 -19.88 19.05
N ARG E 125 -21.65 -19.00 18.37
CA ARG E 125 -21.91 -17.57 18.53
C ARG E 125 -23.26 -17.19 17.92
N VAL E 126 -23.61 -17.76 16.77
CA VAL E 126 -24.91 -17.46 16.20
C VAL E 126 -26.02 -17.97 17.13
N PHE E 127 -25.86 -19.17 17.66
CA PHE E 127 -26.83 -19.66 18.61
C PHE E 127 -26.98 -18.69 19.78
N THR E 128 -25.85 -18.22 20.34
CA THR E 128 -25.89 -17.27 21.45
C THR E 128 -26.57 -15.96 21.05
N GLN E 129 -26.26 -15.46 19.85
CA GLN E 129 -26.96 -14.28 19.36
C GLN E 129 -28.46 -14.52 19.28
N LYS E 130 -28.88 -15.73 18.94
CA LYS E 130 -30.30 -15.98 18.80
C LYS E 130 -31.03 -16.20 20.11
N ILE E 131 -30.33 -16.44 21.22
CA ILE E 131 -31.04 -16.74 22.46
C ILE E 131 -30.54 -15.84 23.57
N HIS E 132 -29.69 -14.85 23.25
CA HIS E 132 -29.07 -14.09 24.32
C HIS E 132 -30.12 -13.45 25.22
N ASP E 133 -31.25 -13.02 24.66
CA ASP E 133 -32.28 -12.36 25.47
C ASP E 133 -33.10 -13.33 26.29
N LEU E 134 -32.93 -14.64 26.10
CA LEU E 134 -33.70 -15.65 26.83
C LEU E 134 -32.90 -16.33 27.93
N ILE E 135 -31.58 -16.13 27.99
CA ILE E 135 -30.77 -16.69 29.05
C ILE E 135 -30.23 -15.53 29.89
N GLY E 136 -29.44 -15.84 30.90
CA GLY E 136 -28.89 -14.81 31.77
C GLY E 136 -28.56 -15.40 33.11
N ILE E 137 -27.70 -14.67 33.84
CA ILE E 137 -27.12 -15.19 35.09
C ILE E 137 -28.20 -15.54 36.08
N HIS E 138 -29.35 -14.85 36.01
CA HIS E 138 -30.45 -15.11 36.92
C HIS E 138 -31.67 -15.59 36.16
N ARG E 139 -31.49 -16.06 34.93
CA ARG E 139 -32.60 -16.43 34.07
C ARG E 139 -32.47 -17.88 33.59
N ASP E 140 -31.34 -18.19 32.95
CA ASP E 140 -31.12 -19.53 32.40
C ASP E 140 -29.64 -19.67 32.16
N VAL E 141 -29.02 -20.68 32.77
CA VAL E 141 -27.57 -20.81 32.87
C VAL E 141 -27.17 -22.12 32.21
N PRO E 142 -26.71 -22.09 30.96
CA PRO E 142 -26.37 -23.34 30.27
C PRO E 142 -25.07 -23.98 30.75
N ALA E 143 -24.81 -25.18 30.22
CA ALA E 143 -23.71 -26.03 30.65
C ALA E 143 -23.37 -26.96 29.50
N PRO E 144 -22.22 -27.63 29.53
CA PRO E 144 -21.90 -28.61 28.48
C PRO E 144 -22.82 -29.82 28.56
N ASP E 145 -22.83 -30.57 27.46
CA ASP E 145 -23.58 -31.81 27.36
C ASP E 145 -22.92 -32.59 26.23
N MET E 146 -23.59 -33.61 25.72
CA MET E 146 -23.19 -34.28 24.48
C MET E 146 -22.79 -33.28 23.40
N GLY E 147 -21.59 -33.43 22.86
CA GLY E 147 -21.16 -32.64 21.73
C GLY E 147 -20.65 -31.24 22.04
N THR E 148 -20.68 -30.81 23.30
CA THR E 148 -20.12 -29.53 23.69
C THR E 148 -19.18 -29.75 24.86
N ASN E 149 -18.36 -28.74 25.14
CA ASN E 149 -17.35 -28.85 26.18
C ASN E 149 -17.05 -27.43 26.69
N SER E 150 -15.99 -27.29 27.45
CA SER E 150 -15.72 -26.01 28.08
C SER E 150 -15.33 -24.96 27.05
N GLN E 151 -14.73 -25.37 25.93
CA GLN E 151 -14.48 -24.41 24.86
C GLN E 151 -15.80 -23.86 24.33
N THR E 152 -16.81 -24.71 24.21
CA THR E 152 -18.11 -24.22 23.76
C THR E 152 -18.62 -23.14 24.70
N MET E 153 -18.45 -23.34 26.01
CA MET E 153 -18.94 -22.37 27.01
C MET E 153 -18.16 -21.06 26.92
N ALA E 154 -16.85 -21.13 26.64
CA ALA E 154 -16.07 -19.91 26.44
C ALA E 154 -16.64 -19.06 25.32
N TRP E 155 -17.05 -19.71 24.22
CA TRP E 155 -17.61 -18.96 23.11
C TRP E 155 -18.96 -18.35 23.50
N ILE E 156 -19.79 -19.10 24.22
CA ILE E 156 -21.07 -18.54 24.63
C ILE E 156 -20.83 -17.34 25.55
N LEU E 157 -19.94 -17.52 26.54
CA LEU E 157 -19.58 -16.43 27.44
C LEU E 157 -19.09 -15.22 26.67
N ASP E 158 -18.17 -15.42 25.73
CA ASP E 158 -17.63 -14.29 24.99
C ASP E 158 -18.72 -13.59 24.19
N GLU E 159 -19.62 -14.35 23.55
CA GLU E 159 -20.61 -13.71 22.69
C GLU E 159 -21.69 -13.03 23.51
N TYR E 160 -22.19 -13.71 24.55
CA TYR E 160 -23.22 -13.14 25.39
C TYR E 160 -22.74 -11.84 25.98
N SER E 161 -21.46 -11.78 26.35
CA SER E 161 -20.95 -10.60 27.05
C SER E 161 -20.93 -9.37 26.17
N LYS E 162 -20.92 -9.53 24.85
CA LYS E 162 -21.09 -8.39 23.96
C LYS E 162 -22.46 -7.75 24.14
N PHE E 163 -23.48 -8.56 24.45
CA PHE E 163 -24.85 -8.05 24.57
C PHE E 163 -25.17 -7.58 25.96
N HIS E 164 -24.49 -8.08 26.99
CA HIS E 164 -24.90 -7.75 28.35
C HIS E 164 -23.72 -7.44 29.26
N GLY E 165 -22.51 -7.28 28.74
CA GLY E 165 -21.35 -7.10 29.58
C GLY E 165 -20.84 -8.40 30.14
N HIS E 166 -19.60 -8.37 30.60
CA HIS E 166 -18.89 -9.49 31.20
C HIS E 166 -19.82 -10.21 32.19
N SER E 167 -20.16 -11.45 31.86
CA SER E 167 -21.14 -12.22 32.64
C SER E 167 -20.60 -13.63 32.84
N PRO E 168 -19.54 -13.78 33.65
CA PRO E 168 -18.99 -15.14 33.86
C PRO E 168 -20.00 -16.14 34.41
N ALA E 169 -21.01 -15.68 35.14
CA ALA E 169 -21.96 -16.63 35.67
C ALA E 169 -23.01 -17.05 34.65
N VAL E 170 -22.97 -16.55 33.40
CA VAL E 170 -24.05 -16.91 32.48
C VAL E 170 -23.98 -18.37 32.06
N VAL E 171 -22.86 -19.04 32.31
CA VAL E 171 -22.65 -20.39 31.80
C VAL E 171 -21.74 -21.13 32.80
N THR E 172 -21.98 -22.42 33.01
CA THR E 172 -21.03 -23.16 33.84
C THR E 172 -20.26 -24.17 32.99
N GLY E 173 -19.32 -24.86 33.62
CA GLY E 173 -18.41 -25.70 32.86
C GLY E 173 -17.36 -24.95 32.06
N LYS E 174 -17.02 -23.72 32.44
CA LYS E 174 -16.05 -22.88 31.73
C LYS E 174 -14.61 -23.37 31.94
N PRO E 175 -13.68 -22.99 31.05
CA PRO E 175 -12.26 -23.24 31.32
C PRO E 175 -11.87 -22.53 32.60
N ILE E 176 -10.91 -23.14 33.32
CA ILE E 176 -10.41 -22.51 34.55
C ILE E 176 -9.98 -21.07 34.30
N ASP E 177 -9.31 -20.84 33.17
CA ASP E 177 -8.84 -19.49 32.83
C ASP E 177 -9.96 -18.47 32.71
N LEU E 178 -11.21 -18.90 32.61
CA LEU E 178 -12.31 -17.95 32.42
C LEU E 178 -13.36 -18.07 33.50
N GLY E 179 -12.99 -18.44 34.73
CA GLY E 179 -13.93 -18.47 35.83
C GLY E 179 -14.52 -19.84 36.13
N GLY E 180 -13.97 -20.90 35.55
CA GLY E 180 -14.40 -22.24 35.92
C GLY E 180 -13.96 -22.62 37.30
N SER E 181 -14.67 -23.57 37.90
CA SER E 181 -14.46 -23.97 39.27
C SER E 181 -13.44 -25.10 39.35
N LEU E 182 -12.64 -25.09 40.40
CA LEU E 182 -11.88 -26.26 40.77
C LEU E 182 -12.81 -27.38 41.19
N GLY E 183 -12.30 -28.62 41.11
CA GLY E 183 -13.03 -29.77 41.60
C GLY E 183 -14.11 -30.33 40.70
N ARG E 184 -14.22 -29.88 39.44
CA ARG E 184 -15.30 -30.37 38.59
C ARG E 184 -15.08 -31.81 38.18
N GLU E 185 -13.84 -32.18 37.86
CA GLU E 185 -13.61 -33.50 37.30
C GLU E 185 -14.00 -34.61 38.28
N ALA E 186 -13.64 -34.47 39.55
CA ALA E 186 -13.98 -35.47 40.53
C ALA E 186 -15.40 -35.35 41.07
N ALA E 187 -16.15 -34.34 40.66
CA ALA E 187 -17.37 -33.98 41.37
C ALA E 187 -18.36 -35.14 41.44
N THR E 188 -18.66 -35.77 40.31
CA THR E 188 -19.69 -36.79 40.32
C THR E 188 -19.23 -38.02 41.09
N GLY E 189 -18.01 -38.49 40.79
CA GLY E 189 -17.52 -39.69 41.44
C GLY E 189 -17.39 -39.49 42.94
N LEU E 190 -16.87 -38.33 43.33
CA LEU E 190 -16.76 -38.03 44.76
C LEU E 190 -18.14 -37.90 45.40
N GLY E 191 -19.07 -37.27 44.69
CA GLY E 191 -20.42 -37.15 45.22
C GLY E 191 -21.09 -38.49 45.42
N VAL E 192 -20.79 -39.45 44.55
CA VAL E 192 -21.32 -40.79 44.74
C VAL E 192 -20.89 -41.34 46.09
N VAL E 193 -19.61 -41.13 46.44
CA VAL E 193 -19.06 -41.71 47.67
C VAL E 193 -19.56 -40.97 48.89
N PHE E 194 -19.72 -39.65 48.79
CA PHE E 194 -20.33 -38.90 49.89
C PHE E 194 -21.74 -39.38 50.16
N ALA E 195 -22.53 -39.61 49.10
CA ALA E 195 -23.88 -40.15 49.25
C ALA E 195 -23.84 -41.52 49.89
N THR E 196 -22.88 -42.35 49.49
CA THR E 196 -22.73 -43.67 50.06
C THR E 196 -22.30 -43.62 51.52
N GLU E 197 -21.41 -42.69 51.88
CA GLU E 197 -21.06 -42.52 53.29
C GLU E 197 -22.31 -42.27 54.11
N ALA E 198 -23.17 -41.34 53.65
CA ALA E 198 -24.37 -40.97 54.41
C ALA E 198 -25.34 -42.15 54.52
N LEU E 199 -25.51 -42.89 53.42
CA LEU E 199 -26.37 -44.07 53.43
C LEU E 199 -25.88 -45.10 54.45
N PHE E 200 -24.58 -45.40 54.42
CA PHE E 200 -24.07 -46.42 55.33
C PHE E 200 -24.10 -45.92 56.76
N ALA E 201 -24.01 -44.60 56.96
CA ALA E 201 -24.12 -44.04 58.30
C ALA E 201 -25.45 -44.40 58.95
N GLU E 202 -26.49 -44.62 58.14
CA GLU E 202 -27.76 -45.07 58.69
C GLU E 202 -27.63 -46.41 59.39
N TYR E 203 -26.68 -47.24 58.97
CA TYR E 203 -26.45 -48.54 59.58
C TYR E 203 -25.28 -48.53 60.55
N GLY E 204 -24.74 -47.36 60.88
CA GLY E 204 -23.56 -47.29 61.71
C GLY E 204 -22.35 -47.97 61.12
N LYS E 205 -22.34 -48.18 59.80
CA LYS E 205 -21.24 -48.82 59.10
C LYS E 205 -20.51 -47.77 58.27
N SER E 206 -19.30 -48.13 57.82
CA SER E 206 -18.48 -47.23 57.03
C SER E 206 -18.10 -47.93 55.71
N ILE E 207 -17.55 -47.14 54.80
CA ILE E 207 -17.09 -47.67 53.53
C ILE E 207 -16.04 -48.73 53.75
N SER E 208 -15.21 -48.58 54.77
CA SER E 208 -14.18 -49.55 55.09
C SER E 208 -14.74 -50.91 55.53
N ASP E 209 -16.03 -51.00 55.79
CA ASP E 209 -16.67 -52.26 56.14
C ASP E 209 -17.13 -53.06 54.92
N MET E 210 -17.09 -52.47 53.73
CA MET E 210 -17.76 -53.04 52.55
C MET E 210 -16.77 -53.40 51.45
N THR E 211 -17.20 -54.32 50.61
CA THR E 211 -16.59 -54.61 49.32
C THR E 211 -17.45 -54.03 48.21
N PHE E 212 -16.81 -53.68 47.09
CA PHE E 212 -17.45 -52.93 46.02
C PHE E 212 -17.15 -53.56 44.66
N ALA E 213 -18.16 -53.58 43.79
CA ALA E 213 -17.99 -53.89 42.38
C ALA E 213 -18.43 -52.69 41.56
N ILE E 214 -17.61 -52.27 40.61
CA ILE E 214 -17.86 -51.06 39.83
C ILE E 214 -17.93 -51.45 38.37
N GLN E 215 -19.04 -51.10 37.72
CA GLN E 215 -19.24 -51.31 36.30
C GLN E 215 -18.97 -50.00 35.57
N GLY E 216 -17.94 -49.97 34.72
CA GLY E 216 -17.64 -48.75 34.01
C GLY E 216 -16.49 -48.03 34.67
N PHE E 217 -15.57 -47.48 33.89
CA PHE E 217 -14.35 -46.95 34.50
C PHE E 217 -13.90 -45.69 33.77
N GLY E 218 -14.83 -44.77 33.58
CA GLY E 218 -14.58 -43.47 33.00
C GLY E 218 -14.50 -42.40 34.06
N ASN E 219 -15.02 -41.21 33.74
CA ASN E 219 -14.91 -40.10 34.68
C ASN E 219 -15.63 -40.40 35.99
N VAL E 220 -16.81 -41.01 35.91
CA VAL E 220 -17.52 -41.33 37.16
C VAL E 220 -16.83 -42.50 37.83
N GLY E 221 -16.58 -43.57 37.06
CA GLY E 221 -16.03 -44.78 37.63
C GLY E 221 -14.64 -44.59 38.22
N THR E 222 -13.76 -43.86 37.52
CA THR E 222 -12.39 -43.72 38.02
C THR E 222 -12.36 -42.97 39.35
N TRP E 223 -13.10 -41.87 39.43
CA TRP E 223 -13.06 -41.04 40.64
C TRP E 223 -13.76 -41.70 41.81
N ALA E 224 -14.88 -42.40 41.55
CA ALA E 224 -15.54 -43.16 42.60
C ALA E 224 -14.61 -44.21 43.18
N ALA E 225 -13.97 -45.01 42.32
CA ALA E 225 -13.04 -46.03 42.80
C ALA E 225 -11.93 -45.41 43.63
N LYS E 226 -11.34 -44.30 43.16
CA LYS E 226 -10.27 -43.65 43.89
C LYS E 226 -10.72 -43.22 45.27
N ALA E 227 -11.89 -42.56 45.35
CA ALA E 227 -12.38 -42.09 46.64
C ALA E 227 -12.75 -43.25 47.57
N ILE E 228 -13.27 -44.35 47.02
CA ILE E 228 -13.56 -45.51 47.85
C ILE E 228 -12.26 -46.13 48.35
N PHE E 229 -11.27 -46.28 47.46
CA PHE E 229 -10.02 -46.89 47.85
C PHE E 229 -9.31 -46.09 48.94
N GLU E 230 -9.29 -44.76 48.80
CA GLU E 230 -8.68 -43.91 49.82
C GLU E 230 -9.48 -43.85 51.12
N ARG E 231 -10.73 -44.32 51.13
CA ARG E 231 -11.51 -44.37 52.36
C ARG E 231 -11.58 -45.76 52.97
N GLY E 232 -10.73 -46.69 52.51
CA GLY E 232 -10.65 -48.01 53.06
C GLY E 232 -11.62 -49.04 52.51
N GLY E 233 -12.42 -48.70 51.51
CA GLY E 233 -13.24 -49.70 50.87
C GLY E 233 -12.41 -50.67 50.06
N LYS E 234 -12.95 -51.87 49.88
CA LYS E 234 -12.29 -52.92 49.10
C LYS E 234 -12.97 -52.99 47.75
N VAL E 235 -12.34 -52.39 46.74
CA VAL E 235 -12.83 -52.52 45.37
C VAL E 235 -12.38 -53.89 44.86
N VAL E 236 -13.30 -54.85 44.81
CA VAL E 236 -12.94 -56.22 44.49
C VAL E 236 -13.14 -56.55 43.01
N ALA E 237 -13.83 -55.70 42.24
CA ALA E 237 -14.06 -55.95 40.83
C ALA E 237 -14.36 -54.63 40.13
N VAL E 238 -13.74 -54.45 38.96
CA VAL E 238 -13.95 -53.29 38.10
C VAL E 238 -14.05 -53.77 36.67
N SER E 239 -15.05 -53.28 35.94
CA SER E 239 -15.16 -53.59 34.53
C SER E 239 -15.35 -52.30 33.74
N ASP E 240 -15.10 -52.41 32.43
CA ASP E 240 -15.52 -51.39 31.47
C ASP E 240 -15.85 -52.13 30.17
N ILE E 241 -15.84 -51.41 29.05
CA ILE E 241 -16.33 -52.00 27.80
C ILE E 241 -15.37 -53.05 27.21
N ASN E 242 -14.11 -53.09 27.65
CA ASN E 242 -13.12 -53.99 27.03
C ASN E 242 -12.69 -55.15 27.90
N GLY E 243 -13.04 -55.18 29.18
CA GLY E 243 -12.57 -56.24 30.03
C GLY E 243 -12.93 -55.97 31.47
N ALA E 244 -12.36 -56.81 32.35
CA ALA E 244 -12.68 -56.75 33.76
C ALA E 244 -11.54 -57.39 34.53
N ILE E 245 -11.44 -57.01 35.80
CA ILE E 245 -10.38 -57.49 36.68
C ILE E 245 -10.97 -57.74 38.05
N SER E 246 -10.45 -58.75 38.74
CA SER E 246 -10.98 -59.17 40.03
C SER E 246 -9.86 -59.40 41.02
N ASN E 247 -10.13 -59.11 42.28
CA ASN E 247 -9.21 -59.44 43.36
C ASN E 247 -10.01 -59.52 44.66
N PRO E 248 -10.21 -60.72 45.19
CA PRO E 248 -11.05 -60.86 46.39
C PRO E 248 -10.53 -60.12 47.60
N ASN E 249 -9.27 -59.68 47.62
CA ASN E 249 -8.73 -58.88 48.71
C ASN E 249 -8.67 -57.41 48.38
N GLY E 250 -9.32 -56.99 47.31
CA GLY E 250 -9.29 -55.59 46.94
C GLY E 250 -8.17 -55.27 45.97
N ILE E 251 -8.53 -54.67 44.86
CA ILE E 251 -7.56 -54.21 43.87
C ILE E 251 -6.90 -52.93 44.36
N ASP E 252 -5.58 -52.83 44.19
CA ASP E 252 -4.88 -51.57 44.44
C ASP E 252 -5.31 -50.57 43.36
N ILE E 253 -6.28 -49.73 43.70
CA ILE E 253 -6.90 -48.83 42.73
C ILE E 253 -5.94 -47.73 42.30
N ALA E 254 -5.11 -47.23 43.23
CA ALA E 254 -4.09 -46.27 42.86
C ALA E 254 -3.17 -46.84 41.79
N ALA E 255 -2.73 -48.08 42.00
CA ALA E 255 -1.92 -48.76 40.99
C ALA E 255 -2.72 -49.03 39.73
N LEU E 256 -4.00 -49.36 39.87
CA LEU E 256 -4.82 -49.62 38.69
C LEU E 256 -4.94 -48.37 37.83
N LEU E 257 -5.13 -47.21 38.46
CA LEU E 257 -5.21 -45.97 37.70
C LEU E 257 -3.91 -45.64 36.98
N LYS E 258 -2.77 -45.97 37.60
CA LYS E 258 -1.50 -45.82 36.91
C LYS E 258 -1.48 -46.63 35.62
N HIS E 259 -1.92 -47.89 35.72
CA HIS E 259 -1.98 -48.74 34.55
C HIS E 259 -2.90 -48.17 33.49
N LYS E 260 -4.06 -47.68 33.91
CA LYS E 260 -5.02 -47.14 32.94
C LYS E 260 -4.43 -45.93 32.22
N ALA E 261 -3.73 -45.07 32.94
CA ALA E 261 -3.13 -43.88 32.35
C ALA E 261 -2.05 -44.23 31.34
N GLY E 262 -1.42 -45.40 31.45
CA GLY E 262 -0.45 -45.79 30.46
C GLY E 262 -1.10 -46.51 29.30
N ASN E 263 -2.39 -46.26 29.10
CA ASN E 263 -3.19 -46.81 27.99
C ASN E 263 -3.28 -48.33 28.05
N GLY E 264 -3.27 -48.90 29.26
CA GLY E 264 -3.46 -50.32 29.43
C GLY E 264 -4.93 -50.70 29.59
N SER E 265 -5.22 -51.98 29.38
CA SER E 265 -6.58 -52.49 29.52
C SER E 265 -6.70 -53.25 30.84
N LEU E 266 -7.91 -53.21 31.42
CA LEU E 266 -8.13 -53.75 32.76
C LEU E 266 -7.67 -55.20 32.90
N LYS E 267 -8.18 -56.11 32.05
CA LYS E 267 -7.88 -57.53 32.20
C LYS E 267 -6.38 -57.82 32.22
N ASP E 268 -5.55 -56.93 31.67
CA ASP E 268 -4.10 -57.07 31.62
C ASP E 268 -3.41 -56.58 32.89
N PHE E 269 -4.17 -56.08 33.86
CA PHE E 269 -3.58 -55.62 35.12
C PHE E 269 -3.04 -56.81 35.91
N SER E 270 -1.85 -56.63 36.48
CA SER E 270 -1.15 -57.71 37.17
C SER E 270 -1.56 -57.88 38.61
N GLY E 271 -2.20 -56.88 39.22
CA GLY E 271 -2.65 -56.97 40.60
C GLY E 271 -4.05 -57.53 40.74
N GLY E 272 -4.46 -58.41 39.83
CA GLY E 272 -5.77 -59.02 39.92
C GLY E 272 -5.90 -60.14 38.90
N ASP E 273 -7.09 -60.74 38.89
CA ASP E 273 -7.42 -61.83 37.97
C ASP E 273 -8.38 -61.31 36.90
N ALA E 274 -8.10 -61.62 35.64
CA ALA E 274 -8.97 -61.20 34.55
C ALA E 274 -10.36 -61.83 34.70
N MET E 275 -11.38 -61.06 34.29
CA MET E 275 -12.78 -61.43 34.51
C MET E 275 -13.60 -61.15 33.27
N ASN E 276 -14.69 -61.90 33.12
CA ASN E 276 -15.67 -61.61 32.07
C ASN E 276 -16.52 -60.42 32.49
N PRO E 277 -16.58 -59.34 31.69
CA PRO E 277 -17.38 -58.17 32.09
C PRO E 277 -18.85 -58.48 32.30
N ASN E 278 -19.40 -59.46 31.59
CA ASN E 278 -20.81 -59.80 31.76
C ASN E 278 -21.11 -60.47 33.08
N ASP E 279 -20.11 -60.77 33.89
CA ASP E 279 -20.30 -61.31 35.24
C ASP E 279 -20.23 -60.24 36.32
N LEU E 280 -20.01 -58.97 35.95
CA LEU E 280 -19.78 -57.92 36.96
C LEU E 280 -21.01 -57.65 37.80
N LEU E 281 -22.20 -57.70 37.21
CA LEU E 281 -23.39 -57.32 37.97
C LEU E 281 -23.84 -58.42 38.93
N VAL E 282 -23.50 -59.68 38.63
CA VAL E 282 -23.85 -60.80 39.49
C VAL E 282 -22.69 -61.20 40.40
N HIS E 283 -21.65 -60.37 40.45
CA HIS E 283 -20.49 -60.63 41.30
C HIS E 283 -20.89 -60.55 42.77
N ASP E 284 -20.22 -61.35 43.59
CA ASP E 284 -20.46 -61.34 45.03
C ASP E 284 -19.66 -60.19 45.66
N CYS E 285 -20.37 -59.32 46.35
CA CYS E 285 -19.82 -58.12 46.99
C CYS E 285 -20.93 -57.55 47.85
N ASP E 286 -20.57 -56.58 48.68
CA ASP E 286 -21.62 -55.91 49.43
C ASP E 286 -22.32 -54.84 48.58
N VAL E 287 -21.56 -54.09 47.78
CA VAL E 287 -22.06 -52.90 47.10
C VAL E 287 -21.77 -52.97 45.60
N LEU E 288 -22.78 -52.72 44.79
CA LEU E 288 -22.65 -52.67 43.33
C LEU E 288 -22.84 -51.23 42.85
N ILE E 289 -21.92 -50.75 42.01
CA ILE E 289 -22.04 -49.38 41.51
C ILE E 289 -21.97 -49.38 39.98
N PRO E 290 -23.10 -49.41 39.28
CA PRO E 290 -23.08 -49.22 37.81
C PRO E 290 -22.68 -47.79 37.46
N CYS E 291 -21.63 -47.64 36.66
CA CYS E 291 -21.16 -46.34 36.21
C CYS E 291 -21.00 -46.28 34.70
N ALA E 292 -21.72 -47.12 33.96
CA ALA E 292 -21.50 -47.22 32.51
C ALA E 292 -22.75 -46.82 31.74
N LEU E 293 -23.81 -47.61 31.82
CA LEU E 293 -24.90 -47.53 30.89
C LEU E 293 -26.20 -47.69 31.66
N GLY E 294 -27.30 -47.31 31.01
CA GLY E 294 -28.61 -47.56 31.58
C GLY E 294 -29.17 -48.89 31.14
N GLY E 295 -30.18 -49.36 31.87
CA GLY E 295 -30.80 -50.61 31.49
C GLY E 295 -29.94 -51.85 31.66
N VAL E 296 -28.97 -51.81 32.57
CA VAL E 296 -28.13 -52.97 32.80
C VAL E 296 -28.80 -53.97 33.75
N LEU E 297 -29.74 -53.52 34.58
CA LEU E 297 -30.48 -54.36 35.52
C LEU E 297 -31.92 -54.49 35.03
N ASN E 298 -32.33 -55.72 34.71
CA ASN E 298 -33.66 -56.04 34.23
C ASN E 298 -34.15 -57.29 34.96
N LYS E 299 -35.27 -57.85 34.49
CA LYS E 299 -35.81 -59.03 35.16
C LYS E 299 -34.88 -60.22 35.02
N GLU E 300 -34.14 -60.31 33.91
CA GLU E 300 -33.26 -61.46 33.66
C GLU E 300 -32.26 -61.67 34.78
N ASN E 301 -31.37 -60.69 34.98
CA ASN E 301 -30.24 -60.81 35.89
C ASN E 301 -30.57 -60.43 37.33
N ALA E 302 -31.80 -59.98 37.61
CA ALA E 302 -32.06 -59.32 38.89
C ALA E 302 -31.93 -60.28 40.08
N ASN E 303 -32.47 -61.50 39.95
CA ASN E 303 -32.39 -62.46 41.05
C ASN E 303 -30.96 -62.91 41.30
N ASP E 304 -30.09 -62.83 40.29
CA ASP E 304 -28.70 -63.25 40.40
C ASP E 304 -27.78 -62.15 40.93
N VAL E 305 -28.29 -60.94 41.15
CA VAL E 305 -27.51 -59.92 41.83
C VAL E 305 -27.35 -60.32 43.29
N LYS E 306 -26.10 -60.37 43.75
CA LYS E 306 -25.78 -60.79 45.11
C LYS E 306 -25.38 -59.63 46.00
N ALA E 307 -25.50 -58.39 45.53
CA ALA E 307 -25.09 -57.25 46.32
C ALA E 307 -26.21 -56.80 47.25
N LYS E 308 -25.82 -56.27 48.40
CA LYS E 308 -26.74 -55.74 49.40
C LYS E 308 -27.16 -54.30 49.07
N PHE E 309 -26.26 -53.51 48.49
CA PHE E 309 -26.52 -52.12 48.14
C PHE E 309 -26.20 -51.89 46.66
N ILE E 310 -27.04 -51.11 45.99
CA ILE E 310 -26.74 -50.70 44.62
C ILE E 310 -26.78 -49.17 44.57
N ILE E 311 -25.65 -48.58 44.19
CA ILE E 311 -25.51 -47.13 44.08
C ILE E 311 -25.64 -46.76 42.61
N GLU E 312 -26.76 -46.18 42.22
CA GLU E 312 -27.02 -45.85 40.81
C GLU E 312 -26.25 -44.60 40.44
N ALA E 313 -25.04 -44.77 39.92
CA ALA E 313 -24.29 -43.62 39.43
C ALA E 313 -24.59 -43.31 37.98
N ALA E 314 -24.68 -44.32 37.13
CA ALA E 314 -25.15 -44.07 35.78
C ALA E 314 -26.63 -43.69 35.84
N ASN E 315 -27.14 -43.17 34.73
CA ASN E 315 -28.55 -42.80 34.68
C ASN E 315 -29.40 -43.99 34.29
N HIS E 316 -30.41 -44.28 35.13
CA HIS E 316 -31.43 -45.30 34.89
C HIS E 316 -30.85 -46.68 34.63
N PRO E 317 -29.98 -47.20 35.50
CA PRO E 317 -29.44 -48.56 35.27
C PRO E 317 -30.44 -49.64 35.60
N THR E 318 -31.49 -49.32 36.34
CA THR E 318 -32.48 -50.29 36.78
C THR E 318 -33.81 -49.98 36.11
N ASP E 319 -34.30 -50.90 35.29
CA ASP E 319 -35.65 -50.77 34.76
C ASP E 319 -36.64 -51.22 35.83
N PRO E 320 -37.93 -50.91 35.68
CA PRO E 320 -38.88 -51.20 36.77
C PRO E 320 -38.95 -52.65 37.15
N ASP E 321 -38.63 -53.55 36.22
CA ASP E 321 -38.67 -54.99 36.50
C ASP E 321 -37.66 -55.36 37.59
N ALA E 322 -36.41 -54.94 37.43
CA ALA E 322 -35.39 -55.24 38.43
C ALA E 322 -35.66 -54.53 39.75
N ASP E 323 -36.15 -53.28 39.69
CA ASP E 323 -36.46 -52.57 40.94
C ASP E 323 -37.36 -53.40 41.83
N GLU E 324 -38.50 -53.84 41.29
CA GLU E 324 -39.42 -54.68 42.06
C GLU E 324 -38.74 -55.94 42.57
N ILE E 325 -37.96 -56.61 41.73
CA ILE E 325 -37.31 -57.86 42.13
C ILE E 325 -36.27 -57.61 43.22
N LEU E 326 -35.37 -56.63 42.99
CA LEU E 326 -34.32 -56.32 43.97
C LEU E 326 -34.90 -55.80 45.28
N SER E 327 -36.02 -55.09 45.21
CA SER E 327 -36.64 -54.54 46.41
C SER E 327 -37.03 -55.65 47.38
N LYS E 328 -37.84 -56.61 46.92
CA LYS E 328 -38.35 -57.66 47.79
C LYS E 328 -37.24 -58.52 48.40
N LYS E 329 -36.08 -58.58 47.76
CA LYS E 329 -34.97 -59.37 48.28
C LYS E 329 -34.19 -58.65 49.37
N GLY E 330 -34.60 -57.45 49.76
CA GLY E 330 -33.88 -56.67 50.75
C GLY E 330 -32.73 -55.84 50.20
N VAL E 331 -32.62 -55.69 48.88
CA VAL E 331 -31.56 -54.86 48.29
C VAL E 331 -31.97 -53.40 48.34
N ILE E 332 -31.09 -52.55 48.83
CA ILE E 332 -31.35 -51.12 48.94
C ILE E 332 -30.63 -50.42 47.81
N ILE E 333 -31.37 -49.60 47.05
CA ILE E 333 -30.87 -48.98 45.83
C ILE E 333 -30.87 -47.47 46.02
N LEU E 334 -29.68 -46.87 45.99
CA LEU E 334 -29.54 -45.43 46.04
C LEU E 334 -29.78 -44.86 44.65
N PRO E 335 -30.80 -44.03 44.46
CA PRO E 335 -31.28 -43.70 43.10
C PRO E 335 -30.41 -42.68 42.36
N ASP E 336 -30.43 -42.80 41.04
CA ASP E 336 -29.60 -41.96 40.17
C ASP E 336 -29.85 -40.46 40.35
N VAL E 337 -31.11 -40.02 40.48
CA VAL E 337 -31.37 -38.57 40.54
C VAL E 337 -30.63 -37.92 41.70
N TYR E 338 -30.36 -38.66 42.77
CA TYR E 338 -29.58 -38.14 43.89
C TYR E 338 -28.12 -38.55 43.80
N ALA E 339 -27.86 -39.83 43.51
CA ALA E 339 -26.52 -40.39 43.70
C ALA E 339 -25.46 -39.71 42.83
N ASN E 340 -25.80 -39.38 41.58
CA ASN E 340 -24.82 -38.80 40.67
C ASN E 340 -24.92 -37.27 40.58
N ALA E 341 -25.58 -36.62 41.54
CA ALA E 341 -25.87 -35.19 41.48
C ALA E 341 -24.70 -34.31 41.86
N GLY E 342 -23.53 -34.87 42.18
CA GLY E 342 -22.40 -34.05 42.51
C GLY E 342 -21.98 -33.12 41.39
N GLY E 343 -22.12 -33.57 40.14
CA GLY E 343 -21.73 -32.73 39.01
C GLY E 343 -22.56 -31.47 38.90
N VAL E 344 -23.89 -31.60 38.96
CA VAL E 344 -24.72 -30.42 38.87
C VAL E 344 -24.54 -29.55 40.12
N THR E 345 -24.23 -30.17 41.26
CA THR E 345 -24.02 -29.39 42.47
C THR E 345 -22.78 -28.53 42.37
N VAL E 346 -21.69 -29.09 41.85
CA VAL E 346 -20.47 -28.29 41.74
C VAL E 346 -20.64 -27.24 40.66
N SER E 347 -21.49 -27.53 39.68
CA SER E 347 -21.90 -26.54 38.68
C SER E 347 -22.60 -25.35 39.35
N TYR E 348 -23.48 -25.62 40.32
CA TYR E 348 -24.03 -24.53 41.12
C TYR E 348 -22.95 -23.72 41.81
N PHE E 349 -21.94 -24.41 42.39
CA PHE E 349 -20.86 -23.71 43.09
C PHE E 349 -20.06 -22.82 42.13
N GLU E 350 -19.82 -23.28 40.90
CA GLU E 350 -19.15 -22.42 39.91
C GLU E 350 -19.95 -21.14 39.72
N TRP E 351 -21.26 -21.27 39.54
CA TRP E 351 -22.12 -20.11 39.42
C TRP E 351 -21.99 -19.20 40.64
N VAL E 352 -22.08 -19.79 41.84
CA VAL E 352 -21.93 -18.99 43.07
C VAL E 352 -20.60 -18.29 43.10
N GLN E 353 -19.51 -19.01 42.79
CA GLN E 353 -18.21 -18.37 42.83
C GLN E 353 -18.14 -17.18 41.87
N ASN E 354 -18.74 -17.31 40.68
CA ASN E 354 -18.75 -16.21 39.74
C ASN E 354 -19.61 -15.05 40.25
N ILE E 355 -20.81 -15.32 40.76
CA ILE E 355 -21.56 -14.16 41.21
C ILE E 355 -20.88 -13.53 42.41
N GLN E 356 -20.09 -14.27 43.18
CA GLN E 356 -19.36 -13.68 44.30
C GLN E 356 -18.06 -12.99 43.90
N GLY E 357 -17.67 -13.06 42.63
CA GLY E 357 -16.47 -12.40 42.15
C GLY E 357 -15.18 -12.94 42.72
N PHE E 358 -15.15 -14.18 43.21
CA PHE E 358 -14.04 -14.64 44.05
C PHE E 358 -14.04 -16.17 44.11
N MET E 359 -13.01 -16.82 43.56
CA MET E 359 -13.03 -18.27 43.45
C MET E 359 -12.66 -18.96 44.77
N TRP E 360 -13.20 -20.15 44.95
CA TRP E 360 -12.92 -21.01 46.09
C TRP E 360 -11.73 -21.93 45.79
N ASP E 361 -11.03 -22.37 46.84
CA ASP E 361 -10.06 -23.39 46.55
C ASP E 361 -10.73 -24.77 46.54
N GLU E 362 -9.98 -25.77 46.09
CA GLU E 362 -10.59 -27.08 45.86
C GLU E 362 -11.09 -27.71 47.16
N GLU E 363 -10.43 -27.44 48.28
CA GLU E 363 -10.90 -27.98 49.57
C GLU E 363 -12.25 -27.38 49.96
N LYS E 364 -12.46 -26.09 49.72
CA LYS E 364 -13.77 -25.53 50.01
C LYS E 364 -14.83 -26.12 49.08
N VAL E 365 -14.51 -26.31 47.80
CA VAL E 365 -15.49 -26.92 46.91
C VAL E 365 -15.93 -28.27 47.46
N ASN E 366 -14.98 -29.09 47.87
CA ASN E 366 -15.32 -30.43 48.34
C ASN E 366 -16.04 -30.41 49.69
N GLN E 367 -15.70 -29.47 50.57
CA GLN E 367 -16.45 -29.34 51.82
C GLN E 367 -17.92 -29.03 51.55
N GLU E 368 -18.19 -28.10 50.64
CA GLU E 368 -19.58 -27.78 50.32
C GLU E 368 -20.27 -28.92 49.58
N LEU E 369 -19.56 -29.59 48.70
CA LEU E 369 -20.14 -30.75 48.04
C LEU E 369 -20.60 -31.78 49.07
N LYS E 370 -19.76 -32.03 50.08
CA LYS E 370 -20.13 -32.98 51.11
C LYS E 370 -21.34 -32.50 51.89
N ARG E 371 -21.35 -31.23 52.29
CA ARG E 371 -22.46 -30.70 53.05
C ARG E 371 -23.76 -30.82 52.29
N TYR E 372 -23.73 -30.52 50.98
CA TYR E 372 -24.94 -30.57 50.15
C TYR E 372 -25.41 -32.01 49.96
N MET E 373 -24.48 -32.94 49.67
CA MET E 373 -24.88 -34.32 49.47
C MET E 373 -25.39 -34.94 50.77
N THR E 374 -24.80 -34.57 51.91
CA THR E 374 -25.25 -35.14 53.18
C THR E 374 -26.62 -34.63 53.58
N LYS E 375 -26.81 -33.30 53.53
CA LYS E 375 -28.14 -32.77 53.87
C LYS E 375 -29.20 -33.29 52.92
N ALA E 376 -28.83 -33.60 51.68
CA ALA E 376 -29.80 -34.14 50.74
C ALA E 376 -30.22 -35.55 51.12
N PHE E 377 -29.26 -36.38 51.54
CA PHE E 377 -29.64 -37.73 51.94
C PHE E 377 -30.55 -37.71 53.16
N ASN E 378 -30.25 -36.85 54.13
CA ASN E 378 -31.07 -36.77 55.33
C ASN E 378 -32.51 -36.42 54.96
N ASP E 379 -32.68 -35.43 54.06
CA ASP E 379 -34.00 -35.01 53.61
C ASP E 379 -34.71 -36.13 52.85
N ILE E 380 -33.98 -36.88 52.01
CA ILE E 380 -34.57 -38.03 51.33
C ILE E 380 -35.04 -39.06 52.35
N LYS E 381 -34.16 -39.42 53.30
CA LYS E 381 -34.51 -40.43 54.28
C LYS E 381 -35.69 -39.97 55.11
N ALA E 382 -35.73 -38.69 55.47
CA ALA E 382 -36.88 -38.17 56.20
C ALA E 382 -38.16 -38.35 55.39
N ASN E 383 -38.11 -38.04 54.09
CA ASN E 383 -39.29 -38.26 53.25
C ASN E 383 -39.70 -39.72 53.21
N CYS E 384 -38.73 -40.63 53.07
CA CYS E 384 -39.05 -42.05 53.09
C CYS E 384 -39.78 -42.44 54.35
N LYS E 385 -39.54 -41.72 55.45
CA LYS E 385 -40.18 -42.03 56.71
C LYS E 385 -41.56 -41.40 56.82
N THR E 386 -41.82 -40.31 56.09
CA THR E 386 -43.18 -39.78 56.04
C THR E 386 -44.08 -40.60 55.13
N HIS E 387 -43.57 -41.05 53.99
CA HIS E 387 -44.40 -41.71 53.00
C HIS E 387 -44.21 -43.21 52.98
N ASN E 388 -43.31 -43.73 53.81
CA ASN E 388 -43.04 -45.16 53.90
C ASN E 388 -42.76 -45.76 52.52
N CYS E 389 -41.77 -45.19 51.84
CA CYS E 389 -41.44 -45.57 50.48
C CYS E 389 -39.95 -45.82 50.36
N ASP E 390 -39.55 -46.37 49.21
CA ASP E 390 -38.15 -46.63 48.96
C ASP E 390 -37.37 -45.33 48.74
N LEU E 391 -36.05 -45.45 48.62
CA LEU E 391 -35.22 -44.25 48.49
C LEU E 391 -35.52 -43.50 47.20
N ARG E 392 -35.83 -44.23 46.13
CA ARG E 392 -36.15 -43.57 44.87
C ARG E 392 -37.36 -42.65 45.03
N MET E 393 -38.38 -43.11 45.74
CA MET E 393 -39.57 -42.29 45.94
C MET E 393 -39.35 -41.21 46.98
N GLY E 394 -38.51 -41.46 47.98
CA GLY E 394 -38.13 -40.38 48.87
C GLY E 394 -37.52 -39.21 48.12
N ALA E 395 -36.65 -39.50 47.16
CA ALA E 395 -36.00 -38.44 46.38
C ALA E 395 -36.99 -37.74 45.44
N PHE E 396 -37.79 -38.51 44.71
CA PHE E 396 -38.70 -37.88 43.76
C PHE E 396 -39.79 -37.08 44.47
N THR E 397 -40.34 -37.61 45.56
CA THR E 397 -41.33 -36.80 46.29
C THR E 397 -40.70 -35.55 46.88
N LEU E 398 -39.42 -35.63 47.28
CA LEU E 398 -38.76 -34.47 47.84
C LEU E 398 -38.61 -33.36 46.80
N GLY E 399 -38.10 -33.70 45.62
CA GLY E 399 -37.95 -32.69 44.60
C GLY E 399 -39.28 -32.18 44.09
N LEU E 400 -40.20 -33.10 43.78
CA LEU E 400 -41.50 -32.70 43.28
C LEU E 400 -42.22 -31.78 44.26
N ASN E 401 -42.16 -32.08 45.55
CA ASN E 401 -42.85 -31.26 46.53
C ASN E 401 -42.23 -29.88 46.65
N ARG E 402 -40.89 -29.79 46.56
CA ARG E 402 -40.23 -28.49 46.67
C ARG E 402 -40.60 -27.59 45.50
N VAL E 403 -40.64 -28.15 44.30
CA VAL E 403 -41.08 -27.37 43.16
C VAL E 403 -42.53 -26.96 43.34
N ALA E 404 -43.38 -27.88 43.80
CA ALA E 404 -44.79 -27.56 43.99
C ALA E 404 -44.97 -26.44 45.02
N ARG E 405 -44.31 -26.51 46.16
CA ARG E 405 -44.63 -25.45 47.10
C ARG E 405 -43.92 -24.15 46.78
N ALA E 406 -42.80 -24.19 46.05
CA ALA E 406 -42.29 -22.93 45.52
C ALA E 406 -43.28 -22.34 44.53
N THR E 407 -43.90 -23.17 43.69
CA THR E 407 -44.89 -22.70 42.74
C THR E 407 -46.10 -22.13 43.48
N LEU E 408 -46.59 -22.83 44.52
CA LEU E 408 -47.78 -22.36 45.24
C LEU E 408 -47.50 -21.06 46.00
N LEU E 409 -46.31 -20.91 46.60
CA LEU E 409 -46.00 -19.67 47.32
C LEU E 409 -46.03 -18.46 46.41
N ARG E 410 -45.53 -18.62 45.18
CA ARG E 410 -45.49 -17.51 44.24
C ARG E 410 -46.87 -17.08 43.78
N GLY E 411 -47.83 -18.01 43.65
CA GLY E 411 -49.20 -17.65 43.31
C GLY E 411 -49.51 -17.63 41.82
N TRP E 412 -50.77 -17.33 41.52
CA TRP E 412 -51.31 -17.46 40.16
C TRP E 412 -51.92 -16.19 39.59
N GLU E 413 -52.15 -15.16 40.38
CA GLU E 413 -52.73 -13.94 39.82
C GLU E 413 -51.71 -13.23 38.92
N ALA E 414 -52.23 -12.43 38.00
CA ALA E 414 -51.36 -11.75 37.04
C ALA E 414 -50.63 -10.57 37.69
N ASN F 5 51.37 37.68 -17.76
CA ASN F 5 51.50 38.26 -19.10
C ASN F 5 50.20 38.10 -19.88
N ALA F 6 50.08 37.00 -20.63
CA ALA F 6 48.77 36.62 -21.14
C ALA F 6 47.81 36.33 -19.99
N LEU F 7 48.35 35.88 -18.85
CA LEU F 7 47.53 35.57 -17.68
C LEU F 7 46.99 36.85 -17.04
N VAL F 8 47.86 37.84 -16.83
CA VAL F 8 47.44 39.09 -16.21
C VAL F 8 46.36 39.77 -17.05
N ALA F 9 46.58 39.85 -18.37
CA ALA F 9 45.67 40.57 -19.25
C ALA F 9 44.31 39.88 -19.34
N THR F 10 44.31 38.55 -19.52
CA THR F 10 43.06 37.81 -19.64
C THR F 10 42.24 37.89 -18.35
N ASN F 11 42.90 37.79 -17.20
CA ASN F 11 42.17 37.87 -15.93
C ASN F 11 41.54 39.25 -15.77
N ARG F 12 42.33 40.31 -15.98
CA ARG F 12 41.79 41.68 -15.94
C ARG F 12 40.65 41.86 -16.93
N ASN F 13 40.84 41.39 -18.17
CA ASN F 13 39.80 41.52 -19.18
C ASN F 13 38.54 40.73 -18.82
N PHE F 14 38.72 39.52 -18.25
CA PHE F 14 37.56 38.73 -17.83
C PHE F 14 36.81 39.41 -16.69
N GLN F 15 37.55 39.90 -15.69
CA GLN F 15 36.92 40.53 -14.53
C GLN F 15 36.16 41.79 -14.93
N ARG F 16 36.70 42.61 -15.84
CA ARG F 16 36.01 43.83 -16.24
C ARG F 16 34.71 43.53 -16.99
N ALA F 17 34.77 42.60 -17.94
CA ALA F 17 33.61 42.20 -18.73
C ALA F 17 32.56 41.52 -17.87
N SER F 18 32.99 40.75 -16.87
CA SER F 18 32.05 40.13 -15.95
C SER F 18 31.27 41.21 -15.19
N ARG F 19 31.95 42.26 -14.75
CA ARG F 19 31.28 43.36 -14.05
C ARG F 19 30.26 44.04 -14.94
N ILE F 20 30.57 44.25 -16.21
CA ILE F 20 29.65 44.94 -17.10
C ILE F 20 28.41 44.08 -17.35
N LEU F 21 28.61 42.79 -17.57
CA LEU F 21 27.47 41.90 -17.76
C LEU F 21 26.71 41.64 -16.46
N GLY F 22 27.30 41.97 -15.31
CA GLY F 22 26.68 41.61 -14.05
C GLY F 22 26.57 40.11 -13.86
N LEU F 23 27.58 39.38 -14.31
CA LEU F 23 27.54 37.93 -14.32
C LEU F 23 27.39 37.37 -12.90
N ASP F 24 26.46 36.44 -12.75
CA ASP F 24 26.27 35.73 -11.50
C ASP F 24 27.55 35.03 -11.05
N SER F 25 27.86 35.17 -9.75
CA SER F 25 29.15 34.72 -9.25
C SER F 25 29.27 33.20 -9.26
N LYS F 26 28.14 32.49 -9.14
CA LYS F 26 28.20 31.03 -9.19
C LYS F 26 28.37 30.56 -10.62
N LEU F 27 27.72 31.24 -11.56
CA LEU F 27 28.01 31.01 -12.97
C LEU F 27 29.44 31.38 -13.29
N GLU F 28 29.91 32.51 -12.78
CA GLU F 28 31.27 32.95 -13.09
C GLU F 28 32.29 31.93 -12.59
N LYS F 29 32.10 31.42 -11.37
CA LYS F 29 33.00 30.41 -10.83
C LYS F 29 33.05 29.18 -11.74
N SER F 30 31.88 28.70 -12.19
CA SER F 30 31.87 27.54 -13.09
C SER F 30 32.61 27.85 -14.38
N LEU F 31 32.39 29.05 -14.94
CA LEU F 31 33.09 29.42 -16.17
C LEU F 31 34.61 29.50 -16.00
N LEU F 32 35.09 29.77 -14.79
CA LEU F 32 36.55 29.79 -14.61
C LEU F 32 37.13 28.39 -14.39
N ILE F 33 36.36 27.46 -13.82
CA ILE F 33 36.88 26.11 -13.62
C ILE F 33 36.94 25.39 -14.96
N PRO F 34 38.10 24.87 -15.37
CA PRO F 34 38.19 24.16 -16.66
C PRO F 34 37.43 22.84 -16.61
N TYR F 35 36.82 22.50 -17.75
CA TYR F 35 36.12 21.23 -17.90
C TYR F 35 36.97 20.05 -17.43
N ARG F 36 38.21 19.96 -17.93
CA ARG F 36 39.09 18.84 -17.65
C ARG F 36 40.54 19.27 -17.82
N GLU F 37 41.40 18.80 -16.91
CA GLU F 37 42.84 18.98 -16.96
C GLU F 37 43.48 17.61 -17.00
N ILE F 38 44.36 17.37 -17.98
CA ILE F 38 44.97 16.06 -18.18
C ILE F 38 46.47 16.18 -18.20
N LYS F 39 47.16 15.28 -17.49
CA LYS F 39 48.60 15.09 -17.58
C LYS F 39 48.90 13.60 -17.78
N VAL F 40 49.77 13.28 -18.73
CA VAL F 40 50.09 11.91 -19.09
C VAL F 40 51.60 11.74 -19.21
N GLU F 41 52.08 10.54 -18.89
CA GLU F 41 53.48 10.21 -19.13
C GLU F 41 53.72 9.93 -20.62
N CYS F 42 54.77 10.55 -21.18
CA CYS F 42 55.21 10.31 -22.57
C CYS F 42 56.67 9.88 -22.56
N THR F 43 56.90 8.57 -22.67
CA THR F 43 58.24 8.02 -22.70
C THR F 43 58.53 7.48 -24.10
N ILE F 44 59.73 7.75 -24.60
CA ILE F 44 60.15 7.25 -25.91
C ILE F 44 61.55 6.68 -25.83
N PRO F 45 61.92 5.73 -26.69
CA PRO F 45 63.34 5.40 -26.86
C PRO F 45 64.00 6.46 -27.75
N LYS F 46 65.16 6.94 -27.33
CA LYS F 46 65.92 7.85 -28.17
C LYS F 46 66.63 7.08 -29.29
N ASP F 47 67.19 7.85 -30.23
CA ASP F 47 67.83 7.23 -31.39
C ASP F 47 68.92 6.24 -31.00
N ASP F 48 69.58 6.50 -29.86
CA ASP F 48 70.71 5.70 -29.37
C ASP F 48 70.33 4.53 -28.48
N GLY F 49 69.03 4.25 -28.27
CA GLY F 49 68.64 3.12 -27.44
C GLY F 49 68.35 3.47 -25.99
N SER F 50 68.68 4.67 -25.54
CA SER F 50 68.35 5.11 -24.18
C SER F 50 66.92 5.67 -24.10
N LEU F 51 66.39 5.71 -22.88
CA LEU F 51 65.03 6.16 -22.57
C LEU F 51 65.01 7.63 -22.13
N VAL F 52 63.94 8.34 -22.46
CA VAL F 52 63.68 9.65 -21.87
C VAL F 52 62.17 9.78 -21.62
N SER F 53 61.81 10.40 -20.50
CA SER F 53 60.43 10.51 -20.05
C SER F 53 60.04 11.97 -19.88
N TYR F 54 58.95 12.38 -20.52
CA TYR F 54 58.38 13.71 -20.43
C TYR F 54 56.95 13.64 -19.89
N VAL F 55 56.37 14.78 -19.54
CA VAL F 55 54.95 14.84 -19.18
C VAL F 55 54.23 15.67 -20.24
N GLY F 56 53.21 15.04 -20.88
CA GLY F 56 52.31 15.76 -21.75
C GLY F 56 51.05 16.23 -21.02
N PHE F 57 50.38 17.23 -21.56
CA PHE F 57 49.22 17.77 -20.88
C PHE F 57 48.25 18.35 -21.89
N ARG F 58 46.99 18.44 -21.45
CA ARG F 58 45.92 19.06 -22.23
C ARG F 58 44.95 19.67 -21.21
N ILE F 59 44.85 20.99 -21.18
CA ILE F 59 43.81 21.66 -20.41
C ILE F 59 42.66 21.95 -21.35
N GLN F 60 41.52 21.32 -21.09
CA GLN F 60 40.31 21.49 -21.90
C GLN F 60 39.40 22.41 -21.11
N HIS F 61 39.37 23.69 -21.49
CA HIS F 61 38.75 24.66 -20.60
C HIS F 61 37.23 24.64 -20.69
N ASP F 62 36.67 24.74 -21.89
CA ASP F 62 35.23 24.88 -22.02
C ASP F 62 34.76 24.28 -23.33
N ASN F 63 33.60 23.64 -23.30
CA ASN F 63 33.03 23.09 -24.53
C ASN F 63 31.53 23.39 -24.63
N ALA F 64 31.07 24.47 -23.98
CA ALA F 64 29.65 24.81 -24.01
C ALA F 64 29.18 25.17 -25.42
N ARG F 65 30.04 25.78 -26.24
CA ARG F 65 29.67 26.22 -27.57
C ARG F 65 30.13 25.27 -28.66
N GLY F 66 30.86 24.22 -28.32
CA GLY F 66 31.28 23.25 -29.30
C GLY F 66 32.52 22.51 -28.88
N PRO F 67 33.10 21.74 -29.80
CA PRO F 67 34.35 21.03 -29.49
C PRO F 67 35.45 21.98 -29.03
N MET F 68 36.36 21.47 -28.23
CA MET F 68 37.45 22.34 -27.82
C MET F 68 38.50 22.46 -28.93
N LYS F 69 39.24 23.57 -28.88
CA LYS F 69 40.19 23.96 -29.91
C LYS F 69 41.37 24.62 -29.24
N GLY F 70 42.58 24.29 -29.67
CA GLY F 70 43.75 24.96 -29.14
C GLY F 70 45.03 24.24 -29.45
N GLY F 71 46.13 25.01 -29.40
CA GLY F 71 47.42 24.52 -29.85
C GLY F 71 48.11 23.56 -28.89
N ILE F 72 49.18 22.96 -29.40
CA ILE F 72 50.04 22.06 -28.66
C ILE F 72 51.44 22.63 -28.70
N ARG F 73 51.98 22.93 -27.53
CA ARG F 73 53.30 23.52 -27.40
C ARG F 73 54.34 22.49 -26.98
N TYR F 74 55.43 22.38 -27.74
CA TYR F 74 56.61 21.66 -27.28
C TYR F 74 57.59 22.72 -26.77
N HIS F 75 57.66 22.87 -25.45
CA HIS F 75 58.40 23.95 -24.85
C HIS F 75 58.64 23.60 -23.39
N PRO F 76 59.78 23.98 -22.81
CA PRO F 76 60.07 23.58 -21.43
C PRO F 76 59.26 24.32 -20.35
N GLU F 77 58.73 25.51 -20.62
CA GLU F 77 57.98 26.28 -19.62
C GLU F 77 56.54 25.82 -19.60
N VAL F 78 56.14 25.12 -18.54
CA VAL F 78 54.82 24.50 -18.53
C VAL F 78 54.02 25.02 -17.34
N ASP F 79 54.17 26.32 -17.04
CA ASP F 79 53.45 26.97 -15.94
C ASP F 79 51.96 26.68 -16.01
N PRO F 80 51.38 26.01 -15.00
CA PRO F 80 49.97 25.61 -15.09
C PRO F 80 49.00 26.79 -15.19
N ASP F 81 49.25 27.87 -14.44
CA ASP F 81 48.34 29.00 -14.46
C ASP F 81 48.34 29.70 -15.81
N GLU F 82 49.48 29.79 -16.48
CA GLU F 82 49.49 30.42 -17.80
C GLU F 82 48.85 29.52 -18.85
N VAL F 83 49.10 28.21 -18.80
CA VAL F 83 48.44 27.30 -19.72
C VAL F 83 46.93 27.36 -19.54
N ASN F 84 46.47 27.38 -18.29
CA ASN F 84 45.04 27.55 -18.05
C ASN F 84 44.54 28.87 -18.62
N ALA F 85 45.29 29.96 -18.42
CA ALA F 85 44.84 31.24 -18.94
C ALA F 85 44.76 31.20 -20.47
N LEU F 86 45.71 30.54 -21.12
CA LEU F 86 45.70 30.48 -22.59
C LEU F 86 44.50 29.70 -23.08
N ALA F 87 44.17 28.59 -22.41
CA ALA F 87 42.99 27.81 -22.76
C ALA F 87 41.73 28.65 -22.61
N GLN F 88 41.62 29.37 -21.49
CA GLN F 88 40.46 30.21 -21.24
C GLN F 88 40.33 31.33 -22.27
N LEU F 89 41.46 31.95 -22.67
CA LEU F 89 41.39 32.98 -23.69
C LEU F 89 40.88 32.43 -25.02
N MET F 90 41.26 31.18 -25.36
CA MET F 90 40.68 30.52 -26.52
C MET F 90 39.15 30.47 -26.45
N THR F 91 38.61 30.18 -25.26
CA THR F 91 37.16 30.11 -25.13
C THR F 91 36.50 31.46 -25.43
N TRP F 92 37.09 32.55 -24.95
CA TRP F 92 36.51 33.87 -25.22
C TRP F 92 36.71 34.27 -26.67
N LYS F 93 37.90 33.97 -27.23
CA LYS F 93 38.22 34.39 -28.59
C LYS F 93 37.31 33.73 -29.61
N THR F 94 37.16 32.41 -29.53
CA THR F 94 36.26 31.72 -30.47
C THR F 94 34.83 32.22 -30.31
N ALA F 95 34.42 32.57 -29.08
CA ALA F 95 33.10 33.16 -28.92
C ALA F 95 33.02 34.54 -29.56
N VAL F 96 34.11 35.31 -29.52
CA VAL F 96 34.05 36.66 -30.04
C VAL F 96 33.75 36.63 -31.54
N VAL F 97 34.42 35.73 -32.28
CA VAL F 97 34.22 35.67 -33.74
C VAL F 97 33.15 34.66 -34.11
N ASP F 98 32.47 34.09 -33.11
CA ASP F 98 31.29 33.27 -33.35
C ASP F 98 31.60 32.01 -34.15
N ILE F 99 32.70 31.35 -33.84
CA ILE F 99 32.97 30.03 -34.41
C ILE F 99 32.61 28.98 -33.37
N PRO F 100 32.10 27.82 -33.78
CA PRO F 100 31.51 26.84 -32.82
C PRO F 100 32.54 25.99 -32.09
N TYR F 101 33.33 26.62 -31.22
CA TYR F 101 34.33 25.91 -30.44
C TYR F 101 34.38 26.42 -29.00
N GLY F 102 34.94 25.59 -28.13
CA GLY F 102 35.50 26.05 -26.88
C GLY F 102 37.02 26.09 -26.93
N GLY F 103 37.62 26.38 -25.78
CA GLY F 103 39.05 26.61 -25.69
C GLY F 103 39.79 25.46 -25.03
N ALA F 104 40.97 25.16 -25.56
CA ALA F 104 41.85 24.19 -24.92
C ALA F 104 43.29 24.57 -25.24
N LYS F 105 44.22 24.01 -24.48
CA LYS F 105 45.64 24.27 -24.68
C LYS F 105 46.40 23.13 -24.06
N GLY F 106 47.39 22.61 -24.80
CA GLY F 106 48.17 21.49 -24.33
C GLY F 106 49.61 21.55 -24.78
N GLY F 107 50.36 20.50 -24.51
CA GLY F 107 51.74 20.43 -24.94
C GLY F 107 52.49 19.32 -24.22
N ILE F 108 53.81 19.36 -24.40
CA ILE F 108 54.74 18.45 -23.75
C ILE F 108 55.88 19.30 -23.22
N GLY F 109 56.23 19.10 -21.96
CA GLY F 109 57.35 19.78 -21.36
C GLY F 109 58.67 19.21 -21.85
N CYS F 110 59.22 19.80 -22.90
CA CYS F 110 60.45 19.32 -23.50
C CYS F 110 61.06 20.46 -24.30
N ASN F 111 62.33 20.29 -24.66
CA ASN F 111 62.95 21.24 -25.59
C ASN F 111 63.12 20.51 -26.92
N PRO F 112 62.31 20.83 -27.94
CA PRO F 112 62.37 20.08 -29.19
C PRO F 112 63.71 20.13 -29.90
N LYS F 113 64.60 21.07 -29.56
CA LYS F 113 65.89 21.07 -30.22
C LYS F 113 66.88 20.09 -29.59
N ASP F 114 66.57 19.50 -28.43
CA ASP F 114 67.35 18.37 -27.94
C ASP F 114 67.01 17.07 -28.66
N LEU F 115 66.05 17.10 -29.57
CA LEU F 115 65.48 15.88 -30.14
C LEU F 115 65.67 15.84 -31.65
N SER F 116 66.02 14.66 -32.16
CA SER F 116 66.08 14.44 -33.59
C SER F 116 64.67 14.39 -34.16
N ILE F 117 64.57 14.45 -35.50
CA ILE F 117 63.27 14.47 -36.14
C ILE F 117 62.54 13.15 -35.88
N SER F 118 63.28 12.04 -35.80
CA SER F 118 62.63 10.76 -35.54
C SER F 118 62.20 10.62 -34.09
N GLU F 119 62.97 11.21 -33.16
CA GLU F 119 62.56 11.25 -31.77
C GLU F 119 61.31 12.11 -31.58
N LEU F 120 61.26 13.26 -32.27
CA LEU F 120 60.06 14.09 -32.24
C LEU F 120 58.87 13.36 -32.83
N GLU F 121 59.10 12.52 -33.84
CA GLU F 121 57.98 11.74 -34.37
C GLU F 121 57.48 10.73 -33.34
N ARG F 122 58.41 9.98 -32.72
CA ARG F 122 58.02 9.01 -31.71
C ARG F 122 57.33 9.70 -30.54
N LEU F 123 57.83 10.85 -30.11
CA LEU F 123 57.21 11.57 -29.00
C LEU F 123 55.79 11.99 -29.35
N THR F 124 55.61 12.51 -30.56
CA THR F 124 54.29 12.92 -31.01
C THR F 124 53.33 11.73 -31.07
N ARG F 125 53.80 10.58 -31.56
CA ARG F 125 52.90 9.44 -31.64
C ARG F 125 52.53 8.90 -30.26
N VAL F 126 53.49 8.88 -29.32
CA VAL F 126 53.19 8.40 -27.97
C VAL F 126 52.21 9.34 -27.27
N PHE F 127 52.42 10.65 -27.40
CA PHE F 127 51.47 11.61 -26.84
C PHE F 127 50.06 11.36 -27.39
N THR F 128 49.96 11.15 -28.72
CA THR F 128 48.66 10.85 -29.32
C THR F 128 48.07 9.57 -28.78
N GLN F 129 48.89 8.51 -28.66
CA GLN F 129 48.41 7.27 -28.06
C GLN F 129 47.89 7.52 -26.64
N LYS F 130 48.50 8.46 -25.94
CA LYS F 130 48.07 8.69 -24.57
C LYS F 130 46.85 9.58 -24.45
N ILE F 131 46.48 10.32 -25.49
CA ILE F 131 45.35 11.24 -25.32
C ILE F 131 44.28 11.02 -26.38
N HIS F 132 44.39 9.95 -27.18
CA HIS F 132 43.45 9.80 -28.30
C HIS F 132 42.01 9.72 -27.82
N ASP F 133 41.76 9.08 -26.68
CA ASP F 133 40.39 8.94 -26.18
C ASP F 133 39.86 10.24 -25.58
N LEU F 134 40.69 11.26 -25.45
CA LEU F 134 40.30 12.52 -24.88
C LEU F 134 40.12 13.62 -25.91
N ILE F 135 40.55 13.39 -27.14
CA ILE F 135 40.38 14.37 -28.21
C ILE F 135 39.45 13.78 -29.26
N GLY F 136 39.23 14.49 -30.36
CA GLY F 136 38.37 13.96 -31.41
C GLY F 136 37.73 15.05 -32.23
N ILE F 137 37.24 14.66 -33.42
CA ILE F 137 36.76 15.66 -34.37
C ILE F 137 35.64 16.49 -33.79
N HIS F 138 34.86 15.95 -32.86
CA HIS F 138 33.77 16.71 -32.26
C HIS F 138 33.97 16.90 -30.77
N ARG F 139 35.19 16.66 -30.30
CA ARG F 139 35.53 16.71 -28.89
C ARG F 139 36.61 17.73 -28.59
N ASP F 140 37.77 17.65 -29.27
CA ASP F 140 38.91 18.53 -29.01
C ASP F 140 39.84 18.42 -30.21
N VAL F 141 40.11 19.53 -30.87
CA VAL F 141 40.81 19.57 -32.14
C VAL F 141 42.10 20.35 -31.98
N PRO F 142 43.24 19.67 -31.82
CA PRO F 142 44.50 20.37 -31.60
C PRO F 142 45.00 21.09 -32.86
N ALA F 143 46.08 21.85 -32.68
CA ALA F 143 46.64 22.68 -33.73
C ALA F 143 48.11 22.94 -33.38
N PRO F 144 48.92 23.40 -34.34
CA PRO F 144 50.30 23.73 -34.01
C PRO F 144 50.44 24.91 -33.06
N ASP F 145 51.61 24.99 -32.44
CA ASP F 145 51.91 26.07 -31.52
C ASP F 145 53.42 26.13 -31.38
N MET F 146 53.92 26.89 -30.41
CA MET F 146 55.36 26.92 -30.12
C MET F 146 55.95 25.51 -30.07
N GLY F 147 56.97 25.28 -30.90
CA GLY F 147 57.70 24.04 -30.96
C GLY F 147 57.07 22.94 -31.79
N THR F 148 55.90 23.20 -32.40
CA THR F 148 55.27 22.21 -33.27
C THR F 148 54.88 22.88 -34.58
N ASN F 149 54.62 22.08 -35.60
CA ASN F 149 54.33 22.62 -36.93
C ASN F 149 53.41 21.64 -37.68
N SER F 150 53.24 21.87 -38.99
CA SER F 150 52.27 21.05 -39.72
C SER F 150 52.74 19.61 -39.81
N GLN F 151 54.05 19.39 -39.78
CA GLN F 151 54.55 18.02 -39.75
C GLN F 151 54.16 17.33 -38.45
N THR F 152 54.23 18.05 -37.33
CA THR F 152 53.75 17.46 -36.07
C THR F 152 52.31 17.00 -36.20
N MET F 153 51.47 17.83 -36.84
CA MET F 153 50.04 17.53 -36.99
C MET F 153 49.82 16.30 -37.88
N ALA F 154 50.63 16.13 -38.92
CA ALA F 154 50.55 14.93 -39.75
C ALA F 154 50.74 13.68 -38.92
N TRP F 155 51.68 13.72 -37.98
CA TRP F 155 51.94 12.56 -37.12
C TRP F 155 50.78 12.30 -36.18
N ILE F 156 50.20 13.35 -35.59
CA ILE F 156 49.05 13.15 -34.72
C ILE F 156 47.91 12.53 -35.52
N LEU F 157 47.65 13.10 -36.70
CA LEU F 157 46.64 12.55 -37.60
C LEU F 157 46.92 11.08 -37.88
N ASP F 158 48.15 10.77 -38.25
CA ASP F 158 48.44 9.39 -38.63
C ASP F 158 48.25 8.44 -37.45
N GLU F 159 48.73 8.81 -36.25
CA GLU F 159 48.61 7.89 -35.13
C GLU F 159 47.17 7.81 -34.61
N TYR F 160 46.49 8.96 -34.53
CA TYR F 160 45.11 8.97 -34.09
C TYR F 160 44.24 8.09 -34.98
N SER F 161 44.52 8.06 -36.29
CA SER F 161 43.66 7.32 -37.21
C SER F 161 43.76 5.81 -37.04
N LYS F 162 44.86 5.30 -36.46
CA LYS F 162 44.91 3.86 -36.15
C LYS F 162 43.85 3.50 -35.12
N PHE F 163 43.53 4.44 -34.23
CA PHE F 163 42.55 4.17 -33.18
C PHE F 163 41.13 4.47 -33.58
N HIS F 164 40.91 5.35 -34.55
CA HIS F 164 39.54 5.78 -34.80
C HIS F 164 39.21 5.87 -36.28
N GLY F 165 40.04 5.33 -37.16
CA GLY F 165 39.86 5.49 -38.58
C GLY F 165 40.33 6.85 -39.04
N HIS F 166 40.55 6.97 -40.35
CA HIS F 166 40.99 8.20 -40.98
C HIS F 166 40.14 9.39 -40.52
N SER F 167 40.77 10.35 -39.83
CA SER F 167 40.06 11.48 -39.22
C SER F 167 40.78 12.79 -39.51
N PRO F 168 40.72 13.27 -40.76
CA PRO F 168 41.44 14.51 -41.10
C PRO F 168 41.05 15.72 -40.25
N ALA F 169 39.82 15.75 -39.70
CA ALA F 169 39.39 16.90 -38.90
C ALA F 169 39.85 16.82 -37.44
N VAL F 170 40.60 15.80 -37.02
CA VAL F 170 40.98 15.70 -35.62
C VAL F 170 42.00 16.77 -35.27
N VAL F 171 42.64 17.38 -36.25
CA VAL F 171 43.70 18.34 -35.99
C VAL F 171 43.66 19.33 -37.15
N THR F 172 43.98 20.60 -36.87
CA THR F 172 44.09 21.57 -37.97
C THR F 172 45.57 21.97 -38.15
N GLY F 173 45.83 22.82 -39.15
CA GLY F 173 47.21 23.13 -39.51
C GLY F 173 47.94 22.01 -40.21
N LYS F 174 47.22 21.10 -40.86
CA LYS F 174 47.83 19.98 -41.54
C LYS F 174 48.57 20.45 -42.80
N PRO F 175 49.53 19.66 -43.29
CA PRO F 175 50.10 19.94 -44.62
C PRO F 175 48.98 19.91 -45.64
N ILE F 176 49.14 20.72 -46.70
CA ILE F 176 48.14 20.73 -47.77
C ILE F 176 47.87 19.34 -48.31
N ASP F 177 48.92 18.52 -48.47
CA ASP F 177 48.72 17.17 -49.00
C ASP F 177 47.86 16.29 -48.12
N LEU F 178 47.63 16.65 -46.86
CA LEU F 178 46.87 15.79 -45.96
C LEU F 178 45.61 16.48 -45.44
N GLY F 179 45.03 17.36 -46.22
CA GLY F 179 43.79 17.96 -45.83
C GLY F 179 43.90 19.33 -45.24
N GLY F 180 45.08 19.95 -45.30
CA GLY F 180 45.20 21.33 -44.88
C GLY F 180 44.50 22.28 -45.82
N SER F 181 44.18 23.46 -45.28
CA SER F 181 43.43 24.47 -46.00
C SER F 181 44.33 25.43 -46.74
N LEU F 182 43.86 25.88 -47.90
CA LEU F 182 44.42 27.06 -48.54
C LEU F 182 44.10 28.31 -47.71
N GLY F 183 44.89 29.36 -47.93
CA GLY F 183 44.70 30.66 -47.33
C GLY F 183 45.21 30.78 -45.93
N ARG F 184 45.93 29.78 -45.44
CA ARG F 184 46.30 29.76 -44.03
C ARG F 184 47.44 30.71 -43.67
N GLU F 185 48.47 30.87 -44.50
CA GLU F 185 49.57 31.70 -44.03
C GLU F 185 49.19 33.18 -44.01
N ALA F 186 48.25 33.59 -44.86
CA ALA F 186 47.80 34.97 -44.91
C ALA F 186 46.64 35.27 -43.96
N ALA F 187 46.09 34.24 -43.31
CA ALA F 187 44.81 34.39 -42.62
C ALA F 187 44.83 35.49 -41.59
N THR F 188 45.83 35.50 -40.70
CA THR F 188 45.82 36.46 -39.59
C THR F 188 46.05 37.88 -40.10
N GLY F 189 47.06 38.07 -40.93
CA GLY F 189 47.33 39.40 -41.45
C GLY F 189 46.18 39.91 -42.29
N LEU F 190 45.63 39.06 -43.15
CA LEU F 190 44.48 39.47 -43.96
C LEU F 190 43.26 39.76 -43.08
N GLY F 191 43.07 38.96 -42.04
CA GLY F 191 42.00 39.22 -41.09
C GLY F 191 42.16 40.55 -40.39
N VAL F 192 43.41 40.93 -40.06
CA VAL F 192 43.65 42.26 -39.50
C VAL F 192 43.11 43.33 -40.45
N VAL F 193 43.30 43.14 -41.75
CA VAL F 193 42.86 44.15 -42.70
C VAL F 193 41.34 44.16 -42.86
N PHE F 194 40.71 42.98 -42.85
CA PHE F 194 39.25 42.95 -42.87
C PHE F 194 38.68 43.64 -41.64
N ALA F 195 39.28 43.39 -40.48
CA ALA F 195 38.82 44.06 -39.27
C ALA F 195 38.96 45.56 -39.39
N THR F 196 40.08 46.02 -39.93
CA THR F 196 40.33 47.45 -40.07
C THR F 196 39.39 48.10 -41.09
N GLU F 197 39.09 47.42 -42.21
CA GLU F 197 38.11 47.96 -43.14
C GLU F 197 36.76 48.16 -42.45
N ALA F 198 36.30 47.16 -41.68
CA ALA F 198 35.00 47.28 -41.03
C ALA F 198 35.00 48.42 -40.01
N LEU F 199 36.09 48.55 -39.24
CA LEU F 199 36.20 49.66 -38.29
C LEU F 199 36.10 51.01 -39.00
N PHE F 200 36.87 51.19 -40.07
CA PHE F 200 36.90 52.47 -40.76
C PHE F 200 35.62 52.75 -41.50
N ALA F 201 34.87 51.72 -41.89
CA ALA F 201 33.58 51.94 -42.54
C ALA F 201 32.64 52.73 -41.65
N GLU F 202 32.75 52.58 -40.33
CA GLU F 202 31.93 53.34 -39.40
C GLU F 202 32.10 54.84 -39.57
N TYR F 203 33.25 55.29 -40.06
CA TYR F 203 33.52 56.70 -40.30
C TYR F 203 33.37 57.07 -41.76
N GLY F 204 32.81 56.19 -42.59
CA GLY F 204 32.78 56.43 -44.01
C GLY F 204 34.15 56.50 -44.67
N LYS F 205 35.16 55.89 -44.06
CA LYS F 205 36.51 55.93 -44.60
C LYS F 205 36.94 54.57 -45.11
N SER F 206 38.03 54.59 -45.88
CA SER F 206 38.62 53.41 -46.50
C SER F 206 40.07 53.29 -46.04
N ILE F 207 40.64 52.11 -46.27
CA ILE F 207 42.06 51.93 -45.99
C ILE F 207 42.89 52.89 -46.82
N SER F 208 42.46 53.15 -48.07
CA SER F 208 43.23 54.03 -48.92
C SER F 208 43.29 55.47 -48.41
N ASP F 209 42.49 55.83 -47.41
CA ASP F 209 42.54 57.17 -46.84
C ASP F 209 43.62 57.34 -45.77
N MET F 210 44.23 56.26 -45.30
CA MET F 210 45.01 56.31 -44.08
C MET F 210 46.48 56.04 -44.38
N THR F 211 47.35 56.50 -43.47
CA THR F 211 48.72 56.06 -43.43
C THR F 211 48.90 55.10 -42.27
N PHE F 212 49.87 54.19 -42.41
CA PHE F 212 50.04 53.07 -41.49
C PHE F 212 51.48 52.95 -41.04
N ALA F 213 51.67 52.68 -39.76
CA ALA F 213 52.97 52.27 -39.23
C ALA F 213 52.83 50.87 -38.66
N ILE F 214 53.75 50.00 -39.03
CA ILE F 214 53.66 48.58 -38.67
C ILE F 214 54.89 48.17 -37.90
N GLN F 215 54.68 47.63 -36.69
CA GLN F 215 55.76 47.11 -35.84
C GLN F 215 55.82 45.61 -35.99
N GLY F 216 56.91 45.10 -36.53
CA GLY F 216 56.99 43.68 -36.79
C GLY F 216 56.72 43.40 -38.24
N PHE F 217 57.48 42.48 -38.82
CA PHE F 217 57.39 42.18 -40.24
C PHE F 217 57.61 40.68 -40.43
N GLY F 218 56.89 39.89 -39.63
CA GLY F 218 56.86 38.42 -39.65
C GLY F 218 55.62 37.88 -40.35
N ASN F 219 55.08 36.78 -39.83
CA ASN F 219 53.94 36.18 -40.53
C ASN F 219 52.74 37.12 -40.56
N VAL F 220 52.45 37.81 -39.46
CA VAL F 220 51.31 38.73 -39.44
C VAL F 220 51.65 40.04 -40.15
N GLY F 221 52.79 40.64 -39.82
CA GLY F 221 53.13 41.97 -40.34
C GLY F 221 53.26 42.02 -41.86
N THR F 222 53.93 41.02 -42.45
CA THR F 222 54.10 41.03 -43.90
C THR F 222 52.76 40.94 -44.63
N TRP F 223 51.88 40.04 -44.17
CA TRP F 223 50.60 39.84 -44.85
C TRP F 223 49.68 41.03 -44.62
N ALA F 224 49.66 41.58 -43.41
CA ALA F 224 48.88 42.80 -43.19
C ALA F 224 49.36 43.92 -44.10
N ALA F 225 50.67 44.15 -44.13
CA ALA F 225 51.22 45.18 -45.02
C ALA F 225 50.85 44.92 -46.48
N LYS F 226 50.96 43.67 -46.92
CA LYS F 226 50.65 43.34 -48.31
C LYS F 226 49.20 43.67 -48.62
N ALA F 227 48.30 43.27 -47.71
CA ALA F 227 46.87 43.48 -47.89
C ALA F 227 46.51 44.95 -47.82
N ILE F 228 47.20 45.73 -46.96
CA ILE F 228 46.98 47.17 -46.90
C ILE F 228 47.45 47.84 -48.16
N PHE F 229 48.63 47.44 -48.66
CA PHE F 229 49.23 48.06 -49.83
C PHE F 229 48.36 47.87 -51.07
N GLU F 230 47.80 46.67 -51.24
CA GLU F 230 46.94 46.38 -52.39
C GLU F 230 45.58 47.07 -52.29
N ARG F 231 45.23 47.60 -51.13
CA ARG F 231 43.99 48.35 -50.96
C ARG F 231 44.24 49.86 -50.96
N GLY F 232 45.42 50.31 -51.38
CA GLY F 232 45.71 51.72 -51.45
C GLY F 232 46.19 52.37 -50.17
N GLY F 233 46.41 51.60 -49.11
CA GLY F 233 46.97 52.17 -47.90
C GLY F 233 48.40 52.62 -48.08
N LYS F 234 48.77 53.68 -47.39
CA LYS F 234 50.15 54.16 -47.37
C LYS F 234 50.82 53.56 -46.14
N VAL F 235 51.71 52.60 -46.33
CA VAL F 235 52.49 52.05 -45.24
C VAL F 235 53.73 52.91 -45.13
N VAL F 236 53.78 53.81 -44.15
CA VAL F 236 54.87 54.79 -44.13
C VAL F 236 56.02 54.36 -43.24
N ALA F 237 55.86 53.32 -42.43
CA ALA F 237 56.95 52.87 -41.57
C ALA F 237 56.73 51.40 -41.19
N VAL F 238 57.81 50.63 -41.24
CA VAL F 238 57.82 49.22 -40.88
C VAL F 238 59.06 48.97 -40.04
N SER F 239 58.91 48.23 -38.93
CA SER F 239 60.08 47.81 -38.17
C SER F 239 60.07 46.31 -37.92
N ASP F 240 61.24 45.78 -37.56
CA ASP F 240 61.32 44.43 -37.01
C ASP F 240 62.41 44.48 -35.93
N ILE F 241 62.93 43.31 -35.54
CA ILE F 241 63.86 43.27 -34.41
C ILE F 241 65.23 43.90 -34.74
N ASN F 242 65.58 44.04 -36.02
CA ASN F 242 66.91 44.50 -36.39
C ASN F 242 66.95 45.90 -36.99
N GLY F 243 65.81 46.52 -37.27
CA GLY F 243 65.85 47.83 -37.90
C GLY F 243 64.46 48.26 -38.34
N ALA F 244 64.44 49.38 -39.07
CA ALA F 244 63.18 49.99 -39.49
C ALA F 244 63.43 50.82 -40.74
N ILE F 245 62.35 51.06 -41.48
CA ILE F 245 62.40 51.77 -42.74
C ILE F 245 61.18 52.69 -42.78
N SER F 246 61.37 53.87 -43.37
CA SER F 246 60.32 54.88 -43.42
C SER F 246 60.27 55.50 -44.81
N ASN F 247 59.08 55.84 -45.23
CA ASN F 247 58.89 56.55 -46.48
C ASN F 247 57.57 57.28 -46.42
N PRO F 248 57.57 58.61 -46.27
CA PRO F 248 56.30 59.32 -46.15
C PRO F 248 55.39 59.17 -47.35
N ASN F 249 55.95 58.86 -48.53
CA ASN F 249 55.11 58.68 -49.73
C ASN F 249 54.46 57.31 -49.79
N GLY F 250 54.68 56.45 -48.79
CA GLY F 250 54.20 55.07 -48.82
C GLY F 250 55.28 54.12 -49.30
N ILE F 251 55.58 53.08 -48.53
CA ILE F 251 56.56 52.09 -48.97
C ILE F 251 55.95 51.17 -50.02
N ASP F 252 56.73 50.88 -51.08
CA ASP F 252 56.36 49.84 -52.02
C ASP F 252 56.45 48.47 -51.36
N ILE F 253 55.33 47.97 -50.83
CA ILE F 253 55.38 46.73 -50.05
C ILE F 253 55.72 45.53 -50.92
N ALA F 254 55.29 45.53 -52.18
CA ALA F 254 55.73 44.46 -53.08
C ALA F 254 57.25 44.39 -53.14
N ALA F 255 57.90 45.55 -53.33
CA ALA F 255 59.36 45.59 -53.38
C ALA F 255 59.98 45.28 -52.03
N LEU F 256 59.37 45.74 -50.94
CA LEU F 256 59.91 45.43 -49.63
C LEU F 256 59.85 43.92 -49.35
N LEU F 257 58.75 43.27 -49.72
CA LEU F 257 58.62 41.82 -49.55
C LEU F 257 59.62 41.04 -50.39
N LYS F 258 59.82 41.44 -51.65
CA LYS F 258 60.85 40.82 -52.47
C LYS F 258 62.23 41.02 -51.86
N HIS F 259 62.49 42.21 -51.32
CA HIS F 259 63.72 42.44 -50.56
C HIS F 259 63.83 41.48 -49.38
N LYS F 260 62.74 41.30 -48.63
CA LYS F 260 62.83 40.41 -47.48
C LYS F 260 63.15 38.99 -47.92
N ALA F 261 62.48 38.51 -48.96
CA ALA F 261 62.66 37.14 -49.40
C ALA F 261 64.07 36.91 -49.94
N GLY F 262 64.73 37.97 -50.44
CA GLY F 262 66.08 37.84 -50.94
C GLY F 262 67.13 37.98 -49.87
N ASN F 263 66.75 37.65 -48.64
CA ASN F 263 67.62 37.71 -47.47
C ASN F 263 67.98 39.15 -47.11
N GLY F 264 67.12 40.10 -47.42
CA GLY F 264 67.42 41.48 -47.11
C GLY F 264 66.93 41.94 -45.75
N SER F 265 67.59 42.97 -45.26
CA SER F 265 67.26 43.59 -43.98
C SER F 265 66.54 44.91 -44.25
N LEU F 266 65.60 45.23 -43.36
CA LEU F 266 64.74 46.40 -43.52
C LEU F 266 65.57 47.68 -43.72
N LYS F 267 66.58 47.90 -42.88
CA LYS F 267 67.32 49.14 -42.92
C LYS F 267 68.06 49.31 -44.25
N ASP F 268 68.39 48.21 -44.91
CA ASP F 268 69.12 48.24 -46.17
C ASP F 268 68.21 48.39 -47.38
N PHE F 269 66.89 48.52 -47.20
CA PHE F 269 66.01 48.74 -48.33
C PHE F 269 66.27 50.13 -48.90
N SER F 270 66.37 50.23 -50.23
CA SER F 270 66.71 51.52 -50.80
C SER F 270 65.50 52.40 -51.06
N GLY F 271 64.31 51.83 -51.06
CA GLY F 271 63.10 52.59 -51.31
C GLY F 271 62.55 53.24 -50.06
N GLY F 272 63.46 53.60 -49.17
CA GLY F 272 63.07 54.29 -47.96
C GLY F 272 64.30 54.75 -47.22
N ASP F 273 64.05 55.41 -46.11
CA ASP F 273 65.11 55.91 -45.26
C ASP F 273 65.14 55.15 -43.94
N ALA F 274 66.31 54.69 -43.55
CA ALA F 274 66.47 53.94 -42.32
C ALA F 274 66.02 54.75 -41.12
N MET F 275 65.50 54.04 -40.14
CA MET F 275 64.82 54.63 -39.00
C MET F 275 65.26 53.91 -37.75
N ASN F 276 65.20 54.61 -36.62
CA ASN F 276 65.40 53.94 -35.34
C ASN F 276 64.15 53.15 -35.01
N PRO F 277 64.24 51.84 -34.79
CA PRO F 277 63.02 51.06 -34.48
C PRO F 277 62.27 51.56 -33.27
N ASN F 278 62.98 52.17 -32.32
CA ASN F 278 62.33 52.70 -31.13
C ASN F 278 61.44 53.90 -31.43
N ASP F 279 61.47 54.41 -32.66
CA ASP F 279 60.61 55.52 -33.05
C ASP F 279 59.35 55.08 -33.77
N LEU F 280 59.16 53.78 -33.99
CA LEU F 280 58.02 53.33 -34.79
C LEU F 280 56.69 53.61 -34.09
N LEU F 281 56.66 53.49 -32.77
CA LEU F 281 55.38 53.64 -32.09
C LEU F 281 54.97 55.10 -31.94
N VAL F 282 55.94 56.01 -31.91
CA VAL F 282 55.67 57.43 -31.82
C VAL F 282 55.74 58.11 -33.20
N HIS F 283 55.80 57.33 -34.26
CA HIS F 283 55.84 57.84 -35.61
C HIS F 283 54.56 58.58 -35.94
N ASP F 284 54.64 59.49 -36.90
CA ASP F 284 53.47 60.28 -37.29
C ASP F 284 52.72 59.54 -38.38
N CYS F 285 51.55 59.01 -38.03
CA CYS F 285 50.73 58.26 -38.95
C CYS F 285 49.30 58.28 -38.42
N ASP F 286 48.37 57.80 -39.24
CA ASP F 286 47.00 57.69 -38.79
C ASP F 286 46.75 56.41 -38.01
N VAL F 287 47.31 55.28 -38.47
CA VAL F 287 47.01 53.97 -37.93
C VAL F 287 48.31 53.30 -37.52
N LEU F 288 48.35 52.81 -36.29
CA LEU F 288 49.47 52.09 -35.75
C LEU F 288 49.07 50.62 -35.59
N ILE F 289 49.90 49.72 -36.12
CA ILE F 289 49.56 48.31 -36.06
C ILE F 289 50.73 47.58 -35.39
N PRO F 290 50.69 47.38 -34.08
CA PRO F 290 51.70 46.53 -33.42
C PRO F 290 51.52 45.07 -33.82
N CYS F 291 52.56 44.48 -34.43
CA CYS F 291 52.52 43.09 -34.88
C CYS F 291 53.71 42.30 -34.38
N ALA F 292 54.32 42.70 -33.26
CA ALA F 292 55.58 42.10 -32.84
C ALA F 292 55.44 41.42 -31.49
N LEU F 293 55.25 42.19 -30.41
CA LEU F 293 55.32 41.72 -29.04
C LEU F 293 54.24 42.41 -28.23
N GLY F 294 54.00 41.89 -27.05
CA GLY F 294 53.10 42.54 -26.12
C GLY F 294 53.86 43.53 -25.27
N GLY F 295 53.10 44.41 -24.61
CA GLY F 295 53.72 45.35 -23.70
C GLY F 295 54.57 46.40 -24.35
N VAL F 296 54.30 46.73 -25.61
CA VAL F 296 55.09 47.78 -26.25
C VAL F 296 54.54 49.17 -25.95
N LEU F 297 53.27 49.27 -25.57
CA LEU F 297 52.66 50.54 -25.19
C LEU F 297 52.46 50.53 -23.68
N ASN F 298 53.15 51.44 -22.99
CA ASN F 298 53.06 51.52 -21.53
C ASN F 298 52.84 52.97 -21.12
N LYS F 299 52.89 53.25 -19.82
CA LYS F 299 52.60 54.60 -19.35
C LYS F 299 53.67 55.60 -19.77
N GLU F 300 54.83 55.12 -20.24
CA GLU F 300 55.96 55.98 -20.57
C GLU F 300 55.94 56.51 -22.00
N ASN F 301 55.27 55.83 -22.93
CA ASN F 301 55.24 56.29 -24.31
C ASN F 301 53.83 56.52 -24.84
N ALA F 302 52.80 56.32 -24.01
CA ALA F 302 51.44 56.45 -24.48
C ALA F 302 51.12 57.89 -24.89
N ASN F 303 51.59 58.86 -24.10
CA ASN F 303 51.35 60.25 -24.46
C ASN F 303 52.11 60.70 -25.69
N ASP F 304 52.94 59.85 -26.30
CA ASP F 304 53.69 60.23 -27.48
C ASP F 304 53.18 59.56 -28.74
N VAL F 305 52.15 58.73 -28.64
CA VAL F 305 51.56 58.11 -29.82
C VAL F 305 50.80 59.16 -30.63
N LYS F 306 51.07 59.21 -31.93
CA LYS F 306 50.42 60.18 -32.80
C LYS F 306 49.27 59.59 -33.61
N ALA F 307 49.12 58.27 -33.64
CA ALA F 307 48.03 57.67 -34.41
C ALA F 307 46.70 57.87 -33.71
N LYS F 308 45.62 57.95 -34.49
CA LYS F 308 44.29 57.95 -33.89
C LYS F 308 43.75 56.54 -33.69
N PHE F 309 44.15 55.59 -34.53
CA PHE F 309 43.73 54.21 -34.42
C PHE F 309 44.93 53.33 -34.11
N ILE F 310 44.74 52.36 -33.24
CA ILE F 310 45.73 51.33 -32.96
C ILE F 310 45.07 50.00 -33.22
N ILE F 311 45.61 49.24 -34.17
CA ILE F 311 45.08 47.91 -34.48
C ILE F 311 46.00 46.89 -33.81
N GLU F 312 45.50 46.24 -32.76
CA GLU F 312 46.28 45.28 -31.96
C GLU F 312 46.34 43.96 -32.71
N ALA F 313 47.40 43.75 -33.47
CA ALA F 313 47.59 42.45 -34.11
C ALA F 313 48.40 41.49 -33.23
N ALA F 314 49.48 41.96 -32.61
CA ALA F 314 50.17 41.14 -31.63
C ALA F 314 49.28 40.95 -30.39
N ASN F 315 49.67 40.02 -29.53
CA ASN F 315 48.92 39.77 -28.31
C ASN F 315 49.38 40.69 -27.20
N HIS F 316 48.41 41.38 -26.57
CA HIS F 316 48.59 42.24 -25.41
C HIS F 316 49.61 43.35 -25.64
N PRO F 317 49.51 44.12 -26.73
CA PRO F 317 50.49 45.20 -26.93
C PRO F 317 50.26 46.43 -26.06
N THR F 318 49.07 46.62 -25.53
CA THR F 318 48.72 47.80 -24.74
C THR F 318 48.45 47.41 -23.28
N ASP F 319 49.27 47.92 -22.36
CA ASP F 319 48.99 47.65 -20.95
C ASP F 319 47.91 48.60 -20.44
N PRO F 320 47.31 48.32 -19.27
CA PRO F 320 46.17 49.14 -18.83
C PRO F 320 46.50 50.62 -18.62
N ASP F 321 47.75 50.97 -18.31
CA ASP F 321 48.12 52.38 -18.21
C ASP F 321 48.00 53.08 -19.56
N ALA F 322 48.59 52.49 -20.60
CA ALA F 322 48.49 53.08 -21.93
C ALA F 322 47.06 53.06 -22.43
N ASP F 323 46.31 51.99 -22.14
CA ASP F 323 44.91 51.92 -22.54
C ASP F 323 44.14 53.13 -22.00
N GLU F 324 44.35 53.48 -20.73
CA GLU F 324 43.68 54.62 -20.14
C GLU F 324 44.15 55.94 -20.74
N ILE F 325 45.46 56.14 -20.83
CA ILE F 325 45.99 57.36 -21.42
C ILE F 325 45.48 57.54 -22.84
N LEU F 326 45.58 56.49 -23.66
CA LEU F 326 45.14 56.60 -25.05
C LEU F 326 43.65 56.86 -25.15
N SER F 327 42.86 56.27 -24.24
CA SER F 327 41.42 56.46 -24.27
C SER F 327 41.04 57.92 -24.06
N LYS F 328 41.52 58.51 -22.94
CA LYS F 328 41.27 59.93 -22.70
C LYS F 328 41.67 60.77 -23.90
N LYS F 329 42.73 60.38 -24.59
CA LYS F 329 43.27 61.13 -25.71
C LYS F 329 42.45 60.98 -27.00
N GLY F 330 41.35 60.22 -26.99
CA GLY F 330 40.58 60.02 -28.20
C GLY F 330 41.11 58.97 -29.15
N VAL F 331 42.09 58.17 -28.72
CA VAL F 331 42.65 57.11 -29.56
C VAL F 331 41.75 55.87 -29.50
N ILE F 332 41.46 55.30 -30.66
CA ILE F 332 40.61 54.12 -30.78
C ILE F 332 41.48 52.89 -30.97
N ILE F 333 41.28 51.87 -30.12
CA ILE F 333 42.12 50.68 -30.09
C ILE F 333 41.27 49.48 -30.46
N LEU F 334 41.57 48.86 -31.60
CA LEU F 334 40.89 47.63 -31.99
C LEU F 334 41.57 46.46 -31.29
N PRO F 335 40.89 45.75 -30.41
CA PRO F 335 41.57 44.84 -29.50
C PRO F 335 42.02 43.53 -30.13
N ASP F 336 43.12 43.01 -29.59
CA ASP F 336 43.76 41.80 -30.12
C ASP F 336 42.82 40.60 -30.17
N VAL F 337 41.97 40.42 -29.14
CA VAL F 337 41.14 39.21 -29.11
C VAL F 337 40.29 39.11 -30.35
N TYR F 338 39.94 40.23 -30.95
CA TYR F 338 39.19 40.23 -32.20
C TYR F 338 40.10 40.42 -33.41
N ALA F 339 40.99 41.40 -33.38
CA ALA F 339 41.68 41.83 -34.58
C ALA F 339 42.54 40.72 -35.21
N ASN F 340 43.21 39.90 -34.40
CA ASN F 340 44.10 38.89 -34.97
C ASN F 340 43.45 37.52 -35.09
N ALA F 341 42.13 37.45 -35.00
CA ALA F 341 41.44 36.17 -34.95
C ALA F 341 41.26 35.52 -36.32
N GLY F 342 41.81 36.10 -37.38
CA GLY F 342 41.75 35.47 -38.69
C GLY F 342 42.42 34.11 -38.72
N GLY F 343 43.48 33.95 -37.91
CA GLY F 343 44.15 32.66 -37.86
C GLY F 343 43.29 31.55 -37.30
N VAL F 344 42.69 31.78 -36.12
CA VAL F 344 41.85 30.71 -35.59
C VAL F 344 40.61 30.51 -36.49
N THR F 345 40.15 31.58 -37.14
CA THR F 345 38.96 31.46 -37.97
C THR F 345 39.20 30.56 -39.17
N VAL F 346 40.35 30.74 -39.86
CA VAL F 346 40.64 29.86 -40.99
C VAL F 346 40.94 28.44 -40.50
N SER F 347 41.45 28.33 -39.28
CA SER F 347 41.60 27.02 -38.64
C SER F 347 40.25 26.32 -38.51
N TYR F 348 39.21 27.07 -38.13
CA TYR F 348 37.85 26.55 -38.16
C TYR F 348 37.45 26.11 -39.57
N PHE F 349 37.77 26.92 -40.58
CA PHE F 349 37.40 26.58 -41.95
C PHE F 349 38.09 25.29 -42.42
N GLU F 350 39.33 25.05 -42.00
CA GLU F 350 40.01 23.79 -42.35
C GLU F 350 39.20 22.60 -41.82
N TRP F 351 38.85 22.66 -40.54
CA TRP F 351 38.01 21.63 -39.95
C TRP F 351 36.70 21.45 -40.73
N VAL F 352 36.04 22.55 -41.08
CA VAL F 352 34.79 22.47 -41.84
C VAL F 352 35.01 21.71 -43.13
N GLN F 353 36.05 22.10 -43.88
CA GLN F 353 36.35 21.44 -45.16
C GLN F 353 36.60 19.96 -44.97
N ASN F 354 37.30 19.60 -43.88
CA ASN F 354 37.53 18.20 -43.63
C ASN F 354 36.24 17.46 -43.32
N ILE F 355 35.41 18.00 -42.42
CA ILE F 355 34.22 17.24 -42.10
C ILE F 355 33.29 17.19 -43.30
N GLN F 356 33.36 18.19 -44.19
CA GLN F 356 32.55 18.17 -45.41
C GLN F 356 33.18 17.32 -46.50
N GLY F 357 34.40 16.82 -46.29
CA GLY F 357 35.06 15.94 -47.24
C GLY F 357 35.40 16.55 -48.58
N PHE F 358 35.54 17.88 -48.66
CA PHE F 358 35.64 18.57 -49.95
C PHE F 358 36.27 19.94 -49.70
N MET F 359 37.45 20.18 -50.27
CA MET F 359 38.22 21.38 -49.97
C MET F 359 37.71 22.59 -50.74
N TRP F 360 37.93 23.76 -50.17
CA TRP F 360 37.62 25.04 -50.80
C TRP F 360 38.82 25.57 -51.55
N ASP F 361 38.56 26.41 -52.55
CA ASP F 361 39.67 27.15 -53.12
C ASP F 361 39.96 28.41 -52.29
N GLU F 362 41.08 29.05 -52.58
CA GLU F 362 41.54 30.15 -51.74
C GLU F 362 40.59 31.34 -51.76
N GLU F 363 39.85 31.52 -52.86
CA GLU F 363 38.92 32.64 -52.95
C GLU F 363 37.77 32.46 -51.97
N LYS F 364 37.25 31.22 -51.87
CA LYS F 364 36.16 30.93 -50.96
C LYS F 364 36.59 31.07 -49.52
N VAL F 365 37.80 30.59 -49.19
CA VAL F 365 38.33 30.76 -47.83
C VAL F 365 38.33 32.24 -47.45
N ASN F 366 38.84 33.11 -48.35
CA ASN F 366 38.96 34.53 -48.01
C ASN F 366 37.59 35.22 -47.95
N GLN F 367 36.67 34.80 -48.81
CA GLN F 367 35.30 35.29 -48.77
C GLN F 367 34.65 34.98 -47.42
N GLU F 368 34.81 33.75 -46.92
CA GLU F 368 34.23 33.41 -45.62
C GLU F 368 34.98 34.09 -44.48
N LEU F 369 36.30 34.20 -44.62
CA LEU F 369 37.07 34.94 -43.62
C LEU F 369 36.56 36.36 -43.52
N LYS F 370 36.31 37.00 -44.67
CA LYS F 370 35.81 38.37 -44.64
C LYS F 370 34.43 38.46 -44.02
N ARG F 371 33.52 37.54 -44.39
CA ARG F 371 32.19 37.53 -43.81
C ARG F 371 32.26 37.35 -42.29
N TYR F 372 33.13 36.47 -41.82
CA TYR F 372 33.22 36.22 -40.38
C TYR F 372 33.78 37.43 -39.64
N MET F 373 34.83 38.04 -40.18
CA MET F 373 35.43 39.17 -39.50
C MET F 373 34.48 40.36 -39.50
N THR F 374 33.73 40.54 -40.60
CA THR F 374 32.82 41.67 -40.72
C THR F 374 31.62 41.52 -39.77
N LYS F 375 31.01 40.33 -39.75
CA LYS F 375 29.94 40.07 -38.81
C LYS F 375 30.41 40.25 -37.38
N ALA F 376 31.61 39.75 -37.07
CA ALA F 376 32.16 39.90 -35.72
C ALA F 376 32.29 41.37 -35.33
N PHE F 377 32.76 42.21 -36.25
CA PHE F 377 32.87 43.62 -35.90
C PHE F 377 31.50 44.23 -35.64
N ASN F 378 30.52 43.92 -36.49
CA ASN F 378 29.18 44.46 -36.28
C ASN F 378 28.66 44.09 -34.90
N ASP F 379 28.79 42.82 -34.53
CA ASP F 379 28.32 42.35 -33.24
C ASP F 379 29.05 43.03 -32.09
N ILE F 380 30.36 43.21 -32.23
CA ILE F 380 31.11 43.90 -31.19
C ILE F 380 30.59 45.32 -31.03
N LYS F 381 30.42 46.04 -32.15
CA LYS F 381 29.98 47.43 -32.07
C LYS F 381 28.59 47.54 -31.45
N ALA F 382 27.69 46.62 -31.78
CA ALA F 382 26.37 46.62 -31.16
C ALA F 382 26.49 46.50 -29.65
N ASN F 383 27.37 45.62 -29.19
CA ASN F 383 27.62 45.47 -27.76
C ASN F 383 28.11 46.76 -27.13
N CYS F 384 29.04 47.45 -27.80
CA CYS F 384 29.53 48.71 -27.27
C CYS F 384 28.40 49.68 -27.04
N LYS F 385 27.46 49.76 -27.99
CA LYS F 385 26.32 50.63 -27.81
C LYS F 385 25.47 50.20 -26.61
N THR F 386 25.19 48.89 -26.49
CA THR F 386 24.36 48.42 -25.39
C THR F 386 24.99 48.70 -24.03
N HIS F 387 26.30 48.57 -23.93
CA HIS F 387 26.99 48.71 -22.64
C HIS F 387 27.72 50.03 -22.49
N ASN F 388 27.75 50.88 -23.53
CA ASN F 388 28.43 52.17 -23.47
C ASN F 388 29.90 52.02 -23.06
N CYS F 389 30.62 51.15 -23.77
CA CYS F 389 32.01 50.81 -23.45
C CYS F 389 32.89 50.85 -24.70
N ASP F 390 34.19 50.76 -24.50
CA ASP F 390 35.11 50.73 -25.64
C ASP F 390 35.08 49.37 -26.33
N LEU F 391 35.85 49.28 -27.43
CA LEU F 391 35.87 48.09 -28.28
C LEU F 391 36.41 46.87 -27.54
N ARG F 392 37.41 47.07 -26.69
CA ARG F 392 37.95 45.95 -25.93
C ARG F 392 36.88 45.31 -25.06
N MET F 393 36.07 46.13 -24.39
CA MET F 393 35.04 45.55 -23.55
C MET F 393 33.82 45.10 -24.34
N GLY F 394 33.53 45.76 -25.47
CA GLY F 394 32.50 45.26 -26.36
C GLY F 394 32.79 43.84 -26.83
N ALA F 395 34.05 43.58 -27.18
CA ALA F 395 34.43 42.25 -27.64
C ALA F 395 34.39 41.25 -26.49
N PHE F 396 34.96 41.61 -25.33
CA PHE F 396 35.01 40.65 -24.22
C PHE F 396 33.62 40.34 -23.68
N THR F 397 32.77 41.37 -23.51
CA THR F 397 31.41 41.06 -23.06
C THR F 397 30.64 40.25 -24.09
N LEU F 398 30.93 40.45 -25.38
CA LEU F 398 30.23 39.67 -26.41
C LEU F 398 30.56 38.19 -26.28
N GLY F 399 31.86 37.86 -26.30
CA GLY F 399 32.27 36.47 -26.22
C GLY F 399 31.92 35.86 -24.88
N LEU F 400 32.19 36.59 -23.79
CA LEU F 400 31.83 36.10 -22.47
C LEU F 400 30.33 35.85 -22.37
N ASN F 401 29.51 36.73 -22.94
CA ASN F 401 28.07 36.53 -22.84
C ASN F 401 27.63 35.31 -23.64
N ARG F 402 28.24 35.07 -24.80
CA ARG F 402 27.85 33.93 -25.62
C ARG F 402 28.14 32.61 -24.92
N VAL F 403 29.30 32.51 -24.26
CA VAL F 403 29.60 31.32 -23.50
C VAL F 403 28.60 31.14 -22.37
N ALA F 404 28.29 32.25 -21.68
CA ALA F 404 27.34 32.19 -20.58
C ALA F 404 25.98 31.73 -21.05
N ARG F 405 25.50 32.29 -22.16
CA ARG F 405 24.21 31.88 -22.71
C ARG F 405 24.20 30.42 -23.09
N ALA F 406 25.27 29.94 -23.75
CA ALA F 406 25.31 28.53 -24.11
C ALA F 406 25.29 27.65 -22.86
N THR F 407 26.01 28.05 -21.81
CA THR F 407 26.06 27.29 -20.57
C THR F 407 24.70 27.23 -19.89
N LEU F 408 24.01 28.38 -19.83
CA LEU F 408 22.72 28.44 -19.19
C LEU F 408 21.69 27.63 -19.95
N LEU F 409 21.74 27.69 -21.29
CA LEU F 409 20.82 26.90 -22.10
C LEU F 409 21.02 25.41 -21.88
N ARG F 410 22.27 24.98 -21.74
CA ARG F 410 22.50 23.55 -21.54
C ARG F 410 21.99 23.09 -20.17
N GLY F 411 22.05 23.94 -19.16
CA GLY F 411 21.45 23.60 -17.89
C GLY F 411 22.39 22.87 -16.97
N TRP F 412 21.90 22.64 -15.76
CA TRP F 412 22.73 22.15 -14.68
C TRP F 412 22.27 20.85 -14.04
N GLU F 413 21.06 20.34 -14.35
CA GLU F 413 20.65 19.09 -13.72
C GLU F 413 21.45 17.92 -14.29
N ALA F 414 21.63 16.88 -13.50
CA ALA F 414 22.51 15.79 -13.92
C ALA F 414 21.82 14.88 -14.96
N ASN G 5 53.75 13.43 5.55
CA ASN G 5 52.67 12.52 5.95
C ASN G 5 52.94 11.12 5.39
N ALA G 6 51.99 10.59 4.62
CA ALA G 6 52.29 9.44 3.77
C ALA G 6 53.31 9.80 2.69
N LEU G 7 53.42 11.09 2.36
CA LEU G 7 54.45 11.56 1.45
C LEU G 7 55.82 11.16 1.95
N VAL G 8 56.10 11.41 3.23
CA VAL G 8 57.46 11.23 3.74
C VAL G 8 57.78 9.75 3.88
N ALA G 9 56.81 8.96 4.37
CA ALA G 9 57.06 7.55 4.62
C ALA G 9 57.24 6.77 3.31
N THR G 10 56.36 7.00 2.33
CA THR G 10 56.45 6.29 1.05
C THR G 10 57.70 6.70 0.28
N ASN G 11 58.05 8.00 0.28
CA ASN G 11 59.23 8.47 -0.45
C ASN G 11 60.52 7.90 0.13
N ARG G 12 60.68 7.93 1.46
CA ARG G 12 61.85 7.32 2.06
C ARG G 12 61.89 5.82 1.75
N ASN G 13 60.75 5.15 1.85
CA ASN G 13 60.72 3.72 1.61
C ASN G 13 61.00 3.39 0.14
N PHE G 14 60.47 4.20 -0.79
CA PHE G 14 60.78 3.98 -2.20
C PHE G 14 62.26 4.15 -2.50
N GLN G 15 62.84 5.27 -2.06
CA GLN G 15 64.24 5.53 -2.37
C GLN G 15 65.14 4.48 -1.75
N ARG G 16 64.81 4.03 -0.54
CA ARG G 16 65.61 2.99 0.12
C ARG G 16 65.52 1.67 -0.64
N ALA G 17 64.29 1.24 -1.01
CA ALA G 17 64.11 -0.01 -1.74
C ALA G 17 64.68 0.07 -3.16
N SER G 18 64.58 1.24 -3.78
CA SER G 18 65.17 1.44 -5.09
C SER G 18 66.69 1.25 -5.04
N ARG G 19 67.33 1.72 -3.96
CA ARG G 19 68.77 1.54 -3.86
C ARG G 19 69.13 0.08 -3.68
N ILE G 20 68.37 -0.66 -2.87
CA ILE G 20 68.66 -2.07 -2.66
C ILE G 20 68.61 -2.82 -3.97
N LEU G 21 67.58 -2.56 -4.79
CA LEU G 21 67.37 -3.24 -6.05
C LEU G 21 68.32 -2.81 -7.16
N GLY G 22 69.04 -1.70 -6.98
CA GLY G 22 69.85 -1.17 -8.07
C GLY G 22 69.04 -0.76 -9.28
N LEU G 23 67.86 -0.18 -9.03
CA LEU G 23 66.92 0.14 -10.11
C LEU G 23 67.56 1.11 -11.09
N ASP G 24 67.41 0.80 -12.39
CA ASP G 24 67.85 1.74 -13.42
C ASP G 24 67.16 3.08 -13.22
N SER G 25 67.93 4.17 -13.35
CA SER G 25 67.40 5.47 -12.99
C SER G 25 66.34 5.98 -13.98
N LYS G 26 66.42 5.59 -15.25
CA LYS G 26 65.35 6.00 -16.14
C LYS G 26 64.10 5.18 -15.95
N LEU G 27 64.24 3.90 -15.61
CA LEU G 27 63.08 3.11 -15.17
C LEU G 27 62.47 3.73 -13.92
N GLU G 28 63.31 4.10 -12.94
CA GLU G 28 62.79 4.71 -11.73
C GLU G 28 62.06 6.01 -12.04
N LYS G 29 62.64 6.85 -12.90
CA LYS G 29 61.97 8.09 -13.26
C LYS G 29 60.58 7.80 -13.85
N SER G 30 60.48 6.84 -14.75
CA SER G 30 59.18 6.50 -15.32
C SER G 30 58.21 6.01 -14.25
N LEU G 31 58.67 5.17 -13.32
CA LEU G 31 57.80 4.65 -12.27
C LEU G 31 57.28 5.75 -11.34
N LEU G 32 58.01 6.87 -11.21
CA LEU G 32 57.52 7.94 -10.36
C LEU G 32 56.49 8.81 -11.06
N ILE G 33 56.54 8.90 -12.39
CA ILE G 33 55.56 9.68 -13.16
C ILE G 33 54.27 8.87 -13.29
N PRO G 34 53.14 9.39 -12.80
CA PRO G 34 51.88 8.64 -12.92
C PRO G 34 51.44 8.55 -14.37
N TYR G 35 50.83 7.40 -14.70
CA TYR G 35 50.22 7.17 -15.99
C TYR G 35 49.35 8.36 -16.42
N ARG G 36 48.44 8.81 -15.55
CA ARG G 36 47.53 9.87 -15.94
C ARG G 36 47.03 10.59 -14.69
N GLU G 37 46.94 11.92 -14.76
CA GLU G 37 46.35 12.74 -13.72
C GLU G 37 45.17 13.48 -14.33
N ILE G 38 44.00 13.41 -13.68
CA ILE G 38 42.77 14.00 -14.19
C ILE G 38 42.17 14.91 -13.13
N LYS G 39 41.73 16.09 -13.56
CA LYS G 39 40.91 16.97 -12.75
C LYS G 39 39.72 17.43 -13.58
N VAL G 40 38.51 17.32 -13.00
CA VAL G 40 37.28 17.63 -13.70
C VAL G 40 36.40 18.53 -12.85
N GLU G 41 35.63 19.39 -13.51
CA GLU G 41 34.63 20.18 -12.80
C GLU G 41 33.43 19.30 -12.43
N CYS G 42 32.97 19.41 -11.19
CA CYS G 42 31.77 18.73 -10.72
C CYS G 42 30.84 19.80 -10.15
N THR G 43 29.86 20.23 -10.94
CA THR G 43 28.89 21.23 -10.49
C THR G 43 27.49 20.61 -10.39
N ILE G 44 26.79 20.91 -9.29
CA ILE G 44 25.44 20.41 -9.07
C ILE G 44 24.57 21.53 -8.54
N PRO G 45 23.26 21.41 -8.71
CA PRO G 45 22.34 22.23 -7.94
C PRO G 45 22.16 21.66 -6.54
N LYS G 46 22.13 22.54 -5.55
CA LYS G 46 21.78 22.15 -4.21
C LYS G 46 20.28 21.91 -4.10
N ASP G 47 19.85 21.38 -2.95
CA ASP G 47 18.43 21.09 -2.75
C ASP G 47 17.57 22.33 -2.97
N ASP G 48 18.11 23.51 -2.70
CA ASP G 48 17.37 24.75 -2.91
C ASP G 48 17.54 25.29 -4.32
N GLY G 49 18.29 24.60 -5.17
CA GLY G 49 18.46 24.97 -6.56
C GLY G 49 19.70 25.80 -6.88
N SER G 50 20.40 26.33 -5.88
CA SER G 50 21.56 27.14 -6.22
C SER G 50 22.75 26.25 -6.57
N LEU G 51 23.70 26.83 -7.30
CA LEU G 51 24.83 26.06 -7.80
C LEU G 51 25.95 25.98 -6.77
N VAL G 52 26.64 24.86 -6.77
CA VAL G 52 27.90 24.73 -6.04
C VAL G 52 28.86 23.96 -6.96
N SER G 53 30.11 24.38 -6.98
CA SER G 53 31.10 23.82 -7.90
C SER G 53 32.28 23.26 -7.13
N TYR G 54 32.60 22.00 -7.40
CA TYR G 54 33.76 21.34 -6.84
C TYR G 54 34.64 20.84 -7.97
N VAL G 55 35.87 20.46 -7.64
CA VAL G 55 36.81 19.85 -8.58
C VAL G 55 37.04 18.42 -8.14
N GLY G 56 36.75 17.49 -9.00
CA GLY G 56 37.10 16.11 -8.76
C GLY G 56 38.42 15.76 -9.41
N PHE G 57 39.02 14.66 -8.96
CA PHE G 57 40.30 14.28 -9.51
C PHE G 57 40.48 12.78 -9.43
N ARG G 58 41.39 12.28 -10.27
CA ARG G 58 41.78 10.87 -10.25
C ARG G 58 43.24 10.81 -10.69
N ILE G 59 44.11 10.39 -9.78
CA ILE G 59 45.51 10.13 -10.11
C ILE G 59 45.59 8.65 -10.42
N GLN G 60 45.88 8.32 -11.66
CA GLN G 60 46.04 6.94 -12.08
C GLN G 60 47.54 6.70 -12.20
N HIS G 61 48.12 6.07 -11.16
CA HIS G 61 49.57 6.04 -11.06
C HIS G 61 50.21 5.00 -11.98
N ASP G 62 49.82 3.75 -11.86
CA ASP G 62 50.50 2.71 -12.61
C ASP G 62 49.56 1.56 -12.89
N ASN G 63 49.67 1.00 -14.09
CA ASN G 63 48.84 -0.13 -14.46
C ASN G 63 49.63 -1.23 -15.16
N ALA G 64 50.93 -1.34 -14.87
CA ALA G 64 51.73 -2.36 -15.53
C ALA G 64 51.27 -3.76 -15.15
N ARG G 65 50.77 -3.96 -13.94
CA ARG G 65 50.40 -5.29 -13.46
C ARG G 65 48.91 -5.55 -13.59
N GLY G 66 48.14 -4.57 -14.07
CA GLY G 66 46.72 -4.76 -14.25
C GLY G 66 45.96 -3.47 -14.12
N PRO G 67 44.63 -3.56 -14.05
CA PRO G 67 43.82 -2.36 -13.89
C PRO G 67 44.22 -1.62 -12.61
N MET G 68 44.04 -0.31 -12.63
CA MET G 68 44.34 0.48 -11.45
C MET G 68 43.23 0.30 -10.41
N LYS G 69 43.59 0.54 -9.16
CA LYS G 69 42.76 0.29 -8.01
C LYS G 69 43.00 1.42 -7.01
N GLY G 70 41.91 1.92 -6.41
CA GLY G 70 42.09 2.90 -5.36
C GLY G 70 40.84 3.65 -4.98
N GLY G 71 40.83 4.19 -3.77
CA GLY G 71 39.64 4.81 -3.21
C GLY G 71 39.36 6.21 -3.70
N ILE G 72 38.16 6.68 -3.36
CA ILE G 72 37.71 8.03 -3.67
C ILE G 72 37.44 8.73 -2.35
N ARG G 73 38.10 9.86 -2.11
CA ARG G 73 37.98 10.60 -0.87
C ARG G 73 37.13 11.84 -1.10
N TYR G 74 36.05 11.98 -0.32
CA TYR G 74 35.30 13.24 -0.26
C TYR G 74 35.81 13.97 0.96
N HIS G 75 36.71 14.93 0.74
CA HIS G 75 37.44 15.59 1.81
C HIS G 75 38.01 16.88 1.25
N PRO G 76 38.06 17.96 2.04
CA PRO G 76 38.53 19.24 1.50
C PRO G 76 40.04 19.33 1.27
N GLU G 77 40.84 18.53 1.95
CA GLU G 77 42.30 18.61 1.87
C GLU G 77 42.77 17.77 0.69
N VAL G 78 43.33 18.42 -0.34
CA VAL G 78 43.62 17.71 -1.59
C VAL G 78 45.01 18.05 -2.12
N ASP G 79 46.01 18.15 -1.25
CA ASP G 79 47.36 18.44 -1.72
C ASP G 79 47.82 17.44 -2.79
N PRO G 80 48.22 17.91 -3.99
CA PRO G 80 48.55 16.98 -5.09
C PRO G 80 49.70 16.01 -4.79
N ASP G 81 50.73 16.45 -4.05
CA ASP G 81 51.86 15.57 -3.74
C ASP G 81 51.42 14.41 -2.85
N GLU G 82 50.50 14.68 -1.93
CA GLU G 82 50.04 13.63 -1.02
C GLU G 82 49.14 12.65 -1.75
N VAL G 83 48.17 13.15 -2.49
CA VAL G 83 47.34 12.28 -3.31
C VAL G 83 48.22 11.44 -4.23
N ASN G 84 49.23 12.06 -4.84
CA ASN G 84 50.15 11.30 -5.70
C ASN G 84 50.88 10.23 -4.89
N ALA G 85 51.33 10.56 -3.68
CA ALA G 85 52.00 9.54 -2.87
C ALA G 85 51.06 8.39 -2.54
N LEU G 86 49.78 8.69 -2.27
CA LEU G 86 48.82 7.64 -1.91
C LEU G 86 48.56 6.70 -3.07
N ALA G 87 48.43 7.25 -4.30
CA ALA G 87 48.27 6.41 -5.48
C ALA G 87 49.50 5.54 -5.72
N GLN G 88 50.69 6.12 -5.51
N GLN G 88 50.69 6.12 -5.54
CA GLN G 88 51.94 5.38 -5.66
CA GLN G 88 51.92 5.33 -5.68
C GLN G 88 52.05 4.26 -4.64
C GLN G 88 51.98 4.21 -4.65
N LEU G 89 51.54 4.49 -3.43
CA LEU G 89 51.60 3.46 -2.39
C LEU G 89 50.67 2.30 -2.72
N MET G 90 49.50 2.61 -3.28
CA MET G 90 48.62 1.55 -3.77
C MET G 90 49.32 0.66 -4.79
N THR G 91 50.11 1.26 -5.68
CA THR G 91 50.85 0.46 -6.66
C THR G 91 51.81 -0.50 -5.99
N TRP G 92 52.55 -0.02 -4.97
CA TRP G 92 53.49 -0.92 -4.29
C TRP G 92 52.75 -1.95 -3.44
N LYS G 93 51.66 -1.54 -2.79
CA LYS G 93 50.94 -2.44 -1.89
C LYS G 93 50.31 -3.63 -2.65
N THR G 94 49.61 -3.36 -3.77
CA THR G 94 48.99 -4.46 -4.52
C THR G 94 50.05 -5.43 -5.03
N ALA G 95 51.20 -4.92 -5.44
CA ALA G 95 52.28 -5.79 -5.88
C ALA G 95 52.82 -6.62 -4.74
N VAL G 96 52.82 -6.07 -3.52
CA VAL G 96 53.36 -6.81 -2.40
C VAL G 96 52.55 -8.07 -2.14
N VAL G 97 51.21 -7.99 -2.22
CA VAL G 97 50.36 -9.15 -1.99
C VAL G 97 50.02 -9.87 -3.29
N ASP G 98 50.61 -9.45 -4.39
CA ASP G 98 50.52 -10.16 -5.67
C ASP G 98 49.09 -10.21 -6.19
N ILE G 99 48.34 -9.12 -6.06
CA ILE G 99 47.04 -9.07 -6.69
C ILE G 99 47.18 -8.28 -7.97
N PRO G 100 46.45 -8.63 -9.04
CA PRO G 100 46.73 -8.05 -10.38
C PRO G 100 46.16 -6.66 -10.58
N TYR G 101 46.70 -5.70 -9.82
CA TYR G 101 46.28 -4.31 -9.89
C TYR G 101 47.48 -3.38 -9.90
N GLY G 102 47.26 -2.19 -10.45
CA GLY G 102 48.09 -1.05 -10.16
C GLY G 102 47.36 -0.13 -9.19
N GLY G 103 47.95 1.03 -8.94
CA GLY G 103 47.47 1.95 -7.92
C GLY G 103 46.89 3.22 -8.52
N ALA G 104 45.86 3.74 -7.87
CA ALA G 104 45.24 5.01 -8.25
C ALA G 104 44.62 5.62 -7.02
N LYS G 105 44.27 6.91 -7.12
CA LYS G 105 43.66 7.59 -5.99
C LYS G 105 42.91 8.81 -6.50
N GLY G 106 41.69 9.00 -6.02
CA GLY G 106 40.87 10.09 -6.47
C GLY G 106 40.05 10.66 -5.34
N GLY G 107 39.20 11.62 -5.70
CA GLY G 107 38.33 12.22 -4.71
C GLY G 107 37.72 13.49 -5.26
N ILE G 108 37.06 14.20 -4.37
CA ILE G 108 36.44 15.48 -4.68
C ILE G 108 36.74 16.38 -3.51
N GLY G 109 37.26 17.58 -3.81
CA GLY G 109 37.53 18.53 -2.76
C GLY G 109 36.24 19.15 -2.25
N CYS G 110 35.69 18.57 -1.21
CA CYS G 110 34.41 19.02 -0.68
C CYS G 110 34.34 18.55 0.76
N ASN G 111 33.43 19.15 1.52
CA ASN G 111 33.14 18.67 2.87
C ASN G 111 31.80 17.97 2.89
N PRO G 112 31.75 16.64 2.96
CA PRO G 112 30.45 15.95 2.84
C PRO G 112 29.46 16.35 3.92
N LYS G 113 29.93 16.81 5.07
CA LYS G 113 29.00 17.25 6.11
C LYS G 113 28.22 18.49 5.70
N ASP G 114 28.69 19.27 4.73
CA ASP G 114 27.91 20.37 4.19
C ASP G 114 26.85 19.92 3.19
N LEU G 115 26.74 18.63 2.87
CA LEU G 115 25.90 18.20 1.77
C LEU G 115 24.80 17.26 2.25
N SER G 116 23.59 17.49 1.74
CA SER G 116 22.51 16.56 2.02
C SER G 116 22.75 15.25 1.26
N ILE G 117 21.98 14.22 1.63
CA ILE G 117 22.18 12.92 1.01
C ILE G 117 21.87 12.97 -0.48
N SER G 118 20.88 13.77 -0.89
CA SER G 118 20.59 13.85 -2.32
C SER G 118 21.62 14.73 -3.03
N GLU G 119 22.17 15.75 -2.36
CA GLU G 119 23.27 16.49 -2.95
C GLU G 119 24.48 15.59 -3.14
N LEU G 120 24.76 14.72 -2.16
CA LEU G 120 25.86 13.78 -2.29
C LEU G 120 25.63 12.83 -3.45
N GLU G 121 24.40 12.35 -3.62
CA GLU G 121 24.12 11.49 -4.77
C GLU G 121 24.31 12.25 -6.07
N ARG G 122 23.79 13.47 -6.16
CA ARG G 122 23.98 14.23 -7.40
C ARG G 122 25.47 14.45 -7.68
N LEU G 123 26.24 14.79 -6.65
CA LEU G 123 27.68 15.03 -6.83
C LEU G 123 28.39 13.77 -7.29
N THR G 124 28.06 12.62 -6.70
CA THR G 124 28.65 11.35 -7.10
C THR G 124 28.30 11.02 -8.54
N ARG G 125 27.05 11.25 -8.94
CA ARG G 125 26.68 10.92 -10.30
C ARG G 125 27.38 11.83 -11.29
N VAL G 126 27.51 13.14 -10.97
CA VAL G 126 28.18 14.06 -11.88
C VAL G 126 29.65 13.68 -12.02
N PHE G 127 30.31 13.39 -10.89
CA PHE G 127 31.68 12.94 -10.89
C PHE G 127 31.87 11.70 -11.77
N THR G 128 30.99 10.69 -11.63
CA THR G 128 31.05 9.51 -12.46
C THR G 128 30.85 9.86 -13.93
N GLN G 129 29.89 10.75 -14.23
CA GLN G 129 29.73 11.18 -15.62
C GLN G 129 31.01 11.80 -16.15
N LYS G 130 31.77 12.51 -15.29
CA LYS G 130 32.94 13.21 -15.76
C LYS G 130 34.14 12.29 -15.94
N ILE G 131 34.10 11.06 -15.40
CA ILE G 131 35.27 10.19 -15.49
C ILE G 131 34.94 8.79 -16.01
N HIS G 132 33.69 8.57 -16.45
CA HIS G 132 33.29 7.21 -16.82
C HIS G 132 34.19 6.63 -17.92
N ASP G 133 34.69 7.48 -18.82
CA ASP G 133 35.57 7.03 -19.89
C ASP G 133 37.00 6.74 -19.42
N LEU G 134 37.33 7.08 -18.18
CA LEU G 134 38.66 6.89 -17.63
C LEU G 134 38.76 5.72 -16.67
N ILE G 135 37.63 5.17 -16.21
CA ILE G 135 37.63 4.02 -15.34
C ILE G 135 37.01 2.85 -16.10
N GLY G 136 36.89 1.72 -15.43
CA GLY G 136 36.32 0.57 -16.10
C GLY G 136 36.79 -0.72 -15.46
N ILE G 137 36.10 -1.78 -15.83
CA ILE G 137 36.30 -3.10 -15.23
C ILE G 137 37.78 -3.50 -15.27
N HIS G 138 38.43 -3.23 -16.39
CA HIS G 138 39.80 -3.67 -16.60
C HIS G 138 40.72 -2.49 -16.78
N ARG G 139 40.28 -1.31 -16.34
CA ARG G 139 41.01 -0.06 -16.53
C ARG G 139 41.32 0.60 -15.19
N ASP G 140 40.31 0.88 -14.36
CA ASP G 140 40.50 1.56 -13.07
C ASP G 140 39.25 1.32 -12.23
N VAL G 141 39.43 0.78 -11.04
CA VAL G 141 38.34 0.26 -10.22
C VAL G 141 38.32 0.99 -8.88
N PRO G 142 37.46 1.99 -8.70
CA PRO G 142 37.43 2.72 -7.43
C PRO G 142 36.88 1.89 -6.27
N ALA G 143 36.99 2.47 -5.07
CA ALA G 143 36.60 1.85 -3.81
C ALA G 143 36.31 2.97 -2.81
N PRO G 144 35.67 2.66 -1.67
CA PRO G 144 35.46 3.68 -0.64
C PRO G 144 36.78 4.15 -0.02
N ASP G 145 36.71 5.32 0.60
CA ASP G 145 37.82 5.96 1.30
C ASP G 145 37.21 7.00 2.24
N MET G 146 38.01 7.95 2.69
CA MET G 146 37.50 8.98 3.59
C MET G 146 36.35 9.74 2.96
N GLY G 147 35.24 9.85 3.68
CA GLY G 147 34.07 10.55 3.23
C GLY G 147 33.17 9.79 2.25
N THR G 148 33.52 8.57 1.86
CA THR G 148 32.66 7.78 0.98
C THR G 148 32.41 6.41 1.58
N ASN G 149 31.40 5.71 1.07
CA ASN G 149 31.03 4.42 1.65
C ASN G 149 30.34 3.57 0.59
N SER G 150 29.73 2.47 1.03
CA SER G 150 29.18 1.53 0.05
C SER G 150 28.02 2.12 -0.71
N GLN G 151 27.26 3.01 -0.07
CA GLN G 151 26.20 3.71 -0.76
C GLN G 151 26.79 4.58 -1.87
N THR G 152 27.93 5.22 -1.61
CA THR G 152 28.59 5.97 -2.68
C THR G 152 28.90 5.07 -3.86
N MET G 153 29.43 3.87 -3.59
CA MET G 153 29.82 2.95 -4.66
C MET G 153 28.58 2.51 -5.44
N ALA G 154 27.46 2.33 -4.74
CA ALA G 154 26.21 1.98 -5.40
C ALA G 154 25.81 3.03 -6.44
N TRP G 155 25.95 4.33 -6.08
CA TRP G 155 25.62 5.40 -7.03
C TRP G 155 26.59 5.41 -8.18
N ILE G 156 27.88 5.19 -7.91
CA ILE G 156 28.83 5.11 -9.01
C ILE G 156 28.47 3.96 -9.94
N LEU G 157 28.21 2.77 -9.36
CA LEU G 157 27.81 1.62 -10.16
C LEU G 157 26.59 1.97 -11.01
N ASP G 158 25.58 2.59 -10.40
CA ASP G 158 24.36 2.89 -11.13
C ASP G 158 24.60 3.89 -12.25
N GLU G 159 25.39 4.93 -11.99
CA GLU G 159 25.60 5.92 -13.04
C GLU G 159 26.53 5.39 -14.14
N TYR G 160 27.61 4.71 -13.77
CA TYR G 160 28.50 4.14 -14.78
C TYR G 160 27.76 3.16 -15.70
N SER G 161 26.83 2.37 -15.15
CA SER G 161 26.20 1.34 -15.94
C SER G 161 25.30 1.91 -17.02
N LYS G 162 24.84 3.15 -16.86
CA LYS G 162 24.10 3.80 -17.93
C LYS G 162 24.99 4.01 -19.15
N PHE G 163 26.30 4.20 -18.95
CA PHE G 163 27.20 4.47 -20.07
C PHE G 163 27.76 3.20 -20.67
N HIS G 164 27.84 2.13 -19.89
CA HIS G 164 28.60 0.98 -20.35
C HIS G 164 27.93 -0.35 -20.05
N GLY G 165 26.66 -0.35 -19.68
CA GLY G 165 25.99 -1.57 -19.27
C GLY G 165 26.33 -1.93 -17.83
N HIS G 166 25.48 -2.81 -17.28
CA HIS G 166 25.63 -3.33 -15.93
C HIS G 166 27.07 -3.79 -15.72
N SER G 167 27.82 -3.14 -14.84
CA SER G 167 29.24 -3.40 -14.66
C SER G 167 29.57 -3.49 -13.17
N PRO G 168 29.05 -4.51 -12.48
CA PRO G 168 29.29 -4.60 -11.03
C PRO G 168 30.75 -4.58 -10.66
N ALA G 169 31.66 -5.00 -11.53
CA ALA G 169 33.06 -5.05 -11.15
C ALA G 169 33.77 -3.70 -11.28
N VAL G 170 33.08 -2.64 -11.69
CA VAL G 170 33.74 -1.36 -11.90
C VAL G 170 34.10 -0.69 -10.60
N VAL G 171 33.56 -1.17 -9.49
CA VAL G 171 33.76 -0.53 -8.20
C VAL G 171 33.70 -1.63 -7.14
N THR G 172 34.51 -1.53 -6.08
CA THR G 172 34.40 -2.48 -4.97
C THR G 172 33.85 -1.78 -3.75
N GLY G 173 33.69 -2.54 -2.67
CA GLY G 173 33.02 -1.98 -1.52
C GLY G 173 31.54 -1.77 -1.73
N LYS G 174 30.94 -2.49 -2.67
CA LYS G 174 29.53 -2.34 -2.97
C LYS G 174 28.68 -2.95 -1.85
N PRO G 175 27.44 -2.49 -1.68
CA PRO G 175 26.52 -3.19 -0.78
C PRO G 175 26.33 -4.63 -1.21
N ILE G 176 26.14 -5.51 -0.22
CA ILE G 176 25.92 -6.94 -0.50
C ILE G 176 24.81 -7.11 -1.54
N ASP G 177 23.74 -6.32 -1.43
CA ASP G 177 22.63 -6.43 -2.35
C ASP G 177 22.97 -6.11 -3.80
N LEU G 178 24.11 -5.47 -4.06
CA LEU G 178 24.52 -5.09 -5.41
C LEU G 178 25.85 -5.74 -5.79
N GLY G 179 26.16 -6.90 -5.24
CA GLY G 179 27.34 -7.61 -5.64
C GLY G 179 28.52 -7.45 -4.71
N GLY G 180 28.33 -6.90 -3.52
CA GLY G 180 29.41 -6.84 -2.57
C GLY G 180 29.82 -8.22 -2.09
N SER G 181 31.05 -8.31 -1.62
CA SER G 181 31.56 -9.58 -1.16
C SER G 181 31.27 -9.76 0.32
N LEU G 182 31.00 -11.00 0.71
CA LEU G 182 31.04 -11.35 2.11
C LEU G 182 32.47 -11.19 2.63
N GLY G 183 32.60 -11.06 3.95
CA GLY G 183 33.90 -11.06 4.59
C GLY G 183 34.68 -9.76 4.56
N ARG G 184 34.09 -8.64 4.13
CA ARG G 184 34.84 -7.40 4.04
C ARG G 184 35.11 -6.79 5.42
N GLU G 185 34.14 -6.88 6.34
CA GLU G 185 34.27 -6.25 7.65
C GLU G 185 35.48 -6.79 8.41
N ALA G 186 35.64 -8.10 8.42
CA ALA G 186 36.76 -8.68 9.15
C ALA G 186 38.06 -8.63 8.37
N ALA G 187 38.04 -8.20 7.10
CA ALA G 187 39.15 -8.49 6.19
C ALA G 187 40.48 -8.02 6.73
N THR G 188 40.57 -6.75 7.13
CA THR G 188 41.85 -6.20 7.55
C THR G 188 42.31 -6.80 8.87
N GLY G 189 41.41 -6.83 9.85
CA GLY G 189 41.77 -7.39 11.15
C GLY G 189 42.14 -8.85 11.06
N LEU G 190 41.36 -9.62 10.28
CA LEU G 190 41.67 -11.03 10.09
C LEU G 190 42.97 -11.21 9.31
N GLY G 191 43.20 -10.36 8.30
CA GLY G 191 44.46 -10.44 7.59
C GLY G 191 45.66 -10.19 8.47
N VAL G 192 45.52 -9.26 9.43
CA VAL G 192 46.59 -8.97 10.37
C VAL G 192 46.99 -10.23 11.13
N VAL G 193 46.01 -11.01 11.56
CA VAL G 193 46.32 -12.20 12.36
C VAL G 193 46.90 -13.30 11.47
N PHE G 194 46.43 -13.42 10.23
CA PHE G 194 47.06 -14.36 9.31
C PHE G 194 48.52 -14.00 9.09
N ALA G 195 48.81 -12.71 8.89
CA ALA G 195 50.19 -12.27 8.71
C ALA G 195 51.03 -12.56 9.94
N THR G 196 50.47 -12.32 11.12
CA THR G 196 51.19 -12.57 12.34
C THR G 196 51.43 -14.06 12.52
N GLU G 197 50.41 -14.86 12.20
CA GLU G 197 50.54 -16.31 12.23
C GLU G 197 51.72 -16.77 11.37
N ALA G 198 51.82 -16.25 10.14
CA ALA G 198 52.90 -16.65 9.23
C ALA G 198 54.26 -16.24 9.78
N LEU G 199 54.34 -15.06 10.37
CA LEU G 199 55.58 -14.62 10.99
C LEU G 199 56.01 -15.55 12.12
N PHE G 200 55.09 -15.89 13.02
CA PHE G 200 55.44 -16.68 14.20
C PHE G 200 55.84 -18.11 13.83
N ALA G 201 55.32 -18.65 12.73
CA ALA G 201 55.73 -19.99 12.31
C ALA G 201 57.23 -20.07 12.02
N GLU G 202 57.83 -18.95 11.59
CA GLU G 202 59.27 -18.91 11.35
C GLU G 202 60.05 -19.25 12.59
N TYR G 203 59.48 -18.98 13.77
CA TYR G 203 60.09 -19.28 15.05
C TYR G 203 59.52 -20.53 15.70
N GLY G 204 58.71 -21.32 14.99
CA GLY G 204 58.07 -22.45 15.62
C GLY G 204 57.11 -22.11 16.75
N LYS G 205 56.60 -20.88 16.78
CA LYS G 205 55.64 -20.46 17.80
C LYS G 205 54.26 -20.27 17.18
N SER G 206 53.28 -20.15 18.07
CA SER G 206 51.87 -19.95 17.72
C SER G 206 51.34 -18.71 18.42
N ILE G 207 50.14 -18.30 17.99
CA ILE G 207 49.47 -17.15 18.59
C ILE G 207 49.22 -17.39 20.07
N SER G 208 48.87 -18.63 20.44
CA SER G 208 48.57 -18.95 21.84
C SER G 208 49.79 -18.85 22.74
N ASP G 209 50.98 -18.71 22.19
CA ASP G 209 52.19 -18.56 22.99
C ASP G 209 52.47 -17.12 23.41
N MET G 210 51.76 -16.15 22.86
CA MET G 210 52.16 -14.75 22.97
C MET G 210 51.12 -13.96 23.77
N THR G 211 51.57 -12.84 24.33
CA THR G 211 50.68 -11.82 24.87
C THR G 211 50.66 -10.63 23.92
N PHE G 212 49.53 -9.93 23.88
CA PHE G 212 49.27 -8.90 22.89
C PHE G 212 48.75 -7.63 23.56
N ALA G 213 49.28 -6.48 23.13
CA ALA G 213 48.72 -5.19 23.49
C ALA G 213 48.29 -4.48 22.21
N ILE G 214 47.06 -3.98 22.18
CA ILE G 214 46.45 -3.43 20.98
C ILE G 214 46.06 -1.99 21.24
N GLN G 215 46.54 -1.08 20.40
CA GLN G 215 46.21 0.33 20.49
C GLN G 215 45.13 0.66 19.48
N GLY G 216 43.95 1.03 19.96
CA GLY G 216 42.87 1.32 19.03
C GLY G 216 41.93 0.14 18.96
N PHE G 217 40.63 0.39 18.92
CA PHE G 217 39.64 -0.68 19.04
C PHE G 217 38.46 -0.39 18.13
N GLY G 218 38.76 -0.07 16.89
CA GLY G 218 37.81 0.17 15.84
C GLY G 218 37.70 -1.05 14.94
N ASN G 219 37.56 -0.80 13.63
CA ASN G 219 37.35 -1.92 12.72
C ASN G 219 38.52 -2.89 12.71
N VAL G 220 39.74 -2.37 12.70
CA VAL G 220 40.88 -3.29 12.67
C VAL G 220 41.10 -3.90 14.04
N GLY G 221 41.09 -3.08 15.10
CA GLY G 221 41.42 -3.58 16.41
C GLY G 221 40.45 -4.64 16.90
N THR G 222 39.15 -4.42 16.69
CA THR G 222 38.15 -5.37 17.19
C THR G 222 38.30 -6.73 16.52
N TRP G 223 38.45 -6.76 15.20
CA TRP G 223 38.53 -8.06 14.52
C TRP G 223 39.86 -8.75 14.80
N ALA G 224 40.95 -8.00 14.86
CA ALA G 224 42.22 -8.60 15.23
C ALA G 224 42.15 -9.22 16.62
N ALA G 225 41.67 -8.46 17.60
CA ALA G 225 41.53 -8.99 18.96
C ALA G 225 40.66 -10.24 18.95
N LYS G 226 39.53 -10.20 18.24
CA LYS G 226 38.65 -11.36 18.16
C LYS G 226 39.36 -12.56 17.55
N ALA G 227 40.09 -12.35 16.46
CA ALA G 227 40.79 -13.46 15.81
C ALA G 227 41.94 -13.98 16.67
N ILE G 228 42.62 -13.09 17.39
CA ILE G 228 43.69 -13.50 18.29
C ILE G 228 43.14 -14.31 19.44
N PHE G 229 42.04 -13.84 20.05
CA PHE G 229 41.46 -14.48 21.21
C PHE G 229 41.04 -15.93 20.90
N GLU G 230 40.40 -16.13 19.74
CA GLU G 230 39.94 -17.45 19.32
C GLU G 230 41.08 -18.39 18.94
N ARG G 231 42.30 -17.89 18.79
CA ARG G 231 43.48 -18.69 18.50
C ARG G 231 44.35 -18.91 19.74
N GLY G 232 43.82 -18.63 20.93
CA GLY G 232 44.55 -18.84 22.15
C GLY G 232 45.47 -17.70 22.54
N GLY G 233 45.46 -16.61 21.80
CA GLY G 233 46.24 -15.45 22.19
C GLY G 233 45.69 -14.82 23.45
N LYS G 234 46.58 -14.20 24.20
CA LYS G 234 46.26 -13.60 25.49
C LYS G 234 46.36 -12.09 25.29
N VAL G 235 45.21 -11.44 25.22
CA VAL G 235 45.14 -9.99 24.96
C VAL G 235 45.12 -9.32 26.33
N VAL G 236 46.26 -8.74 26.72
CA VAL G 236 46.43 -8.24 28.08
C VAL G 236 46.16 -6.75 28.21
N ALA G 237 46.06 -6.02 27.10
CA ALA G 237 45.80 -4.59 27.18
C ALA G 237 45.20 -4.11 25.87
N VAL G 238 44.14 -3.30 25.97
CA VAL G 238 43.48 -2.70 24.81
C VAL G 238 43.18 -1.26 25.17
N SER G 239 43.48 -0.34 24.26
CA SER G 239 43.14 1.06 24.44
C SER G 239 42.37 1.55 23.23
N ASP G 240 41.71 2.69 23.40
CA ASP G 240 41.17 3.44 22.28
C ASP G 240 41.26 4.93 22.65
N ILE G 241 40.51 5.78 21.96
CA ILE G 241 40.68 7.23 22.13
C ILE G 241 40.21 7.71 23.50
N ASN G 242 39.37 6.95 24.20
CA ASN G 242 38.76 7.42 25.44
C ASN G 242 39.26 6.71 26.69
N GLY G 243 40.03 5.63 26.57
CA GLY G 243 40.45 4.91 27.75
C GLY G 243 41.13 3.61 27.39
N ALA G 244 41.39 2.82 28.43
CA ALA G 244 42.14 1.58 28.25
C ALA G 244 41.79 0.63 29.37
N ILE G 245 42.03 -0.65 29.12
CA ILE G 245 41.77 -1.71 30.08
C ILE G 245 42.94 -2.68 30.02
N SER G 246 43.27 -3.24 31.18
CA SER G 246 44.42 -4.14 31.27
C SER G 246 44.02 -5.36 32.07
N ASN G 247 44.58 -6.51 31.69
CA ASN G 247 44.39 -7.73 32.44
C ASN G 247 45.58 -8.64 32.13
N PRO G 248 46.50 -8.80 33.08
CA PRO G 248 47.70 -9.60 32.80
C PRO G 248 47.41 -11.04 32.45
N ASN G 249 46.33 -11.61 32.99
CA ASN G 249 45.97 -12.99 32.71
C ASN G 249 45.21 -13.16 31.40
N GLY G 250 44.84 -12.07 30.74
CA GLY G 250 44.10 -12.14 29.49
C GLY G 250 42.69 -11.62 29.59
N ILE G 251 42.36 -10.64 28.75
CA ILE G 251 41.01 -10.08 28.69
C ILE G 251 40.10 -11.04 27.94
N ASP G 252 38.88 -11.23 28.46
CA ASP G 252 37.81 -11.94 27.74
C ASP G 252 37.36 -11.07 26.57
N ILE G 253 37.91 -11.35 25.38
CA ILE G 253 37.63 -10.48 24.24
C ILE G 253 36.18 -10.67 23.75
N ALA G 254 35.66 -11.90 23.82
CA ALA G 254 34.26 -12.10 23.47
C ALA G 254 33.35 -11.24 24.35
N ALA G 255 33.57 -11.27 25.67
CA ALA G 255 32.81 -10.43 26.60
C ALA G 255 33.17 -8.96 26.43
N LEU G 256 34.44 -8.64 26.18
CA LEU G 256 34.82 -7.25 25.95
C LEU G 256 34.09 -6.67 24.76
N LEU G 257 33.96 -7.46 23.69
CA LEU G 257 33.28 -7.00 22.49
C LEU G 257 31.80 -6.79 22.75
N LYS G 258 31.15 -7.73 23.46
CA LYS G 258 29.77 -7.55 23.87
C LYS G 258 29.59 -6.26 24.67
N HIS G 259 30.58 -5.90 25.48
CA HIS G 259 30.49 -4.68 26.28
C HIS G 259 30.52 -3.43 25.41
N LYS G 260 31.46 -3.36 24.46
CA LYS G 260 31.55 -2.19 23.59
C LYS G 260 30.30 -2.08 22.73
N ALA G 261 29.80 -3.22 22.26
CA ALA G 261 28.61 -3.23 21.43
C ALA G 261 27.39 -2.72 22.20
N GLY G 262 27.41 -2.86 23.52
CA GLY G 262 26.35 -2.31 24.35
C GLY G 262 26.64 -0.89 24.78
N ASN G 263 27.48 -0.20 24.00
CA ASN G 263 27.83 1.21 24.20
C ASN G 263 28.64 1.44 25.46
N GLY G 264 29.46 0.45 25.85
CA GLY G 264 30.30 0.60 27.02
C GLY G 264 31.67 1.20 26.72
N SER G 265 32.30 1.72 27.78
CA SER G 265 33.61 2.34 27.68
C SER G 265 34.67 1.37 28.20
N LEU G 266 35.85 1.41 27.59
CA LEU G 266 36.90 0.45 27.94
C LEU G 266 37.25 0.47 29.42
N LYS G 267 37.55 1.66 29.96
CA LYS G 267 37.97 1.76 31.36
C LYS G 267 36.91 1.23 32.31
N ASP G 268 35.65 1.18 31.90
CA ASP G 268 34.52 0.74 32.71
C ASP G 268 34.26 -0.76 32.61
N PHE G 269 35.06 -1.48 31.83
CA PHE G 269 34.93 -2.93 31.72
C PHE G 269 35.28 -3.58 33.05
N SER G 270 34.49 -4.57 33.44
CA SER G 270 34.69 -5.21 34.72
C SER G 270 35.68 -6.36 34.67
N GLY G 271 35.95 -6.93 33.49
CA GLY G 271 36.89 -8.03 33.38
C GLY G 271 38.32 -7.61 33.17
N GLY G 272 38.69 -6.45 33.70
CA GLY G 272 40.04 -5.93 33.65
C GLY G 272 40.15 -4.72 34.52
N ASP G 273 41.37 -4.17 34.59
CA ASP G 273 41.64 -2.97 35.38
C ASP G 273 41.85 -1.79 34.44
N ALA G 274 41.23 -0.66 34.77
CA ALA G 274 41.35 0.55 33.96
C ALA G 274 42.81 0.99 33.90
N MET G 275 43.18 1.56 32.75
CA MET G 275 44.55 1.86 32.41
C MET G 275 44.63 3.24 31.77
N ASN G 276 45.79 3.87 31.89
CA ASN G 276 46.07 5.09 31.14
C ASN G 276 46.34 4.71 29.70
N PRO G 277 45.62 5.27 28.72
CA PRO G 277 45.88 4.91 27.32
C PRO G 277 47.31 5.19 26.90
N ASN G 278 47.96 6.19 27.50
CA ASN G 278 49.34 6.54 27.19
C ASN G 278 50.35 5.50 27.66
N ASP G 279 49.91 4.47 28.38
CA ASP G 279 50.80 3.40 28.79
C ASP G 279 50.71 2.20 27.86
N LEU G 280 49.85 2.23 26.84
CA LEU G 280 49.64 1.04 26.04
C LEU G 280 50.89 0.66 25.27
N LEU G 281 51.65 1.64 24.79
CA LEU G 281 52.79 1.33 23.94
C LEU G 281 53.97 0.81 24.75
N VAL G 282 54.05 1.18 26.02
CA VAL G 282 55.12 0.71 26.90
C VAL G 282 54.67 -0.45 27.77
N HIS G 283 53.51 -1.04 27.50
CA HIS G 283 53.03 -2.17 28.28
C HIS G 283 53.97 -3.36 28.13
N ASP G 284 53.92 -4.25 29.12
CA ASP G 284 54.79 -5.43 29.16
C ASP G 284 54.08 -6.60 28.51
N CYS G 285 54.51 -6.96 27.30
CA CYS G 285 53.83 -7.98 26.52
C CYS G 285 54.79 -8.46 25.44
N ASP G 286 54.38 -9.53 24.75
CA ASP G 286 55.19 -10.01 23.63
C ASP G 286 54.93 -9.22 22.36
N VAL G 287 53.67 -8.89 22.08
CA VAL G 287 53.29 -8.33 20.78
C VAL G 287 52.56 -7.01 20.99
N LEU G 288 53.02 -5.98 20.28
CA LEU G 288 52.38 -4.67 20.27
C LEU G 288 51.74 -4.47 18.91
N ILE G 289 50.46 -4.13 18.88
CA ILE G 289 49.76 -3.97 17.60
C ILE G 289 49.09 -2.60 17.55
N PRO G 290 49.74 -1.58 16.99
CA PRO G 290 49.07 -0.28 16.78
C PRO G 290 48.00 -0.44 15.71
N CYS G 291 46.75 -0.12 16.07
CA CYS G 291 45.62 -0.22 15.15
C CYS G 291 44.83 1.08 15.11
N ALA G 292 45.47 2.19 15.51
CA ALA G 292 44.77 3.46 15.63
C ALA G 292 45.35 4.48 14.66
N LEU G 293 46.58 4.94 14.88
CA LEU G 293 47.09 6.09 14.15
C LEU G 293 48.56 5.87 13.80
N GLY G 294 49.06 6.74 12.91
CA GLY G 294 50.45 6.77 12.57
C GLY G 294 51.25 7.70 13.46
N GLY G 295 52.56 7.55 13.42
CA GLY G 295 53.44 8.39 14.19
C GLY G 295 53.35 8.18 15.68
N VAL G 296 52.88 7.01 16.11
CA VAL G 296 52.76 6.75 17.54
C VAL G 296 54.07 6.33 18.16
N LEU G 297 55.02 5.85 17.36
CA LEU G 297 56.34 5.46 17.83
C LEU G 297 57.38 6.43 17.29
N ASN G 298 58.04 7.15 18.20
CA ASN G 298 59.10 8.09 17.87
C ASN G 298 60.29 7.91 18.82
N LYS G 299 61.28 8.80 18.74
CA LYS G 299 62.50 8.59 19.53
C LYS G 299 62.24 8.71 21.03
N GLU G 300 61.29 9.56 21.42
CA GLU G 300 61.08 9.78 22.85
C GLU G 300 60.52 8.56 23.57
N ASN G 301 59.97 7.57 22.84
CA ASN G 301 59.37 6.40 23.46
C ASN G 301 59.86 5.06 22.94
N ALA G 302 60.62 5.02 21.83
CA ALA G 302 61.02 3.76 21.23
C ALA G 302 61.85 2.92 22.19
N ASN G 303 62.75 3.55 22.95
CA ASN G 303 63.59 2.79 23.87
C ASN G 303 62.78 2.11 24.96
N ASP G 304 61.56 2.56 25.22
CA ASP G 304 60.75 2.04 26.31
C ASP G 304 59.67 1.06 25.84
N VAL G 305 59.78 0.57 24.61
CA VAL G 305 58.87 -0.47 24.14
C VAL G 305 59.36 -1.80 24.67
N LYS G 306 58.52 -2.48 25.45
CA LYS G 306 58.88 -3.77 26.03
C LYS G 306 58.51 -4.94 25.13
N ALA G 307 57.85 -4.69 24.00
CA ALA G 307 57.42 -5.76 23.12
C ALA G 307 58.58 -6.27 22.27
N LYS G 308 58.44 -7.52 21.81
CA LYS G 308 59.40 -8.17 20.92
C LYS G 308 58.95 -8.13 19.47
N PHE G 309 57.70 -8.49 19.20
CA PHE G 309 57.10 -8.31 17.89
C PHE G 309 56.16 -7.11 17.95
N ILE G 310 56.20 -6.28 16.91
CA ILE G 310 55.20 -5.23 16.77
C ILE G 310 54.60 -5.31 15.37
N ILE G 311 53.29 -5.50 15.32
CA ILE G 311 52.55 -5.67 14.08
C ILE G 311 51.93 -4.33 13.69
N GLU G 312 52.43 -3.72 12.62
CA GLU G 312 51.95 -2.42 12.17
C GLU G 312 50.62 -2.64 11.45
N ALA G 313 49.53 -2.50 12.19
CA ALA G 313 48.22 -2.59 11.55
C ALA G 313 47.77 -1.23 11.04
N ALA G 314 48.00 -0.17 11.81
CA ALA G 314 47.77 1.19 11.32
C ALA G 314 48.80 1.55 10.25
N ASN G 315 48.54 2.64 9.56
CA ASN G 315 49.45 3.12 8.54
C ASN G 315 50.48 4.02 9.21
N HIS G 316 51.77 3.74 8.96
CA HIS G 316 52.94 4.51 9.38
C HIS G 316 53.02 4.72 10.89
N PRO G 317 52.93 3.65 11.71
CA PRO G 317 53.00 3.85 13.16
C PRO G 317 54.42 4.08 13.67
N THR G 318 55.44 3.70 12.90
CA THR G 318 56.83 3.81 13.30
C THR G 318 57.51 4.85 12.42
N ASP G 319 57.99 5.93 13.01
CA ASP G 319 58.76 6.90 12.24
C ASP G 319 60.19 6.39 12.10
N PRO G 320 61.00 6.99 11.21
CA PRO G 320 62.35 6.45 10.97
C PRO G 320 63.25 6.45 12.19
N ASP G 321 63.05 7.39 13.11
CA ASP G 321 63.86 7.40 14.33
C ASP G 321 63.61 6.13 15.14
N ALA G 322 62.34 5.81 15.36
CA ALA G 322 61.98 4.61 16.13
C ALA G 322 62.39 3.35 15.40
N ASP G 323 62.24 3.32 14.07
CA ASP G 323 62.63 2.16 13.29
C ASP G 323 64.09 1.78 13.57
N GLU G 324 64.97 2.79 13.64
CA GLU G 324 66.39 2.52 13.95
C GLU G 324 66.57 2.03 15.39
N ILE G 325 65.87 2.66 16.34
CA ILE G 325 66.02 2.30 17.74
C ILE G 325 65.46 0.90 17.99
N LEU G 326 64.24 0.64 17.49
CA LEU G 326 63.62 -0.67 17.69
C LEU G 326 64.35 -1.78 16.94
N SER G 327 64.86 -1.48 15.75
CA SER G 327 65.53 -2.52 14.97
C SER G 327 66.75 -3.05 15.71
N LYS G 328 67.48 -2.18 16.39
CA LYS G 328 68.73 -2.55 17.06
C LYS G 328 68.53 -2.95 18.51
N LYS G 329 67.30 -3.29 18.91
CA LYS G 329 67.03 -3.92 20.20
C LYS G 329 66.52 -5.34 20.05
N GLY G 330 66.56 -5.88 18.83
CA GLY G 330 66.02 -7.19 18.53
C GLY G 330 64.53 -7.22 18.27
N VAL G 331 63.90 -6.05 18.10
CA VAL G 331 62.48 -5.99 17.80
C VAL G 331 62.28 -6.23 16.31
N ILE G 332 61.35 -7.12 15.99
CA ILE G 332 60.99 -7.44 14.61
C ILE G 332 59.67 -6.76 14.31
N ILE G 333 59.63 -5.98 13.23
CA ILE G 333 58.47 -5.15 12.89
C ILE G 333 57.88 -5.66 11.59
N LEU G 334 56.65 -6.15 11.64
CA LEU G 334 55.95 -6.55 10.43
C LEU G 334 55.32 -5.31 9.82
N PRO G 335 55.75 -4.89 8.63
CA PRO G 335 55.40 -3.54 8.14
C PRO G 335 53.97 -3.40 7.63
N ASP G 336 53.46 -2.18 7.78
CA ASP G 336 52.07 -1.87 7.43
C ASP G 336 51.74 -2.18 5.97
N VAL G 337 52.67 -1.93 5.04
CA VAL G 337 52.36 -2.11 3.62
C VAL G 337 51.89 -3.53 3.34
N TYR G 338 52.35 -4.50 4.13
CA TYR G 338 51.88 -5.89 4.04
C TYR G 338 50.82 -6.21 5.08
N ALA G 339 51.04 -5.81 6.33
CA ALA G 339 50.27 -6.34 7.44
C ALA G 339 48.78 -5.99 7.33
N ASN G 340 48.46 -4.78 6.87
CA ASN G 340 47.07 -4.36 6.82
C ASN G 340 46.45 -4.55 5.45
N ALA G 341 47.10 -5.33 4.58
CA ALA G 341 46.63 -5.45 3.21
C ALA G 341 45.44 -6.39 3.04
N GLY G 342 44.90 -6.94 4.13
CA GLY G 342 43.75 -7.82 4.00
C GLY G 342 42.54 -7.13 3.38
N GLY G 343 42.37 -5.84 3.66
CA GLY G 343 41.24 -5.14 3.08
C GLY G 343 41.33 -5.07 1.58
N VAL G 344 42.48 -4.62 1.05
CA VAL G 344 42.60 -4.52 -0.40
C VAL G 344 42.55 -5.90 -1.04
N THR G 345 43.00 -6.94 -0.32
CA THR G 345 42.96 -8.29 -0.87
C THR G 345 41.53 -8.80 -1.03
N VAL G 346 40.68 -8.60 -0.02
CA VAL G 346 39.30 -9.03 -0.18
C VAL G 346 38.60 -8.18 -1.22
N SER G 347 39.01 -6.92 -1.36
CA SER G 347 38.47 -6.06 -2.40
C SER G 347 38.76 -6.63 -3.79
N TYR G 348 39.96 -7.18 -4.00
CA TYR G 348 40.25 -7.91 -5.23
C TYR G 348 39.32 -9.11 -5.39
N PHE G 349 39.06 -9.84 -4.30
CA PHE G 349 38.16 -10.97 -4.41
C PHE G 349 36.76 -10.55 -4.83
N GLU G 350 36.29 -9.40 -4.32
CA GLU G 350 34.97 -8.91 -4.74
C GLU G 350 34.94 -8.71 -6.24
N TRP G 351 35.95 -8.04 -6.77
CA TRP G 351 36.08 -7.87 -8.22
C TRP G 351 36.09 -9.22 -8.94
N VAL G 352 36.88 -10.19 -8.43
CA VAL G 352 36.93 -11.52 -9.04
C VAL G 352 35.53 -12.14 -9.06
N GLN G 353 34.82 -12.09 -7.93
CA GLN G 353 33.48 -12.66 -7.88
C GLN G 353 32.55 -11.99 -8.90
N ASN G 354 32.65 -10.67 -9.05
CA ASN G 354 31.82 -9.99 -10.04
C ASN G 354 32.20 -10.43 -11.45
N ILE G 355 33.51 -10.53 -11.73
CA ILE G 355 33.97 -10.92 -13.05
C ILE G 355 33.51 -12.33 -13.38
N GLN G 356 33.48 -13.19 -12.37
CA GLN G 356 33.06 -14.56 -12.54
C GLN G 356 31.55 -14.73 -12.47
N GLY G 357 30.80 -13.67 -12.15
CA GLY G 357 29.36 -13.73 -12.11
C GLY G 357 28.77 -14.61 -11.05
N PHE G 358 29.50 -14.88 -9.96
CA PHE G 358 29.12 -15.95 -9.05
C PHE G 358 29.80 -15.73 -7.71
N MET G 359 29.02 -15.44 -6.68
CA MET G 359 29.60 -15.04 -5.41
C MET G 359 30.12 -16.26 -4.67
N TRP G 360 31.13 -16.03 -3.82
CA TRP G 360 31.70 -17.05 -2.97
C TRP G 360 31.04 -17.00 -1.60
N ASP G 361 31.04 -18.13 -0.88
CA ASP G 361 30.64 -18.06 0.51
C ASP G 361 31.80 -17.56 1.37
N GLU G 362 31.49 -17.27 2.65
CA GLU G 362 32.48 -16.57 3.48
C GLU G 362 33.69 -17.45 3.79
N GLU G 363 33.52 -18.76 3.92
CA GLU G 363 34.68 -19.61 4.15
C GLU G 363 35.65 -19.53 2.99
N LYS G 364 35.12 -19.49 1.78
CA LYS G 364 35.95 -19.39 0.59
C LYS G 364 36.73 -18.07 0.58
N VAL G 365 36.06 -16.96 0.90
CA VAL G 365 36.74 -15.67 0.97
C VAL G 365 37.91 -15.72 1.95
N ASN G 366 37.66 -16.24 3.15
CA ASN G 366 38.71 -16.24 4.16
C ASN G 366 39.80 -17.26 3.86
N GLN G 367 39.43 -18.38 3.27
CA GLN G 367 40.44 -19.34 2.83
C GLN G 367 41.40 -18.73 1.81
N GLU G 368 40.86 -17.99 0.83
CA GLU G 368 41.74 -17.36 -0.15
C GLU G 368 42.54 -16.23 0.48
N LEU G 369 41.93 -15.51 1.42
CA LEU G 369 42.65 -14.47 2.15
C LEU G 369 43.86 -15.04 2.88
N LYS G 370 43.71 -16.19 3.56
CA LYS G 370 44.84 -16.79 4.24
C LYS G 370 45.90 -17.23 3.24
N ARG G 371 45.48 -17.83 2.14
CA ARG G 371 46.43 -18.26 1.13
C ARG G 371 47.24 -17.07 0.62
N TYR G 372 46.57 -15.95 0.36
CA TYR G 372 47.25 -14.78 -0.19
C TYR G 372 48.17 -14.12 0.82
N MET G 373 47.70 -13.92 2.05
CA MET G 373 48.58 -13.31 3.05
C MET G 373 49.75 -14.21 3.36
N THR G 374 49.51 -15.53 3.40
CA THR G 374 50.58 -16.46 3.71
C THR G 374 51.60 -16.53 2.59
N LYS G 375 51.15 -16.59 1.33
CA LYS G 375 52.12 -16.61 0.26
C LYS G 375 52.92 -15.31 0.23
N ALA G 376 52.28 -14.19 0.58
CA ALA G 376 52.97 -12.91 0.59
C ALA G 376 54.06 -12.87 1.64
N PHE G 377 53.81 -13.42 2.82
CA PHE G 377 54.86 -13.38 3.84
C PHE G 377 56.07 -14.19 3.42
N ASN G 378 55.85 -15.37 2.84
CA ASN G 378 56.97 -16.19 2.40
C ASN G 378 57.82 -15.43 1.40
N ASP G 379 57.18 -14.77 0.43
CA ASP G 379 57.90 -14.00 -0.55
C ASP G 379 58.66 -12.86 0.10
N ILE G 380 58.02 -12.16 1.04
CA ILE G 380 58.73 -11.10 1.76
C ILE G 380 59.94 -11.67 2.47
N LYS G 381 59.74 -12.78 3.19
CA LYS G 381 60.84 -13.41 3.94
C LYS G 381 61.96 -13.84 3.00
N ALA G 382 61.59 -14.40 1.84
CA ALA G 382 62.60 -14.81 0.87
C ALA G 382 63.44 -13.62 0.43
N ASN G 383 62.80 -12.49 0.15
CA ASN G 383 63.52 -11.25 -0.18
C ASN G 383 64.45 -10.83 0.94
N CYS G 384 63.99 -10.90 2.20
CA CYS G 384 64.87 -10.56 3.29
C CYS G 384 66.13 -11.43 3.26
N LYS G 385 65.99 -12.69 2.85
CA LYS G 385 67.14 -13.57 2.76
C LYS G 385 68.01 -13.21 1.56
N THR G 386 67.41 -12.73 0.49
CA THR G 386 68.19 -12.41 -0.71
C THR G 386 68.96 -11.10 -0.54
N HIS G 387 68.35 -10.10 0.08
CA HIS G 387 68.97 -8.79 0.20
C HIS G 387 69.52 -8.52 1.59
N ASN G 388 69.31 -9.43 2.54
CA ASN G 388 69.77 -9.26 3.91
C ASN G 388 69.27 -7.94 4.51
N CYS G 389 67.96 -7.78 4.50
CA CYS G 389 67.32 -6.55 4.94
C CYS G 389 66.17 -6.87 5.89
N ASP G 390 65.64 -5.83 6.55
CA ASP G 390 64.52 -6.00 7.46
C ASP G 390 63.23 -6.33 6.69
N LEU G 391 62.17 -6.65 7.44
CA LEU G 391 60.92 -7.06 6.79
C LEU G 391 60.33 -5.94 5.96
N ARG G 392 60.45 -4.69 6.44
CA ARG G 392 59.91 -3.56 5.71
C ARG G 392 60.54 -3.45 4.33
N MET G 393 61.86 -3.61 4.26
CA MET G 393 62.53 -3.55 2.98
C MET G 393 62.31 -4.80 2.18
N GLY G 394 62.12 -5.95 2.85
CA GLY G 394 61.70 -7.14 2.13
C GLY G 394 60.43 -6.90 1.35
N ALA G 395 59.44 -6.22 1.97
CA ALA G 395 58.17 -5.98 1.30
C ALA G 395 58.30 -4.95 0.18
N PHE G 396 58.95 -3.81 0.45
CA PHE G 396 59.03 -2.78 -0.58
C PHE G 396 59.86 -3.25 -1.78
N THR G 397 60.96 -3.98 -1.55
CA THR G 397 61.71 -4.51 -2.69
C THR G 397 60.90 -5.55 -3.46
N LEU G 398 60.08 -6.33 -2.76
CA LEU G 398 59.25 -7.31 -3.44
C LEU G 398 58.25 -6.62 -4.35
N GLY G 399 57.49 -5.67 -3.80
CA GLY G 399 56.50 -4.97 -4.60
C GLY G 399 57.14 -4.10 -5.68
N LEU G 400 58.17 -3.34 -5.33
CA LEU G 400 58.83 -2.51 -6.32
C LEU G 400 59.38 -3.36 -7.46
N ASN G 401 59.96 -4.52 -7.13
CA ASN G 401 60.56 -5.34 -8.18
C ASN G 401 59.50 -5.92 -9.12
N ARG G 402 58.32 -6.27 -8.60
CA ARG G 402 57.29 -6.82 -9.47
C ARG G 402 56.77 -5.78 -10.45
N VAL G 403 56.57 -4.55 -9.99
CA VAL G 403 56.16 -3.49 -10.89
C VAL G 403 57.25 -3.24 -11.92
N ALA G 404 58.50 -3.19 -11.49
CA ALA G 404 59.58 -2.98 -12.44
C ALA G 404 59.62 -4.09 -13.49
N ARG G 405 59.48 -5.35 -13.06
CA ARG G 405 59.48 -6.49 -13.97
C ARG G 405 58.36 -6.39 -14.99
N ALA G 406 57.12 -6.14 -14.51
CA ALA G 406 55.99 -6.01 -15.43
C ALA G 406 56.22 -4.89 -16.43
N THR G 407 56.72 -3.75 -15.94
CA THR G 407 56.99 -2.62 -16.82
C THR G 407 58.02 -2.98 -17.88
N LEU G 408 59.10 -3.65 -17.47
CA LEU G 408 60.15 -4.01 -18.43
C LEU G 408 59.66 -5.04 -19.43
N LEU G 409 58.86 -6.01 -18.99
CA LEU G 409 58.32 -6.98 -19.92
C LEU G 409 57.43 -6.30 -20.97
N ARG G 410 56.70 -5.26 -20.56
CA ARG G 410 55.82 -4.59 -21.52
C ARG G 410 56.62 -3.83 -22.56
N GLY G 411 57.74 -3.24 -22.17
CA GLY G 411 58.61 -2.60 -23.13
C GLY G 411 58.23 -1.16 -23.37
N TRP G 412 59.07 -0.50 -24.18
CA TRP G 412 59.07 0.95 -24.35
C TRP G 412 58.80 1.44 -25.77
N GLU G 413 58.82 0.58 -26.78
CA GLU G 413 58.56 1.05 -28.14
C GLU G 413 57.08 1.42 -28.28
N ALA G 414 56.78 2.30 -29.22
CA ALA G 414 55.41 2.82 -29.39
C ALA G 414 54.43 1.82 -30.04
N ASN H 5 -46.92 8.58 69.99
CA ASN H 5 -46.47 7.66 68.95
C ASN H 5 -45.01 7.89 68.57
N ALA H 6 -44.55 7.13 67.57
CA ALA H 6 -43.20 7.28 67.06
C ALA H 6 -42.89 8.69 66.57
N LEU H 7 -43.94 9.48 66.26
CA LEU H 7 -43.74 10.83 65.73
C LEU H 7 -43.07 11.74 66.76
N VAL H 8 -43.66 11.84 67.95
CA VAL H 8 -43.12 12.74 68.97
C VAL H 8 -41.75 12.23 69.45
N ALA H 9 -41.62 10.91 69.65
CA ALA H 9 -40.38 10.37 70.19
C ALA H 9 -39.22 10.59 69.23
N THR H 10 -39.43 10.31 67.94
CA THR H 10 -38.37 10.45 66.95
C THR H 10 -37.95 11.91 66.78
N ASN H 11 -38.91 12.84 66.74
CA ASN H 11 -38.60 14.26 66.59
C ASN H 11 -37.88 14.81 67.81
N ARG H 12 -38.34 14.41 69.00
CA ARG H 12 -37.65 14.79 70.23
C ARG H 12 -36.21 14.28 70.20
N ASN H 13 -36.05 12.99 69.91
CA ASN H 13 -34.72 12.38 69.94
C ASN H 13 -33.80 12.97 68.87
N PHE H 14 -34.35 13.28 67.69
CA PHE H 14 -33.53 13.85 66.63
C PHE H 14 -32.96 15.21 67.03
N GLN H 15 -33.81 16.08 67.59
CA GLN H 15 -33.38 17.42 67.98
C GLN H 15 -32.33 17.36 69.09
N ARG H 16 -32.50 16.46 70.07
CA ARG H 16 -31.50 16.37 71.14
C ARG H 16 -30.17 15.93 70.56
N ALA H 17 -30.20 14.88 69.72
CA ALA H 17 -28.98 14.36 69.11
C ALA H 17 -28.38 15.38 68.15
N SER H 18 -29.22 16.11 67.42
CA SER H 18 -28.70 17.16 66.55
C SER H 18 -28.01 18.22 67.37
N ARG H 19 -28.60 18.59 68.51
CA ARG H 19 -28.00 19.63 69.32
C ARG H 19 -26.66 19.16 69.90
N ILE H 20 -26.59 17.89 70.31
CA ILE H 20 -25.35 17.39 70.91
C ILE H 20 -24.22 17.42 69.90
N LEU H 21 -24.50 17.03 68.66
CA LEU H 21 -23.49 17.01 67.61
C LEU H 21 -23.17 18.40 67.05
N GLY H 22 -23.99 19.41 67.32
CA GLY H 22 -23.75 20.69 66.65
C GLY H 22 -23.90 20.64 65.14
N LEU H 23 -24.86 19.88 64.64
CA LEU H 23 -25.07 19.73 63.20
C LEU H 23 -25.34 21.08 62.57
N ASP H 24 -24.70 21.35 61.44
CA ASP H 24 -25.04 22.54 60.66
C ASP H 24 -26.52 22.51 60.29
N SER H 25 -27.17 23.67 60.44
CA SER H 25 -28.61 23.75 60.30
C SER H 25 -29.06 23.48 58.86
N LYS H 26 -28.21 23.77 57.87
CA LYS H 26 -28.60 23.46 56.49
C LYS H 26 -28.42 21.98 56.16
N LEU H 27 -27.38 21.36 56.71
CA LEU H 27 -27.28 19.91 56.64
C LEU H 27 -28.48 19.26 57.33
N GLU H 28 -28.86 19.78 58.50
CA GLU H 28 -29.99 19.21 59.21
C GLU H 28 -31.27 19.30 58.40
N LYS H 29 -31.51 20.45 57.76
CA LYS H 29 -32.69 20.61 56.91
C LYS H 29 -32.72 19.56 55.81
N SER H 30 -31.57 19.36 55.15
CA SER H 30 -31.50 18.34 54.11
C SER H 30 -31.80 16.96 54.65
N LEU H 31 -31.25 16.61 55.82
CA LEU H 31 -31.46 15.29 56.40
C LEU H 31 -32.91 15.05 56.81
N LEU H 32 -33.66 16.10 57.13
CA LEU H 32 -35.05 15.90 57.49
C LEU H 32 -35.93 15.77 56.26
N ILE H 33 -35.57 16.39 55.14
CA ILE H 33 -36.37 16.28 53.93
C ILE H 33 -36.13 14.89 53.35
N PRO H 34 -37.18 14.10 53.13
CA PRO H 34 -36.99 12.76 52.56
C PRO H 34 -36.54 12.84 51.11
N TYR H 35 -35.69 11.87 50.74
CA TYR H 35 -35.26 11.75 49.35
C TYR H 35 -36.44 11.80 48.38
N ARG H 36 -37.47 10.97 48.61
CA ARG H 36 -38.59 10.88 47.67
C ARG H 36 -39.86 10.36 48.36
N GLU H 37 -40.99 10.95 48.00
CA GLU H 37 -42.30 10.49 48.47
C GLU H 37 -43.17 10.09 47.28
N ILE H 38 -43.79 8.91 47.37
CA ILE H 38 -44.61 8.37 46.28
C ILE H 38 -46.01 8.06 46.80
N LYS H 39 -47.03 8.46 46.05
CA LYS H 39 -48.40 7.97 46.23
C LYS H 39 -48.92 7.47 44.89
N VAL H 40 -49.48 6.26 44.87
CA VAL H 40 -49.94 5.64 43.64
C VAL H 40 -51.33 5.06 43.83
N GLU H 41 -52.15 5.08 42.78
CA GLU H 41 -53.44 4.42 42.82
C GLU H 41 -53.28 2.91 42.72
N CYS H 42 -53.95 2.17 43.60
CA CYS H 42 -53.99 0.71 43.58
C CYS H 42 -55.44 0.28 43.50
N THR H 43 -55.93 0.02 42.30
CA THR H 43 -57.30 -0.41 42.07
C THR H 43 -57.30 -1.87 41.62
N ILE H 44 -58.18 -2.67 42.21
CA ILE H 44 -58.27 -4.08 41.88
C ILE H 44 -59.73 -4.48 41.76
N PRO H 45 -60.01 -5.56 41.02
CA PRO H 45 -61.33 -6.21 41.11
C PRO H 45 -61.42 -7.10 42.34
N LYS H 46 -62.53 -6.98 43.06
CA LYS H 46 -62.83 -7.88 44.16
C LYS H 46 -63.28 -9.23 43.63
N ASP H 47 -63.43 -10.21 44.53
CA ASP H 47 -63.79 -11.56 44.10
C ASP H 47 -65.07 -11.60 43.29
N ASP H 48 -66.02 -10.71 43.56
CA ASP H 48 -67.25 -10.68 42.79
C ASP H 48 -67.17 -9.77 41.56
N GLY H 49 -66.01 -9.21 41.27
CA GLY H 49 -65.84 -8.41 40.06
C GLY H 49 -66.01 -6.91 40.24
N SER H 50 -66.49 -6.45 41.39
CA SER H 50 -66.65 -5.02 41.60
C SER H 50 -65.32 -4.36 41.94
N LEU H 51 -65.24 -3.06 41.68
CA LEU H 51 -63.97 -2.35 41.83
C LEU H 51 -63.79 -1.78 43.22
N VAL H 52 -62.55 -1.78 43.68
CA VAL H 52 -62.15 -1.07 44.88
C VAL H 52 -60.82 -0.37 44.60
N SER H 53 -60.68 0.87 45.09
CA SER H 53 -59.54 1.72 44.81
C SER H 53 -58.88 2.13 46.10
N TYR H 54 -57.59 1.89 46.22
CA TYR H 54 -56.79 2.31 47.36
C TYR H 54 -55.65 3.19 46.86
N VAL H 55 -54.97 3.83 47.81
CA VAL H 55 -53.76 4.59 47.53
C VAL H 55 -52.58 3.89 48.19
N GLY H 56 -51.61 3.49 47.40
CA GLY H 56 -50.38 2.98 47.93
C GLY H 56 -49.34 4.09 48.06
N PHE H 57 -48.34 3.84 48.90
CA PHE H 57 -47.35 4.88 49.11
C PHE H 57 -46.03 4.25 49.53
N ARG H 58 -44.96 5.02 49.31
CA ARG H 58 -43.62 4.66 49.73
C ARG H 58 -42.88 5.96 50.02
N ILE H 59 -42.48 6.16 51.26
CA ILE H 59 -41.65 7.30 51.66
C ILE H 59 -40.20 6.83 51.68
N GLN H 60 -39.38 7.37 50.79
CA GLN H 60 -37.97 7.00 50.72
C GLN H 60 -37.16 8.14 51.34
N HIS H 61 -36.78 7.96 52.62
CA HIS H 61 -36.23 9.08 53.36
C HIS H 61 -34.77 9.38 52.99
N ASP H 62 -33.88 8.39 53.06
CA ASP H 62 -32.46 8.69 52.90
C ASP H 62 -31.71 7.49 52.32
N ASN H 63 -30.77 7.76 51.44
CA ASN H 63 -29.99 6.67 50.88
C ASN H 63 -28.49 6.97 50.82
N ALA H 64 -28.00 7.81 51.75
CA ALA H 64 -26.57 8.13 51.77
C ALA H 64 -25.73 6.90 52.08
N ARG H 65 -26.25 5.99 52.90
CA ARG H 65 -25.45 4.86 53.34
C ARG H 65 -25.76 3.58 52.56
N GLY H 66 -26.68 3.61 51.63
CA GLY H 66 -26.96 2.45 50.83
C GLY H 66 -28.41 2.44 50.41
N PRO H 67 -28.87 1.30 49.87
CA PRO H 67 -30.28 1.18 49.51
C PRO H 67 -31.18 1.46 50.69
N MET H 68 -32.40 1.90 50.39
CA MET H 68 -33.38 2.09 51.44
C MET H 68 -33.96 0.75 51.87
N LYS H 69 -34.47 0.72 53.10
CA LYS H 69 -34.93 -0.49 53.76
C LYS H 69 -36.15 -0.07 54.58
N GLY H 70 -37.19 -0.89 54.58
CA GLY H 70 -38.33 -0.58 55.42
C GLY H 70 -39.57 -1.39 55.08
N GLY H 71 -40.48 -1.48 56.04
CA GLY H 71 -41.63 -2.35 55.87
C GLY H 71 -42.72 -1.77 55.00
N ILE H 72 -43.67 -2.63 54.68
CA ILE H 72 -44.88 -2.25 53.97
C ILE H 72 -46.04 -2.56 54.89
N ARG H 73 -46.81 -1.54 55.24
CA ARG H 73 -47.92 -1.69 56.16
C ARG H 73 -49.22 -1.71 55.38
N TYR H 74 -50.03 -2.75 55.56
CA TYR H 74 -51.40 -2.74 55.09
C TYR H 74 -52.25 -2.37 56.28
N HIS H 75 -52.69 -1.11 56.34
CA HIS H 75 -53.32 -0.62 57.57
C HIS H 75 -54.10 0.65 57.25
N PRO H 76 -55.21 0.89 57.92
CA PRO H 76 -56.03 2.07 57.57
C PRO H 76 -55.43 3.41 57.97
N GLU H 77 -54.53 3.46 58.95
CA GLU H 77 -53.98 4.74 59.42
C GLU H 77 -52.75 5.07 58.59
N VAL H 78 -52.83 6.16 57.81
CA VAL H 78 -51.74 6.53 56.91
C VAL H 78 -51.39 8.00 57.04
N ASP H 79 -51.40 8.54 58.25
CA ASP H 79 -51.02 9.93 58.48
C ASP H 79 -49.65 10.23 57.87
N PRO H 80 -49.54 11.25 57.02
CA PRO H 80 -48.26 11.52 56.32
C PRO H 80 -47.11 11.83 57.26
N ASP H 81 -47.37 12.57 58.34
CA ASP H 81 -46.31 12.93 59.28
C ASP H 81 -45.82 11.72 60.04
N GLU H 82 -46.71 10.77 60.34
CA GLU H 82 -46.33 9.56 61.02
C GLU H 82 -45.50 8.65 60.11
N VAL H 83 -45.93 8.47 58.87
CA VAL H 83 -45.18 7.56 58.01
C VAL H 83 -43.79 8.12 57.71
N ASN H 84 -43.70 9.44 57.50
CA ASN H 84 -42.38 10.06 57.30
C ASN H 84 -41.47 9.84 58.52
N ALA H 85 -42.02 9.97 59.72
CA ALA H 85 -41.21 9.77 60.92
C ALA H 85 -40.71 8.33 61.00
N LEU H 86 -41.54 7.37 60.58
CA LEU H 86 -41.13 5.96 60.59
C LEU H 86 -40.00 5.72 59.58
N ALA H 87 -40.10 6.31 58.39
CA ALA H 87 -39.03 6.15 57.40
C ALA H 87 -37.73 6.76 57.91
N GLN H 88 -37.83 7.91 58.54
CA GLN H 88 -36.65 8.57 59.06
C GLN H 88 -36.05 7.79 60.22
N LEU H 89 -36.90 7.24 61.08
CA LEU H 89 -36.42 6.42 62.18
C LEU H 89 -35.66 5.21 61.66
N MET H 90 -36.13 4.63 60.55
CA MET H 90 -35.38 3.56 59.88
C MET H 90 -33.98 4.03 59.49
N THR H 91 -33.86 5.25 58.98
CA THR H 91 -32.55 5.76 58.57
C THR H 91 -31.57 5.77 59.73
N TRP H 92 -32.01 6.18 60.94
CA TRP H 92 -31.14 6.18 62.11
C TRP H 92 -30.89 4.77 62.61
N LYS H 93 -31.92 3.91 62.57
CA LYS H 93 -31.79 2.57 63.12
C LYS H 93 -30.74 1.77 62.34
N THR H 94 -30.82 1.79 61.01
CA THR H 94 -29.85 1.09 60.20
C THR H 94 -28.45 1.64 60.43
N ALA H 95 -28.34 2.95 60.63
CA ALA H 95 -27.04 3.58 60.93
C ALA H 95 -26.51 3.15 62.29
N VAL H 96 -27.39 2.93 63.28
CA VAL H 96 -26.92 2.57 64.61
C VAL H 96 -26.21 1.20 64.59
N VAL H 97 -26.78 0.22 63.88
CA VAL H 97 -26.18 -1.11 63.89
C VAL H 97 -25.24 -1.26 62.70
N ASP H 98 -25.03 -0.18 61.97
CA ASP H 98 -24.02 -0.11 60.92
C ASP H 98 -24.30 -1.10 59.79
N ILE H 99 -25.54 -1.19 59.36
CA ILE H 99 -25.82 -1.97 58.16
C ILE H 99 -25.95 -1.01 56.99
N PRO H 100 -25.52 -1.40 55.81
CA PRO H 100 -25.38 -0.42 54.71
C PRO H 100 -26.70 -0.15 54.02
N TYR H 101 -27.60 0.48 54.77
CA TYR H 101 -28.92 0.84 54.28
C TYR H 101 -29.28 2.24 54.73
N GLY H 102 -30.21 2.85 53.99
CA GLY H 102 -31.00 3.97 54.48
C GLY H 102 -32.41 3.55 54.87
N GLY H 103 -33.24 4.54 55.15
CA GLY H 103 -34.59 4.31 55.68
C GLY H 103 -35.70 4.60 54.68
N ALA H 104 -36.73 3.76 54.70
CA ALA H 104 -37.94 3.93 53.92
C ALA H 104 -39.10 3.30 54.68
N LYS H 105 -40.31 3.62 54.26
CA LYS H 105 -41.50 3.05 54.86
C LYS H 105 -42.63 3.24 53.85
N GLY H 106 -43.44 2.20 53.63
CA GLY H 106 -44.52 2.27 52.67
C GLY H 106 -45.72 1.50 53.15
N GLY H 107 -46.73 1.44 52.29
CA GLY H 107 -47.92 0.69 52.63
C GLY H 107 -49.08 1.01 51.71
N ILE H 108 -50.25 0.50 52.11
CA ILE H 108 -51.50 0.75 51.41
C ILE H 108 -52.56 1.05 52.45
N GLY H 109 -53.32 2.11 52.23
CA GLY H 109 -54.41 2.44 53.14
C GLY H 109 -55.61 1.53 52.96
N CYS H 110 -55.67 0.45 53.72
CA CYS H 110 -56.73 -0.54 53.58
C CYS H 110 -56.81 -1.30 54.89
N ASN H 111 -57.92 -2.01 55.08
CA ASN H 111 -58.01 -2.93 56.21
C ASN H 111 -57.90 -4.33 55.67
N PRO H 112 -56.79 -5.04 55.88
CA PRO H 112 -56.64 -6.37 55.27
C PRO H 112 -57.74 -7.35 55.66
N LYS H 113 -58.45 -7.12 56.76
CA LYS H 113 -59.51 -8.04 57.13
C LYS H 113 -60.78 -7.88 56.29
N ASP H 114 -60.94 -6.76 55.58
CA ASP H 114 -62.00 -6.61 54.59
C ASP H 114 -61.68 -7.30 53.27
N LEU H 115 -60.50 -7.91 53.14
CA LEU H 115 -60.00 -8.42 51.86
C LEU H 115 -59.76 -9.92 51.95
N SER H 116 -60.18 -10.64 50.92
CA SER H 116 -59.89 -12.06 50.81
C SER H 116 -58.42 -12.26 50.44
N ILE H 117 -57.95 -13.50 50.58
CA ILE H 117 -56.55 -13.80 50.25
C ILE H 117 -56.28 -13.53 48.78
N SER H 118 -57.28 -13.75 47.92
CA SER H 118 -57.09 -13.49 46.51
C SER H 118 -57.06 -11.99 46.24
N GLU H 119 -57.87 -11.21 46.97
CA GLU H 119 -57.83 -9.77 46.83
C GLU H 119 -56.50 -9.20 47.31
N LEU H 120 -55.97 -9.73 48.42
CA LEU H 120 -54.69 -9.28 48.92
C LEU H 120 -53.57 -9.57 47.93
N GLU H 121 -53.65 -10.71 47.23
CA GLU H 121 -52.62 -10.99 46.24
C GLU H 121 -52.69 -10.00 45.09
N ARG H 122 -53.91 -9.77 44.58
CA ARG H 122 -54.07 -8.84 43.46
C ARG H 122 -53.62 -7.43 43.84
N LEU H 123 -53.98 -7.01 45.05
CA LEU H 123 -53.57 -5.69 45.54
C LEU H 123 -52.06 -5.60 45.68
N THR H 124 -51.43 -6.62 46.25
CA THR H 124 -49.97 -6.61 46.38
C THR H 124 -49.30 -6.57 45.01
N ARG H 125 -49.80 -7.36 44.04
CA ARG H 125 -49.21 -7.35 42.71
C ARG H 125 -49.44 -6.02 42.00
N VAL H 126 -50.63 -5.43 42.16
CA VAL H 126 -50.85 -4.12 41.55
C VAL H 126 -49.95 -3.08 42.19
N PHE H 127 -49.83 -3.11 43.52
CA PHE H 127 -48.92 -2.20 44.19
C PHE H 127 -47.49 -2.36 43.65
N THR H 128 -47.04 -3.60 43.48
CA THR H 128 -45.71 -3.83 42.92
C THR H 128 -45.60 -3.33 41.49
N GLN H 129 -46.62 -3.54 40.66
CA GLN H 129 -46.61 -2.95 39.31
C GLN H 129 -46.46 -1.44 39.38
N LYS H 130 -47.07 -0.80 40.39
CA LYS H 130 -47.01 0.65 40.45
C LYS H 130 -45.72 1.19 41.04
N ILE H 131 -44.89 0.38 41.70
CA ILE H 131 -43.70 0.97 42.30
C ILE H 131 -42.42 0.24 41.88
N HIS H 132 -42.51 -0.70 40.94
CA HIS H 132 -41.32 -1.48 40.62
C HIS H 132 -40.18 -0.60 40.14
N ASP H 133 -40.48 0.50 39.47
CA ASP H 133 -39.38 1.34 39.00
C ASP H 133 -38.74 2.12 40.14
N LEU H 134 -39.30 2.11 41.36
CA LEU H 134 -38.76 2.88 42.47
C LEU H 134 -38.06 2.04 43.52
N ILE H 135 -38.20 0.71 43.45
CA ILE H 135 -37.51 -0.16 44.39
C ILE H 135 -36.50 -0.99 43.62
N GLY H 136 -35.80 -1.85 44.33
CA GLY H 136 -34.80 -2.66 43.68
C GLY H 136 -33.76 -3.06 44.68
N ILE H 137 -32.99 -4.08 44.27
CA ILE H 137 -32.01 -4.75 45.09
C ILE H 137 -30.97 -3.80 45.64
N HIS H 138 -30.62 -2.76 44.88
CA HIS H 138 -29.63 -1.79 45.31
C HIS H 138 -30.26 -0.39 45.40
N ARG H 139 -31.58 -0.33 45.46
CA ARG H 139 -32.32 0.92 45.47
C ARG H 139 -33.20 1.04 46.72
N ASP H 140 -34.10 0.08 46.96
CA ASP H 140 -35.07 0.14 48.06
C ASP H 140 -35.63 -1.26 48.22
N VAL H 141 -35.52 -1.82 49.41
CA VAL H 141 -35.81 -3.23 49.68
C VAL H 141 -36.91 -3.32 50.74
N PRO H 142 -38.14 -3.60 50.34
CA PRO H 142 -39.24 -3.68 51.31
C PRO H 142 -39.13 -4.90 52.21
N ALA H 143 -40.02 -4.94 53.19
CA ALA H 143 -40.02 -5.98 54.20
C ALA H 143 -41.41 -6.08 54.78
N PRO H 144 -41.74 -7.16 55.48
CA PRO H 144 -43.04 -7.24 56.14
C PRO H 144 -43.15 -6.16 57.21
N ASP H 145 -44.39 -5.88 57.60
CA ASP H 145 -44.71 -4.91 58.64
C ASP H 145 -46.14 -5.20 59.06
N MET H 146 -46.81 -4.22 59.66
CA MET H 146 -48.21 -4.40 60.04
C MET H 146 -49.07 -4.75 58.83
N GLY H 147 -49.78 -5.88 58.91
CA GLY H 147 -50.72 -6.31 57.90
C GLY H 147 -50.11 -7.05 56.73
N THR H 148 -48.79 -7.22 56.69
CA THR H 148 -48.15 -7.99 55.64
C THR H 148 -47.29 -9.07 56.29
N ASN H 149 -46.91 -10.07 55.51
CA ASN H 149 -46.15 -11.18 56.04
C ASN H 149 -45.30 -11.74 54.91
N SER H 150 -44.72 -12.92 55.13
CA SER H 150 -43.80 -13.45 54.15
C SER H 150 -44.52 -13.85 52.86
N GLN H 151 -45.80 -14.21 52.94
CA GLN H 151 -46.56 -14.47 51.73
C GLN H 151 -46.71 -13.21 50.89
N THR H 152 -46.93 -12.06 51.55
CA THR H 152 -46.98 -10.79 50.83
C THR H 152 -45.68 -10.56 50.10
N MET H 153 -44.55 -10.84 50.75
CA MET H 153 -43.24 -10.64 50.13
C MET H 153 -43.02 -11.60 48.97
N ALA H 154 -43.51 -12.85 49.09
CA ALA H 154 -43.40 -13.77 47.96
C ALA H 154 -44.11 -13.21 46.74
N TRP H 155 -45.28 -12.59 46.95
CA TRP H 155 -46.02 -11.98 45.83
C TRP H 155 -45.27 -10.80 45.24
N ILE H 156 -44.64 -9.97 46.07
CA ILE H 156 -43.86 -8.84 45.55
C ILE H 156 -42.69 -9.34 44.73
N LEU H 157 -41.94 -10.30 45.27
CA LEU H 157 -40.84 -10.91 44.52
C LEU H 157 -41.32 -11.44 43.17
N ASP H 158 -42.44 -12.18 43.16
CA ASP H 158 -42.88 -12.79 41.92
C ASP H 158 -43.29 -11.74 40.90
N GLU H 159 -43.98 -10.70 41.33
CA GLU H 159 -44.42 -9.68 40.39
C GLU H 159 -43.25 -8.79 39.97
N TYR H 160 -42.41 -8.38 40.92
CA TYR H 160 -41.27 -7.55 40.58
C TYR H 160 -40.38 -8.24 39.56
N SER H 161 -40.21 -9.56 39.69
CA SER H 161 -39.30 -10.31 38.84
C SER H 161 -39.78 -10.40 37.41
N LYS H 162 -41.08 -10.25 37.15
CA LYS H 162 -41.55 -10.14 35.76
C LYS H 162 -40.96 -8.90 35.09
N PHE H 163 -40.75 -7.82 35.85
CA PHE H 163 -40.27 -6.59 35.24
C PHE H 163 -38.77 -6.52 35.16
N HIS H 164 -38.04 -7.18 36.08
CA HIS H 164 -36.59 -7.00 36.17
C HIS H 164 -35.85 -8.31 36.27
N GLY H 165 -36.50 -9.43 36.05
CA GLY H 165 -35.90 -10.74 36.19
C GLY H 165 -35.84 -11.20 37.64
N HIS H 166 -35.62 -12.50 37.81
CA HIS H 166 -35.54 -13.10 39.14
C HIS H 166 -34.66 -12.29 40.11
N SER H 167 -35.24 -11.70 41.15
CA SER H 167 -34.51 -10.77 42.02
C SER H 167 -34.80 -11.06 43.48
N PRO H 168 -34.34 -12.21 43.99
CA PRO H 168 -34.68 -12.58 45.38
C PRO H 168 -34.24 -11.52 46.39
N ALA H 169 -33.23 -10.70 46.09
CA ALA H 169 -32.85 -9.71 47.09
C ALA H 169 -33.72 -8.46 47.09
N VAL H 170 -34.73 -8.35 46.22
CA VAL H 170 -35.52 -7.13 46.17
C VAL H 170 -36.39 -6.95 47.43
N VAL H 171 -36.58 -8.02 48.20
CA VAL H 171 -37.46 -7.98 49.36
C VAL H 171 -36.87 -8.90 50.41
N THR H 172 -37.02 -8.54 51.70
CA THR H 172 -36.58 -9.43 52.78
C THR H 172 -37.80 -9.99 53.51
N GLY H 173 -37.56 -10.89 54.46
CA GLY H 173 -38.67 -11.57 55.08
C GLY H 173 -39.38 -12.58 54.20
N LYS H 174 -38.71 -13.14 53.19
CA LYS H 174 -39.33 -14.11 52.29
C LYS H 174 -39.53 -15.48 52.98
N PRO H 175 -40.41 -16.32 52.45
CA PRO H 175 -40.45 -17.73 52.90
C PRO H 175 -39.10 -18.40 52.69
N ILE H 176 -38.75 -19.35 53.55
CA ILE H 176 -37.49 -20.07 53.38
C ILE H 176 -37.39 -20.66 51.97
N ASP H 177 -38.49 -21.25 51.47
CA ASP H 177 -38.53 -21.88 50.16
C ASP H 177 -38.22 -20.93 49.03
N LEU H 178 -38.24 -19.62 49.26
CA LEU H 178 -37.98 -18.63 48.23
C LEU H 178 -36.82 -17.71 48.61
N GLY H 179 -35.87 -18.18 49.41
CA GLY H 179 -34.69 -17.38 49.70
C GLY H 179 -34.72 -16.62 51.00
N GLY H 180 -35.68 -16.90 51.88
CA GLY H 180 -35.63 -16.31 53.19
C GLY H 180 -34.47 -16.88 53.99
N SER H 181 -34.07 -16.14 55.02
CA SER H 181 -32.94 -16.54 55.86
C SER H 181 -33.40 -17.38 57.05
N LEU H 182 -32.54 -18.32 57.44
CA LEU H 182 -32.70 -18.97 58.74
C LEU H 182 -32.45 -17.94 59.83
N GLY H 183 -33.01 -18.21 61.00
CA GLY H 183 -32.79 -17.37 62.16
C GLY H 183 -33.61 -16.11 62.20
N ARG H 184 -34.51 -15.92 61.24
CA ARG H 184 -35.26 -14.68 61.15
C ARG H 184 -36.26 -14.58 62.30
N GLU H 185 -36.94 -15.68 62.63
CA GLU H 185 -37.97 -15.61 63.63
C GLU H 185 -37.42 -15.26 65.00
N ALA H 186 -36.30 -15.84 65.39
CA ALA H 186 -35.67 -15.52 66.67
C ALA H 186 -34.86 -14.23 66.64
N ALA H 187 -34.71 -13.59 65.47
CA ALA H 187 -33.69 -12.55 65.28
C ALA H 187 -33.81 -11.43 66.30
N THR H 188 -35.02 -10.89 66.49
CA THR H 188 -35.19 -9.75 67.38
C THR H 188 -34.95 -10.15 68.84
N GLY H 189 -35.57 -11.24 69.29
CA GLY H 189 -35.41 -11.63 70.68
C GLY H 189 -33.98 -11.99 71.03
N LEU H 190 -33.30 -12.71 70.14
CA LEU H 190 -31.91 -13.07 70.39
C LEU H 190 -31.01 -11.82 70.40
N GLY H 191 -31.24 -10.89 69.46
CA GLY H 191 -30.49 -9.65 69.45
C GLY H 191 -30.67 -8.86 70.73
N VAL H 192 -31.89 -8.88 71.28
CA VAL H 192 -32.13 -8.25 72.58
C VAL H 192 -31.20 -8.82 73.64
N VAL H 193 -30.97 -10.13 73.61
CA VAL H 193 -30.11 -10.73 74.64
C VAL H 193 -28.64 -10.43 74.40
N PHE H 194 -28.19 -10.47 73.13
CA PHE H 194 -26.80 -10.10 72.83
C PHE H 194 -26.52 -8.67 73.27
N ALA H 195 -27.45 -7.76 72.98
CA ALA H 195 -27.32 -6.39 73.45
C ALA H 195 -27.20 -6.35 74.96
N THR H 196 -27.98 -7.18 75.64
CA THR H 196 -27.95 -7.22 77.09
C THR H 196 -26.64 -7.79 77.61
N GLU H 197 -26.12 -8.85 76.99
CA GLU H 197 -24.82 -9.38 77.38
C GLU H 197 -23.74 -8.31 77.27
N ALA H 198 -23.71 -7.58 76.16
CA ALA H 198 -22.67 -6.57 76.00
C ALA H 198 -22.80 -5.49 77.06
N LEU H 199 -24.03 -5.07 77.37
CA LEU H 199 -24.27 -4.08 78.40
C LEU H 199 -23.77 -4.56 79.76
N PHE H 200 -24.13 -5.79 80.16
CA PHE H 200 -23.79 -6.26 81.49
C PHE H 200 -22.29 -6.52 81.60
N ALA H 201 -21.61 -6.82 80.49
CA ALA H 201 -20.16 -6.99 80.52
C ALA H 201 -19.47 -5.72 81.00
N GLU H 202 -20.08 -4.55 80.76
CA GLU H 202 -19.51 -3.30 81.23
C GLU H 202 -19.35 -3.28 82.75
N TYR H 203 -20.19 -4.04 83.44
CA TYR H 203 -20.14 -4.17 84.89
C TYR H 203 -19.47 -5.46 85.35
N GLY H 204 -18.84 -6.18 84.44
CA GLY H 204 -18.28 -7.48 84.77
C GLY H 204 -19.30 -8.51 85.19
N LYS H 205 -20.57 -8.32 84.82
CA LYS H 205 -21.66 -9.20 85.21
C LYS H 205 -22.12 -10.03 84.01
N SER H 206 -22.91 -11.06 84.31
CA SER H 206 -23.48 -11.96 83.31
C SER H 206 -24.99 -11.98 83.46
N ILE H 207 -25.66 -12.52 82.44
CA ILE H 207 -27.11 -12.69 82.51
C ILE H 207 -27.47 -13.62 83.65
N SER H 208 -26.62 -14.64 83.91
CA SER H 208 -26.89 -15.57 85.00
C SER H 208 -26.82 -14.88 86.35
N ASP H 209 -26.30 -13.66 86.41
CA ASP H 209 -26.25 -12.91 87.65
C ASP H 209 -27.54 -12.14 87.90
N MET H 210 -28.43 -12.06 86.92
CA MET H 210 -29.55 -11.14 86.98
C MET H 210 -30.87 -11.90 86.99
N THR H 211 -31.88 -11.24 87.56
CA THR H 211 -33.27 -11.63 87.48
C THR H 211 -34.02 -10.71 86.52
N PHE H 212 -35.05 -11.25 85.88
CA PHE H 212 -35.71 -10.59 84.76
C PHE H 212 -37.21 -10.58 84.95
N ALA H 213 -37.82 -9.45 84.62
CA ALA H 213 -39.27 -9.34 84.44
C ALA H 213 -39.50 -8.94 82.99
N ILE H 214 -40.37 -9.67 82.31
CA ILE H 214 -40.59 -9.50 80.89
C ILE H 214 -42.07 -9.23 80.69
N GLN H 215 -42.40 -8.10 80.05
CA GLN H 215 -43.78 -7.76 79.72
C GLN H 215 -44.02 -8.06 78.25
N GLY H 216 -44.90 -9.03 77.99
CA GLY H 216 -45.17 -9.47 76.64
C GLY H 216 -44.48 -10.77 76.35
N PHE H 217 -45.18 -11.70 75.72
CA PHE H 217 -44.70 -13.06 75.50
C PHE H 217 -45.12 -13.50 74.11
N GLY H 218 -44.83 -12.65 73.13
CA GLY H 218 -45.06 -12.92 71.74
C GLY H 218 -43.78 -13.32 71.04
N ASN H 219 -43.63 -12.85 69.81
CA ASN H 219 -42.46 -13.21 69.02
C ASN H 219 -41.18 -12.72 69.68
N VAL H 220 -41.20 -11.50 70.22
CA VAL H 220 -40.01 -10.98 70.88
C VAL H 220 -39.86 -11.59 72.27
N GLY H 221 -40.94 -11.58 73.06
CA GLY H 221 -40.82 -12.01 74.44
C GLY H 221 -40.44 -13.47 74.59
N THR H 222 -41.04 -14.35 73.77
CA THR H 222 -40.75 -15.77 73.90
C THR H 222 -39.30 -16.09 73.59
N TRP H 223 -38.75 -15.50 72.53
CA TRP H 223 -37.37 -15.80 72.16
C TRP H 223 -36.40 -15.15 73.13
N ALA H 224 -36.70 -13.92 73.55
CA ALA H 224 -35.87 -13.26 74.55
C ALA H 224 -35.84 -14.07 75.84
N ALA H 225 -37.02 -14.45 76.34
CA ALA H 225 -37.09 -15.27 77.55
C ALA H 225 -36.29 -16.56 77.38
N LYS H 226 -36.45 -17.22 76.23
CA LYS H 226 -35.72 -18.47 75.95
C LYS H 226 -34.22 -18.22 75.94
N ALA H 227 -33.78 -17.17 75.25
CA ALA H 227 -32.36 -16.88 75.16
C ALA H 227 -31.79 -16.47 76.51
N ILE H 228 -32.58 -15.78 77.32
CA ILE H 228 -32.16 -15.46 78.68
C ILE H 228 -32.05 -16.75 79.50
N PHE H 229 -33.08 -17.61 79.39
CA PHE H 229 -33.14 -18.83 80.19
C PHE H 229 -31.96 -19.76 79.87
N GLU H 230 -31.61 -19.88 78.60
CA GLU H 230 -30.50 -20.72 78.21
C GLU H 230 -29.15 -20.16 78.66
N ARG H 231 -29.09 -18.89 79.06
CA ARG H 231 -27.87 -18.27 79.56
C ARG H 231 -27.83 -18.16 81.09
N GLY H 232 -28.73 -18.84 81.80
CA GLY H 232 -28.73 -18.80 83.24
C GLY H 232 -29.46 -17.63 83.86
N GLY H 233 -30.08 -16.77 83.05
CA GLY H 233 -30.92 -15.72 83.59
C GLY H 233 -32.17 -16.29 84.23
N LYS H 234 -32.65 -15.60 85.25
CA LYS H 234 -33.79 -16.08 86.01
C LYS H 234 -34.96 -15.14 85.76
N VAL H 235 -35.77 -15.51 84.77
CA VAL H 235 -37.01 -14.81 84.44
C VAL H 235 -37.98 -15.04 85.59
N VAL H 236 -38.21 -14.01 86.41
CA VAL H 236 -39.02 -14.15 87.62
C VAL H 236 -40.47 -13.74 87.40
N ALA H 237 -40.78 -13.09 86.29
CA ALA H 237 -42.16 -12.67 86.03
C ALA H 237 -42.33 -12.46 84.53
N VAL H 238 -43.44 -12.99 84.01
CA VAL H 238 -43.81 -12.85 82.61
C VAL H 238 -45.27 -12.49 82.57
N SER H 239 -45.61 -11.48 81.76
CA SER H 239 -47.01 -11.09 81.57
C SER H 239 -47.29 -11.04 80.08
N ASP H 240 -48.58 -11.06 79.76
CA ASP H 240 -49.06 -10.75 78.41
C ASP H 240 -50.41 -10.08 78.56
N ILE H 241 -51.22 -10.13 77.50
CA ILE H 241 -52.48 -9.40 77.49
C ILE H 241 -53.53 -10.04 78.39
N ASN H 242 -53.40 -11.34 78.74
CA ASN H 242 -54.44 -12.08 79.44
C ASN H 242 -54.11 -12.43 80.89
N GLY H 243 -52.88 -12.24 81.33
CA GLY H 243 -52.51 -12.69 82.65
C GLY H 243 -51.02 -12.55 82.87
N ALA H 244 -50.56 -13.15 83.96
CA ALA H 244 -49.16 -13.05 84.36
C ALA H 244 -48.80 -14.23 85.25
N ILE H 245 -47.52 -14.50 85.35
CA ILE H 245 -46.98 -15.59 86.17
C ILE H 245 -45.78 -15.03 86.92
N SER H 246 -45.61 -15.50 88.16
CA SER H 246 -44.56 -15.01 89.03
C SER H 246 -43.89 -16.21 89.70
N ASN H 247 -42.57 -16.12 89.86
CA ASN H 247 -41.82 -17.13 90.57
C ASN H 247 -40.49 -16.54 91.02
N PRO H 248 -40.30 -16.29 92.33
CA PRO H 248 -39.04 -15.66 92.77
C PRO H 248 -37.79 -16.49 92.48
N ASN H 249 -37.91 -17.81 92.27
CA ASN H 249 -36.77 -18.60 91.78
C ASN H 249 -36.52 -18.26 90.32
N GLY H 250 -37.41 -18.72 89.46
CA GLY H 250 -37.27 -18.60 88.02
C GLY H 250 -38.22 -19.54 87.33
N ILE H 251 -39.04 -19.02 86.42
CA ILE H 251 -39.96 -19.89 85.69
C ILE H 251 -39.17 -20.75 84.73
N ASP H 252 -39.51 -22.03 84.70
CA ASP H 252 -38.94 -22.95 83.69
C ASP H 252 -39.48 -22.49 82.34
N ILE H 253 -38.66 -21.70 81.63
CA ILE H 253 -39.11 -21.08 80.38
C ILE H 253 -39.36 -22.15 79.33
N ALA H 254 -38.54 -23.20 79.32
CA ALA H 254 -38.79 -24.33 78.42
C ALA H 254 -40.17 -24.93 78.69
N ALA H 255 -40.47 -25.21 79.96
CA ALA H 255 -41.78 -25.74 80.32
C ALA H 255 -42.87 -24.70 80.08
N LEU H 256 -42.58 -23.43 80.35
CA LEU H 256 -43.54 -22.36 80.08
C LEU H 256 -43.82 -22.23 78.59
N LEU H 257 -42.78 -22.32 77.75
CA LEU H 257 -42.97 -22.24 76.31
C LEU H 257 -43.77 -23.42 75.78
N LYS H 258 -43.49 -24.63 76.28
CA LYS H 258 -44.29 -25.78 75.89
C LYS H 258 -45.74 -25.64 76.37
N HIS H 259 -45.94 -25.05 77.55
CA HIS H 259 -47.29 -24.76 78.02
C HIS H 259 -48.00 -23.78 77.08
N LYS H 260 -47.32 -22.71 76.67
CA LYS H 260 -47.97 -21.76 75.78
C LYS H 260 -48.28 -22.41 74.44
N ALA H 261 -47.35 -23.23 73.93
CA ALA H 261 -47.57 -23.90 72.65
C ALA H 261 -48.75 -24.84 72.71
N GLY H 262 -49.06 -25.36 73.90
CA GLY H 262 -50.22 -26.19 74.10
C GLY H 262 -51.46 -25.39 74.46
N ASN H 263 -51.47 -24.11 74.06
CA ASN H 263 -52.61 -23.22 74.29
C ASN H 263 -52.85 -22.98 75.78
N GLY H 264 -51.78 -22.92 76.55
CA GLY H 264 -51.91 -22.60 77.95
C GLY H 264 -51.84 -21.10 78.20
N SER H 265 -52.39 -20.68 79.34
CA SER H 265 -52.40 -19.29 79.76
C SER H 265 -51.38 -19.09 80.88
N LEU H 266 -50.77 -17.90 80.90
CA LEU H 266 -49.70 -17.62 81.85
C LEU H 266 -50.13 -17.81 83.29
N LYS H 267 -51.31 -17.32 83.67
CA LYS H 267 -51.69 -17.45 85.08
C LYS H 267 -52.06 -18.87 85.46
N ASP H 268 -52.16 -19.79 84.50
CA ASP H 268 -52.50 -21.19 84.77
C ASP H 268 -51.30 -22.13 84.68
N PHE H 269 -50.11 -21.60 84.39
CA PHE H 269 -48.91 -22.42 84.43
C PHE H 269 -48.61 -22.82 85.87
N SER H 270 -48.26 -24.08 86.08
CA SER H 270 -48.09 -24.62 87.42
C SER H 270 -46.70 -24.37 87.99
N GLY H 271 -45.72 -23.99 87.15
CA GLY H 271 -44.38 -23.72 87.63
C GLY H 271 -44.20 -22.28 88.07
N GLY H 272 -45.26 -21.68 88.59
CA GLY H 272 -45.22 -20.33 89.12
C GLY H 272 -46.52 -20.00 89.82
N ASP H 273 -46.59 -18.79 90.34
CA ASP H 273 -47.78 -18.27 90.99
C ASP H 273 -48.42 -17.22 90.10
N ALA H 274 -49.74 -17.29 89.93
CA ALA H 274 -50.43 -16.28 89.13
C ALA H 274 -50.23 -14.90 89.74
N MET H 275 -50.19 -13.90 88.87
CA MET H 275 -49.82 -12.54 89.24
C MET H 275 -50.79 -11.59 88.55
N ASN H 276 -50.98 -10.43 89.15
CA ASN H 276 -51.72 -9.39 88.46
C ASN H 276 -50.85 -8.79 87.37
N PRO H 277 -51.28 -8.81 86.11
CA PRO H 277 -50.45 -8.27 85.03
C PRO H 277 -50.08 -6.80 85.20
N ASN H 278 -50.92 -6.00 85.84
CA ASN H 278 -50.62 -4.58 86.01
C ASN H 278 -49.48 -4.32 86.98
N ASP H 279 -49.01 -5.34 87.69
CA ASP H 279 -47.90 -5.22 88.62
C ASP H 279 -46.57 -5.64 88.00
N LEU H 280 -46.56 -6.03 86.72
CA LEU H 280 -45.33 -6.55 86.12
C LEU H 280 -44.24 -5.50 86.11
N LEU H 281 -44.60 -4.23 85.95
CA LEU H 281 -43.58 -3.20 85.74
C LEU H 281 -42.92 -2.78 87.05
N VAL H 282 -43.59 -2.95 88.19
CA VAL H 282 -43.03 -2.60 89.48
C VAL H 282 -42.45 -3.83 90.18
N HIS H 283 -42.32 -4.94 89.48
CA HIS H 283 -41.82 -6.17 90.09
C HIS H 283 -40.37 -6.00 90.54
N ASP H 284 -40.07 -6.59 91.69
CA ASP H 284 -38.72 -6.56 92.26
C ASP H 284 -37.82 -7.50 91.47
N CYS H 285 -36.85 -6.94 90.76
CA CYS H 285 -35.96 -7.72 89.90
C CYS H 285 -34.78 -6.83 89.54
N ASP H 286 -33.78 -7.43 88.89
CA ASP H 286 -32.67 -6.64 88.37
C ASP H 286 -33.01 -6.03 87.02
N VAL H 287 -33.68 -6.79 86.15
CA VAL H 287 -33.84 -6.40 84.76
C VAL H 287 -35.33 -6.40 84.40
N LEU H 288 -35.78 -5.30 83.81
CA LEU H 288 -37.12 -5.15 83.27
C LEU H 288 -37.03 -5.06 81.76
N ILE H 289 -37.84 -5.86 81.06
CA ILE H 289 -37.81 -5.85 79.61
C ILE H 289 -39.23 -5.65 79.06
N PRO H 290 -39.63 -4.43 78.73
CA PRO H 290 -40.92 -4.24 78.05
C PRO H 290 -40.87 -4.79 76.63
N CYS H 291 -41.78 -5.72 76.32
CA CYS H 291 -41.84 -6.34 75.01
C CYS H 291 -43.24 -6.28 74.41
N ALA H 292 -44.09 -5.36 74.87
CA ALA H 292 -45.49 -5.38 74.48
C ALA H 292 -45.90 -4.13 73.71
N LEU H 293 -45.95 -2.97 74.36
CA LEU H 293 -46.55 -1.78 73.80
C LEU H 293 -45.68 -0.59 74.16
N GLY H 294 -45.93 0.53 73.51
CA GLY H 294 -45.24 1.75 73.88
C GLY H 294 -45.95 2.51 74.96
N GLY H 295 -45.23 3.45 75.58
CA GLY H 295 -45.86 4.30 76.57
C GLY H 295 -46.29 3.59 77.83
N VAL H 296 -45.66 2.46 78.18
CA VAL H 296 -46.05 1.75 79.39
C VAL H 296 -45.40 2.34 80.63
N LEU H 297 -44.31 3.09 80.46
CA LEU H 297 -43.62 3.75 81.57
C LEU H 297 -43.92 5.24 81.46
N ASN H 298 -44.64 5.77 82.44
CA ASN H 298 -44.95 7.19 82.51
C ASN H 298 -44.73 7.66 83.94
N LYS H 299 -45.10 8.90 84.24
CA LYS H 299 -44.77 9.46 85.55
C LYS H 299 -45.54 8.80 86.71
N GLU H 300 -46.63 8.09 86.44
CA GLU H 300 -47.37 7.43 87.53
C GLU H 300 -46.55 6.30 88.14
N ASN H 301 -45.94 5.46 87.32
CA ASN H 301 -45.29 4.25 87.78
C ASN H 301 -43.77 4.32 87.77
N ALA H 302 -43.18 5.32 87.10
CA ALA H 302 -41.72 5.42 87.02
C ALA H 302 -41.08 5.48 88.41
N ASN H 303 -41.69 6.23 89.32
CA ASN H 303 -41.14 6.33 90.66
C ASN H 303 -41.19 5.02 91.42
N ASP H 304 -41.88 4.00 90.89
CA ASP H 304 -42.00 2.71 91.58
C ASP H 304 -41.54 1.52 90.74
N VAL H 305 -40.77 1.76 89.68
CA VAL H 305 -40.05 0.68 89.02
C VAL H 305 -38.85 0.32 89.89
N LYS H 306 -38.64 -0.99 90.10
CA LYS H 306 -37.62 -1.43 91.04
C LYS H 306 -36.34 -1.93 90.37
N ALA H 307 -36.40 -2.35 89.12
CA ALA H 307 -35.22 -2.83 88.41
C ALA H 307 -34.19 -1.71 88.23
N LYS H 308 -32.93 -2.09 88.06
CA LYS H 308 -31.88 -1.12 87.74
C LYS H 308 -31.51 -1.12 86.26
N PHE H 309 -32.14 -1.96 85.45
CA PHE H 309 -31.97 -1.95 84.00
C PHE H 309 -33.32 -2.11 83.34
N ILE H 310 -33.53 -1.37 82.25
CA ILE H 310 -34.72 -1.50 81.41
C ILE H 310 -34.27 -1.73 79.99
N ILE H 311 -34.64 -2.87 79.41
CA ILE H 311 -34.29 -3.20 78.03
C ILE H 311 -35.51 -2.88 77.17
N GLU H 312 -35.43 -1.80 76.39
CA GLU H 312 -36.56 -1.37 75.58
C GLU H 312 -36.62 -2.23 74.33
N ALA H 313 -37.40 -3.32 74.40
CA ALA H 313 -37.59 -4.16 73.23
C ALA H 313 -38.78 -3.70 72.40
N ALA H 314 -39.88 -3.34 73.05
CA ALA H 314 -40.98 -2.71 72.35
C ALA H 314 -40.57 -1.32 71.89
N ASN H 315 -41.39 -0.73 71.04
CA ASN H 315 -41.12 0.61 70.54
C ASN H 315 -41.65 1.65 71.52
N HIS H 316 -40.78 2.57 71.91
CA HIS H 316 -41.15 3.74 72.71
C HIS H 316 -41.89 3.36 73.99
N PRO H 317 -41.36 2.43 74.79
CA PRO H 317 -42.05 2.07 76.04
C PRO H 317 -41.87 3.09 77.15
N THR H 318 -40.89 3.98 77.06
CA THR H 318 -40.60 5.00 78.06
C THR H 318 -40.86 6.37 77.47
N ASP H 319 -41.81 7.11 78.05
CA ASP H 319 -42.04 8.48 77.63
C ASP H 319 -40.97 9.39 78.23
N PRO H 320 -40.86 10.63 77.74
CA PRO H 320 -39.76 11.49 78.24
C PRO H 320 -39.83 11.75 79.74
N ASP H 321 -41.03 11.75 80.31
CA ASP H 321 -41.16 11.95 81.75
C ASP H 321 -40.52 10.80 82.53
N ALA H 322 -40.84 9.56 82.14
CA ALA H 322 -40.23 8.41 82.82
C ALA H 322 -38.72 8.37 82.60
N ASP H 323 -38.28 8.73 81.39
CA ASP H 323 -36.84 8.76 81.10
C ASP H 323 -36.10 9.64 82.10
N GLU H 324 -36.66 10.80 82.45
CA GLU H 324 -36.01 11.68 83.42
C GLU H 324 -36.04 11.08 84.83
N ILE H 325 -37.21 10.59 85.25
CA ILE H 325 -37.35 10.03 86.59
C ILE H 325 -36.42 8.84 86.77
N LEU H 326 -36.45 7.91 85.81
CA LEU H 326 -35.62 6.71 85.91
C LEU H 326 -34.14 7.06 85.85
N SER H 327 -33.76 8.07 85.07
CA SER H 327 -32.36 8.46 84.98
C SER H 327 -31.84 8.92 86.33
N LYS H 328 -32.50 9.91 86.94
CA LYS H 328 -32.07 10.44 88.22
C LYS H 328 -32.09 9.37 89.32
N LYS H 329 -32.89 8.32 89.17
CA LYS H 329 -32.81 7.24 90.14
C LYS H 329 -31.66 6.28 89.89
N GLY H 330 -30.84 6.55 88.87
CA GLY H 330 -29.71 5.70 88.52
C GLY H 330 -30.02 4.49 87.67
N VAL H 331 -31.23 4.42 87.11
CA VAL H 331 -31.61 3.31 86.25
C VAL H 331 -31.01 3.51 84.86
N ILE H 332 -30.47 2.43 84.31
CA ILE H 332 -29.85 2.45 83.01
C ILE H 332 -30.84 1.85 82.01
N ILE H 333 -31.11 2.58 80.93
CA ILE H 333 -32.11 2.19 79.95
C ILE H 333 -31.42 1.93 78.62
N LEU H 334 -31.49 0.69 78.14
CA LEU H 334 -30.97 0.34 76.82
C LEU H 334 -32.03 0.69 75.77
N PRO H 335 -31.77 1.63 74.86
CA PRO H 335 -32.85 2.21 74.05
C PRO H 335 -33.33 1.32 72.92
N ASP H 336 -34.62 1.50 72.61
CA ASP H 336 -35.33 0.68 71.64
C ASP H 336 -34.66 0.69 70.26
N VAL H 337 -34.23 1.86 69.81
CA VAL H 337 -33.69 1.99 68.46
C VAL H 337 -32.52 1.06 68.26
N TYR H 338 -31.81 0.71 69.34
CA TYR H 338 -30.72 -0.25 69.27
C TYR H 338 -31.16 -1.64 69.68
N ALA H 339 -31.87 -1.75 70.80
CA ALA H 339 -32.04 -3.05 71.46
C ALA H 339 -32.78 -4.05 70.58
N ASN H 340 -33.77 -3.61 69.81
CA ASN H 340 -34.57 -4.52 69.01
C ASN H 340 -34.13 -4.59 67.55
N ALA H 341 -32.91 -4.14 67.25
CA ALA H 341 -32.45 -4.06 65.87
C ALA H 341 -31.99 -5.40 65.34
N GLY H 342 -32.14 -6.47 66.12
CA GLY H 342 -31.78 -7.77 65.61
C GLY H 342 -32.57 -8.14 64.37
N GLY H 343 -33.84 -7.71 64.33
CA GLY H 343 -34.68 -8.04 63.20
C GLY H 343 -34.21 -7.43 61.90
N VAL H 344 -33.95 -6.11 61.91
CA VAL H 344 -33.49 -5.48 60.69
C VAL H 344 -32.08 -5.97 60.36
N THR H 345 -31.29 -6.33 61.37
CA THR H 345 -29.93 -6.78 61.12
C THR H 345 -29.91 -8.09 60.37
N VAL H 346 -30.76 -9.05 60.78
CA VAL H 346 -30.85 -10.31 60.08
C VAL H 346 -31.50 -10.13 58.71
N SER H 347 -32.37 -9.12 58.54
CA SER H 347 -32.89 -8.83 57.21
C SER H 347 -31.78 -8.43 56.25
N TYR H 348 -30.80 -7.66 56.73
CA TYR H 348 -29.59 -7.40 55.94
C TYR H 348 -28.86 -8.70 55.59
N PHE H 349 -28.69 -9.61 56.55
CA PHE H 349 -28.04 -10.88 56.24
C PHE H 349 -28.84 -11.66 55.19
N GLU H 350 -30.17 -11.58 55.23
CA GLU H 350 -30.98 -12.23 54.19
C GLU H 350 -30.65 -11.65 52.80
N TRP H 351 -30.62 -10.33 52.71
CA TRP H 351 -30.21 -9.65 51.47
C TRP H 351 -28.81 -10.10 51.03
N VAL H 352 -27.86 -10.12 51.96
CA VAL H 352 -26.51 -10.54 51.64
C VAL H 352 -26.49 -11.97 51.08
N GLN H 353 -27.20 -12.89 51.75
CA GLN H 353 -27.24 -14.26 51.29
C GLN H 353 -27.81 -14.36 49.87
N ASN H 354 -28.85 -13.58 49.58
CA ASN H 354 -29.43 -13.59 48.25
C ASN H 354 -28.45 -13.01 47.23
N ILE H 355 -27.81 -11.89 47.57
CA ILE H 355 -26.89 -11.28 46.61
C ILE H 355 -25.71 -12.19 46.35
N GLN H 356 -25.30 -12.96 47.35
CA GLN H 356 -24.22 -13.91 47.21
C GLN H 356 -24.65 -15.24 46.61
N GLY H 357 -25.94 -15.42 46.34
CA GLY H 357 -26.47 -16.61 45.70
C GLY H 357 -26.30 -17.88 46.50
N PHE H 358 -26.17 -17.77 47.82
CA PHE H 358 -25.71 -18.91 48.60
C PHE H 358 -26.11 -18.68 50.06
N MET H 359 -26.98 -19.53 50.59
CA MET H 359 -27.53 -19.28 51.93
C MET H 359 -26.57 -19.73 53.04
N TRP H 360 -26.68 -19.07 54.18
CA TRP H 360 -25.92 -19.40 55.37
C TRP H 360 -26.67 -20.37 56.26
N ASP H 361 -25.94 -21.14 57.06
CA ASP H 361 -26.65 -21.90 58.07
C ASP H 361 -26.95 -21.02 59.29
N GLU H 362 -27.83 -21.54 60.16
CA GLU H 362 -28.34 -20.72 61.25
C GLU H 362 -27.25 -20.35 62.24
N GLU H 363 -26.24 -21.21 62.38
CA GLU H 363 -25.15 -20.89 63.29
C GLU H 363 -24.38 -19.68 62.79
N LYS H 364 -24.18 -19.60 61.46
CA LYS H 364 -23.51 -18.44 60.88
C LYS H 364 -24.35 -17.16 61.02
N VAL H 365 -25.66 -17.25 60.81
CA VAL H 365 -26.49 -16.08 60.98
C VAL H 365 -26.34 -15.51 62.39
N ASN H 366 -26.42 -16.38 63.39
CA ASN H 366 -26.41 -15.88 64.77
C ASN H 366 -25.04 -15.38 65.17
N GLN H 367 -23.99 -16.01 64.67
CA GLN H 367 -22.65 -15.52 64.91
C GLN H 367 -22.48 -14.09 64.40
N GLU H 368 -22.97 -13.80 63.18
CA GLU H 368 -22.85 -12.45 62.65
C GLU H 368 -23.78 -11.47 63.37
N LEU H 369 -24.98 -11.92 63.76
CA LEU H 369 -25.86 -11.08 64.57
C LEU H 369 -25.19 -10.67 65.89
N LYS H 370 -24.53 -11.62 66.57
CA LYS H 370 -23.84 -11.26 67.81
C LYS H 370 -22.74 -10.26 67.52
N ARG H 371 -21.96 -10.50 66.47
CA ARG H 371 -20.90 -9.58 66.12
C ARG H 371 -21.45 -8.18 65.83
N TYR H 372 -22.57 -8.09 65.11
CA TYR H 372 -23.10 -6.77 64.79
C TYR H 372 -23.68 -6.09 66.02
N MET H 373 -24.46 -6.82 66.83
CA MET H 373 -25.03 -6.20 68.02
C MET H 373 -23.94 -5.82 69.01
N THR H 374 -22.87 -6.62 69.11
CA THR H 374 -21.81 -6.31 70.06
C THR H 374 -21.05 -5.07 69.63
N LYS H 375 -20.59 -5.05 68.38
CA LYS H 375 -19.89 -3.89 67.84
C LYS H 375 -20.73 -2.62 67.99
N ALA H 376 -22.05 -2.73 67.80
CA ALA H 376 -22.91 -1.57 67.92
C ALA H 376 -22.95 -1.07 69.35
N PHE H 377 -22.96 -1.96 70.31
CA PHE H 377 -22.95 -1.48 71.68
C PHE H 377 -21.65 -0.76 72.01
N ASN H 378 -20.51 -1.30 71.55
CA ASN H 378 -19.23 -0.66 71.80
C ASN H 378 -19.21 0.76 71.26
N ASP H 379 -19.70 0.93 70.03
CA ASP H 379 -19.77 2.24 69.41
C ASP H 379 -20.72 3.16 70.16
N ILE H 380 -21.87 2.63 70.62
CA ILE H 380 -22.78 3.43 71.44
C ILE H 380 -22.10 3.88 72.72
N LYS H 381 -21.40 2.95 73.39
CA LYS H 381 -20.73 3.28 74.66
C LYS H 381 -19.66 4.34 74.44
N ALA H 382 -18.92 4.24 73.32
CA ALA H 382 -17.88 5.21 73.02
C ALA H 382 -18.44 6.63 72.86
N ASN H 383 -19.56 6.74 72.15
CA ASN H 383 -20.22 8.04 72.00
C ASN H 383 -20.65 8.64 73.33
N CYS H 384 -21.20 7.80 74.22
CA CYS H 384 -21.57 8.26 75.56
C CYS H 384 -20.38 8.86 76.29
N LYS H 385 -19.22 8.22 76.17
CA LYS H 385 -18.03 8.75 76.85
C LYS H 385 -17.54 10.04 76.19
N THR H 386 -17.66 10.14 74.86
CA THR H 386 -17.27 11.37 74.18
C THR H 386 -18.23 12.51 74.46
N HIS H 387 -19.53 12.22 74.54
CA HIS H 387 -20.53 13.26 74.70
C HIS H 387 -21.07 13.38 76.11
N ASN H 388 -20.66 12.51 77.02
CA ASN H 388 -21.16 12.54 78.39
C ASN H 388 -22.69 12.51 78.42
N CYS H 389 -23.26 11.53 77.74
CA CYS H 389 -24.71 11.42 77.59
C CYS H 389 -25.16 10.00 77.89
N ASP H 390 -26.47 9.81 78.01
CA ASP H 390 -27.05 8.51 78.25
C ASP H 390 -26.97 7.63 77.00
N LEU H 391 -27.38 6.36 77.16
CA LEU H 391 -27.30 5.37 76.10
C LEU H 391 -28.21 5.70 74.93
N ARG H 392 -29.39 6.25 75.19
CA ARG H 392 -30.27 6.61 74.10
C ARG H 392 -29.61 7.59 73.15
N MET H 393 -28.93 8.59 73.70
CA MET H 393 -28.28 9.60 72.85
C MET H 393 -26.96 9.10 72.29
N GLY H 394 -26.27 8.21 73.00
CA GLY H 394 -25.15 7.54 72.38
C GLY H 394 -25.60 6.91 71.09
N ALA H 395 -26.78 6.27 71.11
CA ALA H 395 -27.28 5.63 69.91
C ALA H 395 -27.73 6.67 68.88
N PHE H 396 -28.54 7.65 69.27
CA PHE H 396 -29.03 8.60 68.27
C PHE H 396 -27.90 9.44 67.71
N THR H 397 -26.97 9.90 68.55
CA THR H 397 -25.87 10.68 67.98
C THR H 397 -25.03 9.81 67.06
N LEU H 398 -24.92 8.52 67.36
CA LEU H 398 -24.13 7.63 66.52
C LEU H 398 -24.75 7.49 65.14
N GLY H 399 -26.04 7.19 65.08
CA GLY H 399 -26.66 6.99 63.79
C GLY H 399 -26.73 8.28 62.99
N LEU H 400 -27.16 9.36 63.63
CA LEU H 400 -27.26 10.66 62.97
C LEU H 400 -25.90 11.11 62.44
N ASN H 401 -24.83 10.88 63.19
CA ASN H 401 -23.50 11.29 62.71
C ASN H 401 -23.04 10.44 61.53
N ARG H 402 -23.34 9.15 61.53
CA ARG H 402 -22.94 8.31 60.41
C ARG H 402 -23.65 8.73 59.13
N VAL H 403 -24.95 9.00 59.21
CA VAL H 403 -25.69 9.48 58.04
C VAL H 403 -25.15 10.83 57.59
N ALA H 404 -24.83 11.71 58.55
CA ALA H 404 -24.27 13.01 58.25
C ALA H 404 -22.94 12.87 57.51
N ARG H 405 -22.05 12.01 58.03
N ARG H 405 -22.06 12.01 58.03
CA ARG H 405 -20.72 11.86 57.43
CA ARG H 405 -20.73 11.85 57.44
C ARG H 405 -20.82 11.31 56.00
C ARG H 405 -20.82 11.31 56.01
N ALA H 406 -21.67 10.32 55.78
CA ALA H 406 -21.88 9.79 54.44
C ALA H 406 -22.46 10.84 53.50
N THR H 407 -23.38 11.66 54.03
CA THR H 407 -23.96 12.73 53.23
C THR H 407 -22.90 13.75 52.85
N LEU H 408 -22.05 14.14 53.80
CA LEU H 408 -21.00 15.12 53.51
C LEU H 408 -19.93 14.54 52.58
N LEU H 409 -19.57 13.25 52.74
CA LEU H 409 -18.58 12.65 51.84
C LEU H 409 -19.06 12.65 50.40
N ARG H 410 -20.36 12.41 50.20
CA ARG H 410 -20.91 12.34 48.85
C ARG H 410 -20.96 13.70 48.17
N GLY H 411 -21.15 14.77 48.95
CA GLY H 411 -21.07 16.08 48.37
C GLY H 411 -22.39 16.54 47.80
N TRP H 412 -22.38 17.78 47.32
CA TRP H 412 -23.61 18.46 46.94
C TRP H 412 -23.63 18.98 45.49
N GLU H 413 -22.53 18.96 44.77
CA GLU H 413 -22.58 19.52 43.43
C GLU H 413 -23.38 18.58 42.51
N ALA H 414 -23.95 19.16 41.44
CA ALA H 414 -24.87 18.41 40.59
C ALA H 414 -24.18 17.36 39.72
N ALA I 6 -60.28 28.41 41.23
CA ALA I 6 -59.67 27.38 40.38
C ALA I 6 -60.01 25.95 40.86
N LEU I 7 -59.58 25.63 42.08
CA LEU I 7 -59.90 24.33 42.68
C LEU I 7 -61.41 24.12 42.73
N VAL I 8 -62.14 25.13 43.21
CA VAL I 8 -63.60 25.01 43.34
C VAL I 8 -64.25 24.82 41.97
N ALA I 9 -63.82 25.61 40.99
CA ALA I 9 -64.44 25.57 39.67
C ALA I 9 -64.31 24.19 39.05
N THR I 10 -63.11 23.61 39.12
CA THR I 10 -62.89 22.29 38.54
C THR I 10 -63.73 21.22 39.25
N ASN I 11 -63.84 21.32 40.58
CA ASN I 11 -64.64 20.37 41.34
C ASN I 11 -66.11 20.47 40.97
N ARG I 12 -66.64 21.71 40.93
CA ARG I 12 -68.03 21.91 40.56
C ARG I 12 -68.34 21.29 39.20
N ASN I 13 -67.54 21.65 38.20
CA ASN I 13 -67.80 21.22 36.83
C ASN I 13 -67.65 19.71 36.69
N PHE I 14 -66.69 19.09 37.40
CA PHE I 14 -66.58 17.64 37.36
C PHE I 14 -67.83 16.97 37.91
N GLN I 15 -68.29 17.40 39.09
CA GLN I 15 -69.48 16.77 39.67
C GLN I 15 -70.70 16.98 38.79
N ARG I 16 -70.84 18.18 38.21
CA ARG I 16 -71.96 18.43 37.32
C ARG I 16 -71.89 17.53 36.09
N ALA I 17 -70.72 17.49 35.45
CA ALA I 17 -70.55 16.68 34.25
C ALA I 17 -70.65 15.20 34.57
N SER I 18 -70.18 14.80 35.75
CA SER I 18 -70.30 13.40 36.16
C SER I 18 -71.76 12.98 36.26
N ARG I 19 -72.62 13.86 36.77
CA ARG I 19 -74.01 13.48 36.97
C ARG I 19 -74.83 13.58 35.70
N ILE I 20 -74.41 14.37 34.72
CA ILE I 20 -75.06 14.36 33.41
C ILE I 20 -74.83 13.03 32.72
N LEU I 21 -73.59 12.52 32.79
CA LEU I 21 -73.18 11.25 32.20
C LEU I 21 -73.67 10.04 32.98
N GLY I 22 -74.14 10.21 34.21
CA GLY I 22 -74.46 9.04 35.02
C GLY I 22 -73.25 8.19 35.35
N LEU I 23 -72.13 8.83 35.68
CA LEU I 23 -70.88 8.10 35.88
C LEU I 23 -71.01 7.09 37.03
N ASP I 24 -70.57 5.87 36.75
CA ASP I 24 -70.48 4.86 37.79
C ASP I 24 -69.58 5.36 38.91
N SER I 25 -70.06 5.24 40.14
CA SER I 25 -69.41 5.88 41.27
C SER I 25 -68.05 5.24 41.58
N LYS I 26 -67.87 3.95 41.28
CA LYS I 26 -66.55 3.35 41.46
C LYS I 26 -65.61 3.75 40.34
N LEU I 27 -66.13 3.94 39.14
CA LEU I 27 -65.31 4.53 38.09
C LEU I 27 -64.93 5.96 38.47
N GLU I 28 -65.89 6.73 38.98
CA GLU I 28 -65.62 8.13 39.32
C GLU I 28 -64.52 8.23 40.36
N LYS I 29 -64.58 7.36 41.38
CA LYS I 29 -63.55 7.36 42.41
C LYS I 29 -62.16 7.11 41.81
N SER I 30 -62.05 6.15 40.90
CA SER I 30 -60.77 5.89 40.27
C SER I 30 -60.26 7.12 39.52
N LEU I 31 -61.15 7.76 38.77
CA LEU I 31 -60.77 8.92 37.97
C LEU I 31 -60.28 10.08 38.83
N LEU I 32 -60.73 10.17 40.08
CA LEU I 32 -60.26 11.26 40.95
C LEU I 32 -58.90 10.96 41.54
N ILE I 33 -58.56 9.70 41.76
CA ILE I 33 -57.25 9.39 42.33
C ILE I 33 -56.19 9.57 41.26
N PRO I 34 -55.16 10.38 41.49
CA PRO I 34 -54.11 10.51 40.50
C PRO I 34 -53.30 9.22 40.38
N TYR I 35 -52.88 8.94 39.16
CA TYR I 35 -51.98 7.84 38.89
C TYR I 35 -50.81 7.83 39.88
N ARG I 36 -50.14 8.98 40.03
CA ARG I 36 -48.95 9.02 40.86
C ARG I 36 -48.68 10.44 41.34
N GLU I 37 -48.25 10.56 42.59
CA GLU I 37 -47.80 11.81 43.20
C GLU I 37 -46.34 11.68 43.66
N ILE I 38 -45.48 12.64 43.28
CA ILE I 38 -44.05 12.65 43.55
C ILE I 38 -43.65 13.92 44.29
N LYS I 39 -42.88 13.75 45.35
CA LYS I 39 -42.18 14.86 46.02
C LYS I 39 -40.73 14.45 46.22
N VAL I 40 -39.79 15.28 45.79
CA VAL I 40 -38.38 14.96 45.89
C VAL I 40 -37.62 16.15 46.44
N GLU I 41 -36.55 15.87 47.17
CA GLU I 41 -35.65 16.93 47.61
C GLU I 41 -34.80 17.45 46.46
N CYS I 42 -34.73 18.77 46.35
CA CYS I 42 -33.88 19.44 45.37
C CYS I 42 -32.96 20.35 46.18
N THR I 43 -31.73 19.88 46.46
CA THR I 43 -30.77 20.67 47.20
C THR I 43 -29.66 21.04 46.24
N ILE I 44 -29.27 22.32 46.25
CA ILE I 44 -28.20 22.83 45.40
C ILE I 44 -27.31 23.73 46.22
N PRO I 45 -26.06 23.89 45.80
CA PRO I 45 -25.25 25.00 46.33
C PRO I 45 -25.63 26.30 45.67
N LYS I 46 -25.74 27.35 46.46
CA LYS I 46 -25.87 28.68 45.87
C LYS I 46 -24.51 29.12 45.32
N ASP I 47 -24.53 30.22 44.55
CA ASP I 47 -23.30 30.78 43.96
C ASP I 47 -22.25 31.09 45.01
N ASP I 48 -22.64 31.37 46.25
CA ASP I 48 -21.66 31.61 47.30
C ASP I 48 -21.25 30.32 48.02
N GLY I 49 -21.74 29.17 47.55
CA GLY I 49 -21.35 27.89 48.10
C GLY I 49 -22.27 27.37 49.20
N SER I 50 -23.11 28.22 49.78
CA SER I 50 -23.96 27.72 50.84
C SER I 50 -25.13 26.93 50.25
N LEU I 51 -25.70 26.06 51.07
CA LEU I 51 -26.75 25.15 50.59
C LEU I 51 -28.12 25.78 50.69
N VAL I 52 -28.99 25.40 49.75
CA VAL I 52 -30.41 25.69 49.86
C VAL I 52 -31.19 24.45 49.44
N SER I 53 -32.26 24.15 50.16
CA SER I 53 -33.06 22.94 49.96
C SER I 53 -34.51 23.30 49.69
N TYR I 54 -35.05 22.78 48.61
CA TYR I 54 -36.45 22.95 48.24
C TYR I 54 -37.07 21.56 48.04
N VAL I 55 -38.40 21.52 47.93
CA VAL I 55 -39.12 20.30 47.58
C VAL I 55 -39.72 20.47 46.19
N GLY I 56 -39.35 19.60 45.27
CA GLY I 56 -39.99 19.55 43.98
C GLY I 56 -41.10 18.51 43.94
N PHE I 57 -42.00 18.66 42.97
CA PHE I 57 -43.14 17.77 42.94
C PHE I 57 -43.65 17.63 41.52
N ARG I 58 -44.39 16.55 41.31
CA ARG I 58 -45.04 16.28 40.03
C ARG I 58 -46.27 15.45 40.33
N ILE I 59 -47.45 15.99 40.07
CA ILE I 59 -48.68 15.21 40.18
C ILE I 59 -49.02 14.67 38.80
N GLN I 60 -49.01 13.36 38.68
CA GLN I 60 -49.35 12.67 37.44
C GLN I 60 -50.78 12.13 37.62
N HIS I 61 -51.75 12.84 37.04
CA HIS I 61 -53.16 12.56 37.34
C HIS I 61 -53.70 11.37 36.53
N ASP I 62 -53.58 11.40 35.21
CA ASP I 62 -54.21 10.36 34.40
C ASP I 62 -53.42 10.16 33.11
N ASN I 63 -53.30 8.90 32.66
CA ASN I 63 -52.60 8.62 31.41
C ASN I 63 -53.37 7.64 30.52
N ALA I 64 -54.69 7.58 30.67
CA ALA I 64 -55.50 6.64 29.90
C ALA I 64 -55.46 6.94 28.42
N ARG I 65 -55.34 8.21 28.04
CA ARG I 65 -55.40 8.63 26.65
C ARG I 65 -54.01 8.92 26.05
N GLY I 66 -52.96 8.84 26.84
CA GLY I 66 -51.63 9.06 26.35
C GLY I 66 -50.73 9.55 27.44
N PRO I 67 -49.51 9.93 27.08
CA PRO I 67 -48.57 10.46 28.08
C PRO I 67 -49.18 11.64 28.80
N MET I 68 -48.72 11.88 30.01
CA MET I 68 -49.19 13.03 30.74
C MET I 68 -48.54 14.32 30.21
N LYS I 69 -49.20 15.45 30.46
CA LYS I 69 -48.78 16.72 29.93
C LYS I 69 -49.04 17.77 31.01
N GLY I 70 -48.07 18.66 31.21
CA GLY I 70 -48.32 19.72 32.16
C GLY I 70 -47.14 20.56 32.56
N GLY I 71 -47.41 21.76 33.03
CA GLY I 71 -46.38 22.72 33.30
C GLY I 71 -45.65 22.46 34.59
N ILE I 72 -44.55 23.20 34.73
CA ILE I 72 -43.71 23.17 35.92
C ILE I 72 -43.68 24.60 36.46
N ARG I 73 -44.16 24.77 37.69
CA ARG I 73 -44.22 26.09 38.31
C ARG I 73 -43.09 26.26 39.33
N TYR I 74 -42.31 27.31 39.17
CA TYR I 74 -41.39 27.73 40.21
C TYR I 74 -42.10 28.85 40.96
N HIS I 75 -42.66 28.53 42.11
CA HIS I 75 -43.49 29.48 42.82
C HIS I 75 -43.58 29.02 44.28
N PRO I 76 -43.60 29.95 45.25
CA PRO I 76 -43.59 29.52 46.66
C PRO I 76 -44.90 28.93 47.17
N GLU I 77 -46.04 29.28 46.59
CA GLU I 77 -47.32 28.73 47.03
C GLU I 77 -47.58 27.39 46.35
N VAL I 78 -47.66 26.31 47.13
CA VAL I 78 -47.71 24.97 46.56
C VAL I 78 -48.73 24.07 47.25
N ASP I 79 -49.91 24.60 47.59
CA ASP I 79 -50.95 23.80 48.22
C ASP I 79 -51.27 22.55 47.42
N PRO I 80 -51.20 21.36 48.04
CA PRO I 80 -51.38 20.12 47.26
C PRO I 80 -52.73 20.01 46.57
N ASP I 81 -53.81 20.46 47.22
CA ASP I 81 -55.13 20.31 46.61
C ASP I 81 -55.32 21.18 45.38
N GLU I 82 -54.73 22.38 45.34
CA GLU I 82 -54.74 23.16 44.11
C GLU I 82 -53.90 22.49 43.02
N VAL I 83 -52.72 21.98 43.37
CA VAL I 83 -51.89 21.32 42.36
C VAL I 83 -52.59 20.08 41.81
N ASN I 84 -53.22 19.29 42.68
CA ASN I 84 -54.00 18.13 42.22
C ASN I 84 -55.12 18.57 41.27
N ALA I 85 -55.83 19.65 41.60
CA ALA I 85 -56.91 20.10 40.73
C ALA I 85 -56.39 20.56 39.37
N LEU I 86 -55.25 21.26 39.34
CA LEU I 86 -54.74 21.72 38.05
C LEU I 86 -54.33 20.53 37.18
N ALA I 87 -53.68 19.52 37.78
CA ALA I 87 -53.32 18.33 37.02
C ALA I 87 -54.57 17.63 36.50
N GLN I 88 -55.62 17.60 37.34
CA GLN I 88 -56.88 16.98 36.92
C GLN I 88 -57.52 17.77 35.79
N LEU I 89 -57.50 19.11 35.89
CA LEU I 89 -58.07 19.92 34.82
C LEU I 89 -57.34 19.68 33.52
N MET I 90 -56.02 19.53 33.58
CA MET I 90 -55.25 19.19 32.39
C MET I 90 -55.80 17.93 31.71
N THR I 91 -56.16 16.91 32.50
CA THR I 91 -56.72 15.70 31.92
C THR I 91 -58.00 15.98 31.16
N TRP I 92 -58.89 16.80 31.71
CA TRP I 92 -60.13 17.09 31.00
C TRP I 92 -59.86 17.96 29.78
N LYS I 93 -58.96 18.94 29.92
CA LYS I 93 -58.70 19.87 28.82
C LYS I 93 -58.12 19.14 27.62
N THR I 94 -57.12 18.28 27.83
CA THR I 94 -56.55 17.51 26.72
C THR I 94 -57.61 16.63 26.07
N ALA I 95 -58.53 16.08 26.86
CA ALA I 95 -59.59 15.28 26.27
C ALA I 95 -60.56 16.13 25.45
N VAL I 96 -60.80 17.38 25.86
CA VAL I 96 -61.78 18.21 25.15
C VAL I 96 -61.32 18.49 23.73
N VAL I 97 -60.04 18.80 23.53
CA VAL I 97 -59.57 19.14 22.20
C VAL I 97 -59.03 17.88 21.51
N ASP I 98 -59.18 16.74 22.15
CA ASP I 98 -58.86 15.43 21.55
C ASP I 98 -57.38 15.34 21.18
N ILE I 99 -56.50 15.78 22.07
CA ILE I 99 -55.08 15.53 21.86
C ILE I 99 -54.72 14.33 22.73
N PRO I 100 -53.79 13.46 22.30
CA PRO I 100 -53.55 12.16 22.96
C PRO I 100 -52.63 12.28 24.17
N TYR I 101 -53.12 12.95 25.21
CA TYR I 101 -52.41 13.13 26.47
C TYR I 101 -53.37 12.96 27.63
N GLY I 102 -52.81 12.64 28.80
CA GLY I 102 -53.45 12.88 30.08
C GLY I 102 -52.86 14.12 30.74
N GLY I 103 -53.23 14.32 32.00
CA GLY I 103 -52.90 15.54 32.72
C GLY I 103 -51.88 15.34 33.82
N ALA I 104 -51.04 16.36 34.00
CA ALA I 104 -50.04 16.41 35.07
C ALA I 104 -49.76 17.86 35.44
N LYS I 105 -49.11 18.05 36.58
CA LYS I 105 -48.71 19.38 37.01
C LYS I 105 -47.61 19.21 38.03
N GLY I 106 -46.53 20.00 37.90
CA GLY I 106 -45.41 19.91 38.80
C GLY I 106 -44.81 21.28 39.09
N GLY I 107 -43.73 21.26 39.87
CA GLY I 107 -43.02 22.47 40.17
C GLY I 107 -42.07 22.29 41.35
N ILE I 108 -41.54 23.42 41.80
CA ILE I 108 -40.63 23.49 42.95
C ILE I 108 -41.06 24.67 43.80
N GLY I 109 -41.20 24.44 45.11
CA GLY I 109 -41.54 25.51 46.02
C GLY I 109 -40.35 26.41 46.27
N CYS I 110 -40.24 27.48 45.49
CA CYS I 110 -39.13 28.42 45.56
C CYS I 110 -39.60 29.73 44.97
N ASN I 111 -38.84 30.80 45.21
CA ASN I 111 -39.09 32.08 44.54
C ASN I 111 -37.99 32.29 43.52
N PRO I 112 -38.26 32.17 42.22
CA PRO I 112 -37.18 32.30 41.23
C PRO I 112 -36.48 33.66 41.27
N LYS I 113 -37.05 34.67 41.93
CA LYS I 113 -36.43 35.98 42.00
C LYS I 113 -35.34 36.05 43.04
N ASP I 114 -35.27 35.09 43.95
CA ASP I 114 -34.18 35.02 44.91
C ASP I 114 -32.96 34.33 44.34
N LEU I 115 -33.03 33.82 43.11
CA LEU I 115 -32.00 32.91 42.60
C LEU I 115 -31.33 33.50 41.38
N SER I 116 -30.01 33.37 41.32
CA SER I 116 -29.29 33.79 40.13
C SER I 116 -29.55 32.83 38.98
N ILE I 117 -29.19 33.26 37.77
CA ILE I 117 -29.45 32.48 36.56
C ILE I 117 -28.71 31.14 36.62
N SER I 118 -27.52 31.10 37.24
CA SER I 118 -26.84 29.83 37.39
C SER I 118 -27.44 28.97 38.52
N GLU I 119 -27.94 29.59 39.58
CA GLU I 119 -28.66 28.85 40.61
C GLU I 119 -29.94 28.25 40.05
N LEU I 120 -30.64 29.02 39.20
CA LEU I 120 -31.83 28.46 38.58
C LEU I 120 -31.45 27.29 37.67
N GLU I 121 -30.32 27.39 36.98
CA GLU I 121 -29.93 26.26 36.12
C GLU I 121 -29.62 25.01 36.95
N ARG I 122 -28.88 25.15 38.05
CA ARG I 122 -28.57 23.98 38.89
C ARG I 122 -29.82 23.37 39.49
N LEU I 123 -30.75 24.21 39.95
CA LEU I 123 -31.98 23.68 40.55
C LEU I 123 -32.77 22.89 39.52
N THR I 124 -32.85 23.43 38.30
CA THR I 124 -33.59 22.76 37.24
C THR I 124 -32.96 21.43 36.90
N ARG I 125 -31.63 21.39 36.84
CA ARG I 125 -30.96 20.14 36.52
C ARG I 125 -31.09 19.15 37.66
N VAL I 126 -30.99 19.61 38.92
CA VAL I 126 -31.13 18.66 40.02
C VAL I 126 -32.56 18.13 40.06
N PHE I 127 -33.54 19.01 39.86
CA PHE I 127 -34.92 18.55 39.77
C PHE I 127 -35.06 17.47 38.70
N THR I 128 -34.48 17.70 37.52
CA THR I 128 -34.55 16.72 36.44
C THR I 128 -33.84 15.42 36.84
N GLN I 129 -32.69 15.51 37.51
CA GLN I 129 -32.04 14.30 38.00
C GLN I 129 -32.98 13.52 38.92
N LYS I 130 -33.78 14.21 39.70
CA LYS I 130 -34.64 13.52 40.65
C LYS I 130 -35.91 12.99 40.01
N ILE I 131 -36.27 13.39 38.78
CA ILE I 131 -37.54 12.90 38.25
C ILE I 131 -37.38 12.26 36.87
N HIS I 132 -36.15 12.11 36.39
CA HIS I 132 -35.97 11.64 35.02
C HIS I 132 -36.62 10.29 34.79
N ASP I 133 -36.64 9.43 35.81
CA ASP I 133 -37.21 8.10 35.62
C ASP I 133 -38.72 8.09 35.66
N LEU I 134 -39.35 9.22 35.98
CA LEU I 134 -40.80 9.36 36.05
C LEU I 134 -41.38 10.14 34.87
N ILE I 135 -40.55 10.76 34.04
CA ILE I 135 -41.05 11.47 32.88
C ILE I 135 -40.50 10.77 31.64
N GLY I 136 -40.75 11.32 30.47
CA GLY I 136 -40.26 10.73 29.24
C GLY I 136 -41.15 11.09 28.07
N ILE I 137 -40.62 10.90 26.86
CA ILE I 137 -41.33 11.36 25.67
C ILE I 137 -42.69 10.69 25.57
N HIS I 138 -42.84 9.45 26.07
CA HIS I 138 -44.11 8.74 26.01
C HIS I 138 -44.70 8.45 27.38
N ARG I 139 -44.24 9.15 28.41
CA ARG I 139 -44.64 8.93 29.79
C ARG I 139 -45.21 10.18 30.41
N ASP I 140 -44.46 11.30 30.39
CA ASP I 140 -44.88 12.57 30.99
C ASP I 140 -44.01 13.67 30.40
N VAL I 141 -44.65 14.68 29.80
CA VAL I 141 -44.01 15.70 28.98
C VAL I 141 -44.27 17.07 29.61
N PRO I 142 -43.31 17.60 30.38
CA PRO I 142 -43.53 18.91 31.03
C PRO I 142 -43.49 20.08 30.04
N ALA I 143 -43.80 21.25 30.59
CA ALA I 143 -43.92 22.47 29.81
C ALA I 143 -43.69 23.65 30.75
N PRO I 144 -43.43 24.85 30.21
CA PRO I 144 -43.30 26.02 31.07
C PRO I 144 -44.63 26.33 31.75
N ASP I 145 -44.52 27.12 32.81
CA ASP I 145 -45.66 27.56 33.60
C ASP I 145 -45.20 28.79 34.39
N MET I 146 -45.92 29.11 35.44
CA MET I 146 -45.55 30.24 36.27
C MET I 146 -44.14 30.09 36.84
N GLY I 147 -43.29 31.05 36.53
CA GLY I 147 -41.94 31.08 37.06
C GLY I 147 -40.89 30.35 36.25
N THR I 148 -41.28 29.70 35.14
CA THR I 148 -40.36 29.02 34.24
C THR I 148 -40.64 29.49 32.81
N ASN I 149 -39.74 29.15 31.90
CA ASN I 149 -39.83 29.62 30.52
C ASN I 149 -39.07 28.65 29.62
N SER I 150 -38.81 29.09 28.38
CA SER I 150 -38.17 28.20 27.42
C SER I 150 -36.72 27.88 27.80
N GLN I 151 -36.03 28.78 28.49
CA GLN I 151 -34.69 28.46 28.97
C GLN I 151 -34.74 27.35 30.00
N THR I 152 -35.73 27.38 30.89
CA THR I 152 -35.90 26.28 31.83
C THR I 152 -36.07 24.96 31.09
N MET I 153 -36.89 24.95 30.03
CA MET I 153 -37.12 23.71 29.31
C MET I 153 -35.85 23.21 28.64
N ALA I 154 -35.02 24.14 28.13
CA ALA I 154 -33.73 23.76 27.57
C ALA I 154 -32.86 23.05 28.61
N TRP I 155 -32.87 23.51 29.86
CA TRP I 155 -32.06 22.84 30.87
C TRP I 155 -32.59 21.43 31.15
N ILE I 156 -33.92 21.28 31.23
CA ILE I 156 -34.48 19.95 31.43
C ILE I 156 -34.10 19.00 30.29
N LEU I 157 -34.26 19.47 29.05
CA LEU I 157 -33.87 18.66 27.90
C LEU I 157 -32.42 18.22 27.96
N ASP I 158 -31.53 19.17 28.25
CA ASP I 158 -30.11 18.87 28.26
C ASP I 158 -29.77 17.85 29.34
N GLU I 159 -30.36 18.00 30.53
CA GLU I 159 -30.06 17.07 31.61
C GLU I 159 -30.74 15.72 31.41
N TYR I 160 -32.02 15.72 31.02
CA TYR I 160 -32.71 14.46 30.79
C TYR I 160 -31.98 13.64 29.76
N SER I 161 -31.43 14.30 28.75
CA SER I 161 -30.79 13.60 27.65
C SER I 161 -29.51 12.91 28.10
N LYS I 162 -28.90 13.34 29.21
CA LYS I 162 -27.78 12.60 29.75
C LYS I 162 -28.19 11.21 30.21
N PHE I 163 -29.42 11.05 30.71
CA PHE I 163 -29.88 9.77 31.26
C PHE I 163 -30.51 8.88 30.21
N HIS I 164 -31.06 9.45 29.12
CA HIS I 164 -31.84 8.66 28.18
C HIS I 164 -31.54 8.99 26.73
N GLY I 165 -30.48 9.74 26.46
CA GLY I 165 -30.16 10.17 25.10
C GLY I 165 -30.99 11.34 24.64
N HIS I 166 -30.51 11.97 23.58
CA HIS I 166 -31.17 13.14 23.00
C HIS I 166 -32.68 12.93 22.86
N SER I 167 -33.47 13.70 23.62
CA SER I 167 -34.92 13.52 23.68
C SER I 167 -35.66 14.85 23.57
N PRO I 168 -35.61 15.48 22.39
CA PRO I 168 -36.29 16.78 22.23
C PRO I 168 -37.76 16.75 22.59
N ALA I 169 -38.43 15.61 22.46
CA ALA I 169 -39.85 15.54 22.74
C ALA I 169 -40.18 15.39 24.23
N VAL I 170 -39.19 15.33 25.13
CA VAL I 170 -39.49 15.14 26.55
C VAL I 170 -40.11 16.38 27.19
N VAL I 171 -40.03 17.52 26.52
CA VAL I 171 -40.46 18.79 27.08
C VAL I 171 -40.92 19.65 25.89
N THR I 172 -41.99 20.44 26.08
CA THR I 172 -42.42 21.39 25.06
C THR I 172 -42.16 22.82 25.53
N GLY I 173 -42.44 23.78 24.65
CA GLY I 173 -42.00 25.12 24.97
C GLY I 173 -40.50 25.35 24.85
N LYS I 174 -39.80 24.51 24.09
CA LYS I 174 -38.37 24.64 23.92
C LYS I 174 -38.03 25.87 23.07
N PRO I 175 -36.82 26.40 23.20
CA PRO I 175 -36.38 27.43 22.24
C PRO I 175 -36.42 26.92 20.81
N ILE I 176 -36.69 27.82 19.85
CA ILE I 176 -36.69 27.40 18.45
C ILE I 176 -35.40 26.68 18.10
N ASP I 177 -34.26 27.16 18.61
CA ASP I 177 -32.96 26.56 18.29
C ASP I 177 -32.78 25.15 18.81
N LEU I 178 -33.61 24.71 19.76
CA LEU I 178 -33.47 23.37 20.31
C LEU I 178 -34.73 22.56 20.08
N GLY I 179 -35.43 22.81 18.98
CA GLY I 179 -36.58 22.02 18.62
C GLY I 179 -37.93 22.61 18.96
N GLY I 180 -38.00 23.90 19.32
CA GLY I 180 -39.27 24.53 19.53
C GLY I 180 -40.09 24.67 18.25
N SER I 181 -41.39 24.84 18.42
CA SER I 181 -42.33 24.93 17.31
C SER I 181 -42.56 26.37 16.89
N LEU I 182 -42.76 26.57 15.59
CA LEU I 182 -43.29 27.85 15.17
C LEU I 182 -44.71 28.02 15.67
N GLY I 183 -45.13 29.27 15.80
CA GLY I 183 -46.50 29.55 16.14
C GLY I 183 -46.87 29.45 17.60
N ARG I 184 -45.92 29.32 18.55
CA ARG I 184 -46.32 29.19 19.95
C ARG I 184 -46.91 30.49 20.49
N GLU I 185 -46.31 31.62 20.14
CA GLU I 185 -46.73 32.89 20.73
C GLU I 185 -48.18 33.20 20.40
N ALA I 186 -48.57 33.06 19.14
CA ALA I 186 -49.94 33.36 18.75
C ALA I 186 -50.94 32.27 19.12
N ALA I 187 -50.47 31.12 19.63
CA ALA I 187 -51.31 29.92 19.66
C ALA I 187 -52.61 30.12 20.43
N THR I 188 -52.53 30.59 21.68
CA THR I 188 -53.76 30.71 22.47
C THR I 188 -54.68 31.78 21.90
N GLY I 189 -54.13 32.98 21.62
CA GLY I 189 -54.96 34.06 21.10
C GLY I 189 -55.59 33.72 19.76
N LEU I 190 -54.82 33.11 18.86
CA LEU I 190 -55.39 32.70 17.59
C LEU I 190 -56.42 31.59 17.81
N GLY I 191 -56.11 30.65 18.70
CA GLY I 191 -57.05 29.58 19.00
C GLY I 191 -58.36 30.09 19.54
N VAL I 192 -58.31 31.16 20.35
CA VAL I 192 -59.54 31.79 20.80
C VAL I 192 -60.36 32.22 19.60
N VAL I 193 -59.71 32.79 18.58
CA VAL I 193 -60.44 33.36 17.46
C VAL I 193 -61.00 32.26 16.55
N PHE I 194 -60.27 31.16 16.37
CA PHE I 194 -60.85 30.05 15.61
C PHE I 194 -62.09 29.53 16.31
N ALA I 195 -62.02 29.36 17.63
CA ALA I 195 -63.17 28.88 18.39
C ALA I 195 -64.34 29.85 18.28
N THR I 196 -64.06 31.15 18.38
CA THR I 196 -65.12 32.13 18.26
C THR I 196 -65.71 32.11 16.85
N GLU I 197 -64.85 31.98 15.84
CA GLU I 197 -65.29 31.80 14.47
C GLU I 197 -66.24 30.60 14.34
N ALA I 198 -65.87 29.47 14.94
CA ALA I 198 -66.70 28.27 14.84
C ALA I 198 -68.06 28.45 15.49
N LEU I 199 -68.08 29.12 16.64
CA LEU I 199 -69.34 29.38 17.34
C LEU I 199 -70.29 30.22 16.49
N PHE I 200 -69.77 31.29 15.87
CA PHE I 200 -70.61 32.20 15.11
C PHE I 200 -71.14 31.56 13.83
N ALA I 201 -70.42 30.57 13.29
CA ALA I 201 -70.89 29.85 12.11
C ALA I 201 -72.21 29.13 12.39
N GLU I 202 -72.46 28.74 13.64
CA GLU I 202 -73.72 28.12 14.01
C GLU I 202 -74.89 29.08 13.81
N TYR I 203 -74.64 30.38 13.87
CA TYR I 203 -75.67 31.41 13.67
C TYR I 203 -75.60 32.04 12.28
N GLY I 204 -74.80 31.47 11.37
CA GLY I 204 -74.59 32.10 10.07
C GLY I 204 -73.91 33.44 10.11
N LYS I 205 -73.18 33.74 11.19
CA LYS I 205 -72.49 35.02 11.35
C LYS I 205 -70.99 34.84 11.20
N SER I 206 -70.29 35.97 11.01
CA SER I 206 -68.84 36.02 10.87
C SER I 206 -68.24 36.94 11.92
N ILE I 207 -66.92 36.84 12.09
CA ILE I 207 -66.24 37.71 13.05
C ILE I 207 -66.47 39.17 12.68
N SER I 208 -66.51 39.46 11.37
CA SER I 208 -66.69 40.81 10.86
C SER I 208 -68.05 41.40 11.17
N ASP I 209 -69.01 40.59 11.64
CA ASP I 209 -70.32 41.11 12.02
C ASP I 209 -70.38 41.64 13.45
N MET I 210 -69.34 41.43 14.25
CA MET I 210 -69.45 41.67 15.68
C MET I 210 -68.55 42.81 16.12
N THR I 211 -68.91 43.42 17.24
CA THR I 211 -68.02 44.29 17.97
C THR I 211 -67.50 43.57 19.20
N PHE I 212 -66.30 43.94 19.63
CA PHE I 212 -65.60 43.20 20.67
C PHE I 212 -65.07 44.14 21.73
N ALA I 213 -65.21 43.72 22.99
CA ALA I 213 -64.53 44.34 24.11
C ALA I 213 -63.58 43.32 24.68
N ILE I 214 -62.33 43.72 24.88
CA ILE I 214 -61.28 42.80 25.31
C ILE I 214 -60.69 43.32 26.61
N GLN I 215 -60.73 42.49 27.66
CA GLN I 215 -60.17 42.82 28.97
C GLN I 215 -58.83 42.12 29.14
N GLY I 216 -57.76 42.91 29.19
CA GLY I 216 -56.41 42.39 29.27
C GLY I 216 -55.77 42.45 27.90
N PHE I 217 -54.50 42.83 27.81
CA PHE I 217 -53.85 43.05 26.51
C PHE I 217 -52.41 42.57 26.58
N GLY I 218 -52.25 41.34 27.05
CA GLY I 218 -50.99 40.65 27.10
C GLY I 218 -50.86 39.64 25.99
N ASN I 219 -50.25 38.50 26.30
CA ASN I 219 -49.98 37.50 25.27
C ASN I 219 -51.28 37.01 24.64
N VAL I 220 -52.32 36.79 25.44
CA VAL I 220 -53.59 36.33 24.89
C VAL I 220 -54.33 37.48 24.21
N GLY I 221 -54.46 38.62 24.89
CA GLY I 221 -55.30 39.70 24.38
C GLY I 221 -54.80 40.28 23.06
N THR I 222 -53.49 40.49 22.95
CA THR I 222 -52.95 41.12 21.75
C THR I 222 -53.16 40.25 20.52
N TRP I 223 -52.86 38.95 20.63
CA TRP I 223 -52.97 38.07 19.46
C TRP I 223 -54.44 37.82 19.11
N ALA I 224 -55.29 37.66 20.13
CA ALA I 224 -56.72 37.58 19.87
C ALA I 224 -57.24 38.86 19.21
N ALA I 225 -56.89 40.02 19.78
CA ALA I 225 -57.29 41.28 19.17
C ALA I 225 -56.77 41.38 17.74
N LYS I 226 -55.51 41.01 17.53
CA LYS I 226 -54.94 41.05 16.18
C LYS I 226 -55.70 40.13 15.24
N ALA I 227 -55.94 38.89 15.67
CA ALA I 227 -56.59 37.92 14.79
C ALA I 227 -58.02 38.32 14.48
N ILE I 228 -58.70 38.95 15.43
CA ILE I 228 -60.04 39.48 15.18
C ILE I 228 -59.97 40.63 14.19
N PHE I 229 -59.00 41.53 14.38
CA PHE I 229 -58.88 42.69 13.51
C PHE I 229 -58.61 42.28 12.07
N GLU I 230 -57.75 41.29 11.88
CA GLU I 230 -57.47 40.84 10.52
C GLU I 230 -58.64 40.12 9.87
N ARG I 231 -59.64 39.72 10.63
CA ARG I 231 -60.84 39.08 10.08
C ARG I 231 -62.04 40.01 10.01
N GLY I 232 -61.83 41.33 10.17
CA GLY I 232 -62.91 42.29 10.07
C GLY I 232 -63.70 42.53 11.33
N GLY I 233 -63.33 41.93 12.46
CA GLY I 233 -64.00 42.26 13.71
C GLY I 233 -63.68 43.68 14.14
N LYS I 234 -64.65 44.32 14.77
CA LYS I 234 -64.47 45.70 15.24
C LYS I 234 -64.26 45.69 16.75
N VAL I 235 -63.00 45.77 17.15
CA VAL I 235 -62.66 45.81 18.56
C VAL I 235 -62.91 47.22 19.08
N VAL I 236 -64.00 47.39 19.82
CA VAL I 236 -64.44 48.71 20.22
C VAL I 236 -63.94 49.12 21.59
N ALA I 237 -63.36 48.18 22.37
CA ALA I 237 -62.87 48.51 23.71
C ALA I 237 -61.78 47.52 24.10
N VAL I 238 -60.67 48.05 24.61
CA VAL I 238 -59.54 47.26 25.10
C VAL I 238 -59.11 47.87 26.42
N SER I 239 -58.91 47.03 27.43
CA SER I 239 -58.40 47.46 28.71
C SER I 239 -57.23 46.57 29.13
N ASP I 240 -56.43 47.08 30.05
CA ASP I 240 -55.46 46.26 30.77
C ASP I 240 -55.34 46.83 32.18
N ILE I 241 -54.23 46.51 32.85
CA ILE I 241 -54.09 46.87 34.26
C ILE I 241 -53.88 48.36 34.47
N ASN I 242 -53.47 49.10 33.43
CA ASN I 242 -53.14 50.51 33.60
C ASN I 242 -54.11 51.47 32.93
N GLY I 243 -55.03 50.99 32.11
CA GLY I 243 -55.93 51.89 31.43
C GLY I 243 -56.76 51.16 30.39
N ALA I 244 -57.49 51.95 29.61
CA ALA I 244 -58.40 51.39 28.62
C ALA I 244 -58.65 52.43 27.53
N ILE I 245 -59.09 51.93 26.38
CA ILE I 245 -59.29 52.74 25.19
C ILE I 245 -60.59 52.30 24.52
N SER I 246 -61.28 53.26 23.90
CA SER I 246 -62.57 53.02 23.26
C SER I 246 -62.61 53.66 21.90
N ASN I 247 -63.33 53.02 20.98
CA ASN I 247 -63.60 53.64 19.69
C ASN I 247 -64.85 53.01 19.11
N PRO I 248 -65.94 53.77 19.04
CA PRO I 248 -67.22 53.18 18.61
C PRO I 248 -67.17 52.59 17.21
N ASN I 249 -66.37 53.16 16.31
CA ASN I 249 -66.18 52.54 15.01
C ASN I 249 -65.39 51.24 15.13
N GLY I 250 -64.31 51.27 15.89
CA GLY I 250 -63.39 50.15 15.94
C GLY I 250 -61.98 50.67 16.14
N ILE I 251 -61.29 50.18 17.16
CA ILE I 251 -59.93 50.60 17.40
C ILE I 251 -59.02 49.94 16.37
N ASP I 252 -58.12 50.72 15.80
CA ASP I 252 -57.10 50.22 14.89
C ASP I 252 -56.12 49.35 15.66
N ILE I 253 -56.31 48.03 15.62
CA ILE I 253 -55.47 47.14 16.42
C ILE I 253 -54.04 47.15 15.90
N ALA I 254 -53.86 47.24 14.59
CA ALA I 254 -52.52 47.33 14.02
C ALA I 254 -51.77 48.53 14.58
N ALA I 255 -52.41 49.71 14.55
CA ALA I 255 -51.80 50.91 15.12
C ALA I 255 -51.68 50.82 16.64
N LEU I 256 -52.68 50.22 17.29
CA LEU I 256 -52.63 50.04 18.74
C LEU I 256 -51.48 49.13 19.13
N LEU I 257 -51.26 48.05 18.37
CA LEU I 257 -50.15 47.16 18.67
C LEU I 257 -48.81 47.87 18.48
N LYS I 258 -48.68 48.66 17.41
CA LYS I 258 -47.47 49.48 17.22
C LYS I 258 -47.31 50.49 18.35
N HIS I 259 -48.40 51.19 18.68
CA HIS I 259 -48.34 52.15 19.78
C HIS I 259 -47.88 51.47 21.06
N LYS I 260 -48.43 50.28 21.37
CA LYS I 260 -48.03 49.52 22.56
C LYS I 260 -46.58 49.08 22.49
N ALA I 261 -46.12 48.65 21.31
CA ALA I 261 -44.76 48.15 21.17
C ALA I 261 -43.75 49.25 21.51
N GLY I 262 -44.12 50.50 21.33
CA GLY I 262 -43.25 51.61 21.71
C GLY I 262 -43.41 52.06 23.14
N ASN I 263 -43.87 51.15 24.03
CA ASN I 263 -44.04 51.44 25.46
C ASN I 263 -45.08 52.53 25.71
N GLY I 264 -46.13 52.56 24.89
CA GLY I 264 -47.22 53.47 25.12
C GLY I 264 -48.28 52.84 26.00
N SER I 265 -49.10 53.70 26.61
CA SER I 265 -50.17 53.27 27.48
C SER I 265 -51.50 53.39 26.75
N LEU I 266 -52.42 52.46 27.07
CA LEU I 266 -53.69 52.36 26.34
C LEU I 266 -54.44 53.69 26.29
N LYS I 267 -54.53 54.41 27.41
CA LYS I 267 -55.24 55.67 27.39
C LYS I 267 -54.44 56.78 26.68
N ASP I 268 -53.18 56.54 26.36
CA ASP I 268 -52.40 57.47 25.54
C ASP I 268 -52.54 57.20 24.05
N PHE I 269 -53.31 56.19 23.65
CA PHE I 269 -53.54 55.94 22.24
C PHE I 269 -54.36 57.08 21.65
N SER I 270 -53.92 57.57 20.49
CA SER I 270 -54.57 58.71 19.88
C SER I 270 -55.76 58.34 19.01
N GLY I 271 -55.86 57.09 18.57
CA GLY I 271 -56.98 56.66 17.76
C GLY I 271 -58.18 56.17 18.56
N GLY I 272 -58.36 56.73 19.75
CA GLY I 272 -59.49 56.33 20.55
C GLY I 272 -59.63 57.23 21.76
N ASP I 273 -60.67 56.96 22.54
CA ASP I 273 -60.99 57.73 23.73
C ASP I 273 -60.64 56.91 24.96
N ALA I 274 -59.95 57.53 25.92
CA ALA I 274 -59.64 56.87 27.16
C ALA I 274 -60.91 56.57 27.96
N MET I 275 -60.93 55.42 28.64
CA MET I 275 -62.08 55.04 29.45
C MET I 275 -61.57 54.43 30.74
N ASN I 276 -62.44 54.42 31.74
CA ASN I 276 -62.12 53.74 32.99
C ASN I 276 -62.16 52.22 32.77
N PRO I 277 -61.09 51.50 33.10
CA PRO I 277 -61.08 50.04 32.87
C PRO I 277 -62.21 49.30 33.54
N ASN I 278 -62.72 49.80 34.67
CA ASN I 278 -63.82 49.14 35.36
C ASN I 278 -65.12 49.20 34.59
N ASP I 279 -65.14 49.87 33.44
CA ASP I 279 -66.31 49.88 32.58
C ASP I 279 -66.20 48.86 31.45
N LEU I 280 -65.10 48.09 31.38
CA LEU I 280 -64.90 47.22 30.24
C LEU I 280 -65.91 46.07 30.18
N LEU I 281 -66.35 45.55 31.33
CA LEU I 281 -67.23 44.37 31.28
C LEU I 281 -68.66 44.74 30.91
N VAL I 282 -69.07 45.97 31.20
CA VAL I 282 -70.42 46.42 30.90
C VAL I 282 -70.48 47.24 29.61
N HIS I 283 -69.40 47.25 28.84
CA HIS I 283 -69.38 48.00 27.60
C HIS I 283 -70.40 47.45 26.61
N ASP I 284 -70.89 48.33 25.73
CA ASP I 284 -71.91 47.97 24.75
C ASP I 284 -71.21 47.36 23.54
N CYS I 285 -71.31 46.04 23.42
CA CYS I 285 -70.66 45.31 22.35
C CYS I 285 -71.37 43.98 22.19
N ASP I 286 -71.06 43.27 21.10
CA ASP I 286 -71.63 41.94 20.90
C ASP I 286 -70.89 40.87 21.69
N VAL I 287 -69.55 40.93 21.71
CA VAL I 287 -68.72 39.87 22.25
C VAL I 287 -67.78 40.47 23.29
N LEU I 288 -67.74 39.84 24.46
CA LEU I 288 -66.84 40.22 25.55
C LEU I 288 -65.79 39.15 25.72
N ILE I 289 -64.51 39.53 25.76
CA ILE I 289 -63.45 38.54 25.90
C ILE I 289 -62.55 38.89 27.08
N PRO I 290 -62.81 38.37 28.28
CA PRO I 290 -61.86 38.56 29.39
C PRO I 290 -60.58 37.76 29.12
N CYS I 291 -59.44 38.47 29.11
CA CYS I 291 -58.16 37.83 28.88
C CYS I 291 -57.16 38.13 29.99
N ALA I 292 -57.65 38.50 31.18
CA ALA I 292 -56.77 38.96 32.24
C ALA I 292 -56.84 38.04 33.46
N LEU I 293 -57.96 38.00 34.17
CA LEU I 293 -58.05 37.39 35.48
C LEU I 293 -59.33 36.59 35.57
N GLY I 294 -59.41 35.74 36.58
CA GLY I 294 -60.63 35.03 36.89
C GLY I 294 -61.50 35.77 37.88
N GLY I 295 -62.75 35.32 37.96
CA GLY I 295 -63.68 35.89 38.92
C GLY I 295 -64.02 37.34 38.66
N VAL I 296 -63.86 37.80 37.43
CA VAL I 296 -64.16 39.20 37.12
C VAL I 296 -65.65 39.40 36.86
N LEU I 297 -66.39 38.35 36.54
CA LEU I 297 -67.84 38.39 36.34
C LEU I 297 -68.50 37.71 37.53
N ASN I 298 -69.26 38.47 38.29
CA ASN I 298 -69.93 37.94 39.47
C ASN I 298 -71.39 38.35 39.50
N LYS I 299 -72.08 38.04 40.58
CA LYS I 299 -73.51 38.29 40.67
C LYS I 299 -73.85 39.78 40.70
N GLU I 300 -72.88 40.64 41.03
CA GLU I 300 -73.14 42.07 41.05
C GLU I 300 -73.00 42.71 39.68
N ASN I 301 -72.09 42.21 38.84
CA ASN I 301 -71.88 42.73 37.49
C ASN I 301 -72.72 42.03 36.44
N ALA I 302 -73.10 40.78 36.69
CA ALA I 302 -73.64 39.93 35.62
C ALA I 302 -74.88 40.55 34.97
N ASN I 303 -75.76 41.15 35.77
CA ASN I 303 -76.96 41.77 35.21
C ASN I 303 -76.66 42.97 34.33
N ASP I 304 -75.48 43.57 34.46
CA ASP I 304 -75.11 44.73 33.66
C ASP I 304 -74.20 44.38 32.48
N VAL I 305 -73.85 43.11 32.29
CA VAL I 305 -73.19 42.68 31.05
C VAL I 305 -74.13 42.92 29.89
N LYS I 306 -73.71 43.73 28.93
CA LYS I 306 -74.56 44.02 27.77
C LYS I 306 -74.35 43.04 26.63
N ALA I 307 -73.17 42.43 26.53
CA ALA I 307 -72.86 41.55 25.43
C ALA I 307 -73.75 40.29 25.45
N LYS I 308 -73.90 39.68 24.28
CA LYS I 308 -74.61 38.42 24.11
C LYS I 308 -73.69 37.21 24.11
N PHE I 309 -72.42 37.37 23.74
CA PHE I 309 -71.44 36.29 23.78
C PHE I 309 -70.32 36.66 24.75
N ILE I 310 -69.85 35.68 25.52
CA ILE I 310 -68.67 35.84 26.37
C ILE I 310 -67.67 34.74 26.02
N ILE I 311 -66.49 35.13 25.54
CA ILE I 311 -65.41 34.19 25.18
C ILE I 311 -64.42 34.15 26.35
N GLU I 312 -64.44 33.07 27.12
CA GLU I 312 -63.62 32.93 28.33
C GLU I 312 -62.19 32.57 27.91
N ALA I 313 -61.34 33.57 27.75
CA ALA I 313 -59.94 33.27 27.45
C ALA I 313 -59.13 33.11 28.72
N ALA I 314 -59.34 33.99 29.70
CA ALA I 314 -58.73 33.78 31.00
C ALA I 314 -59.35 32.55 31.65
N ASN I 315 -58.73 32.09 32.73
CA ASN I 315 -59.22 30.92 33.46
C ASN I 315 -60.26 31.34 34.48
N HIS I 316 -61.43 30.69 34.43
CA HIS I 316 -62.50 30.85 35.41
C HIS I 316 -62.91 32.31 35.52
N PRO I 317 -63.23 33.00 34.43
CA PRO I 317 -63.59 34.42 34.55
C PRO I 317 -65.00 34.64 35.08
N THR I 318 -65.83 33.61 35.04
CA THR I 318 -67.22 33.65 35.46
C THR I 318 -67.41 32.78 36.69
N ASP I 319 -67.84 33.37 37.81
CA ASP I 319 -68.18 32.52 38.94
C ASP I 319 -69.56 31.90 38.72
N PRO I 320 -69.92 30.85 39.46
CA PRO I 320 -71.18 30.15 39.16
C PRO I 320 -72.42 31.02 39.27
N ASP I 321 -72.37 32.08 40.08
CA ASP I 321 -73.51 33.00 40.18
C ASP I 321 -73.77 33.72 38.85
N ALA I 322 -72.73 34.33 38.28
CA ALA I 322 -72.89 35.04 37.02
C ALA I 322 -73.27 34.07 35.91
N ASP I 323 -72.68 32.88 35.90
CA ASP I 323 -73.04 31.87 34.91
C ASP I 323 -74.54 31.61 34.91
N GLU I 324 -75.16 31.62 36.09
CA GLU I 324 -76.60 31.44 36.19
C GLU I 324 -77.36 32.70 35.82
N ILE I 325 -76.79 33.87 36.05
CA ILE I 325 -77.45 35.11 35.68
C ILE I 325 -77.34 35.36 34.18
N LEU I 326 -76.12 35.24 33.64
CA LEU I 326 -75.94 35.48 32.21
C LEU I 326 -76.72 34.48 31.39
N SER I 327 -76.84 33.25 31.87
CA SER I 327 -77.57 32.22 31.14
C SER I 327 -79.02 32.62 30.95
N LYS I 328 -79.72 32.89 32.05
CA LYS I 328 -81.13 33.25 31.96
C LYS I 328 -81.34 34.46 31.07
N LYS I 329 -80.38 35.39 31.04
CA LYS I 329 -80.47 36.55 30.17
C LYS I 329 -80.15 36.23 28.72
N GLY I 330 -79.97 34.95 28.40
CA GLY I 330 -79.67 34.56 27.03
C GLY I 330 -78.23 34.70 26.62
N VAL I 331 -77.32 34.94 27.54
CA VAL I 331 -75.91 35.10 27.20
C VAL I 331 -75.31 33.72 26.96
N ILE I 332 -74.56 33.59 25.87
CA ILE I 332 -73.92 32.35 25.50
C ILE I 332 -72.45 32.48 25.84
N ILE I 333 -71.94 31.52 26.62
CA ILE I 333 -70.61 31.60 27.20
C ILE I 333 -69.75 30.46 26.66
N LEU I 334 -68.69 30.82 25.94
CA LEU I 334 -67.71 29.83 25.46
C LEU I 334 -66.70 29.53 26.58
N PRO I 335 -66.62 28.30 27.06
CA PRO I 335 -65.89 28.04 28.30
C PRO I 335 -64.37 28.03 28.12
N ASP I 336 -63.69 28.43 29.20
CA ASP I 336 -62.23 28.53 29.20
C ASP I 336 -61.56 27.21 28.86
N VAL I 337 -62.06 26.10 29.43
CA VAL I 337 -61.40 24.81 29.26
C VAL I 337 -61.25 24.48 27.77
N TYR I 338 -62.16 24.99 26.93
CA TYR I 338 -62.04 24.85 25.48
C TYR I 338 -61.46 26.09 24.81
N ALA I 339 -61.94 27.28 25.17
CA ALA I 339 -61.66 28.47 24.36
C ALA I 339 -60.16 28.81 24.30
N ASN I 340 -59.43 28.61 25.39
CA ASN I 340 -58.01 28.96 25.45
C ASN I 340 -57.09 27.77 25.18
N ALA I 341 -57.63 26.66 24.67
CA ALA I 341 -56.82 25.47 24.56
C ALA I 341 -55.86 25.49 23.37
N GLY I 342 -55.77 26.60 22.65
CA GLY I 342 -54.84 26.67 21.54
C GLY I 342 -53.41 26.47 21.97
N GLY I 343 -53.08 26.92 23.19
CA GLY I 343 -51.71 26.79 23.67
C GLY I 343 -51.32 25.33 23.86
N VAL I 344 -52.14 24.57 24.59
CA VAL I 344 -51.81 23.18 24.80
C VAL I 344 -51.86 22.40 23.49
N THR I 345 -52.72 22.82 22.55
CA THR I 345 -52.81 22.12 21.27
C THR I 345 -51.54 22.29 20.45
N VAL I 346 -50.99 23.51 20.39
CA VAL I 346 -49.77 23.71 19.62
C VAL I 346 -48.62 23.02 20.31
N SER I 347 -48.71 22.90 21.63
CA SER I 347 -47.74 22.16 22.42
C SER I 347 -47.67 20.69 21.97
N TYR I 348 -48.82 20.08 21.71
CA TYR I 348 -48.87 18.75 21.11
C TYR I 348 -48.21 18.73 19.74
N PHE I 349 -48.48 19.74 18.91
CA PHE I 349 -47.86 19.77 17.60
C PHE I 349 -46.34 19.87 17.73
N GLU I 350 -45.84 20.59 18.74
CA GLU I 350 -44.39 20.63 18.93
C GLU I 350 -43.84 19.24 19.20
N TRP I 351 -44.49 18.53 20.12
CA TRP I 351 -44.12 17.15 20.45
C TRP I 351 -44.15 16.29 19.19
N VAL I 352 -45.22 16.42 18.40
CA VAL I 352 -45.33 15.65 17.16
C VAL I 352 -44.16 15.95 16.24
N GLN I 353 -43.85 17.23 16.04
CA GLN I 353 -42.76 17.57 15.15
C GLN I 353 -41.46 16.96 15.62
N ASN I 354 -41.23 16.98 16.94
CA ASN I 354 -40.02 16.38 17.46
C ASN I 354 -40.01 14.87 17.25
N ILE I 355 -41.12 14.18 17.55
CA ILE I 355 -40.99 12.73 17.40
C ILE I 355 -40.84 12.37 15.92
N GLN I 356 -41.37 13.18 15.01
CA GLN I 356 -41.23 12.95 13.59
C GLN I 356 -39.90 13.42 13.01
N GLY I 357 -39.04 14.04 13.83
CA GLY I 357 -37.73 14.49 13.41
C GLY I 357 -37.70 15.57 12.35
N PHE I 358 -38.75 16.37 12.20
CA PHE I 358 -38.92 17.19 11.01
C PHE I 358 -39.93 18.29 11.33
N MET I 359 -39.48 19.56 11.33
CA MET I 359 -40.36 20.66 11.79
C MET I 359 -41.37 21.11 10.73
N TRP I 360 -42.51 21.63 11.21
CA TRP I 360 -43.53 22.17 10.33
C TRP I 360 -43.29 23.66 10.12
N ASP I 361 -43.78 24.19 9.00
CA ASP I 361 -43.76 25.63 8.94
C ASP I 361 -45.00 26.21 9.64
N GLU I 362 -44.99 27.52 9.84
CA GLU I 362 -46.02 28.11 10.68
C GLU I 362 -47.40 27.97 10.06
N GLU I 363 -47.49 28.00 8.73
CA GLU I 363 -48.79 27.85 8.10
C GLU I 363 -49.38 26.47 8.40
N LYS I 364 -48.55 25.44 8.41
CA LYS I 364 -49.03 24.09 8.74
C LYS I 364 -49.48 24.01 10.19
N VAL I 365 -48.72 24.63 11.10
CA VAL I 365 -49.11 24.67 12.51
C VAL I 365 -50.50 25.28 12.66
N ASN I 366 -50.71 26.43 12.01
CA ASN I 366 -51.98 27.13 12.17
C ASN I 366 -53.11 26.38 11.49
N GLN I 367 -52.82 25.73 10.36
CA GLN I 367 -53.81 24.90 9.67
C GLN I 367 -54.28 23.76 10.56
N GLU I 368 -53.37 23.11 11.27
CA GLU I 368 -53.77 22.03 12.17
C GLU I 368 -54.49 22.58 13.40
N LEU I 369 -54.03 23.71 13.92
CA LEU I 369 -54.67 24.32 15.07
C LEU I 369 -56.14 24.65 14.77
N LYS I 370 -56.40 25.24 13.58
CA LYS I 370 -57.77 25.50 13.16
C LYS I 370 -58.57 24.22 13.05
N ARG I 371 -57.98 23.19 12.44
CA ARG I 371 -58.67 21.90 12.35
C ARG I 371 -59.02 21.36 13.75
N TYR I 372 -58.06 21.41 14.68
CA TYR I 372 -58.31 20.86 16.00
C TYR I 372 -59.32 21.70 16.77
N MET I 373 -59.21 23.03 16.74
CA MET I 373 -60.18 23.85 17.47
C MET I 373 -61.59 23.70 16.89
N THR I 374 -61.70 23.56 15.56
CA THR I 374 -63.03 23.41 14.95
C THR I 374 -63.65 22.06 15.28
N LYS I 375 -62.88 20.98 15.16
CA LYS I 375 -63.45 19.68 15.50
C LYS I 375 -63.87 19.65 16.94
N ALA I 376 -63.09 20.28 17.83
CA ALA I 376 -63.47 20.29 19.23
C ALA I 376 -64.79 21.04 19.43
N PHE I 377 -64.98 22.16 18.73
CA PHE I 377 -66.24 22.87 18.90
C PHE I 377 -67.42 22.07 18.38
N ASN I 378 -67.27 21.44 17.20
CA ASN I 378 -68.37 20.64 16.68
C ASN I 378 -68.75 19.52 17.64
N ASP I 379 -67.75 18.83 18.20
CA ASP I 379 -68.02 17.76 19.15
C ASP I 379 -68.69 18.29 20.43
N ILE I 380 -68.28 19.47 20.91
CA ILE I 380 -68.94 20.08 22.08
C ILE I 380 -70.42 20.35 21.78
N LYS I 381 -70.70 20.96 20.62
CA LYS I 381 -72.08 21.30 20.28
C LYS I 381 -72.93 20.04 20.19
N ALA I 382 -72.37 18.99 19.60
CA ALA I 382 -73.08 17.71 19.54
C ALA I 382 -73.41 17.19 20.94
N ASN I 383 -72.45 17.28 21.87
CA ASN I 383 -72.71 16.89 23.25
C ASN I 383 -73.84 17.71 23.85
N CYS I 384 -73.84 19.02 23.61
CA CYS I 384 -74.94 19.84 24.12
C CYS I 384 -76.27 19.33 23.61
N LYS I 385 -76.33 18.91 22.34
CA LYS I 385 -77.59 18.46 21.77
C LYS I 385 -78.04 17.17 22.44
N THR I 386 -77.13 16.22 22.68
CA THR I 386 -77.56 14.97 23.29
C THR I 386 -77.91 15.15 24.76
N HIS I 387 -77.21 16.03 25.48
CA HIS I 387 -77.47 16.21 26.90
C HIS I 387 -78.31 17.42 27.22
N ASN I 388 -78.65 18.26 26.24
CA ASN I 388 -79.46 19.47 26.44
C ASN I 388 -78.87 20.35 27.55
N CYS I 389 -77.60 20.71 27.38
CA CYS I 389 -76.83 21.48 28.35
C CYS I 389 -76.12 22.64 27.67
N ASP I 390 -75.59 23.56 28.49
CA ASP I 390 -74.87 24.70 27.93
C ASP I 390 -73.51 24.26 27.40
N LEU I 391 -72.79 25.19 26.80
CA LEU I 391 -71.50 24.85 26.20
C LEU I 391 -70.49 24.38 27.24
N ARG I 392 -70.48 25.00 28.43
CA ARG I 392 -69.54 24.59 29.47
C ARG I 392 -69.72 23.12 29.83
N MET I 393 -70.97 22.65 29.98
CA MET I 393 -71.18 21.24 30.30
C MET I 393 -71.02 20.34 29.09
N GLY I 394 -71.29 20.84 27.88
CA GLY I 394 -70.93 20.09 26.69
C GLY I 394 -69.45 19.76 26.62
N ALA I 395 -68.60 20.74 26.95
CA ALA I 395 -67.16 20.50 26.93
C ALA I 395 -66.74 19.55 28.05
N PHE I 396 -67.23 19.79 29.27
CA PHE I 396 -66.82 18.92 30.37
C PHE I 396 -67.35 17.50 30.20
N THR I 397 -68.59 17.34 29.71
CA THR I 397 -69.07 15.98 29.45
C THR I 397 -68.24 15.31 28.35
N LEU I 398 -67.79 16.08 27.36
CA LEU I 398 -66.96 15.52 26.29
C LEU I 398 -65.64 15.02 26.84
N GLY I 399 -64.94 15.87 27.59
CA GLY I 399 -63.63 15.46 28.09
C GLY I 399 -63.73 14.31 29.09
N LEU I 400 -64.66 14.41 30.04
CA LEU I 400 -64.82 13.36 31.04
C LEU I 400 -65.18 12.03 30.39
N ASN I 401 -66.07 12.03 29.40
CA ASN I 401 -66.48 10.77 28.79
C ASN I 401 -65.35 10.17 27.96
N ARG I 402 -64.53 11.01 27.31
CA ARG I 402 -63.40 10.48 26.58
C ARG I 402 -62.39 9.82 27.50
N VAL I 403 -62.08 10.45 28.66
CA VAL I 403 -61.20 9.80 29.63
C VAL I 403 -61.84 8.51 30.15
N ALA I 404 -63.13 8.56 30.47
CA ALA I 404 -63.83 7.38 30.95
C ALA I 404 -63.80 6.25 29.91
N ARG I 405 -64.02 6.59 28.65
CA ARG I 405 -64.00 5.58 27.59
C ARG I 405 -62.64 4.89 27.51
N ALA I 406 -61.57 5.67 27.43
CA ALA I 406 -60.25 5.09 27.35
C ALA I 406 -59.96 4.22 28.59
N THR I 407 -60.39 4.66 29.76
CA THR I 407 -60.11 3.89 30.96
C THR I 407 -60.81 2.53 30.92
N LEU I 408 -62.08 2.53 30.50
CA LEU I 408 -62.85 1.29 30.46
C LEU I 408 -62.32 0.35 29.39
N LEU I 409 -61.88 0.88 28.25
CA LEU I 409 -61.30 0.02 27.22
C LEU I 409 -60.06 -0.68 27.72
N ARG I 410 -59.23 0.03 28.50
CA ARG I 410 -57.99 -0.56 28.98
C ARG I 410 -58.23 -1.66 29.99
N GLY I 411 -59.28 -1.55 30.80
CA GLY I 411 -59.63 -2.64 31.68
C GLY I 411 -58.95 -2.55 33.04
N TRP I 412 -59.31 -3.52 33.90
CA TRP I 412 -58.95 -3.49 35.31
C TRP I 412 -58.20 -4.69 35.84
N GLU I 413 -58.07 -5.78 35.08
CA GLU I 413 -57.31 -6.93 35.58
C GLU I 413 -55.81 -6.61 35.58
N ALA I 414 -55.07 -7.30 36.44
CA ALA I 414 -53.65 -7.02 36.61
C ALA I 414 -52.83 -7.53 35.43
N ALA J 6 -7.28 13.28 -36.77
CA ALA J 6 -5.84 13.06 -36.98
C ALA J 6 -5.56 11.68 -37.57
N LEU J 7 -5.91 10.65 -36.80
CA LEU J 7 -5.84 9.27 -37.28
C LEU J 7 -6.89 8.98 -38.34
N VAL J 8 -8.04 9.65 -38.26
CA VAL J 8 -9.12 9.44 -39.22
C VAL J 8 -8.63 9.70 -40.66
N ALA J 9 -7.90 10.80 -40.85
CA ALA J 9 -7.54 11.27 -42.19
C ALA J 9 -6.40 10.46 -42.79
N THR J 10 -5.36 10.15 -41.99
CA THR J 10 -4.23 9.39 -42.51
C THR J 10 -4.68 8.01 -42.98
N ASN J 11 -5.58 7.37 -42.23
CA ASN J 11 -6.04 6.05 -42.63
C ASN J 11 -6.82 6.11 -43.93
N ARG J 12 -7.75 7.06 -44.06
CA ARG J 12 -8.47 7.20 -45.33
C ARG J 12 -7.52 7.56 -46.46
N ASN J 13 -6.66 8.54 -46.25
CA ASN J 13 -5.80 9.00 -47.33
C ASN J 13 -4.81 7.92 -47.74
N PHE J 14 -4.26 7.19 -46.79
CA PHE J 14 -3.37 6.09 -47.13
C PHE J 14 -4.10 5.03 -47.95
N GLN J 15 -5.30 4.64 -47.52
CA GLN J 15 -6.01 3.57 -48.22
C GLN J 15 -6.36 3.97 -49.64
N ARG J 16 -6.76 5.23 -49.85
CA ARG J 16 -7.04 5.70 -51.19
C ARG J 16 -5.80 5.64 -52.06
N ALA J 17 -4.66 6.07 -51.52
CA ALA J 17 -3.42 6.10 -52.30
C ALA J 17 -2.92 4.70 -52.65
N SER J 18 -3.03 3.75 -51.73
CA SER J 18 -2.58 2.40 -52.02
C SER J 18 -3.39 1.74 -53.13
N ARG J 19 -4.69 2.04 -53.23
CA ARG J 19 -5.42 1.47 -54.37
C ARG J 19 -5.08 2.19 -55.67
N ILE J 20 -4.86 3.51 -55.62
CA ILE J 20 -4.40 4.20 -56.84
C ILE J 20 -3.05 3.66 -57.31
N LEU J 21 -2.13 3.41 -56.38
CA LEU J 21 -0.82 2.89 -56.77
C LEU J 21 -0.84 1.40 -57.12
N GLY J 22 -1.91 0.67 -56.81
CA GLY J 22 -1.85 -0.78 -56.96
C GLY J 22 -0.84 -1.43 -56.05
N LEU J 23 -0.75 -0.96 -54.80
CA LEU J 23 0.26 -1.44 -53.85
C LEU J 23 0.10 -2.91 -53.55
N ASP J 24 1.23 -3.64 -53.60
CA ASP J 24 1.23 -5.03 -53.16
C ASP J 24 0.80 -5.11 -51.71
N SER J 25 -0.11 -6.04 -51.41
CA SER J 25 -0.73 -6.07 -50.08
C SER J 25 0.25 -6.51 -48.98
N LYS J 26 1.24 -7.36 -49.30
CA LYS J 26 2.24 -7.70 -48.29
C LYS J 26 3.25 -6.57 -48.10
N LEU J 27 3.60 -5.87 -49.18
CA LEU J 27 4.34 -4.62 -49.01
C LEU J 27 3.52 -3.63 -48.19
N GLU J 28 2.22 -3.54 -48.47
CA GLU J 28 1.35 -2.65 -47.68
C GLU J 28 1.36 -3.05 -46.21
N LYS J 29 1.28 -4.34 -45.93
CA LYS J 29 1.36 -4.80 -44.55
C LYS J 29 2.68 -4.38 -43.89
N SER J 30 3.81 -4.58 -44.58
CA SER J 30 5.10 -4.17 -44.02
C SER J 30 5.15 -2.67 -43.76
N LEU J 31 4.71 -1.87 -44.71
CA LEU J 31 4.71 -0.41 -44.55
C LEU J 31 3.80 0.05 -43.41
N LEU J 32 2.76 -0.71 -43.08
CA LEU J 32 1.91 -0.29 -41.97
C LEU J 32 2.51 -0.65 -40.62
N ILE J 33 3.35 -1.68 -40.55
CA ILE J 33 3.99 -2.08 -39.30
C ILE J 33 5.16 -1.15 -38.98
N PRO J 34 5.16 -0.50 -37.82
CA PRO J 34 6.28 0.41 -37.51
C PRO J 34 7.58 -0.37 -37.32
N TYR J 35 8.68 0.24 -37.76
CA TYR J 35 10.01 -0.32 -37.55
C TYR J 35 10.19 -0.75 -36.10
N ARG J 36 9.87 0.15 -35.16
CA ARG J 36 10.10 -0.10 -33.75
C ARG J 36 9.19 0.79 -32.90
N GLU J 37 8.64 0.20 -31.84
CA GLU J 37 7.86 0.91 -30.82
C GLU J 37 8.59 0.74 -29.49
N ILE J 38 8.83 1.86 -28.79
CA ILE J 38 9.59 1.88 -27.54
C ILE J 38 8.73 2.51 -26.45
N LYS J 39 8.68 1.90 -25.28
CA LYS J 39 8.12 2.51 -24.08
C LYS J 39 9.12 2.34 -22.95
N VAL J 40 9.39 3.41 -22.20
CA VAL J 40 10.38 3.39 -21.14
C VAL J 40 9.80 4.04 -19.90
N GLU J 41 10.24 3.58 -18.73
CA GLU J 41 9.91 4.29 -17.51
C GLU J 41 10.76 5.56 -17.39
N CYS J 42 10.12 6.70 -17.06
CA CYS J 42 10.79 7.97 -16.77
C CYS J 42 10.39 8.45 -15.37
N THR J 43 11.22 8.17 -14.36
CA THR J 43 10.94 8.54 -12.98
C THR J 43 11.92 9.63 -12.53
N ILE J 44 11.40 10.68 -11.90
CA ILE J 44 12.26 11.76 -11.42
C ILE J 44 11.85 12.15 -10.01
N PRO J 45 12.79 12.73 -9.26
CA PRO J 45 12.41 13.41 -8.01
C PRO J 45 11.84 14.79 -8.33
N LYS J 46 10.72 15.11 -7.70
CA LYS J 46 10.23 16.46 -7.82
C LYS J 46 11.06 17.38 -6.95
N ASP J 47 10.82 18.67 -7.09
CA ASP J 47 11.61 19.65 -6.35
C ASP J 47 11.60 19.40 -4.84
N ASP J 48 10.51 18.85 -4.30
CA ASP J 48 10.44 18.57 -2.87
C ASP J 48 11.00 17.19 -2.50
N GLY J 49 11.57 16.49 -3.46
CA GLY J 49 12.18 15.21 -3.23
C GLY J 49 11.29 14.01 -3.48
N SER J 50 9.97 14.21 -3.57
CA SER J 50 9.12 13.06 -3.78
C SER J 50 9.18 12.62 -5.23
N LEU J 51 8.83 11.35 -5.45
CA LEU J 51 8.95 10.72 -6.76
C LEU J 51 7.71 10.91 -7.58
N VAL J 52 7.90 11.00 -8.90
CA VAL J 52 6.83 10.92 -9.87
C VAL J 52 7.31 10.06 -11.03
N SER J 53 6.44 9.20 -11.54
CA SER J 53 6.79 8.21 -12.55
C SER J 53 5.90 8.39 -13.78
N TYR J 54 6.53 8.51 -14.94
CA TYR J 54 5.86 8.60 -16.24
C TYR J 54 6.36 7.50 -17.17
N VAL J 55 5.66 7.34 -18.29
CA VAL J 55 6.09 6.46 -19.37
C VAL J 55 6.46 7.32 -20.57
N GLY J 56 7.69 7.21 -21.01
CA GLY J 56 8.08 7.85 -22.26
C GLY J 56 7.95 6.88 -23.39
N PHE J 57 7.83 7.40 -24.62
CA PHE J 57 7.65 6.51 -25.74
C PHE J 57 8.24 7.10 -27.01
N ARG J 58 8.55 6.21 -27.95
CA ARG J 58 9.03 6.61 -29.26
C ARG J 58 8.58 5.56 -30.25
N ILE J 59 7.70 5.94 -31.17
CA ILE J 59 7.29 5.11 -32.29
C ILE J 59 8.15 5.49 -33.49
N GLN J 60 8.97 4.55 -33.92
CA GLN J 60 9.83 4.74 -35.08
C GLN J 60 9.18 4.01 -36.25
N HIS J 61 8.47 4.76 -37.10
CA HIS J 61 7.64 4.09 -38.09
C HIS J 61 8.47 3.53 -39.25
N ASP J 62 9.30 4.33 -39.91
CA ASP J 62 9.97 3.85 -41.10
C ASP J 62 11.30 4.56 -41.32
N ASN J 63 12.29 3.84 -41.80
CA ASN J 63 13.59 4.44 -42.07
C ASN J 63 14.13 4.04 -43.43
N ALA J 64 13.24 3.69 -44.35
CA ALA J 64 13.70 3.24 -45.66
C ALA J 64 14.45 4.34 -46.41
N ARG J 65 14.06 5.60 -46.21
CA ARG J 65 14.62 6.73 -46.94
C ARG J 65 15.64 7.51 -46.14
N GLY J 66 15.87 7.14 -44.89
CA GLY J 66 16.84 7.82 -44.07
C GLY J 66 16.53 7.72 -42.59
N PRO J 67 17.25 8.50 -41.79
CA PRO J 67 16.98 8.53 -40.34
C PRO J 67 15.53 8.93 -40.07
N MET J 68 15.00 8.43 -38.97
CA MET J 68 13.64 8.80 -38.64
C MET J 68 13.60 10.22 -38.07
N LYS J 69 12.43 10.84 -38.20
CA LYS J 69 12.24 12.25 -37.89
C LYS J 69 10.87 12.43 -37.26
N GLY J 70 10.81 13.19 -36.17
CA GLY J 70 9.50 13.49 -35.60
C GLY J 70 9.55 14.11 -34.22
N GLY J 71 8.47 14.78 -33.83
CA GLY J 71 8.46 15.52 -32.58
C GLY J 71 8.30 14.68 -31.32
N ILE J 72 8.48 15.37 -30.19
CA ILE J 72 8.31 14.83 -28.85
C ILE J 72 7.21 15.63 -28.16
N ARG J 73 6.14 14.94 -27.74
CA ARG J 73 5.00 15.59 -27.08
C ARG J 73 5.04 15.33 -25.57
N TYR J 74 5.03 16.40 -24.79
CA TYR J 74 4.77 16.34 -23.36
C TYR J 74 3.30 16.67 -23.24
N HIS J 75 2.47 15.62 -23.10
CA HIS J 75 1.04 15.75 -23.21
C HIS J 75 0.38 14.50 -22.61
N PRO J 76 -0.78 14.64 -21.97
CA PRO J 76 -1.41 13.45 -21.35
C PRO J 76 -2.03 12.46 -22.33
N GLU J 77 -2.48 12.89 -23.52
CA GLU J 77 -3.14 11.96 -24.44
C GLU J 77 -2.10 11.14 -25.20
N VAL J 78 -2.00 9.85 -24.88
CA VAL J 78 -1.01 9.01 -25.53
C VAL J 78 -1.63 7.79 -26.17
N ASP J 79 -2.80 7.97 -26.81
CA ASP J 79 -3.46 6.86 -27.51
C ASP J 79 -2.51 6.23 -28.53
N PRO J 80 -2.21 4.94 -28.42
CA PRO J 80 -1.18 4.36 -29.30
C PRO J 80 -1.52 4.46 -30.78
N ASP J 81 -2.79 4.28 -31.13
CA ASP J 81 -3.18 4.36 -32.53
C ASP J 81 -3.02 5.77 -33.08
N GLU J 82 -3.36 6.79 -32.28
CA GLU J 82 -3.11 8.16 -32.70
C GLU J 82 -1.63 8.41 -32.89
N VAL J 83 -0.82 7.99 -31.92
CA VAL J 83 0.61 8.22 -32.00
C VAL J 83 1.20 7.50 -33.22
N ASN J 84 0.76 6.25 -33.46
CA ASN J 84 1.20 5.51 -34.64
C ASN J 84 0.86 6.25 -35.92
N ALA J 85 -0.36 6.78 -36.01
CA ALA J 85 -0.76 7.48 -37.22
C ALA J 85 0.08 8.72 -37.45
N LEU J 86 0.43 9.44 -36.37
CA LEU J 86 1.25 10.64 -36.53
C LEU J 86 2.64 10.30 -37.02
N ALA J 87 3.23 9.22 -36.49
CA ALA J 87 4.53 8.76 -36.94
C ALA J 87 4.44 8.34 -38.40
N GLN J 88 3.42 7.56 -38.74
CA GLN J 88 3.14 7.21 -40.13
C GLN J 88 3.02 8.46 -41.00
N LEU J 89 2.31 9.48 -40.51
CA LEU J 89 2.13 10.66 -41.35
C LEU J 89 3.46 11.36 -41.62
N MET J 90 4.33 11.42 -40.62
CA MET J 90 5.68 11.92 -40.80
C MET J 90 6.41 11.18 -41.92
N THR J 91 6.26 9.86 -41.98
CA THR J 91 6.91 9.12 -43.06
C THR J 91 6.42 9.58 -44.43
N TRP J 92 5.12 9.81 -44.59
CA TRP J 92 4.60 10.23 -45.90
C TRP J 92 4.97 11.69 -46.21
N LYS J 93 4.90 12.56 -45.20
CA LYS J 93 5.21 13.97 -45.41
C LYS J 93 6.65 14.19 -45.85
N THR J 94 7.61 13.55 -45.16
CA THR J 94 9.02 13.69 -45.56
C THR J 94 9.23 13.18 -46.99
N ALA J 95 8.53 12.11 -47.37
CA ALA J 95 8.62 11.60 -48.74
C ALA J 95 8.04 12.58 -49.74
N VAL J 96 7.00 13.32 -49.34
CA VAL J 96 6.35 14.23 -50.29
C VAL J 96 7.32 15.32 -50.75
N VAL J 97 8.07 15.92 -49.82
CA VAL J 97 8.96 17.01 -50.22
C VAL J 97 10.36 16.50 -50.52
N ASP J 98 10.55 15.19 -50.51
CA ASP J 98 11.80 14.55 -50.93
C ASP J 98 12.97 14.91 -50.01
N ILE J 99 12.75 14.93 -48.70
CA ILE J 99 13.86 15.10 -47.77
C ILE J 99 14.27 13.72 -47.27
N PRO J 100 15.53 13.49 -46.99
CA PRO J 100 15.97 12.08 -46.75
C PRO J 100 15.71 11.62 -45.33
N TYR J 101 14.43 11.49 -44.97
CA TYR J 101 14.04 11.02 -43.64
C TYR J 101 12.89 10.03 -43.73
N GLY J 102 12.76 9.23 -42.68
CA GLY J 102 11.53 8.53 -42.38
C GLY J 102 10.77 9.22 -41.24
N GLY J 103 9.73 8.56 -40.77
CA GLY J 103 8.81 9.14 -39.79
C GLY J 103 8.93 8.52 -38.42
N ALA J 104 8.81 9.37 -37.40
CA ALA J 104 8.76 8.91 -36.02
C ALA J 104 7.93 9.91 -35.22
N LYS J 105 7.56 9.51 -34.00
CA LYS J 105 6.82 10.39 -33.11
C LYS J 105 6.97 9.86 -31.69
N GLY J 106 7.23 10.75 -30.75
CA GLY J 106 7.44 10.30 -29.40
C GLY J 106 6.84 11.21 -28.36
N GLY J 107 7.09 10.94 -27.09
CA GLY J 107 6.60 11.84 -26.08
C GLY J 107 6.66 11.22 -24.70
N ILE J 108 6.08 11.94 -23.75
CA ILE J 108 5.96 11.48 -22.37
C ILE J 108 4.55 11.82 -21.94
N GLY J 109 3.83 10.82 -21.44
CA GLY J 109 2.48 11.07 -21.00
C GLY J 109 2.51 11.86 -19.73
N CYS J 110 2.42 13.16 -19.84
CA CYS J 110 2.49 14.01 -18.66
C CYS J 110 1.81 15.33 -18.98
N ASN J 111 1.51 16.09 -17.92
CA ASN J 111 1.00 17.46 -18.07
C ASN J 111 2.10 18.44 -17.69
N PRO J 112 2.75 19.10 -18.66
CA PRO J 112 3.89 19.98 -18.32
C PRO J 112 3.55 21.08 -17.32
N LYS J 113 2.29 21.52 -17.25
CA LYS J 113 1.94 22.58 -16.31
C LYS J 113 2.08 22.13 -14.86
N ASP J 114 1.98 20.82 -14.59
CA ASP J 114 2.24 20.31 -13.25
C ASP J 114 3.70 20.33 -12.88
N LEU J 115 4.59 20.70 -13.78
CA LEU J 115 6.01 20.53 -13.54
C LEU J 115 6.71 21.86 -13.57
N SER J 116 7.62 22.05 -12.62
CA SER J 116 8.49 23.22 -12.58
C SER J 116 9.55 23.11 -13.68
N ILE J 117 10.26 24.23 -13.94
CA ILE J 117 11.24 24.25 -15.02
C ILE J 117 12.37 23.28 -14.76
N SER J 118 12.76 23.10 -13.49
CA SER J 118 13.78 22.12 -13.16
C SER J 118 13.25 20.69 -13.17
N GLU J 119 11.99 20.46 -12.78
CA GLU J 119 11.45 19.11 -12.94
C GLU J 119 11.38 18.72 -14.40
N LEU J 120 11.02 19.68 -15.27
CA LEU J 120 10.98 19.41 -16.70
C LEU J 120 12.37 19.11 -17.25
N GLU J 121 13.41 19.78 -16.74
CA GLU J 121 14.76 19.45 -17.18
C GLU J 121 15.16 18.05 -16.74
N ARG J 122 14.91 17.71 -15.48
CA ARG J 122 15.22 16.36 -15.03
C ARG J 122 14.44 15.34 -15.85
N LEU J 123 13.17 15.62 -16.15
CA LEU J 123 12.36 14.65 -16.90
C LEU J 123 12.93 14.44 -18.28
N THR J 124 13.29 15.53 -18.96
CA THR J 124 13.88 15.43 -20.29
C THR J 124 15.20 14.67 -20.26
N ARG J 125 16.01 14.89 -19.23
CA ARG J 125 17.29 14.21 -19.17
C ARG J 125 17.10 12.73 -18.93
N VAL J 126 16.16 12.33 -18.08
CA VAL J 126 15.96 10.91 -17.87
C VAL J 126 15.46 10.24 -19.14
N PHE J 127 14.47 10.86 -19.80
CA PHE J 127 13.95 10.31 -21.05
C PHE J 127 15.08 10.08 -22.04
N THR J 128 15.97 11.08 -22.18
CA THR J 128 17.12 10.96 -23.08
C THR J 128 18.04 9.83 -22.65
N GLN J 129 18.30 9.70 -21.34
CA GLN J 129 19.09 8.59 -20.85
C GLN J 129 18.45 7.26 -21.24
N LYS J 130 17.12 7.21 -21.21
CA LYS J 130 16.43 5.96 -21.50
C LYS J 130 16.34 5.68 -23.00
N ILE J 131 16.58 6.66 -23.87
CA ILE J 131 16.42 6.35 -25.29
C ILE J 131 17.64 6.70 -26.13
N HIS J 132 18.75 7.09 -25.49
CA HIS J 132 19.91 7.57 -26.24
C HIS J 132 20.44 6.51 -27.22
N ASP J 133 20.34 5.22 -26.88
CA ASP J 133 20.82 4.19 -27.78
C ASP J 133 19.87 3.94 -28.93
N LEU J 134 18.66 4.49 -28.92
CA LEU J 134 17.69 4.27 -29.98
C LEU J 134 17.56 5.45 -30.92
N ILE J 135 18.16 6.59 -30.57
CA ILE J 135 18.16 7.75 -31.44
C ILE J 135 19.59 8.02 -31.87
N GLY J 136 19.79 9.05 -32.65
CA GLY J 136 21.11 9.38 -33.13
C GLY J 136 21.00 10.14 -34.43
N ILE J 137 22.10 10.80 -34.78
CA ILE J 137 22.10 11.71 -35.92
C ILE J 137 21.74 11.02 -37.23
N HIS J 138 22.08 9.74 -37.36
CA HIS J 138 21.77 9.02 -38.59
C HIS J 138 20.77 7.92 -38.33
N ARG J 139 20.07 8.00 -37.20
CA ARG J 139 19.15 6.96 -36.76
C ARG J 139 17.77 7.53 -36.52
N ASP J 140 17.64 8.58 -35.72
CA ASP J 140 16.33 9.16 -35.39
C ASP J 140 16.57 10.54 -34.78
N VAL J 141 15.98 11.58 -35.35
CA VAL J 141 16.26 12.95 -34.96
C VAL J 141 14.98 13.60 -34.43
N PRO J 142 14.82 13.71 -33.12
CA PRO J 142 13.61 14.32 -32.58
C PRO J 142 13.58 15.82 -32.85
N ALA J 143 12.44 16.41 -32.48
CA ALA J 143 12.14 17.81 -32.72
C ALA J 143 11.08 18.25 -31.72
N PRO J 144 10.88 19.55 -31.54
CA PRO J 144 9.81 20.01 -30.63
C PRO J 144 8.43 19.63 -31.16
N ASP J 145 7.47 19.64 -30.25
CA ASP J 145 6.08 19.33 -30.57
C ASP J 145 5.24 19.92 -29.45
N MET J 146 3.97 19.56 -29.42
CA MET J 146 3.10 19.99 -28.33
C MET J 146 3.76 19.75 -26.98
N GLY J 147 3.88 20.82 -26.19
CA GLY J 147 4.45 20.71 -24.87
C GLY J 147 5.97 20.75 -24.77
N THR J 148 6.69 20.84 -25.89
CA THR J 148 8.13 20.95 -25.88
C THR J 148 8.56 22.16 -26.71
N ASN J 149 9.82 22.56 -26.54
CA ASN J 149 10.29 23.75 -27.23
C ASN J 149 11.80 23.63 -27.42
N SER J 150 12.42 24.73 -27.84
CA SER J 150 13.83 24.68 -28.16
C SER J 150 14.66 24.46 -26.90
N GLN J 151 14.16 24.91 -25.76
CA GLN J 151 14.86 24.63 -24.51
C GLN J 151 14.87 23.13 -24.21
N THR J 152 13.75 22.43 -24.47
CA THR J 152 13.75 20.98 -24.31
C THR J 152 14.82 20.36 -25.19
N MET J 153 14.94 20.84 -26.42
CA MET J 153 15.92 20.26 -27.34
C MET J 153 17.34 20.49 -26.83
N ALA J 154 17.61 21.66 -26.27
CA ALA J 154 18.91 21.90 -25.67
C ALA J 154 19.22 20.87 -24.60
N TRP J 155 18.22 20.54 -23.78
CA TRP J 155 18.44 19.54 -22.75
C TRP J 155 18.69 18.17 -23.33
N ILE J 156 17.94 17.78 -24.37
CA ILE J 156 18.19 16.49 -25.00
C ILE J 156 19.61 16.46 -25.55
N LEU J 157 19.99 17.52 -26.28
CA LEU J 157 21.35 17.65 -26.79
C LEU J 157 22.39 17.52 -25.68
N ASP J 158 22.20 18.25 -24.59
CA ASP J 158 23.19 18.21 -23.53
C ASP J 158 23.31 16.81 -22.95
N GLU J 159 22.18 16.13 -22.72
CA GLU J 159 22.29 14.82 -22.10
C GLU J 159 22.80 13.78 -23.08
N TYR J 160 22.29 13.80 -24.31
CA TYR J 160 22.71 12.83 -25.32
C TYR J 160 24.20 12.89 -25.56
N SER J 161 24.77 14.10 -25.55
CA SER J 161 26.17 14.27 -25.88
C SER J 161 27.09 13.70 -24.81
N LYS J 162 26.61 13.54 -23.57
CA LYS J 162 27.42 12.83 -22.57
C LYS J 162 27.65 11.39 -22.98
N PHE J 163 26.69 10.78 -23.69
CA PHE J 163 26.81 9.38 -24.07
C PHE J 163 27.52 9.17 -25.41
N HIS J 164 27.49 10.15 -26.30
CA HIS J 164 27.99 9.92 -27.65
C HIS J 164 28.87 11.07 -28.14
N GLY J 165 29.31 11.96 -27.27
CA GLY J 165 30.02 13.14 -27.71
C GLY J 165 29.07 14.19 -28.27
N HIS J 166 29.58 15.40 -28.38
CA HIS J 166 28.87 16.55 -28.93
C HIS J 166 28.18 16.20 -30.25
N SER J 167 26.86 16.23 -30.25
CA SER J 167 26.06 15.80 -31.41
C SER J 167 24.95 16.80 -31.71
N PRO J 168 25.30 17.99 -32.20
CA PRO J 168 24.24 18.98 -32.45
C PRO J 168 23.18 18.52 -33.44
N ALA J 169 23.51 17.62 -34.36
CA ALA J 169 22.51 17.16 -35.31
C ALA J 169 21.57 16.08 -34.75
N VAL J 170 21.73 15.65 -33.49
CA VAL J 170 20.84 14.61 -32.99
C VAL J 170 19.42 15.12 -32.81
N VAL J 171 19.22 16.42 -32.83
CA VAL J 171 17.92 17.02 -32.55
C VAL J 171 17.83 18.34 -33.32
N THR J 172 16.65 18.66 -33.86
CA THR J 172 16.49 19.95 -34.52
C THR J 172 15.54 20.80 -33.71
N GLY J 173 15.37 22.04 -34.16
CA GLY J 173 14.64 23.01 -33.35
C GLY J 173 15.41 23.53 -32.17
N LYS J 174 16.75 23.44 -32.22
CA LYS J 174 17.61 23.92 -31.15
C LYS J 174 17.62 25.44 -31.09
N PRO J 175 18.00 26.02 -29.95
CA PRO J 175 18.27 27.47 -29.92
C PRO J 175 19.37 27.86 -30.89
N ILE J 176 19.27 29.08 -31.42
CA ILE J 176 20.31 29.60 -32.32
C ILE J 176 21.68 29.48 -31.66
N ASP J 177 21.76 29.73 -30.35
CA ASP J 177 23.02 29.65 -29.64
C ASP J 177 23.63 28.25 -29.63
N LEU J 178 22.86 27.21 -29.93
CA LEU J 178 23.34 25.83 -29.87
C LEU J 178 23.22 25.11 -31.20
N GLY J 179 23.30 25.84 -32.31
CA GLY J 179 23.28 25.20 -33.60
C GLY J 179 21.94 25.19 -34.27
N GLY J 180 20.97 25.96 -33.76
CA GLY J 180 19.71 26.11 -34.44
C GLY J 180 19.86 26.90 -35.72
N SER J 181 18.90 26.71 -36.60
CA SER J 181 18.99 27.32 -37.92
C SER J 181 18.30 28.67 -37.93
N LEU J 182 18.85 29.59 -38.73
CA LEU J 182 18.09 30.78 -39.06
C LEU J 182 16.88 30.38 -39.89
N GLY J 183 15.88 31.26 -39.88
CA GLY J 183 14.70 31.06 -40.69
C GLY J 183 13.75 30.01 -40.16
N ARG J 184 14.00 29.47 -38.97
CA ARG J 184 13.12 28.41 -38.48
C ARG J 184 11.76 28.95 -38.07
N GLU J 185 11.71 30.18 -37.56
CA GLU J 185 10.45 30.77 -37.11
C GLU J 185 9.48 30.94 -38.28
N ALA J 186 9.91 31.63 -39.32
CA ALA J 186 9.08 31.88 -40.49
C ALA J 186 8.84 30.65 -41.35
N ALA J 187 9.47 29.51 -41.04
CA ALA J 187 9.62 28.42 -42.00
C ALA J 187 8.27 27.89 -42.52
N THR J 188 7.33 27.58 -41.63
CA THR J 188 6.08 26.98 -42.09
C THR J 188 5.25 27.99 -42.88
N GLY J 189 5.10 29.21 -42.33
CA GLY J 189 4.34 30.24 -43.01
C GLY J 189 4.97 30.64 -44.33
N LEU J 190 6.30 30.76 -44.35
CA LEU J 190 6.96 31.09 -45.61
C LEU J 190 6.75 29.97 -46.63
N GLY J 191 6.84 28.72 -46.17
CA GLY J 191 6.61 27.60 -47.06
C GLY J 191 5.22 27.60 -47.66
N VAL J 192 4.22 28.02 -46.88
CA VAL J 192 2.86 28.12 -47.41
C VAL J 192 2.81 29.08 -48.61
N VAL J 193 3.49 30.22 -48.51
CA VAL J 193 3.42 31.20 -49.60
C VAL J 193 4.23 30.72 -50.79
N PHE J 194 5.37 30.06 -50.55
CA PHE J 194 6.10 29.41 -51.64
C PHE J 194 5.23 28.35 -52.31
N ALA J 195 4.50 27.57 -51.52
CA ALA J 195 3.62 26.56 -52.09
C ALA J 195 2.54 27.21 -52.96
N THR J 196 1.97 28.31 -52.47
CA THR J 196 0.92 29.01 -53.21
C THR J 196 1.45 29.69 -54.46
N GLU J 197 2.66 30.29 -54.39
CA GLU J 197 3.26 30.86 -55.60
C GLU J 197 3.35 29.81 -56.70
N ALA J 198 3.81 28.61 -56.35
CA ALA J 198 3.92 27.54 -57.34
C ALA J 198 2.54 27.14 -57.87
N LEU J 199 1.53 27.09 -57.01
CA LEU J 199 0.18 26.75 -57.45
C LEU J 199 -0.37 27.79 -58.42
N PHE J 200 -0.22 29.09 -58.09
CA PHE J 200 -0.81 30.12 -58.94
C PHE J 200 -0.09 30.24 -60.27
N ALA J 201 1.19 29.88 -60.33
CA ALA J 201 1.91 29.90 -61.60
C ALA J 201 1.26 29.00 -62.63
N GLU J 202 0.58 27.94 -62.19
CA GLU J 202 -0.14 27.08 -63.12
C GLU J 202 -1.22 27.83 -63.87
N TYR J 203 -1.73 28.93 -63.31
CA TYR J 203 -2.75 29.76 -63.95
C TYR J 203 -2.18 31.03 -64.57
N GLY J 204 -0.86 31.15 -64.67
CA GLY J 204 -0.29 32.41 -65.11
C GLY J 204 -0.59 33.57 -64.18
N LYS J 205 -0.95 33.28 -62.93
CA LYS J 205 -1.35 34.29 -61.95
C LYS J 205 -0.26 34.42 -60.89
N SER J 206 -0.33 35.51 -60.13
CA SER J 206 0.62 35.79 -59.08
C SER J 206 -0.13 36.03 -57.77
N ILE J 207 0.63 36.07 -56.67
CA ILE J 207 0.06 36.36 -55.36
C ILE J 207 -0.58 37.74 -55.35
N SER J 208 0.03 38.70 -56.06
CA SER J 208 -0.51 40.06 -56.16
C SER J 208 -1.82 40.14 -56.93
N ASP J 209 -2.22 39.07 -57.62
CA ASP J 209 -3.49 39.08 -58.32
C ASP J 209 -4.67 38.72 -57.41
N MET J 210 -4.40 38.27 -56.18
CA MET J 210 -5.41 37.64 -55.35
C MET J 210 -5.65 38.45 -54.09
N THR J 211 -6.85 38.25 -53.52
CA THR J 211 -7.19 38.70 -52.18
C THR J 211 -7.27 37.48 -51.25
N PHE J 212 -6.94 37.69 -49.97
CA PHE J 212 -6.72 36.60 -49.03
C PHE J 212 -7.49 36.81 -47.72
N ALA J 213 -8.08 35.72 -47.22
CA ALA J 213 -8.61 35.66 -45.86
C ALA J 213 -7.87 34.56 -45.11
N ILE J 214 -7.39 34.88 -43.91
CA ILE J 214 -6.53 34.02 -43.12
C ILE J 214 -7.16 33.76 -41.76
N GLN J 215 -7.30 32.48 -41.41
CA GLN J 215 -7.83 32.10 -40.10
C GLN J 215 -6.65 31.74 -39.21
N GLY J 216 -6.46 32.49 -38.14
CA GLY J 216 -5.33 32.25 -37.26
C GLY J 216 -4.20 33.24 -37.48
N PHE J 217 -3.57 33.70 -36.40
CA PHE J 217 -2.56 34.74 -36.49
C PHE J 217 -1.44 34.41 -35.52
N GLY J 218 -0.98 33.16 -35.55
CA GLY J 218 0.11 32.65 -34.76
C GLY J 218 1.39 32.48 -35.55
N ASN J 219 2.13 31.40 -35.23
CA ASN J 219 3.41 31.18 -35.87
C ASN J 219 3.25 31.01 -37.37
N VAL J 220 2.23 30.26 -37.79
CA VAL J 220 1.97 30.09 -39.21
C VAL J 220 1.30 31.34 -39.78
N GLY J 221 0.24 31.82 -39.10
CA GLY J 221 -0.59 32.87 -39.67
C GLY J 221 0.14 34.18 -39.90
N THR J 222 0.94 34.61 -38.91
CA THR J 222 1.62 35.90 -39.04
C THR J 222 2.63 35.88 -40.18
N TRP J 223 3.42 34.81 -40.28
CA TRP J 223 4.46 34.76 -41.30
C TRP J 223 3.85 34.62 -42.68
N ALA J 224 2.77 33.84 -42.79
CA ALA J 224 2.09 33.74 -44.07
C ALA J 224 1.61 35.11 -44.53
N ALA J 225 0.95 35.85 -43.63
CA ALA J 225 0.48 37.19 -43.94
C ALA J 225 1.62 38.11 -44.36
N LYS J 226 2.74 38.08 -43.63
CA LYS J 226 3.88 38.94 -43.95
C LYS J 226 4.40 38.64 -45.35
N ALA J 227 4.59 37.35 -45.67
CA ALA J 227 5.05 37.00 -46.99
C ALA J 227 4.01 37.37 -48.04
N ILE J 228 2.72 37.32 -47.68
CA ILE J 228 1.67 37.76 -48.58
C ILE J 228 1.78 39.25 -48.84
N PHE J 229 1.91 40.03 -47.75
CA PHE J 229 1.92 41.48 -47.86
C PHE J 229 3.13 41.99 -48.62
N GLU J 230 4.31 41.42 -48.37
CA GLU J 230 5.50 41.85 -49.09
C GLU J 230 5.49 41.43 -50.55
N ARG J 231 4.61 40.49 -50.93
CA ARG J 231 4.47 40.08 -52.32
C ARG J 231 3.27 40.71 -52.99
N GLY J 232 2.67 41.73 -52.37
CA GLY J 232 1.59 42.44 -53.00
C GLY J 232 0.24 41.80 -52.88
N GLY J 233 0.12 40.69 -52.16
CA GLY J 233 -1.18 40.11 -51.95
C GLY J 233 -2.02 41.02 -51.08
N LYS J 234 -3.29 41.16 -51.45
CA LYS J 234 -4.24 41.94 -50.66
C LYS J 234 -4.86 41.00 -49.64
N VAL J 235 -4.22 40.88 -48.49
CA VAL J 235 -4.83 40.12 -47.40
C VAL J 235 -5.98 40.97 -46.85
N VAL J 236 -7.22 40.57 -47.14
CA VAL J 236 -8.38 41.40 -46.85
C VAL J 236 -9.05 41.06 -45.53
N ALA J 237 -8.72 39.93 -44.90
CA ALA J 237 -9.38 39.56 -43.66
C ALA J 237 -8.47 38.62 -42.88
N VAL J 238 -8.36 38.87 -41.57
CA VAL J 238 -7.56 38.04 -40.67
C VAL J 238 -8.37 37.83 -39.40
N SER J 239 -8.40 36.58 -38.91
CA SER J 239 -9.07 36.26 -37.66
C SER J 239 -8.11 35.57 -36.73
N ASP J 240 -8.48 35.54 -35.45
CA ASP J 240 -7.80 34.71 -34.46
C ASP J 240 -8.84 34.25 -33.43
N ILE J 241 -8.37 33.81 -32.27
CA ILE J 241 -9.26 33.27 -31.25
C ILE J 241 -10.06 34.37 -30.55
N ASN J 242 -9.62 35.63 -30.63
CA ASN J 242 -10.21 36.73 -29.86
C ASN J 242 -10.95 37.74 -30.71
N GLY J 243 -10.86 37.67 -32.03
CA GLY J 243 -11.49 38.66 -32.87
C GLY J 243 -11.06 38.49 -34.32
N ALA J 244 -11.44 39.47 -35.13
CA ALA J 244 -11.14 39.43 -36.54
C ALA J 244 -11.19 40.85 -37.07
N ILE J 245 -10.52 41.08 -38.19
CA ILE J 245 -10.42 42.42 -38.77
C ILE J 245 -10.57 42.29 -40.28
N SER J 246 -11.16 43.30 -40.90
CA SER J 246 -11.47 43.29 -42.31
C SER J 246 -11.04 44.60 -42.95
N ASN J 247 -10.63 44.53 -44.21
CA ASN J 247 -10.33 45.74 -44.96
C ASN J 247 -10.55 45.43 -46.44
N PRO J 248 -11.58 46.05 -47.04
CA PRO J 248 -11.96 45.67 -48.41
C PRO J 248 -10.88 45.85 -49.46
N ASN J 249 -9.75 46.47 -49.14
CA ASN J 249 -8.63 46.55 -50.07
C ASN J 249 -7.31 46.47 -49.31
N GLY J 250 -7.15 45.43 -48.51
CA GLY J 250 -5.87 45.07 -47.92
C GLY J 250 -5.48 45.71 -46.61
N ILE J 251 -5.22 44.86 -45.62
CA ILE J 251 -4.69 45.29 -44.32
C ILE J 251 -3.20 45.56 -44.44
N ASP J 252 -2.74 46.68 -43.87
CA ASP J 252 -1.31 46.93 -43.70
C ASP J 252 -0.79 45.94 -42.67
N ILE J 253 -0.20 44.84 -43.14
CA ILE J 253 0.21 43.76 -42.25
C ILE J 253 1.36 44.21 -41.36
N ALA J 254 2.26 45.04 -41.89
CA ALA J 254 3.37 45.55 -41.09
C ALA J 254 2.86 46.28 -39.86
N ALA J 255 1.89 47.18 -40.04
CA ALA J 255 1.29 47.86 -38.89
C ALA J 255 0.49 46.89 -38.04
N LEU J 256 -0.17 45.92 -38.68
CA LEU J 256 -0.91 44.90 -37.93
C LEU J 256 0.01 44.08 -37.05
N LEU J 257 1.19 43.71 -37.55
CA LEU J 257 2.14 42.97 -36.73
C LEU J 257 2.65 43.80 -35.56
N LYS J 258 2.98 45.08 -35.81
CA LYS J 258 3.40 45.97 -34.73
C LYS J 258 2.32 46.08 -33.66
N HIS J 259 1.04 46.07 -34.07
CA HIS J 259 -0.05 46.17 -33.11
C HIS J 259 -0.17 44.89 -32.29
N LYS J 260 -0.10 43.73 -32.95
CA LYS J 260 -0.21 42.47 -32.21
C LYS J 260 0.95 42.31 -31.24
N ALA J 261 2.15 42.70 -31.66
CA ALA J 261 3.32 42.59 -30.78
C ALA J 261 3.17 43.51 -29.58
N GLY J 262 2.41 44.60 -29.70
CA GLY J 262 2.18 45.46 -28.57
C GLY J 262 0.99 44.99 -27.75
N ASN J 263 0.70 43.68 -27.83
CA ASN J 263 -0.39 43.03 -27.08
C ASN J 263 -1.77 43.54 -27.49
N GLY J 264 -1.92 43.98 -28.74
CA GLY J 264 -3.22 44.39 -29.21
C GLY J 264 -3.97 43.21 -29.81
N SER J 265 -5.30 43.34 -29.82
CA SER J 265 -6.16 42.33 -30.40
C SER J 265 -6.67 42.83 -31.74
N LEU J 266 -6.85 41.88 -32.67
CA LEU J 266 -7.20 42.21 -34.05
C LEU J 266 -8.42 43.09 -34.13
N LYS J 267 -9.45 42.79 -33.32
CA LYS J 267 -10.67 43.59 -33.36
C LYS J 267 -10.39 45.06 -33.04
N ASP J 268 -9.28 45.33 -32.36
CA ASP J 268 -8.91 46.66 -31.91
C ASP J 268 -7.95 47.38 -32.84
N PHE J 269 -7.58 46.75 -33.96
CA PHE J 269 -6.71 47.39 -34.94
C PHE J 269 -7.45 48.54 -35.62
N SER J 270 -6.75 49.67 -35.76
CA SER J 270 -7.36 50.89 -36.29
C SER J 270 -7.31 51.00 -37.81
N GLY J 271 -6.43 50.24 -38.47
CA GLY J 271 -6.33 50.27 -39.91
C GLY J 271 -7.25 49.26 -40.56
N GLY J 272 -8.40 49.03 -39.94
CA GLY J 272 -9.36 48.09 -40.49
C GLY J 272 -10.67 48.19 -39.73
N ASP J 273 -11.62 47.37 -40.17
CA ASP J 273 -12.94 47.29 -39.58
C ASP J 273 -13.09 45.96 -38.86
N ALA J 274 -13.51 46.00 -37.59
CA ALA J 274 -13.72 44.78 -36.83
C ALA J 274 -14.86 43.94 -37.40
N MET J 275 -14.70 42.61 -37.30
CA MET J 275 -15.67 41.67 -37.86
C MET J 275 -15.84 40.51 -36.90
N ASN J 276 -16.95 39.79 -37.07
CA ASN J 276 -17.17 38.54 -36.35
C ASN J 276 -16.20 37.49 -36.89
N PRO J 277 -15.35 36.88 -36.04
CA PRO J 277 -14.42 35.86 -36.55
C PRO J 277 -15.11 34.68 -37.22
N ASN J 278 -16.35 34.37 -36.81
CA ASN J 278 -17.10 33.29 -37.43
C ASN J 278 -17.55 33.62 -38.84
N ASP J 279 -17.30 34.84 -39.31
CA ASP J 279 -17.52 35.21 -40.70
C ASP J 279 -16.28 35.02 -41.56
N LEU J 280 -15.16 34.58 -40.96
CA LEU J 280 -13.90 34.50 -41.71
C LEU J 280 -13.94 33.40 -42.76
N LEU J 281 -14.61 32.28 -42.48
CA LEU J 281 -14.56 31.17 -43.43
C LEU J 281 -15.42 31.42 -44.65
N VAL J 282 -16.47 32.21 -44.50
CA VAL J 282 -17.37 32.53 -45.60
C VAL J 282 -17.05 33.90 -46.20
N HIS J 283 -15.94 34.51 -45.80
CA HIS J 283 -15.57 35.83 -46.29
C HIS J 283 -15.29 35.82 -47.79
N ASP J 284 -15.67 36.91 -48.46
CA ASP J 284 -15.55 37.05 -49.91
C ASP J 284 -14.12 37.39 -50.28
N CYS J 285 -13.42 36.46 -50.91
CA CYS J 285 -12.01 36.62 -51.24
C CYS J 285 -11.64 35.55 -52.25
N ASP J 286 -10.44 35.66 -52.81
CA ASP J 286 -9.97 34.64 -53.74
C ASP J 286 -9.37 33.43 -53.02
N VAL J 287 -8.62 33.66 -51.94
CA VAL J 287 -7.82 32.62 -51.30
C VAL J 287 -8.16 32.54 -49.82
N LEU J 288 -8.44 31.32 -49.35
CA LEU J 288 -8.68 31.04 -47.94
C LEU J 288 -7.53 30.21 -47.38
N ILE J 289 -6.96 30.66 -46.26
CA ILE J 289 -5.86 29.95 -45.63
C ILE J 289 -6.19 29.66 -44.17
N PRO J 290 -6.77 28.51 -43.83
CA PRO J 290 -6.92 28.15 -42.42
C PRO J 290 -5.56 27.87 -41.79
N CYS J 291 -5.24 28.59 -40.71
CA CYS J 291 -3.98 28.44 -39.99
C CYS J 291 -4.17 28.20 -38.51
N ALA J 292 -5.33 27.69 -38.09
CA ALA J 292 -5.64 27.57 -36.67
C ALA J 292 -5.72 26.10 -36.27
N LEU J 293 -6.81 25.42 -36.62
CA LEU J 293 -6.98 24.04 -36.19
C LEU J 293 -7.71 23.28 -37.30
N GLY J 294 -7.76 21.95 -37.15
CA GLY J 294 -8.41 21.10 -38.13
C GLY J 294 -9.92 20.95 -37.93
N GLY J 295 -10.56 20.42 -38.97
CA GLY J 295 -11.98 20.18 -38.97
C GLY J 295 -12.82 21.42 -38.98
N VAL J 296 -12.29 22.54 -39.48
CA VAL J 296 -13.04 23.79 -39.52
C VAL J 296 -13.96 23.86 -40.73
N LEU J 297 -13.71 23.06 -41.78
CA LEU J 297 -14.58 23.01 -42.95
C LEU J 297 -15.33 21.69 -42.96
N ASN J 298 -16.66 21.75 -42.82
CA ASN J 298 -17.48 20.55 -42.85
C ASN J 298 -18.66 20.73 -43.78
N LYS J 299 -19.59 19.77 -43.71
CA LYS J 299 -20.74 19.75 -44.61
C LYS J 299 -21.66 20.95 -44.43
N GLU J 300 -21.54 21.71 -43.33
CA GLU J 300 -22.40 22.87 -43.12
C GLU J 300 -22.01 24.04 -44.02
N ASN J 301 -20.77 24.52 -43.89
CA ASN J 301 -20.34 25.76 -44.53
C ASN J 301 -19.53 25.53 -45.80
N ALA J 302 -19.42 24.29 -46.27
CA ALA J 302 -18.70 24.04 -47.51
C ALA J 302 -19.38 24.73 -48.69
N ASN J 303 -20.72 24.65 -48.75
CA ASN J 303 -21.48 25.26 -49.83
C ASN J 303 -21.43 26.78 -49.81
N ASP J 304 -20.99 27.40 -48.71
CA ASP J 304 -20.84 28.84 -48.64
C ASP J 304 -19.38 29.22 -48.41
N VAL J 305 -18.50 28.86 -49.33
CA VAL J 305 -17.13 29.33 -49.35
C VAL J 305 -16.96 30.21 -50.57
N LYS J 306 -16.43 31.42 -50.36
CA LYS J 306 -16.34 32.38 -51.45
C LYS J 306 -14.98 32.34 -52.15
N ALA J 307 -14.10 31.41 -51.79
CA ALA J 307 -12.80 31.27 -52.42
C ALA J 307 -12.82 30.14 -53.44
N LYS J 308 -11.94 30.24 -54.43
CA LYS J 308 -11.67 29.16 -55.38
C LYS J 308 -10.35 28.47 -55.11
N PHE J 309 -9.60 28.92 -54.10
CA PHE J 309 -8.43 28.21 -53.61
C PHE J 309 -8.48 28.14 -52.10
N ILE J 310 -8.13 26.97 -51.55
CA ILE J 310 -7.98 26.79 -50.12
C ILE J 310 -6.60 26.19 -49.89
N ILE J 311 -5.77 26.87 -49.13
CA ILE J 311 -4.44 26.41 -48.78
C ILE J 311 -4.52 25.85 -47.37
N GLU J 312 -4.41 24.53 -47.23
CA GLU J 312 -4.52 23.86 -45.94
C GLU J 312 -3.21 24.03 -45.17
N ALA J 313 -3.14 25.09 -44.36
CA ALA J 313 -1.96 25.35 -43.54
C ALA J 313 -2.04 24.68 -42.18
N ALA J 314 -3.19 24.74 -41.51
CA ALA J 314 -3.40 23.94 -40.32
C ALA J 314 -3.50 22.46 -40.72
N ASN J 315 -3.44 21.57 -39.74
CA ASN J 315 -3.50 20.15 -40.04
C ASN J 315 -4.95 19.68 -40.14
N HIS J 316 -5.28 19.05 -41.28
CA HIS J 316 -6.55 18.39 -41.58
C HIS J 316 -7.76 19.29 -41.38
N PRO J 317 -7.80 20.47 -42.02
CA PRO J 317 -8.96 21.34 -41.85
C PRO J 317 -10.17 20.93 -42.66
N THR J 318 -10.01 20.11 -43.70
CA THR J 318 -11.11 19.71 -44.57
C THR J 318 -11.38 18.22 -44.37
N ASP J 319 -12.56 17.89 -43.83
CA ASP J 319 -12.99 16.51 -43.72
C ASP J 319 -13.54 16.05 -45.07
N PRO J 320 -13.74 14.74 -45.26
CA PRO J 320 -14.09 14.26 -46.61
C PRO J 320 -15.42 14.79 -47.14
N ASP J 321 -16.38 15.14 -46.28
CA ASP J 321 -17.64 15.70 -46.77
C ASP J 321 -17.40 17.03 -47.46
N ALA J 322 -16.65 17.93 -46.82
CA ALA J 322 -16.30 19.19 -47.46
C ALA J 322 -15.42 18.96 -48.67
N ASP J 323 -14.53 17.95 -48.59
CA ASP J 323 -13.67 17.60 -49.72
C ASP J 323 -14.49 17.31 -50.97
N GLU J 324 -15.53 16.48 -50.85
CA GLU J 324 -16.36 16.11 -51.99
C GLU J 324 -17.29 17.22 -52.44
N ILE J 325 -17.70 18.10 -51.52
CA ILE J 325 -18.55 19.24 -51.90
C ILE J 325 -17.73 20.29 -52.62
N LEU J 326 -16.59 20.66 -52.03
CA LEU J 326 -15.75 21.72 -52.60
C LEU J 326 -15.13 21.31 -53.93
N SER J 327 -14.76 20.04 -54.07
CA SER J 327 -14.20 19.61 -55.35
C SER J 327 -15.22 19.80 -56.46
N LYS J 328 -16.51 19.65 -56.13
CA LYS J 328 -17.57 19.81 -57.10
C LYS J 328 -17.92 21.27 -57.38
N LYS J 329 -17.58 22.19 -56.47
CA LYS J 329 -17.77 23.61 -56.74
C LYS J 329 -16.63 24.22 -57.53
N GLY J 330 -15.64 23.44 -57.96
CA GLY J 330 -14.50 23.99 -58.66
C GLY J 330 -13.44 24.59 -57.77
N VAL J 331 -13.54 24.39 -56.45
CA VAL J 331 -12.52 24.89 -55.52
C VAL J 331 -11.37 23.90 -55.49
N ILE J 332 -10.15 24.43 -55.60
CA ILE J 332 -8.94 23.63 -55.62
C ILE J 332 -8.25 23.77 -54.26
N ILE J 333 -7.92 22.64 -53.64
CA ILE J 333 -7.40 22.59 -52.28
C ILE J 333 -5.97 22.06 -52.31
N LEU J 334 -5.04 22.90 -51.88
CA LEU J 334 -3.65 22.49 -51.74
C LEU J 334 -3.51 21.76 -50.40
N PRO J 335 -3.11 20.50 -50.41
CA PRO J 335 -3.27 19.66 -49.21
C PRO J 335 -2.23 19.95 -48.12
N ASP J 336 -2.67 19.76 -46.88
CA ASP J 336 -1.86 20.10 -45.70
C ASP J 336 -0.52 19.39 -45.71
N VAL J 337 -0.51 18.10 -46.06
CA VAL J 337 0.71 17.29 -46.01
C VAL J 337 1.83 17.93 -46.82
N TYR J 338 1.49 18.69 -47.85
CA TYR J 338 2.47 19.46 -48.61
C TYR J 338 2.54 20.94 -48.20
N ALA J 339 1.39 21.59 -48.03
CA ALA J 339 1.37 23.04 -47.93
C ALA J 339 2.12 23.53 -46.69
N ASN J 340 2.05 22.81 -45.58
CA ASN J 340 2.72 23.26 -44.36
C ASN J 340 4.06 22.59 -44.11
N ALA J 341 4.61 21.91 -45.11
CA ALA J 341 5.80 21.10 -44.93
C ALA J 341 7.09 21.92 -44.90
N GLY J 342 7.00 23.24 -44.94
CA GLY J 342 8.20 24.05 -44.85
C GLY J 342 8.91 23.90 -43.52
N GLY J 343 8.15 23.71 -42.44
CA GLY J 343 8.76 23.53 -41.14
C GLY J 343 9.63 22.28 -41.08
N VAL J 344 9.09 21.14 -41.51
CA VAL J 344 9.90 19.94 -41.47
C VAL J 344 11.07 20.08 -42.44
N THR J 345 10.87 20.84 -43.53
CA THR J 345 11.96 21.03 -44.47
C THR J 345 13.09 21.86 -43.89
N VAL J 346 12.77 22.96 -43.22
CA VAL J 346 13.86 23.74 -42.64
C VAL J 346 14.50 22.94 -41.51
N SER J 347 13.73 22.09 -40.86
CA SER J 347 14.28 21.19 -39.87
C SER J 347 15.33 20.28 -40.49
N TYR J 348 15.10 19.81 -41.72
CA TYR J 348 16.12 19.08 -42.45
C TYR J 348 17.36 19.95 -42.68
N PHE J 349 17.15 21.22 -43.06
CA PHE J 349 18.28 22.11 -43.30
C PHE J 349 19.08 22.36 -42.03
N GLU J 350 18.40 22.48 -40.88
CA GLU J 350 19.14 22.62 -39.62
C GLU J 350 20.07 21.42 -39.41
N TRP J 351 19.54 20.22 -39.59
CA TRP J 351 20.34 19.01 -39.48
C TRP J 351 21.53 19.03 -40.45
N VAL J 352 21.26 19.37 -41.72
CA VAL J 352 22.32 19.45 -42.73
C VAL J 352 23.42 20.40 -42.29
N GLN J 353 23.05 21.61 -41.84
CA GLN J 353 24.04 22.58 -41.40
C GLN J 353 24.88 22.02 -40.25
N ASN J 354 24.25 21.29 -39.33
CA ASN J 354 25.01 20.71 -38.21
C ASN J 354 25.99 19.65 -38.71
N ILE J 355 25.53 18.71 -39.55
CA ILE J 355 26.47 17.69 -40.00
C ILE J 355 27.53 18.32 -40.88
N GLN J 356 27.22 19.44 -41.55
CA GLN J 356 28.22 20.15 -42.32
C GLN J 356 29.10 21.04 -41.48
N GLY J 357 28.85 21.16 -40.17
CA GLY J 357 29.68 21.95 -39.30
C GLY J 357 29.70 23.43 -39.62
N PHE J 358 28.69 23.94 -40.31
CA PHE J 358 28.81 25.27 -40.88
C PHE J 358 27.43 25.81 -41.20
N MET J 359 27.03 26.89 -40.53
CA MET J 359 25.69 27.42 -40.66
C MET J 359 25.51 28.23 -41.95
N TRP J 360 24.27 28.26 -42.42
CA TRP J 360 23.85 29.03 -43.58
C TRP J 360 23.34 30.39 -43.14
N ASP J 361 23.41 31.36 -44.04
CA ASP J 361 22.73 32.59 -43.70
C ASP J 361 21.25 32.42 -44.03
N GLU J 362 20.44 33.37 -43.55
CA GLU J 362 19.01 33.21 -43.65
C GLU J 362 18.55 33.24 -45.10
N GLU J 363 19.26 33.97 -45.95
CA GLU J 363 18.89 34.00 -47.36
C GLU J 363 19.14 32.64 -48.02
N LYS J 364 20.16 31.92 -47.58
CA LYS J 364 20.45 30.61 -48.15
C LYS J 364 19.38 29.60 -47.75
N VAL J 365 18.94 29.65 -46.48
CA VAL J 365 17.88 28.76 -46.00
C VAL J 365 16.63 28.94 -46.84
N ASN J 366 16.24 30.20 -47.08
CA ASN J 366 14.98 30.46 -47.76
C ASN J 366 15.05 30.10 -49.23
N GLN J 367 16.21 30.35 -49.84
CA GLN J 367 16.40 29.95 -51.23
C GLN J 367 16.24 28.44 -51.38
N GLU J 368 16.80 27.67 -50.47
CA GLU J 368 16.63 26.23 -50.55
C GLU J 368 15.20 25.81 -50.22
N LEU J 369 14.56 26.46 -49.24
CA LEU J 369 13.17 26.14 -48.94
C LEU J 369 12.27 26.37 -50.15
N LYS J 370 12.48 27.48 -50.87
CA LYS J 370 11.72 27.72 -52.10
C LYS J 370 12.02 26.64 -53.13
N ARG J 371 13.28 26.28 -53.28
CA ARG J 371 13.64 25.22 -54.22
C ARG J 371 12.92 23.92 -53.88
N TYR J 372 12.89 23.57 -52.58
CA TYR J 372 12.29 22.31 -52.14
C TYR J 372 10.77 22.31 -52.28
N MET J 373 10.12 23.42 -51.91
CA MET J 373 8.67 23.49 -52.04
C MET J 373 8.24 23.52 -53.51
N THR J 374 9.01 24.18 -54.37
CA THR J 374 8.62 24.27 -55.78
C THR J 374 8.72 22.91 -56.45
N LYS J 375 9.88 22.25 -56.35
CA LYS J 375 10.06 20.93 -56.93
C LYS J 375 8.98 19.97 -56.45
N ALA J 376 8.62 20.07 -55.17
CA ALA J 376 7.61 19.18 -54.61
C ALA J 376 6.25 19.40 -55.27
N PHE J 377 5.88 20.66 -55.51
CA PHE J 377 4.62 20.93 -56.16
C PHE J 377 4.62 20.38 -57.58
N ASN J 378 5.72 20.57 -58.31
CA ASN J 378 5.79 20.03 -59.67
C ASN J 378 5.64 18.52 -59.65
N ASP J 379 6.32 17.84 -58.71
CA ASP J 379 6.19 16.40 -58.62
C ASP J 379 4.76 15.99 -58.26
N ILE J 380 4.11 16.73 -57.36
CA ILE J 380 2.71 16.43 -57.07
C ILE J 380 1.87 16.60 -58.34
N LYS J 381 2.04 17.74 -59.02
CA LYS J 381 1.22 18.02 -60.19
C LYS J 381 1.45 16.98 -61.27
N ALA J 382 2.70 16.54 -61.45
CA ALA J 382 2.97 15.47 -62.41
C ALA J 382 2.21 14.21 -62.04
N ASN J 383 2.24 13.83 -60.76
CA ASN J 383 1.49 12.68 -60.29
C ASN J 383 0.00 12.83 -60.55
N CYS J 384 -0.56 14.03 -60.28
CA CYS J 384 -1.98 14.24 -60.54
C CYS J 384 -2.33 13.94 -61.98
N LYS J 385 -1.40 14.20 -62.91
CA LYS J 385 -1.66 13.91 -64.31
C LYS J 385 -1.54 12.42 -64.58
N THR J 386 -0.51 11.75 -64.02
CA THR J 386 -0.35 10.33 -64.28
C THR J 386 -1.57 9.55 -63.82
N HIS J 387 -2.16 9.93 -62.69
CA HIS J 387 -3.27 9.20 -62.11
C HIS J 387 -4.61 9.90 -62.24
N ASN J 388 -4.63 11.12 -62.79
CA ASN J 388 -5.85 11.90 -62.96
C ASN J 388 -6.62 12.03 -61.64
N CYS J 389 -5.93 12.57 -60.64
CA CYS J 389 -6.46 12.69 -59.29
C CYS J 389 -6.26 14.12 -58.80
N ASP J 390 -6.87 14.44 -57.66
CA ASP J 390 -6.78 15.76 -57.06
C ASP J 390 -5.38 15.98 -56.42
N LEU J 391 -5.17 17.19 -55.93
CA LEU J 391 -3.86 17.53 -55.36
C LEU J 391 -3.57 16.72 -54.11
N ARG J 392 -4.57 16.50 -53.27
CA ARG J 392 -4.34 15.71 -52.06
C ARG J 392 -3.85 14.32 -52.42
N MET J 393 -4.47 13.71 -53.43
CA MET J 393 -4.04 12.37 -53.81
C MET J 393 -2.76 12.40 -54.63
N GLY J 394 -2.51 13.49 -55.35
CA GLY J 394 -1.21 13.66 -55.97
C GLY J 394 -0.07 13.60 -54.96
N ALA J 395 -0.24 14.24 -53.81
CA ALA J 395 0.82 14.25 -52.79
C ALA J 395 0.99 12.88 -52.14
N PHE J 396 -0.12 12.25 -51.73
CA PHE J 396 -0.04 10.98 -51.00
C PHE J 396 0.50 9.86 -51.86
N THR J 397 0.07 9.76 -53.12
CA THR J 397 0.63 8.73 -53.97
C THR J 397 2.10 8.97 -54.20
N LEU J 398 2.52 10.24 -54.26
CA LEU J 398 3.93 10.56 -54.46
C LEU J 398 4.76 10.09 -53.29
N GLY J 399 4.33 10.44 -52.07
CA GLY J 399 5.07 10.07 -50.89
C GLY J 399 5.04 8.57 -50.65
N LEU J 400 3.84 7.98 -50.75
CA LEU J 400 3.74 6.54 -50.55
C LEU J 400 4.58 5.77 -51.57
N ASN J 401 4.60 6.23 -52.82
CA ASN J 401 5.39 5.53 -53.82
C ASN J 401 6.88 5.64 -53.53
N ARG J 402 7.33 6.81 -53.04
CA ARG J 402 8.74 6.98 -52.76
C ARG J 402 9.20 6.07 -51.63
N VAL J 403 8.40 5.95 -50.58
CA VAL J 403 8.73 5.02 -49.51
C VAL J 403 8.74 3.58 -50.01
N ALA J 404 7.76 3.21 -50.84
CA ALA J 404 7.73 1.85 -51.39
C ALA J 404 8.97 1.54 -52.24
N ARG J 405 9.37 2.47 -53.13
CA ARG J 405 10.54 2.24 -53.96
C ARG J 405 11.80 2.01 -53.13
N ALA J 406 11.99 2.82 -52.08
CA ALA J 406 13.17 2.65 -51.23
C ALA J 406 13.12 1.31 -50.50
N THR J 407 11.94 0.92 -50.04
CA THR J 407 11.80 -0.36 -49.37
C THR J 407 12.13 -1.51 -50.29
N LEU J 408 11.64 -1.45 -51.54
CA LEU J 408 11.89 -2.55 -52.48
C LEU J 408 13.35 -2.61 -52.91
N LEU J 409 13.98 -1.45 -53.14
CA LEU J 409 15.40 -1.45 -53.48
C LEU J 409 16.25 -2.06 -52.37
N ARG J 410 15.89 -1.82 -51.11
CA ARG J 410 16.70 -2.35 -50.02
C ARG J 410 16.63 -3.86 -49.93
N GLY J 411 15.48 -4.45 -50.25
CA GLY J 411 15.34 -5.90 -50.27
C GLY J 411 14.91 -6.46 -48.93
N TRP J 412 14.68 -7.78 -48.92
CA TRP J 412 14.06 -8.43 -47.78
C TRP J 412 14.86 -9.58 -47.18
N GLU J 413 15.94 -10.03 -47.83
CA GLU J 413 16.71 -11.14 -47.26
C GLU J 413 17.52 -10.65 -46.05
N ALA J 414 17.83 -11.57 -45.14
CA ALA J 414 18.53 -11.19 -43.93
C ALA J 414 20.03 -10.97 -44.20
N LEU K 7 50.88 -30.90 -43.71
CA LEU K 7 50.14 -30.74 -44.96
C LEU K 7 49.69 -32.11 -45.49
N VAL K 8 50.66 -32.96 -45.86
CA VAL K 8 50.33 -34.25 -46.47
C VAL K 8 49.61 -35.16 -45.47
N ALA K 9 50.06 -35.17 -44.22
CA ALA K 9 49.45 -36.06 -43.23
C ALA K 9 48.04 -35.62 -42.88
N THR K 10 47.87 -34.31 -42.65
CA THR K 10 46.56 -33.78 -42.29
C THR K 10 45.55 -33.95 -43.43
N ASN K 11 45.99 -33.79 -44.68
CA ASN K 11 45.08 -33.97 -45.81
C ASN K 11 44.55 -35.39 -45.89
N ARG K 12 45.45 -36.38 -45.83
CA ARG K 12 45.02 -37.77 -45.90
C ARG K 12 44.19 -38.16 -44.69
N ASN K 13 44.53 -37.63 -43.51
CA ASN K 13 43.74 -37.91 -42.31
C ASN K 13 42.34 -37.30 -42.40
N PHE K 14 42.23 -36.09 -42.96
CA PHE K 14 40.92 -35.49 -43.15
C PHE K 14 40.07 -36.32 -44.11
N GLN K 15 40.67 -36.70 -45.24
CA GLN K 15 39.91 -37.40 -46.28
C GLN K 15 39.43 -38.76 -45.80
N ARG K 16 40.27 -39.52 -45.09
CA ARG K 16 39.82 -40.80 -44.55
C ARG K 16 38.71 -40.62 -43.53
N ALA K 17 38.87 -39.66 -42.62
CA ALA K 17 37.89 -39.46 -41.56
C ALA K 17 36.55 -38.99 -42.10
N SER K 18 36.57 -38.15 -43.15
CA SER K 18 35.31 -37.70 -43.74
C SER K 18 34.53 -38.87 -44.34
N ARG K 19 35.22 -39.79 -45.02
CA ARG K 19 34.46 -40.86 -45.63
C ARG K 19 34.10 -41.96 -44.65
N ILE K 20 34.77 -42.04 -43.50
CA ILE K 20 34.25 -42.89 -42.43
C ILE K 20 32.93 -42.32 -41.90
N LEU K 21 32.88 -41.01 -41.70
CA LEU K 21 31.67 -40.34 -41.22
C LEU K 21 30.59 -40.20 -42.28
N GLY K 22 30.92 -40.40 -43.54
CA GLY K 22 29.95 -40.12 -44.60
C GLY K 22 29.58 -38.65 -44.71
N LEU K 23 30.55 -37.74 -44.53
CA LEU K 23 30.27 -36.31 -44.56
C LEU K 23 29.72 -35.88 -45.90
N ASP K 24 28.64 -35.08 -45.85
CA ASP K 24 28.08 -34.45 -47.04
C ASP K 24 29.15 -33.61 -47.74
N SER K 25 29.17 -33.70 -49.08
CA SER K 25 30.27 -33.10 -49.83
C SER K 25 30.22 -31.58 -49.77
N LYS K 26 29.01 -31.01 -49.64
CA LYS K 26 28.89 -29.57 -49.54
C LYS K 26 29.25 -29.08 -48.16
N LEU K 27 28.91 -29.86 -47.13
CA LEU K 27 29.44 -29.56 -45.79
C LEU K 27 30.97 -29.66 -45.77
N GLU K 28 31.52 -30.71 -46.39
CA GLU K 28 32.97 -30.88 -46.41
C GLU K 28 33.65 -29.70 -47.11
N LYS K 29 33.09 -29.26 -48.25
CA LYS K 29 33.67 -28.12 -48.95
C LYS K 29 33.75 -26.90 -48.05
N SER K 30 32.68 -26.62 -47.31
CA SER K 30 32.68 -25.49 -46.41
C SER K 30 33.75 -25.63 -45.33
N LEU K 31 33.87 -26.82 -44.75
CA LEU K 31 34.86 -27.04 -43.70
C LEU K 31 36.28 -26.86 -44.20
N LEU K 32 36.52 -27.10 -45.50
CA LEU K 32 37.88 -26.90 -45.96
C LEU K 32 38.19 -25.43 -46.24
N ILE K 33 37.18 -24.63 -46.61
CA ILE K 33 37.42 -23.20 -46.86
C ILE K 33 37.63 -22.47 -45.54
N PRO K 34 38.75 -21.78 -45.37
CA PRO K 34 38.96 -21.03 -44.11
C PRO K 34 37.99 -19.87 -43.98
N TYR K 35 37.57 -19.64 -42.74
CA TYR K 35 36.74 -18.49 -42.41
C TYR K 35 37.31 -17.20 -43.01
N ARG K 36 38.60 -16.92 -42.76
CA ARG K 36 39.21 -15.66 -43.18
C ARG K 36 40.73 -15.81 -43.34
N GLU K 37 41.30 -15.22 -44.40
CA GLU K 37 42.74 -15.12 -44.63
C GLU K 37 43.18 -13.66 -44.71
N ILE K 38 44.21 -13.29 -43.94
CA ILE K 38 44.69 -11.92 -43.83
C ILE K 38 46.16 -11.85 -44.23
N LYS K 39 46.51 -10.85 -45.03
CA LYS K 39 47.90 -10.49 -45.27
C LYS K 39 48.03 -8.98 -45.09
N VAL K 40 49.02 -8.56 -44.30
CA VAL K 40 49.20 -7.15 -44.01
C VAL K 40 50.66 -6.76 -44.22
N GLU K 41 50.86 -5.52 -44.66
CA GLU K 41 52.21 -4.97 -44.68
C GLU K 41 52.65 -4.64 -43.27
N CYS K 42 53.86 -5.04 -42.92
CA CYS K 42 54.49 -4.72 -41.64
C CYS K 42 55.80 -4.02 -41.97
N THR K 43 55.81 -2.69 -41.94
CA THR K 43 57.01 -1.92 -42.21
C THR K 43 57.48 -1.21 -40.94
N ILE K 44 58.76 -1.31 -40.65
CA ILE K 44 59.33 -0.67 -39.46
C ILE K 44 60.64 -0.03 -39.83
N PRO K 45 61.05 0.99 -39.08
CA PRO K 45 62.44 1.44 -39.15
C PRO K 45 63.32 0.49 -38.37
N LYS K 46 64.46 0.16 -38.96
CA LYS K 46 65.46 -0.59 -38.23
C LYS K 46 66.14 0.34 -37.23
N ASP K 47 66.98 -0.24 -36.37
CA ASP K 47 67.71 0.57 -35.39
C ASP K 47 68.59 1.63 -36.06
N ASP K 48 69.09 1.40 -37.28
CA ASP K 48 69.89 2.41 -37.97
C ASP K 48 69.03 3.41 -38.73
N GLY K 49 67.71 3.28 -38.68
CA GLY K 49 66.80 4.21 -39.30
C GLY K 49 66.30 3.83 -40.68
N SER K 50 66.91 2.86 -41.34
CA SER K 50 66.41 2.51 -42.65
C SER K 50 65.18 1.62 -42.52
N LEU K 51 64.40 1.57 -43.59
CA LEU K 51 63.15 0.83 -43.62
C LEU K 51 63.39 -0.61 -44.00
N VAL K 52 62.56 -1.48 -43.45
CA VAL K 52 62.45 -2.86 -43.89
C VAL K 52 60.97 -3.21 -43.87
N SER K 53 60.54 -3.98 -44.87
CA SER K 53 59.13 -4.32 -45.08
C SER K 53 58.95 -5.82 -45.13
N TYR K 54 58.02 -6.32 -44.31
CA TYR K 54 57.64 -7.71 -44.28
C TYR K 54 56.15 -7.83 -44.54
N VAL K 55 55.70 -9.05 -44.80
CA VAL K 55 54.28 -9.33 -44.92
C VAL K 55 53.90 -10.23 -43.74
N GLY K 56 52.94 -9.78 -42.92
CA GLY K 56 52.36 -10.59 -41.87
C GLY K 56 51.09 -11.27 -42.31
N PHE K 57 50.72 -12.34 -41.61
CA PHE K 57 49.54 -13.08 -42.02
C PHE K 57 48.93 -13.79 -40.83
N ARG K 58 47.64 -14.10 -40.99
CA ARG K 58 46.87 -14.85 -40.02
C ARG K 58 45.80 -15.58 -40.82
N ILE K 59 45.85 -16.90 -40.82
CA ILE K 59 44.81 -17.72 -41.42
C ILE K 59 43.89 -18.19 -40.31
N GLN K 60 42.65 -17.73 -40.37
CA GLN K 60 41.63 -18.10 -39.40
C GLN K 60 40.74 -19.18 -40.04
N HIS K 61 40.99 -20.44 -39.68
CA HIS K 61 40.35 -21.51 -40.43
C HIS K 61 38.89 -21.72 -40.03
N ASP K 62 38.61 -21.89 -38.74
CA ASP K 62 37.27 -22.26 -38.34
C ASP K 62 36.98 -21.70 -36.96
N ASN K 63 35.73 -21.26 -36.72
CA ASN K 63 35.35 -20.80 -35.39
C ASN K 63 33.98 -21.34 -34.95
N ALA K 64 33.56 -22.50 -35.47
CA ALA K 64 32.25 -23.04 -35.09
C ALA K 64 32.18 -23.39 -33.60
N ARG K 65 33.29 -23.84 -33.03
CA ARG K 65 33.30 -24.30 -31.65
C ARG K 65 33.82 -23.25 -30.66
N GLY K 66 34.26 -22.09 -31.14
CA GLY K 66 34.75 -21.06 -30.26
C GLY K 66 35.76 -20.18 -30.95
N PRO K 67 36.42 -19.31 -30.18
CA PRO K 67 37.43 -18.42 -30.78
C PRO K 67 38.53 -19.21 -31.46
N MET K 68 39.16 -18.60 -32.44
CA MET K 68 40.27 -19.30 -33.08
C MET K 68 41.50 -19.21 -32.19
N LYS K 69 42.38 -20.18 -32.36
CA LYS K 69 43.54 -20.36 -31.50
C LYS K 69 44.69 -20.80 -32.37
N GLY K 70 45.86 -20.23 -32.15
CA GLY K 70 47.00 -20.72 -32.91
C GLY K 70 48.22 -19.84 -32.84
N GLY K 71 49.35 -20.44 -33.14
CA GLY K 71 50.61 -19.77 -32.97
C GLY K 71 50.92 -18.74 -34.05
N ILE K 72 51.97 -17.97 -33.74
CA ILE K 72 52.53 -16.96 -34.62
C ILE K 72 53.98 -17.33 -34.90
N ARG K 73 54.32 -17.54 -36.17
CA ARG K 73 55.66 -17.94 -36.55
C ARG K 73 56.41 -16.76 -37.16
N TYR K 74 57.58 -16.45 -36.63
CA TYR K 74 58.53 -15.56 -37.27
C TYR K 74 59.55 -16.42 -38.00
N HIS K 75 59.40 -16.56 -39.32
CA HIS K 75 60.20 -17.50 -40.08
C HIS K 75 60.14 -17.15 -41.57
N PRO K 76 61.24 -17.37 -42.32
CA PRO K 76 61.24 -16.95 -43.74
C PRO K 76 60.41 -17.83 -44.66
N GLU K 77 60.31 -19.13 -44.42
CA GLU K 77 59.54 -19.98 -45.32
C GLU K 77 58.07 -19.94 -44.92
N VAL K 78 57.21 -19.52 -45.86
CA VAL K 78 55.84 -19.17 -45.51
C VAL K 78 54.84 -19.66 -46.56
N ASP K 79 55.04 -20.85 -47.11
CA ASP K 79 54.14 -21.40 -48.11
C ASP K 79 52.68 -21.39 -47.66
N PRO K 80 51.77 -20.80 -48.42
CA PRO K 80 50.38 -20.67 -47.96
C PRO K 80 49.68 -21.99 -47.71
N ASP K 81 49.95 -23.01 -48.51
CA ASP K 81 49.26 -24.28 -48.34
C ASP K 81 49.61 -24.92 -47.01
N GLU K 82 50.89 -24.89 -46.62
CA GLU K 82 51.27 -25.45 -45.34
C GLU K 82 50.66 -24.64 -44.20
N VAL K 83 50.56 -23.32 -44.34
CA VAL K 83 49.99 -22.51 -43.28
C VAL K 83 48.51 -22.81 -43.14
N ASN K 84 47.80 -22.95 -44.26
CA ASN K 84 46.40 -23.34 -44.25
C ASN K 84 46.20 -24.68 -43.56
N ALA K 85 47.04 -25.65 -43.91
CA ALA K 85 46.93 -26.97 -43.30
C ALA K 85 47.18 -26.92 -41.81
N LEU K 86 48.14 -26.09 -41.37
CA LEU K 86 48.41 -25.98 -39.95
C LEU K 86 47.24 -25.35 -39.22
N ALA K 87 46.67 -24.29 -39.79
CA ALA K 87 45.49 -23.68 -39.18
C ALA K 87 44.37 -24.71 -39.12
N GLN K 88 44.23 -25.50 -40.19
CA GLN K 88 43.21 -26.54 -40.26
C GLN K 88 43.44 -27.63 -39.21
N LEU K 89 44.70 -28.00 -38.95
CA LEU K 89 44.99 -29.03 -37.95
C LEU K 89 44.68 -28.55 -36.54
N MET K 90 44.95 -27.28 -36.25
CA MET K 90 44.49 -26.70 -34.99
C MET K 90 42.99 -26.90 -34.79
N THR K 91 42.19 -26.70 -35.84
CA THR K 91 40.74 -26.87 -35.71
C THR K 91 40.38 -28.29 -35.30
N TRP K 92 41.02 -29.29 -35.91
CA TRP K 92 40.73 -30.68 -35.54
C TRP K 92 41.30 -31.00 -34.17
N LYS K 93 42.51 -30.50 -33.88
CA LYS K 93 43.17 -30.87 -32.63
C LYS K 93 42.38 -30.34 -31.42
N THR K 94 42.00 -29.05 -31.44
CA THR K 94 41.22 -28.48 -30.35
C THR K 94 39.90 -29.23 -30.18
N ALA K 95 39.30 -29.64 -31.29
CA ALA K 95 38.07 -30.43 -31.23
C ALA K 95 38.32 -31.80 -30.62
N VAL K 96 39.49 -32.39 -30.85
CA VAL K 96 39.76 -33.71 -30.31
C VAL K 96 39.81 -33.69 -28.78
N VAL K 97 40.47 -32.69 -28.19
CA VAL K 97 40.58 -32.66 -26.73
C VAL K 97 39.45 -31.83 -26.13
N ASP K 98 38.50 -31.44 -26.98
CA ASP K 98 37.25 -30.81 -26.55
C ASP K 98 37.47 -29.49 -25.82
N ILE K 99 38.38 -28.66 -26.33
CA ILE K 99 38.51 -27.30 -25.78
C ILE K 99 37.72 -26.39 -26.71
N PRO K 100 37.09 -25.32 -26.19
CA PRO K 100 36.15 -24.53 -27.02
C PRO K 100 36.86 -23.51 -27.89
N TYR K 101 37.62 -24.00 -28.87
CA TYR K 101 38.34 -23.15 -29.82
C TYR K 101 38.20 -23.69 -31.23
N GLY K 102 38.43 -22.81 -32.21
CA GLY K 102 38.78 -23.22 -33.55
C GLY K 102 40.28 -23.07 -33.81
N GLY K 103 40.66 -23.28 -35.07
CA GLY K 103 42.06 -23.29 -35.46
C GLY K 103 42.46 -22.07 -36.27
N ALA K 104 43.67 -21.59 -36.01
CA ALA K 104 44.28 -20.51 -36.79
C ALA K 104 45.79 -20.68 -36.77
N LYS K 105 46.45 -19.93 -37.65
CA LYS K 105 47.90 -19.96 -37.69
C LYS K 105 48.36 -18.68 -38.39
N GLY K 106 49.37 -18.03 -37.83
CA GLY K 106 49.80 -16.78 -38.41
C GLY K 106 51.30 -16.58 -38.36
N GLY K 107 51.78 -15.41 -38.76
CA GLY K 107 53.20 -15.15 -38.65
C GLY K 107 53.64 -13.98 -39.50
N ILE K 108 54.95 -13.85 -39.59
CA ILE K 108 55.61 -12.83 -40.39
C ILE K 108 56.77 -13.50 -41.13
N GLY K 109 56.83 -13.29 -42.44
CA GLY K 109 57.94 -13.82 -43.22
C GLY K 109 59.20 -13.02 -42.94
N CYS K 110 60.00 -13.50 -42.00
CA CYS K 110 61.20 -12.78 -41.62
C CYS K 110 62.14 -13.77 -40.96
N ASN K 111 63.41 -13.39 -40.86
CA ASN K 111 64.35 -14.17 -40.08
C ASN K 111 64.62 -13.40 -38.80
N PRO K 112 64.08 -13.82 -37.65
CA PRO K 112 64.30 -13.04 -36.44
C PRO K 112 65.77 -12.91 -36.08
N LYS K 113 66.60 -13.90 -36.43
CA LYS K 113 68.04 -13.82 -36.14
C LYS K 113 68.71 -12.64 -36.82
N ASP K 114 68.06 -12.00 -37.80
CA ASP K 114 68.59 -10.81 -38.45
C ASP K 114 68.13 -9.50 -37.81
N LEU K 115 67.28 -9.55 -36.79
CA LEU K 115 66.66 -8.36 -36.22
C LEU K 115 67.10 -8.21 -34.77
N SER K 116 67.41 -6.98 -34.36
CA SER K 116 67.73 -6.69 -32.98
C SER K 116 66.48 -6.82 -32.10
N ILE K 117 66.68 -6.82 -30.79
CA ILE K 117 65.57 -7.01 -29.85
C ILE K 117 64.54 -5.90 -29.98
N SER K 118 64.98 -4.68 -30.27
CA SER K 118 64.07 -3.56 -30.44
C SER K 118 63.40 -3.59 -31.81
N GLU K 119 64.09 -4.09 -32.84
CA GLU K 119 63.44 -4.27 -34.12
C GLU K 119 62.34 -5.31 -34.02
N LEU K 120 62.58 -6.39 -33.27
CA LEU K 120 61.55 -7.41 -33.11
C LEU K 120 60.36 -6.85 -32.35
N GLU K 121 60.61 -5.97 -31.39
CA GLU K 121 59.49 -5.37 -30.67
C GLU K 121 58.66 -4.48 -31.58
N ARG K 122 59.31 -3.62 -32.37
CA ARG K 122 58.56 -2.73 -33.25
C ARG K 122 57.76 -3.52 -34.27
N LEU K 123 58.36 -4.57 -34.82
CA LEU K 123 57.67 -5.44 -35.78
C LEU K 123 56.45 -6.10 -35.15
N THR K 124 56.60 -6.60 -33.92
CA THR K 124 55.48 -7.23 -33.22
C THR K 124 54.36 -6.23 -32.97
N ARG K 125 54.71 -5.00 -32.59
CA ARG K 125 53.69 -4.00 -32.32
C ARG K 125 53.00 -3.57 -33.61
N VAL K 126 53.76 -3.41 -34.70
CA VAL K 126 53.15 -3.05 -35.97
C VAL K 126 52.26 -4.16 -36.47
N PHE K 127 52.71 -5.40 -36.35
CA PHE K 127 51.86 -6.52 -36.71
C PHE K 127 50.55 -6.48 -35.92
N THR K 128 50.65 -6.25 -34.61
CA THR K 128 49.46 -6.15 -33.77
C THR K 128 48.59 -4.98 -34.20
N GLN K 129 49.20 -3.83 -34.50
CA GLN K 129 48.43 -2.71 -34.98
C GLN K 129 47.66 -3.06 -36.25
N LYS K 130 48.22 -3.91 -37.10
CA LYS K 130 47.53 -4.25 -38.35
C LYS K 130 46.47 -5.32 -38.18
N ILE K 131 46.45 -6.06 -37.08
CA ILE K 131 45.48 -7.16 -37.00
C ILE K 131 44.62 -7.08 -35.74
N HIS K 132 44.72 -5.97 -34.99
CA HIS K 132 44.02 -5.91 -33.71
C HIS K 132 42.52 -6.07 -33.88
N ASP K 133 41.95 -5.56 -34.99
CA ASP K 133 40.51 -5.66 -35.20
C ASP K 133 40.08 -7.06 -35.64
N LEU K 134 41.02 -7.94 -35.93
CA LEU K 134 40.73 -9.29 -36.39
C LEU K 134 40.97 -10.35 -35.33
N ILE K 135 41.60 -10.01 -34.22
CA ILE K 135 41.84 -10.95 -33.13
C ILE K 135 41.09 -10.46 -31.90
N GLY K 136 41.20 -11.16 -30.78
CA GLY K 136 40.48 -10.73 -29.58
C GLY K 136 40.22 -11.92 -28.69
N ILE K 137 39.88 -11.62 -27.43
CA ILE K 137 39.75 -12.67 -26.42
C ILE K 137 38.69 -13.67 -26.83
N HIS K 138 37.67 -13.25 -27.56
CA HIS K 138 36.61 -14.16 -27.99
C HIS K 138 36.55 -14.30 -29.50
N ARG K 139 37.62 -13.94 -30.17
CA ARG K 139 37.68 -13.97 -31.62
C ARG K 139 38.83 -14.81 -32.12
N ASP K 140 40.06 -14.52 -31.69
CA ASP K 140 41.25 -15.22 -32.17
C ASP K 140 42.37 -14.93 -31.17
N VAL K 141 42.96 -15.97 -30.62
CA VAL K 141 43.91 -15.86 -29.51
C VAL K 141 45.25 -16.43 -29.96
N PRO K 142 46.22 -15.58 -30.34
CA PRO K 142 47.51 -16.08 -30.78
C PRO K 142 48.33 -16.66 -29.63
N ALA K 143 49.44 -17.27 -30.01
CA ALA K 143 50.32 -17.96 -29.05
C ALA K 143 51.71 -18.05 -29.68
N PRO K 144 52.74 -18.36 -28.89
CA PRO K 144 54.07 -18.53 -29.46
C PRO K 144 54.14 -19.73 -30.41
N ASP K 145 55.18 -19.70 -31.22
CA ASP K 145 55.47 -20.72 -32.22
C ASP K 145 56.92 -20.50 -32.62
N MET K 146 57.32 -21.14 -33.71
CA MET K 146 58.67 -20.95 -34.25
C MET K 146 59.05 -19.47 -34.34
N GLY K 147 60.13 -19.10 -33.67
CA GLY K 147 60.66 -17.76 -33.80
C GLY K 147 60.01 -16.71 -32.91
N THR K 148 59.00 -17.10 -32.12
CA THR K 148 58.35 -16.22 -31.15
C THR K 148 58.37 -16.89 -29.79
N ASN K 149 58.11 -16.09 -28.76
CA ASN K 149 58.19 -16.60 -27.39
C ASN K 149 57.29 -15.76 -26.50
N SER K 150 57.46 -15.92 -25.19
CA SER K 150 56.61 -15.24 -24.23
C SER K 150 56.90 -13.74 -24.22
N GLN K 151 58.11 -13.33 -24.56
CA GLN K 151 58.35 -11.92 -24.71
C GLN K 151 57.58 -11.38 -25.92
N THR K 152 57.52 -12.14 -27.01
CA THR K 152 56.71 -11.70 -28.14
C THR K 152 55.26 -11.51 -27.73
N MET K 153 54.71 -12.45 -26.93
CA MET K 153 53.32 -12.35 -26.51
C MET K 153 53.08 -11.13 -25.61
N ALA K 154 54.03 -10.81 -24.74
CA ALA K 154 53.93 -9.62 -23.90
C ALA K 154 53.75 -8.37 -24.74
N TRP K 155 54.50 -8.27 -25.84
CA TRP K 155 54.36 -7.10 -26.71
C TRP K 155 53.00 -7.06 -27.40
N ILE K 156 52.50 -8.22 -27.85
CA ILE K 156 51.17 -8.23 -28.47
C ILE K 156 50.15 -7.78 -27.44
N LEU K 157 50.24 -8.35 -26.23
CA LEU K 157 49.35 -7.93 -25.15
C LEU K 157 49.43 -6.42 -24.94
N ASP K 158 50.66 -5.88 -24.84
CA ASP K 158 50.81 -4.46 -24.54
C ASP K 158 50.24 -3.59 -25.66
N GLU K 159 50.50 -3.92 -26.92
CA GLU K 159 49.99 -3.08 -28.00
C GLU K 159 48.49 -3.25 -28.20
N TYR K 160 48.00 -4.49 -28.15
CA TYR K 160 46.57 -4.75 -28.33
C TYR K 160 45.75 -3.98 -27.31
N SER K 161 46.24 -3.90 -26.07
CA SER K 161 45.52 -3.27 -24.99
C SER K 161 45.40 -1.76 -25.17
N LYS K 162 46.27 -1.15 -25.97
CA LYS K 162 46.06 0.26 -26.31
C LYS K 162 44.78 0.45 -27.11
N PHE K 163 44.40 -0.53 -27.92
CA PHE K 163 43.22 -0.43 -28.77
C PHE K 163 41.95 -0.93 -28.11
N HIS K 164 42.06 -1.79 -27.12
CA HIS K 164 40.85 -2.42 -26.62
C HIS K 164 40.83 -2.54 -25.12
N GLY K 165 41.71 -1.86 -24.41
CA GLY K 165 41.85 -2.01 -22.98
C GLY K 165 42.63 -3.27 -22.61
N HIS K 166 43.10 -3.27 -21.37
CA HIS K 166 43.84 -4.39 -20.80
C HIS K 166 43.13 -5.71 -21.06
N SER K 167 43.75 -6.58 -21.85
CA SER K 167 43.10 -7.82 -22.30
C SER K 167 44.05 -9.01 -22.17
N PRO K 168 44.35 -9.44 -20.94
CA PRO K 168 45.34 -10.53 -20.78
C PRO K 168 44.99 -11.81 -21.55
N ALA K 169 43.70 -12.05 -21.80
CA ALA K 169 43.29 -13.27 -22.50
C ALA K 169 43.43 -13.17 -24.02
N VAL K 170 43.94 -12.06 -24.56
CA VAL K 170 44.03 -11.95 -26.01
C VAL K 170 45.14 -12.85 -26.57
N VAL K 171 46.04 -13.31 -25.72
CA VAL K 171 47.19 -14.08 -26.17
C VAL K 171 47.58 -15.05 -25.04
N THR K 172 48.03 -16.26 -25.41
CA THR K 172 48.52 -17.18 -24.41
C THR K 172 50.02 -17.36 -24.54
N GLY K 173 50.58 -18.10 -23.60
CA GLY K 173 52.02 -18.16 -23.51
C GLY K 173 52.63 -16.92 -22.92
N LYS K 174 51.89 -16.15 -22.11
CA LYS K 174 52.43 -14.91 -21.56
C LYS K 174 53.48 -15.21 -20.50
N PRO K 175 54.37 -14.25 -20.21
CA PRO K 175 55.24 -14.39 -19.04
C PRO K 175 54.37 -14.50 -17.79
N ILE K 176 54.86 -15.25 -16.81
CA ILE K 176 54.13 -15.39 -15.56
C ILE K 176 53.76 -14.02 -14.99
N ASP K 177 54.69 -13.08 -15.08
CA ASP K 177 54.47 -11.74 -14.54
C ASP K 177 53.32 -11.00 -15.20
N LEU K 178 52.85 -11.43 -16.38
CA LEU K 178 51.79 -10.72 -17.08
C LEU K 178 50.58 -11.62 -17.30
N GLY K 179 50.38 -12.60 -16.43
CA GLY K 179 49.19 -13.43 -16.49
C GLY K 179 49.35 -14.78 -17.14
N GLY K 180 50.58 -15.22 -17.41
CA GLY K 180 50.79 -16.56 -17.89
C GLY K 180 50.49 -17.60 -16.82
N SER K 181 50.23 -18.82 -17.26
CA SER K 181 49.82 -19.89 -16.37
C SER K 181 51.02 -20.68 -15.84
N LEU K 182 50.87 -21.20 -14.63
CA LEU K 182 51.79 -22.22 -14.18
C LEU K 182 51.60 -23.48 -15.03
N GLY K 183 52.65 -24.31 -15.06
CA GLY K 183 52.56 -25.60 -15.70
C GLY K 183 52.72 -25.65 -17.20
N ARG K 184 53.13 -24.56 -17.88
CA ARG K 184 53.26 -24.66 -19.33
C ARG K 184 54.47 -25.53 -19.72
N GLU K 185 55.53 -25.54 -18.90
CA GLU K 185 56.73 -26.27 -19.26
C GLU K 185 56.46 -27.77 -19.40
N ALA K 186 55.92 -28.37 -18.36
CA ALA K 186 55.65 -29.81 -18.34
C ALA K 186 54.42 -30.21 -19.12
N ALA K 187 53.67 -29.24 -19.67
CA ALA K 187 52.31 -29.50 -20.16
C ALA K 187 52.29 -30.62 -21.20
N THR K 188 53.13 -30.51 -22.23
CA THR K 188 53.11 -31.51 -23.28
C THR K 188 53.63 -32.85 -22.76
N GLY K 189 54.78 -32.84 -22.09
CA GLY K 189 55.35 -34.08 -21.62
C GLY K 189 54.49 -34.82 -20.61
N LEU K 190 53.92 -34.08 -19.66
CA LEU K 190 53.02 -34.71 -18.69
C LEU K 190 51.77 -35.24 -19.37
N GLY K 191 51.23 -34.46 -20.31
CA GLY K 191 50.05 -34.90 -21.03
C GLY K 191 50.28 -36.17 -21.81
N VAL K 192 51.48 -36.32 -22.38
CA VAL K 192 51.82 -37.57 -23.05
C VAL K 192 51.64 -38.73 -22.08
N VAL K 193 52.08 -38.54 -20.83
CA VAL K 193 52.03 -39.60 -19.84
C VAL K 193 50.60 -39.82 -19.33
N PHE K 194 49.82 -38.75 -19.18
CA PHE K 194 48.42 -38.93 -18.78
C PHE K 194 47.63 -39.75 -19.79
N ALA K 195 47.80 -39.45 -21.08
CA ALA K 195 47.13 -40.21 -22.13
C ALA K 195 47.56 -41.67 -22.10
N THR K 196 48.85 -41.91 -21.90
CA THR K 196 49.40 -43.26 -21.89
C THR K 196 48.88 -44.06 -20.69
N GLU K 197 48.73 -43.43 -19.52
CA GLU K 197 48.10 -44.12 -18.41
C GLU K 197 46.70 -44.59 -18.79
N ALA K 198 45.91 -43.70 -19.41
CA ALA K 198 44.54 -44.07 -19.79
C ALA K 198 44.52 -45.18 -20.83
N LEU K 199 45.44 -45.12 -21.81
CA LEU K 199 45.55 -46.17 -22.81
C LEU K 199 45.89 -47.53 -22.17
N PHE K 200 46.85 -47.54 -21.26
CA PHE K 200 47.23 -48.79 -20.61
C PHE K 200 46.12 -49.32 -19.71
N ALA K 201 45.26 -48.42 -19.21
CA ALA K 201 44.13 -48.83 -18.39
C ALA K 201 43.16 -49.73 -19.16
N GLU K 202 43.06 -49.57 -20.49
CA GLU K 202 42.21 -50.45 -21.29
C GLU K 202 42.67 -51.90 -21.21
N TYR K 203 43.96 -52.13 -21.00
CA TYR K 203 44.52 -53.46 -20.87
C TYR K 203 44.72 -53.87 -19.42
N GLY K 204 44.16 -53.10 -18.48
CA GLY K 204 44.43 -53.37 -17.07
C GLY K 204 45.87 -53.18 -16.70
N LYS K 205 46.60 -52.37 -17.47
CA LYS K 205 48.02 -52.17 -17.31
C LYS K 205 48.28 -50.77 -16.74
N SER K 206 49.47 -50.57 -16.19
CA SER K 206 49.90 -49.29 -15.65
C SER K 206 51.23 -48.92 -16.28
N ILE K 207 51.67 -47.68 -16.07
CA ILE K 207 52.98 -47.28 -16.57
C ILE K 207 54.08 -48.13 -15.94
N SER K 208 53.90 -48.50 -14.67
CA SER K 208 54.92 -49.24 -13.91
C SER K 208 55.18 -50.65 -14.41
N ASP K 209 54.33 -51.20 -15.28
CA ASP K 209 54.55 -52.52 -15.85
C ASP K 209 55.41 -52.50 -17.11
N MET K 210 55.74 -51.33 -17.63
CA MET K 210 56.31 -51.22 -18.96
C MET K 210 57.75 -50.72 -18.91
N THR K 211 58.49 -51.06 -19.95
CA THR K 211 59.78 -50.46 -20.27
C THR K 211 59.62 -49.53 -21.45
N PHE K 212 60.47 -48.52 -21.52
CA PHE K 212 60.28 -47.43 -22.46
C PHE K 212 61.57 -47.12 -23.21
N ALA K 213 61.44 -46.87 -24.52
CA ALA K 213 62.51 -46.30 -25.33
C ALA K 213 62.03 -44.96 -25.84
N ILE K 214 62.84 -43.91 -25.63
CA ILE K 214 62.44 -42.53 -25.88
C ILE K 214 63.41 -41.89 -26.86
N GLN K 215 62.86 -41.35 -27.94
CA GLN K 215 63.62 -40.60 -28.93
C GLN K 215 63.42 -39.12 -28.68
N GLY K 216 64.52 -38.42 -28.36
CA GLY K 216 64.42 -36.99 -28.08
C GLY K 216 64.44 -36.68 -26.59
N PHE K 217 65.14 -35.63 -26.19
CA PHE K 217 65.27 -35.32 -24.78
C PHE K 217 65.27 -33.79 -24.57
N GLY K 218 64.30 -33.14 -25.18
CA GLY K 218 64.05 -31.71 -25.05
C GLY K 218 62.87 -31.44 -24.13
N ASN K 219 62.08 -30.43 -24.48
CA ASN K 219 60.96 -30.05 -23.62
C ASN K 219 59.98 -31.21 -23.46
N VAL K 220 59.67 -31.91 -24.54
CA VAL K 220 58.74 -33.03 -24.43
C VAL K 220 59.43 -34.25 -23.83
N GLY K 221 60.62 -34.60 -24.33
CA GLY K 221 61.27 -35.80 -23.86
C GLY K 221 61.65 -35.78 -22.38
N THR K 222 62.20 -34.66 -21.92
CA THR K 222 62.65 -34.61 -20.53
C THR K 222 61.49 -34.73 -19.54
N TRP K 223 60.38 -34.02 -19.79
CA TRP K 223 59.26 -34.07 -18.87
C TRP K 223 58.54 -35.42 -18.92
N ALA K 224 58.38 -35.99 -20.12
CA ALA K 224 57.76 -37.29 -20.24
C ALA K 224 58.58 -38.35 -19.50
N ALA K 225 59.90 -38.40 -19.76
CA ALA K 225 60.75 -39.33 -19.03
C ALA K 225 60.65 -39.12 -17.52
N LYS K 226 60.66 -37.86 -17.09
CA LYS K 226 60.50 -37.56 -15.67
C LYS K 226 59.16 -38.08 -15.16
N ALA K 227 58.08 -37.81 -15.90
CA ALA K 227 56.75 -38.20 -15.44
C ALA K 227 56.58 -39.72 -15.45
N ILE K 228 57.18 -40.40 -16.42
CA ILE K 228 57.13 -41.86 -16.46
C ILE K 228 57.91 -42.43 -15.28
N PHE K 229 59.11 -41.91 -15.06
CA PHE K 229 59.98 -42.46 -14.01
C PHE K 229 59.34 -42.32 -12.64
N GLU K 230 58.75 -41.17 -12.36
CA GLU K 230 58.11 -40.95 -11.07
C GLU K 230 56.84 -41.77 -10.90
N ARG K 231 56.32 -42.35 -11.98
CA ARG K 231 55.17 -43.25 -11.95
C ARG K 231 55.56 -44.72 -12.04
N GLY K 232 56.85 -45.03 -11.87
CA GLY K 232 57.32 -46.41 -11.86
C GLY K 232 57.61 -47.03 -13.21
N GLY K 233 57.47 -46.28 -14.31
CA GLY K 233 57.86 -46.80 -15.60
C GLY K 233 59.38 -46.91 -15.70
N LYS K 234 59.85 -48.06 -16.16
CA LYS K 234 61.28 -48.25 -16.38
C LYS K 234 61.66 -47.74 -17.77
N VAL K 235 62.55 -46.77 -17.82
CA VAL K 235 62.98 -46.13 -19.05
C VAL K 235 64.31 -46.75 -19.44
N VAL K 236 64.29 -47.62 -20.45
CA VAL K 236 65.47 -48.42 -20.76
C VAL K 236 66.34 -47.80 -21.84
N ALA K 237 65.87 -46.76 -22.55
CA ALA K 237 66.68 -46.15 -23.59
C ALA K 237 66.20 -44.72 -23.83
N VAL K 238 67.16 -43.80 -23.92
CA VAL K 238 66.91 -42.40 -24.26
C VAL K 238 67.97 -42.00 -25.29
N SER K 239 67.52 -41.38 -26.38
CA SER K 239 68.44 -40.86 -27.38
C SER K 239 68.09 -39.42 -27.70
N ASP K 240 69.06 -38.70 -28.25
CA ASP K 240 68.80 -37.39 -28.84
C ASP K 240 69.75 -37.18 -30.01
N ILE K 241 69.96 -35.93 -30.40
CA ILE K 241 70.69 -35.62 -31.63
C ILE K 241 72.20 -35.86 -31.52
N ASN K 242 72.76 -35.95 -30.30
CA ASN K 242 74.22 -36.11 -30.14
C ASN K 242 74.62 -37.48 -29.63
N GLY K 243 73.69 -38.30 -29.20
CA GLY K 243 74.06 -39.59 -28.63
C GLY K 243 72.86 -40.25 -27.99
N ALA K 244 73.15 -41.33 -27.27
CA ALA K 244 72.11 -42.13 -26.65
C ALA K 244 72.70 -42.92 -25.49
N ILE K 245 71.81 -43.34 -24.59
CA ILE K 245 72.21 -44.10 -23.41
C ILE K 245 71.17 -45.21 -23.20
N SER K 246 71.64 -46.35 -22.71
CA SER K 246 70.78 -47.51 -22.54
C SER K 246 71.06 -48.13 -21.18
N ASN K 247 70.03 -48.74 -20.59
CA ASN K 247 70.20 -49.43 -19.33
C ASN K 247 69.13 -50.51 -19.18
N PRO K 248 69.52 -51.78 -19.21
CA PRO K 248 68.53 -52.86 -19.18
C PRO K 248 67.65 -52.87 -17.93
N ASN K 249 68.10 -52.30 -16.81
CA ASN K 249 67.32 -52.24 -15.59
C ASN K 249 66.44 -50.99 -15.50
N GLY K 250 66.70 -49.99 -16.33
CA GLY K 250 65.95 -48.74 -16.20
C GLY K 250 66.94 -47.64 -15.85
N ILE K 251 66.94 -46.60 -16.65
CA ILE K 251 67.78 -45.45 -16.38
C ILE K 251 67.18 -44.64 -15.25
N ASP K 252 68.02 -44.23 -14.32
CA ASP K 252 67.63 -43.29 -13.27
C ASP K 252 67.44 -41.91 -13.91
N ILE K 253 66.18 -41.57 -14.23
CA ILE K 253 65.90 -40.32 -14.94
C ILE K 253 66.18 -39.12 -14.07
N ALA K 254 65.94 -39.24 -12.76
CA ALA K 254 66.31 -38.15 -11.85
C ALA K 254 67.79 -37.83 -11.98
N ALA K 255 68.64 -38.86 -11.95
CA ALA K 255 70.08 -38.65 -12.10
C ALA K 255 70.45 -38.25 -13.53
N LEU K 256 69.80 -38.85 -14.54
CA LEU K 256 70.10 -38.49 -15.92
C LEU K 256 69.70 -37.06 -16.22
N LEU K 257 68.58 -36.60 -15.66
CA LEU K 257 68.16 -35.21 -15.87
C LEU K 257 69.20 -34.24 -15.29
N LYS K 258 69.59 -34.43 -14.03
CA LYS K 258 70.55 -33.52 -13.42
C LYS K 258 71.95 -33.68 -14.00
N HIS K 259 72.25 -34.84 -14.59
CA HIS K 259 73.44 -34.95 -15.40
C HIS K 259 73.30 -34.07 -16.65
N LYS K 260 72.14 -34.14 -17.31
CA LYS K 260 71.87 -33.29 -18.46
C LYS K 260 71.85 -31.81 -18.07
N ALA K 261 71.27 -31.49 -16.91
CA ALA K 261 71.16 -30.11 -16.47
C ALA K 261 72.53 -29.48 -16.24
N GLY K 262 73.54 -30.29 -15.90
CA GLY K 262 74.87 -29.75 -15.72
C GLY K 262 75.60 -29.69 -17.04
N ASN K 263 74.83 -29.61 -18.12
CA ASN K 263 75.35 -29.47 -19.48
C ASN K 263 76.17 -30.70 -19.90
N GLY K 264 75.81 -31.89 -19.37
CA GLY K 264 76.47 -33.13 -19.74
C GLY K 264 75.80 -33.80 -20.95
N SER K 265 76.56 -34.68 -21.60
CA SER K 265 76.10 -35.36 -22.80
C SER K 265 75.66 -36.79 -22.51
N LEU K 266 74.64 -37.24 -23.27
CA LEU K 266 74.05 -38.56 -23.07
C LEU K 266 75.04 -39.70 -23.27
N LYS K 267 76.12 -39.49 -24.03
CA LYS K 267 77.15 -40.52 -24.15
C LYS K 267 77.87 -40.79 -22.84
N ASP K 268 77.74 -39.89 -21.86
CA ASP K 268 78.66 -39.79 -20.74
C ASP K 268 78.03 -40.14 -19.40
N PHE K 269 76.75 -40.47 -19.36
CA PHE K 269 76.10 -40.86 -18.11
C PHE K 269 76.61 -42.21 -17.63
N SER K 270 76.91 -42.30 -16.34
CA SER K 270 77.49 -43.52 -15.78
C SER K 270 76.44 -44.55 -15.40
N GLY K 271 75.18 -44.15 -15.29
CA GLY K 271 74.14 -45.12 -14.97
C GLY K 271 73.54 -45.75 -16.21
N GLY K 272 74.35 -45.91 -17.25
CA GLY K 272 73.84 -46.51 -18.46
C GLY K 272 74.97 -46.85 -19.40
N ASP K 273 74.59 -47.45 -20.53
CA ASP K 273 75.51 -47.89 -21.58
C ASP K 273 75.36 -46.98 -22.78
N ALA K 274 76.49 -46.52 -23.33
CA ALA K 274 76.43 -45.69 -24.53
C ALA K 274 75.81 -46.48 -25.69
N MET K 275 75.07 -45.76 -26.53
CA MET K 275 74.27 -46.39 -27.57
C MET K 275 74.41 -45.61 -28.87
N ASN K 276 74.22 -46.32 -29.99
CA ASN K 276 74.04 -45.65 -31.27
C ASN K 276 72.62 -45.12 -31.33
N PRO K 277 72.41 -43.81 -31.49
CA PRO K 277 71.03 -43.30 -31.56
C PRO K 277 70.21 -43.91 -32.69
N ASN K 278 70.85 -44.33 -33.78
CA ASN K 278 70.11 -44.96 -34.88
C ASN K 278 69.58 -46.35 -34.52
N ASP K 279 69.89 -46.89 -33.35
CA ASP K 279 69.26 -48.14 -32.91
C ASP K 279 68.05 -47.89 -32.03
N LEU K 280 67.82 -46.64 -31.62
CA LEU K 280 66.61 -46.31 -30.89
C LEU K 280 65.47 -46.39 -31.89
N LEU K 281 64.46 -47.21 -31.58
CA LEU K 281 63.28 -47.56 -32.39
C LEU K 281 63.20 -49.07 -32.55
N VAL K 282 64.36 -49.72 -32.60
CA VAL K 282 64.40 -51.17 -32.62
C VAL K 282 64.74 -51.72 -31.25
N HIS K 283 64.83 -50.86 -30.24
CA HIS K 283 65.18 -51.27 -28.89
C HIS K 283 64.11 -52.18 -28.32
N ASP K 284 64.52 -53.32 -27.79
CA ASP K 284 63.60 -54.28 -27.18
C ASP K 284 62.96 -53.65 -25.95
N CYS K 285 61.69 -53.29 -26.08
CA CYS K 285 60.98 -52.59 -25.01
C CYS K 285 59.49 -52.75 -25.25
N ASP K 286 58.70 -52.36 -24.24
CA ASP K 286 57.25 -52.39 -24.40
C ASP K 286 56.73 -51.14 -25.11
N VAL K 287 57.27 -49.96 -24.79
CA VAL K 287 56.69 -48.71 -25.26
C VAL K 287 57.76 -47.89 -25.96
N LEU K 288 57.45 -47.41 -27.16
CA LEU K 288 58.31 -46.53 -27.92
C LEU K 288 57.68 -45.15 -27.98
N ILE K 289 58.43 -44.11 -27.63
CA ILE K 289 57.91 -42.74 -27.65
C ILE K 289 58.82 -41.82 -28.45
N PRO K 290 58.56 -41.65 -29.75
CA PRO K 290 59.30 -40.65 -30.54
C PRO K 290 58.93 -39.24 -30.10
N CYS K 291 59.95 -38.46 -29.70
CA CYS K 291 59.73 -37.09 -29.25
C CYS K 291 60.64 -36.11 -29.97
N ALA K 292 61.11 -36.44 -31.17
CA ALA K 292 62.10 -35.63 -31.85
C ALA K 292 61.53 -35.03 -33.13
N LEU K 293 61.27 -35.85 -34.14
CA LEU K 293 60.95 -35.34 -35.47
C LEU K 293 59.91 -36.26 -36.11
N GLY K 294 59.36 -35.80 -37.23
CA GLY K 294 58.47 -36.64 -38.01
C GLY K 294 59.21 -37.50 -39.04
N GLY K 295 58.49 -38.51 -39.55
CA GLY K 295 59.01 -39.38 -40.57
C GLY K 295 60.13 -40.32 -40.14
N VAL K 296 60.23 -40.61 -38.83
CA VAL K 296 61.26 -41.52 -38.35
C VAL K 296 60.84 -42.97 -38.50
N LEU K 297 59.54 -43.23 -38.70
CA LEU K 297 59.01 -44.58 -38.97
C LEU K 297 58.62 -44.64 -40.44
N ASN K 298 59.30 -45.50 -41.20
CA ASN K 298 59.05 -45.62 -42.63
C ASN K 298 58.96 -47.06 -43.09
N LYS K 299 58.96 -47.25 -44.41
CA LYS K 299 58.77 -48.58 -45.02
C LYS K 299 59.91 -49.55 -44.70
N GLU K 300 61.05 -49.06 -44.21
CA GLU K 300 62.18 -49.92 -43.87
C GLU K 300 62.26 -50.24 -42.39
N ASN K 301 62.22 -49.22 -41.53
CA ASN K 301 62.33 -49.44 -40.09
C ASN K 301 61.13 -50.18 -39.51
N ALA K 302 59.96 -50.11 -40.16
CA ALA K 302 58.70 -50.51 -39.53
C ALA K 302 58.69 -51.98 -39.14
N ASN K 303 59.23 -52.85 -39.99
CA ASN K 303 59.24 -54.28 -39.72
C ASN K 303 60.13 -54.68 -38.56
N ASP K 304 60.82 -53.73 -37.94
CA ASP K 304 61.84 -53.99 -36.94
C ASP K 304 61.59 -53.21 -35.66
N VAL K 305 60.34 -53.08 -35.25
CA VAL K 305 59.97 -52.38 -34.02
C VAL K 305 59.35 -53.40 -33.08
N LYS K 306 60.10 -53.80 -32.06
CA LYS K 306 59.59 -54.78 -31.13
C LYS K 306 58.63 -54.18 -30.11
N ALA K 307 58.58 -52.85 -30.00
CA ALA K 307 57.63 -52.21 -29.09
C ALA K 307 56.20 -52.53 -29.51
N LYS K 308 55.36 -52.88 -28.54
CA LYS K 308 53.94 -53.12 -28.84
C LYS K 308 53.12 -51.84 -28.84
N PHE K 309 53.58 -50.79 -28.17
CA PHE K 309 52.90 -49.50 -28.15
C PHE K 309 53.84 -48.43 -28.69
N ILE K 310 53.28 -47.50 -29.46
CA ILE K 310 53.98 -46.30 -29.93
C ILE K 310 53.16 -45.07 -29.55
N ILE K 311 53.76 -44.18 -28.75
CA ILE K 311 53.13 -42.93 -28.35
C ILE K 311 53.71 -41.84 -29.23
N GLU K 312 52.90 -41.33 -30.16
CA GLU K 312 53.37 -40.32 -31.09
C GLU K 312 53.40 -39.00 -30.32
N ALA K 313 54.55 -38.64 -29.78
CA ALA K 313 54.68 -37.34 -29.11
C ALA K 313 55.09 -36.24 -30.09
N ALA K 314 56.06 -36.52 -30.96
CA ALA K 314 56.37 -35.62 -32.06
C ALA K 314 55.22 -35.63 -33.07
N ASN K 315 55.24 -34.67 -33.99
CA ASN K 315 54.19 -34.60 -35.00
C ASN K 315 54.52 -35.47 -36.21
N HIS K 316 53.58 -36.35 -36.55
CA HIS K 316 53.64 -37.17 -37.75
C HIS K 316 54.94 -37.97 -37.88
N PRO K 317 55.32 -38.72 -36.83
CA PRO K 317 56.55 -39.52 -36.91
C PRO K 317 56.36 -40.79 -37.72
N THR K 318 55.13 -41.19 -37.97
CA THR K 318 54.79 -42.41 -38.70
C THR K 318 54.19 -42.03 -40.05
N ASP K 319 54.87 -42.42 -41.13
CA ASP K 319 54.34 -42.20 -42.47
C ASP K 319 53.27 -43.23 -42.79
N PRO K 320 52.48 -43.03 -43.85
CA PRO K 320 51.37 -43.98 -44.10
C PRO K 320 51.81 -45.40 -44.34
N ASP K 321 53.04 -45.61 -44.84
CA ASP K 321 53.56 -46.97 -45.00
C ASP K 321 53.76 -47.66 -43.65
N ALA K 322 54.48 -47.00 -42.74
CA ALA K 322 54.75 -47.60 -41.45
C ALA K 322 53.47 -47.80 -40.64
N ASP K 323 52.56 -46.83 -40.73
CA ASP K 323 51.27 -46.94 -40.05
C ASP K 323 50.57 -48.23 -40.44
N GLU K 324 50.76 -48.68 -41.67
CA GLU K 324 50.13 -49.91 -42.15
C GLU K 324 50.86 -51.14 -41.64
N ILE K 325 52.18 -51.21 -41.83
CA ILE K 325 52.95 -52.37 -41.40
C ILE K 325 52.74 -52.65 -39.92
N LEU K 326 52.82 -51.59 -39.10
CA LEU K 326 52.73 -51.71 -37.66
C LEU K 326 51.35 -52.19 -37.20
N SER K 327 50.29 -51.85 -37.93
CA SER K 327 48.97 -52.33 -37.56
C SER K 327 48.89 -53.86 -37.60
N LYS K 328 49.27 -54.45 -38.74
CA LYS K 328 49.22 -55.90 -38.89
C LYS K 328 50.02 -56.60 -37.80
N LYS K 329 51.16 -56.03 -37.42
CA LYS K 329 51.96 -56.66 -36.37
C LYS K 329 51.33 -56.50 -34.99
N GLY K 330 50.14 -55.92 -34.90
CA GLY K 330 49.47 -55.74 -33.64
C GLY K 330 49.95 -54.57 -32.80
N VAL K 331 50.82 -53.72 -33.34
CA VAL K 331 51.33 -52.59 -32.60
C VAL K 331 50.27 -51.50 -32.58
N ILE K 332 50.05 -50.91 -31.41
CA ILE K 332 49.04 -49.89 -31.20
C ILE K 332 49.73 -48.54 -31.23
N ILE K 333 49.20 -47.62 -32.04
CA ILE K 333 49.84 -46.32 -32.26
C ILE K 333 48.91 -45.24 -31.72
N LEU K 334 49.35 -44.54 -30.67
CA LEU K 334 48.59 -43.42 -30.12
C LEU K 334 48.92 -42.16 -30.91
N PRO K 335 47.95 -41.57 -31.61
CA PRO K 335 48.28 -40.56 -32.62
C PRO K 335 48.66 -39.20 -32.06
N ASP K 336 49.54 -38.53 -32.81
CA ASP K 336 50.11 -37.25 -32.40
C ASP K 336 49.03 -36.19 -32.16
N VAL K 337 48.01 -36.15 -33.01
CA VAL K 337 47.02 -35.08 -32.90
C VAL K 337 46.40 -35.07 -31.50
N TYR K 338 46.35 -36.22 -30.84
CA TYR K 338 45.86 -36.33 -29.47
C TYR K 338 46.98 -36.36 -28.44
N ALA K 339 48.02 -37.16 -28.67
CA ALA K 339 48.98 -37.51 -27.61
C ALA K 339 49.73 -36.28 -27.08
N ASN K 340 50.05 -35.31 -27.93
CA ASN K 340 50.82 -34.14 -27.51
C ASN K 340 49.93 -32.92 -27.23
N ALA K 341 48.62 -33.11 -27.07
CA ALA K 341 47.70 -31.99 -26.94
C ALA K 341 47.71 -31.36 -25.56
N GLY K 342 48.57 -31.85 -24.65
CA GLY K 342 48.66 -31.23 -23.35
C GLY K 342 49.06 -29.78 -23.43
N GLY K 343 49.91 -29.44 -24.41
CA GLY K 343 50.35 -28.06 -24.54
C GLY K 343 49.22 -27.11 -24.88
N VAL K 344 48.46 -27.42 -25.93
CA VAL K 344 47.36 -26.52 -26.30
C VAL K 344 46.29 -26.55 -25.21
N THR K 345 46.20 -27.66 -24.47
CA THR K 345 45.20 -27.72 -23.41
C THR K 345 45.53 -26.77 -22.27
N VAL K 346 46.79 -26.72 -21.85
CA VAL K 346 47.13 -25.79 -20.78
C VAL K 346 47.01 -24.35 -21.27
N SER K 347 47.22 -24.13 -22.56
CA SER K 347 46.99 -22.82 -23.16
C SER K 347 45.54 -22.36 -22.98
N TYR K 348 44.59 -23.27 -23.14
CA TYR K 348 43.19 -22.98 -22.80
C TYR K 348 43.05 -22.60 -21.33
N PHE K 349 43.72 -23.34 -20.44
CA PHE K 349 43.64 -23.05 -19.02
C PHE K 349 44.19 -21.65 -18.70
N GLU K 350 45.27 -21.25 -19.39
CA GLU K 350 45.77 -19.89 -19.22
C GLU K 350 44.69 -18.87 -19.59
N TRP K 351 44.07 -19.06 -20.76
CA TRP K 351 42.96 -18.20 -21.18
C TRP K 351 41.83 -18.21 -20.15
N VAL K 352 41.44 -19.39 -19.67
CA VAL K 352 40.39 -19.48 -18.65
C VAL K 352 40.77 -18.68 -17.41
N GLN K 353 41.99 -18.88 -16.92
CA GLN K 353 42.43 -18.16 -15.72
C GLN K 353 42.39 -16.66 -15.94
N ASN K 354 42.75 -16.20 -17.14
CA ASN K 354 42.72 -14.76 -17.42
C ASN K 354 41.30 -14.22 -17.42
N ILE K 355 40.37 -14.87 -18.14
CA ILE K 355 39.02 -14.32 -18.18
C ILE K 355 38.37 -14.45 -16.81
N GLN K 356 38.81 -15.41 -16.01
CA GLN K 356 38.26 -15.49 -14.67
C GLN K 356 38.92 -14.53 -13.71
N GLY K 357 39.97 -13.81 -14.16
CA GLY K 357 40.63 -12.81 -13.37
C GLY K 357 41.37 -13.34 -12.15
N PHE K 358 41.75 -14.62 -12.15
CA PHE K 358 42.19 -15.29 -10.93
C PHE K 358 42.96 -16.56 -11.28
N MET K 359 44.26 -16.60 -10.96
CA MET K 359 45.11 -17.71 -11.41
C MET K 359 44.93 -18.97 -10.57
N TRP K 360 45.20 -20.12 -11.21
CA TRP K 360 45.17 -21.41 -10.55
C TRP K 360 46.56 -21.73 -10.05
N ASP K 361 46.63 -22.57 -9.02
CA ASP K 361 47.94 -23.10 -8.71
C ASP K 361 48.24 -24.31 -9.60
N GLU K 362 49.49 -24.78 -9.55
CA GLU K 362 49.93 -25.76 -10.53
C GLU K 362 49.23 -27.11 -10.37
N GLU K 363 49.04 -27.55 -9.13
CA GLU K 363 48.31 -28.79 -8.89
C GLU K 363 46.97 -28.77 -9.64
N LYS K 364 46.25 -27.66 -9.56
CA LYS K 364 44.95 -27.57 -10.23
C LYS K 364 45.11 -27.57 -11.73
N VAL K 365 46.11 -26.85 -12.23
CA VAL K 365 46.40 -26.89 -13.66
C VAL K 365 46.54 -28.34 -14.11
N ASN K 366 47.30 -29.12 -13.34
CA ASN K 366 47.54 -30.51 -13.71
C ASN K 366 46.34 -31.41 -13.49
N GLN K 367 45.53 -31.16 -12.44
CA GLN K 367 44.30 -31.94 -12.28
C GLN K 367 43.40 -31.80 -13.49
N GLU K 368 43.22 -30.58 -13.97
CA GLU K 368 42.37 -30.36 -15.14
C GLU K 368 43.01 -30.94 -16.39
N LEU K 369 44.34 -30.84 -16.49
CA LEU K 369 45.00 -31.45 -17.64
C LEU K 369 44.73 -32.95 -17.69
N LYS K 370 44.88 -33.64 -16.55
CA LYS K 370 44.62 -35.08 -16.50
C LYS K 370 43.17 -35.37 -16.82
N ARG K 371 42.25 -34.60 -16.22
CA ARG K 371 40.84 -34.83 -16.52
C ARG K 371 40.58 -34.66 -18.01
N TYR K 372 41.19 -33.65 -18.63
CA TYR K 372 40.96 -33.40 -20.06
C TYR K 372 41.59 -34.48 -20.94
N MET K 373 42.82 -34.91 -20.63
CA MET K 373 43.44 -35.94 -21.46
C MET K 373 42.72 -37.27 -21.34
N THR K 374 42.21 -37.58 -20.15
CA THR K 374 41.52 -38.85 -19.93
C THR K 374 40.21 -38.89 -20.69
N LYS K 375 39.35 -37.89 -20.44
CA LYS K 375 38.08 -37.80 -21.14
C LYS K 375 38.28 -37.89 -22.64
N ALA K 376 39.33 -37.23 -23.15
CA ALA K 376 39.59 -37.27 -24.57
C ALA K 376 39.90 -38.68 -25.04
N PHE K 377 40.69 -39.44 -24.26
CA PHE K 377 40.98 -40.81 -24.68
C PHE K 377 39.72 -41.66 -24.66
N ASN K 378 38.88 -41.49 -23.62
CA ASN K 378 37.65 -42.27 -23.53
C ASN K 378 36.77 -42.02 -24.73
N ASP K 379 36.61 -40.76 -25.11
CA ASP K 379 35.81 -40.43 -26.28
C ASP K 379 36.42 -41.00 -27.55
N ILE K 380 37.75 -40.97 -27.67
CA ILE K 380 38.41 -41.56 -28.84
C ILE K 380 38.13 -43.05 -28.91
N LYS K 381 38.30 -43.75 -27.79
CA LYS K 381 38.11 -45.21 -27.79
C LYS K 381 36.68 -45.58 -28.15
N ALA K 382 35.70 -44.84 -27.64
CA ALA K 382 34.30 -45.11 -28.00
C ALA K 382 34.10 -44.97 -29.50
N ASN K 383 34.67 -43.92 -30.10
CA ASN K 383 34.59 -43.75 -31.54
C ASN K 383 35.23 -44.92 -32.29
N CYS K 384 36.40 -45.37 -31.82
CA CYS K 384 37.03 -46.53 -32.45
C CYS K 384 36.12 -47.74 -32.42
N LYS K 385 35.24 -47.84 -31.42
CA LYS K 385 34.37 -48.99 -31.29
C LYS K 385 32.98 -48.73 -31.86
N THR K 386 32.72 -47.50 -32.32
CA THR K 386 31.59 -47.25 -33.21
C THR K 386 31.97 -47.46 -34.66
N HIS K 387 33.20 -47.10 -35.03
CA HIS K 387 33.64 -47.18 -36.40
C HIS K 387 34.58 -48.35 -36.68
N ASN K 388 34.99 -49.10 -35.67
CA ASN K 388 35.91 -50.22 -35.86
C ASN K 388 37.15 -49.78 -36.64
N CYS K 389 37.81 -48.74 -36.11
CA CYS K 389 38.97 -48.15 -36.75
C CYS K 389 40.09 -48.01 -35.75
N ASP K 390 41.29 -47.71 -36.25
CA ASP K 390 42.43 -47.53 -35.36
C ASP K 390 42.27 -46.23 -34.56
N LEU K 391 43.23 -45.97 -33.67
CA LEU K 391 43.16 -44.80 -32.79
C LEU K 391 43.27 -43.50 -33.58
N ARG K 392 44.10 -43.47 -34.63
CA ARG K 392 44.27 -42.25 -35.41
C ARG K 392 42.95 -41.81 -36.02
N MET K 393 42.19 -42.75 -36.59
CA MET K 393 40.91 -42.35 -37.15
C MET K 393 39.84 -42.15 -36.08
N GLY K 394 39.92 -42.90 -34.97
CA GLY K 394 39.04 -42.62 -33.85
C GLY K 394 39.16 -41.18 -33.41
N ALA K 395 40.39 -40.67 -33.32
CA ALA K 395 40.62 -39.28 -32.95
C ALA K 395 40.14 -38.33 -34.03
N PHE K 396 40.52 -38.60 -35.29
CA PHE K 396 40.16 -37.68 -36.37
C PHE K 396 38.66 -37.66 -36.61
N THR K 397 38.00 -38.82 -36.60
CA THR K 397 36.55 -38.78 -36.73
C THR K 397 35.89 -38.04 -35.56
N LEU K 398 36.50 -38.11 -34.38
CA LEU K 398 35.97 -37.39 -33.23
C LEU K 398 36.04 -35.87 -33.43
N GLY K 399 37.23 -35.36 -33.78
CA GLY K 399 37.37 -33.92 -33.97
C GLY K 399 36.58 -33.41 -35.15
N LEU K 400 36.67 -34.10 -36.28
CA LEU K 400 35.94 -33.70 -37.46
C LEU K 400 34.43 -33.68 -37.19
N ASN K 401 33.92 -34.68 -36.48
CA ASN K 401 32.48 -34.71 -36.24
C ASN K 401 32.04 -33.60 -35.29
N ARG K 402 32.87 -33.25 -34.31
CA ARG K 402 32.51 -32.17 -33.40
C ARG K 402 32.43 -30.83 -34.13
N VAL K 403 33.39 -30.55 -35.01
CA VAL K 403 33.32 -29.32 -35.80
C VAL K 403 32.10 -29.34 -36.71
N ALA K 404 31.83 -30.48 -37.35
CA ALA K 404 30.70 -30.59 -38.27
C ALA K 404 29.38 -30.28 -37.59
N ARG K 405 29.10 -30.91 -36.46
CA ARG K 405 27.77 -30.68 -35.90
C ARG K 405 27.65 -29.30 -35.25
N ALA K 406 28.75 -28.72 -34.75
CA ALA K 406 28.68 -27.32 -34.35
C ALA K 406 28.35 -26.44 -35.54
N THR K 407 28.95 -26.74 -36.69
CA THR K 407 28.64 -25.99 -37.90
C THR K 407 27.17 -26.18 -38.28
N LEU K 408 26.70 -27.43 -38.24
CA LEU K 408 25.30 -27.72 -38.61
C LEU K 408 24.35 -27.11 -37.60
N LEU K 409 24.69 -27.15 -36.31
CA LEU K 409 23.85 -26.51 -35.31
C LEU K 409 23.76 -25.01 -35.56
N ARG K 410 24.86 -24.38 -35.98
CA ARG K 410 24.80 -22.93 -36.20
C ARG K 410 23.94 -22.60 -37.41
N GLY K 411 23.96 -23.44 -38.45
CA GLY K 411 23.07 -23.23 -39.57
C GLY K 411 23.66 -22.30 -40.62
N TRP K 412 22.90 -22.13 -41.71
CA TRP K 412 23.42 -21.51 -42.91
C TRP K 412 22.69 -20.26 -43.38
N GLU K 413 21.53 -19.93 -42.82
CA GLU K 413 20.83 -18.74 -43.28
C GLU K 413 21.56 -17.48 -42.80
N ALA K 414 21.36 -16.38 -43.54
CA ALA K 414 22.10 -15.14 -43.22
C ALA K 414 21.57 -14.41 -41.96
N ALA L 6 47.06 -5.52 -68.71
CA ALA L 6 46.38 -5.05 -67.50
C ALA L 6 47.26 -5.23 -66.26
N LEU L 7 47.78 -6.46 -66.08
CA LEU L 7 48.86 -6.72 -65.13
C LEU L 7 50.20 -6.31 -65.72
N VAL L 8 50.45 -6.70 -66.97
CA VAL L 8 51.69 -6.33 -67.62
C VAL L 8 51.76 -4.82 -67.83
N ALA L 9 50.64 -4.20 -68.21
CA ALA L 9 50.62 -2.76 -68.44
C ALA L 9 50.93 -2.00 -67.15
N THR L 10 50.28 -2.42 -66.04
CA THR L 10 50.46 -1.75 -64.76
C THR L 10 51.89 -1.88 -64.25
N ASN L 11 52.47 -3.08 -64.37
CA ASN L 11 53.85 -3.30 -63.93
C ASN L 11 54.84 -2.50 -64.78
N ARG L 12 54.64 -2.46 -66.09
CA ARG L 12 55.53 -1.70 -66.95
C ARG L 12 55.44 -0.21 -66.64
N ASN L 13 54.20 0.30 -66.54
CA ASN L 13 54.01 1.73 -66.28
C ASN L 13 54.57 2.14 -64.93
N PHE L 14 54.43 1.28 -63.90
CA PHE L 14 54.94 1.62 -62.57
C PHE L 14 56.46 1.75 -62.57
N GLN L 15 57.17 0.76 -63.12
CA GLN L 15 58.63 0.78 -63.08
C GLN L 15 59.20 1.98 -63.83
N ARG L 16 58.61 2.30 -65.00
CA ARG L 16 59.07 3.45 -65.77
C ARG L 16 58.92 4.74 -64.96
N ALA L 17 57.75 4.92 -64.35
CA ALA L 17 57.50 6.10 -63.53
C ALA L 17 58.35 6.10 -62.26
N SER L 18 58.54 4.92 -61.67
CA SER L 18 59.42 4.84 -60.50
C SER L 18 60.84 5.18 -60.90
N ARG L 19 61.27 4.73 -62.08
CA ARG L 19 62.59 5.06 -62.59
C ARG L 19 62.68 6.55 -62.92
N ILE L 20 61.61 7.14 -63.46
CA ILE L 20 61.65 8.55 -63.82
C ILE L 20 61.74 9.43 -62.57
N LEU L 21 60.95 9.10 -61.54
CA LEU L 21 60.95 9.87 -60.31
C LEU L 21 62.18 9.63 -59.45
N GLY L 22 62.96 8.60 -59.74
CA GLY L 22 64.08 8.24 -58.88
C GLY L 22 63.66 7.78 -57.50
N LEU L 23 62.56 7.02 -57.42
CA LEU L 23 62.03 6.60 -56.13
C LEU L 23 63.04 5.74 -55.38
N ASP L 24 63.21 6.03 -54.10
CA ASP L 24 64.01 5.17 -53.23
C ASP L 24 63.43 3.76 -53.25
N SER L 25 64.31 2.76 -53.38
CA SER L 25 63.86 1.38 -53.60
C SER L 25 63.14 0.81 -52.38
N LYS L 26 63.46 1.28 -51.18
CA LYS L 26 62.76 0.80 -49.99
C LYS L 26 61.37 1.44 -49.86
N LEU L 27 61.26 2.71 -50.21
CA LEU L 27 59.94 3.33 -50.37
C LEU L 27 59.16 2.64 -51.47
N GLU L 28 59.82 2.29 -52.56
CA GLU L 28 59.14 1.64 -53.67
C GLU L 28 58.55 0.29 -53.24
N LYS L 29 59.34 -0.51 -52.50
CA LYS L 29 58.86 -1.79 -52.02
C LYS L 29 57.60 -1.63 -51.16
N SER L 30 57.62 -0.67 -50.23
CA SER L 30 56.45 -0.46 -49.38
C SER L 30 55.24 -0.09 -50.22
N LEU L 31 55.42 0.80 -51.20
CA LEU L 31 54.30 1.21 -52.05
C LEU L 31 53.74 0.05 -52.88
N LEU L 32 54.56 -0.96 -53.18
CA LEU L 32 54.01 -2.08 -53.93
C LEU L 32 53.24 -3.06 -53.04
N ILE L 33 53.64 -3.22 -51.79
CA ILE L 33 52.96 -4.15 -50.92
C ILE L 33 51.61 -3.56 -50.50
N PRO L 34 50.52 -4.26 -50.75
CA PRO L 34 49.21 -3.72 -50.36
C PRO L 34 49.10 -3.65 -48.86
N TYR L 35 48.40 -2.62 -48.39
CA TYR L 35 48.07 -2.47 -46.98
C TYR L 35 47.48 -3.75 -46.40
N ARG L 36 46.48 -4.33 -47.05
CA ARG L 36 45.82 -5.50 -46.49
C ARG L 36 45.12 -6.30 -47.60
N GLU L 37 45.23 -7.62 -47.56
CA GLU L 37 44.53 -8.54 -48.47
C GLU L 37 43.63 -9.44 -47.63
N ILE L 38 42.35 -9.55 -48.01
CA ILE L 38 41.36 -10.34 -47.26
C ILE L 38 40.74 -11.39 -48.18
N LYS L 39 40.63 -12.61 -47.69
CA LYS L 39 39.84 -13.66 -48.34
C LYS L 39 38.88 -14.23 -47.32
N VAL L 40 37.59 -14.33 -47.67
CA VAL L 40 36.57 -14.78 -46.72
C VAL L 40 35.68 -15.82 -47.40
N GLU L 41 35.19 -16.77 -46.59
CA GLU L 41 34.19 -17.72 -47.07
C GLU L 41 32.82 -17.06 -47.16
N CYS L 42 32.15 -17.25 -48.29
CA CYS L 42 30.78 -16.78 -48.52
C CYS L 42 29.91 -17.97 -48.93
N THR L 43 29.19 -18.55 -47.98
CA THR L 43 28.34 -19.70 -48.25
C THR L 43 26.89 -19.24 -48.14
N ILE L 44 26.08 -19.64 -49.12
CA ILE L 44 24.66 -19.27 -49.09
C ILE L 44 23.81 -20.48 -49.42
N PRO L 45 22.57 -20.51 -48.96
CA PRO L 45 21.59 -21.45 -49.50
C PRO L 45 21.05 -20.94 -50.83
N LYS L 46 20.96 -21.84 -51.79
CA LYS L 46 20.33 -21.57 -53.07
C LYS L 46 18.81 -21.61 -52.93
N ASP L 47 18.11 -21.23 -54.00
CA ASP L 47 16.65 -21.18 -53.96
C ASP L 47 16.04 -22.53 -53.56
N ASP L 48 16.69 -23.64 -53.86
CA ASP L 48 16.17 -24.94 -53.48
C ASP L 48 16.63 -25.40 -52.10
N GLY L 49 17.40 -24.58 -51.38
CA GLY L 49 17.87 -24.92 -50.05
C GLY L 49 19.25 -25.55 -50.01
N SER L 50 19.80 -25.97 -51.13
CA SER L 50 21.13 -26.57 -51.10
C SER L 50 22.21 -25.48 -51.00
N LEU L 51 23.37 -25.88 -50.48
CA LEU L 51 24.46 -24.97 -50.17
C LEU L 51 25.37 -24.77 -51.37
N VAL L 52 25.93 -23.59 -51.47
CA VAL L 52 27.02 -23.30 -52.40
C VAL L 52 28.04 -22.39 -51.68
N SER L 53 29.32 -22.64 -51.90
CA SER L 53 30.38 -21.93 -51.21
C SER L 53 31.31 -21.22 -52.19
N TYR L 54 31.51 -19.94 -51.96
CA TYR L 54 32.41 -19.10 -52.71
C TYR L 54 33.44 -18.46 -51.76
N VAL L 55 34.47 -17.90 -52.36
CA VAL L 55 35.49 -17.11 -51.67
C VAL L 55 35.34 -15.66 -52.12
N GLY L 56 35.08 -14.77 -51.18
CA GLY L 56 35.11 -13.34 -51.43
C GLY L 56 36.45 -12.74 -51.03
N PHE L 57 36.76 -11.57 -51.58
CA PHE L 57 38.04 -10.97 -51.30
C PHE L 57 37.97 -9.46 -51.46
N ARG L 58 38.88 -8.80 -50.76
CA ARG L 58 39.02 -7.35 -50.83
C ARG L 58 40.51 -7.10 -50.67
N ILE L 59 41.12 -6.57 -51.72
CA ILE L 59 42.50 -6.15 -51.69
C ILE L 59 42.48 -4.65 -51.40
N GLN L 60 43.01 -4.26 -50.25
CA GLN L 60 43.10 -2.86 -49.87
C GLN L 60 44.54 -2.41 -50.08
N HIS L 61 44.80 -1.72 -51.20
CA HIS L 61 46.19 -1.53 -51.57
C HIS L 61 46.87 -0.43 -50.77
N ASP L 62 46.29 0.77 -50.74
CA ASP L 62 46.98 1.91 -50.16
C ASP L 62 45.98 2.91 -49.60
N ASN L 63 46.30 3.50 -48.46
CA ASN L 63 45.37 4.49 -47.91
C ASN L 63 46.10 5.77 -47.46
N ALA L 64 47.23 6.09 -48.11
CA ALA L 64 48.00 7.27 -47.70
C ALA L 64 47.24 8.57 -47.94
N ARG L 65 46.45 8.64 -49.01
CA ARG L 65 45.78 9.87 -49.41
C ARG L 65 44.30 9.93 -49.01
N GLY L 66 43.80 8.88 -48.39
CA GLY L 66 42.44 8.86 -47.91
C GLY L 66 41.90 7.45 -47.83
N PRO L 67 40.60 7.32 -47.60
CA PRO L 67 39.96 5.99 -47.58
C PRO L 67 40.18 5.28 -48.91
N MET L 68 40.12 3.95 -48.87
CA MET L 68 40.27 3.19 -50.10
C MET L 68 38.99 3.20 -50.94
N LYS L 69 39.16 2.98 -52.24
CA LYS L 69 38.07 3.12 -53.19
C LYS L 69 38.24 2.05 -54.25
N GLY L 70 37.16 1.37 -54.60
CA GLY L 70 37.24 0.42 -55.68
C GLY L 70 36.08 -0.54 -55.81
N GLY L 71 35.91 -1.06 -56.99
CA GLY L 71 34.75 -1.85 -57.30
C GLY L 71 34.82 -3.26 -56.75
N ILE L 72 33.68 -3.94 -56.86
CA ILE L 72 33.52 -5.32 -56.46
C ILE L 72 33.08 -6.09 -57.70
N ARG L 73 33.85 -7.10 -58.07
CA ARG L 73 33.58 -7.89 -59.27
C ARG L 73 32.95 -9.23 -58.87
N TYR L 74 31.80 -9.53 -59.44
CA TYR L 74 31.25 -10.89 -59.38
C TYR L 74 31.64 -11.55 -60.69
N HIS L 75 32.68 -12.39 -60.65
CA HIS L 75 33.27 -12.90 -61.89
C HIS L 75 34.15 -14.11 -61.58
N PRO L 76 34.24 -15.09 -62.47
CA PRO L 76 34.99 -16.31 -62.15
C PRO L 76 36.51 -16.16 -62.13
N GLU L 77 37.09 -15.19 -62.82
CA GLU L 77 38.54 -15.02 -62.87
C GLU L 77 39.02 -14.15 -61.69
N VAL L 78 39.78 -14.75 -60.77
CA VAL L 78 40.21 -14.05 -59.56
C VAL L 78 41.68 -14.29 -59.24
N ASP L 79 42.52 -14.42 -60.28
CA ASP L 79 43.96 -14.65 -60.07
C ASP L 79 44.54 -13.60 -59.14
N PRO L 80 45.22 -13.99 -58.05
CA PRO L 80 45.62 -13.00 -57.04
C PRO L 80 46.55 -11.94 -57.58
N ASP L 81 47.52 -12.30 -58.44
CA ASP L 81 48.43 -11.30 -58.97
C ASP L 81 47.73 -10.32 -59.89
N GLU L 82 46.54 -10.66 -60.38
CA GLU L 82 45.74 -9.78 -61.24
C GLU L 82 44.89 -8.82 -60.41
N VAL L 83 44.21 -9.35 -59.40
CA VAL L 83 43.36 -8.52 -58.54
C VAL L 83 44.19 -7.50 -57.79
N ASN L 84 45.40 -7.89 -57.35
CA ASN L 84 46.28 -6.93 -56.71
C ASN L 84 46.63 -5.78 -57.65
N ALA L 85 46.90 -6.09 -58.92
CA ALA L 85 47.28 -5.04 -59.87
C ALA L 85 46.18 -4.01 -60.05
N LEU L 86 44.92 -4.45 -60.02
CA LEU L 86 43.79 -3.54 -60.18
C LEU L 86 43.67 -2.59 -59.00
N ALA L 87 43.85 -3.12 -57.78
CA ALA L 87 43.82 -2.28 -56.59
C ALA L 87 44.92 -1.24 -56.65
N GLN L 88 46.12 -1.67 -57.03
CA GLN L 88 47.24 -0.75 -57.16
C GLN L 88 46.93 0.32 -58.20
N LEU L 89 46.29 -0.08 -59.28
CA LEU L 89 45.92 0.84 -60.33
C LEU L 89 44.89 1.87 -59.85
N MET L 90 43.95 1.47 -58.99
CA MET L 90 43.06 2.45 -58.37
C MET L 90 43.84 3.50 -57.60
N THR L 91 44.86 3.06 -56.85
CA THR L 91 45.63 3.99 -56.01
C THR L 91 46.29 5.08 -56.85
N TRP L 92 46.84 4.73 -58.01
CA TRP L 92 47.44 5.73 -58.89
C TRP L 92 46.37 6.56 -59.56
N LYS L 93 45.26 5.91 -59.95
CA LYS L 93 44.19 6.59 -60.67
C LYS L 93 43.56 7.69 -59.81
N THR L 94 43.27 7.37 -58.54
CA THR L 94 42.73 8.38 -57.65
C THR L 94 43.70 9.54 -57.46
N ALA L 95 45.00 9.25 -57.36
CA ALA L 95 45.97 10.33 -57.23
C ALA L 95 46.11 11.15 -58.50
N VAL L 96 45.92 10.54 -59.68
CA VAL L 96 46.08 11.32 -60.90
C VAL L 96 45.04 12.42 -60.94
N VAL L 97 43.79 12.13 -60.56
CA VAL L 97 42.76 13.16 -60.58
C VAL L 97 42.63 13.87 -59.24
N ASP L 98 43.48 13.55 -58.27
CA ASP L 98 43.58 14.31 -57.03
C ASP L 98 42.28 14.27 -56.22
N ILE L 99 41.70 13.07 -56.12
CA ILE L 99 40.57 12.86 -55.22
C ILE L 99 41.12 12.20 -53.97
N PRO L 100 40.57 12.47 -52.81
CA PRO L 100 41.22 12.02 -51.56
C PRO L 100 40.90 10.57 -51.22
N TYR L 101 41.41 9.65 -52.03
CA TYR L 101 41.19 8.22 -51.84
C TYR L 101 42.48 7.45 -52.12
N GLY L 102 42.52 6.24 -51.58
CA GLY L 102 43.44 5.21 -52.03
C GLY L 102 42.74 4.20 -52.92
N GLY L 103 43.47 3.13 -53.23
CA GLY L 103 43.00 2.10 -54.16
C GLY L 103 42.67 0.79 -53.48
N ALA L 104 41.61 0.14 -53.94
CA ALA L 104 41.20 -1.19 -53.49
C ALA L 104 40.43 -1.89 -54.60
N LYS L 105 40.26 -3.20 -54.45
CA LYS L 105 39.52 -3.95 -55.45
C LYS L 105 39.10 -5.25 -54.80
N GLY L 106 37.84 -5.64 -54.98
CA GLY L 106 37.35 -6.84 -54.36
C GLY L 106 36.42 -7.58 -55.28
N GLY L 107 35.87 -8.67 -54.78
CA GLY L 107 34.91 -9.41 -55.56
C GLY L 107 34.66 -10.79 -55.00
N ILE L 108 33.93 -11.57 -55.78
CA ILE L 108 33.62 -12.95 -55.45
C ILE L 108 33.84 -13.76 -56.71
N GLY L 109 34.59 -14.84 -56.59
CA GLY L 109 34.77 -15.75 -57.70
C GLY L 109 33.52 -16.57 -57.89
N CYS L 110 32.64 -16.11 -58.78
CA CYS L 110 31.40 -16.80 -59.06
C CYS L 110 30.94 -16.35 -60.43
N ASN L 111 29.99 -17.08 -60.99
CA ASN L 111 29.39 -16.68 -62.25
C ASN L 111 27.98 -16.17 -61.96
N PRO L 112 27.74 -14.86 -62.04
CA PRO L 112 26.41 -14.34 -61.68
C PRO L 112 25.29 -14.88 -62.54
N LYS L 113 25.58 -15.34 -63.76
CA LYS L 113 24.52 -15.92 -64.58
C LYS L 113 23.99 -17.22 -63.98
N ASP L 114 24.75 -17.88 -63.11
CA ASP L 114 24.32 -19.11 -62.46
C ASP L 114 23.47 -18.87 -61.23
N LEU L 115 23.24 -17.62 -60.85
CA LEU L 115 22.61 -17.31 -59.58
C LEU L 115 21.34 -16.52 -59.85
N SER L 116 20.25 -16.88 -59.16
CA SER L 116 19.03 -16.12 -59.26
C SER L 116 19.21 -14.78 -58.58
N ILE L 117 18.26 -13.87 -58.80
CA ILE L 117 18.35 -12.54 -58.17
C ILE L 117 18.29 -12.68 -56.65
N SER L 118 17.58 -13.70 -56.14
CA SER L 118 17.54 -13.90 -54.70
C SER L 118 18.86 -14.44 -54.18
N GLU L 119 19.50 -15.33 -54.96
CA GLU L 119 20.81 -15.85 -54.56
C GLU L 119 21.86 -14.76 -54.58
N LEU L 120 21.80 -13.86 -55.57
CA LEU L 120 22.74 -12.75 -55.58
C LEU L 120 22.57 -11.86 -54.37
N GLU L 121 21.31 -11.66 -53.95
CA GLU L 121 21.10 -10.82 -52.79
C GLU L 121 21.67 -11.48 -51.54
N ARG L 122 21.38 -12.78 -51.33
CA ARG L 122 21.90 -13.47 -50.16
C ARG L 122 23.42 -13.50 -50.17
N LEU L 123 24.01 -13.74 -51.35
CA LEU L 123 25.47 -13.74 -51.49
C LEU L 123 26.04 -12.37 -51.19
N THR L 124 25.41 -11.31 -51.71
CA THR L 124 25.93 -9.98 -51.43
C THR L 124 25.85 -9.67 -49.96
N ARG L 125 24.75 -10.05 -49.29
CA ARG L 125 24.62 -9.74 -47.88
C ARG L 125 25.57 -10.59 -47.04
N VAL L 126 25.78 -11.85 -47.42
CA VAL L 126 26.77 -12.64 -46.68
C VAL L 126 28.16 -12.06 -46.87
N PHE L 127 28.49 -11.63 -48.08
CA PHE L 127 29.76 -10.97 -48.31
C PHE L 127 29.93 -9.74 -47.41
N THR L 128 28.90 -8.90 -47.34
CA THR L 128 28.96 -7.71 -46.50
C THR L 128 29.15 -8.08 -45.02
N GLN L 129 28.46 -9.11 -44.56
CA GLN L 129 28.69 -9.57 -43.19
C GLN L 129 30.14 -9.98 -42.99
N LYS L 130 30.75 -10.57 -43.99
CA LYS L 130 32.12 -11.02 -43.76
C LYS L 130 33.15 -9.91 -43.87
N ILE L 131 32.82 -8.74 -44.40
CA ILE L 131 33.88 -7.74 -44.54
C ILE L 131 33.48 -6.42 -43.92
N HIS L 132 32.34 -6.38 -43.22
CA HIS L 132 31.82 -5.10 -42.75
C HIS L 132 32.81 -4.40 -41.82
N ASP L 133 33.60 -5.17 -41.09
CA ASP L 133 34.58 -4.61 -40.16
C ASP L 133 35.80 -4.04 -40.87
N LEU L 134 35.92 -4.26 -42.18
CA LEU L 134 37.06 -3.83 -42.98
C LEU L 134 36.75 -2.66 -43.88
N ILE L 135 35.49 -2.30 -44.07
CA ILE L 135 35.12 -1.17 -44.90
C ILE L 135 34.48 -0.09 -44.05
N GLY L 136 34.06 1.00 -44.68
CA GLY L 136 33.46 2.09 -43.97
C GLY L 136 33.65 3.40 -44.71
N ILE L 137 32.83 4.38 -44.33
CA ILE L 137 32.76 5.65 -45.06
C ILE L 137 34.10 6.36 -45.08
N HIS L 138 34.94 6.13 -44.06
CA HIS L 138 36.26 6.73 -44.03
C HIS L 138 37.35 5.68 -44.06
N ARG L 139 37.01 4.46 -44.44
CA ARG L 139 37.97 3.36 -44.40
C ARG L 139 38.16 2.72 -45.76
N ASP L 140 37.08 2.28 -46.40
CA ASP L 140 37.15 1.60 -47.70
C ASP L 140 35.75 1.63 -48.27
N VAL L 141 35.58 2.22 -49.45
CA VAL L 141 34.27 2.55 -50.00
C VAL L 141 34.11 1.83 -51.33
N PRO L 142 33.38 0.71 -51.35
CA PRO L 142 33.21 -0.07 -52.60
C PRO L 142 32.30 0.61 -53.62
N ALA L 143 32.23 0.00 -54.80
CA ALA L 143 31.50 0.54 -55.95
C ALA L 143 31.17 -0.61 -56.90
N PRO L 144 30.28 -0.40 -57.87
CA PRO L 144 30.02 -1.44 -58.87
C PRO L 144 31.26 -1.70 -59.71
N ASP L 145 31.26 -2.86 -60.33
CA ASP L 145 32.32 -3.36 -61.22
C ASP L 145 31.68 -4.49 -62.04
N MET L 146 32.50 -5.32 -62.67
CA MET L 146 31.95 -6.40 -63.47
C MET L 146 31.08 -7.34 -62.64
N GLY L 147 29.85 -7.56 -63.12
CA GLY L 147 28.90 -8.42 -62.48
C GLY L 147 28.13 -7.80 -61.33
N THR L 148 28.38 -6.53 -61.00
CA THR L 148 27.63 -5.85 -59.96
C THR L 148 27.05 -4.55 -60.53
N ASN L 149 26.07 -4.02 -59.83
CA ASN L 149 25.38 -2.84 -60.31
C ASN L 149 24.84 -2.09 -59.09
N SER L 150 24.01 -1.09 -59.36
CA SER L 150 23.51 -0.24 -58.28
C SER L 150 22.60 -1.02 -57.33
N GLN L 151 21.92 -2.05 -57.83
CA GLN L 151 21.15 -2.91 -56.94
C GLN L 151 22.05 -3.66 -55.98
N THR L 152 23.21 -4.14 -56.48
CA THR L 152 24.19 -4.76 -55.60
C THR L 152 24.62 -3.79 -54.50
N MET L 153 24.84 -2.53 -54.87
CA MET L 153 25.27 -1.55 -53.87
C MET L 153 24.16 -1.26 -52.86
N ALA L 154 22.90 -1.26 -53.29
CA ALA L 154 21.81 -1.11 -52.34
C ALA L 154 21.82 -2.21 -51.29
N TRP L 155 22.08 -3.46 -51.72
CA TRP L 155 22.10 -4.56 -50.77
C TRP L 155 23.26 -4.41 -49.80
N ILE L 156 24.42 -3.94 -50.28
CA ILE L 156 25.56 -3.69 -49.38
C ILE L 156 25.22 -2.58 -48.38
N LEU L 157 24.70 -1.46 -48.87
CA LEU L 157 24.26 -0.38 -47.98
C LEU L 157 23.29 -0.89 -46.93
N ASP L 158 22.29 -1.66 -47.35
CA ASP L 158 21.29 -2.14 -46.40
C ASP L 158 21.90 -3.05 -45.33
N GLU L 159 22.77 -3.99 -45.72
CA GLU L 159 23.31 -4.90 -44.73
C GLU L 159 24.34 -4.22 -43.85
N TYR L 160 25.24 -3.45 -44.47
CA TYR L 160 26.25 -2.75 -43.70
C TYR L 160 25.61 -1.87 -42.65
N SER L 161 24.47 -1.27 -42.98
CA SER L 161 23.82 -0.37 -42.06
C SER L 161 23.23 -1.08 -40.84
N LYS L 162 22.97 -2.39 -40.92
CA LYS L 162 22.58 -3.11 -39.71
C LYS L 162 23.72 -3.15 -38.69
N PHE L 163 24.98 -3.16 -39.13
CA PHE L 163 26.11 -3.28 -38.21
C PHE L 163 26.61 -1.94 -37.72
N HIS L 164 26.40 -0.89 -38.47
CA HIS L 164 27.03 0.38 -38.15
C HIS L 164 26.08 1.56 -38.27
N GLY L 165 24.80 1.31 -38.39
CA GLY L 165 23.86 2.38 -38.62
C GLY L 165 23.85 2.84 -40.07
N HIS L 166 22.81 3.57 -40.40
CA HIS L 166 22.60 4.12 -41.72
C HIS L 166 23.87 4.81 -42.23
N SER L 167 24.48 4.30 -43.29
CA SER L 167 25.76 4.80 -43.75
C SER L 167 25.77 4.92 -45.26
N PRO L 168 24.99 5.86 -45.81
CA PRO L 168 24.91 5.97 -47.28
C PRO L 168 26.24 6.20 -47.97
N ALA L 169 27.24 6.77 -47.29
CA ALA L 169 28.53 7.00 -47.94
C ALA L 169 29.43 5.76 -47.97
N VAL L 170 28.99 4.61 -47.43
CA VAL L 170 29.86 3.43 -47.40
C VAL L 170 30.06 2.83 -48.78
N VAL L 171 29.23 3.19 -49.73
CA VAL L 171 29.29 2.56 -51.03
C VAL L 171 28.82 3.61 -52.01
N THR L 172 29.41 3.66 -53.20
CA THR L 172 28.95 4.59 -54.23
C THR L 172 28.31 3.81 -55.37
N GLY L 173 27.79 4.54 -56.34
CA GLY L 173 27.01 3.89 -57.37
C GLY L 173 25.65 3.43 -56.89
N LYS L 174 25.13 4.03 -55.83
CA LYS L 174 23.83 3.66 -55.33
C LYS L 174 22.74 4.14 -56.30
N PRO L 175 21.56 3.51 -56.29
CA PRO L 175 20.41 4.08 -57.00
C PRO L 175 20.11 5.49 -56.46
N ILE L 176 19.59 6.35 -57.34
CA ILE L 176 19.23 7.70 -56.91
C ILE L 176 18.36 7.68 -55.66
N ASP L 177 17.37 6.79 -55.62
CA ASP L 177 16.44 6.75 -54.50
C ASP L 177 17.13 6.44 -53.17
N LEU L 178 18.38 5.99 -53.16
CA LEU L 178 19.07 5.70 -51.92
C LEU L 178 20.34 6.54 -51.78
N GLY L 179 20.36 7.71 -52.39
CA GLY L 179 21.50 8.58 -52.23
C GLY L 179 22.50 8.54 -53.36
N GLY L 180 22.19 7.90 -54.47
CA GLY L 180 23.06 7.97 -55.61
C GLY L 180 23.12 9.38 -56.16
N SER L 181 24.19 9.67 -56.86
CA SER L 181 24.40 11.01 -57.36
C SER L 181 23.82 11.17 -58.74
N LEU L 182 23.34 12.38 -59.03
CA LEU L 182 23.08 12.74 -60.41
C LEU L 182 24.39 12.79 -61.21
N GLY L 183 24.25 12.63 -62.52
CA GLY L 183 25.36 12.73 -63.44
C GLY L 183 26.25 11.51 -63.48
N ARG L 184 25.89 10.42 -62.83
CA ARG L 184 26.81 9.29 -62.77
C ARG L 184 26.88 8.54 -64.12
N GLU L 185 25.73 8.30 -64.75
CA GLU L 185 25.67 7.54 -66.00
C GLU L 185 26.61 8.10 -67.07
N ALA L 186 26.58 9.41 -67.29
CA ALA L 186 27.39 10.03 -68.33
C ALA L 186 28.83 10.30 -67.92
N ALA L 187 29.19 10.02 -66.65
CA ALA L 187 30.43 10.53 -66.06
C ALA L 187 31.67 10.14 -66.85
N THR L 188 31.82 8.86 -67.17
CA THR L 188 33.04 8.44 -67.83
C THR L 188 33.12 9.02 -69.24
N GLY L 189 32.03 8.87 -70.02
CA GLY L 189 32.05 9.40 -71.37
C GLY L 189 32.19 10.90 -71.40
N LEU L 190 31.48 11.59 -70.50
CA LEU L 190 31.56 13.04 -70.45
C LEU L 190 32.95 13.49 -69.99
N GLY L 191 33.54 12.78 -69.03
CA GLY L 191 34.90 13.12 -68.60
C GLY L 191 35.91 13.02 -69.72
N VAL L 192 35.74 12.04 -70.62
CA VAL L 192 36.62 11.94 -71.78
C VAL L 192 36.61 13.23 -72.59
N VAL L 193 35.43 13.80 -72.82
CA VAL L 193 35.35 14.98 -73.67
C VAL L 193 35.94 16.20 -72.96
N PHE L 194 35.76 16.30 -71.64
CA PHE L 194 36.43 17.37 -70.90
C PHE L 194 37.94 17.23 -71.00
N ALA L 195 38.45 16.00 -70.89
CA ALA L 195 39.87 15.77 -71.04
C ALA L 195 40.35 16.15 -72.43
N THR L 196 39.56 15.80 -73.44
CA THR L 196 39.95 16.07 -74.81
C THR L 196 39.97 17.57 -75.10
N GLU L 197 39.01 18.32 -74.54
CA GLU L 197 39.03 19.77 -74.66
C GLU L 197 40.31 20.38 -74.09
N ALA L 198 40.69 19.95 -72.88
CA ALA L 198 41.89 20.51 -72.25
C ALA L 198 43.13 20.24 -73.08
N LEU L 199 43.22 19.02 -73.65
CA LEU L 199 44.31 18.66 -74.52
C LEU L 199 44.38 19.54 -75.75
N PHE L 200 43.24 19.72 -76.42
CA PHE L 200 43.21 20.49 -77.67
C PHE L 200 43.45 21.97 -77.44
N ALA L 201 43.12 22.48 -76.26
CA ALA L 201 43.40 23.88 -75.94
C ALA L 201 44.90 24.16 -76.00
N GLU L 202 45.74 23.15 -75.71
CA GLU L 202 47.19 23.30 -75.81
C GLU L 202 47.63 23.66 -77.22
N TYR L 203 46.85 23.25 -78.21
CA TYR L 203 47.14 23.56 -79.60
C TYR L 203 46.33 24.75 -80.09
N GLY L 204 45.69 25.47 -79.17
CA GLY L 204 44.82 26.56 -79.53
C GLY L 204 43.68 26.15 -80.42
N LYS L 205 43.35 24.86 -80.45
CA LYS L 205 42.29 24.32 -81.28
C LYS L 205 41.13 23.89 -80.39
N SER L 206 40.00 23.61 -81.02
CA SER L 206 38.79 23.21 -80.30
C SER L 206 38.33 21.84 -80.76
N ILE L 207 37.41 21.28 -79.99
CA ILE L 207 36.80 20.01 -80.35
C ILE L 207 36.05 20.13 -81.67
N SER L 208 35.43 21.30 -81.91
CA SER L 208 34.70 21.54 -83.16
C SER L 208 35.63 21.57 -84.37
N ASP L 209 36.95 21.65 -84.16
CA ASP L 209 37.93 21.62 -85.24
C ASP L 209 38.36 20.21 -85.65
N MET L 210 37.94 19.16 -84.94
CA MET L 210 38.47 17.83 -85.15
C MET L 210 37.39 16.90 -85.70
N THR L 211 37.83 15.87 -86.41
CA THR L 211 36.99 14.75 -86.79
C THR L 211 37.34 13.53 -85.94
N PHE L 212 36.33 12.69 -85.70
CA PHE L 212 36.42 11.64 -84.69
C PHE L 212 35.94 10.29 -85.22
N ALA L 213 36.70 9.24 -84.91
CA ALA L 213 36.29 7.86 -85.11
C ALA L 213 36.25 7.17 -83.76
N ILE L 214 35.17 6.44 -83.48
CA ILE L 214 34.93 5.88 -82.14
C ILE L 214 34.70 4.37 -82.24
N GLN L 215 35.49 3.60 -81.48
CA GLN L 215 35.34 2.14 -81.39
C GLN L 215 34.61 1.78 -80.09
N GLY L 216 33.42 1.19 -80.21
CA GLY L 216 32.63 0.85 -79.04
C GLY L 216 31.50 1.83 -78.85
N PHE L 217 30.30 1.35 -78.50
CA PHE L 217 29.08 2.17 -78.43
C PHE L 217 28.22 1.74 -77.25
N GLY L 218 28.86 1.60 -76.09
CA GLY L 218 28.21 1.29 -74.84
C GLY L 218 28.06 2.50 -73.95
N ASN L 219 28.24 2.29 -72.65
CA ASN L 219 28.06 3.38 -71.70
C ASN L 219 29.04 4.52 -71.97
N VAL L 220 30.29 4.19 -72.29
CA VAL L 220 31.29 5.21 -72.60
C VAL L 220 31.09 5.79 -73.99
N GLY L 221 30.94 4.92 -75.00
CA GLY L 221 30.93 5.40 -76.36
C GLY L 221 29.76 6.31 -76.67
N THR L 222 28.56 5.95 -76.21
CA THR L 222 27.38 6.74 -76.54
C THR L 222 27.45 8.14 -75.95
N TRP L 223 27.83 8.25 -74.69
CA TRP L 223 27.85 9.56 -74.04
C TRP L 223 28.98 10.41 -74.58
N ALA L 224 30.15 9.81 -74.79
CA ALA L 224 31.27 10.54 -75.38
C ALA L 224 30.91 11.04 -76.78
N ALA L 225 30.36 10.16 -77.62
CA ALA L 225 29.93 10.60 -78.94
C ALA L 225 28.94 11.74 -78.82
N LYS L 226 27.99 11.61 -77.89
CA LYS L 226 26.99 12.65 -77.68
C LYS L 226 27.65 13.97 -77.29
N ALA L 227 28.59 13.93 -76.34
CA ALA L 227 29.24 15.16 -75.89
C ALA L 227 30.13 15.77 -76.97
N ILE L 228 30.77 14.93 -77.79
CA ILE L 228 31.53 15.47 -78.93
C ILE L 228 30.59 16.11 -79.94
N PHE L 229 29.47 15.43 -80.24
CA PHE L 229 28.54 15.94 -81.24
C PHE L 229 27.99 17.31 -80.83
N GLU L 230 27.65 17.47 -79.55
CA GLU L 230 27.11 18.72 -79.04
C GLU L 230 28.15 19.84 -78.98
N ARG L 231 29.43 19.53 -79.12
CA ARG L 231 30.47 20.55 -79.15
C ARG L 231 30.99 20.83 -80.56
N GLY L 232 30.29 20.35 -81.59
CA GLY L 232 30.64 20.63 -82.98
C GLY L 232 31.68 19.72 -83.59
N GLY L 233 32.17 18.72 -82.86
CA GLY L 233 33.07 17.74 -83.46
C GLY L 233 32.35 16.86 -84.46
N LYS L 234 33.08 16.45 -85.49
CA LYS L 234 32.52 15.64 -86.56
C LYS L 234 32.84 14.18 -86.27
N VAL L 235 31.84 13.42 -85.84
CA VAL L 235 32.01 11.99 -85.61
C VAL L 235 31.83 11.30 -86.96
N VAL L 236 32.93 10.87 -87.58
CA VAL L 236 32.88 10.32 -88.94
C VAL L 236 32.81 8.80 -88.97
N ALA L 237 33.02 8.12 -87.84
CA ALA L 237 32.96 6.66 -87.82
C ALA L 237 32.68 6.19 -86.40
N VAL L 238 31.74 5.25 -86.29
CA VAL L 238 31.39 4.60 -85.03
C VAL L 238 31.22 3.11 -85.31
N SER L 239 31.83 2.27 -84.47
CA SER L 239 31.62 0.83 -84.56
C SER L 239 31.27 0.28 -83.20
N ASP L 240 30.71 -0.93 -83.22
CA ASP L 240 30.51 -1.74 -82.03
C ASP L 240 30.69 -3.20 -82.44
N ILE L 241 30.14 -4.12 -81.65
CA ILE L 241 30.38 -5.54 -81.87
C ILE L 241 29.64 -6.07 -83.11
N ASN L 242 28.66 -5.34 -83.64
CA ASN L 242 27.83 -5.86 -84.71
C ASN L 242 28.03 -5.20 -86.07
N GLY L 243 28.72 -4.06 -86.13
CA GLY L 243 28.81 -3.37 -87.40
C GLY L 243 29.39 -1.98 -87.21
N ALA L 244 29.28 -1.18 -88.27
CA ALA L 244 29.84 0.15 -88.27
C ALA L 244 29.08 1.02 -89.25
N ILE L 245 29.18 2.32 -89.05
CA ILE L 245 28.50 3.32 -89.87
C ILE L 245 29.49 4.44 -90.15
N SER L 246 29.38 5.02 -91.34
CA SER L 246 30.36 6.00 -91.76
C SER L 246 29.69 7.22 -92.40
N ASN L 247 30.28 8.37 -92.14
CA ASN L 247 29.91 9.61 -92.82
C ASN L 247 31.09 10.57 -92.73
N PRO L 248 31.83 10.78 -93.81
CA PRO L 248 33.01 11.66 -93.73
C PRO L 248 32.65 13.10 -93.38
N ASN L 249 31.39 13.47 -93.49
CA ASN L 249 30.92 14.82 -93.19
C ASN L 249 30.49 14.96 -91.73
N GLY L 250 30.07 13.87 -91.11
CA GLY L 250 29.67 13.83 -89.70
C GLY L 250 28.34 13.13 -89.51
N ILE L 251 28.31 12.09 -88.68
CA ILE L 251 27.07 11.38 -88.37
C ILE L 251 26.24 12.18 -87.38
N ASP L 252 24.93 12.26 -87.65
CA ASP L 252 23.94 12.83 -86.71
C ASP L 252 23.83 11.90 -85.49
N ILE L 253 24.56 12.24 -84.42
CA ILE L 253 24.67 11.36 -83.27
C ILE L 253 23.35 11.25 -82.51
N ALA L 254 22.61 12.36 -82.41
CA ALA L 254 21.31 12.33 -81.74
C ALA L 254 20.37 11.32 -82.39
N ALA L 255 20.32 11.32 -83.73
CA ALA L 255 19.49 10.35 -84.44
C ALA L 255 20.02 8.93 -84.30
N LEU L 256 21.35 8.76 -84.29
CA LEU L 256 21.92 7.42 -84.13
C LEU L 256 21.58 6.81 -82.78
N LEU L 257 21.61 7.62 -81.72
CA LEU L 257 21.21 7.11 -80.41
C LEU L 257 19.74 6.73 -80.38
N LYS L 258 18.89 7.53 -81.03
CA LYS L 258 17.48 7.16 -81.16
C LYS L 258 17.34 5.89 -82.00
N HIS L 259 18.16 5.75 -83.04
CA HIS L 259 18.21 4.51 -83.80
C HIS L 259 18.71 3.34 -82.94
N LYS L 260 19.80 3.54 -82.21
CA LYS L 260 20.36 2.47 -81.39
C LYS L 260 19.43 2.11 -80.24
N ALA L 261 18.80 3.11 -79.60
CA ALA L 261 17.95 2.84 -78.43
C ALA L 261 16.75 1.96 -78.78
N GLY L 262 16.29 2.00 -80.03
CA GLY L 262 15.22 1.13 -80.46
C GLY L 262 15.72 -0.20 -80.97
N ASN L 263 16.91 -0.58 -80.50
CA ASN L 263 17.54 -1.87 -80.83
C ASN L 263 17.88 -1.99 -82.32
N GLY L 264 18.28 -0.86 -82.93
CA GLY L 264 18.76 -0.86 -84.30
C GLY L 264 20.28 -1.10 -84.37
N SER L 265 20.75 -1.53 -85.53
CA SER L 265 22.15 -1.83 -85.74
C SER L 265 22.83 -0.76 -86.59
N LEU L 266 24.11 -0.51 -86.28
CA LEU L 266 24.92 0.48 -86.99
C LEU L 266 25.07 0.17 -88.48
N LYS L 267 24.73 -1.03 -88.94
CA LYS L 267 24.70 -1.30 -90.37
C LYS L 267 23.40 -0.85 -91.02
N ASP L 268 22.40 -0.50 -90.21
CA ASP L 268 21.08 -0.14 -90.69
C ASP L 268 20.76 1.34 -90.58
N PHE L 269 21.70 2.14 -90.08
CA PHE L 269 21.46 3.57 -89.98
C PHE L 269 21.44 4.19 -91.37
N SER L 270 20.44 5.02 -91.64
CA SER L 270 20.27 5.61 -92.96
C SER L 270 21.03 6.92 -93.11
N GLY L 271 21.46 7.53 -92.01
CA GLY L 271 22.24 8.76 -92.06
C GLY L 271 23.72 8.49 -92.10
N GLY L 272 24.12 7.38 -92.72
CA GLY L 272 25.52 7.04 -92.86
C GLY L 272 25.70 5.85 -93.78
N ASP L 273 26.96 5.48 -93.98
CA ASP L 273 27.34 4.36 -94.82
C ASP L 273 27.78 3.19 -93.95
N ALA L 274 27.27 1.99 -94.26
CA ALA L 274 27.71 0.81 -93.53
C ALA L 274 29.20 0.59 -93.76
N MET L 275 29.88 0.08 -92.73
CA MET L 275 31.32 -0.02 -92.74
C MET L 275 31.77 -1.37 -92.17
N ASN L 276 32.96 -1.78 -92.58
CA ASN L 276 33.65 -2.90 -91.94
C ASN L 276 34.26 -2.42 -90.64
N PRO L 277 33.92 -3.02 -89.49
CA PRO L 277 34.50 -2.56 -88.21
C PRO L 277 36.01 -2.68 -88.15
N ASN L 278 36.62 -3.62 -88.89
CA ASN L 278 38.06 -3.80 -88.84
C ASN L 278 38.83 -2.62 -89.44
N ASP L 279 38.15 -1.69 -90.08
CA ASP L 279 38.79 -0.51 -90.65
C ASP L 279 38.71 0.72 -89.74
N LEU L 280 38.05 0.61 -88.57
CA LEU L 280 37.86 1.80 -87.76
C LEU L 280 39.17 2.36 -87.22
N LEU L 281 40.17 1.51 -87.01
CA LEU L 281 41.37 2.01 -86.37
C LEU L 281 42.23 2.78 -87.38
N VAL L 282 42.12 2.45 -88.66
CA VAL L 282 42.87 3.11 -89.72
C VAL L 282 42.02 4.15 -90.46
N HIS L 283 40.82 4.43 -89.99
CA HIS L 283 39.95 5.39 -90.66
C HIS L 283 40.56 6.80 -90.61
N ASP L 284 40.36 7.56 -91.69
CA ASP L 284 40.97 8.88 -91.82
C ASP L 284 40.25 9.88 -90.92
N CYS L 285 40.99 10.49 -89.99
CA CYS L 285 40.42 11.35 -88.97
C CYS L 285 41.53 12.01 -88.17
N ASP L 286 41.13 13.03 -87.40
CA ASP L 286 42.08 13.67 -86.49
C ASP L 286 42.18 12.91 -85.17
N VAL L 287 41.06 12.40 -84.65
CA VAL L 287 41.00 11.83 -83.32
C VAL L 287 40.42 10.43 -83.41
N LEU L 288 41.14 9.46 -82.85
CA LEU L 288 40.72 8.06 -82.72
C LEU L 288 40.50 7.77 -81.25
N ILE L 289 39.34 7.21 -80.91
CA ILE L 289 39.00 6.97 -79.50
C ILE L 289 38.56 5.53 -79.27
N PRO L 290 39.47 4.63 -78.85
CA PRO L 290 39.04 3.26 -78.51
C PRO L 290 38.20 3.26 -77.24
N CYS L 291 36.98 2.75 -77.34
CA CYS L 291 36.09 2.68 -76.20
C CYS L 291 35.53 1.27 -76.02
N ALA L 292 36.22 0.26 -76.54
CA ALA L 292 35.68 -1.10 -76.54
C ALA L 292 36.56 -2.03 -75.71
N LEU L 293 37.78 -2.32 -76.15
CA LEU L 293 38.58 -3.39 -75.58
C LEU L 293 40.02 -2.92 -75.46
N GLY L 294 40.82 -3.69 -74.72
CA GLY L 294 42.23 -3.44 -74.65
C GLY L 294 43.01 -4.21 -75.70
N GLY L 295 44.24 -3.77 -75.94
CA GLY L 295 45.07 -4.45 -76.90
C GLY L 295 44.55 -4.38 -78.31
N VAL L 296 43.76 -3.36 -78.63
CA VAL L 296 43.20 -3.27 -79.98
C VAL L 296 44.17 -2.63 -80.95
N LEU L 297 45.14 -1.85 -80.46
CA LEU L 297 46.18 -1.24 -81.28
C LEU L 297 47.52 -1.93 -80.99
N ASN L 298 48.06 -2.65 -81.98
CA ASN L 298 49.33 -3.35 -81.81
C ASN L 298 50.26 -3.14 -83.00
N LYS L 299 51.39 -3.85 -83.01
CA LYS L 299 52.46 -3.60 -83.97
C LYS L 299 52.10 -3.92 -85.41
N GLU L 300 50.99 -4.60 -85.67
CA GLU L 300 50.60 -4.84 -87.06
C GLU L 300 49.67 -3.77 -87.62
N ASN L 301 49.30 -2.77 -86.81
CA ASN L 301 48.42 -1.72 -87.30
C ASN L 301 48.74 -0.35 -86.72
N ALA L 302 49.94 -0.14 -86.17
CA ALA L 302 50.27 1.17 -85.62
C ALA L 302 50.70 2.15 -86.72
N ASN L 303 51.53 1.70 -87.67
CA ASN L 303 51.90 2.58 -88.78
C ASN L 303 50.74 2.84 -89.73
N ASP L 304 49.61 2.17 -89.51
CA ASP L 304 48.41 2.37 -90.31
C ASP L 304 47.45 3.38 -89.70
N VAL L 305 47.82 4.00 -88.58
CA VAL L 305 46.95 4.93 -87.88
C VAL L 305 47.10 6.32 -88.49
N LYS L 306 46.04 6.82 -89.09
CA LYS L 306 46.03 8.11 -89.77
C LYS L 306 45.47 9.22 -88.88
N ALA L 307 45.74 9.19 -87.58
CA ALA L 307 45.19 10.19 -86.68
C ALA L 307 46.31 10.81 -85.85
N LYS L 308 46.20 12.10 -85.58
CA LYS L 308 47.23 12.79 -84.81
C LYS L 308 47.06 12.58 -83.30
N PHE L 309 45.83 12.34 -82.84
CA PHE L 309 45.51 12.17 -81.43
C PHE L 309 44.80 10.84 -81.22
N ILE L 310 45.12 10.15 -80.12
CA ILE L 310 44.39 8.96 -79.70
C ILE L 310 43.96 9.15 -78.24
N ILE L 311 42.65 9.15 -77.98
CA ILE L 311 42.12 9.29 -76.62
C ILE L 311 41.75 7.90 -76.12
N GLU L 312 42.56 7.38 -75.21
CA GLU L 312 42.39 6.02 -74.68
C GLU L 312 41.30 6.06 -73.62
N ALA L 313 40.06 5.78 -74.04
CA ALA L 313 38.96 5.69 -73.10
C ALA L 313 38.78 4.28 -72.52
N ALA L 314 38.91 3.26 -73.36
CA ALA L 314 38.97 1.92 -72.82
C ALA L 314 40.26 1.73 -72.02
N ASN L 315 40.34 0.61 -71.29
CA ASN L 315 41.53 0.30 -70.51
C ASN L 315 42.56 -0.42 -71.37
N HIS L 316 43.79 0.12 -71.39
CA HIS L 316 44.96 -0.46 -72.05
C HIS L 316 44.75 -0.73 -73.54
N PRO L 317 44.28 0.22 -74.35
CA PRO L 317 44.07 -0.11 -75.79
C PRO L 317 45.34 -0.16 -76.61
N THR L 318 46.43 0.44 -76.12
CA THR L 318 47.69 0.49 -76.84
C THR L 318 48.71 -0.36 -76.11
N ASP L 319 49.22 -1.41 -76.79
CA ASP L 319 50.31 -2.17 -76.22
C ASP L 319 51.63 -1.42 -76.38
N PRO L 320 52.68 -1.83 -75.66
CA PRO L 320 53.93 -1.06 -75.72
C PRO L 320 54.53 -0.98 -77.12
N ASP L 321 54.24 -1.97 -77.98
CA ASP L 321 54.74 -1.93 -79.36
C ASP L 321 54.18 -0.74 -80.13
N ALA L 322 52.85 -0.60 -80.14
CA ALA L 322 52.25 0.51 -80.86
C ALA L 322 52.63 1.84 -80.24
N ASP L 323 52.69 1.89 -78.90
CA ASP L 323 53.04 3.11 -78.19
C ASP L 323 54.35 3.70 -78.69
N GLU L 324 55.33 2.84 -78.99
CA GLU L 324 56.58 3.33 -79.57
C GLU L 324 56.43 3.71 -81.04
N ILE L 325 55.46 3.12 -81.74
CA ILE L 325 55.27 3.44 -83.15
C ILE L 325 54.50 4.74 -83.31
N LEU L 326 53.40 4.91 -82.56
CA LEU L 326 52.61 6.14 -82.69
C LEU L 326 53.40 7.36 -82.27
N SER L 327 54.21 7.23 -81.21
CA SER L 327 55.02 8.37 -80.75
C SER L 327 56.07 8.75 -81.78
N LYS L 328 56.71 7.77 -82.42
CA LYS L 328 57.72 8.03 -83.43
C LYS L 328 57.16 8.86 -84.58
N LYS L 329 55.93 8.57 -84.99
CA LYS L 329 55.29 9.37 -86.02
C LYS L 329 54.73 10.69 -85.49
N GLY L 330 54.95 10.99 -84.22
CA GLY L 330 54.45 12.21 -83.61
C GLY L 330 53.02 12.18 -83.14
N VAL L 331 52.39 11.01 -83.08
CA VAL L 331 51.01 10.92 -82.62
C VAL L 331 51.00 11.01 -81.09
N ILE L 332 50.12 11.85 -80.56
CA ILE L 332 50.04 12.10 -79.13
C ILE L 332 48.87 11.32 -78.55
N ILE L 333 49.13 10.57 -77.47
CA ILE L 333 48.18 9.59 -76.90
C ILE L 333 47.80 10.00 -75.47
N LEU L 334 46.51 10.27 -75.26
CA LEU L 334 45.98 10.57 -73.92
C LEU L 334 45.76 9.28 -73.14
N PRO L 335 46.43 9.09 -72.01
CA PRO L 335 46.47 7.75 -71.38
C PRO L 335 45.19 7.38 -70.66
N ASP L 336 44.94 6.07 -70.62
CA ASP L 336 43.71 5.54 -70.04
C ASP L 336 43.54 5.93 -68.56
N VAL L 337 44.62 5.85 -67.77
CA VAL L 337 44.52 6.08 -66.33
C VAL L 337 43.93 7.46 -66.02
N TYR L 338 44.10 8.42 -66.92
CA TYR L 338 43.49 9.73 -66.77
C TYR L 338 42.18 9.88 -67.54
N ALA L 339 42.16 9.44 -68.79
CA ALA L 339 41.09 9.83 -69.71
C ALA L 339 39.72 9.36 -69.22
N ASN L 340 39.63 8.17 -68.65
CA ASN L 340 38.35 7.62 -68.22
C ASN L 340 38.07 7.79 -66.73
N ALA L 341 38.81 8.66 -66.06
CA ALA L 341 38.67 8.78 -64.62
C ALA L 341 37.45 9.60 -64.20
N GLY L 342 36.62 10.02 -65.16
CA GLY L 342 35.43 10.76 -64.80
C GLY L 342 34.45 9.98 -63.94
N GLY L 343 34.39 8.65 -64.15
CA GLY L 343 33.48 7.85 -63.35
C GLY L 343 33.87 7.84 -61.88
N VAL L 344 35.14 7.52 -61.60
CA VAL L 344 35.56 7.50 -60.20
C VAL L 344 35.51 8.89 -59.61
N THR L 345 35.71 9.93 -60.42
CA THR L 345 35.67 11.29 -59.90
C THR L 345 34.27 11.63 -59.40
N VAL L 346 33.24 11.28 -60.18
CA VAL L 346 31.86 11.51 -59.76
C VAL L 346 31.47 10.58 -58.62
N SER L 347 32.05 9.37 -58.56
CA SER L 347 31.80 8.53 -57.39
C SER L 347 32.30 9.21 -56.13
N TYR L 348 33.42 9.93 -56.23
CA TYR L 348 33.86 10.78 -55.13
C TYR L 348 32.82 11.83 -54.77
N PHE L 349 32.26 12.51 -55.80
CA PHE L 349 31.26 13.54 -55.53
C PHE L 349 30.03 12.94 -54.87
N GLU L 350 29.64 11.73 -55.30
CA GLU L 350 28.53 11.04 -54.66
C GLU L 350 28.80 10.88 -53.18
N TRP L 351 29.98 10.38 -52.85
CA TRP L 351 30.42 10.24 -51.46
C TRP L 351 30.36 11.57 -50.73
N VAL L 352 30.86 12.65 -51.36
CA VAL L 352 30.84 13.97 -50.74
C VAL L 352 29.42 14.38 -50.38
N GLN L 353 28.51 14.24 -51.34
CA GLN L 353 27.12 14.59 -51.10
C GLN L 353 26.54 13.78 -49.95
N ASN L 354 26.87 12.49 -49.85
CA ASN L 354 26.34 11.68 -48.76
C ASN L 354 26.87 12.15 -47.40
N ILE L 355 28.18 12.37 -47.27
CA ILE L 355 28.65 12.83 -45.94
C ILE L 355 28.14 14.24 -45.65
N GLN L 356 27.86 15.04 -46.69
CA GLN L 356 27.29 16.36 -46.45
C GLN L 356 25.78 16.30 -46.24
N GLY L 357 25.17 15.13 -46.39
CA GLY L 357 23.76 14.97 -46.16
C GLY L 357 22.88 15.76 -47.09
N PHE L 358 23.36 16.09 -48.29
CA PHE L 358 22.64 17.08 -49.10
C PHE L 358 23.09 16.96 -50.57
N MET L 359 22.16 16.55 -51.44
CA MET L 359 22.53 16.25 -52.82
C MET L 359 22.70 17.50 -53.69
N TRP L 360 23.58 17.37 -54.68
CA TRP L 360 23.83 18.41 -55.66
C TRP L 360 22.93 18.19 -56.87
N ASP L 361 22.66 19.28 -57.59
CA ASP L 361 22.01 19.07 -58.89
C ASP L 361 23.07 18.70 -59.95
N GLU L 362 22.57 18.28 -61.11
CA GLU L 362 23.43 17.69 -62.13
C GLU L 362 24.37 18.74 -62.71
N GLU L 363 23.90 19.97 -62.82
CA GLU L 363 24.76 21.05 -63.29
C GLU L 363 25.98 21.20 -62.39
N LYS L 364 25.77 21.17 -61.07
CA LYS L 364 26.88 21.24 -60.12
C LYS L 364 27.82 20.05 -60.25
N VAL L 365 27.29 18.83 -60.41
CA VAL L 365 28.14 17.66 -60.57
C VAL L 365 29.05 17.81 -61.79
N ASN L 366 28.49 18.22 -62.92
CA ASN L 366 29.28 18.30 -64.13
C ASN L 366 30.28 19.46 -64.08
N GLN L 367 29.91 20.57 -63.46
CA GLN L 367 30.87 21.66 -63.27
C GLN L 367 32.07 21.20 -62.45
N GLU L 368 31.85 20.42 -61.39
CA GLU L 368 32.99 19.90 -60.63
C GLU L 368 33.77 18.86 -61.42
N LEU L 369 33.08 18.03 -62.22
CA LEU L 369 33.78 17.04 -63.04
C LEU L 369 34.73 17.73 -64.02
N LYS L 370 34.26 18.78 -64.70
CA LYS L 370 35.12 19.52 -65.61
C LYS L 370 36.28 20.17 -64.88
N ARG L 371 36.01 20.79 -63.73
CA ARG L 371 37.10 21.38 -62.96
C ARG L 371 38.14 20.33 -62.62
N TYR L 372 37.71 19.14 -62.20
CA TYR L 372 38.67 18.12 -61.81
C TYR L 372 39.42 17.55 -63.01
N MET L 373 38.73 17.24 -64.11
CA MET L 373 39.40 16.66 -65.25
C MET L 373 40.38 17.64 -65.87
N THR L 374 40.02 18.92 -65.89
CA THR L 374 40.87 19.95 -66.49
C THR L 374 42.11 20.21 -65.62
N LYS L 375 41.92 20.41 -64.32
CA LYS L 375 43.07 20.55 -63.42
C LYS L 375 44.01 19.36 -63.55
N ALA L 376 43.45 18.16 -63.71
CA ALA L 376 44.29 16.98 -63.85
C ALA L 376 45.12 17.05 -65.11
N PHE L 377 44.54 17.53 -66.22
CA PHE L 377 45.36 17.60 -67.42
C PHE L 377 46.50 18.60 -67.25
N ASN L 378 46.22 19.75 -66.64
CA ASN L 378 47.24 20.75 -66.44
C ASN L 378 48.41 20.20 -65.63
N ASP L 379 48.11 19.45 -64.57
CA ASP L 379 49.16 18.83 -63.77
C ASP L 379 49.92 17.78 -64.55
N ILE L 380 49.22 16.98 -65.37
CA ILE L 380 49.88 15.97 -66.21
C ILE L 380 50.83 16.63 -67.21
N LYS L 381 50.35 17.67 -67.91
CA LYS L 381 51.19 18.35 -68.89
C LYS L 381 52.41 18.97 -68.25
N ALA L 382 52.24 19.56 -67.06
CA ALA L 382 53.37 20.14 -66.34
C ALA L 382 54.42 19.07 -66.02
N ASN L 383 53.97 17.89 -65.57
CA ASN L 383 54.91 16.79 -65.30
C ASN L 383 55.68 16.41 -66.57
N CYS L 384 55.01 16.36 -67.71
CA CYS L 384 55.69 16.09 -68.98
C CYS L 384 56.80 17.09 -69.24
N LYS L 385 56.62 18.33 -68.80
CA LYS L 385 57.58 19.38 -69.13
C LYS L 385 58.80 19.31 -68.23
N THR L 386 58.62 18.85 -66.98
CA THR L 386 59.75 18.68 -66.07
C THR L 386 60.56 17.44 -66.38
N HIS L 387 59.90 16.37 -66.80
CA HIS L 387 60.55 15.08 -66.99
C HIS L 387 60.82 14.72 -68.44
N ASN L 388 60.36 15.53 -69.39
CA ASN L 388 60.59 15.27 -70.80
C ASN L 388 60.12 13.88 -71.19
N CYS L 389 58.85 13.57 -70.88
CA CYS L 389 58.25 12.26 -71.12
C CYS L 389 56.87 12.43 -71.76
N ASP L 390 56.30 11.31 -72.23
CA ASP L 390 54.98 11.32 -72.84
C ASP L 390 53.89 11.53 -71.78
N LEU L 391 52.63 11.64 -72.25
CA LEU L 391 51.50 11.92 -71.36
C LEU L 391 51.20 10.78 -70.40
N ARG L 392 51.37 9.53 -70.86
CA ARG L 392 51.15 8.37 -70.01
C ARG L 392 52.09 8.40 -68.81
N MET L 393 53.35 8.76 -69.04
CA MET L 393 54.30 8.83 -67.94
C MET L 393 54.10 10.09 -67.12
N GLY L 394 53.65 11.18 -67.73
CA GLY L 394 53.25 12.34 -66.96
C GLY L 394 52.16 12.02 -65.95
N ALA L 395 51.15 11.26 -66.39
CA ALA L 395 50.08 10.88 -65.47
C ALA L 395 50.61 9.94 -64.40
N PHE L 396 51.38 8.93 -64.79
CA PHE L 396 51.85 7.95 -63.81
C PHE L 396 52.84 8.55 -62.82
N THR L 397 53.78 9.38 -63.28
CA THR L 397 54.67 10.01 -62.33
C THR L 397 53.90 10.98 -61.43
N LEU L 398 52.83 11.57 -61.94
CA LEU L 398 52.04 12.48 -61.13
C LEU L 398 51.37 11.73 -59.98
N GLY L 399 50.69 10.63 -60.30
CA GLY L 399 49.98 9.88 -59.29
C GLY L 399 50.92 9.20 -58.30
N LEU L 400 51.98 8.59 -58.82
CA LEU L 400 52.95 7.92 -57.96
C LEU L 400 53.57 8.90 -56.99
N ASN L 401 53.91 10.09 -57.45
CA ASN L 401 54.56 11.08 -56.60
C ASN L 401 53.61 11.58 -55.52
N ARG L 402 52.34 11.74 -55.85
CA ARG L 402 51.40 12.19 -54.83
C ARG L 402 51.23 11.13 -53.73
N VAL L 403 51.15 9.85 -54.11
CA VAL L 403 51.08 8.79 -53.10
C VAL L 403 52.37 8.73 -52.30
N ALA L 404 53.51 8.85 -52.97
CA ALA L 404 54.78 8.84 -52.24
C ALA L 404 54.84 9.99 -51.24
N ARG L 405 54.40 11.19 -51.65
CA ARG L 405 54.57 12.34 -50.77
C ARG L 405 53.65 12.23 -49.56
N ALA L 406 52.41 11.78 -49.77
CA ALA L 406 51.53 11.52 -48.64
C ALA L 406 52.12 10.46 -47.71
N THR L 407 52.75 9.43 -48.28
CA THR L 407 53.34 8.37 -47.46
C THR L 407 54.49 8.92 -46.61
N LEU L 408 55.34 9.76 -47.21
CA LEU L 408 56.48 10.33 -46.50
C LEU L 408 56.03 11.29 -45.40
N LEU L 409 55.02 12.12 -45.67
CA LEU L 409 54.53 13.02 -44.63
C LEU L 409 54.02 12.25 -43.43
N ARG L 410 53.32 11.13 -43.66
CA ARG L 410 52.76 10.39 -42.55
C ARG L 410 53.84 9.76 -41.69
N GLY L 411 54.95 9.35 -42.28
CA GLY L 411 56.05 8.86 -41.47
C GLY L 411 55.94 7.38 -41.25
N TRP L 412 56.94 6.84 -40.56
CA TRP L 412 57.13 5.41 -40.42
C TRP L 412 57.22 4.89 -38.99
N GLU L 413 57.36 5.74 -37.99
CA GLU L 413 57.47 5.26 -36.62
C GLU L 413 56.12 4.70 -36.15
N ALA L 414 56.18 3.82 -35.16
CA ALA L 414 54.97 3.12 -34.69
C ALA L 414 54.08 4.03 -33.87
C07 A1H40 M . -4.57 0.25 42.07
C08 A1H40 M . -3.68 0.15 43.27
C09 A1H40 M . -4.60 1.36 40.00
C10 A1H40 M . -3.99 1.10 41.18
C11 A1H40 M . -5.79 -0.35 41.86
C12 A1H40 M . -5.84 0.77 39.75
C13 A1H40 M . -3.81 2.35 39.14
C14 A1H40 M . -6.43 -0.09 40.67
N03 A1H40 M . -2.33 0.18 43.16
N04 A1H40 M . -4.02 0.14 44.58
N05 A1H40 M . -1.83 0.14 44.41
N06 A1H40 M . -2.84 0.12 45.26
O01 A1H40 M . -3.34 3.36 39.75
O02 A1H40 M . -3.63 2.22 37.90
C1 EDO N . 2.81 4.46 60.38
O1 EDO N . 2.87 4.32 58.95
C2 EDO N . 2.80 3.04 60.93
O2 EDO N . 2.99 2.23 59.75
C1 EDO O . -4.56 10.35 26.74
O1 EDO O . -3.73 11.42 26.24
C2 EDO O . -5.47 9.81 25.64
O2 EDO O . -4.69 9.09 24.66
C1 EDO P . 26.84 -11.18 45.22
O1 EDO P . 26.57 -9.77 45.37
C2 EDO P . 26.03 -11.94 46.26
O2 EDO P . 26.10 -13.35 46.00
C1 PEG Q . 15.16 -18.22 41.43
O1 PEG Q . 14.33 -18.95 40.54
C2 PEG Q . 14.77 -18.41 42.86
O2 PEG Q . 15.00 -19.76 43.25
C3 PEG Q . 14.57 -20.07 44.58
C4 PEG Q . 15.27 -21.31 45.06
O4 PEG Q . 15.07 -22.45 44.23
C1 EDO R . -19.14 20.24 27.26
O1 EDO R . -19.93 21.41 27.52
C2 EDO R . -19.98 19.22 26.47
O2 EDO R . -19.13 18.39 25.66
C1 EDO S . -23.69 -3.89 42.81
O1 EDO S . -24.32 -2.63 42.54
C2 EDO S . -22.48 -3.56 43.64
O2 EDO S . -21.92 -2.44 42.93
PA NAD T . 5.55 7.91 48.87
O1A NAD T . 5.45 9.25 48.23
O2A NAD T . 4.57 7.52 49.93
O5B NAD T . 7.03 7.75 49.45
C5B NAD T . 8.20 7.95 48.62
C4B NAD T . 9.41 7.91 49.52
O4B NAD T . 10.62 7.98 48.71
C3B NAD T . 9.54 9.07 50.53
O3B NAD T . 10.18 8.60 51.70
C2B NAD T . 10.46 10.02 49.78
O2B NAD T . 11.11 10.97 50.60
C1B NAD T . 11.44 9.00 49.20
N9A NAD T . 12.25 9.49 48.09
C8A NAD T . 11.83 10.29 47.06
N7A NAD T . 12.79 10.57 46.20
C5A NAD T . 13.90 9.92 46.71
C6A NAD T . 15.23 9.82 46.26
N6A NAD T . 15.67 10.41 45.15
N1A NAD T . 16.09 9.09 46.99
C2A NAD T . 15.65 8.51 48.11
N3A NAD T . 14.42 8.52 48.63
C4A NAD T . 13.58 9.25 47.88
O3 NAD T . 5.52 6.78 47.76
PN NAD T . 5.07 5.25 47.88
O1N NAD T . 3.58 5.17 47.87
O2N NAD T . 5.76 4.63 49.04
O5D NAD T . 5.66 4.64 46.53
C5D NAD T . 7.08 4.59 46.32
C4D NAD T . 7.33 3.79 45.06
O4D NAD T . 6.49 2.61 45.11
C3D NAD T . 7.02 4.48 43.72
O3D NAD T . 7.97 4.09 42.75
C2D NAD T . 5.64 3.89 43.37
O2D NAD T . 5.39 3.92 41.98
C1D NAD T . 5.82 2.46 43.88
N1N NAD T . 4.52 1.75 44.12
C2N NAD T . 3.69 2.12 45.13
C3N NAD T . 2.51 1.41 45.34
C7N NAD T . 1.54 1.77 46.46
O7N NAD T . 0.49 1.13 46.54
N7N NAD T . 1.86 2.75 47.30
C4N NAD T . 2.18 0.36 44.51
C5N NAD T . 3.04 0.01 43.47
C6N NAD T . 4.20 0.72 43.31
C TRS U . -11.12 -9.06 21.21
C1 TRS U . -11.44 -7.60 20.78
C2 TRS U . -12.15 -10.01 20.56
C3 TRS U . -9.76 -9.55 20.70
N TRS U . -11.20 -9.23 22.67
O1 TRS U . -10.69 -6.53 21.38
O2 TRS U . -13.46 -9.69 20.98
O3 TRS U . -9.89 -9.71 19.29
CA CA V . -6.10 -5.81 22.12
C07 A1H40 W . 14.07 -20.11 -17.94
C08 A1H40 W . 14.07 -21.55 -17.51
C09 A1H40 W . 12.82 -18.19 -18.58
C10 A1H40 W . 12.84 -19.52 -18.17
C11 A1H40 W . 15.27 -19.45 -18.10
C12 A1H40 W . 14.04 -17.53 -18.73
C13 A1H40 W . 11.47 -17.49 -18.87
C14 A1H40 W . 15.27 -18.13 -18.47
N03 A1H40 W . 15.06 -22.46 -17.77
N04 A1H40 W . 13.07 -22.16 -16.79
N05 A1H40 W . 14.66 -23.61 -17.21
N06 A1H40 W . 13.48 -23.44 -16.63
O01 A1H40 W . 11.07 -16.47 -18.23
O02 A1H40 W . 10.72 -17.90 -19.80
C1 EDO X . 3.52 -8.10 -26.83
O1 EDO X . 2.38 -7.88 -27.67
C2 EDO X . 3.52 -7.12 -25.66
O2 EDO X . 3.76 -5.79 -26.12
C1 EDO Y . 14.04 -40.18 -18.02
O1 EDO Y . 12.92 -39.31 -17.89
C2 EDO Y . 14.46 -40.44 -16.60
O2 EDO Y . 13.90 -39.32 -15.91
C1 PGE Z . 5.02 -33.33 10.98
O1 PGE Z . 4.30 -33.65 12.17
C2 PGE Z . 4.11 -33.24 9.76
O2 PGE Z . 4.27 -34.40 8.97
C3 PGE Z . 3.05 -35.10 8.73
C4 PGE Z . 3.26 -36.13 7.61
O4 PGE Z . 5.53 -39.69 9.50
C6 PGE Z . 4.72 -39.44 8.36
C5 PGE Z . 4.75 -37.96 8.04
O3 PGE Z . 3.44 -37.45 8.10
C1 EDO AA . 10.90 -4.70 -43.74
O1 EDO AA . 11.27 -5.56 -42.67
C2 EDO AA . 12.18 -4.10 -44.29
O2 EDO AA . 13.11 -5.19 -44.49
O1 PG4 BA . 6.75 -24.35 12.07
C1 PG4 BA . 7.88 -25.17 12.33
C2 PG4 BA . 8.09 -26.23 11.28
O2 PG4 BA . 8.33 -25.62 10.00
C3 PG4 BA . 7.14 -25.37 9.26
C4 PG4 BA . 7.46 -24.79 7.92
O3 PG4 BA . 6.25 -24.34 7.30
C5 PG4 BA . 5.62 -23.25 7.98
C6 PG4 BA . 5.64 -22.00 7.14
O4 PG4 BA . 5.94 -20.84 7.93
C7 PG4 BA . 4.92 -20.52 8.90
C8 PG4 BA . 5.45 -19.54 9.91
O5 PG4 BA . 6.48 -20.09 10.74
C1 EDO CA . 20.06 -29.88 -26.84
O1 EDO CA . 20.35 -29.94 -28.25
C2 EDO CA . 21.16 -30.65 -26.08
O2 EDO CA . 22.43 -30.33 -26.67
PA NAD DA . 5.33 -31.57 -20.08
O1A NAD DA . 4.49 -31.19 -21.27
O2A NAD DA . 6.68 -32.15 -20.32
O5B NAD DA . 4.47 -32.59 -19.20
C5B NAD DA . 3.15 -32.21 -18.78
C4B NAD DA . 2.49 -33.44 -18.20
O4B NAD DA . 1.19 -33.08 -17.68
C3B NAD DA . 2.25 -34.59 -19.19
O3B NAD DA . 2.40 -35.80 -18.47
C2B NAD DA . 0.76 -34.37 -19.54
O2B NAD DA . 0.07 -35.49 -20.03
C1B NAD DA . 0.23 -33.98 -18.18
N9A NAD DA . -1.08 -33.34 -18.22
C8A NAD DA . -1.48 -32.36 -19.10
N7A NAD DA . -2.72 -31.99 -18.90
C5A NAD DA . -3.17 -32.77 -17.85
C6A NAD DA . -4.40 -32.87 -17.17
N6A NAD DA . -5.47 -32.15 -17.48
N1A NAD DA . -4.50 -33.76 -16.15
C2A NAD DA . -3.43 -34.50 -15.85
N3A NAD DA . -2.23 -34.51 -16.42
C4A NAD DA . -2.16 -33.61 -17.41
O3 NAD DA . 5.45 -30.32 -19.07
PN NAD DA . 6.50 -29.92 -17.93
O1N NAD DA . 7.72 -29.33 -18.56
O2N NAD DA . 6.68 -31.10 -17.03
O5D NAD DA . 5.70 -28.77 -17.15
C5D NAD DA . 4.48 -29.04 -16.42
C4D NAD DA . 4.16 -27.81 -15.62
O4D NAD DA . 5.36 -27.37 -14.93
C3D NAD DA . 3.66 -26.60 -16.43
O3D NAD DA . 2.69 -25.89 -15.68
C2D NAD DA . 4.94 -25.76 -16.54
O2D NAD DA . 4.66 -24.38 -16.73
C1D NAD DA . 5.56 -26.00 -15.17
N1N NAD DA . 7.02 -25.68 -15.21
C2N NAD DA . 7.91 -26.46 -15.92
C3N NAD DA . 9.27 -26.12 -15.98
C7N NAD DA . 10.30 -26.92 -16.76
O7N NAD DA . 11.46 -26.52 -16.80
N7N NAD DA . 9.91 -28.03 -17.39
C4N NAD DA . 9.71 -24.97 -15.30
C5N NAD DA . 8.81 -24.21 -14.59
C6N NAD DA . 7.48 -24.59 -14.54
CA CA EA . 10.28 -0.05 -13.17
C07 A1H40 FA . -53.65 -8.15 9.41
C08 A1H40 FA . -54.83 -7.75 8.57
C09 A1H40 FA . -52.62 -10.10 10.29
C10 A1H40 FA . -53.61 -9.51 9.57
C11 A1H40 FA . -52.68 -7.32 9.97
C12 A1H40 FA . -51.64 -9.29 10.89
C13 A1H40 FA . -52.78 -11.61 10.39
C14 A1H40 FA . -51.65 -7.90 10.71
N03 A1H40 FA . -55.58 -6.62 8.68
N04 A1H40 FA . -55.37 -8.55 7.62
N05 A1H40 FA . -56.57 -6.74 7.76
N06 A1H40 FA . -56.44 -7.89 7.12
O01 A1H40 FA . -51.88 -12.45 10.13
O02 A1H40 FA . -53.94 -12.01 10.76
C1 PEG GA . -52.74 -7.38 -17.97
O1 PEG GA . -52.48 -7.33 -19.37
C2 PEG GA . -52.86 -8.79 -17.44
O2 PEG GA . -51.66 -9.52 -17.64
C3 PEG GA . -51.66 -10.78 -16.98
C4 PEG GA . -50.55 -11.65 -17.50
O4 PEG GA . -49.26 -11.04 -17.42
C1 EDO HA . -70.68 -0.81 4.41
O1 EDO HA . -71.90 -0.27 4.89
C2 EDO HA . -70.67 -2.30 4.72
O2 EDO HA . -70.91 -2.45 6.11
C1 PEG IA . -66.87 -4.77 -22.07
O1 PEG IA . -66.37 -3.47 -21.81
C2 PEG IA . -66.83 -5.65 -20.85
O2 PEG IA . -65.50 -6.12 -20.61
C3 PEG IA . -65.04 -7.03 -21.60
C4 PEG IA . -63.76 -7.70 -21.17
O4 PEG IA . -62.66 -6.80 -21.05
C1 EDO JA . -43.65 4.02 20.41
O1 EDO JA . -43.98 3.86 21.82
C2 EDO JA . -44.87 4.47 19.62
O2 EDO JA . -45.79 3.42 19.83
PA NAD KA . -66.98 -12.81 7.00
O1A NAD KA . -67.16 -13.97 7.94
O2A NAD KA . -67.17 -11.41 7.51
O5B NAD KA . -68.01 -13.01 5.78
C5B NAD KA . -68.03 -14.26 5.06
C4B NAD KA . -69.21 -14.23 4.12
O4B NAD KA . -69.21 -15.45 3.33
C3B NAD KA . -70.60 -14.18 4.79
O3B NAD KA . -71.45 -13.43 3.93
C2B NAD KA . -71.03 -15.65 4.76
O2B NAD KA . -72.42 -15.87 4.85
C1B NAD KA . -70.49 -16.04 3.39
N9A NAD KA . -70.33 -17.48 3.20
C8A NAD KA . -69.82 -18.38 4.12
N7A NAD KA . -69.82 -19.61 3.67
C5A NAD KA . -70.35 -19.52 2.40
C6A NAD KA . -70.61 -20.49 1.41
N6A NAD KA . -70.37 -21.79 1.56
N1A NAD KA . -71.16 -20.06 0.24
C2A NAD KA . -71.42 -18.76 0.10
N3A NAD KA . -71.21 -17.76 0.95
C4A NAD KA . -70.68 -18.22 2.10
O3 NAD KA . -65.55 -12.90 6.29
PN NAD KA . -64.62 -11.79 5.61
O1N NAD KA . -63.95 -10.97 6.66
O2N NAD KA . -65.42 -11.02 4.60
O5D NAD KA . -63.56 -12.74 4.86
C5D NAD KA . -64.01 -13.60 3.80
C4D NAD KA . -62.79 -14.19 3.11
O4D NAD KA . -61.83 -13.14 2.92
C3D NAD KA . -62.05 -15.32 3.84
O3D NAD KA . -61.58 -16.23 2.85
C2D NAD KA . -60.85 -14.59 4.46
O2D NAD KA . -59.74 -15.44 4.68
C1D NAD KA . -60.55 -13.57 3.36
N1N NAD KA . -59.83 -12.37 3.86
C2N NAD KA . -60.46 -11.50 4.71
C3N NAD KA . -59.80 -10.35 5.17
C7N NAD KA . -60.48 -9.40 6.12
O7N NAD KA . -59.84 -8.46 6.59
N7N NAD KA . -61.77 -9.59 6.41
C4N NAD KA . -58.51 -10.10 4.72
C5N NAD KA . -57.90 -10.99 3.86
C6N NAD KA . -58.58 -12.12 3.44
CA CA LA . -35.24 -18.06 7.95
C TRS MA . -29.86 -13.62 10.02
C1 TRS MA . -31.13 -14.09 10.80
C2 TRS MA . -29.96 -13.94 8.50
C3 TRS MA . -29.63 -12.13 10.23
N TRS MA . -28.60 -14.16 10.55
O1 TRS MA . -31.52 -15.48 10.72
O2 TRS MA . -30.33 -15.28 8.18
O3 TRS MA . -28.26 -11.84 9.97
C07 A1H40 NA . -23.21 12.63 4.03
C08 A1H40 NA . -23.35 13.06 2.59
C09 A1H40 NA . -21.51 12.48 5.68
C10 A1H40 NA . -21.90 12.79 4.42
C11 A1H40 NA . -24.19 12.13 4.88
C12 A1H40 NA . -22.48 11.97 6.56
C13 A1H40 NA . -20.00 12.71 5.92
C14 A1H40 NA . -23.82 11.81 6.18
N03 A1H40 NA . -24.18 12.60 1.62
N04 A1H40 NA . -22.53 14.01 2.05
N05 A1H40 NA . -23.87 13.30 0.50
N06 A1H40 NA . -22.88 14.15 0.76
O01 A1H40 NA . -19.45 13.06 7.00
O02 A1H40 NA . -19.24 12.53 4.94
C1 EDO OA . -38.42 2.88 8.07
O1 EDO OA . -39.34 2.25 9.00
C2 EDO OA . -38.42 2.18 6.72
O2 EDO OA . -39.78 2.14 6.28
C1 PEG PA . -22.79 38.78 -1.00
O1 PEG PA . -23.62 39.73 -0.35
C2 PEG PA . -23.09 38.64 -2.46
O2 PEG PA . -24.49 38.48 -2.65
C3 PEG PA . -24.83 38.19 -4.01
C4 PEG PA . -26.33 38.20 -4.20
O4 PEG PA . -26.89 39.49 -4.07
PA NAD QA . -16.70 11.45 -8.99
O1A NAD QA . -15.50 10.60 -8.70
O2A NAD QA . -18.03 10.78 -9.17
O5B NAD QA . -16.41 12.38 -10.26
C5B NAD QA . -15.23 13.24 -10.28
C4B NAD QA . -15.10 13.83 -11.66
O4B NAD QA . -13.96 14.73 -11.72
C3B NAD QA . -14.86 12.81 -12.79
O3B NAD QA . -15.49 13.30 -13.97
C2B NAD QA . -13.34 12.87 -12.95
O2B NAD QA . -12.87 12.37 -14.18
C1B NAD QA . -13.17 14.37 -12.83
N9A NAD QA . -11.79 14.81 -12.62
C8A NAD QA . -10.83 14.24 -11.82
N7A NAD QA . -9.68 14.86 -11.86
C5A NAD QA . -9.88 15.91 -12.74
C6A NAD QA . -9.03 16.94 -13.21
N6A NAD QA . -7.75 17.07 -12.85
N1A NAD QA . -9.54 17.83 -14.10
C2A NAD QA . -10.82 17.69 -14.46
N3A NAD QA . -11.71 16.77 -14.09
C4A NAD QA . -11.17 15.89 -13.23
O3 NAD QA . -16.85 12.56 -7.84
PN NAD QA . -18.12 13.41 -7.34
O1N NAD QA . -18.96 12.53 -6.47
O2N NAD QA . -18.75 14.03 -8.53
O5D NAD QA . -17.43 14.55 -6.44
C5D NAD QA . -16.58 15.55 -7.07
C4D NAD QA . -16.27 16.62 -6.07
O4D NAD QA . -17.51 16.97 -5.41
C3D NAD QA . -15.28 16.25 -4.94
O3D NAD QA . -14.49 17.38 -4.61
C2D NAD QA . -16.22 15.95 -3.77
O2D NAD QA . -15.58 16.12 -2.52
C1D NAD QA . -17.33 16.97 -4.01
N1N NAD QA . -18.62 16.53 -3.39
C2N NAD QA . -19.28 15.42 -3.87
C3N NAD QA . -20.49 15.00 -3.28
C7N NAD QA . -21.23 13.78 -3.78
O7N NAD QA . -22.24 13.39 -3.17
N7N NAD QA . -20.83 13.19 -4.90
C4N NAD QA . -21.02 15.77 -2.25
C5N NAD QA . -20.36 16.90 -1.80
C6N NAD QA . -19.18 17.26 -2.39
CA CA RA . -16.93 20.59 22.34
C1 PEG SA . -31.86 -46.74 54.28
O1 PEG SA . -32.03 -46.79 55.68
C2 PEG SA . -33.02 -47.31 53.50
O2 PEG SA . -34.21 -46.56 53.74
C3 PEG SA . -35.30 -47.00 52.94
C4 PEG SA . -36.55 -46.22 53.26
O4 PEG SA . -37.04 -46.46 54.56
C1 EDO TA . -21.66 -10.89 36.95
O1 EDO TA . -22.52 -10.58 35.83
C2 EDO TA . -21.72 -12.39 37.16
O2 EDO TA . -21.57 -12.89 35.83
PA NAD UA . -17.42 -42.05 30.57
O1A NAD UA . -17.60 -42.11 29.09
O2A NAD UA . -16.38 -41.14 31.14
O5B NAD UA . -17.16 -43.53 31.13
C5B NAD UA . -18.07 -44.62 30.83
C4B NAD UA . -17.42 -45.91 31.27
O4B NAD UA . -18.32 -47.01 30.99
C3B NAD UA . -16.11 -46.26 30.53
O3B NAD UA . -15.23 -46.97 31.39
C2B NAD UA . -16.61 -47.20 29.43
O2B NAD UA . -15.60 -47.98 28.84
C1B NAD UA . -17.63 -47.99 30.24
N9A NAD UA . -18.61 -48.71 29.41
C8A NAD UA . -19.19 -48.26 28.25
N7A NAD UA . -20.03 -49.13 27.73
C5A NAD UA . -19.99 -50.20 28.61
C6A NAD UA . -20.66 -51.45 28.61
N6A NAD UA . -21.53 -51.82 27.66
N1A NAD UA . -20.40 -52.30 29.63
C2A NAD UA . -19.53 -51.92 30.57
N3A NAD UA . -18.84 -50.79 30.67
C4A NAD UA . -19.11 -49.96 29.64
O3 NAD UA . -18.83 -41.70 31.25
PN NAD UA . -19.10 -41.05 32.68
O1N NAD UA . -18.82 -39.58 32.58
O2N NAD UA . -18.35 -41.84 33.70
O5D NAD UA . -20.67 -41.30 32.84
C5D NAD UA . -21.14 -42.66 32.94
C4D NAD UA . -22.59 -42.64 33.38
O4D NAD UA . -22.73 -41.68 34.45
C3D NAD UA . -23.63 -42.27 32.31
O3D NAD UA . -24.80 -43.04 32.49
C2D NAD UA . -23.97 -40.82 32.69
O2D NAD UA . -25.26 -40.43 32.25
C1D NAD UA . -23.86 -40.88 34.20
N1N NAD UA . -23.67 -39.52 34.81
C2N NAD UA . -22.49 -38.84 34.67
C3N NAD UA . -22.35 -37.56 35.20
C7N NAD UA . -21.05 -36.80 35.03
O7N NAD UA . -20.98 -35.63 35.45
N7N NAD UA . -20.03 -37.43 34.46
C4N NAD UA . -23.41 -37.00 35.91
C5N NAD UA . -24.59 -37.70 36.06
C6N NAD UA . -24.69 -38.96 35.50
CA CA VA . -45.11 -24.95 34.04
C1 PEG WA . 36.26 60.94 -39.33
O1 PEG WA . 36.69 62.12 -40.00
C2 PEG WA . 37.28 60.45 -38.34
O2 PEG WA . 38.43 59.94 -39.00
C3 PEG WA . 39.59 59.92 -38.16
C4 PEG WA . 40.74 59.32 -38.89
O4 PEG WA . 40.99 59.93 -40.13
C1 EDO XA . 36.37 13.95 -40.75
O1 EDO XA . 37.45 13.49 -39.92
C2 EDO XA . 35.38 12.80 -40.71
O2 EDO XA . 36.01 11.74 -39.95
PA NAD YA . 56.81 36.18 -36.24
O1A NAD YA . 57.81 35.59 -35.30
O2A NAD YA . 56.49 35.50 -37.53
O5B NAD YA . 57.23 37.70 -36.54
C5B NAD YA . 57.50 38.61 -35.45
C4B NAD YA . 58.07 39.88 -36.03
O4B NAD YA . 58.30 40.83 -34.94
C3B NAD YA . 59.43 39.74 -36.74
O3B NAD YA . 59.54 40.69 -37.81
C2B NAD YA . 60.40 40.10 -35.62
O2B NAD YA . 61.70 40.42 -36.05
C1B NAD YA . 59.64 41.27 -35.01
N9A NAD YA . 60.06 41.57 -33.66
C8A NAD YA . 60.39 40.65 -32.70
N7A NAD YA . 60.74 41.21 -31.55
C5A NAD YA . 60.63 42.57 -31.80
C6A NAD YA . 60.86 43.70 -30.98
N6A NAD YA . 61.27 43.60 -29.72
N1A NAD YA . 60.66 44.92 -31.53
C2A NAD YA . 60.24 45.00 -32.80
N3A NAD YA . 60.00 44.02 -33.66
C4A NAD YA . 60.20 42.81 -33.09
O3 NAD YA . 55.43 36.39 -35.45
PN NAD YA . 53.93 36.50 -35.98
O1N NAD YA . 53.50 35.15 -36.41
O2N NAD YA . 53.86 37.62 -36.97
O5D NAD YA . 53.17 36.93 -34.64
C5D NAD YA . 53.47 38.23 -34.09
C4D NAD YA . 52.49 38.52 -32.98
O4D NAD YA . 51.17 38.17 -33.44
C3D NAD YA . 52.71 37.74 -31.66
O3D NAD YA . 52.42 38.61 -30.58
C2D NAD YA . 51.65 36.65 -31.76
O2D NAD YA . 51.25 36.16 -30.49
C1D NAD YA . 50.52 37.38 -32.48
N1N NAD YA . 49.58 36.44 -33.17
C2N NAD YA . 49.98 35.75 -34.29
C3N NAD YA . 49.08 34.88 -34.92
C7N NAD YA . 49.47 34.12 -36.16
O7N NAD YA . 48.68 33.32 -36.65
N7N NAD YA . 50.67 34.35 -36.68
C4N NAD YA . 47.80 34.72 -34.38
C5N NAD YA . 47.43 35.41 -33.26
C6N NAD YA . 48.32 36.28 -32.68
C1 EDO ZA . 56.09 3.91 -19.77
O1 EDO ZA . 55.47 4.74 -20.76
C2 EDO ZA . 55.28 2.63 -19.64
O2 EDO ZA . 55.09 2.13 -20.99
NA NA AB . 69.07 3.79 -33.44
CA CA BB . 33.71 25.16 -16.35
C TRS CB . 16.87 4.42 -12.18
C1 TRS CB . 17.15 2.91 -12.28
C2 TRS CB . 16.71 4.99 -13.60
C3 TRS CB . 15.63 4.71 -11.27
N TRS CB . 18.08 5.03 -11.59
O1 TRS CB . 18.55 2.66 -12.44
O2 TRS CB . 16.45 6.39 -13.63
O3 TRS CB . 14.43 3.99 -11.58
C1 EDO DB . 27.05 -10.48 -10.07
O1 EDO DB . 28.32 -10.16 -9.47
C2 EDO DB . 26.86 -11.99 -10.09
O2 EDO DB . 26.94 -12.47 -8.74
C1 EDO EB . 13.73 24.56 -6.70
O1 EDO EB . 14.71 23.56 -7.05
C2 EDO EB . 13.45 24.39 -5.22
O2 EDO EB . 13.50 22.98 -4.93
C1 PEG FB . 63.16 -10.72 9.97
O1 PEG FB . 62.29 -11.83 10.09
C2 PEG FB . 64.04 -10.82 8.77
O2 PEG FB . 64.56 -12.13 8.66
C3 PEG FB . 65.56 -12.27 7.66
C4 PEG FB . 66.05 -13.69 7.62
O4 PEG FB . 67.00 -13.92 6.60
C1 EDO GB . 31.03 -7.72 -15.86
O1 EDO GB . 30.57 -6.43 -16.34
C2 EDO GB . 31.70 -7.48 -14.55
O2 EDO GB . 31.35 -6.12 -14.29
PA NAD HB . 38.42 3.16 13.10
O1A NAD HB . 38.07 4.61 13.00
O2A NAD HB . 37.38 2.13 12.79
O5B NAD HB . 39.00 2.87 14.56
C5B NAD HB . 40.08 3.67 15.09
C4B NAD HB . 40.29 3.31 16.54
O4B NAD HB . 41.39 4.10 17.06
C3B NAD HB . 39.10 3.59 17.48
O3B NAD HB . 39.07 2.65 18.53
C2B NAD HB . 39.49 4.97 18.06
O2B NAD HB . 38.82 5.31 19.25
C1B NAD HB . 40.97 4.74 18.24
N9A NAD HB . 41.72 5.98 18.38
C8A NAD HB . 41.51 7.15 17.71
N7A NAD HB . 42.33 8.11 18.06
C5A NAD HB . 43.14 7.53 19.04
C6A NAD HB . 44.21 8.04 19.80
N6A NAD HB . 44.66 9.29 19.70
N1A NAD HB . 44.79 7.19 20.68
C2A NAD HB . 44.33 5.93 20.78
N3A NAD HB . 43.33 5.36 20.11
C4A NAD HB . 42.77 6.22 19.25
O3 NAD HB . 39.71 2.90 12.18
PN NAD HB . 40.23 1.53 11.51
O1N NAD HB . 39.36 1.22 10.34
O2N NAD HB . 40.33 0.49 12.59
O5D NAD HB . 41.68 1.96 11.02
C5D NAD HB . 42.71 2.30 11.98
C4D NAD HB . 44.06 2.37 11.30
O4D NAD HB . 44.20 1.22 10.42
C3D NAD HB . 44.36 3.62 10.44
O3D NAD HB . 45.72 3.97 10.62
C2D NAD HB . 44.17 3.07 9.02
O2D NAD HB . 44.92 3.77 8.04
C1D NAD HB . 44.67 1.64 9.17
N1N NAD HB . 44.11 0.75 8.11
C2N NAD HB . 42.80 0.43 8.11
C3N NAD HB . 42.27 -0.40 7.11
C7N NAD HB . 40.80 -0.74 7.12
O7N NAD HB . 40.32 -1.44 6.22
N7N NAD HB . 40.06 -0.23 8.10
C4N NAD HB . 43.13 -0.90 6.14
C5N NAD HB . 44.47 -0.57 6.16
C6N NAD HB . 44.94 0.24 7.15
NA NA IB . 14.64 20.72 -3.85
CA CA JB . 54.84 5.82 -14.93
C07 A1H40 KB . -37.32 -5.13 58.99
C08 A1H40 KB . -37.34 -6.28 59.97
C09 A1H40 KB . -38.39 -3.04 58.48
C10 A1H40 KB . -38.28 -4.16 59.27
C11 A1H40 KB . -36.45 -5.04 57.91
C12 A1H40 KB . -37.51 -2.96 57.39
C13 A1H40 KB . -39.49 -2.04 58.85
C14 A1H40 KB . -36.55 -3.92 57.10
N03 A1H40 KB . -37.28 -7.61 59.69
N04 A1H40 KB . -37.46 -6.11 61.33
N05 A1H40 KB . -37.35 -8.25 60.89
N06 A1H40 KB . -37.46 -7.35 61.86
O01 A1H40 KB . -39.53 -0.84 58.45
O02 A1H40 KB . -40.45 -2.42 59.58
C1 EDO LB . -29.50 -10.82 42.49
O1 EDO LB . -30.61 -10.52 41.61
C2 EDO LB . -30.07 -11.15 43.85
O2 EDO LB . -31.39 -10.59 43.73
C TRS MB . -57.16 -17.61 44.00
C1 TRS MB . -56.11 -16.61 44.43
C2 TRS MB . -57.96 -17.15 42.78
C3 TRS MB . -56.45 -18.92 43.67
N TRS MB . -58.06 -17.80 45.13
O1 TRS MB . -55.82 -17.00 45.76
O2 TRS MB . -58.78 -16.03 43.06
O3 TRS MB . -57.38 -19.86 43.18
C1 PEG NB . -21.92 7.13 80.30
O1 PEG NB . -20.66 6.62 79.87
C2 PEG NB . -23.09 6.34 79.76
O2 PEG NB . -23.12 5.02 80.30
C3 PEG NB . -24.28 4.30 79.93
C4 PEG NB . -24.44 3.07 80.78
O4 PEG NB . -23.34 2.19 80.68
PA NAD OB . -46.48 -10.00 69.10
O1A NAD OB . -47.80 -9.48 68.64
O2A NAD OB . -45.93 -11.22 68.43
O5B NAD OB . -46.53 -10.24 70.68
C5B NAD OB . -47.00 -9.19 71.57
C4B NAD OB . -47.11 -9.72 72.98
O4B NAD OB . -47.49 -8.63 73.88
C3B NAD OB . -48.15 -10.83 73.23
O3B NAD OB . -47.70 -11.70 74.25
C2B NAD OB . -49.33 -10.02 73.78
O2B NAD OB . -50.28 -10.79 74.49
C1B NAD OB . -48.58 -9.04 74.66
N9A NAD OB . -49.37 -7.86 75.02
C8A NAD OB . -50.26 -7.20 74.22
N7A NAD OB . -50.83 -6.17 74.80
C5A NAD OB . -50.28 -6.16 76.08
C6A NAD OB . -50.48 -5.30 77.18
N6A NAD OB . -51.31 -4.27 77.18
N1A NAD OB . -49.76 -5.57 78.30
C2A NAD OB . -48.92 -6.61 78.30
N3A NAD OB . -48.65 -7.47 77.33
C4A NAD OB . -49.38 -7.19 76.22
O3 NAD OB . -45.39 -8.81 68.99
PN NAD OB . -43.79 -8.75 68.88
O1N NAD OB . -43.41 -9.18 67.49
O2N NAD OB . -43.21 -9.47 70.05
O5D NAD OB . -43.51 -7.18 69.04
C5D NAD OB . -43.80 -6.52 70.30
C4D NAD OB . -43.21 -5.13 70.28
O4D NAD OB . -41.88 -5.17 69.71
C3D NAD OB . -43.99 -4.05 69.50
O3D NAD OB . -43.90 -2.82 70.21
C2D NAD OB . -43.15 -3.91 68.22
O2D NAD OB . -43.29 -2.64 67.60
C1D NAD OB . -41.75 -4.14 68.77
N1N NAD OB . -40.79 -4.57 67.69
C2N NAD OB . -40.89 -5.81 67.15
C3N NAD OB . -40.01 -6.23 66.15
C7N NAD OB . -40.15 -7.61 65.55
O7N NAD OB . -39.41 -7.96 64.63
N7N NAD OB . -41.10 -8.40 66.06
C4N NAD OB . -39.02 -5.34 65.70
C5N NAD OB . -38.93 -4.08 66.26
C6N NAD OB . -39.82 -3.72 67.26
CA CA PB . -32.72 14.45 52.56
C1 EDO QB . -60.73 2.53 50.98
O1 EDO QB . -60.76 3.89 50.51
C2 EDO QB . -62.06 1.81 50.79
O2 EDO QB . -62.42 1.73 49.39
C TRS RB . -22.41 34.32 39.52
C1 TRS RB . -21.61 34.26 40.83
C2 TRS RB . -22.76 32.84 39.17
C3 TRS RB . -23.62 35.23 39.79
N TRS RB . -21.61 34.92 38.41
O1 TRS RB . -21.24 32.91 41.14
O2 TRS RB . -23.79 32.76 38.22
O3 TRS RB . -24.80 34.80 39.10
C1 EDO SB . -30.00 15.94 48.38
O1 EDO SB . -28.59 15.98 48.69
C2 EDO SB . -30.39 14.63 47.69
O2 EDO SB . -31.67 14.09 48.12
C1 EDO TB . -74.91 27.06 22.60
O1 EDO TB . -74.90 26.99 21.16
C2 EDO TB . -75.86 26.01 23.16
O2 EDO TB . -75.83 24.85 22.32
C1 EDO UB . -47.92 19.33 46.81
O1 EDO UB . -46.62 19.41 46.25
C2 EDO UB . -48.07 17.90 47.28
O2 EDO UB . -47.53 17.06 46.26
C1 EDO VB . -38.05 12.03 20.17
O1 EDO VB . -37.58 12.87 21.23
C2 EDO VB . -36.90 11.07 20.08
O2 EDO VB . -36.37 10.92 21.42
PA NAD WB . -50.05 38.26 30.27
O1A NAD WB . -49.37 38.44 31.60
O2A NAD WB . -49.21 38.15 29.04
O5B NAD WB . -51.13 39.42 30.07
C5B NAD WB . -52.15 39.70 31.07
C4B NAD WB . -52.88 40.94 30.65
O4B NAD WB . -53.93 41.23 31.62
C3B NAD WB . -52.04 42.23 30.58
O3B NAD WB . -52.55 43.09 29.56
C2B NAD WB . -52.29 42.83 31.96
O2B NAD WB . -51.97 44.20 32.06
C1B NAD WB . -53.79 42.57 32.04
N9A NAD WB . -54.35 42.72 33.37
C8A NAD WB . -53.80 42.33 34.57
N7A NAD WB . -54.56 42.59 35.60
C5A NAD WB . -55.68 43.21 35.06
C6A NAD WB . -56.85 43.73 35.63
N6A NAD WB . -57.09 43.72 36.94
N1A NAD WB . -57.76 44.28 34.80
C2A NAD WB . -57.51 44.30 33.49
N3A NAD WB . -56.45 43.83 32.84
C4A NAD WB . -55.56 43.29 33.68
O3 NAD WB . -51.01 36.98 30.36
PN NAD WB . -51.64 36.01 29.25
O1N NAD WB . -50.57 35.09 28.76
O2N NAD WB . -52.36 36.85 28.24
O5D NAD WB . -52.70 35.18 30.13
C5D NAD WB . -53.84 35.87 30.72
C4D NAD WB . -54.80 34.85 31.27
O4D NAD WB . -54.95 33.78 30.30
C3D NAD WB . -54.44 34.18 32.60
O3D NAD WB . -55.62 34.00 33.37
C2D NAD WB . -53.92 32.81 32.15
O2D NAD WB . -54.00 31.80 33.14
C1D NAD WB . -54.84 32.53 30.96
N1N NAD WB . -54.26 31.53 30.00
C2N NAD WB . -53.18 31.86 29.23
C3N NAD WB . -52.64 30.92 28.35
C7N NAD WB . -51.44 31.30 27.51
O7N NAD WB . -50.92 30.45 26.77
N7N NAD WB . -50.97 32.54 27.59
C4N NAD WB . -53.24 29.66 28.25
C5N NAD WB . -54.33 29.34 29.03
C6N NAD WB . -54.83 30.30 29.89
NA NA XB . -19.47 31.16 43.07
CA CA YB . -56.91 7.43 38.62
C1 EDO ZB . 27.10 15.90 -36.10
O1 EDO ZB . 26.28 16.16 -34.96
C2 EDO ZB . 28.00 14.79 -35.63
O2 EDO ZB . 28.19 15.01 -34.22
PA NAD AC . -0.14 29.04 -32.89
O1A NAD AC . -0.67 28.56 -31.58
O2A NAD AC . 1.22 29.65 -32.96
O5B NAD AC . -1.20 30.09 -33.53
C5B NAD AC . -2.59 29.71 -33.69
C4B NAD AC . -3.40 30.93 -34.06
O4B NAD AC . -4.78 30.50 -34.25
C3B NAD AC . -3.47 32.04 -32.99
O3B NAD AC . -3.59 33.32 -33.59
C2B NAD AC . -4.76 31.67 -32.25
O2B NAD AC . -5.29 32.72 -31.46
C1B NAD AC . -5.63 31.28 -33.44
N9A NAD AC . -6.74 30.41 -33.07
C8A NAD AC . -6.71 29.41 -32.14
N7A NAD AC . -7.85 28.77 -32.02
C5A NAD AC . -8.70 29.41 -32.92
C6A NAD AC . -10.05 29.20 -33.26
N6A NAD AC . -10.81 28.26 -32.70
N1A NAD AC . -10.59 30.01 -34.20
C2A NAD AC . -9.82 30.95 -34.75
N3A NAD AC . -8.54 31.24 -34.51
C4A NAD AC . -8.03 30.43 -33.58
O3 NAD AC . -0.19 27.80 -33.91
PN NAD AC . 0.66 27.57 -35.25
O1N NAD AC . 2.06 27.23 -34.86
O2N NAD AC . 0.44 28.73 -36.16
O5D NAD AC . -0.05 26.27 -35.87
C5D NAD AC . -1.41 26.38 -36.35
C4D NAD AC . -1.73 25.16 -37.17
O4D NAD AC . -0.61 24.90 -38.06
C3D NAD AC . -1.99 23.85 -36.42
O3D NAD AC . -3.01 23.13 -37.09
C2D NAD AC . -0.66 23.10 -36.58
O2D NAD AC . -0.79 21.70 -36.47
C1D NAD AC . -0.26 23.53 -37.98
N1N NAD AC . 1.22 23.40 -38.23
C2N NAD AC . 2.11 24.25 -37.64
C3N NAD AC . 3.48 24.09 -37.84
C7N NAD AC . 4.46 25.03 -37.17
O7N NAD AC . 5.67 24.83 -37.26
N7N NAD AC . 3.97 26.08 -36.52
C4N NAD AC . 3.92 23.07 -38.69
C5N NAD AC . 3.02 22.23 -39.29
C6N NAD AC . 1.67 22.41 -39.06
CA CA BC . 7.45 -1.37 -41.57
C07 A1H40 CC . 49.79 -23.81 -28.41
C08 A1H40 CC . 50.65 -24.65 -27.47
C09 A1H40 CC . 49.60 -23.10 -30.67
C10 A1H40 CC . 50.26 -23.80 -29.70
C11 A1H40 CC . 48.64 -23.12 -28.04
C12 A1H40 CC . 48.43 -22.41 -30.33
C13 A1H40 CC . 50.23 -23.17 -32.07
C14 A1H40 CC . 47.96 -22.40 -29.01
N03 A1H40 CC . 51.14 -24.30 -26.24
N04 A1H40 CC . 51.15 -25.88 -27.76
N05 A1H40 CC . 51.88 -25.34 -25.80
N06 A1H40 CC . 51.88 -26.29 -26.71
O01 A1H40 CC . 49.51 -23.13 -33.12
O02 A1H40 CC . 51.49 -23.26 -32.17
C1 EDO DC . 39.25 -9.96 -20.16
O1 EDO DC . 39.88 -8.78 -20.69
C2 EDO DC . 40.36 -10.91 -19.79
O2 EDO DC . 41.33 -10.57 -20.77
C1 EDO EC . 54.03 1.48 -43.58
O1 EDO EC . 53.20 0.32 -43.63
C2 EDO EC . 53.37 2.49 -44.53
O2 EDO EC . 53.41 3.79 -43.92
C TRS FC . 70.02 -0.78 -30.22
C1 TRS FC . 70.73 -0.49 -28.89
C2 TRS FC . 69.10 -2.01 -30.13
C3 TRS FC . 69.14 0.39 -30.76
N TRS FC . 71.12 -1.07 -31.14
O1 TRS FC . 69.91 -0.75 -27.75
O2 TRS FC . 67.81 -1.51 -29.86
O3 TRS FC . 69.74 1.20 -31.77
PA NAD GC . 62.94 -29.65 -28.28
O1A NAD GC . 63.69 -28.81 -29.27
O2A NAD GC . 62.72 -29.07 -26.91
O5B NAD GC . 63.62 -31.09 -28.15
C5B NAD GC . 63.87 -31.91 -29.32
C4B NAD GC . 64.70 -33.12 -28.90
O4B NAD GC . 64.91 -33.98 -30.06
C3B NAD GC . 66.10 -32.82 -28.36
O3B NAD GC . 66.42 -33.80 -27.37
C2B NAD GC . 66.97 -33.02 -29.60
O2B NAD GC . 68.34 -33.23 -29.33
C1B NAD GC . 66.29 -34.27 -30.16
N9A NAD GC . 66.63 -34.59 -31.53
C8A NAD GC . 66.81 -33.72 -32.58
N7A NAD GC . 67.11 -34.32 -33.70
C5A NAD GC . 67.15 -35.67 -33.38
C6A NAD GC . 67.41 -36.83 -34.15
N6A NAD GC . 67.71 -36.81 -35.44
N1A NAD GC . 67.36 -38.02 -33.51
C2A NAD GC . 67.06 -38.04 -32.21
N3A NAD GC . 66.79 -37.02 -31.40
C4A NAD GC . 66.85 -35.86 -32.05
O3 NAD GC . 61.51 -30.03 -28.91
PN NAD GC . 60.13 -30.50 -28.23
O1N NAD GC . 59.52 -29.31 -27.56
O2N NAD GC . 60.39 -31.72 -27.41
O5D NAD GC . 59.26 -30.89 -29.52
C5D NAD GC . 59.65 -32.02 -30.33
C4D NAD GC . 58.55 -32.34 -31.31
O4D NAD GC . 57.28 -32.29 -30.60
C3D NAD GC . 58.41 -31.39 -32.51
O3D NAD GC . 58.08 -32.15 -33.68
C2D NAD GC . 57.21 -30.53 -32.11
O2D NAD GC . 56.53 -29.93 -33.20
C1D NAD GC . 56.35 -31.53 -31.34
N1N NAD GC . 55.41 -30.85 -30.39
C2N NAD GC . 55.90 -30.14 -29.32
C3N NAD GC . 55.02 -29.49 -28.44
C7N NAD GC . 55.56 -28.68 -27.28
O7N NAD GC . 54.79 -28.08 -26.55
N7N NAD GC . 56.88 -28.65 -27.10
C4N NAD GC . 53.65 -29.61 -28.65
C5N NAD GC . 53.17 -30.35 -29.72
C6N NAD GC . 54.07 -30.96 -30.57
C1 EDO HC . 28.89 -20.03 -43.58
O1 EDO HC . 27.86 -20.50 -42.69
C2 EDO HC . 30.00 -21.06 -43.49
O2 EDO HC . 29.88 -21.70 -42.20
CA CA IC . 34.85 -22.90 -43.49
C TRS JC . 12.81 -13.48 -53.26
C1 TRS JC . 12.26 -13.79 -54.67
C2 TRS JC . 13.86 -12.38 -53.32
C3 TRS JC . 11.65 -13.02 -52.37
N TRS JC . 13.43 -14.65 -52.65
O1 TRS JC . 12.10 -15.17 -54.97
O2 TRS JC . 13.94 -11.84 -54.63
O3 TRS JC . 11.70 -11.62 -52.17
C1 EDO KC . 27.49 9.32 -42.38
O1 EDO KC . 26.91 8.07 -41.94
C2 EDO KC . 27.38 9.39 -43.90
O2 EDO KC . 27.30 8.02 -44.31
PA NAD LC . 29.68 -1.60 -72.58
O1A NAD LC . 29.71 -3.08 -72.32
O2A NAD LC . 28.52 -0.82 -72.06
O5B NAD LC . 29.85 -1.34 -74.15
C5B NAD LC . 30.95 -1.93 -74.90
C4B NAD LC . 30.77 -1.65 -76.37
O4B NAD LC . 31.89 -2.21 -77.11
C3B NAD LC . 29.51 -2.23 -77.03
O3B NAD LC . 29.05 -1.38 -78.08
C2B NAD LC . 30.06 -3.50 -77.68
O2B NAD LC . 29.22 -4.02 -78.69
C1B NAD LC . 31.39 -2.97 -78.19
N9A NAD LC . 32.36 -4.01 -78.50
C8A NAD LC . 32.54 -5.20 -77.85
N7A NAD LC . 33.49 -5.94 -78.35
C5A NAD LC . 33.99 -5.18 -79.41
C6A NAD LC . 35.02 -5.41 -80.34
N6A NAD LC . 35.77 -6.51 -80.35
N1A NAD LC . 35.25 -4.45 -81.26
C2A NAD LC . 34.50 -3.35 -81.24
N3A NAD LC . 33.50 -3.02 -80.42
C4A NAD LC . 33.30 -3.99 -79.51
O3 NAD LC . 31.03 -0.94 -72.02
PN NAD LC . 31.49 0.54 -71.59
O1N NAD LC . 30.88 0.86 -70.26
O2N NAD LC . 31.25 1.48 -72.73
O5D NAD LC . 33.06 0.26 -71.42
C5D NAD LC . 33.80 -0.10 -72.62
C4D NAD LC . 35.27 -0.17 -72.33
O4D NAD LC . 35.67 0.97 -71.54
C3D NAD LC . 35.76 -1.42 -71.57
O3D NAD LC . 36.99 -1.86 -72.12
C2D NAD LC . 36.02 -0.86 -70.16
O2D NAD LC . 36.98 -1.59 -69.39
C1D NAD LC . 36.48 0.55 -70.47
N1N NAD LC . 36.25 1.46 -69.29
C2N NAD LC . 34.99 1.80 -68.93
C3N NAD LC . 34.76 2.63 -67.83
C7N NAD LC . 33.35 3.02 -67.42
O7N NAD LC . 33.20 3.70 -66.41
N7N NAD LC . 32.34 2.57 -68.16
C4N NAD LC . 35.86 3.08 -67.10
C5N NAD LC . 37.14 2.72 -67.48
C6N NAD LC . 37.31 1.91 -68.58
CA CA MC . 52.04 -0.45 -49.04
#